data_7ZYJ
#
_entry.id   7ZYJ
#
_cell.length_a   1.00
_cell.length_b   1.00
_cell.length_c   1.00
_cell.angle_alpha   90.00
_cell.angle_beta   90.00
_cell.angle_gamma   90.00
#
_symmetry.space_group_name_H-M   'P 1'
#
loop_
_entity.id
_entity.type
_entity.pdbx_description
1 polymer 'Proteasome subunit alpha type'
2 polymer 'Proteasome subunit alpha type'
3 polymer 'Proteasome subunit alpha type'
4 polymer 'Proteasome subunit alpha type'
5 polymer 'Proteasome alpha 5 subunit, putative'
6 polymer 'Proteasome alpha 1 subunit, putative'
7 polymer 'Proteasome alpha 7 subunit, putative'
8 polymer 'Proteasome subunit beta'
9 polymer 'Proteasome subunit beta'
10 polymer 'Proteasome subunit beta'
11 polymer 'Proteasome subunit beta'
12 polymer 'Proteasome subunit beta'
13 polymer 'Proteasome beta 6 subunit, putative'
14 polymer 'Proteasome subunit beta'
15 non-polymer ~{N}-cyclopentyl-6-methyl-4-phenylazanyl-quinoline-2-carboxamide
#
loop_
_entity_poly.entity_id
_entity_poly.type
_entity_poly.pdbx_seq_one_letter_code
_entity_poly.pdbx_strand_id
1 'polypeptide(L)'
;MNRAGFDKYITVFSPEGSLYQVEYAFKAVTYPGLLTVAIRCKDAVLVVTQHLIPDRLMRPDSVTALYEVTPNIGCCMTGR
APDGRALVQRAREEASDYQYRYGVEIPIAVLAKRMGDKAQVRTQQAGLRPMGVVSTFIGMDQSDQDGSLKPQIYTVDPAG
WTGGHIACAAGKKQVEAMAFLEKRQKSTELDALTQKEAAMIALAALQSAIGTAVKAKEVEVGRCTAANPAFQRVPNSEVE
EWLTAVAEAD
;
A,a
2 'polypeptide(L)'
;MSEAFYGLTTFSPSGKLIQIEYATTAAGKGTTALGVKATDGVVIAAKKKAPSTLVDASSIQKVFVLDEHVGCTYSGMGPD
CRVLIDSARKNCQQYKLMYNEPIPISQLVRKISAIYQEFTQSGGVRPFGCSLLVAGVDANGYHLYQVDPSGTFWAWKATA
IGTGSPDAKAFLEKRYTVDMELEDAVHTALLTLKEGFDGQMTSENTQVGRVVENRFEILSVDQLRDYLDQI
;
B,b
3 'polypeptide(L)'
;MSHRYDSRTTTFSPEGRLYQVEYAVEAIQQAGTVIGVCTKDGVVLAGEKMVPHPLFDSESMQDKNTSGEKMYKIAEHIGC
SVAGVTSDAYALLNYARLSALRHQYTFQEPMAIEDLCRILCDEKQLYTQYGGVRPYGVSFLLVGWDRYYGYQLYSTEPSG
DYSAWSAYAIGQNDQVAHALLKKDWHESMTLEDGMLLALRVLGKTMDTAKIDLDRVEVAVMRKVPASNIDQLLDPFKHHP
KTTPRFQILTRSELKPHAERADQAREAEEKAEAERQRQQEQALES
;
C,c
4 'polypeptide(L)'
;MSYDRAITVFSPDGHLFQVEYAQEAVKKGLAAVGVLGSDSVVIAVEKKSAVKLQDSRTIRKIYKVDANIYLAFAGLSADA
RVLINKAQLECQRFSLNYEDTMDVDMLVRYVAGVQQKSTQSGGSRPFGVATVIGGFNEDGKPHLWKTDPSGMCSAWRAVA
IGRHDQTVIEYMEKSYKDGMSRDECVHFAIKSLLEVVESGSRNIELLVLQYKEARYLTEEELQKFVVEVEKEREEEAAAK
KKRQAEQE
;
D,d
5 'polypeptide(L)'
;MLLPRLFSFPVCWSRALSLVCVYHVSLSFPSNSRRLCATPLLPLPCLCKLPAGHSPRKRCLFSFLSCFLDLTYFCIISFL
HSVSCHLCFPLRRTRARHPIMFTSKSEYDRGVNTFSPEGRIFQIEYAVEAIKLGSTSLGIRTPEGVVLAAEKRVPSTLVV
PSSMSKIMEVDSHIAAVMSGMVADARILVEHARVESQNHRFTYNEPMSVESCTLATCDLSIQFGESGGRRKLMSRPFGVS
LLIAGVDEKGPQLWQTDPSGTHTRYDAQAIGGGAEAAQSVFTERYHRNMTLEEGETLAVDILKQVMEDQLSPENIEVAVV
RADDGKLHMYTPTEIKAIMSRMPE
;
E,e
6 'polypeptide(L)'
;MQSRKGEGWRDTGTDSLPPFSFCCSPAFSSPLAFGGEGADGCAYILTHVCRYACIAALTLHSEGAERHMRVCVCVRRCAY
NEMVLHQVVAFASLAPALHPLSPLPLPCMATTHACCGLRVRSFSLKKSEKKNQQRRLQAPDLSQKTRTRTQKEKQTLQIY
LRCVMFKNEYDSDITTWSPTGRLFQIEYANEAVNNGSATVGVKGKNFVVLAALKRSPVAELSSYQEKVFEIDEHVGMSIS
GLVADGRVLARYLRTECMNYRYMYSNGMPMNQMADMIGEKHQRHIQCSGKRPFGVGLLLAGYDRQGPHLYQTVPSGDVYD
YKATAMGVRSQASRTYLERHFEHFSDCTLDELVTHALKALASATSEGIELNVKNTTIAIVGKDTPFTIFEEESARKYLDG
FKMRPEDRVAVAEEDEEMLHEQPLDVEE
;
F,f
7 'polypeptide(L)'
;MAGTGSGHDQSTDVFSAEGRVFQVEYAGKAVDNSSTAVAACCKDGVVVAVEKVHTSRMLEKGSNNRIHAVDRQAGICICG
LLPDGRAIVSRARQEAENSRDIFATPIRGSVLANRVGEFMHAYTTHFAYRPFGCSAIIASYADDGPQLFVSDPSGTVAGY
YGVALGKAKTVAKSELEKLDFSSLTCDEAVGKLASILHEVHDKQKDKLYEVEVAWVCDKSDRKFVHVPADMVPAETSH
;
G,g
8 'polypeptide(L)'
;TTILAVSYNGGVVLAADSRTSSGTYVVNRASNKLTKLTKKIYCCRSGSAADTQALAERVSNYLGSYQTDIGAGVNVATAA
NLFQKMCYMNRWNISAGIIVAGYDPINGGSVYSIPSGGSCVKLDYALGGSGSIFLYSFFDANYKPGMSKSECVAFCQRAV
AHAYSRDGSSGGLIRTITLDADEPEDQTIPWNRSPYCMEKDPKYVTQATQNQPFSSSAKITGNRMSSTG
;
H,h
9 'polypeptide(L)'
;TTIVGVVYRDGVVLGADTRATEGSIVADKRCRKIHYMAPNIMCCGAGTSADTEAVTNMVSSHLALHRLETGKQSRVLEAL
TLLKRHLYRYQGHVSAALVLGGVDVEGPFLATIAPHGSTDRLPFVTMGSGSIAAMAQLEAAYKDNMTCEEAKELVASAIR
KGIFNDPYSGTQVDVCVITKDKTELTIGYDKPNERMYPRQEVLLPPGTTPVLKEEIRQLVDIVDA
;
I,i
10 'polypeptide(L)'
;MSIMAYSGGSVMAMAGKECFVIISDNRLGEQLKTISTEVPKLHVVNDSIVYGLTGLRTDQQTFANKVQFRTEMYKLREER
DITGKAFAAMITSMLYEARFGPWFVEPVIGSIDKSTGEVYLCATDLIGAPCEPEDYVCAGTAAESLHGMCEALWRPGMSP
EELFEIAAQAMLSACDRDSLSGYGAVAMIVTKDKVTTRLIKGRKD
;
J,j
11 'polypeptide(L)'
;MAETAIAFRCKDYVMVAAAGLNAFYYIKITDAEDKITQLDTHQLVACTGENGPRVNFTEYIKCNLALNRMRQHGRHSSCE
STANFMRNCLASAIRSREGAYQVNCLFAGYDTPVSEDDDGVVGPQLFYMDYLGTLQAVPYGCHGYGACFVTALLDRLWRP
DLSQQEGLELMQKCCDEVKRRVIISNSYFFVKAVTKNGVEVITAVH
;
K,k
12 'polypeptide(L)'
;TTTLAFRFNGGIIVAVDSRASTGQYIASQTVMKVLEINDYLLGTLAGGAADCQYWERVLGMECRLWELRNGSRITVAAAS
KILANITYAYRNHGLSMGTMVAGWDQFGPSLYYVDDKGSRVKQDLFSVGSGSIYAYGVLDTGYRKDLSVEDACDLARRSI
FHATYRDGASGGIVTVYHVHEKGWTKISRDDQTKLYHRYFPSQ
;
L,l
13 'polypeptide(L)'
;MASSSPPLLPFSSFVVAVVAIHLSFRVFCVGAQSLCKCCSCVPACALPLCFSSSPSVSAEDVALALFAHPKVLTHRPTAR
YSPILSLLHYAVMIEDHAEYGHNYYPQKLASSTLTLPQQGAKQQQWSPYQDNGGTTAAIAGKDFVILAGDTRLNGDFCLH
SRHDQSKIFQLTPYTYMASNGMQADRLQLQQMLKYRVKWYKYNNGGKVPSTKAIAQLMSTMLYHRRFFPYYTFNMVVGLD
EEGHGVCYSYDAVGSTEPFLYGTRGSAASFVEPLLDCLINRQHMTSQAPPEMTKEETLAMLKNAFTGAAERDIYTGDSVS
FFIITKDGVQQESFELRKD
;
M,m
14 'polypeptide(L)'
;MASGGSVIAIKYKGGVLMAADTLLSYGSLAKWPNIPRIRLLGSHSAVCATGSYADFQMMAKQVEDNIERQKMYHNVDELS
PSEVFSYLHRSIYQKRCDFDPCLCQMVFIGVRDGETFLAGVDDVGTRWEDDCIATGYGAYIALPLLRQALEKNPDGLSRG
EAMRILTDCLRVLFYRECRAINKFQVADAASDGVRISEPFDVETHWEYEGYCFEKTAII
;
N,n
#
loop_
_chem_comp.id
_chem_comp.type
_chem_comp.name
_chem_comp.formula
KFC non-polymer ~{N}-cyclopentyl-6-methyl-4-phenylazanyl-quinoline-2-carboxamide 'C22 H23 N3 O'
#
# COMPACT_ATOMS: atom_id res chain seq x y z
N ALA A 4 44.12 34.07 -49.72
CA ALA A 4 44.37 35.50 -49.75
C ALA A 4 44.16 36.06 -51.15
N GLY A 5 43.74 35.20 -52.07
CA GLY A 5 43.54 35.60 -53.45
C GLY A 5 42.11 35.99 -53.77
N PHE A 6 41.14 35.26 -53.21
CA PHE A 6 39.74 35.50 -53.56
C PHE A 6 39.16 36.67 -52.78
N ASP A 7 39.09 36.53 -51.45
CA ASP A 7 38.72 37.54 -50.45
C ASP A 7 37.39 38.22 -50.76
N LYS A 8 36.65 37.70 -51.73
CA LYS A 8 35.38 38.33 -52.13
C LYS A 8 34.30 37.31 -52.46
N TYR A 9 34.56 36.02 -52.31
CA TYR A 9 33.54 34.99 -52.51
C TYR A 9 32.90 34.54 -51.21
N ILE A 10 33.55 34.80 -50.07
CA ILE A 10 33.02 34.46 -48.76
C ILE A 10 33.12 35.70 -47.86
N THR A 11 32.41 35.64 -46.74
CA THR A 11 32.31 36.77 -45.81
C THR A 11 33.62 36.89 -45.03
N VAL A 12 34.63 37.42 -45.71
CA VAL A 12 35.91 37.77 -45.09
C VAL A 12 36.24 39.20 -45.48
N PHE A 13 37.03 39.86 -44.62
CA PHE A 13 37.38 41.24 -44.87
C PHE A 13 38.33 41.38 -46.04
N SER A 14 38.11 42.40 -46.85
CA SER A 14 39.05 42.81 -47.88
C SER A 14 40.18 43.59 -47.23
N PRO A 15 41.30 43.81 -47.94
CA PRO A 15 42.37 44.64 -47.38
C PRO A 15 41.92 46.06 -47.05
N GLU A 16 40.84 46.54 -47.64
CA GLU A 16 40.28 47.84 -47.35
C GLU A 16 39.27 47.81 -46.21
N GLY A 17 39.12 46.68 -45.53
CA GLY A 17 38.15 46.57 -44.46
C GLY A 17 36.70 46.61 -44.90
N SER A 18 36.38 45.95 -46.01
CA SER A 18 35.02 45.92 -46.54
C SER A 18 34.64 44.49 -46.86
N LEU A 19 33.33 44.23 -46.87
CA LEU A 19 32.78 42.92 -47.18
C LEU A 19 32.20 42.97 -48.59
N TYR A 20 32.87 42.29 -49.53
CA TYR A 20 32.46 42.34 -50.92
C TYR A 20 31.13 41.63 -51.15
N GLN A 21 30.93 40.50 -50.46
CA GLN A 21 29.69 39.74 -50.64
C GLN A 21 28.47 40.50 -50.12
N VAL A 22 28.67 41.46 -49.22
CA VAL A 22 27.56 42.28 -48.75
C VAL A 22 27.33 43.48 -49.67
N GLU A 23 28.39 44.05 -50.24
CA GLU A 23 28.22 45.11 -51.22
C GLU A 23 27.57 44.58 -52.50
N TYR A 24 27.86 43.33 -52.87
CA TYR A 24 27.23 42.73 -54.03
C TYR A 24 25.75 42.47 -53.80
N ALA A 25 25.37 42.13 -52.57
CA ALA A 25 23.96 41.96 -52.25
C ALA A 25 23.21 43.28 -52.31
N PHE A 26 23.90 44.41 -52.14
CA PHE A 26 23.26 45.71 -52.32
C PHE A 26 22.93 45.97 -53.78
N LYS A 27 23.73 45.42 -54.70
CA LYS A 27 23.45 45.56 -56.12
C LYS A 27 22.36 44.61 -56.59
N ALA A 28 22.06 43.57 -55.81
CA ALA A 28 20.92 42.71 -56.12
C ALA A 28 19.59 43.39 -55.79
N VAL A 29 19.62 44.42 -54.94
CA VAL A 29 18.40 45.16 -54.63
C VAL A 29 17.94 45.96 -55.85
N THR A 30 18.87 46.65 -56.50
CA THR A 30 18.55 47.48 -57.67
C THR A 30 18.58 46.71 -58.98
N TYR A 31 19.01 45.45 -58.96
CA TYR A 31 19.08 44.64 -60.18
C TYR A 31 17.74 44.44 -60.86
N PRO A 32 16.65 44.09 -60.15
CA PRO A 32 15.37 43.87 -60.85
C PRO A 32 14.81 45.10 -61.52
N GLY A 33 15.26 46.30 -61.17
CA GLY A 33 14.74 47.51 -61.77
C GLY A 33 13.48 48.05 -61.15
N LEU A 34 13.12 47.59 -59.96
CA LEU A 34 11.92 48.02 -59.28
C LEU A 34 12.25 49.12 -58.27
N LEU A 35 11.24 49.90 -57.91
CA LEU A 35 11.43 51.02 -57.00
C LEU A 35 10.26 51.10 -56.04
N THR A 36 10.56 51.43 -54.78
CA THR A 36 9.54 51.65 -53.77
C THR A 36 9.85 52.93 -52.99
N VAL A 37 8.80 53.63 -52.59
CA VAL A 37 8.90 54.85 -51.80
C VAL A 37 7.95 54.74 -50.62
N ALA A 38 8.46 54.96 -49.42
CA ALA A 38 7.67 54.94 -48.21
C ALA A 38 7.70 56.32 -47.56
N ILE A 39 6.53 56.80 -47.14
CA ILE A 39 6.41 58.11 -46.52
C ILE A 39 5.46 57.99 -45.34
N ARG A 40 5.56 58.95 -44.42
CA ARG A 40 4.66 59.01 -43.27
C ARG A 40 4.12 60.42 -43.13
N CYS A 41 2.81 60.54 -42.95
CA CYS A 41 2.18 61.83 -42.70
C CYS A 41 1.95 61.99 -41.20
N LYS A 42 1.17 63.01 -40.82
CA LYS A 42 0.96 63.29 -39.40
C LYS A 42 0.19 62.16 -38.70
N ASP A 43 -0.59 61.37 -39.43
CA ASP A 43 -1.43 60.36 -38.81
C ASP A 43 -1.45 59.03 -39.54
N ALA A 44 -0.63 58.85 -40.58
CA ALA A 44 -0.64 57.60 -41.32
C ALA A 44 0.71 57.39 -41.99
N VAL A 45 0.94 56.16 -42.44
CA VAL A 45 2.15 55.78 -43.15
C VAL A 45 1.75 55.01 -44.41
N LEU A 46 2.33 55.39 -45.54
CA LEU A 46 2.04 54.80 -46.83
C LEU A 46 3.33 54.27 -47.46
N VAL A 47 3.19 53.20 -48.24
CA VAL A 47 4.29 52.67 -49.04
C VAL A 47 3.75 52.40 -50.44
N VAL A 48 4.48 52.85 -51.45
CA VAL A 48 4.10 52.62 -52.85
C VAL A 48 5.22 51.85 -53.53
N THR A 49 4.86 50.74 -54.17
CA THR A 49 5.81 49.86 -54.83
C THR A 49 5.41 49.67 -56.28
N GLN A 50 6.40 49.69 -57.17
CA GLN A 50 6.15 49.45 -58.58
C GLN A 50 5.61 48.04 -58.78
N HIS A 51 4.46 47.93 -59.44
CA HIS A 51 3.81 46.65 -59.73
C HIS A 51 3.52 46.62 -61.22
N LEU A 52 4.51 46.20 -62.01
CA LEU A 52 4.41 46.20 -63.46
C LEU A 52 4.45 44.76 -63.97
N ILE A 53 3.54 44.44 -64.87
CA ILE A 53 3.38 43.07 -65.39
C ILE A 53 3.51 43.11 -66.91
N PRO A 54 4.72 43.07 -67.46
CA PRO A 54 4.85 43.09 -68.94
C PRO A 54 4.16 41.91 -69.60
N ASP A 55 4.17 40.75 -68.97
CA ASP A 55 3.51 39.57 -69.52
C ASP A 55 2.01 39.67 -69.28
N ARG A 56 1.24 39.88 -70.35
CA ARG A 56 -0.21 39.97 -70.24
C ARG A 56 -0.85 38.64 -69.88
N LEU A 57 -0.13 37.53 -70.01
CA LEU A 57 -0.63 36.23 -69.59
C LEU A 57 -0.42 35.95 -68.11
N MET A 58 0.21 36.87 -67.39
CA MET A 58 0.47 36.69 -65.97
C MET A 58 -0.66 37.32 -65.15
N ARG A 59 -1.16 36.58 -64.19
CA ARG A 59 -2.23 37.05 -63.32
C ARG A 59 -1.71 38.20 -62.46
N PRO A 60 -2.16 39.44 -62.70
CA PRO A 60 -1.52 40.60 -62.05
C PRO A 60 -1.63 40.63 -60.54
N ASP A 61 -2.69 40.05 -59.98
CA ASP A 61 -2.91 40.08 -58.54
C ASP A 61 -2.23 38.94 -57.81
N SER A 62 -1.55 38.04 -58.51
CA SER A 62 -0.86 36.94 -57.86
C SER A 62 0.50 37.37 -57.32
N VAL A 63 1.26 38.12 -58.11
CA VAL A 63 2.57 38.59 -57.68
C VAL A 63 2.43 39.96 -57.02
N THR A 64 3.03 40.09 -55.84
CA THR A 64 3.01 41.35 -55.12
C THR A 64 4.28 41.47 -54.27
N ALA A 65 4.67 42.70 -54.02
CA ALA A 65 5.81 42.98 -53.13
C ALA A 65 5.38 43.44 -51.75
N LEU A 66 4.08 43.59 -51.51
CA LEU A 66 3.57 44.00 -50.21
C LEU A 66 3.13 42.77 -49.44
N TYR A 67 3.60 42.63 -48.20
CA TYR A 67 3.27 41.50 -47.36
C TYR A 67 2.78 41.99 -46.01
N GLU A 68 1.91 41.18 -45.40
CA GLU A 68 1.47 41.40 -44.04
C GLU A 68 2.38 40.60 -43.11
N VAL A 69 3.11 41.30 -42.24
CA VAL A 69 3.85 40.62 -41.18
C VAL A 69 2.95 40.32 -40.00
N THR A 70 2.34 41.35 -39.45
CA THR A 70 1.28 41.24 -38.46
C THR A 70 0.14 42.13 -38.92
N PRO A 71 -1.07 41.90 -38.40
CA PRO A 71 -2.18 42.81 -38.74
C PRO A 71 -1.83 44.28 -38.65
N ASN A 72 -0.98 44.68 -37.71
CA ASN A 72 -0.60 46.07 -37.52
C ASN A 72 0.76 46.42 -38.11
N ILE A 73 1.48 45.46 -38.69
CA ILE A 73 2.79 45.72 -39.29
C ILE A 73 2.81 45.14 -40.69
N GLY A 74 3.02 46.00 -41.69
CA GLY A 74 3.11 45.55 -43.07
C GLY A 74 4.52 45.68 -43.59
N CYS A 75 4.86 44.97 -44.66
CA CYS A 75 6.22 44.96 -45.17
C CYS A 75 6.24 45.09 -46.68
N CYS A 76 7.32 45.69 -47.19
CA CYS A 76 7.61 45.76 -48.61
C CYS A 76 9.02 45.27 -48.84
N MET A 77 9.20 44.43 -49.86
CA MET A 77 10.49 43.84 -50.18
C MET A 77 10.94 44.35 -51.54
N THR A 78 12.17 44.84 -51.62
CA THR A 78 12.74 45.35 -52.86
C THR A 78 14.05 44.63 -53.14
N GLY A 79 14.11 43.94 -54.28
CA GLY A 79 15.29 43.18 -54.64
C GLY A 79 14.95 41.82 -55.21
N ARG A 80 15.80 40.83 -54.92
CA ARG A 80 15.55 39.47 -55.36
C ARG A 80 14.22 38.98 -54.80
N ALA A 81 13.24 38.76 -55.68
CA ALA A 81 11.88 38.49 -55.23
C ALA A 81 11.76 37.28 -54.30
N PRO A 82 12.32 36.11 -54.62
CA PRO A 82 12.22 35.00 -53.66
C PRO A 82 12.89 35.30 -52.33
N ASP A 83 14.07 35.92 -52.36
CA ASP A 83 14.83 36.18 -51.15
C ASP A 83 13.99 36.94 -50.13
N GLY A 84 13.39 38.05 -50.56
CA GLY A 84 12.55 38.81 -49.65
C GLY A 84 11.43 37.97 -49.08
N ARG A 85 10.82 37.13 -49.93
CA ARG A 85 9.79 36.22 -49.45
C ARG A 85 10.28 35.43 -48.26
N ALA A 86 11.48 34.85 -48.37
CA ALA A 86 12.06 34.11 -47.27
C ALA A 86 12.12 34.96 -46.01
N LEU A 87 12.64 36.19 -46.14
CA LEU A 87 12.75 37.06 -44.99
C LEU A 87 11.38 37.32 -44.38
N VAL A 88 10.35 37.48 -45.23
CA VAL A 88 9.01 37.69 -44.72
C VAL A 88 8.63 36.56 -43.79
N GLN A 89 8.87 35.32 -44.24
CA GLN A 89 8.60 34.17 -43.39
C GLN A 89 9.30 34.32 -42.05
N ARG A 90 10.60 34.61 -42.09
CA ARG A 90 11.34 34.77 -40.84
C ARG A 90 10.69 35.85 -39.98
N ALA A 91 10.37 36.99 -40.59
CA ALA A 91 9.75 38.07 -39.83
C ALA A 91 8.49 37.58 -39.16
N ARG A 92 7.65 36.86 -39.90
CA ARG A 92 6.41 36.36 -39.33
C ARG A 92 6.70 35.46 -38.14
N GLU A 93 7.67 34.56 -38.28
CA GLU A 93 8.06 33.74 -37.15
C GLU A 93 8.54 34.60 -36.00
N GLU A 94 9.39 35.59 -36.30
CA GLU A 94 9.89 36.46 -35.24
C GLU A 94 8.75 37.21 -34.58
N ALA A 95 7.64 37.41 -35.28
CA ALA A 95 6.46 37.96 -34.64
C ALA A 95 5.78 36.92 -33.77
N SER A 96 5.50 35.75 -34.33
CA SER A 96 4.67 34.76 -33.64
C SER A 96 5.30 34.35 -32.32
N ASP A 97 6.57 33.94 -32.36
CA ASP A 97 7.27 33.60 -31.13
C ASP A 97 7.19 34.73 -30.13
N TYR A 98 7.43 35.96 -30.59
CA TYR A 98 7.34 37.11 -29.70
C TYR A 98 5.95 37.19 -29.08
N GLN A 99 4.91 37.05 -29.91
CA GLN A 99 3.54 37.07 -29.39
C GLN A 99 3.34 35.97 -28.36
N TYR A 100 3.95 34.82 -28.57
CA TYR A 100 3.80 33.73 -27.62
C TYR A 100 4.70 33.87 -26.41
N ARG A 101 5.71 34.74 -26.49
CA ARG A 101 6.63 34.87 -25.35
C ARG A 101 6.23 35.99 -24.40
N TYR A 102 5.68 37.09 -24.91
CA TYR A 102 5.35 38.23 -24.09
C TYR A 102 3.86 38.54 -24.04
N GLY A 103 3.04 37.91 -24.88
CA GLY A 103 1.61 38.12 -24.86
C GLY A 103 1.14 39.39 -25.53
N VAL A 104 2.05 40.24 -25.99
CA VAL A 104 1.70 41.47 -26.69
C VAL A 104 2.25 41.39 -28.11
N GLU A 105 1.67 42.18 -29.00
CA GLU A 105 2.13 42.23 -30.37
C GLU A 105 3.51 42.89 -30.44
N ILE A 106 4.35 42.40 -31.33
CA ILE A 106 5.74 42.86 -31.40
C ILE A 106 5.77 44.31 -31.90
N PRO A 107 6.56 45.18 -31.29
CA PRO A 107 6.73 46.52 -31.85
C PRO A 107 7.48 46.48 -33.17
N ILE A 108 7.22 47.48 -34.01
CA ILE A 108 7.84 47.52 -35.34
C ILE A 108 9.35 47.71 -35.22
N ALA A 109 9.80 48.57 -34.30
CA ALA A 109 11.23 48.80 -34.13
C ALA A 109 11.94 47.54 -33.65
N VAL A 110 11.31 46.80 -32.73
CA VAL A 110 11.91 45.57 -32.24
C VAL A 110 12.00 44.53 -33.35
N LEU A 111 10.95 44.42 -34.16
CA LEU A 111 10.97 43.49 -35.29
C LEU A 111 12.07 43.86 -36.28
N ALA A 112 12.21 45.15 -36.58
CA ALA A 112 13.27 45.59 -37.48
C ALA A 112 14.65 45.29 -36.91
N LYS A 113 14.84 45.51 -35.61
CA LYS A 113 16.12 45.22 -34.97
C LYS A 113 16.44 43.73 -35.04
N ARG A 114 15.44 42.88 -34.79
CA ARG A 114 15.68 41.45 -34.85
C ARG A 114 15.94 40.97 -36.28
N MET A 115 15.26 41.56 -37.27
CA MET A 115 15.54 41.22 -38.65
C MET A 115 16.93 41.66 -39.07
N GLY A 116 17.39 42.82 -38.58
CA GLY A 116 18.76 43.22 -38.82
C GLY A 116 19.76 42.31 -38.14
N ASP A 117 19.43 41.81 -36.95
CA ASP A 117 20.27 40.80 -36.31
C ASP A 117 20.35 39.53 -37.14
N LYS A 118 19.23 39.11 -37.73
CA LYS A 118 19.26 37.93 -38.59
C LYS A 118 20.14 38.15 -39.82
N ALA A 119 20.10 39.35 -40.39
CA ALA A 119 20.92 39.64 -41.57
C ALA A 119 22.41 39.67 -41.23
N GLN A 120 22.76 40.20 -40.06
CA GLN A 120 24.17 40.28 -39.67
C GLN A 120 24.79 38.89 -39.53
N VAL A 121 24.00 37.90 -39.13
CA VAL A 121 24.54 36.56 -38.96
C VAL A 121 25.05 36.00 -40.29
N ARG A 122 24.30 36.23 -41.36
CA ARG A 122 24.70 35.75 -42.67
C ARG A 122 25.90 36.49 -43.24
N THR A 123 26.29 37.62 -42.64
CA THR A 123 27.47 38.35 -43.06
C THR A 123 28.71 37.97 -42.26
N GLN A 124 28.58 37.12 -41.24
CA GLN A 124 29.71 36.66 -40.47
C GLN A 124 29.97 35.17 -40.60
N GLN A 125 28.93 34.37 -40.84
CA GLN A 125 29.08 32.96 -41.15
C GLN A 125 29.43 32.79 -42.62
N ALA A 126 30.34 31.86 -42.89
CA ALA A 126 30.95 31.76 -44.22
C ALA A 126 29.98 31.21 -45.26
N GLY A 127 29.24 30.15 -44.91
CA GLY A 127 28.51 29.41 -45.93
C GLY A 127 27.19 30.04 -46.33
N LEU A 128 26.71 31.02 -45.57
CA LEU A 128 25.40 31.60 -45.83
C LEU A 128 25.50 32.81 -46.75
N ARG A 129 24.55 32.89 -47.69
CA ARG A 129 24.45 34.00 -48.62
C ARG A 129 23.51 35.07 -48.08
N PRO A 130 23.90 36.33 -48.11
CA PRO A 130 22.99 37.39 -47.68
C PRO A 130 21.78 37.49 -48.60
N MET A 131 20.67 37.95 -48.03
CA MET A 131 19.45 38.18 -48.79
C MET A 131 19.57 39.51 -49.53
N GLY A 132 19.57 39.45 -50.86
CA GLY A 132 19.75 40.65 -51.65
C GLY A 132 18.50 41.50 -51.78
N VAL A 133 17.91 41.87 -50.64
CA VAL A 133 16.72 42.71 -50.63
C VAL A 133 16.85 43.73 -49.51
N VAL A 134 16.13 44.84 -49.67
CA VAL A 134 15.98 45.84 -48.62
C VAL A 134 14.55 45.76 -48.11
N SER A 135 14.40 45.58 -46.80
CA SER A 135 13.09 45.40 -46.19
C SER A 135 12.59 46.73 -45.66
N THR A 136 11.32 47.05 -45.94
CA THR A 136 10.70 48.29 -45.46
C THR A 136 9.45 47.90 -44.68
N PHE A 137 9.52 47.99 -43.36
CA PHE A 137 8.38 47.71 -42.49
C PHE A 137 7.68 49.00 -42.13
N ILE A 138 6.37 49.03 -42.30
CA ILE A 138 5.57 50.20 -41.95
C ILE A 138 4.55 49.77 -40.91
N GLY A 139 4.20 50.70 -40.03
CA GLY A 139 3.22 50.39 -39.01
C GLY A 139 2.93 51.58 -38.12
N MET A 140 2.22 51.30 -37.04
CA MET A 140 1.89 52.30 -36.03
C MET A 140 2.53 51.89 -34.71
N ASP A 141 3.06 52.87 -33.98
CA ASP A 141 3.71 52.65 -32.71
C ASP A 141 2.87 53.27 -31.59
N GLN A 142 2.63 52.49 -30.55
CA GLN A 142 1.88 52.93 -29.39
C GLN A 142 2.80 53.76 -28.50
N SER A 143 2.47 55.04 -28.33
CA SER A 143 3.31 55.93 -27.54
C SER A 143 2.98 55.83 -26.06
N ASP A 144 3.93 56.23 -25.22
CA ASP A 144 3.72 56.29 -23.79
C ASP A 144 3.20 57.67 -23.39
N GLN A 145 2.67 57.75 -22.18
CA GLN A 145 2.25 58.96 -21.46
C GLN A 145 1.13 59.71 -22.16
N ASP A 146 0.76 59.26 -23.36
CA ASP A 146 -0.45 59.78 -24.02
C ASP A 146 -1.30 58.72 -24.70
N GLY A 147 -0.77 57.52 -24.95
CA GLY A 147 -1.55 56.44 -25.53
C GLY A 147 -1.80 56.54 -27.02
N SER A 148 -1.38 57.62 -27.68
CA SER A 148 -1.68 57.79 -29.09
C SER A 148 -0.74 56.98 -29.96
N LEU A 149 -1.14 56.78 -31.21
CA LEU A 149 -0.36 56.03 -32.19
C LEU A 149 0.39 56.99 -33.11
N LYS A 150 1.59 56.58 -33.51
CA LYS A 150 2.38 57.37 -34.44
C LYS A 150 2.88 56.51 -35.59
N PRO A 151 2.84 57.02 -36.82
CA PRO A 151 3.35 56.23 -37.96
C PRO A 151 4.84 55.99 -37.84
N GLN A 152 5.27 54.82 -38.32
CA GLN A 152 6.66 54.40 -38.22
C GLN A 152 7.08 53.64 -39.47
N ILE A 153 8.26 53.99 -39.99
CA ILE A 153 8.90 53.31 -41.10
C ILE A 153 10.27 52.84 -40.62
N TYR A 154 10.60 51.58 -40.90
CA TYR A 154 11.91 51.04 -40.54
C TYR A 154 12.46 50.22 -41.70
N THR A 155 13.68 50.53 -42.12
CA THR A 155 14.33 49.81 -43.20
C THR A 155 15.46 48.94 -42.65
N VAL A 156 15.57 47.74 -43.21
CA VAL A 156 16.64 46.80 -42.90
C VAL A 156 17.40 46.52 -44.20
N ASP A 157 18.71 46.70 -44.15
CA ASP A 157 19.63 46.50 -45.26
C ASP A 157 20.13 45.06 -45.29
N PRO A 158 20.68 44.61 -46.42
CA PRO A 158 21.32 43.29 -46.45
C PRO A 158 22.51 43.18 -45.52
N ALA A 159 23.11 44.31 -45.11
CA ALA A 159 24.20 44.30 -44.16
C ALA A 159 23.75 44.18 -42.72
N GLY A 160 22.44 44.20 -42.47
CA GLY A 160 21.91 44.20 -41.13
C GLY A 160 21.72 45.57 -40.52
N TRP A 161 21.87 46.64 -41.30
CA TRP A 161 21.68 47.99 -40.79
C TRP A 161 20.18 48.27 -40.71
N THR A 162 19.72 48.67 -39.53
CA THR A 162 18.32 48.97 -39.28
C THR A 162 18.16 50.46 -38.96
N GLY A 163 17.18 51.09 -39.60
CA GLY A 163 16.98 52.51 -39.37
C GLY A 163 15.57 53.01 -39.62
N GLY A 164 15.09 53.90 -38.74
CA GLY A 164 13.83 54.56 -38.98
C GLY A 164 13.92 55.60 -40.08
N HIS A 165 12.77 56.01 -40.60
CA HIS A 165 12.75 57.01 -41.66
C HIS A 165 11.49 57.85 -41.57
N ILE A 166 11.65 59.14 -41.81
CA ILE A 166 10.52 60.00 -42.14
C ILE A 166 10.01 59.71 -43.54
N ALA A 167 10.93 59.54 -44.48
CA ALA A 167 10.63 59.11 -45.84
C ALA A 167 11.85 58.40 -46.39
N CYS A 168 11.62 57.39 -47.23
CA CYS A 168 12.72 56.60 -47.77
C CYS A 168 12.34 56.06 -49.14
N ALA A 169 13.37 55.70 -49.91
CA ALA A 169 13.19 55.07 -51.21
C ALA A 169 14.20 53.95 -51.35
N ALA A 170 13.83 52.93 -52.11
CA ALA A 170 14.69 51.76 -52.27
C ALA A 170 14.47 51.13 -53.64
N GLY A 171 15.56 50.80 -54.32
CA GLY A 171 15.49 50.14 -55.60
C GLY A 171 16.19 50.87 -56.71
N LYS A 172 15.80 50.58 -57.95
CA LYS A 172 16.41 51.23 -59.10
C LYS A 172 16.10 52.73 -59.09
N LYS A 173 17.14 53.54 -59.34
CA LYS A 173 17.03 55.00 -59.32
C LYS A 173 16.48 55.49 -57.99
N GLN A 174 16.93 54.87 -56.89
CA GLN A 174 16.52 55.31 -55.57
C GLN A 174 17.16 56.64 -55.18
N VAL A 175 18.34 56.95 -55.75
CA VAL A 175 19.00 58.21 -55.43
C VAL A 175 18.19 59.39 -55.93
N GLU A 176 17.62 59.28 -57.14
CA GLU A 176 16.80 60.37 -57.65
C GLU A 176 15.53 60.57 -56.83
N ALA A 177 14.90 59.47 -56.41
CA ALA A 177 13.71 59.58 -55.56
C ALA A 177 14.06 60.22 -54.22
N MET A 178 15.19 59.82 -53.62
CA MET A 178 15.60 60.42 -52.36
C MET A 178 15.92 61.90 -52.54
N ALA A 179 16.55 62.27 -53.66
CA ALA A 179 16.83 63.68 -53.91
C ALA A 179 15.55 64.48 -54.07
N PHE A 180 14.57 63.94 -54.78
CA PHE A 180 13.28 64.62 -54.92
C PHE A 180 12.60 64.79 -53.57
N LEU A 181 12.61 63.74 -52.74
CA LEU A 181 11.99 63.82 -51.42
C LEU A 181 12.71 64.83 -50.53
N GLU A 182 14.04 64.87 -50.59
CA GLU A 182 14.79 65.84 -49.80
C GLU A 182 14.50 67.27 -50.28
N LYS A 183 14.42 67.47 -51.59
CA LYS A 183 14.10 68.79 -52.11
C LYS A 183 12.70 69.23 -51.67
N ARG A 184 11.73 68.32 -51.71
CA ARG A 184 10.39 68.66 -51.24
C ARG A 184 10.37 68.91 -49.74
N GLN A 185 11.24 68.24 -48.98
CA GLN A 185 11.31 68.42 -47.55
C GLN A 185 11.86 69.78 -47.15
N LYS A 186 12.67 70.41 -48.00
CA LYS A 186 13.25 71.71 -47.66
C LYS A 186 12.19 72.79 -47.54
N SER A 187 11.04 72.63 -48.20
CA SER A 187 9.98 73.63 -48.16
C SER A 187 8.91 73.29 -47.13
N THR A 188 8.29 72.12 -47.25
CA THR A 188 7.21 71.71 -46.36
C THR A 188 7.76 70.87 -45.20
N GLU A 189 6.87 70.46 -44.32
CA GLU A 189 7.20 69.59 -43.19
C GLU A 189 6.39 68.31 -43.35
N LEU A 190 7.08 67.20 -43.60
CA LEU A 190 6.40 65.96 -43.95
C LEU A 190 5.57 65.43 -42.78
N ASP A 191 6.07 65.57 -41.56
CA ASP A 191 5.38 65.06 -40.38
C ASP A 191 4.13 65.87 -40.02
N ALA A 192 3.90 67.01 -40.70
CA ALA A 192 2.72 67.82 -40.47
C ALA A 192 1.73 67.75 -41.62
N LEU A 193 2.01 66.96 -42.66
CA LEU A 193 1.12 66.86 -43.81
C LEU A 193 0.02 65.84 -43.54
N THR A 194 -0.96 65.82 -44.44
CA THR A 194 -2.05 64.87 -44.40
C THR A 194 -1.74 63.66 -45.26
N GLN A 195 -2.62 62.67 -45.21
CA GLN A 195 -2.43 61.45 -46.01
C GLN A 195 -2.45 61.75 -47.50
N LYS A 196 -3.38 62.60 -47.95
CA LYS A 196 -3.46 62.90 -49.38
C LYS A 196 -2.20 63.59 -49.88
N GLU A 197 -1.70 64.58 -49.12
CA GLU A 197 -0.49 65.28 -49.53
C GLU A 197 0.72 64.35 -49.52
N ALA A 198 0.83 63.50 -48.51
CA ALA A 198 1.95 62.56 -48.45
C ALA A 198 1.89 61.57 -49.60
N ALA A 199 0.71 61.06 -49.92
CA ALA A 199 0.57 60.14 -51.05
C ALA A 199 0.93 60.84 -52.36
N MET A 200 0.48 62.09 -52.53
CA MET A 200 0.82 62.82 -53.74
C MET A 200 2.33 63.03 -53.85
N ILE A 201 2.98 63.36 -52.74
CA ILE A 201 4.43 63.55 -52.75
C ILE A 201 5.14 62.25 -53.10
N ALA A 202 4.70 61.14 -52.51
CA ALA A 202 5.35 59.86 -52.78
C ALA A 202 5.19 59.46 -54.24
N LEU A 203 3.98 59.62 -54.79
CA LEU A 203 3.76 59.29 -56.19
C LEU A 203 4.53 60.22 -57.12
N ALA A 204 4.62 61.51 -56.77
CA ALA A 204 5.41 62.44 -57.57
C ALA A 204 6.88 62.06 -57.57
N ALA A 205 7.41 61.66 -56.41
CA ALA A 205 8.80 61.23 -56.33
C ALA A 205 9.03 59.96 -57.16
N LEU A 206 8.10 59.01 -57.07
CA LEU A 206 8.23 57.78 -57.85
C LEU A 206 8.20 58.08 -59.34
N GLN A 207 7.30 58.97 -59.77
CA GLN A 207 7.23 59.32 -61.18
C GLN A 207 8.48 60.06 -61.64
N SER A 208 8.97 61.00 -60.84
CA SER A 208 10.13 61.79 -61.24
C SER A 208 11.40 60.94 -61.28
N ALA A 209 11.50 59.93 -60.40
CA ALA A 209 12.65 59.04 -60.46
C ALA A 209 12.71 58.27 -61.76
N ILE A 210 11.55 57.84 -62.29
CA ILE A 210 11.52 57.04 -63.50
C ILE A 210 11.03 57.81 -64.73
N GLY A 211 10.28 58.90 -64.55
CA GLY A 211 9.87 59.73 -65.67
C GLY A 211 8.97 59.05 -66.68
N THR A 212 7.95 58.32 -66.22
CA THR A 212 7.02 57.66 -67.13
C THR A 212 5.55 57.95 -66.84
N ALA A 213 5.23 58.68 -65.77
CA ALA A 213 3.86 59.04 -65.42
C ALA A 213 2.99 57.80 -65.25
N VAL A 214 3.33 57.03 -64.21
CA VAL A 214 2.72 55.73 -63.94
C VAL A 214 1.20 55.81 -63.84
N LYS A 215 0.53 54.71 -64.17
CA LYS A 215 -0.90 54.55 -63.98
C LYS A 215 -1.16 53.92 -62.62
N ALA A 216 -2.41 53.50 -62.39
CA ALA A 216 -2.76 52.86 -61.12
C ALA A 216 -2.45 51.38 -61.12
N LYS A 217 -2.63 50.70 -62.25
CA LYS A 217 -2.31 49.27 -62.32
C LYS A 217 -0.81 49.00 -62.24
N GLU A 218 0.02 50.02 -62.42
CA GLU A 218 1.47 49.85 -62.40
C GLU A 218 2.08 49.97 -61.02
N VAL A 219 1.27 50.31 -60.00
CA VAL A 219 1.77 50.45 -58.64
C VAL A 219 0.81 49.77 -57.68
N GLU A 220 1.33 49.40 -56.51
CA GLU A 220 0.53 48.90 -55.40
C GLU A 220 0.92 49.66 -54.15
N VAL A 221 -0.08 50.05 -53.35
CA VAL A 221 0.12 50.91 -52.20
C VAL A 221 -0.39 50.20 -50.95
N GLY A 222 0.43 50.18 -49.91
CA GLY A 222 0.02 49.70 -48.61
C GLY A 222 -0.05 50.86 -47.62
N ARG A 223 -0.86 50.71 -46.57
CA ARG A 223 -1.20 51.83 -45.72
C ARG A 223 -1.50 51.35 -44.30
N CYS A 224 -1.04 52.13 -43.33
CA CYS A 224 -1.46 52.02 -41.94
C CYS A 224 -1.88 53.41 -41.46
N THR A 225 -2.99 53.50 -40.74
CA THR A 225 -3.50 54.77 -40.26
C THR A 225 -3.69 54.74 -38.75
N ALA A 226 -3.74 55.93 -38.15
CA ALA A 226 -4.02 56.02 -36.73
C ALA A 226 -5.44 55.60 -36.40
N ALA A 227 -6.40 55.98 -37.24
CA ALA A 227 -7.78 55.56 -37.03
C ALA A 227 -7.93 54.05 -37.23
N ASN A 228 -7.26 53.51 -38.24
CA ASN A 228 -7.29 52.09 -38.55
C ASN A 228 -5.86 51.55 -38.53
N PRO A 229 -5.37 51.07 -37.37
CA PRO A 229 -3.96 50.64 -37.28
C PRO A 229 -3.62 49.45 -38.17
N ALA A 230 -4.60 48.70 -38.66
CA ALA A 230 -4.32 47.54 -39.47
C ALA A 230 -3.68 47.93 -40.80
N PHE A 231 -2.75 47.11 -41.26
CA PHE A 231 -2.11 47.32 -42.56
C PHE A 231 -2.99 46.78 -43.66
N GLN A 232 -3.27 47.62 -44.65
CA GLN A 232 -4.10 47.17 -45.76
C GLN A 232 -3.71 47.90 -47.04
N ARG A 233 -4.04 47.31 -48.17
CA ARG A 233 -3.70 47.88 -49.46
C ARG A 233 -4.77 48.83 -49.94
N VAL A 234 -4.34 49.97 -50.45
CA VAL A 234 -5.26 51.01 -50.92
C VAL A 234 -5.93 50.52 -52.20
N PRO A 235 -7.25 50.65 -52.34
CA PRO A 235 -7.92 50.25 -53.57
C PRO A 235 -7.51 51.13 -54.74
N ASN A 236 -7.63 50.56 -55.94
CA ASN A 236 -7.15 51.23 -57.14
C ASN A 236 -7.87 52.55 -57.43
N SER A 237 -9.11 52.70 -56.96
CA SER A 237 -9.84 53.95 -57.21
C SER A 237 -9.18 55.12 -56.47
N GLU A 238 -8.80 54.90 -55.22
CA GLU A 238 -8.14 55.95 -54.45
C GLU A 238 -6.77 56.27 -55.04
N VAL A 239 -6.05 55.25 -55.52
CA VAL A 239 -4.78 55.50 -56.19
C VAL A 239 -5.00 56.30 -57.46
N GLU A 240 -6.06 56.01 -58.20
CA GLU A 240 -6.37 56.77 -59.41
C GLU A 240 -6.66 58.23 -59.09
N GLU A 241 -7.45 58.48 -58.05
CA GLU A 241 -7.76 59.86 -57.70
C GLU A 241 -6.52 60.59 -57.19
N TRP A 242 -5.64 59.87 -56.48
CA TRP A 242 -4.36 60.47 -56.07
C TRP A 242 -3.53 60.84 -57.28
N LEU A 243 -3.46 59.96 -58.28
CA LEU A 243 -2.68 60.24 -59.48
C LEU A 243 -3.24 61.42 -60.25
N THR A 244 -4.58 61.50 -60.37
CA THR A 244 -5.18 62.66 -61.02
C THR A 244 -4.91 63.94 -60.25
N ALA A 245 -4.91 63.87 -58.92
CA ALA A 245 -4.55 65.05 -58.13
C ALA A 245 -3.09 65.45 -58.36
N VAL A 246 -2.21 64.47 -58.49
CA VAL A 246 -0.80 64.75 -58.81
C VAL A 246 -0.65 65.37 -60.19
N ALA A 247 -1.47 64.96 -61.16
CA ALA A 247 -1.29 65.34 -62.55
C ALA A 247 -1.49 66.83 -62.80
N GLU A 248 -2.02 67.58 -61.84
CA GLU A 248 -2.22 69.02 -62.01
C GLU A 248 -0.90 69.74 -62.31
N GLU B 3 30.10 22.17 -42.76
CA GLU B 3 29.38 23.43 -42.98
C GLU B 3 30.13 24.61 -42.38
N ALA B 4 31.25 24.95 -43.00
CA ALA B 4 32.10 26.06 -42.58
C ALA B 4 32.56 25.89 -41.13
N PHE B 5 33.31 24.81 -40.93
CA PHE B 5 33.91 24.53 -39.63
C PHE B 5 35.40 24.81 -39.59
N TYR B 6 36.00 25.23 -40.71
CA TYR B 6 37.40 25.60 -40.71
C TYR B 6 37.57 27.08 -40.39
N GLY B 7 38.77 27.42 -39.91
CA GLY B 7 39.03 28.79 -39.48
C GLY B 7 39.29 29.71 -40.66
N LEU B 8 38.80 30.93 -40.54
CA LEU B 8 39.03 31.95 -41.57
C LEU B 8 40.21 32.85 -41.23
N THR B 9 40.54 32.97 -39.95
CA THR B 9 41.72 33.72 -39.52
C THR B 9 42.88 32.76 -39.30
N THR B 10 43.96 32.96 -40.04
CA THR B 10 45.14 32.12 -39.92
C THR B 10 46.38 33.00 -39.89
N PHE B 11 47.47 32.44 -39.36
CA PHE B 11 48.72 33.15 -39.30
C PHE B 11 49.35 33.27 -40.69
N SER B 12 50.15 34.31 -40.87
CA SER B 12 50.88 34.57 -42.10
C SER B 12 52.36 34.32 -41.91
N PRO B 13 53.13 34.17 -42.99
CA PRO B 13 54.58 33.95 -42.86
C PRO B 13 55.29 35.01 -42.04
N SER B 14 54.72 36.20 -41.88
CA SER B 14 55.30 37.23 -41.04
C SER B 14 54.81 37.18 -39.61
N GLY B 15 54.01 36.17 -39.26
CA GLY B 15 53.44 36.10 -37.92
C GLY B 15 52.26 37.00 -37.69
N LYS B 16 51.65 37.52 -38.75
CA LYS B 16 50.54 38.46 -38.64
C LYS B 16 49.24 37.73 -38.94
N LEU B 17 48.19 38.06 -38.19
CA LEU B 17 46.84 37.59 -38.47
C LEU B 17 46.18 38.67 -39.32
N ILE B 18 46.35 38.56 -40.64
CA ILE B 18 45.95 39.64 -41.54
C ILE B 18 44.45 39.86 -41.52
N GLN B 19 43.67 38.83 -41.22
CA GLN B 19 42.23 39.01 -41.10
C GLN B 19 41.88 39.93 -39.94
N ILE B 20 42.58 39.78 -38.81
CA ILE B 20 42.34 40.67 -37.67
C ILE B 20 42.77 42.08 -38.00
N GLU B 21 43.87 42.23 -38.74
CA GLU B 21 44.31 43.56 -39.15
C GLU B 21 43.29 44.22 -40.07
N TYR B 22 42.73 43.45 -41.00
CA TYR B 22 41.69 43.98 -41.87
C TYR B 22 40.44 44.36 -41.09
N ALA B 23 40.07 43.55 -40.09
CA ALA B 23 38.95 43.88 -39.23
C ALA B 23 39.21 45.17 -38.46
N THR B 24 40.45 45.36 -37.98
CA THR B 24 40.80 46.59 -37.30
C THR B 24 40.72 47.78 -38.26
N THR B 25 41.14 47.59 -39.51
CA THR B 25 40.99 48.65 -40.50
C THR B 25 39.53 48.99 -40.72
N ALA B 26 38.66 47.97 -40.76
CA ALA B 26 37.23 48.22 -40.88
C ALA B 26 36.68 48.95 -39.66
N ALA B 27 37.21 48.65 -38.47
CA ALA B 27 36.75 49.28 -37.24
C ALA B 27 37.14 50.74 -37.14
N GLY B 28 38.13 51.19 -37.90
CA GLY B 28 38.53 52.58 -37.90
C GLY B 28 37.92 53.43 -38.99
N LYS B 29 36.92 52.92 -39.72
CA LYS B 29 36.30 53.66 -40.81
C LYS B 29 34.95 54.26 -40.43
N GLY B 30 34.48 54.03 -39.22
CA GLY B 30 33.22 54.60 -38.77
C GLY B 30 33.37 56.06 -38.35
N THR B 31 32.24 56.64 -37.97
CA THR B 31 32.23 58.02 -37.51
C THR B 31 33.01 58.14 -36.20
N THR B 32 33.41 59.37 -35.90
CA THR B 32 34.28 59.62 -34.75
C THR B 32 33.51 59.51 -33.45
N ALA B 33 34.01 58.67 -32.55
CA ALA B 33 33.51 58.55 -31.19
C ALA B 33 34.66 58.77 -30.24
N LEU B 34 34.35 59.20 -29.02
CA LEU B 34 35.42 59.49 -28.07
C LEU B 34 34.90 59.39 -26.65
N GLY B 35 35.84 59.24 -25.72
CA GLY B 35 35.53 59.16 -24.30
C GLY B 35 36.54 59.89 -23.45
N VAL B 36 36.08 60.55 -22.39
CA VAL B 36 36.93 61.32 -21.50
C VAL B 36 36.57 60.95 -20.07
N LYS B 37 37.59 60.61 -19.27
CA LYS B 37 37.44 60.33 -17.85
C LYS B 37 37.73 61.60 -17.05
N ALA B 38 37.14 61.67 -15.86
CA ALA B 38 37.32 62.81 -14.98
C ALA B 38 37.10 62.35 -13.54
N THR B 39 37.63 63.14 -12.61
CA THR B 39 37.69 62.75 -11.20
C THR B 39 36.32 62.35 -10.63
N ASP B 40 35.23 62.73 -11.30
CA ASP B 40 33.91 62.39 -10.81
C ASP B 40 32.98 61.87 -11.90
N GLY B 41 33.51 61.31 -12.98
CA GLY B 41 32.65 60.69 -13.97
C GLY B 41 33.31 60.61 -15.33
N VAL B 42 32.66 59.85 -16.21
CA VAL B 42 33.16 59.63 -17.56
C VAL B 42 32.08 60.04 -18.55
N VAL B 43 32.49 60.74 -19.61
CA VAL B 43 31.58 61.20 -20.64
C VAL B 43 32.05 60.66 -21.99
N ILE B 44 31.13 60.03 -22.72
CA ILE B 44 31.42 59.48 -24.04
C ILE B 44 30.47 60.10 -25.04
N ALA B 45 31.04 60.57 -26.16
CA ALA B 45 30.26 61.27 -27.17
C ALA B 45 30.54 60.66 -28.54
N ALA B 46 29.49 60.44 -29.30
CA ALA B 46 29.57 59.89 -30.65
C ALA B 46 29.03 60.92 -31.65
N LYS B 47 29.07 60.55 -32.93
CA LYS B 47 28.68 61.44 -34.02
C LYS B 47 27.60 60.76 -34.85
N LYS B 48 26.34 61.17 -34.67
CA LYS B 48 25.22 60.61 -35.42
C LYS B 48 24.98 61.46 -36.66
N LYS B 49 25.79 61.21 -37.69
CA LYS B 49 25.65 61.90 -38.96
C LYS B 49 24.81 61.03 -39.88
N ALA B 50 23.52 61.34 -39.98
CA ALA B 50 22.61 60.54 -40.79
C ALA B 50 22.93 60.74 -42.28
N PRO B 51 22.72 59.71 -43.10
CA PRO B 51 22.97 59.86 -44.54
C PRO B 51 22.11 60.94 -45.21
N SER B 52 20.94 61.23 -44.66
CA SER B 52 20.04 62.22 -45.23
C SER B 52 19.27 62.90 -44.10
N THR B 53 18.48 63.91 -44.47
CA THR B 53 17.59 64.54 -43.52
C THR B 53 16.28 63.79 -43.33
N LEU B 54 16.07 62.72 -44.11
CA LEU B 54 14.87 61.90 -44.03
C LEU B 54 15.09 60.61 -43.25
N VAL B 55 16.03 60.63 -42.30
CA VAL B 55 16.47 59.42 -41.60
C VAL B 55 15.91 59.35 -40.19
N ASP B 56 15.28 60.41 -39.69
CA ASP B 56 14.69 60.42 -38.36
C ASP B 56 15.75 60.11 -37.30
N ALA B 57 16.68 61.06 -37.17
CA ALA B 57 17.87 60.89 -36.34
C ALA B 57 17.58 60.38 -34.93
N SER B 58 16.34 60.54 -34.45
CA SER B 58 15.98 59.97 -33.15
C SER B 58 15.98 58.45 -33.16
N SER B 59 15.84 57.83 -34.33
CA SER B 59 15.81 56.38 -34.43
C SER B 59 17.19 55.75 -34.47
N ILE B 60 18.20 56.48 -34.90
CA ILE B 60 19.56 55.96 -34.99
C ILE B 60 20.29 56.26 -33.68
N GLN B 61 20.93 55.25 -33.12
CA GLN B 61 21.61 55.38 -31.84
C GLN B 61 23.05 54.90 -31.98
N LYS B 62 23.99 55.68 -31.45
CA LYS B 62 25.38 55.28 -31.37
C LYS B 62 25.87 55.18 -29.94
N VAL B 63 25.08 55.59 -28.97
CA VAL B 63 25.38 55.47 -27.55
C VAL B 63 24.36 54.52 -26.94
N PHE B 64 24.85 53.51 -26.23
CA PHE B 64 24.00 52.44 -25.72
C PHE B 64 24.17 52.30 -24.21
N VAL B 65 23.10 51.88 -23.56
CA VAL B 65 23.12 51.57 -22.13
C VAL B 65 23.24 50.06 -21.97
N LEU B 66 24.31 49.60 -21.33
CA LEU B 66 24.50 48.18 -21.10
C LEU B 66 23.86 47.71 -19.80
N ASP B 67 23.91 48.54 -18.77
CA ASP B 67 23.19 48.31 -17.53
C ASP B 67 22.96 49.65 -16.87
N GLU B 68 22.39 49.62 -15.66
CA GLU B 68 22.07 50.86 -14.95
C GLU B 68 23.30 51.63 -14.52
N HIS B 69 24.51 51.08 -14.71
CA HIS B 69 25.73 51.73 -14.29
C HIS B 69 26.79 51.83 -15.39
N VAL B 70 26.54 51.27 -16.58
CA VAL B 70 27.56 51.17 -17.60
C VAL B 70 26.97 51.49 -18.97
N GLY B 71 27.72 52.23 -19.78
CA GLY B 71 27.32 52.54 -21.13
C GLY B 71 28.44 52.21 -22.11
N CYS B 72 28.11 52.37 -23.40
CA CYS B 72 29.04 52.00 -24.46
C CYS B 72 28.80 52.87 -25.68
N THR B 73 29.84 52.99 -26.51
CA THR B 73 29.75 53.60 -27.82
C THR B 73 30.79 52.93 -28.70
N TYR B 74 30.63 53.08 -30.01
CA TYR B 74 31.43 52.29 -30.94
C TYR B 74 31.85 53.13 -32.14
N SER B 75 32.61 52.49 -33.03
CA SER B 75 32.98 53.05 -34.32
C SER B 75 33.27 51.90 -35.25
N GLY B 76 32.65 51.89 -36.42
CA GLY B 76 32.82 50.80 -37.36
C GLY B 76 31.51 50.21 -37.84
N MET B 77 31.42 48.89 -37.87
CA MET B 77 30.22 48.21 -38.34
C MET B 77 29.18 48.14 -37.22
N GLY B 78 28.08 48.86 -37.40
CA GLY B 78 27.01 48.88 -36.43
C GLY B 78 26.33 47.55 -36.20
N PRO B 79 25.95 46.85 -37.27
CA PRO B 79 25.40 45.50 -37.09
C PRO B 79 26.35 44.54 -36.37
N ASP B 80 27.64 44.65 -36.62
CA ASP B 80 28.61 43.88 -35.84
C ASP B 80 28.59 44.30 -34.38
N CYS B 81 28.45 45.60 -34.12
CA CYS B 81 28.44 46.10 -32.75
C CYS B 81 27.22 45.65 -31.97
N ARG B 82 26.08 45.49 -32.64
CA ARG B 82 24.84 45.20 -31.91
C ARG B 82 24.89 43.84 -31.24
N VAL B 83 25.58 42.88 -31.87
CA VAL B 83 25.74 41.56 -31.27
C VAL B 83 26.49 41.67 -29.95
N LEU B 84 27.60 42.42 -29.96
CA LEU B 84 28.37 42.61 -28.73
C LEU B 84 27.58 43.39 -27.69
N ILE B 85 26.78 44.36 -28.12
CA ILE B 85 25.96 45.12 -27.19
C ILE B 85 24.97 44.21 -26.49
N ASP B 86 24.29 43.35 -27.25
CA ASP B 86 23.34 42.41 -26.66
C ASP B 86 24.04 41.42 -25.74
N SER B 87 25.20 40.91 -26.14
CA SER B 87 25.93 39.99 -25.28
C SER B 87 26.37 40.66 -23.98
N ALA B 88 26.81 41.91 -24.06
CA ALA B 88 27.21 42.63 -22.86
C ALA B 88 26.02 42.87 -21.93
N ARG B 89 24.87 43.24 -22.50
CA ARG B 89 23.69 43.43 -21.68
C ARG B 89 23.28 42.13 -20.99
N LYS B 90 23.31 41.01 -21.73
CA LYS B 90 22.97 39.73 -21.13
C LYS B 90 23.96 39.34 -20.05
N ASN B 91 25.25 39.62 -20.27
CA ASN B 91 26.26 39.33 -19.25
C ASN B 91 26.03 40.15 -17.99
N CYS B 92 25.69 41.43 -18.16
CA CYS B 92 25.39 42.27 -17.00
C CYS B 92 24.20 41.73 -16.22
N GLN B 93 23.14 41.33 -16.94
CA GLN B 93 21.97 40.78 -16.27
C GLN B 93 22.30 39.48 -15.53
N GLN B 94 23.10 38.61 -16.17
CA GLN B 94 23.49 37.36 -15.53
C GLN B 94 24.33 37.62 -14.28
N TYR B 95 25.24 38.60 -14.34
CA TYR B 95 26.03 38.93 -13.17
C TYR B 95 25.15 39.44 -12.04
N LYS B 96 24.20 40.33 -12.35
CA LYS B 96 23.29 40.81 -11.31
C LYS B 96 22.46 39.68 -10.74
N LEU B 97 22.08 38.70 -11.56
CA LEU B 97 21.34 37.55 -11.06
C LEU B 97 22.21 36.69 -10.14
N MET B 98 23.50 36.58 -10.45
CA MET B 98 24.36 35.66 -9.71
C MET B 98 24.84 36.25 -8.39
N TYR B 99 25.25 37.52 -8.37
CA TYR B 99 25.88 38.10 -7.19
C TYR B 99 25.08 39.23 -6.56
N ASN B 100 23.96 39.63 -7.18
CA ASN B 100 23.11 40.71 -6.65
C ASN B 100 23.92 42.00 -6.49
N GLU B 101 24.84 42.23 -7.42
CA GLU B 101 25.67 43.42 -7.42
C GLU B 101 25.83 43.88 -8.87
N PRO B 102 26.05 45.18 -9.10
CA PRO B 102 26.39 45.63 -10.45
C PRO B 102 27.73 45.04 -10.88
N ILE B 103 27.79 44.62 -12.14
CA ILE B 103 29.03 44.00 -12.62
C ILE B 103 30.14 45.05 -12.65
N PRO B 104 31.33 44.75 -12.15
CA PRO B 104 32.44 45.69 -12.31
C PRO B 104 32.82 45.82 -13.78
N ILE B 105 33.31 47.01 -14.14
CA ILE B 105 33.57 47.31 -15.54
C ILE B 105 34.66 46.42 -16.09
N SER B 106 35.66 46.09 -15.27
CA SER B 106 36.75 45.23 -15.74
C SER B 106 36.25 43.84 -16.13
N GLN B 107 35.36 43.25 -15.32
CA GLN B 107 34.83 41.93 -15.64
C GLN B 107 34.00 41.97 -16.92
N LEU B 108 33.20 43.02 -17.10
CA LEU B 108 32.41 43.16 -18.32
C LEU B 108 33.32 43.31 -19.53
N VAL B 109 34.40 44.07 -19.40
CA VAL B 109 35.33 44.24 -20.51
C VAL B 109 36.02 42.92 -20.84
N ARG B 110 36.39 42.15 -19.81
CA ARG B 110 36.95 40.82 -20.04
C ARG B 110 35.95 39.94 -20.78
N LYS B 111 34.68 39.98 -20.39
CA LYS B 111 33.67 39.16 -21.04
C LYS B 111 33.47 39.57 -22.49
N ILE B 112 33.47 40.87 -22.77
CA ILE B 112 33.37 41.33 -24.16
C ILE B 112 34.58 40.88 -24.96
N SER B 113 35.78 40.99 -24.37
CA SER B 113 37.00 40.61 -25.06
C SER B 113 37.05 39.13 -25.42
N ALA B 114 36.38 38.27 -24.65
CA ALA B 114 36.38 36.85 -24.93
C ALA B 114 35.58 36.49 -26.18
N ILE B 115 34.52 37.24 -26.47
CA ILE B 115 33.76 37.02 -27.71
C ILE B 115 34.58 37.44 -28.92
N TYR B 116 35.28 38.56 -28.81
CA TYR B 116 36.19 38.99 -29.88
C TYR B 116 37.19 37.89 -30.22
N GLN B 117 37.85 37.33 -29.21
CA GLN B 117 38.81 36.25 -29.44
C GLN B 117 38.11 35.04 -30.03
N GLU B 118 36.92 34.72 -29.53
CA GLU B 118 36.17 33.59 -30.07
C GLU B 118 35.93 33.73 -31.57
N PHE B 119 35.54 34.92 -32.01
CA PHE B 119 35.29 35.10 -33.45
C PHE B 119 36.58 35.32 -34.24
N THR B 120 37.69 35.65 -33.58
CA THR B 120 38.96 35.72 -34.28
C THR B 120 39.69 34.38 -34.34
N GLN B 121 39.21 33.35 -33.64
CA GLN B 121 39.87 32.06 -33.68
C GLN B 121 38.97 30.89 -34.05
N SER B 122 37.69 30.92 -33.72
CA SER B 122 36.82 29.79 -34.04
C SER B 122 36.59 29.69 -35.54
N GLY B 123 36.12 28.53 -35.98
CA GLY B 123 36.02 28.24 -37.39
C GLY B 123 34.72 28.73 -38.01
N GLY B 124 34.81 29.13 -39.28
CA GLY B 124 33.64 29.51 -40.05
C GLY B 124 33.16 30.93 -39.85
N VAL B 125 33.86 31.74 -39.05
CA VAL B 125 33.43 33.10 -38.77
C VAL B 125 34.60 34.05 -38.99
N ARG B 126 34.26 35.31 -39.20
CA ARG B 126 35.23 36.38 -39.36
C ARG B 126 35.23 37.27 -38.12
N PRO B 127 36.33 38.00 -37.89
CA PRO B 127 36.37 38.90 -36.73
C PRO B 127 35.37 40.03 -36.85
N PHE B 128 35.07 40.66 -35.71
CA PHE B 128 34.18 41.81 -35.71
C PHE B 128 34.89 43.03 -36.32
N GLY B 129 34.10 43.91 -36.91
CA GLY B 129 34.64 45.09 -37.54
C GLY B 129 34.30 46.37 -36.79
N CYS B 130 34.34 46.33 -35.46
CA CYS B 130 33.99 47.48 -34.65
C CYS B 130 34.89 47.52 -33.42
N SER B 131 35.01 48.72 -32.85
CA SER B 131 35.73 48.95 -31.61
C SER B 131 34.77 49.57 -30.60
N LEU B 132 34.91 49.20 -29.34
CA LEU B 132 33.98 49.61 -28.30
C LEU B 132 34.66 50.55 -27.30
N LEU B 133 33.90 51.53 -26.84
CA LEU B 133 34.31 52.42 -25.75
C LEU B 133 33.32 52.21 -24.61
N VAL B 134 33.77 51.58 -23.54
CA VAL B 134 32.90 51.23 -22.42
C VAL B 134 33.20 52.16 -21.26
N ALA B 135 32.16 52.75 -20.68
CA ALA B 135 32.31 53.69 -19.56
C ALA B 135 31.37 53.29 -18.45
N GLY B 136 31.86 53.33 -17.21
CA GLY B 136 31.00 52.90 -16.11
C GLY B 136 31.58 53.21 -14.76
N VAL B 137 30.78 52.87 -13.74
CA VAL B 137 31.15 53.01 -12.33
C VAL B 137 31.14 51.61 -11.70
N ASP B 138 32.07 51.39 -10.79
CA ASP B 138 32.07 50.17 -9.99
C ASP B 138 32.64 50.49 -8.62
N ALA B 139 32.82 49.45 -7.79
CA ALA B 139 33.23 49.65 -6.41
C ALA B 139 34.58 50.36 -6.29
N ASN B 140 35.40 50.34 -7.34
CA ASN B 140 36.68 51.03 -7.33
C ASN B 140 36.70 52.17 -8.34
N GLY B 141 35.59 52.88 -8.48
CA GLY B 141 35.59 54.15 -9.16
C GLY B 141 35.09 54.11 -10.59
N TYR B 142 35.57 55.07 -11.36
CA TYR B 142 35.13 55.32 -12.73
C TYR B 142 36.09 54.68 -13.71
N HIS B 143 35.56 54.11 -14.80
CA HIS B 143 36.39 53.40 -15.75
C HIS B 143 35.96 53.69 -17.17
N LEU B 144 36.95 53.75 -18.06
CA LEU B 144 36.74 53.95 -19.49
C LEU B 144 37.72 53.05 -20.23
N TYR B 145 37.19 52.06 -20.95
CA TYR B 145 37.98 51.08 -21.68
C TYR B 145 37.75 51.20 -23.18
N GLN B 146 38.79 50.86 -23.93
CA GLN B 146 38.73 50.70 -25.39
C GLN B 146 38.98 49.24 -25.72
N VAL B 147 38.13 48.67 -26.58
CA VAL B 147 38.27 47.28 -26.99
C VAL B 147 38.30 47.23 -28.50
N ASP B 148 39.29 46.51 -29.04
CA ASP B 148 39.55 46.41 -30.46
C ASP B 148 39.13 45.04 -31.00
N PRO B 149 39.03 44.89 -32.32
CA PRO B 149 38.61 43.60 -32.88
C PRO B 149 39.52 42.43 -32.51
N SER B 150 40.79 42.69 -32.18
CA SER B 150 41.67 41.59 -31.77
C SER B 150 41.30 41.04 -30.40
N GLY B 151 40.48 41.76 -29.64
CA GLY B 151 40.16 41.38 -28.28
C GLY B 151 40.98 42.10 -27.22
N THR B 152 42.04 42.78 -27.61
CA THR B 152 42.84 43.53 -26.66
C THR B 152 42.07 44.73 -26.14
N PHE B 153 42.22 45.00 -24.84
CA PHE B 153 41.53 46.12 -24.21
C PHE B 153 42.53 46.93 -23.38
N TRP B 154 42.30 48.24 -23.34
CA TRP B 154 43.12 49.16 -22.57
C TRP B 154 42.24 49.98 -21.66
N ALA B 155 42.82 50.51 -20.60
CA ALA B 155 42.14 51.48 -19.74
C ALA B 155 42.67 52.87 -20.07
N TRP B 156 41.76 53.78 -20.38
CA TRP B 156 42.12 55.10 -20.87
C TRP B 156 41.64 56.19 -19.93
N LYS B 157 42.34 57.32 -19.97
CA LYS B 157 41.86 58.56 -19.37
C LYS B 157 41.10 59.43 -20.36
N ALA B 158 41.50 59.39 -21.63
CA ALA B 158 40.78 60.09 -22.70
C ALA B 158 41.26 59.48 -24.01
N THR B 159 40.31 59.03 -24.84
CA THR B 159 40.66 58.36 -26.08
C THR B 159 39.57 58.61 -27.13
N ALA B 160 39.88 58.21 -28.36
CA ALA B 160 38.95 58.38 -29.48
C ALA B 160 39.14 57.23 -30.47
N ILE B 161 38.05 56.87 -31.13
CA ILE B 161 38.03 55.83 -32.14
C ILE B 161 37.26 56.34 -33.36
N GLY B 162 37.48 55.69 -34.49
CA GLY B 162 36.84 56.05 -35.74
C GLY B 162 37.74 56.88 -36.63
N THR B 163 37.12 57.44 -37.67
CA THR B 163 37.85 58.32 -38.57
C THR B 163 38.22 59.62 -37.86
N GLY B 164 39.41 60.13 -38.15
CA GLY B 164 39.89 61.31 -37.48
C GLY B 164 40.26 61.11 -36.03
N SER B 165 40.50 59.86 -35.62
CA SER B 165 40.83 59.57 -34.23
C SER B 165 42.25 60.00 -33.85
N PRO B 166 43.26 59.92 -34.72
CA PRO B 166 44.57 60.46 -34.33
C PRO B 166 44.53 61.95 -33.99
N ASP B 167 43.80 62.74 -34.78
CA ASP B 167 43.69 64.16 -34.50
C ASP B 167 42.91 64.42 -33.22
N ALA B 168 41.84 63.66 -32.99
CA ALA B 168 41.08 63.81 -31.75
C ALA B 168 41.93 63.47 -30.54
N LYS B 169 42.72 62.40 -30.62
CA LYS B 169 43.60 62.03 -29.52
C LYS B 169 44.68 63.08 -29.29
N ALA B 170 45.23 63.63 -30.37
CA ALA B 170 46.23 64.70 -30.23
C ALA B 170 45.62 65.92 -29.56
N PHE B 171 44.40 66.29 -29.95
CA PHE B 171 43.72 67.42 -29.32
C PHE B 171 43.43 67.14 -27.85
N LEU B 172 43.02 65.90 -27.53
CA LEU B 172 42.71 65.54 -26.16
C LEU B 172 43.96 65.54 -25.28
N GLU B 173 45.11 65.16 -25.83
CA GLU B 173 46.32 65.06 -25.04
C GLU B 173 46.72 66.41 -24.44
N LYS B 174 46.65 67.47 -25.23
CA LYS B 174 47.05 68.79 -24.74
C LYS B 174 45.99 69.40 -23.82
N ARG B 175 44.72 69.05 -24.01
CA ARG B 175 43.65 69.69 -23.25
C ARG B 175 43.32 68.96 -21.95
N TYR B 176 43.56 67.65 -21.89
CA TYR B 176 43.21 66.87 -20.72
C TYR B 176 44.05 67.29 -19.52
N THR B 177 43.42 67.29 -18.34
CA THR B 177 44.08 67.65 -17.10
C THR B 177 43.78 66.58 -16.07
N VAL B 178 44.78 66.25 -15.24
CA VAL B 178 44.66 65.13 -14.32
C VAL B 178 43.53 65.34 -13.30
N ASP B 179 43.21 66.58 -12.95
CA ASP B 179 42.16 66.88 -12.00
C ASP B 179 40.96 67.54 -12.67
N MET B 180 40.69 67.15 -13.91
CA MET B 180 39.54 67.66 -14.64
C MET B 180 38.25 67.13 -14.03
N GLU B 181 37.24 67.99 -13.95
CA GLU B 181 35.98 67.64 -13.31
C GLU B 181 34.95 67.37 -14.41
N LEU B 182 33.70 67.07 -14.03
CA LEU B 182 32.75 66.44 -14.94
C LEU B 182 32.38 67.34 -16.13
N GLU B 183 31.72 68.47 -15.88
CA GLU B 183 31.25 69.30 -16.99
C GLU B 183 32.42 69.85 -17.81
N ASP B 184 33.59 70.00 -17.20
CA ASP B 184 34.78 70.36 -17.96
C ASP B 184 35.11 69.26 -18.97
N ALA B 185 34.97 68.00 -18.56
CA ALA B 185 35.21 66.89 -19.48
C ALA B 185 34.18 66.89 -20.61
N VAL B 186 32.92 67.21 -20.30
CA VAL B 186 31.90 67.29 -21.33
C VAL B 186 32.22 68.40 -22.32
N HIS B 187 32.65 69.56 -21.82
CA HIS B 187 33.07 70.65 -22.69
C HIS B 187 34.23 70.22 -23.59
N THR B 188 35.22 69.53 -23.01
CA THR B 188 36.36 69.07 -23.79
C THR B 188 35.93 68.08 -24.87
N ALA B 189 35.04 67.15 -24.52
CA ALA B 189 34.56 66.17 -25.50
C ALA B 189 33.80 66.84 -26.64
N LEU B 190 32.92 67.79 -26.31
CA LEU B 190 32.17 68.49 -27.34
C LEU B 190 33.09 69.30 -28.24
N LEU B 191 34.09 69.97 -27.66
CA LEU B 191 35.04 70.72 -28.46
C LEU B 191 35.85 69.81 -29.37
N THR B 192 36.26 68.64 -28.85
CA THR B 192 37.02 67.69 -29.66
C THR B 192 36.19 67.19 -30.84
N LEU B 193 34.91 66.90 -30.60
CA LEU B 193 34.03 66.53 -31.71
C LEU B 193 33.88 67.68 -32.70
N LYS B 194 33.74 68.91 -32.19
CA LYS B 194 33.55 70.07 -33.06
C LYS B 194 34.76 70.30 -33.95
N GLU B 195 35.97 70.02 -33.44
CA GLU B 195 37.17 70.24 -34.24
C GLU B 195 37.17 69.40 -35.51
N GLY B 196 36.79 68.14 -35.43
CA GLY B 196 36.77 67.28 -36.59
C GLY B 196 35.41 67.19 -37.26
N PHE B 197 34.43 67.93 -36.74
CA PHE B 197 33.09 67.89 -37.31
C PHE B 197 33.06 68.57 -38.67
N ASP B 198 32.31 67.97 -39.60
CA ASP B 198 32.24 68.50 -40.95
C ASP B 198 31.37 69.75 -41.04
N GLY B 199 30.28 69.80 -40.27
CA GLY B 199 29.39 70.94 -40.29
C GLY B 199 29.17 71.55 -38.93
N GLN B 200 27.91 71.72 -38.55
CA GLN B 200 27.55 72.28 -37.25
C GLN B 200 26.93 71.20 -36.38
N MET B 201 27.36 71.14 -35.13
CA MET B 201 26.85 70.15 -34.19
C MET B 201 25.51 70.60 -33.63
N THR B 202 24.45 69.85 -33.94
CA THR B 202 23.14 70.07 -33.38
C THR B 202 22.82 68.94 -32.41
N SER B 203 21.80 69.17 -31.58
CA SER B 203 21.41 68.15 -30.60
C SER B 203 20.83 66.91 -31.24
N GLU B 204 20.44 66.98 -32.51
CA GLU B 204 20.02 65.80 -33.27
C GLU B 204 21.17 65.19 -34.06
N ASN B 205 22.34 65.82 -34.06
CA ASN B 205 23.51 65.32 -34.77
C ASN B 205 24.49 64.59 -33.87
N THR B 206 24.37 64.76 -32.55
CA THR B 206 25.31 64.19 -31.59
C THR B 206 24.55 63.42 -30.53
N GLN B 207 25.18 62.36 -30.03
CA GLN B 207 24.66 61.62 -28.89
C GLN B 207 25.75 61.53 -27.83
N VAL B 208 25.42 61.91 -26.61
CA VAL B 208 26.38 62.00 -25.53
C VAL B 208 25.81 61.30 -24.29
N GLY B 209 26.67 60.56 -23.61
CA GLY B 209 26.30 59.93 -22.34
C GLY B 209 27.35 60.19 -21.28
N ARG B 210 26.93 60.78 -20.16
CA ARG B 210 27.86 61.15 -19.09
C ARG B 210 27.59 60.25 -17.89
N VAL B 211 28.60 59.45 -17.51
CA VAL B 211 28.47 58.54 -16.38
C VAL B 211 28.58 59.37 -15.10
N VAL B 212 27.48 59.47 -14.35
CA VAL B 212 27.41 60.37 -13.20
C VAL B 212 27.12 59.54 -11.95
N GLU B 213 28.20 59.06 -11.33
CA GLU B 213 28.38 58.67 -9.93
C GLU B 213 27.57 57.44 -9.50
N ASN B 214 26.54 57.06 -10.25
CA ASN B 214 25.87 55.78 -10.04
C ASN B 214 25.30 55.19 -11.31
N ARG B 215 25.43 55.83 -12.47
CA ARG B 215 24.58 55.53 -13.60
C ARG B 215 25.19 56.09 -14.88
N PHE B 216 24.62 55.68 -16.01
CA PHE B 216 25.12 56.09 -17.31
C PHE B 216 24.34 57.30 -17.85
N GLU B 217 23.00 57.19 -17.90
CA GLU B 217 22.10 58.33 -18.12
C GLU B 217 22.46 59.07 -19.42
N ILE B 218 22.19 58.40 -20.55
CA ILE B 218 22.28 59.05 -21.85
C ILE B 218 21.58 60.39 -21.80
N LEU B 219 22.28 61.43 -22.27
CA LEU B 219 21.77 62.78 -22.17
C LEU B 219 20.57 62.99 -23.09
N SER B 220 19.63 63.81 -22.62
CA SER B 220 18.45 64.16 -23.38
C SER B 220 18.79 65.22 -24.43
N VAL B 221 17.85 65.46 -25.34
CA VAL B 221 18.03 66.48 -26.37
C VAL B 221 18.16 67.86 -25.73
N ASP B 222 17.32 68.15 -24.73
CA ASP B 222 17.39 69.44 -24.05
C ASP B 222 18.71 69.61 -23.32
N GLN B 223 19.19 68.56 -22.65
CA GLN B 223 20.47 68.63 -21.97
C GLN B 223 21.61 68.90 -22.94
N LEU B 224 21.62 68.19 -24.07
CA LEU B 224 22.66 68.40 -25.06
C LEU B 224 22.60 69.80 -25.65
N ARG B 225 21.38 70.33 -25.85
CA ARG B 225 21.26 71.72 -26.27
C ARG B 225 21.83 72.66 -25.22
N ASP B 226 21.59 72.37 -23.93
CA ASP B 226 22.13 73.18 -22.85
C ASP B 226 23.66 73.12 -22.81
N TYR B 227 24.26 72.02 -23.25
CA TYR B 227 25.71 71.97 -23.38
C TYR B 227 26.22 72.47 -24.72
N LEU B 228 25.41 72.40 -25.78
CA LEU B 228 25.86 72.85 -27.09
C LEU B 228 25.85 74.37 -27.22
N ASP B 229 24.89 75.05 -26.58
CA ASP B 229 24.81 76.49 -26.62
C ASP B 229 25.74 77.16 -25.61
N GLN B 230 26.62 76.37 -24.97
CA GLN B 230 27.57 76.90 -23.99
C GLN B 230 29.01 76.79 -24.44
N ILE B 231 29.31 75.96 -25.43
CA ILE B 231 30.68 75.81 -25.93
C ILE B 231 30.93 76.81 -27.05
N SER C 2 32.84 26.69 -48.48
CA SER C 2 33.20 25.54 -49.31
C SER C 2 34.63 25.08 -49.02
N HIS C 3 34.94 23.85 -49.44
CA HIS C 3 36.27 23.28 -49.18
C HIS C 3 37.36 23.96 -49.98
N ARG C 4 37.01 24.75 -51.00
CA ARG C 4 38.02 25.46 -51.77
C ARG C 4 38.80 26.46 -50.94
N TYR C 5 38.13 27.15 -50.02
CA TYR C 5 38.74 28.23 -49.24
C TYR C 5 39.29 27.74 -47.90
N ASP C 6 39.26 26.44 -47.65
CA ASP C 6 39.84 25.89 -46.44
C ASP C 6 41.36 26.05 -46.47
N SER C 7 41.92 26.64 -45.41
CA SER C 7 43.35 26.89 -45.37
C SER C 7 44.16 25.67 -44.93
N ARG C 8 43.49 24.65 -44.36
CA ARG C 8 44.14 23.40 -43.93
C ARG C 8 45.26 23.69 -42.92
N THR C 9 44.85 24.24 -41.78
CA THR C 9 45.81 24.62 -40.75
C THR C 9 46.50 23.40 -40.15
N THR C 10 45.73 22.36 -39.81
CA THR C 10 46.29 21.18 -39.16
C THR C 10 46.64 20.11 -40.20
N THR C 11 47.60 20.46 -41.06
CA THR C 11 48.09 19.56 -42.08
C THR C 11 49.62 19.61 -42.11
N PHE C 12 50.22 18.50 -42.53
CA PHE C 12 51.66 18.45 -42.69
C PHE C 12 52.08 19.02 -44.04
N SER C 13 53.31 19.51 -44.09
CA SER C 13 53.95 20.02 -45.29
C SER C 13 54.98 19.03 -45.80
N PRO C 14 55.48 19.21 -47.03
CA PRO C 14 56.46 18.26 -47.58
C PRO C 14 57.70 18.06 -46.72
N GLU C 15 57.98 18.92 -45.74
CA GLU C 15 59.13 18.77 -44.86
C GLU C 15 58.74 18.23 -43.49
N GLY C 16 57.48 17.83 -43.31
CA GLY C 16 57.02 17.38 -42.02
C GLY C 16 56.82 18.47 -40.99
N ARG C 17 56.81 19.73 -41.41
CA ARG C 17 56.68 20.87 -40.53
C ARG C 17 55.30 21.50 -40.68
N LEU C 18 54.75 21.96 -39.56
CA LEU C 18 53.43 22.58 -39.53
C LEU C 18 53.60 24.08 -39.65
N TYR C 19 53.14 24.65 -40.78
CA TYR C 19 53.41 26.05 -41.06
C TYR C 19 52.71 26.99 -40.08
N GLN C 20 51.51 26.62 -39.62
CA GLN C 20 50.81 27.48 -38.66
C GLN C 20 51.58 27.60 -37.35
N VAL C 21 52.16 26.50 -36.88
CA VAL C 21 52.96 26.54 -35.66
C VAL C 21 54.17 27.45 -35.83
N GLU C 22 54.87 27.31 -36.97
CA GLU C 22 56.03 28.15 -37.21
C GLU C 22 55.67 29.62 -37.32
N TYR C 23 54.54 29.92 -37.97
CA TYR C 23 54.11 31.31 -38.06
C TYR C 23 53.71 31.86 -36.68
N ALA C 24 53.11 31.03 -35.83
CA ALA C 24 52.83 31.47 -34.47
C ALA C 24 54.11 31.73 -33.70
N VAL C 25 55.14 30.88 -33.88
CA VAL C 25 56.43 31.12 -33.24
C VAL C 25 57.01 32.44 -33.72
N GLU C 26 56.92 32.71 -35.02
CA GLU C 26 57.39 33.98 -35.56
C GLU C 26 56.61 35.15 -34.96
N ALA C 27 55.31 34.97 -34.75
CA ALA C 27 54.50 36.00 -34.12
C ALA C 27 54.97 36.29 -32.70
N ILE C 28 55.31 35.24 -31.95
CA ILE C 28 55.78 35.42 -30.58
C ILE C 28 57.14 36.13 -30.57
N GLN C 29 57.91 36.00 -31.65
CA GLN C 29 59.22 36.65 -31.70
C GLN C 29 59.11 38.16 -31.63
N GLN C 30 58.00 38.73 -32.10
CA GLN C 30 57.81 40.17 -32.10
C GLN C 30 57.16 40.68 -30.81
N ALA C 31 56.80 39.79 -29.89
CA ALA C 31 56.20 40.21 -28.64
C ALA C 31 57.26 40.72 -27.67
N GLY C 32 56.81 41.37 -26.61
CA GLY C 32 57.72 41.91 -25.62
C GLY C 32 58.54 40.83 -24.95
N THR C 33 59.79 41.16 -24.64
CA THR C 33 60.71 40.20 -24.04
C THR C 33 60.42 40.05 -22.56
N VAL C 34 60.37 38.81 -22.08
CA VAL C 34 60.27 38.50 -20.66
C VAL C 34 61.26 37.39 -20.34
N ILE C 35 61.97 37.56 -19.22
CA ILE C 35 63.05 36.68 -18.81
C ILE C 35 62.71 36.11 -17.44
N GLY C 36 62.83 34.79 -17.31
CA GLY C 36 62.66 34.13 -16.03
C GLY C 36 63.95 33.56 -15.51
N VAL C 37 64.23 33.78 -14.23
CA VAL C 37 65.41 33.25 -13.56
C VAL C 37 64.95 32.45 -12.35
N CYS C 38 65.31 31.17 -12.31
CA CYS C 38 64.91 30.27 -11.23
C CYS C 38 66.07 30.12 -10.26
N THR C 39 65.99 30.80 -9.13
CA THR C 39 67.00 30.70 -8.09
C THR C 39 66.57 29.65 -7.07
N LYS C 40 67.32 29.54 -5.97
CA LYS C 40 67.03 28.56 -4.93
C LYS C 40 66.09 29.10 -3.86
N ASP C 41 65.92 30.42 -3.77
CA ASP C 41 65.03 31.03 -2.80
C ASP C 41 63.95 31.86 -3.48
N GLY C 42 63.52 31.44 -4.67
CA GLY C 42 62.50 32.15 -5.39
C GLY C 42 62.75 32.19 -6.89
N VAL C 43 61.75 32.60 -7.66
CA VAL C 43 61.86 32.71 -9.11
C VAL C 43 61.45 34.11 -9.50
N VAL C 44 62.25 34.74 -10.36
CA VAL C 44 62.05 36.13 -10.77
C VAL C 44 61.61 36.15 -12.23
N LEU C 45 60.61 36.97 -12.53
CA LEU C 45 60.17 37.24 -13.89
C LEU C 45 60.34 38.72 -14.13
N ALA C 46 61.02 39.10 -15.22
CA ALA C 46 61.23 40.50 -15.58
C ALA C 46 60.90 40.67 -17.05
N GLY C 47 59.89 41.49 -17.35
CA GLY C 47 59.48 41.68 -18.71
C GLY C 47 59.34 43.14 -19.11
N GLU C 48 59.59 43.43 -20.40
CA GLU C 48 59.44 44.77 -20.92
C GLU C 48 57.99 44.97 -21.38
N LYS C 49 57.35 46.00 -20.85
CA LYS C 49 56.01 46.37 -21.26
C LYS C 49 56.08 47.55 -22.23
N MET C 50 55.01 47.70 -23.01
CA MET C 50 54.99 48.71 -24.05
C MET C 50 55.11 50.11 -23.45
N VAL C 51 55.63 51.04 -24.25
CA VAL C 51 55.90 52.40 -23.78
C VAL C 51 54.60 53.03 -23.27
N PRO C 52 54.57 53.57 -22.06
CA PRO C 52 53.31 54.07 -21.50
C PRO C 52 52.90 55.38 -22.16
N HIS C 53 51.75 55.34 -22.83
CA HIS C 53 51.17 56.55 -23.39
C HIS C 53 50.74 57.48 -22.25
N PRO C 54 50.87 58.80 -22.43
CA PRO C 54 50.47 59.73 -21.37
C PRO C 54 48.99 59.66 -21.01
N LEU C 55 48.16 59.10 -21.88
CA LEU C 55 46.73 58.96 -21.63
C LEU C 55 46.34 57.58 -21.12
N PHE C 56 47.29 56.67 -20.95
CA PHE C 56 46.99 55.40 -20.31
C PHE C 56 46.50 55.61 -18.89
N ASP C 57 45.50 54.82 -18.50
CA ASP C 57 44.97 54.81 -17.15
C ASP C 57 45.17 53.43 -16.54
N SER C 58 45.39 53.39 -15.24
CA SER C 58 45.55 52.15 -14.51
C SER C 58 44.19 51.71 -13.97
N GLU C 59 43.83 50.46 -14.23
CA GLU C 59 42.62 49.89 -13.64
C GLU C 59 42.79 49.88 -12.13
N SER C 60 41.92 50.60 -11.41
CA SER C 60 42.11 50.75 -9.97
C SER C 60 41.70 49.48 -9.25
N MET C 61 42.38 48.38 -9.55
CA MET C 61 42.06 47.09 -8.94
C MET C 61 42.57 47.05 -7.51
N GLN C 62 41.71 46.57 -6.60
CA GLN C 62 42.18 46.10 -5.32
C GLN C 62 43.04 44.85 -5.53
N ASP C 63 43.80 44.46 -4.50
CA ASP C 63 44.58 43.22 -4.54
C ASP C 63 45.54 43.24 -5.73
N LYS C 64 46.48 44.18 -5.67
CA LYS C 64 47.36 44.45 -6.79
C LYS C 64 48.48 43.41 -6.90
N ASN C 65 48.11 42.13 -6.89
CA ASN C 65 49.09 41.07 -7.06
C ASN C 65 48.60 39.94 -7.94
N THR C 66 47.44 40.06 -8.59
CA THR C 66 46.89 38.96 -9.38
C THR C 66 47.32 39.04 -10.84
N SER C 67 47.20 40.22 -11.46
CA SER C 67 47.55 40.35 -12.87
C SER C 67 48.12 41.74 -13.10
N GLY C 68 49.22 41.80 -13.85
CA GLY C 68 49.78 43.04 -14.31
C GLY C 68 49.59 43.24 -15.80
N GLU C 69 50.40 44.12 -16.37
CA GLU C 69 50.35 44.34 -17.81
C GLU C 69 51.00 43.19 -18.59
N LYS C 70 51.85 42.40 -17.94
CA LYS C 70 52.56 41.33 -18.63
C LYS C 70 52.50 40.02 -17.85
N MET C 71 52.25 40.09 -16.55
CA MET C 71 52.38 38.96 -15.65
C MET C 71 51.08 38.71 -14.89
N TYR C 72 50.69 37.45 -14.80
CA TYR C 72 49.41 37.07 -14.23
C TYR C 72 49.60 35.96 -13.20
N LYS C 73 48.59 35.81 -12.34
CA LYS C 73 48.59 34.76 -11.33
C LYS C 73 47.63 33.66 -11.76
N ILE C 74 48.13 32.42 -11.80
CA ILE C 74 47.29 31.27 -12.09
C ILE C 74 46.67 30.69 -10.83
N ALA C 75 47.48 30.50 -9.79
CA ALA C 75 47.01 30.05 -8.50
C ALA C 75 47.84 30.73 -7.43
N GLU C 76 47.52 30.44 -6.16
CA GLU C 76 48.28 31.04 -5.07
C GLU C 76 49.75 30.64 -5.14
N HIS C 77 50.05 29.46 -5.67
CA HIS C 77 51.42 28.97 -5.79
C HIS C 77 51.92 28.97 -7.22
N ILE C 78 51.17 29.54 -8.17
CA ILE C 78 51.54 29.51 -9.58
C ILE C 78 51.41 30.91 -10.16
N GLY C 79 52.41 31.34 -10.93
CA GLY C 79 52.35 32.57 -11.68
C GLY C 79 52.83 32.32 -13.10
N CYS C 80 52.55 33.27 -13.99
CA CYS C 80 52.91 33.10 -15.39
C CYS C 80 53.16 34.45 -16.03
N SER C 81 53.91 34.41 -17.13
CA SER C 81 54.09 35.55 -18.01
C SER C 81 53.83 35.11 -19.44
N VAL C 82 53.32 36.03 -20.26
CA VAL C 82 52.87 35.69 -21.60
C VAL C 82 53.72 36.43 -22.62
N ALA C 83 53.84 35.83 -23.81
CA ALA C 83 54.47 36.52 -24.94
C ALA C 83 53.73 36.10 -26.20
N GLY C 84 53.13 37.06 -26.90
CA GLY C 84 52.42 36.76 -28.12
C GLY C 84 51.06 37.43 -28.18
N VAL C 85 50.08 36.73 -28.73
CA VAL C 85 48.71 37.24 -28.81
C VAL C 85 48.13 37.29 -27.41
N THR C 86 47.98 38.52 -26.88
CA THR C 86 47.49 38.66 -25.51
C THR C 86 46.06 38.15 -25.37
N SER C 87 45.21 38.41 -26.36
CA SER C 87 43.85 37.92 -26.32
C SER C 87 43.79 36.40 -26.34
N ASP C 88 44.70 35.75 -27.07
CA ASP C 88 44.82 34.30 -26.97
C ASP C 88 45.36 33.88 -25.61
N ALA C 89 46.21 34.71 -25.00
CA ALA C 89 46.79 34.38 -23.71
C ALA C 89 45.75 34.42 -22.61
N TYR C 90 44.76 35.31 -22.70
CA TYR C 90 43.76 35.41 -21.65
C TYR C 90 42.92 34.13 -21.54
N ALA C 91 42.53 33.57 -22.67
CA ALA C 91 41.73 32.34 -22.66
C ALA C 91 42.51 31.19 -22.04
N LEU C 92 43.79 31.06 -22.42
CA LEU C 92 44.62 30.00 -21.86
C LEU C 92 44.88 30.22 -20.37
N LEU C 93 45.02 31.48 -19.94
CA LEU C 93 45.17 31.77 -18.52
C LEU C 93 43.92 31.35 -17.75
N ASN C 94 42.74 31.66 -18.29
CA ASN C 94 41.50 31.22 -17.65
C ASN C 94 41.43 29.71 -17.59
N TYR C 95 41.82 29.03 -18.67
CA TYR C 95 41.83 27.57 -18.67
C TYR C 95 42.78 27.01 -17.62
N ALA C 96 43.96 27.61 -17.49
CA ALA C 96 44.93 27.15 -16.50
C ALA C 96 44.41 27.35 -15.08
N ARG C 97 43.79 28.50 -14.81
CA ARG C 97 43.19 28.73 -13.51
C ARG C 97 42.10 27.70 -13.22
N LEU C 98 41.26 27.43 -14.21
CA LEU C 98 40.21 26.43 -14.03
C LEU C 98 40.79 25.05 -13.75
N SER C 99 41.84 24.66 -14.46
CA SER C 99 42.46 23.36 -14.23
C SER C 99 43.07 23.27 -12.84
N ALA C 100 43.78 24.32 -12.41
CA ALA C 100 44.38 24.30 -11.09
C ALA C 100 43.31 24.22 -10.00
N LEU C 101 42.23 24.99 -10.13
CA LEU C 101 41.18 24.93 -9.13
C LEU C 101 40.41 23.62 -9.17
N ARG C 102 40.28 22.99 -10.34
CA ARG C 102 39.68 21.67 -10.40
C ARG C 102 40.53 20.63 -9.70
N HIS C 103 41.85 20.70 -9.89
CA HIS C 103 42.75 19.79 -9.17
C HIS C 103 42.66 20.01 -7.68
N GLN C 104 42.60 21.28 -7.23
CA GLN C 104 42.42 21.55 -5.81
C GLN C 104 41.08 21.03 -5.30
N TYR C 105 40.04 21.10 -6.13
CA TYR C 105 38.75 20.56 -5.75
C TYR C 105 38.81 19.05 -5.56
N THR C 106 39.50 18.35 -6.47
CA THR C 106 39.51 16.89 -6.42
C THR C 106 40.38 16.35 -5.29
N PHE C 107 41.55 16.95 -5.08
CA PHE C 107 42.55 16.39 -4.17
C PHE C 107 42.80 17.23 -2.93
N GLN C 108 42.30 18.47 -2.88
CA GLN C 108 42.53 19.38 -1.76
C GLN C 108 44.01 19.62 -1.51
N GLU C 109 44.80 19.64 -2.57
CA GLU C 109 46.22 19.96 -2.50
C GLU C 109 46.59 20.86 -3.67
N PRO C 110 47.61 21.69 -3.52
CA PRO C 110 48.05 22.50 -4.66
C PRO C 110 48.52 21.65 -5.82
N MET C 111 48.17 22.06 -7.03
CA MET C 111 48.60 21.36 -8.23
C MET C 111 50.09 21.52 -8.43
N ALA C 112 50.74 20.43 -8.86
CA ALA C 112 52.16 20.50 -9.19
C ALA C 112 52.37 21.41 -10.39
N ILE C 113 53.48 22.14 -10.37
CA ILE C 113 53.77 23.09 -11.46
C ILE C 113 53.90 22.35 -12.78
N GLU C 114 54.59 21.21 -12.78
CA GLU C 114 54.75 20.44 -14.01
C GLU C 114 53.42 19.91 -14.51
N ASP C 115 52.52 19.51 -13.59
CA ASP C 115 51.21 19.02 -14.00
C ASP C 115 50.39 20.12 -14.68
N LEU C 116 50.40 21.33 -14.10
CA LEU C 116 49.68 22.44 -14.72
C LEU C 116 50.30 22.81 -16.07
N CYS C 117 51.63 22.79 -16.15
CA CYS C 117 52.27 23.08 -17.43
C CYS C 117 51.88 22.05 -18.48
N ARG C 118 51.81 20.78 -18.09
CA ARG C 118 51.43 19.73 -19.02
C ARG C 118 49.98 19.86 -19.46
N ILE C 119 49.08 20.20 -18.53
CA ILE C 119 47.66 20.16 -18.86
C ILE C 119 47.30 21.27 -19.85
N LEU C 120 47.94 22.44 -19.75
CA LEU C 120 47.68 23.51 -20.70
C LEU C 120 48.48 23.36 -21.99
N CYS C 121 49.50 22.51 -22.00
CA CYS C 121 50.20 22.21 -23.24
C CYS C 121 49.41 21.25 -24.12
N ASP C 122 48.66 20.34 -23.52
CA ASP C 122 47.76 19.49 -24.31
C ASP C 122 46.68 20.31 -24.99
N GLU C 123 46.23 21.39 -24.33
CA GLU C 123 45.24 22.27 -24.95
C GLU C 123 45.81 22.92 -26.22
N LYS C 124 47.06 23.37 -26.15
CA LYS C 124 47.68 23.97 -27.34
C LYS C 124 47.95 22.92 -28.41
N GLN C 125 48.37 21.72 -28.01
CA GLN C 125 48.62 20.66 -28.99
C GLN C 125 47.35 20.22 -29.69
N LEU C 126 46.22 20.21 -28.98
CA LEU C 126 44.96 19.74 -29.56
C LEU C 126 44.59 20.58 -30.78
N TYR C 127 44.85 21.88 -30.74
CA TYR C 127 44.50 22.76 -31.84
C TYR C 127 45.42 22.60 -33.05
N THR C 128 46.54 21.90 -32.90
CA THR C 128 47.46 21.68 -34.02
C THR C 128 47.21 20.35 -34.72
N GLN C 129 46.29 19.53 -34.22
CA GLN C 129 46.01 18.23 -34.82
C GLN C 129 44.53 18.08 -35.14
N TYR C 130 43.69 18.80 -34.40
CA TYR C 130 42.24 18.68 -34.51
C TYR C 130 41.63 20.06 -34.69
N GLY C 131 40.39 20.08 -35.16
CA GLY C 131 39.58 21.29 -35.22
C GLY C 131 39.61 22.05 -36.53
N GLY C 132 40.75 22.09 -37.20
CA GLY C 132 40.86 22.85 -38.43
C GLY C 132 40.91 24.35 -38.25
N VAL C 133 41.24 24.83 -37.06
CA VAL C 133 41.35 26.26 -36.79
C VAL C 133 42.80 26.59 -36.47
N ARG C 134 43.10 27.88 -36.35
CA ARG C 134 44.46 28.30 -36.05
C ARG C 134 44.83 27.96 -34.61
N PRO C 135 46.10 27.70 -34.33
CA PRO C 135 46.54 27.44 -32.96
C PRO C 135 46.68 28.74 -32.18
N TYR C 136 47.00 28.60 -30.90
CA TYR C 136 47.25 29.75 -30.04
C TYR C 136 48.64 30.29 -30.34
N GLY C 137 48.74 31.58 -30.61
CA GLY C 137 50.02 32.22 -30.83
C GLY C 137 50.59 32.86 -29.58
N VAL C 138 50.87 32.06 -28.56
CA VAL C 138 51.35 32.58 -27.28
C VAL C 138 52.30 31.59 -26.65
N SER C 139 53.34 32.11 -26.01
CA SER C 139 54.27 31.34 -25.21
C SER C 139 54.13 31.74 -23.74
N PHE C 140 54.20 30.75 -22.86
CA PHE C 140 54.05 30.96 -21.43
C PHE C 140 55.39 30.71 -20.72
N LEU C 141 55.67 31.54 -19.73
CA LEU C 141 56.74 31.32 -18.77
C LEU C 141 56.07 31.07 -17.42
N LEU C 142 56.09 29.82 -16.97
CA LEU C 142 55.43 29.42 -15.74
C LEU C 142 56.43 29.41 -14.59
N VAL C 143 56.03 29.96 -13.45
CA VAL C 143 56.82 29.94 -12.22
C VAL C 143 55.92 29.43 -11.11
N GLY C 144 56.53 28.81 -10.10
CA GLY C 144 55.76 28.33 -8.98
C GLY C 144 56.60 27.49 -8.05
N TRP C 145 55.94 27.01 -6.99
CA TRP C 145 56.58 26.19 -5.98
C TRP C 145 55.67 25.02 -5.62
N ASP C 146 56.25 23.83 -5.51
CA ASP C 146 55.54 22.68 -4.99
C ASP C 146 56.52 21.84 -4.19
N ARG C 147 55.98 21.03 -3.28
CA ARG C 147 56.81 20.29 -2.35
C ARG C 147 57.65 19.20 -3.02
N TYR C 148 57.36 18.85 -4.27
CA TYR C 148 58.09 17.78 -4.92
C TYR C 148 59.40 18.26 -5.52
N TYR C 149 59.42 19.47 -6.09
CA TYR C 149 60.63 20.00 -6.72
C TYR C 149 60.95 21.42 -6.31
N GLY C 150 60.21 22.00 -5.37
CA GLY C 150 60.51 23.36 -4.95
C GLY C 150 60.20 24.36 -6.05
N TYR C 151 61.02 25.40 -6.13
CA TYR C 151 60.85 26.42 -7.16
C TYR C 151 61.15 25.83 -8.54
N GLN C 152 60.30 26.16 -9.51
CA GLN C 152 60.41 25.62 -10.86
C GLN C 152 60.17 26.73 -11.88
N LEU C 153 60.63 26.49 -13.10
CA LEU C 153 60.45 27.43 -14.20
C LEU C 153 60.23 26.62 -15.47
N TYR C 154 59.15 26.92 -16.18
CA TYR C 154 58.82 26.21 -17.41
C TYR C 154 58.55 27.20 -18.54
N SER C 155 58.85 26.76 -19.75
CA SER C 155 58.57 27.51 -20.96
C SER C 155 57.77 26.64 -21.92
N THR C 156 56.76 27.23 -22.55
CA THR C 156 55.87 26.51 -23.44
C THR C 156 55.90 27.13 -24.83
N GLU C 157 55.90 26.29 -25.84
CA GLU C 157 55.85 26.70 -27.23
C GLU C 157 54.42 26.59 -27.76
N PRO C 158 54.09 27.33 -28.83
CA PRO C 158 52.73 27.22 -29.38
C PRO C 158 52.54 25.96 -30.22
N SER C 159 53.02 24.83 -29.70
CA SER C 159 52.82 23.54 -30.34
C SER C 159 52.48 22.44 -29.36
N GLY C 160 52.44 22.72 -28.06
CA GLY C 160 52.27 21.72 -27.04
C GLY C 160 53.55 21.32 -26.35
N ASP C 161 54.71 21.67 -26.90
CA ASP C 161 55.98 21.34 -26.29
C ASP C 161 56.27 22.26 -25.11
N TYR C 162 56.84 21.70 -24.05
CA TYR C 162 57.25 22.49 -22.90
C TYR C 162 58.61 21.98 -22.40
N SER C 163 59.31 22.85 -21.69
CA SER C 163 60.62 22.51 -21.17
C SER C 163 60.80 23.18 -19.81
N ALA C 164 61.68 22.59 -19.00
CA ALA C 164 62.04 23.15 -17.70
C ALA C 164 63.40 23.81 -17.81
N TRP C 165 63.53 24.98 -17.21
CA TRP C 165 64.73 25.78 -17.32
C TRP C 165 65.12 26.35 -15.96
N SER C 166 66.43 26.56 -15.80
CA SER C 166 66.94 27.34 -14.68
C SER C 166 66.90 28.83 -14.97
N ALA C 167 67.05 29.21 -16.23
CA ALA C 167 66.90 30.60 -16.67
C ALA C 167 66.58 30.58 -18.15
N TYR C 168 65.59 31.36 -18.55
CA TYR C 168 65.11 31.34 -19.93
C TYR C 168 64.51 32.70 -20.27
N ALA C 169 64.17 32.88 -21.55
CA ALA C 169 63.58 34.12 -22.01
C ALA C 169 62.75 33.86 -23.25
N ILE C 170 61.70 34.66 -23.43
CA ILE C 170 60.88 34.61 -24.64
C ILE C 170 60.58 36.04 -25.09
N GLY C 171 60.23 36.17 -26.36
CA GLY C 171 59.93 37.47 -26.93
C GLY C 171 61.03 38.00 -27.84
N GLN C 172 61.14 39.32 -27.93
CA GLN C 172 62.17 39.92 -28.77
C GLN C 172 63.56 39.62 -28.22
N ASN C 173 64.50 39.38 -29.13
CA ASN C 173 65.91 39.15 -28.79
C ASN C 173 66.07 38.02 -27.78
N ASP C 174 65.30 36.94 -27.95
CA ASP C 174 65.39 35.81 -27.03
C ASP C 174 66.74 35.09 -27.14
N GLN C 175 67.32 35.04 -28.34
CA GLN C 175 68.63 34.42 -28.50
C GLN C 175 69.70 35.19 -27.75
N VAL C 176 69.68 36.52 -27.82
CA VAL C 176 70.64 37.34 -27.09
C VAL C 176 70.46 37.15 -25.59
N ALA C 177 69.21 37.11 -25.13
CA ALA C 177 68.95 36.90 -23.71
C ALA C 177 69.45 35.53 -23.25
N HIS C 178 69.26 34.51 -24.08
CA HIS C 178 69.78 33.18 -23.74
C HIS C 178 71.31 33.19 -23.68
N ALA C 179 71.95 33.90 -24.62
CA ALA C 179 73.41 33.98 -24.61
C ALA C 179 73.91 34.67 -23.36
N LEU C 180 73.27 35.78 -22.97
CA LEU C 180 73.71 36.51 -21.78
C LEU C 180 73.42 35.77 -20.49
N LEU C 181 72.28 35.07 -20.40
CA LEU C 181 71.96 34.31 -19.21
C LEU C 181 72.94 33.15 -19.01
N LYS C 182 73.41 32.56 -20.09
CA LYS C 182 74.41 31.49 -19.98
C LYS C 182 75.73 32.01 -19.43
N LYS C 183 76.10 33.24 -19.78
CA LYS C 183 77.36 33.81 -19.28
C LYS C 183 77.34 33.94 -17.77
N ASP C 184 76.22 34.39 -17.20
CA ASP C 184 76.12 34.72 -15.78
C ASP C 184 74.93 33.97 -15.17
N TRP C 185 75.18 32.76 -14.69
CA TRP C 185 74.19 32.06 -13.87
C TRP C 185 74.89 30.95 -13.12
N HIS C 186 74.55 30.82 -11.83
CA HIS C 186 75.10 29.77 -10.99
C HIS C 186 74.03 29.30 -10.01
N GLU C 187 74.19 28.06 -9.55
CA GLU C 187 73.21 27.48 -8.63
C GLU C 187 73.24 28.17 -7.27
N SER C 188 74.42 28.62 -6.84
CA SER C 188 74.55 29.32 -5.57
C SER C 188 74.25 30.81 -5.73
N MET C 189 73.01 31.09 -6.12
CA MET C 189 72.55 32.45 -6.43
C MET C 189 71.35 32.76 -5.55
N THR C 190 71.39 33.92 -4.88
CA THR C 190 70.29 34.33 -4.02
C THR C 190 69.18 34.96 -4.86
N LEU C 191 68.06 35.25 -4.21
CA LEU C 191 66.93 35.87 -4.90
C LEU C 191 67.29 37.26 -5.40
N GLU C 192 67.81 38.11 -4.51
CA GLU C 192 68.18 39.47 -4.91
C GLU C 192 69.27 39.47 -5.97
N ASP C 193 70.21 38.53 -5.90
CA ASP C 193 71.16 38.36 -6.99
C ASP C 193 70.45 37.96 -8.27
N GLY C 194 69.52 37.00 -8.16
CA GLY C 194 68.81 36.53 -9.35
C GLY C 194 68.05 37.64 -10.05
N MET C 195 67.34 38.46 -9.28
CA MET C 195 66.67 39.62 -9.86
C MET C 195 67.68 40.54 -10.52
N LEU C 196 68.84 40.73 -9.88
CA LEU C 196 69.91 41.51 -10.49
C LEU C 196 70.31 40.92 -11.84
N LEU C 197 70.31 39.59 -11.95
CA LEU C 197 70.60 38.97 -13.24
C LEU C 197 69.48 39.25 -14.24
N ALA C 198 68.24 39.29 -13.78
CA ALA C 198 67.11 39.48 -14.69
C ALA C 198 67.17 40.85 -15.35
N LEU C 199 67.12 41.91 -14.55
CA LEU C 199 67.12 43.26 -15.08
C LEU C 199 68.35 43.50 -15.96
N ARG C 200 69.52 43.11 -15.46
CA ARG C 200 70.76 43.29 -16.21
C ARG C 200 70.70 42.60 -17.57
N VAL C 201 69.97 41.49 -17.67
CA VAL C 201 69.82 40.85 -18.97
C VAL C 201 68.72 41.54 -19.78
N LEU C 202 67.65 41.98 -19.11
CA LEU C 202 66.58 42.68 -19.82
C LEU C 202 67.06 44.00 -20.40
N GLY C 203 67.68 44.84 -19.56
CA GLY C 203 68.12 46.15 -20.01
C GLY C 203 69.14 46.09 -21.13
N LYS C 204 69.84 44.97 -21.26
CA LYS C 204 70.77 44.79 -22.37
C LYS C 204 70.10 44.23 -23.62
N THR C 205 69.03 43.45 -23.47
CA THR C 205 68.31 42.97 -24.65
C THR C 205 67.49 44.09 -25.28
N MET C 206 66.91 44.95 -24.47
CA MET C 206 66.21 46.13 -24.96
C MET C 206 67.14 47.31 -25.21
N ASP C 207 68.43 47.15 -24.93
CA ASP C 207 69.46 48.12 -25.28
C ASP C 207 69.17 49.50 -24.67
N THR C 208 69.19 49.54 -23.34
CA THR C 208 69.00 50.78 -22.60
C THR C 208 70.04 50.90 -21.50
N ALA C 209 70.51 52.13 -21.28
CA ALA C 209 71.28 52.47 -20.09
C ALA C 209 70.37 53.29 -19.18
N LYS C 210 70.56 53.17 -17.86
CA LYS C 210 69.66 53.76 -16.87
C LYS C 210 68.23 53.24 -17.10
N ILE C 211 68.09 51.93 -16.86
CA ILE C 211 66.87 51.18 -17.16
C ILE C 211 65.63 51.93 -16.72
N ASP C 212 64.68 52.10 -17.64
CA ASP C 212 63.50 52.90 -17.39
C ASP C 212 62.46 52.12 -16.60
N LEU C 213 61.98 52.73 -15.52
CA LEU C 213 61.03 52.11 -14.61
C LEU C 213 59.62 52.06 -15.19
N ASP C 214 59.31 52.90 -16.20
CA ASP C 214 57.99 52.94 -16.78
C ASP C 214 57.79 51.90 -17.88
N ARG C 215 58.80 51.08 -18.17
CA ARG C 215 58.76 50.14 -19.28
C ARG C 215 59.11 48.72 -18.84
N VAL C 216 59.30 48.49 -17.55
CA VAL C 216 59.72 47.20 -17.02
C VAL C 216 58.77 46.78 -15.90
N GLU C 217 58.43 45.49 -15.87
CA GLU C 217 57.59 44.91 -14.83
C GLU C 217 58.29 43.67 -14.28
N VAL C 218 58.22 43.48 -12.96
CA VAL C 218 58.91 42.40 -12.28
C VAL C 218 57.95 41.70 -11.32
N ALA C 219 57.95 40.38 -11.34
CA ALA C 219 57.16 39.56 -10.43
C ALA C 219 58.07 38.51 -9.78
N VAL C 220 57.70 38.08 -8.57
CA VAL C 220 58.49 37.14 -7.81
C VAL C 220 57.59 36.05 -7.24
N MET C 221 58.03 34.80 -7.40
CA MET C 221 57.45 33.65 -6.71
C MET C 221 58.42 33.24 -5.60
N ARG C 222 58.07 33.54 -4.36
CA ARG C 222 58.92 33.17 -3.24
C ARG C 222 58.09 32.47 -2.17
N LYS C 223 58.65 32.27 -0.99
CA LYS C 223 57.91 31.69 0.13
C LYS C 223 57.94 32.64 1.31
N VAL C 224 56.78 32.87 1.92
CA VAL C 224 56.66 33.80 3.04
C VAL C 224 56.04 33.06 4.22
N PRO C 225 56.23 33.54 5.45
CA PRO C 225 55.59 32.87 6.59
C PRO C 225 54.07 32.90 6.46
N ALA C 226 53.44 31.81 6.92
CA ALA C 226 51.99 31.69 6.82
C ALA C 226 51.30 32.75 7.68
N SER C 227 50.15 33.22 7.21
CA SER C 227 49.42 34.31 7.84
C SER C 227 48.08 33.90 8.40
N ASN C 228 47.31 33.11 7.66
CA ASN C 228 45.93 32.78 8.00
C ASN C 228 45.79 31.33 8.47
N ILE C 229 46.76 30.85 9.25
CA ILE C 229 46.70 29.51 9.80
C ILE C 229 45.79 29.53 11.02
N ASP C 230 44.71 28.75 10.98
CA ASP C 230 43.75 28.65 12.07
C ASP C 230 43.55 27.17 12.39
N GLN C 231 44.26 26.68 13.42
CA GLN C 231 44.23 25.26 13.74
C GLN C 231 42.92 24.85 14.40
N LEU C 232 42.27 25.77 15.13
CA LEU C 232 41.07 25.41 15.88
C LEU C 232 39.90 25.04 14.98
N LEU C 233 39.87 25.52 13.73
CA LEU C 233 38.77 25.22 12.83
C LEU C 233 38.88 23.85 12.18
N ASP C 234 40.05 23.22 12.21
CA ASP C 234 40.20 21.85 11.74
C ASP C 234 41.46 21.29 12.40
N PRO C 235 41.32 20.72 13.61
CA PRO C 235 42.49 20.40 14.42
C PRO C 235 43.43 19.36 13.81
N PHE C 236 42.94 18.60 12.84
CA PHE C 236 43.71 17.50 12.26
C PHE C 236 44.46 17.88 10.99
N LYS C 237 44.38 19.12 10.54
CA LYS C 237 45.06 19.53 9.30
C LYS C 237 46.42 20.12 9.65
N HIS C 238 47.45 19.62 8.98
CA HIS C 238 48.79 20.20 9.09
C HIS C 238 48.86 21.47 8.26
N HIS C 239 49.30 22.56 8.89
CA HIS C 239 49.46 23.82 8.20
C HIS C 239 50.94 24.15 8.07
N PRO C 240 51.48 24.26 6.85
CA PRO C 240 52.90 24.55 6.70
C PRO C 240 53.27 25.92 7.25
N LYS C 241 54.50 26.02 7.75
CA LYS C 241 54.99 27.27 8.31
C LYS C 241 55.11 28.38 7.26
N THR C 242 55.54 28.03 6.05
CA THR C 242 55.72 29.01 4.98
C THR C 242 54.90 28.57 3.77
N THR C 243 54.25 29.55 3.13
CA THR C 243 53.44 29.33 1.95
C THR C 243 54.03 30.09 0.76
N PRO C 244 53.91 29.56 -0.45
CA PRO C 244 54.39 30.28 -1.63
C PRO C 244 53.52 31.50 -1.93
N ARG C 245 54.17 32.60 -2.30
CA ARG C 245 53.53 33.87 -2.56
C ARG C 245 54.02 34.40 -3.90
N PHE C 246 53.07 34.80 -4.74
CA PHE C 246 53.35 35.49 -6.00
C PHE C 246 53.07 36.98 -5.82
N GLN C 247 54.11 37.80 -6.02
CA GLN C 247 53.99 39.23 -5.78
C GLN C 247 54.53 40.00 -6.97
N ILE C 248 53.74 40.93 -7.48
CA ILE C 248 54.16 41.80 -8.57
C ILE C 248 54.72 43.08 -7.97
N LEU C 249 55.94 43.44 -8.36
CA LEU C 249 56.62 44.59 -7.80
C LEU C 249 55.99 45.89 -8.31
N THR C 250 55.92 46.87 -7.42
CA THR C 250 55.35 48.17 -7.75
C THR C 250 56.45 49.11 -8.22
N ARG C 251 56.08 50.36 -8.52
CA ARG C 251 57.05 51.35 -8.96
C ARG C 251 58.09 51.64 -7.87
N SER C 252 57.64 51.80 -6.62
CA SER C 252 58.56 52.09 -5.53
C SER C 252 59.36 50.87 -5.11
N GLU C 253 58.85 49.66 -5.34
CA GLU C 253 59.55 48.44 -4.97
C GLU C 253 60.58 47.99 -6.01
N LEU C 254 60.40 48.39 -7.27
CA LEU C 254 61.27 47.92 -8.34
C LEU C 254 62.52 48.77 -8.49
N LYS C 255 62.44 50.07 -8.15
CA LYS C 255 63.58 50.96 -8.37
C LYS C 255 64.76 50.70 -7.44
N PRO C 256 64.60 50.24 -6.19
CA PRO C 256 65.80 49.88 -5.42
C PRO C 256 66.62 48.80 -6.07
N HIS C 257 65.99 47.82 -6.71
CA HIS C 257 66.71 46.78 -7.42
C HIS C 257 67.23 47.25 -8.77
N ALA C 258 66.53 48.17 -9.42
CA ALA C 258 67.03 48.73 -10.68
C ALA C 258 68.30 49.55 -10.46
N GLU C 259 68.37 50.25 -9.33
CA GLU C 259 69.58 51.02 -9.01
C GLU C 259 70.78 50.09 -8.81
N ARG C 260 70.55 48.93 -8.23
CA ARG C 260 71.64 47.95 -8.15
C ARG C 260 72.08 47.52 -9.53
N ALA C 261 71.14 47.30 -10.44
CA ALA C 261 71.46 46.80 -11.77
C ALA C 261 72.28 47.80 -12.58
N ASP C 262 71.87 49.07 -12.58
CA ASP C 262 72.56 50.03 -13.45
C ASP C 262 73.92 50.47 -12.88
N GLN C 263 74.04 50.64 -11.56
CA GLN C 263 75.38 50.84 -10.99
C GLN C 263 76.26 49.62 -11.20
N ALA C 264 75.69 48.41 -11.15
CA ALA C 264 76.47 47.24 -11.56
C ALA C 264 76.91 47.35 -13.01
N ARG C 265 76.04 47.88 -13.86
CA ARG C 265 76.37 48.07 -15.27
C ARG C 265 77.57 49.00 -15.44
N GLU C 266 77.55 50.15 -14.76
CA GLU C 266 78.73 51.01 -14.83
C GLU C 266 79.96 50.36 -14.22
N ALA C 267 79.82 49.65 -13.10
CA ALA C 267 80.97 49.01 -12.48
C ALA C 267 81.60 47.98 -13.42
N GLU C 268 80.79 47.32 -14.24
CA GLU C 268 81.32 46.32 -15.15
C GLU C 268 81.78 46.90 -16.49
N GLU C 269 81.29 48.08 -16.87
CA GLU C 269 81.69 48.67 -18.15
C GLU C 269 82.83 49.67 -18.02
N LYS C 270 83.09 50.20 -16.83
CA LYS C 270 84.15 51.19 -16.66
C LYS C 270 85.55 50.57 -16.70
N ALA C 271 85.68 49.27 -16.42
CA ALA C 271 86.97 48.62 -16.33
C ALA C 271 87.37 47.93 -17.64
N GLU C 272 86.56 48.06 -18.70
CA GLU C 272 86.86 47.40 -19.96
C GLU C 272 88.00 48.07 -20.72
N ALA C 273 88.44 49.24 -20.29
CA ALA C 273 89.53 49.94 -20.96
C ALA C 273 90.89 49.37 -20.53
N SER D 2 30.92 19.10 -36.83
CA SER D 2 32.28 19.51 -36.55
C SER D 2 33.18 19.31 -37.76
N TYR D 3 34.38 19.89 -37.70
CA TYR D 3 35.34 19.78 -38.80
C TYR D 3 35.81 18.34 -38.95
N ASP D 4 35.45 17.71 -40.05
CA ASP D 4 35.86 16.33 -40.34
C ASP D 4 36.29 16.19 -41.79
N ARG D 5 36.97 17.19 -42.32
CA ARG D 5 37.45 17.12 -43.69
C ARG D 5 38.53 16.05 -43.82
N ALA D 6 38.51 15.35 -44.96
CA ALA D 6 39.51 14.33 -45.23
C ALA D 6 40.88 14.97 -45.40
N ILE D 7 41.78 14.71 -44.47
CA ILE D 7 43.12 15.27 -44.48
C ILE D 7 44.13 14.31 -45.09
N THR D 8 44.09 13.05 -44.68
CA THR D 8 44.93 12.01 -45.25
C THR D 8 44.20 11.37 -46.42
N VAL D 9 44.68 11.63 -47.64
CA VAL D 9 44.05 11.15 -48.85
C VAL D 9 45.12 10.52 -49.74
N PHE D 10 44.67 9.66 -50.65
CA PHE D 10 45.57 8.99 -51.57
C PHE D 10 46.02 9.93 -52.67
N SER D 11 47.20 9.67 -53.20
CA SER D 11 47.81 10.41 -54.29
C SER D 11 47.80 9.60 -55.58
N PRO D 12 47.91 10.25 -56.75
CA PRO D 12 47.83 9.50 -58.01
C PRO D 12 48.88 8.43 -58.20
N ASP D 13 49.85 8.34 -57.29
CA ASP D 13 50.84 7.27 -57.32
C ASP D 13 50.65 6.26 -56.19
N GLY D 14 49.47 6.25 -55.55
CA GLY D 14 49.22 5.31 -54.49
C GLY D 14 49.90 5.60 -53.17
N HIS D 15 50.25 6.87 -52.93
CA HIS D 15 50.95 7.27 -51.72
C HIS D 15 50.05 8.15 -50.86
N LEU D 16 50.20 8.01 -49.54
CA LEU D 16 49.53 8.89 -48.58
C LEU D 16 50.52 9.97 -48.19
N PHE D 17 50.34 11.17 -48.74
CA PHE D 17 51.31 12.24 -48.53
C PHE D 17 51.42 12.65 -47.07
N GLN D 18 50.30 12.65 -46.34
CA GLN D 18 50.35 13.02 -44.93
C GLN D 18 51.20 12.04 -44.13
N VAL D 19 51.05 10.74 -44.40
CA VAL D 19 51.85 9.74 -43.71
C VAL D 19 53.32 9.90 -44.04
N GLU D 20 53.65 10.14 -45.31
CA GLU D 20 55.04 10.34 -45.69
C GLU D 20 55.63 11.58 -45.03
N TYR D 21 54.83 12.64 -44.91
CA TYR D 21 55.32 13.85 -44.27
C TYR D 21 55.50 13.66 -42.77
N ALA D 22 54.62 12.88 -42.13
CA ALA D 22 54.83 12.53 -40.73
C ALA D 22 56.10 11.71 -40.56
N GLN D 23 56.35 10.77 -41.47
CA GLN D 23 57.59 10.00 -41.42
C GLN D 23 58.81 10.89 -41.61
N GLU D 24 58.72 11.88 -42.50
CA GLU D 24 59.82 12.83 -42.68
C GLU D 24 60.03 13.67 -41.43
N ALA D 25 58.95 14.03 -40.74
CA ALA D 25 59.09 14.70 -39.46
C ALA D 25 59.76 13.80 -38.43
N VAL D 26 59.51 12.49 -38.51
CA VAL D 26 60.21 11.55 -37.64
C VAL D 26 61.69 11.50 -38.01
N LYS D 27 62.00 11.60 -39.31
CA LYS D 27 63.38 11.55 -39.75
C LYS D 27 64.22 12.70 -39.21
N LYS D 28 63.58 13.78 -38.75
CA LYS D 28 64.28 14.93 -38.21
C LYS D 28 64.35 14.91 -36.68
N GLY D 29 63.87 13.84 -36.06
CA GLY D 29 63.86 13.73 -34.61
C GLY D 29 65.16 13.14 -34.07
N LEU D 30 65.28 13.19 -32.74
CA LEU D 30 66.46 12.65 -32.08
C LEU D 30 66.51 11.13 -32.23
N ALA D 31 67.71 10.60 -32.43
CA ALA D 31 67.87 9.17 -32.64
C ALA D 31 67.58 8.40 -31.36
N ALA D 32 67.17 7.13 -31.54
CA ALA D 32 66.92 6.24 -30.42
C ALA D 32 67.17 4.81 -30.88
N VAL D 33 67.74 4.00 -30.01
CA VAL D 33 68.05 2.61 -30.32
C VAL D 33 67.53 1.70 -29.22
N GLY D 34 67.06 0.54 -29.63
CA GLY D 34 66.67 -0.50 -28.69
C GLY D 34 67.38 -1.80 -29.03
N VAL D 35 67.90 -2.45 -27.99
CA VAL D 35 68.66 -3.69 -28.12
C VAL D 35 68.03 -4.75 -27.23
N LEU D 36 67.83 -5.94 -27.78
CA LEU D 36 67.25 -7.05 -27.04
C LEU D 36 68.35 -8.04 -26.67
N GLY D 37 68.42 -8.39 -25.38
CA GLY D 37 69.40 -9.30 -24.87
C GLY D 37 68.78 -10.58 -24.34
N SER D 38 69.63 -11.40 -23.72
CA SER D 38 69.16 -12.67 -23.15
C SER D 38 68.21 -12.42 -21.99
N ASP D 39 68.50 -11.43 -21.15
CA ASP D 39 67.66 -11.15 -20.00
C ASP D 39 67.46 -9.66 -19.75
N SER D 40 67.72 -8.81 -20.73
CA SER D 40 67.60 -7.38 -20.54
C SER D 40 67.31 -6.71 -21.87
N VAL D 41 66.62 -5.56 -21.81
CA VAL D 41 66.33 -4.73 -22.97
C VAL D 41 66.91 -3.35 -22.71
N VAL D 42 67.72 -2.86 -23.63
CA VAL D 42 68.43 -1.60 -23.47
C VAL D 42 67.83 -0.58 -24.42
N ILE D 43 67.45 0.58 -23.89
CA ILE D 43 66.91 1.68 -24.69
C ILE D 43 67.80 2.89 -24.49
N ALA D 44 68.31 3.44 -25.60
CA ALA D 44 69.15 4.64 -25.55
C ALA D 44 68.55 5.70 -26.43
N VAL D 45 68.59 6.95 -25.95
CA VAL D 45 68.05 8.10 -26.68
C VAL D 45 69.10 9.21 -26.71
N GLU D 46 68.90 10.13 -27.65
CA GLU D 46 69.93 11.08 -28.02
C GLU D 46 70.15 12.17 -26.97
N LYS D 47 69.13 12.53 -26.20
CA LYS D 47 69.31 13.44 -25.06
C LYS D 47 70.00 14.73 -25.51
N LYS D 48 69.26 15.51 -26.30
CA LYS D 48 69.78 16.49 -27.25
C LYS D 48 71.08 17.18 -26.84
N SER D 49 71.11 17.79 -25.66
CA SER D 49 72.33 18.47 -25.21
C SER D 49 72.21 18.98 -23.78
N ALA D 50 73.33 19.47 -23.24
CA ALA D 50 73.33 20.19 -21.96
C ALA D 50 73.43 21.68 -22.28
N VAL D 51 72.31 22.39 -22.16
CA VAL D 51 72.24 23.79 -22.56
C VAL D 51 72.82 24.71 -21.51
N LYS D 52 73.07 24.22 -20.29
CA LYS D 52 73.57 24.99 -19.15
C LYS D 52 72.44 25.87 -18.62
N LEU D 53 71.32 25.89 -19.33
CA LEU D 53 70.13 26.61 -18.89
C LEU D 53 68.99 25.70 -18.48
N GLN D 54 69.06 24.41 -18.78
CA GLN D 54 68.05 23.48 -18.33
C GLN D 54 68.11 23.30 -16.82
N ASP D 55 67.03 22.79 -16.25
CA ASP D 55 66.96 22.57 -14.82
C ASP D 55 68.00 21.53 -14.39
N SER D 56 68.58 21.76 -13.21
CA SER D 56 69.54 20.79 -12.66
C SER D 56 68.88 19.45 -12.40
N ARG D 57 67.61 19.45 -11.98
CA ARG D 57 66.86 18.22 -11.83
C ARG D 57 66.82 17.44 -13.14
N THR D 58 67.06 16.14 -13.07
CA THR D 58 67.05 15.30 -14.25
C THR D 58 65.63 14.96 -14.66
N ILE D 59 65.40 14.95 -15.97
CA ILE D 59 64.14 14.51 -16.56
C ILE D 59 64.45 13.44 -17.59
N ARG D 60 63.67 12.37 -17.57
CA ARG D 60 63.95 11.22 -18.43
C ARG D 60 63.30 11.40 -19.79
N LYS D 61 64.07 11.10 -20.84
CA LYS D 61 63.54 11.07 -22.19
C LYS D 61 63.00 9.70 -22.58
N ILE D 62 63.15 8.71 -21.71
CA ILE D 62 62.50 7.41 -21.85
C ILE D 62 61.37 7.35 -20.84
N TYR D 63 60.17 7.05 -21.32
CA TYR D 63 58.95 7.25 -20.55
C TYR D 63 58.39 5.92 -20.07
N LYS D 64 57.98 5.89 -18.81
CA LYS D 64 57.43 4.70 -18.18
C LYS D 64 55.94 4.64 -18.47
N VAL D 65 55.56 3.88 -19.50
CA VAL D 65 54.14 3.69 -19.78
C VAL D 65 53.48 2.83 -18.72
N ASP D 66 54.17 1.79 -18.27
CA ASP D 66 53.67 0.93 -17.21
C ASP D 66 54.86 0.34 -16.47
N ALA D 67 54.57 -0.28 -15.32
CA ALA D 67 55.63 -0.78 -14.45
C ALA D 67 56.58 -1.72 -15.18
N ASN D 68 56.09 -2.43 -16.19
CA ASN D 68 56.92 -3.33 -16.97
C ASN D 68 57.24 -2.80 -18.36
N ILE D 69 56.58 -1.73 -18.82
CA ILE D 69 56.66 -1.30 -20.21
C ILE D 69 57.20 0.12 -20.26
N TYR D 70 58.26 0.33 -21.05
CA TYR D 70 58.88 1.62 -21.22
C TYR D 70 58.91 1.99 -22.71
N LEU D 71 58.94 3.29 -22.97
CA LEU D 71 58.79 3.81 -24.33
C LEU D 71 59.80 4.91 -24.59
N ALA D 72 60.26 4.98 -25.84
CA ALA D 72 61.05 6.08 -26.36
C ALA D 72 60.48 6.50 -27.69
N PHE D 73 60.69 7.75 -28.08
CA PHE D 73 60.06 8.27 -29.29
C PHE D 73 61.06 9.10 -30.10
N ALA D 74 60.71 9.25 -31.38
CA ALA D 74 61.38 10.17 -32.29
C ALA D 74 60.32 10.92 -33.08
N GLY D 75 60.42 12.24 -33.13
CA GLY D 75 59.46 13.05 -33.84
C GLY D 75 59.00 14.26 -33.05
N LEU D 76 57.70 14.55 -33.10
CA LEU D 76 57.14 15.69 -32.40
C LEU D 76 56.89 15.33 -30.93
N SER D 77 57.39 16.19 -30.02
CA SER D 77 57.34 15.87 -28.60
C SER D 77 55.92 15.89 -28.06
N ALA D 78 55.10 16.85 -28.50
CA ALA D 78 53.75 16.99 -27.94
C ALA D 78 52.85 15.83 -28.40
N ASP D 79 52.93 15.47 -29.68
CA ASP D 79 52.19 14.30 -30.15
C ASP D 79 52.66 13.05 -29.44
N ALA D 80 53.95 12.93 -29.18
CA ALA D 80 54.47 11.79 -28.44
C ALA D 80 53.92 11.76 -27.02
N ARG D 81 53.82 12.92 -26.37
CA ARG D 81 53.25 12.97 -25.02
C ARG D 81 51.78 12.55 -25.04
N VAL D 82 51.02 13.00 -26.04
CA VAL D 82 49.64 12.58 -26.16
C VAL D 82 49.54 11.07 -26.34
N LEU D 83 50.39 10.51 -27.21
CA LEU D 83 50.39 9.07 -27.43
C LEU D 83 50.76 8.31 -26.18
N ILE D 84 51.74 8.81 -25.42
CA ILE D 84 52.15 8.14 -24.19
C ILE D 84 51.05 8.18 -23.14
N ASN D 85 50.34 9.31 -23.05
CA ASN D 85 49.21 9.40 -22.14
C ASN D 85 48.13 8.40 -22.53
N LYS D 86 47.86 8.29 -23.83
CA LYS D 86 46.88 7.30 -24.29
C LYS D 86 47.32 5.89 -23.93
N ALA D 87 48.61 5.58 -24.10
CA ALA D 87 49.11 4.25 -23.79
C ALA D 87 49.01 3.95 -22.30
N GLN D 88 49.32 4.93 -21.45
CA GLN D 88 49.20 4.74 -20.01
C GLN D 88 47.76 4.53 -19.60
N LEU D 89 46.84 5.31 -20.16
CA LEU D 89 45.43 5.11 -19.88
C LEU D 89 44.96 3.74 -20.35
N GLU D 90 45.45 3.27 -21.49
CA GLU D 90 45.09 1.95 -21.97
C GLU D 90 45.62 0.86 -21.04
N CYS D 91 46.85 1.01 -20.56
CA CYS D 91 47.39 0.02 -19.62
C CYS D 91 46.55 -0.03 -18.35
N GLN D 92 46.18 1.14 -17.81
CA GLN D 92 45.36 1.14 -16.60
C GLN D 92 43.98 0.55 -16.86
N ARG D 93 43.36 0.88 -17.99
CA ARG D 93 42.06 0.30 -18.31
C ARG D 93 42.14 -1.20 -18.48
N PHE D 94 43.23 -1.69 -19.08
CA PHE D 94 43.43 -3.13 -19.23
C PHE D 94 43.56 -3.80 -17.86
N SER D 95 44.40 -3.23 -16.99
CA SER D 95 44.61 -3.81 -15.66
C SER D 95 43.41 -3.60 -14.75
N LEU D 96 42.45 -2.79 -15.16
CA LEU D 96 41.19 -2.65 -14.44
C LEU D 96 40.05 -3.49 -14.99
N ASN D 97 40.09 -3.91 -16.26
CA ASN D 97 39.05 -4.75 -16.83
C ASN D 97 39.40 -6.23 -16.81
N TYR D 98 40.67 -6.59 -16.62
CA TYR D 98 41.09 -7.98 -16.64
C TYR D 98 41.90 -8.40 -15.42
N GLU D 99 42.28 -7.46 -14.54
CA GLU D 99 43.04 -7.73 -13.32
C GLU D 99 44.47 -8.17 -13.64
N ASP D 100 44.78 -8.34 -14.92
CA ASP D 100 46.12 -8.73 -15.35
C ASP D 100 46.82 -7.54 -16.00
N THR D 101 48.14 -7.52 -15.85
CA THR D 101 48.92 -6.46 -16.48
C THR D 101 48.99 -6.68 -17.98
N MET D 102 48.94 -5.58 -18.73
CA MET D 102 48.98 -5.65 -20.18
C MET D 102 50.34 -6.17 -20.65
N ASP D 103 50.32 -7.11 -21.60
CA ASP D 103 51.54 -7.56 -22.21
C ASP D 103 52.12 -6.47 -23.10
N VAL D 104 53.42 -6.58 -23.39
CA VAL D 104 54.09 -5.58 -24.22
C VAL D 104 53.47 -5.56 -25.61
N ASP D 105 53.20 -6.73 -26.18
CA ASP D 105 52.65 -6.78 -27.54
C ASP D 105 51.23 -6.22 -27.58
N MET D 106 50.44 -6.42 -26.53
CA MET D 106 49.09 -5.86 -26.51
C MET D 106 49.12 -4.33 -26.55
N LEU D 107 49.97 -3.74 -25.72
CA LEU D 107 50.11 -2.28 -25.71
C LEU D 107 50.67 -1.77 -27.03
N VAL D 108 51.64 -2.49 -27.61
CA VAL D 108 52.20 -2.08 -28.90
C VAL D 108 51.12 -2.11 -29.97
N ARG D 109 50.28 -3.14 -29.97
CA ARG D 109 49.17 -3.20 -30.92
C ARG D 109 48.20 -2.06 -30.71
N TYR D 110 47.91 -1.72 -29.45
CA TYR D 110 47.01 -0.59 -29.19
C TYR D 110 47.59 0.72 -29.72
N VAL D 111 48.89 0.94 -29.48
CA VAL D 111 49.52 2.18 -29.95
C VAL D 111 49.54 2.24 -31.47
N ALA D 112 49.87 1.11 -32.12
CA ALA D 112 49.86 1.07 -33.57
C ALA D 112 48.46 1.30 -34.12
N GLY D 113 47.44 0.77 -33.45
CA GLY D 113 46.07 1.03 -33.88
C GLY D 113 45.68 2.49 -33.75
N VAL D 114 46.11 3.13 -32.66
CA VAL D 114 45.84 4.56 -32.50
C VAL D 114 46.51 5.36 -33.60
N GLN D 115 47.77 5.04 -33.91
CA GLN D 115 48.48 5.72 -34.97
C GLN D 115 47.80 5.50 -36.32
N GLN D 116 47.32 4.29 -36.57
CA GLN D 116 46.61 4.00 -37.81
C GLN D 116 45.32 4.80 -37.91
N LYS D 117 44.53 4.84 -36.82
CA LYS D 117 43.30 5.62 -36.83
C LYS D 117 43.59 7.11 -37.04
N SER D 118 44.76 7.57 -36.59
CA SER D 118 45.13 8.96 -36.84
C SER D 118 45.31 9.24 -38.34
N THR D 119 45.54 8.21 -39.14
CA THR D 119 45.73 8.37 -40.58
C THR D 119 44.46 8.11 -41.38
N GLN D 120 43.33 7.85 -40.72
CA GLN D 120 42.10 7.57 -41.45
C GLN D 120 40.90 8.28 -40.82
N SER D 121 41.11 9.26 -39.96
CA SER D 121 40.03 10.01 -39.33
C SER D 121 39.95 11.39 -39.95
N GLY D 122 38.73 11.80 -40.31
CA GLY D 122 38.54 13.09 -40.96
C GLY D 122 38.78 14.24 -39.99
N GLY D 123 39.38 15.29 -40.51
CA GLY D 123 39.68 16.46 -39.70
C GLY D 123 40.87 16.32 -38.78
N SER D 124 41.74 15.34 -39.03
CA SER D 124 42.86 15.09 -38.15
C SER D 124 44.08 14.69 -38.99
N ARG D 125 45.23 15.25 -38.63
CA ARG D 125 46.48 14.84 -39.25
C ARG D 125 47.12 13.70 -38.47
N PRO D 126 47.93 12.88 -39.13
CA PRO D 126 48.56 11.75 -38.43
C PRO D 126 49.57 12.22 -37.39
N PHE D 127 49.82 11.34 -36.43
CA PHE D 127 50.87 11.58 -35.44
C PHE D 127 52.24 11.54 -36.13
N GLY D 128 53.08 12.52 -35.85
CA GLY D 128 54.43 12.53 -36.37
C GLY D 128 55.42 11.92 -35.41
N VAL D 129 55.11 10.72 -34.90
CA VAL D 129 55.90 10.08 -33.87
C VAL D 129 56.17 8.63 -34.27
N ALA D 130 57.41 8.20 -34.09
CA ALA D 130 57.77 6.79 -34.15
C ALA D 130 58.24 6.38 -32.76
N THR D 131 57.91 5.15 -32.35
CA THR D 131 58.18 4.72 -30.99
C THR D 131 58.96 3.42 -30.97
N VAL D 132 59.79 3.29 -29.94
CA VAL D 132 60.46 2.04 -29.59
C VAL D 132 59.98 1.66 -28.19
N ILE D 133 59.34 0.51 -28.08
CA ILE D 133 58.68 0.08 -26.86
C ILE D 133 59.34 -1.20 -26.37
N GLY D 134 59.80 -1.19 -25.13
CA GLY D 134 60.44 -2.36 -24.56
C GLY D 134 59.79 -2.79 -23.26
N GLY D 135 59.96 -4.05 -22.89
CA GLY D 135 59.43 -4.49 -21.63
C GLY D 135 59.57 -5.99 -21.43
N PHE D 136 58.93 -6.46 -20.36
CA PHE D 136 58.89 -7.86 -19.99
C PHE D 136 57.46 -8.24 -19.66
N ASN D 137 57.03 -9.41 -20.13
CA ASN D 137 55.76 -9.96 -19.71
C ASN D 137 55.90 -10.56 -18.31
N GLU D 138 54.79 -10.99 -17.74
CA GLU D 138 54.78 -11.55 -16.39
C GLU D 138 55.42 -12.93 -16.32
N ASP D 139 55.93 -13.45 -17.44
CA ASP D 139 56.61 -14.74 -17.50
C ASP D 139 57.96 -14.60 -18.17
N GLY D 140 58.72 -13.59 -17.75
CA GLY D 140 59.97 -13.27 -18.42
C GLY D 140 59.71 -12.70 -19.79
N LYS D 141 60.25 -13.35 -20.83
CA LYS D 141 59.96 -13.02 -22.23
C LYS D 141 60.20 -11.54 -22.53
N PRO D 142 61.46 -11.11 -22.64
CA PRO D 142 61.70 -9.72 -23.04
C PRO D 142 61.14 -9.43 -24.42
N HIS D 143 60.67 -8.20 -24.60
CA HIS D 143 60.01 -7.80 -25.84
C HIS D 143 60.46 -6.40 -26.25
N LEU D 144 60.73 -6.25 -27.54
CA LEU D 144 61.13 -4.98 -28.12
C LEU D 144 60.36 -4.80 -29.43
N TRP D 145 59.69 -3.66 -29.57
CA TRP D 145 58.83 -3.40 -30.71
C TRP D 145 59.06 -1.98 -31.21
N LYS D 146 58.69 -1.75 -32.47
CA LYS D 146 58.80 -0.44 -33.09
C LYS D 146 57.52 -0.11 -33.84
N THR D 147 57.07 1.14 -33.71
CA THR D 147 55.91 1.64 -34.43
C THR D 147 56.29 2.85 -35.26
N ASP D 148 55.63 3.01 -36.40
CA ASP D 148 55.88 4.12 -37.32
C ASP D 148 54.62 4.96 -37.43
N PRO D 149 54.70 6.17 -37.99
CA PRO D 149 53.49 7.01 -38.11
C PRO D 149 52.36 6.36 -38.88
N SER D 150 52.65 5.44 -39.80
CA SER D 150 51.60 4.77 -40.55
C SER D 150 50.81 3.77 -39.72
N GLY D 151 51.27 3.46 -38.52
CA GLY D 151 50.60 2.48 -37.67
C GLY D 151 51.08 1.06 -37.81
N MET D 152 52.23 0.84 -38.42
CA MET D 152 52.79 -0.50 -38.58
C MET D 152 53.67 -0.81 -37.38
N CYS D 153 53.45 -1.96 -36.75
CA CYS D 153 54.23 -2.41 -35.61
C CYS D 153 54.96 -3.70 -35.94
N SER D 154 56.20 -3.80 -35.48
CA SER D 154 57.01 -4.98 -35.71
C SER D 154 57.98 -5.15 -34.56
N ALA D 155 58.23 -6.40 -34.18
CA ALA D 155 59.18 -6.72 -33.13
C ALA D 155 60.57 -6.91 -33.71
N TRP D 156 61.57 -6.37 -33.03
CA TRP D 156 62.94 -6.39 -33.48
C TRP D 156 63.84 -7.02 -32.42
N ARG D 157 65.01 -7.47 -32.86
CA ARG D 157 66.10 -7.80 -31.94
C ARG D 157 67.00 -6.61 -31.69
N ALA D 158 67.11 -5.71 -32.66
CA ALA D 158 67.79 -4.44 -32.50
C ALA D 158 67.17 -3.46 -33.49
N VAL D 159 66.69 -2.33 -32.99
CA VAL D 159 65.94 -1.38 -33.81
C VAL D 159 66.47 0.02 -33.56
N ALA D 160 66.33 0.87 -34.58
CA ALA D 160 66.71 2.28 -34.48
C ALA D 160 65.63 3.14 -35.12
N ILE D 161 65.35 4.27 -34.49
CA ILE D 161 64.41 5.27 -35.00
C ILE D 161 65.07 6.64 -34.91
N GLY D 162 64.49 7.59 -35.65
CA GLY D 162 64.99 8.95 -35.65
C GLY D 162 65.84 9.25 -36.86
N ARG D 163 66.69 10.26 -36.70
CA ARG D 163 67.59 10.66 -37.78
C ARG D 163 68.65 9.60 -38.02
N HIS D 164 68.93 9.34 -39.30
CA HIS D 164 69.95 8.38 -39.72
C HIS D 164 69.69 6.98 -39.15
N ASP D 165 68.42 6.63 -38.94
CA ASP D 165 68.10 5.33 -38.35
C ASP D 165 68.46 4.19 -39.29
N GLN D 166 68.33 4.39 -40.59
CA GLN D 166 68.67 3.33 -41.54
C GLN D 166 70.14 2.99 -41.48
N THR D 167 71.00 3.99 -41.34
CA THR D 167 72.44 3.74 -41.22
C THR D 167 72.75 2.94 -39.97
N VAL D 168 72.14 3.30 -38.83
CA VAL D 168 72.36 2.56 -37.59
C VAL D 168 71.88 1.11 -37.74
N ILE D 169 70.72 0.92 -38.35
CA ILE D 169 70.17 -0.42 -38.53
C ILE D 169 71.10 -1.26 -39.41
N GLU D 170 71.56 -0.69 -40.52
CA GLU D 170 72.45 -1.43 -41.41
C GLU D 170 73.80 -1.71 -40.75
N TYR D 171 74.26 -0.81 -39.89
CA TYR D 171 75.52 -1.04 -39.18
C TYR D 171 75.38 -2.18 -38.17
N MET D 172 74.33 -2.15 -37.35
CA MET D 172 74.18 -3.16 -36.31
C MET D 172 73.56 -4.45 -36.82
N GLU D 173 73.16 -4.51 -38.10
CA GLU D 173 72.76 -5.79 -38.66
C GLU D 173 73.93 -6.76 -38.74
N LYS D 174 75.14 -6.25 -39.03
CA LYS D 174 76.31 -7.08 -39.23
C LYS D 174 77.15 -7.25 -37.97
N SER D 175 76.71 -6.71 -36.85
CA SER D 175 77.50 -6.79 -35.62
C SER D 175 76.68 -7.15 -34.39
N TYR D 176 75.39 -7.44 -34.54
CA TYR D 176 74.54 -7.82 -33.41
C TYR D 176 74.65 -9.32 -33.19
N LYS D 177 74.93 -9.72 -31.96
CA LYS D 177 75.00 -11.13 -31.60
C LYS D 177 73.81 -11.51 -30.73
N ASP D 178 73.26 -12.69 -30.98
CA ASP D 178 72.08 -13.13 -30.25
C ASP D 178 72.45 -13.52 -28.82
N GLY D 179 71.55 -13.23 -27.89
CA GLY D 179 71.73 -13.62 -26.50
C GLY D 179 72.93 -13.01 -25.79
N MET D 180 73.12 -11.70 -25.95
CA MET D 180 74.20 -11.04 -25.25
C MET D 180 73.85 -10.85 -23.77
N SER D 181 74.86 -10.51 -22.98
CA SER D 181 74.67 -10.27 -21.56
C SER D 181 74.20 -8.84 -21.31
N ARG D 182 73.95 -8.53 -20.04
CA ARG D 182 73.51 -7.18 -19.69
C ARG D 182 74.57 -6.15 -20.05
N ASP D 183 75.84 -6.44 -19.76
CA ASP D 183 76.91 -5.49 -20.03
C ASP D 183 77.18 -5.36 -21.53
N GLU D 184 77.07 -6.45 -22.28
CA GLU D 184 77.29 -6.37 -23.72
C GLU D 184 76.25 -5.49 -24.40
N CYS D 185 74.98 -5.67 -24.06
CA CYS D 185 73.91 -4.90 -24.69
C CYS D 185 74.08 -3.41 -24.43
N VAL D 186 74.36 -3.04 -23.18
CA VAL D 186 74.67 -1.65 -22.86
C VAL D 186 75.89 -1.19 -23.65
N HIS D 187 76.88 -2.08 -23.79
CA HIS D 187 78.02 -1.78 -24.65
C HIS D 187 77.58 -1.68 -26.11
N PHE D 188 76.66 -2.54 -26.54
CA PHE D 188 76.25 -2.56 -27.94
C PHE D 188 75.41 -1.35 -28.30
N ALA D 189 74.49 -0.93 -27.41
CA ALA D 189 73.61 0.18 -27.71
C ALA D 189 74.36 1.49 -27.88
N ILE D 190 75.36 1.76 -27.03
CA ILE D 190 76.08 3.02 -27.09
C ILE D 190 76.89 3.11 -28.37
N LYS D 191 77.66 2.07 -28.69
CA LYS D 191 78.48 2.08 -29.90
C LYS D 191 77.63 2.16 -31.15
N SER D 192 76.40 1.65 -31.12
CA SER D 192 75.47 1.86 -32.22
C SER D 192 74.91 3.28 -32.21
N LEU D 193 74.67 3.85 -31.03
CA LEU D 193 74.14 5.20 -30.94
C LEU D 193 75.19 6.25 -31.31
N LEU D 194 76.44 6.03 -30.90
CA LEU D 194 77.49 7.01 -31.16
C LEU D 194 77.87 7.08 -32.64
N GLU D 195 77.39 6.16 -33.47
CA GLU D 195 77.68 6.23 -34.89
C GLU D 195 77.03 7.43 -35.56
N VAL D 196 75.94 7.94 -35.01
CA VAL D 196 75.25 9.10 -35.58
C VAL D 196 75.16 10.28 -34.63
N VAL D 197 75.40 10.10 -33.34
CA VAL D 197 75.46 11.21 -32.39
C VAL D 197 76.92 11.56 -32.14
N GLU D 198 77.17 12.81 -31.75
CA GLU D 198 78.54 13.28 -31.58
C GLU D 198 79.21 12.58 -30.40
N SER D 199 80.54 12.58 -30.44
CA SER D 199 81.35 11.86 -29.47
C SER D 199 81.24 12.47 -28.07
N GLY D 200 80.64 13.66 -27.97
CA GLY D 200 80.38 14.27 -26.68
C GLY D 200 79.59 13.33 -25.78
N SER D 201 80.13 13.04 -24.61
CA SER D 201 79.58 11.98 -23.76
C SER D 201 78.36 12.40 -22.96
N ARG D 202 77.95 13.68 -23.04
CA ARG D 202 76.86 14.20 -22.23
C ARG D 202 75.53 14.25 -23.00
N ASN D 203 75.42 13.49 -24.09
CA ASN D 203 74.20 13.46 -24.90
C ASN D 203 73.77 12.01 -25.17
N ILE D 204 73.72 11.20 -24.13
CA ILE D 204 73.15 9.86 -24.20
C ILE D 204 72.32 9.63 -22.95
N GLU D 205 71.10 9.14 -23.13
CA GLU D 205 70.25 8.74 -22.00
C GLU D 205 69.87 7.28 -22.21
N LEU D 206 70.39 6.39 -21.37
CA LEU D 206 70.26 4.96 -21.57
C LEU D 206 69.62 4.32 -20.34
N LEU D 207 68.74 3.35 -20.58
CA LEU D 207 68.00 2.66 -19.53
C LEU D 207 67.97 1.17 -19.82
N VAL D 208 68.17 0.36 -18.78
CA VAL D 208 68.17 -1.09 -18.89
C VAL D 208 66.93 -1.64 -18.19
N LEU D 209 66.24 -2.57 -18.87
CA LEU D 209 65.04 -3.21 -18.34
C LEU D 209 65.38 -4.68 -18.09
N GLN D 210 65.21 -5.12 -16.85
CA GLN D 210 65.25 -6.52 -16.48
C GLN D 210 63.95 -6.88 -15.79
N TYR D 211 63.74 -8.18 -15.59
CA TYR D 211 62.49 -8.66 -15.00
C TYR D 211 62.22 -7.98 -13.67
N LYS D 212 61.17 -7.17 -13.62
CA LYS D 212 60.73 -6.48 -12.40
C LYS D 212 61.80 -5.53 -11.87
N GLU D 213 62.67 -5.03 -12.75
CA GLU D 213 63.72 -4.11 -12.32
C GLU D 213 64.19 -3.29 -13.52
N ALA D 214 63.94 -1.99 -13.48
CA ALA D 214 64.42 -1.06 -14.50
C ALA D 214 65.16 0.08 -13.79
N ARG D 215 66.40 0.32 -14.20
CA ARG D 215 67.24 1.32 -13.55
C ARG D 215 68.01 2.10 -14.61
N TYR D 216 67.98 3.43 -14.48
CA TYR D 216 68.77 4.28 -15.37
C TYR D 216 70.23 4.33 -14.91
N LEU D 217 71.13 4.26 -15.87
CA LEU D 217 72.55 4.36 -15.55
C LEU D 217 72.90 5.76 -15.10
N THR D 218 73.80 5.84 -14.11
CA THR D 218 74.33 7.12 -13.67
C THR D 218 75.29 7.68 -14.73
N GLU D 219 75.65 8.95 -14.55
CA GLU D 219 76.54 9.60 -15.52
C GLU D 219 77.91 8.94 -15.56
N GLU D 220 78.46 8.60 -14.39
CA GLU D 220 79.78 7.97 -14.35
C GLU D 220 79.75 6.57 -14.95
N GLU D 221 78.70 5.80 -14.66
CA GLU D 221 78.58 4.48 -15.27
C GLU D 221 78.41 4.58 -16.78
N LEU D 222 77.77 5.66 -17.25
CA LEU D 222 77.70 5.89 -18.69
C LEU D 222 79.06 6.25 -19.27
N GLN D 223 79.84 7.06 -18.53
CA GLN D 223 81.16 7.44 -19.00
C GLN D 223 82.06 6.22 -19.15
N LYS D 224 81.97 5.29 -18.17
CA LYS D 224 82.77 4.08 -18.23
C LYS D 224 82.52 3.30 -19.51
N PHE D 225 81.26 3.22 -19.95
CA PHE D 225 80.95 2.49 -21.18
C PHE D 225 81.31 3.30 -22.43
N VAL D 226 81.10 4.61 -22.41
CA VAL D 226 81.34 5.39 -23.61
C VAL D 226 82.84 5.48 -23.91
N VAL D 227 83.69 5.57 -22.89
CA VAL D 227 85.12 5.59 -23.16
C VAL D 227 85.56 4.27 -23.79
N GLU D 228 85.04 3.15 -23.28
CA GLU D 228 85.37 1.85 -23.86
C GLU D 228 84.92 1.75 -25.30
N VAL D 229 83.69 2.20 -25.59
CA VAL D 229 83.20 2.03 -26.96
C VAL D 229 83.94 2.95 -27.92
N GLU D 230 84.24 4.19 -27.52
CA GLU D 230 84.98 5.06 -28.42
C GLU D 230 86.40 4.55 -28.65
N LYS D 231 87.04 4.02 -27.59
CA LYS D 231 88.36 3.42 -27.73
C LYS D 231 88.32 2.23 -28.69
N GLU D 232 87.31 1.36 -28.55
CA GLU D 232 87.13 0.26 -29.49
C GLU D 232 86.95 0.78 -30.91
N ARG D 233 86.25 1.91 -31.07
CA ARG D 233 86.09 2.49 -32.40
C ARG D 233 87.44 2.93 -32.98
N GLU D 234 88.31 3.52 -32.15
CA GLU D 234 89.64 3.87 -32.67
C GLU D 234 90.42 2.63 -33.06
N GLU D 235 90.35 1.54 -32.27
CA GLU D 235 91.06 0.33 -32.71
C GLU D 235 90.45 -0.24 -33.99
N GLU D 236 89.13 -0.14 -34.16
CA GLU D 236 88.53 -0.60 -35.40
C GLU D 236 89.01 0.24 -36.59
N ALA D 237 89.10 1.55 -36.41
CA ALA D 237 89.61 2.41 -37.47
C ALA D 237 91.07 2.06 -37.81
N ALA D 238 91.87 1.81 -36.77
CA ALA D 238 93.26 1.41 -37.00
C ALA D 238 93.36 0.06 -37.71
N ALA D 239 92.50 -0.89 -37.35
CA ALA D 239 92.47 -2.18 -38.02
C ALA D 239 92.08 -2.05 -39.48
N LYS D 240 91.11 -1.19 -39.79
CA LYS D 240 90.81 -0.89 -41.20
C LYS D 240 92.04 -0.31 -41.89
N LYS D 241 92.48 0.87 -41.45
CA LYS D 241 93.72 1.48 -41.95
C LYS D 241 94.36 2.34 -40.87
N GLU E 107 46.90 15.78 -52.92
CA GLU E 107 46.29 17.00 -53.43
C GLU E 107 44.80 17.02 -53.10
N TYR E 108 44.27 18.22 -52.82
CA TYR E 108 42.89 18.39 -52.42
C TYR E 108 42.07 19.14 -53.48
N ASP E 109 42.54 19.16 -54.73
CA ASP E 109 41.78 19.80 -55.80
C ASP E 109 40.44 19.09 -56.01
N ARG E 110 40.48 17.76 -56.10
CA ARG E 110 39.27 16.96 -56.22
C ARG E 110 38.87 16.41 -54.84
N GLY E 111 37.57 16.20 -54.68
CA GLY E 111 37.07 15.57 -53.47
C GLY E 111 37.30 14.07 -53.49
N VAL E 112 36.96 13.44 -52.37
CA VAL E 112 37.14 12.00 -52.24
C VAL E 112 36.02 11.19 -52.87
N ASN E 113 34.89 11.82 -53.17
CA ASN E 113 33.75 11.14 -53.78
C ASN E 113 33.60 11.46 -55.27
N THR E 114 34.58 12.13 -55.85
CA THR E 114 34.47 12.58 -57.24
C THR E 114 34.68 11.42 -58.21
N PHE E 115 34.03 11.53 -59.37
CA PHE E 115 34.15 10.56 -60.43
C PHE E 115 35.13 11.04 -61.50
N SER E 116 35.91 10.11 -62.03
CA SER E 116 36.73 10.42 -63.20
C SER E 116 35.83 10.54 -64.43
N PRO E 117 36.28 11.26 -65.47
CA PRO E 117 35.50 11.31 -66.71
C PRO E 117 35.26 9.94 -67.33
N GLU E 118 36.09 8.95 -67.00
CA GLU E 118 35.86 7.57 -67.43
C GLU E 118 34.89 6.82 -66.52
N GLY E 119 34.47 7.44 -65.42
CA GLY E 119 33.51 6.84 -64.52
C GLY E 119 34.07 6.21 -63.27
N ARG E 120 35.40 6.27 -63.08
CA ARG E 120 36.03 5.62 -61.93
C ARG E 120 36.23 6.63 -60.82
N ILE E 121 36.12 6.17 -59.58
CA ILE E 121 36.36 7.02 -58.42
C ILE E 121 37.87 7.18 -58.25
N PHE E 122 38.30 8.44 -58.13
CA PHE E 122 39.74 8.72 -58.10
C PHE E 122 40.42 8.09 -56.89
N GLN E 123 39.80 8.20 -55.71
CA GLN E 123 40.42 7.66 -54.50
C GLN E 123 40.53 6.14 -54.58
N ILE E 124 39.50 5.47 -55.10
CA ILE E 124 39.53 4.02 -55.21
C ILE E 124 40.60 3.57 -56.19
N GLU E 125 40.74 4.26 -57.33
CA GLU E 125 41.78 3.91 -58.28
C GLU E 125 43.17 4.19 -57.74
N TYR E 126 43.31 5.25 -56.94
CA TYR E 126 44.60 5.54 -56.32
C TYR E 126 44.96 4.52 -55.25
N ALA E 127 43.96 4.02 -54.51
CA ALA E 127 44.22 2.98 -53.53
C ALA E 127 44.55 1.64 -54.17
N VAL E 128 44.09 1.40 -55.40
CA VAL E 128 44.44 0.18 -56.11
C VAL E 128 45.92 0.18 -56.45
N GLU E 129 46.46 1.32 -56.87
CA GLU E 129 47.87 1.42 -57.19
C GLU E 129 48.76 1.23 -55.96
N ALA E 130 48.21 1.43 -54.76
CA ALA E 130 48.97 1.14 -53.54
C ALA E 130 49.12 -0.37 -53.32
N ILE E 131 48.17 -1.16 -53.81
CA ILE E 131 48.26 -2.61 -53.67
C ILE E 131 49.46 -3.14 -54.44
N LYS E 132 49.66 -2.64 -55.67
CA LYS E 132 50.76 -3.09 -56.49
C LYS E 132 52.13 -2.71 -55.93
N LEU E 133 52.18 -1.76 -54.99
CA LEU E 133 53.41 -1.41 -54.31
C LEU E 133 53.70 -2.29 -53.11
N GLY E 134 52.79 -3.21 -52.77
CA GLY E 134 52.97 -4.09 -51.63
C GLY E 134 53.58 -5.43 -52.02
N SER E 135 53.71 -6.28 -51.01
CA SER E 135 54.28 -7.61 -51.22
C SER E 135 53.28 -8.51 -51.95
N THR E 136 53.80 -9.62 -52.47
CA THR E 136 52.98 -10.55 -53.24
C THR E 136 52.32 -11.57 -52.33
N SER E 137 51.03 -11.82 -52.59
CA SER E 137 50.26 -12.80 -51.86
C SER E 137 49.57 -13.73 -52.85
N LEU E 138 49.44 -15.00 -52.46
CA LEU E 138 48.92 -16.04 -53.34
C LEU E 138 47.69 -16.70 -52.70
N GLY E 139 46.98 -17.46 -53.51
CA GLY E 139 45.87 -18.27 -53.06
C GLY E 139 45.50 -19.33 -54.07
N ILE E 140 45.40 -20.59 -53.63
CA ILE E 140 45.11 -21.71 -54.50
C ILE E 140 43.95 -22.51 -53.90
N ARG E 141 42.94 -22.79 -54.71
CA ARG E 141 41.81 -23.59 -54.29
C ARG E 141 41.88 -24.95 -54.99
N THR E 142 41.79 -26.02 -54.21
CA THR E 142 41.85 -27.39 -54.70
C THR E 142 40.84 -28.20 -53.90
N PRO E 143 40.39 -29.34 -54.45
CA PRO E 143 39.42 -30.16 -53.71
C PRO E 143 39.92 -30.62 -52.35
N GLU E 144 41.23 -30.73 -52.16
CA GLU E 144 41.79 -31.11 -50.87
C GLU E 144 41.90 -29.95 -49.89
N GLY E 145 41.81 -28.71 -50.35
CA GLY E 145 41.91 -27.58 -49.47
C GLY E 145 42.37 -26.34 -50.20
N VAL E 146 42.63 -25.29 -49.41
CA VAL E 146 43.02 -24.01 -49.95
C VAL E 146 44.34 -23.57 -49.31
N VAL E 147 45.25 -23.06 -50.14
CA VAL E 147 46.60 -22.71 -49.74
C VAL E 147 46.80 -21.21 -49.90
N LEU E 148 47.34 -20.57 -48.86
CA LEU E 148 47.71 -19.17 -48.90
C LEU E 148 49.22 -19.06 -48.78
N ALA E 149 49.82 -18.26 -49.64
CA ALA E 149 51.25 -18.00 -49.60
C ALA E 149 51.49 -16.50 -49.68
N ALA E 150 52.55 -16.05 -49.00
CA ALA E 150 52.81 -14.62 -48.94
C ALA E 150 54.31 -14.38 -48.82
N GLU E 151 54.76 -13.29 -49.44
CA GLU E 151 56.14 -12.84 -49.34
C GLU E 151 56.28 -11.91 -48.16
N LYS E 152 57.21 -12.22 -47.25
CA LYS E 152 57.33 -11.46 -46.01
C LYS E 152 57.92 -10.06 -46.26
N ARG E 153 59.01 -9.99 -47.02
CA ARG E 153 59.72 -8.74 -47.29
C ARG E 153 59.99 -7.97 -46.00
N VAL E 154 60.78 -8.58 -45.12
CA VAL E 154 61.15 -7.90 -43.87
C VAL E 154 62.06 -6.73 -44.18
N PRO E 155 61.95 -5.61 -43.46
CA PRO E 155 62.84 -4.47 -43.74
C PRO E 155 64.28 -4.72 -43.33
N SER E 156 64.55 -5.67 -42.44
CA SER E 156 65.90 -5.92 -41.96
C SER E 156 65.98 -7.34 -41.43
N THR E 157 67.21 -7.83 -41.30
CA THR E 157 67.46 -9.15 -40.73
C THR E 157 67.28 -9.17 -39.22
N LEU E 158 67.21 -8.01 -38.58
CA LEU E 158 66.98 -7.91 -37.14
C LEU E 158 65.51 -8.02 -36.76
N VAL E 159 64.61 -7.97 -37.74
CA VAL E 159 63.18 -8.06 -37.46
C VAL E 159 62.82 -9.50 -37.12
N VAL E 160 62.03 -9.67 -36.06
CA VAL E 160 61.46 -10.98 -35.73
C VAL E 160 60.43 -11.29 -36.81
N PRO E 161 60.66 -12.32 -37.64
CA PRO E 161 59.76 -12.55 -38.78
C PRO E 161 58.33 -12.88 -38.39
N SER E 162 58.10 -13.40 -37.19
CA SER E 162 56.74 -13.73 -36.76
C SER E 162 55.93 -12.50 -36.39
N SER E 163 56.57 -11.35 -36.21
CA SER E 163 55.86 -10.12 -35.85
C SER E 163 55.29 -9.39 -37.05
N MET E 164 55.54 -9.88 -38.26
CA MET E 164 55.02 -9.29 -39.49
C MET E 164 54.24 -10.33 -40.27
N SER E 165 53.37 -11.06 -39.58
CA SER E 165 52.59 -12.13 -40.18
C SER E 165 51.71 -11.61 -41.30
N LYS E 166 52.00 -12.02 -42.53
CA LYS E 166 51.18 -11.64 -43.67
C LYS E 166 49.92 -12.48 -43.77
N ILE E 167 49.84 -13.58 -43.04
CA ILE E 167 48.65 -14.43 -43.01
C ILE E 167 48.11 -14.41 -41.59
N MET E 168 46.86 -13.99 -41.45
CA MET E 168 46.22 -13.89 -40.15
C MET E 168 45.01 -14.81 -40.10
N GLU E 169 44.74 -15.36 -38.91
CA GLU E 169 43.63 -16.28 -38.71
C GLU E 169 42.38 -15.51 -38.32
N VAL E 170 41.39 -15.51 -39.21
CA VAL E 170 40.09 -14.93 -38.85
C VAL E 170 39.33 -15.87 -37.92
N ASP E 171 39.33 -17.17 -38.23
CA ASP E 171 38.68 -18.17 -37.41
C ASP E 171 39.36 -19.50 -37.69
N SER E 172 38.99 -20.51 -36.90
CA SER E 172 39.65 -21.81 -37.00
C SER E 172 39.50 -22.44 -38.37
N HIS E 173 38.54 -21.99 -39.18
CA HIS E 173 38.38 -22.48 -40.54
C HIS E 173 38.62 -21.40 -41.59
N ILE E 174 38.92 -20.17 -41.22
CA ILE E 174 39.07 -19.07 -42.16
C ILE E 174 40.36 -18.32 -41.88
N ALA E 175 41.21 -18.22 -42.89
CA ALA E 175 42.43 -17.43 -42.83
C ALA E 175 42.34 -16.27 -43.82
N ALA E 176 43.20 -15.28 -43.62
CA ALA E 176 43.23 -14.12 -44.50
C ALA E 176 44.67 -13.66 -44.69
N VAL E 177 45.06 -13.43 -45.94
CA VAL E 177 46.37 -12.90 -46.28
C VAL E 177 46.19 -11.57 -47.00
N MET E 178 46.95 -10.56 -46.58
CA MET E 178 46.80 -9.21 -47.07
C MET E 178 47.99 -8.77 -47.91
N SER E 179 47.75 -7.80 -48.77
CA SER E 179 48.81 -7.15 -49.54
C SER E 179 48.52 -5.66 -49.57
N GLY E 180 49.57 -4.87 -49.43
CA GLY E 180 49.44 -3.42 -49.42
C GLY E 180 49.87 -2.79 -48.11
N MET E 181 48.96 -2.07 -47.46
CA MET E 181 49.25 -1.39 -46.21
C MET E 181 48.83 -2.27 -45.04
N VAL E 182 49.80 -2.93 -44.40
CA VAL E 182 49.48 -3.87 -43.34
C VAL E 182 48.81 -3.20 -42.14
N ALA E 183 49.06 -1.90 -41.94
CA ALA E 183 48.42 -1.21 -40.82
C ALA E 183 46.90 -1.14 -40.99
N ASP E 184 46.43 -0.87 -42.20
CA ASP E 184 45.00 -0.85 -42.47
C ASP E 184 44.40 -2.25 -42.49
N ALA E 185 45.19 -3.27 -42.86
CA ALA E 185 44.68 -4.63 -42.91
C ALA E 185 44.30 -5.15 -41.54
N ARG E 186 44.96 -4.66 -40.49
CA ARG E 186 44.63 -5.10 -39.13
C ARG E 186 43.19 -4.75 -38.79
N ILE E 187 42.72 -3.56 -39.19
CA ILE E 187 41.34 -3.17 -38.95
C ILE E 187 40.38 -4.12 -39.62
N LEU E 188 40.65 -4.46 -40.89
CA LEU E 188 39.77 -5.37 -41.63
C LEU E 188 39.75 -6.75 -40.99
N VAL E 189 40.92 -7.25 -40.58
CA VAL E 189 40.97 -8.59 -39.99
C VAL E 189 40.28 -8.60 -38.63
N GLU E 190 40.44 -7.54 -37.84
CA GLU E 190 39.73 -7.45 -36.57
C GLU E 190 38.22 -7.42 -36.77
N HIS E 191 37.76 -6.65 -37.76
CA HIS E 191 36.33 -6.60 -38.05
C HIS E 191 35.83 -7.98 -38.49
N ALA E 192 36.60 -8.67 -39.33
CA ALA E 192 36.20 -10.00 -39.77
C ALA E 192 36.14 -10.98 -38.61
N ARG E 193 37.11 -10.90 -37.69
CA ARG E 193 37.10 -11.76 -36.52
C ARG E 193 35.87 -11.49 -35.65
N VAL E 194 35.56 -10.22 -35.44
CA VAL E 194 34.41 -9.85 -34.62
C VAL E 194 33.12 -10.35 -35.26
N GLU E 195 32.98 -10.18 -36.58
CA GLU E 195 31.77 -10.63 -37.26
C GLU E 195 31.65 -12.16 -37.24
N SER E 196 32.77 -12.86 -37.40
CA SER E 196 32.73 -14.32 -37.35
C SER E 196 32.35 -14.80 -35.96
N GLN E 197 32.87 -14.16 -34.92
CA GLN E 197 32.50 -14.53 -33.57
C GLN E 197 31.04 -14.22 -33.29
N ASN E 198 30.53 -13.11 -33.83
CA ASN E 198 29.11 -12.79 -33.69
C ASN E 198 28.24 -13.83 -34.38
N HIS E 199 28.66 -14.27 -35.57
CA HIS E 199 27.90 -15.30 -36.28
C HIS E 199 27.90 -16.61 -35.51
N ARG E 200 29.05 -17.00 -34.94
CA ARG E 200 29.09 -18.19 -34.10
C ARG E 200 28.21 -18.04 -32.86
N PHE E 201 28.19 -16.85 -32.26
CA PHE E 201 27.38 -16.61 -31.08
C PHE E 201 25.89 -16.72 -31.40
N THR E 202 25.47 -16.18 -32.54
CA THR E 202 24.05 -16.08 -32.86
C THR E 202 23.49 -17.36 -33.47
N TYR E 203 24.27 -18.05 -34.31
CA TYR E 203 23.77 -19.19 -35.06
C TYR E 203 24.40 -20.51 -34.64
N ASN E 204 25.36 -20.50 -33.72
CA ASN E 204 25.99 -21.72 -33.21
C ASN E 204 26.56 -22.57 -34.35
N GLU E 205 27.21 -21.90 -35.30
CA GLU E 205 27.78 -22.58 -36.45
C GLU E 205 28.92 -21.72 -36.99
N PRO E 206 29.90 -22.32 -37.64
CA PRO E 206 30.96 -21.51 -38.27
C PRO E 206 30.40 -20.63 -39.37
N MET E 207 30.94 -19.42 -39.47
CA MET E 207 30.48 -18.48 -40.46
C MET E 207 31.10 -18.79 -41.81
N SER E 208 30.29 -18.67 -42.87
CA SER E 208 30.76 -18.99 -44.20
C SER E 208 31.80 -17.98 -44.68
N VAL E 209 32.66 -18.43 -45.59
CA VAL E 209 33.72 -17.57 -46.10
C VAL E 209 33.13 -16.38 -46.85
N GLU E 210 32.09 -16.63 -47.66
CA GLU E 210 31.46 -15.55 -48.40
C GLU E 210 30.85 -14.51 -47.47
N SER E 211 30.22 -14.94 -46.38
CA SER E 211 29.65 -14.00 -45.43
C SER E 211 30.74 -13.16 -44.76
N CYS E 212 31.88 -13.79 -44.41
CA CYS E 212 32.97 -13.05 -43.80
C CYS E 212 33.52 -12.01 -44.76
N THR E 213 33.69 -12.38 -46.03
CA THR E 213 34.13 -11.42 -47.04
C THR E 213 33.11 -10.30 -47.21
N LEU E 214 31.82 -10.64 -47.14
CA LEU E 214 30.77 -9.63 -47.23
C LEU E 214 30.88 -8.63 -46.09
N ALA E 215 31.10 -9.12 -44.87
CA ALA E 215 31.27 -8.22 -43.73
C ALA E 215 32.50 -7.34 -43.88
N THR E 216 33.61 -7.92 -44.38
CA THR E 216 34.82 -7.14 -44.59
C THR E 216 34.57 -6.02 -45.60
N CYS E 217 33.93 -6.33 -46.73
CA CYS E 217 33.63 -5.31 -47.72
C CYS E 217 32.61 -4.29 -47.20
N ASP E 218 31.69 -4.72 -46.35
CA ASP E 218 30.74 -3.80 -45.76
C ASP E 218 31.44 -2.77 -44.88
N LEU E 219 32.44 -3.22 -44.11
CA LEU E 219 33.27 -2.26 -43.38
C LEU E 219 34.06 -1.39 -44.33
N SER E 220 34.60 -1.97 -45.40
CA SER E 220 35.48 -1.23 -46.30
C SER E 220 34.76 -0.09 -47.01
N ILE E 221 33.53 -0.32 -47.46
CA ILE E 221 32.85 0.69 -48.28
C ILE E 221 32.52 1.96 -47.52
N GLN E 222 32.54 1.92 -46.18
CA GLN E 222 32.06 3.06 -45.37
C GLN E 222 33.16 4.12 -45.24
N PHE E 223 33.40 4.82 -46.35
CA PHE E 223 34.35 5.92 -46.35
C PHE E 223 33.75 7.11 -47.09
N GLY E 224 34.18 8.31 -46.71
CA GLY E 224 33.69 9.54 -47.30
C GLY E 224 34.18 10.77 -46.57
N GLU E 225 33.43 11.87 -46.67
CA GLU E 225 33.78 13.10 -45.97
C GLU E 225 32.62 13.75 -45.23
N SER E 226 31.38 13.51 -45.63
CA SER E 226 30.22 14.13 -45.00
C SER E 226 30.03 13.54 -43.61
N GLY E 227 30.16 14.39 -42.58
CA GLY E 227 29.97 13.94 -41.23
C GLY E 227 28.54 13.60 -40.91
N GLY E 228 27.68 14.61 -40.83
CA GLY E 228 26.26 14.39 -40.59
C GLY E 228 25.98 13.63 -39.31
N ARG E 229 25.53 12.38 -39.46
CA ARG E 229 25.17 11.56 -38.32
C ARG E 229 26.24 10.52 -37.98
N ARG E 230 26.97 10.02 -38.98
CA ARG E 230 27.95 8.97 -38.79
C ARG E 230 29.34 9.42 -39.21
N LYS E 231 30.34 9.06 -38.41
CA LYS E 231 31.73 9.37 -38.73
C LYS E 231 32.27 8.34 -39.71
N LEU E 232 32.57 8.78 -40.93
CA LEU E 232 33.09 7.89 -41.97
C LEU E 232 34.60 8.02 -42.06
N MET E 233 35.20 7.08 -42.78
CA MET E 233 36.64 7.11 -42.99
C MET E 233 37.00 8.15 -44.05
N SER E 234 38.10 8.87 -43.80
CA SER E 234 38.53 9.91 -44.72
C SER E 234 39.06 9.37 -46.04
N ARG E 235 39.32 8.06 -46.13
CA ARG E 235 39.88 7.47 -47.33
C ARG E 235 39.56 5.99 -47.33
N PRO E 236 39.58 5.35 -48.50
CA PRO E 236 39.41 3.90 -48.55
C PRO E 236 40.65 3.18 -48.03
N PHE E 237 40.47 1.90 -47.71
CA PHE E 237 41.58 1.07 -47.27
C PHE E 237 42.54 0.81 -48.43
N GLY E 238 43.83 0.93 -48.15
CA GLY E 238 44.85 0.59 -49.12
C GLY E 238 45.23 -0.87 -49.04
N VAL E 239 44.23 -1.74 -48.84
CA VAL E 239 44.45 -3.15 -48.61
C VAL E 239 43.59 -3.96 -49.56
N SER E 240 44.18 -5.00 -50.13
CA SER E 240 43.46 -6.05 -50.84
C SER E 240 43.56 -7.32 -50.02
N LEU E 241 42.43 -7.90 -49.69
CA LEU E 241 42.41 -9.10 -48.85
C LEU E 241 42.18 -10.34 -49.69
N LEU E 242 42.77 -11.45 -49.23
CA LEU E 242 42.57 -12.76 -49.85
C LEU E 242 42.15 -13.69 -48.72
N ILE E 243 40.87 -14.04 -48.69
CA ILE E 243 40.27 -14.81 -47.61
C ILE E 243 40.07 -16.24 -48.08
N ALA E 244 40.65 -17.18 -47.35
CA ALA E 244 40.55 -18.60 -47.67
C ALA E 244 39.81 -19.31 -46.54
N GLY E 245 39.09 -20.36 -46.90
CA GLY E 245 38.41 -21.10 -45.85
C GLY E 245 37.79 -22.38 -46.38
N VAL E 246 37.21 -23.13 -45.45
CA VAL E 246 36.49 -24.36 -45.77
C VAL E 246 35.12 -24.27 -45.09
N ASP E 247 34.06 -24.49 -45.86
CA ASP E 247 32.70 -24.43 -45.33
C ASP E 247 31.86 -25.54 -45.94
N GLU E 248 30.53 -25.43 -45.82
CA GLU E 248 29.65 -26.46 -46.36
C GLU E 248 29.77 -26.57 -47.88
N LYS E 249 30.30 -25.56 -48.55
CA LYS E 249 30.54 -25.60 -49.99
C LYS E 249 31.98 -25.96 -50.33
N GLY E 250 32.70 -26.62 -49.42
CA GLY E 250 34.05 -27.01 -49.66
C GLY E 250 35.03 -25.86 -49.54
N PRO E 251 36.26 -26.06 -50.02
CA PRO E 251 37.26 -24.98 -49.97
C PRO E 251 36.84 -23.81 -50.85
N GLN E 252 36.85 -22.62 -50.27
CA GLN E 252 36.46 -21.40 -50.95
C GLN E 252 37.53 -20.33 -50.76
N LEU E 253 37.85 -19.64 -51.85
CA LEU E 253 38.81 -18.54 -51.84
C LEU E 253 38.15 -17.30 -52.43
N TRP E 254 38.27 -16.18 -51.72
CA TRP E 254 37.67 -14.93 -52.14
C TRP E 254 38.71 -13.82 -52.08
N GLN E 255 38.50 -12.79 -52.90
CA GLN E 255 39.39 -11.67 -52.99
C GLN E 255 38.61 -10.39 -52.74
N THR E 256 39.22 -9.47 -51.98
CA THR E 256 38.60 -8.23 -51.57
C THR E 256 39.38 -7.06 -52.17
N ASP E 257 38.66 -6.06 -52.66
CA ASP E 257 39.24 -4.88 -53.26
C ASP E 257 38.97 -3.64 -52.41
N PRO E 258 39.79 -2.59 -52.55
CA PRO E 258 39.50 -1.34 -51.84
C PRO E 258 38.18 -0.70 -52.24
N SER E 259 37.63 -1.07 -53.40
CA SER E 259 36.32 -0.57 -53.79
C SER E 259 35.19 -1.24 -53.01
N GLY E 260 35.49 -2.25 -52.21
CA GLY E 260 34.47 -2.99 -51.51
C GLY E 260 33.82 -4.10 -52.31
N THR E 261 34.49 -4.61 -53.34
CA THR E 261 33.93 -5.62 -54.22
C THR E 261 34.61 -6.95 -53.93
N HIS E 262 33.81 -7.94 -53.54
CA HIS E 262 34.31 -9.28 -53.28
C HIS E 262 34.13 -10.16 -54.50
N THR E 263 35.11 -11.03 -54.75
CA THR E 263 35.05 -11.91 -55.93
C THR E 263 35.60 -13.28 -55.56
N ARG E 264 34.81 -14.32 -55.83
CA ARG E 264 35.26 -15.69 -55.61
C ARG E 264 36.23 -16.08 -56.71
N TYR E 265 37.34 -16.70 -56.32
CA TYR E 265 38.41 -17.06 -57.26
C TYR E 265 38.82 -18.50 -57.06
N ASP E 266 39.43 -19.06 -58.11
CA ASP E 266 40.07 -20.36 -58.06
C ASP E 266 41.56 -20.28 -57.77
N ALA E 267 42.23 -19.27 -58.33
CA ALA E 267 43.64 -19.03 -58.02
C ALA E 267 43.91 -17.56 -58.31
N GLN E 268 44.06 -16.75 -57.26
CA GLN E 268 44.27 -15.32 -57.39
C GLN E 268 45.54 -14.90 -56.68
N ALA E 269 46.21 -13.90 -57.25
CA ALA E 269 47.43 -13.35 -56.67
C ALA E 269 47.32 -11.84 -56.64
N ILE E 270 47.76 -11.24 -55.54
CA ILE E 270 47.71 -9.80 -55.34
C ILE E 270 49.10 -9.31 -54.95
N GLY E 271 49.31 -8.01 -55.13
CA GLY E 271 50.60 -7.42 -54.85
C GLY E 271 51.39 -7.07 -56.09
N GLY E 272 52.66 -6.80 -55.89
CA GLY E 272 53.56 -6.39 -56.95
C GLY E 272 53.71 -7.41 -58.07
N GLY E 273 53.92 -8.67 -57.70
CA GLY E 273 54.05 -9.72 -58.68
C GLY E 273 52.74 -10.39 -59.01
N ALA E 274 51.76 -9.59 -59.42
CA ALA E 274 50.42 -10.10 -59.70
C ALA E 274 50.27 -10.60 -61.13
N GLU E 275 50.70 -9.81 -62.11
CA GLU E 275 50.51 -10.19 -63.50
C GLU E 275 51.36 -11.40 -63.89
N ALA E 276 52.59 -11.48 -63.39
CA ALA E 276 53.42 -12.66 -63.65
C ALA E 276 52.81 -13.90 -63.02
N ALA E 277 52.30 -13.76 -61.80
CA ALA E 277 51.64 -14.88 -61.13
C ALA E 277 50.41 -15.34 -61.89
N GLN E 278 49.62 -14.39 -62.42
CA GLN E 278 48.48 -14.76 -63.24
C GLN E 278 48.92 -15.46 -64.52
N SER E 279 50.00 -14.99 -65.13
CA SER E 279 50.51 -15.64 -66.34
C SER E 279 50.92 -17.09 -66.05
N VAL E 280 51.55 -17.32 -64.89
CA VAL E 280 51.83 -18.69 -64.49
C VAL E 280 50.54 -19.44 -64.20
N PHE E 281 49.51 -18.74 -63.69
CA PHE E 281 48.24 -19.38 -63.38
C PHE E 281 47.54 -19.92 -64.63
N THR E 282 47.66 -19.19 -65.76
CA THR E 282 46.99 -19.62 -66.98
C THR E 282 47.36 -21.04 -67.37
N GLU E 283 48.61 -21.44 -67.12
CA GLU E 283 49.06 -22.80 -67.29
C GLU E 283 49.28 -23.45 -65.93
N ARG E 284 49.74 -24.70 -65.95
CA ARG E 284 50.23 -25.39 -64.75
C ARG E 284 49.18 -25.48 -63.64
N TYR E 285 47.92 -25.18 -63.95
CA TYR E 285 46.86 -25.21 -62.95
C TYR E 285 45.64 -25.90 -63.56
N HIS E 286 44.96 -26.71 -62.76
CA HIS E 286 43.73 -27.37 -63.17
C HIS E 286 42.74 -27.40 -62.00
N ARG E 287 41.56 -27.97 -62.26
CA ARG E 287 40.50 -28.06 -61.27
C ARG E 287 40.83 -28.97 -60.09
N ASN E 288 41.60 -30.04 -60.30
CA ASN E 288 41.72 -31.10 -59.32
C ASN E 288 43.16 -31.41 -58.95
N MET E 289 43.96 -30.36 -58.69
CA MET E 289 45.29 -30.57 -58.15
C MET E 289 45.21 -31.09 -56.72
N THR E 290 46.23 -31.87 -56.34
CA THR E 290 46.33 -32.27 -54.95
C THR E 290 46.93 -31.13 -54.12
N LEU E 291 46.82 -31.27 -52.80
CA LEU E 291 47.28 -30.20 -51.92
C LEU E 291 48.78 -29.98 -52.07
N GLU E 292 49.56 -31.06 -52.19
CA GLU E 292 51.00 -30.92 -52.39
C GLU E 292 51.32 -30.23 -53.70
N GLU E 293 50.59 -30.55 -54.77
CA GLU E 293 50.83 -29.88 -56.05
C GLU E 293 50.54 -28.39 -55.95
N GLY E 294 49.45 -28.02 -55.27
CA GLY E 294 49.16 -26.61 -55.07
C GLY E 294 50.21 -25.91 -54.25
N GLU E 295 50.72 -26.58 -53.22
CA GLU E 295 51.79 -25.99 -52.40
C GLU E 295 53.05 -25.77 -53.23
N THR E 296 53.43 -26.75 -54.04
CA THR E 296 54.60 -26.60 -54.90
C THR E 296 54.39 -25.50 -55.93
N LEU E 297 53.18 -25.39 -56.48
CA LEU E 297 52.87 -24.32 -57.42
C LEU E 297 53.01 -22.96 -56.75
N ALA E 298 52.49 -22.82 -55.54
CA ALA E 298 52.61 -21.55 -54.81
C ALA E 298 54.07 -21.21 -54.55
N VAL E 299 54.85 -22.20 -54.13
CA VAL E 299 56.27 -21.95 -53.85
C VAL E 299 57.00 -21.54 -55.12
N ASP E 300 56.74 -22.22 -56.23
CA ASP E 300 57.39 -21.86 -57.49
C ASP E 300 56.99 -20.46 -57.95
N ILE E 301 55.71 -20.11 -57.78
CA ILE E 301 55.25 -18.79 -58.19
C ILE E 301 55.91 -17.71 -57.33
N LEU E 302 56.04 -17.96 -56.03
CA LEU E 302 56.78 -17.04 -55.18
C LEU E 302 58.23 -16.92 -55.64
N LYS E 303 58.84 -18.05 -56.02
CA LYS E 303 60.19 -18.02 -56.58
C LYS E 303 60.27 -17.11 -57.80
N GLN E 304 59.27 -17.20 -58.68
CA GLN E 304 59.30 -16.45 -59.94
C GLN E 304 59.11 -14.95 -59.76
N VAL E 305 58.50 -14.51 -58.66
CA VAL E 305 58.15 -13.10 -58.49
C VAL E 305 58.83 -12.49 -57.27
N MET E 306 59.85 -13.15 -56.72
CA MET E 306 60.56 -12.64 -55.55
C MET E 306 61.92 -12.09 -55.95
N GLU E 307 62.18 -10.84 -55.56
CA GLU E 307 63.48 -10.24 -55.81
C GLU E 307 64.54 -10.82 -54.89
N ASP E 308 64.16 -11.22 -53.68
CA ASP E 308 65.08 -11.83 -52.74
C ASP E 308 65.13 -13.34 -52.98
N GLN E 309 66.03 -14.02 -52.28
CA GLN E 309 66.15 -15.47 -52.39
C GLN E 309 65.17 -16.15 -51.44
N LEU E 310 64.61 -17.27 -51.88
CA LEU E 310 63.60 -17.99 -51.12
C LEU E 310 64.26 -18.80 -50.02
N SER E 311 63.85 -18.57 -48.78
CA SER E 311 64.28 -19.33 -47.62
C SER E 311 63.05 -19.73 -46.80
N PRO E 312 63.17 -20.74 -45.94
CA PRO E 312 61.99 -21.13 -45.13
C PRO E 312 61.43 -20.01 -44.28
N GLU E 313 62.26 -19.08 -43.82
CA GLU E 313 61.82 -17.95 -43.03
C GLU E 313 61.55 -16.71 -43.87
N ASN E 314 61.65 -16.82 -45.20
CA ASN E 314 61.47 -15.65 -46.05
C ASN E 314 60.02 -15.49 -46.50
N ILE E 315 59.23 -16.55 -46.45
CA ILE E 315 57.84 -16.49 -46.88
C ILE E 315 56.94 -17.05 -45.77
N GLU E 316 55.63 -16.96 -45.98
CA GLU E 316 54.65 -17.46 -45.03
C GLU E 316 53.62 -18.29 -45.78
N VAL E 317 53.38 -19.51 -45.32
CA VAL E 317 52.47 -20.44 -45.97
C VAL E 317 51.47 -20.95 -44.95
N ALA E 318 50.20 -21.00 -45.35
CA ALA E 318 49.13 -21.54 -44.52
C ALA E 318 48.22 -22.40 -45.39
N VAL E 319 47.56 -23.36 -44.77
CA VAL E 319 46.69 -24.29 -45.47
C VAL E 319 45.44 -24.54 -44.65
N VAL E 320 44.29 -24.48 -45.30
CA VAL E 320 43.02 -24.90 -44.71
C VAL E 320 42.60 -26.16 -45.43
N ARG E 321 42.55 -27.28 -44.71
CA ARG E 321 42.31 -28.58 -45.32
C ARG E 321 40.83 -28.87 -45.41
N ALA E 322 40.42 -29.49 -46.53
CA ALA E 322 39.02 -29.82 -46.72
C ALA E 322 38.57 -30.93 -45.75
N ASP E 323 39.37 -31.99 -45.62
CA ASP E 323 38.98 -33.09 -44.73
C ASP E 323 39.04 -32.67 -43.27
N ASP E 324 40.12 -31.97 -42.87
CA ASP E 324 40.24 -31.53 -41.50
C ASP E 324 39.25 -30.42 -41.18
N GLY E 325 39.11 -29.45 -42.09
CA GLY E 325 38.27 -28.30 -41.84
C GLY E 325 38.88 -27.24 -40.96
N LYS E 326 40.17 -27.35 -40.66
CA LYS E 326 40.85 -26.43 -39.77
C LYS E 326 42.01 -25.75 -40.49
N LEU E 327 42.43 -24.61 -39.96
CA LEU E 327 43.55 -23.86 -40.49
C LEU E 327 44.85 -24.34 -39.85
N HIS E 328 45.91 -24.42 -40.66
CA HIS E 328 47.19 -24.95 -40.22
C HIS E 328 48.29 -24.01 -40.73
N MET E 329 48.87 -23.23 -39.83
CA MET E 329 50.01 -22.40 -40.16
C MET E 329 51.26 -23.26 -40.31
N TYR E 330 51.97 -23.09 -41.41
CA TYR E 330 53.16 -23.88 -41.68
C TYR E 330 54.39 -23.20 -41.08
N THR E 331 55.18 -23.99 -40.38
CA THR E 331 56.45 -23.66 -39.75
C THR E 331 57.58 -23.68 -40.78
N PRO E 332 58.70 -23.00 -40.51
CA PRO E 332 59.80 -22.99 -41.48
C PRO E 332 60.29 -24.37 -41.89
N THR E 333 60.28 -25.36 -40.98
CA THR E 333 60.70 -26.70 -41.37
C THR E 333 59.70 -27.32 -42.36
N GLU E 334 58.41 -27.04 -42.20
CA GLU E 334 57.43 -27.51 -43.17
C GLU E 334 57.64 -26.84 -44.51
N ILE E 335 57.97 -25.54 -44.52
CA ILE E 335 58.24 -24.85 -45.77
C ILE E 335 59.47 -25.44 -46.45
N LYS E 336 60.50 -25.78 -45.68
CA LYS E 336 61.67 -26.45 -46.23
C LYS E 336 61.30 -27.80 -46.82
N ALA E 337 60.43 -28.55 -46.12
CA ALA E 337 59.98 -29.83 -46.65
C ALA E 337 59.24 -29.66 -47.97
N ILE E 338 58.43 -28.60 -48.07
CA ILE E 338 57.79 -28.30 -49.35
C ILE E 338 58.83 -28.01 -50.42
N MET E 339 59.85 -27.21 -50.08
CA MET E 339 60.90 -26.88 -51.04
C MET E 339 61.68 -28.12 -51.45
N SER E 340 61.91 -29.04 -50.51
CA SER E 340 62.63 -30.28 -50.79
C SER E 340 61.72 -31.32 -51.43
N ARG E 341 61.12 -30.92 -52.55
CA ARG E 341 60.20 -31.77 -53.28
C ARG E 341 60.01 -31.26 -54.71
N ASN F 168 38.17 21.64 -67.81
CA ASN F 168 36.81 21.72 -67.28
C ASN F 168 36.85 22.00 -65.77
N GLU F 169 36.28 23.14 -65.37
CA GLU F 169 36.26 23.54 -63.97
C GLU F 169 34.85 23.43 -63.36
N TYR F 170 33.97 22.67 -64.00
CA TYR F 170 32.61 22.48 -63.51
C TYR F 170 32.27 21.01 -63.30
N ASP F 171 33.28 20.14 -63.30
CA ASP F 171 33.07 18.71 -63.17
C ASP F 171 33.62 18.14 -61.87
N SER F 172 34.23 18.95 -61.02
CA SER F 172 34.87 18.45 -59.81
C SER F 172 33.91 18.34 -58.63
N ASP F 173 32.69 18.85 -58.75
CA ASP F 173 31.75 18.82 -57.64
C ASP F 173 30.36 18.43 -58.15
N ILE F 174 29.57 17.84 -57.25
CA ILE F 174 28.20 17.46 -57.59
C ILE F 174 27.22 18.62 -57.48
N THR F 175 27.50 19.62 -56.66
CA THR F 175 26.62 20.77 -56.49
C THR F 175 27.02 21.94 -57.37
N THR F 176 27.69 21.66 -58.48
CA THR F 176 28.13 22.69 -59.43
C THR F 176 27.39 22.50 -60.74
N TRP F 177 26.69 23.53 -61.18
CA TRP F 177 26.02 23.53 -62.47
C TRP F 177 26.97 24.01 -63.55
N SER F 178 27.00 23.29 -64.66
CA SER F 178 27.73 23.76 -65.82
C SER F 178 27.07 25.00 -66.40
N PRO F 179 27.84 25.90 -67.02
CA PRO F 179 27.23 27.10 -67.61
C PRO F 179 26.21 26.79 -68.70
N THR F 180 26.27 25.62 -69.31
CA THR F 180 25.29 25.19 -70.29
C THR F 180 24.13 24.42 -69.66
N GLY F 181 24.11 24.30 -68.33
CA GLY F 181 23.03 23.62 -67.64
C GLY F 181 23.22 22.11 -67.57
N ARG F 182 24.42 21.68 -67.21
CA ARG F 182 24.75 20.26 -67.12
C ARG F 182 25.35 19.96 -65.76
N LEU F 183 25.23 18.70 -65.35
CA LEU F 183 25.85 18.19 -64.14
C LEU F 183 26.81 17.09 -64.56
N PHE F 184 28.11 17.39 -64.54
CA PHE F 184 29.09 16.50 -65.14
C PHE F 184 29.38 15.27 -64.29
N GLN F 185 29.24 15.38 -62.96
CA GLN F 185 29.48 14.22 -62.10
C GLN F 185 28.47 13.10 -62.37
N ILE F 186 27.20 13.48 -62.57
CA ILE F 186 26.20 12.47 -62.92
C ILE F 186 26.48 11.87 -64.29
N GLU F 187 26.95 12.70 -65.23
CA GLU F 187 27.32 12.16 -66.53
C GLU F 187 28.48 11.17 -66.43
N TYR F 188 29.44 11.45 -65.54
CA TYR F 188 30.54 10.52 -65.30
C TYR F 188 30.04 9.23 -64.67
N ALA F 189 29.06 9.32 -63.77
CA ALA F 189 28.45 8.12 -63.22
C ALA F 189 27.73 7.31 -64.30
N ASN F 190 27.05 7.98 -65.23
CA ASN F 190 26.46 7.28 -66.37
C ASN F 190 27.52 6.59 -67.21
N GLU F 191 28.66 7.26 -67.41
CA GLU F 191 29.78 6.62 -68.11
C GLU F 191 30.27 5.40 -67.37
N ALA F 192 30.31 5.46 -66.04
CA ALA F 192 30.68 4.29 -65.24
C ALA F 192 29.69 3.15 -65.46
N VAL F 193 28.40 3.46 -65.52
CA VAL F 193 27.38 2.44 -65.79
C VAL F 193 27.57 1.85 -67.17
N ASN F 194 27.94 2.68 -68.16
CA ASN F 194 28.11 2.23 -69.53
C ASN F 194 29.29 1.29 -69.73
N ASN F 195 30.16 1.15 -68.73
CA ASN F 195 31.34 0.30 -68.85
C ASN F 195 31.19 -1.02 -68.12
N GLY F 196 30.04 -1.30 -67.52
CA GLY F 196 29.83 -2.55 -66.81
C GLY F 196 29.47 -3.68 -67.75
N SER F 197 29.29 -4.86 -67.15
CA SER F 197 28.93 -6.04 -67.92
C SER F 197 27.54 -5.88 -68.54
N ALA F 198 27.38 -6.39 -69.75
CA ALA F 198 26.13 -6.23 -70.47
C ALA F 198 25.03 -7.08 -69.85
N THR F 199 23.83 -6.50 -69.77
CA THR F 199 22.65 -7.20 -69.28
C THR F 199 21.44 -6.74 -70.07
N VAL F 200 20.46 -7.64 -70.20
CA VAL F 200 19.30 -7.45 -71.05
C VAL F 200 18.05 -7.80 -70.26
N GLY F 201 17.02 -6.97 -70.36
CA GLY F 201 15.73 -7.25 -69.75
C GLY F 201 14.64 -7.30 -70.81
N VAL F 202 13.78 -8.30 -70.72
CA VAL F 202 12.69 -8.52 -71.67
C VAL F 202 11.41 -8.77 -70.88
N LYS F 203 10.33 -8.09 -71.29
CA LYS F 203 9.04 -8.22 -70.64
C LYS F 203 8.05 -8.86 -71.60
N GLY F 204 7.42 -9.94 -71.15
CA GLY F 204 6.36 -10.59 -71.89
C GLY F 204 4.99 -10.22 -71.36
N LYS F 205 4.00 -11.06 -71.68
CA LYS F 205 2.65 -10.84 -71.19
C LYS F 205 2.48 -11.24 -69.73
N ASN F 206 3.15 -12.31 -69.29
CA ASN F 206 3.09 -12.73 -67.90
C ASN F 206 4.44 -12.86 -67.24
N PHE F 207 5.54 -12.80 -68.00
CA PHE F 207 6.87 -13.07 -67.46
C PHE F 207 7.83 -11.96 -67.83
N VAL F 208 8.86 -11.80 -66.98
CA VAL F 208 9.99 -10.94 -67.25
C VAL F 208 11.25 -11.76 -67.11
N VAL F 209 12.16 -11.64 -68.08
CA VAL F 209 13.37 -12.42 -68.15
C VAL F 209 14.56 -11.47 -68.22
N LEU F 210 15.51 -11.64 -67.30
CA LEU F 210 16.78 -10.92 -67.33
C LEU F 210 17.90 -11.87 -67.72
N ALA F 211 18.83 -11.37 -68.52
CA ALA F 211 20.00 -12.13 -68.95
C ALA F 211 21.23 -11.31 -68.61
N ALA F 212 22.14 -11.89 -67.84
CA ALA F 212 23.35 -11.21 -67.39
C ALA F 212 24.57 -11.92 -67.94
N LEU F 213 25.52 -11.12 -68.45
CA LEU F 213 26.75 -11.62 -69.05
C LEU F 213 27.86 -11.50 -68.01
N LYS F 214 28.18 -12.62 -67.35
CA LYS F 214 29.23 -12.63 -66.34
C LYS F 214 30.59 -12.95 -66.97
N ARG F 215 31.64 -12.70 -66.20
CA ARG F 215 32.99 -12.90 -66.70
C ARG F 215 33.26 -14.37 -66.97
N SER F 216 33.89 -14.63 -68.11
CA SER F 216 34.30 -15.99 -68.46
C SER F 216 35.62 -16.33 -67.79
N PRO F 217 35.86 -17.61 -67.50
CA PRO F 217 37.15 -18.01 -66.93
C PRO F 217 38.29 -17.81 -67.93
N VAL F 218 39.49 -17.57 -67.41
CA VAL F 218 40.65 -17.51 -68.29
C VAL F 218 41.21 -18.92 -68.40
N ALA F 219 40.50 -19.76 -69.17
CA ALA F 219 40.92 -21.08 -69.64
C ALA F 219 41.09 -22.09 -68.51
N GLU F 220 41.24 -21.64 -67.27
CA GLU F 220 41.19 -22.54 -66.13
C GLU F 220 40.61 -21.88 -64.87
N LEU F 221 40.55 -20.56 -64.85
CA LEU F 221 40.31 -19.80 -63.63
C LEU F 221 38.95 -19.13 -63.70
N SER F 222 37.96 -19.70 -63.02
CA SER F 222 36.59 -19.19 -63.03
C SER F 222 36.40 -18.25 -61.85
N SER F 223 36.21 -16.96 -62.14
CA SER F 223 35.89 -15.97 -61.13
C SER F 223 34.39 -15.74 -61.10
N TYR F 224 33.84 -15.66 -59.89
CA TYR F 224 32.41 -15.46 -59.70
C TYR F 224 32.16 -14.14 -58.99
N GLN F 225 31.19 -13.38 -59.50
CA GLN F 225 30.79 -12.12 -58.89
C GLN F 225 29.28 -11.99 -59.03
N GLU F 226 28.59 -11.72 -57.92
CA GLU F 226 27.14 -11.70 -57.92
C GLU F 226 26.63 -10.40 -58.52
N LYS F 227 25.92 -10.50 -59.64
CA LYS F 227 25.32 -9.35 -60.31
C LYS F 227 23.81 -9.33 -60.21
N VAL F 228 23.16 -10.49 -60.26
CA VAL F 228 21.70 -10.59 -60.17
C VAL F 228 21.32 -10.85 -58.72
N PHE F 229 20.38 -10.07 -58.21
CA PHE F 229 19.95 -10.18 -56.82
C PHE F 229 18.46 -10.46 -56.78
N GLU F 230 18.04 -11.18 -55.75
CA GLU F 230 16.63 -11.44 -55.48
C GLU F 230 16.17 -10.51 -54.37
N ILE F 231 15.23 -9.63 -54.70
CA ILE F 231 14.80 -8.58 -53.77
C ILE F 231 13.64 -9.06 -52.90
N ASP F 232 12.69 -9.79 -53.49
CA ASP F 232 11.53 -10.30 -52.76
C ASP F 232 10.98 -11.47 -53.56
N GLU F 233 9.92 -12.09 -53.03
CA GLU F 233 9.33 -13.25 -53.70
C GLU F 233 8.92 -12.92 -55.13
N HIS F 234 8.53 -11.69 -55.39
CA HIS F 234 8.04 -11.29 -56.70
C HIS F 234 8.98 -10.35 -57.43
N VAL F 235 10.11 -9.98 -56.84
CA VAL F 235 10.97 -8.93 -57.37
C VAL F 235 12.42 -9.43 -57.39
N GLY F 236 13.13 -9.03 -58.44
CA GLY F 236 14.57 -9.22 -58.52
C GLY F 236 15.15 -8.14 -59.40
N MET F 237 16.48 -8.10 -59.46
CA MET F 237 17.11 -7.06 -60.26
C MET F 237 18.48 -7.51 -60.74
N SER F 238 18.96 -6.84 -61.78
CA SER F 238 20.30 -7.05 -62.33
C SER F 238 21.07 -5.74 -62.30
N ILE F 239 22.30 -5.77 -61.82
CA ILE F 239 23.10 -4.57 -61.65
C ILE F 239 24.10 -4.48 -62.79
N SER F 240 24.57 -3.25 -63.04
CA SER F 240 25.64 -3.03 -64.01
C SER F 240 26.43 -1.80 -63.60
N GLY F 241 27.73 -1.96 -63.41
CA GLY F 241 28.57 -0.85 -63.00
C GLY F 241 29.33 -1.12 -61.72
N LEU F 242 29.22 -0.21 -60.75
CA LEU F 242 29.89 -0.37 -59.47
C LEU F 242 29.16 -1.41 -58.64
N VAL F 243 29.86 -2.51 -58.33
CA VAL F 243 29.22 -3.62 -57.62
C VAL F 243 28.86 -3.23 -56.20
N ALA F 244 29.68 -2.41 -55.54
CA ALA F 244 29.37 -1.98 -54.18
C ALA F 244 28.10 -1.15 -54.13
N ASP F 245 27.91 -0.24 -55.08
CA ASP F 245 26.68 0.52 -55.16
C ASP F 245 25.48 -0.39 -55.41
N GLY F 246 25.64 -1.39 -56.27
CA GLY F 246 24.58 -2.36 -56.48
C GLY F 246 24.24 -3.13 -55.21
N ARG F 247 25.25 -3.49 -54.42
CA ARG F 247 24.99 -4.17 -53.16
C ARG F 247 24.25 -3.27 -52.18
N VAL F 248 24.64 -2.01 -52.10
CA VAL F 248 23.94 -1.07 -51.22
C VAL F 248 22.49 -0.92 -51.65
N LEU F 249 22.25 -0.79 -52.95
CA LEU F 249 20.88 -0.65 -53.45
C LEU F 249 20.08 -1.92 -53.21
N ALA F 250 20.71 -3.09 -53.35
CA ALA F 250 20.03 -4.34 -53.06
C ALA F 250 19.64 -4.44 -51.59
N ARG F 251 20.54 -4.03 -50.70
CA ARG F 251 20.22 -4.04 -49.27
C ARG F 251 19.05 -3.11 -48.97
N TYR F 252 19.07 -1.91 -49.55
CA TYR F 252 17.99 -0.97 -49.33
C TYR F 252 16.65 -1.51 -49.85
N LEU F 253 16.66 -2.07 -51.06
CA LEU F 253 15.43 -2.59 -51.64
C LEU F 253 14.90 -3.77 -50.84
N ARG F 254 15.78 -4.66 -50.39
CA ARG F 254 15.34 -5.79 -49.57
C ARG F 254 14.76 -5.31 -48.26
N THR F 255 15.38 -4.31 -47.63
CA THR F 255 14.84 -3.78 -46.38
C THR F 255 13.46 -3.15 -46.60
N GLU F 256 13.30 -2.39 -47.68
CA GLU F 256 12.00 -1.77 -47.96
C GLU F 256 10.93 -2.82 -48.26
N CYS F 257 11.30 -3.87 -49.01
CA CYS F 257 10.35 -4.94 -49.30
C CYS F 257 9.95 -5.67 -48.02
N MET F 258 10.90 -5.93 -47.14
CA MET F 258 10.59 -6.59 -45.87
C MET F 258 9.69 -5.71 -45.02
N ASN F 259 9.94 -4.41 -44.99
CA ASN F 259 9.09 -3.50 -44.24
C ASN F 259 7.67 -3.47 -44.80
N TYR F 260 7.54 -3.43 -46.14
CA TYR F 260 6.22 -3.38 -46.74
C TYR F 260 5.44 -4.68 -46.50
N ARG F 261 6.07 -5.82 -46.76
CA ARG F 261 5.39 -7.09 -46.58
C ARG F 261 5.02 -7.33 -45.12
N TYR F 262 5.72 -6.70 -44.19
CA TYR F 262 5.34 -6.81 -42.78
C TYR F 262 4.09 -6.01 -42.47
N MET F 263 3.96 -4.81 -43.04
CA MET F 263 2.84 -3.94 -42.73
C MET F 263 1.55 -4.40 -43.41
N TYR F 264 1.64 -4.87 -44.65
CA TYR F 264 0.45 -5.16 -45.46
C TYR F 264 0.28 -6.62 -45.81
N SER F 265 1.22 -7.49 -45.43
CA SER F 265 1.15 -8.91 -45.71
C SER F 265 1.06 -9.20 -47.21
N ASN F 266 1.72 -8.36 -48.00
CA ASN F 266 1.72 -8.53 -49.45
C ASN F 266 2.96 -7.85 -50.02
N GLY F 267 3.30 -8.21 -51.25
CA GLY F 267 4.46 -7.65 -51.89
C GLY F 267 4.25 -6.21 -52.32
N MET F 268 5.34 -5.45 -52.34
CA MET F 268 5.28 -4.06 -52.74
C MET F 268 4.95 -3.96 -54.23
N PRO F 269 4.05 -3.07 -54.62
CA PRO F 269 3.79 -2.85 -56.04
C PRO F 269 5.01 -2.29 -56.74
N MET F 270 5.14 -2.61 -58.03
CA MET F 270 6.36 -2.29 -58.76
C MET F 270 6.49 -0.80 -59.03
N ASN F 271 5.37 -0.10 -59.27
CA ASN F 271 5.43 1.34 -59.49
C ASN F 271 5.93 2.08 -58.26
N GLN F 272 5.40 1.71 -57.09
CA GLN F 272 5.87 2.31 -55.84
C GLN F 272 7.34 2.01 -55.62
N MET F 273 7.77 0.79 -55.93
CA MET F 273 9.17 0.42 -55.79
C MET F 273 10.06 1.27 -56.69
N ALA F 274 9.65 1.46 -57.95
CA ALA F 274 10.43 2.27 -58.87
C ALA F 274 10.51 3.71 -58.38
N ASP F 275 9.40 4.24 -57.87
CA ASP F 275 9.44 5.58 -57.30
C ASP F 275 10.40 5.67 -56.12
N MET F 276 10.43 4.64 -55.28
CA MET F 276 11.34 4.64 -54.14
C MET F 276 12.80 4.59 -54.58
N ILE F 277 13.11 3.76 -55.58
CA ILE F 277 14.49 3.73 -56.10
C ILE F 277 14.87 5.07 -56.70
N GLY F 278 13.95 5.70 -57.44
CA GLY F 278 14.24 7.00 -58.00
C GLY F 278 14.50 8.06 -56.92
N GLU F 279 13.68 8.05 -55.87
CA GLU F 279 13.88 8.99 -54.77
C GLU F 279 15.21 8.74 -54.07
N LYS F 280 15.56 7.47 -53.87
CA LYS F 280 16.84 7.12 -53.25
C LYS F 280 18.01 7.61 -54.09
N HIS F 281 17.92 7.43 -55.42
CA HIS F 281 18.96 7.94 -56.30
C HIS F 281 19.06 9.46 -56.23
N GLN F 282 17.91 10.13 -56.22
CA GLN F 282 17.90 11.59 -56.19
C GLN F 282 18.44 12.13 -54.87
N ARG F 283 18.32 11.36 -53.80
CA ARG F 283 18.83 11.81 -52.51
C ARG F 283 20.34 12.01 -52.49
N HIS F 284 21.06 11.44 -53.46
CA HIS F 284 22.52 11.47 -53.46
C HIS F 284 23.10 12.32 -54.58
N ILE F 285 22.31 13.19 -55.20
CA ILE F 285 22.78 13.95 -56.35
C ILE F 285 22.65 15.45 -56.09
N GLN F 286 22.31 15.83 -54.87
CA GLN F 286 22.12 17.23 -54.55
C GLN F 286 22.85 17.71 -53.29
N CYS F 287 23.39 16.80 -52.49
CA CYS F 287 24.15 17.18 -51.30
C CYS F 287 25.64 17.19 -51.61
N SER F 288 26.35 18.15 -51.02
CA SER F 288 27.77 18.31 -51.29
C SER F 288 28.56 17.09 -50.84
N GLY F 289 28.21 16.52 -49.68
CA GLY F 289 28.93 15.39 -49.15
C GLY F 289 28.39 14.05 -49.63
N LYS F 290 27.91 14.00 -50.87
CA LYS F 290 27.35 12.78 -51.44
C LYS F 290 27.82 12.65 -52.88
N ARG F 291 27.72 11.43 -53.40
CA ARG F 291 28.09 11.14 -54.78
C ARG F 291 27.03 10.23 -55.37
N PRO F 292 26.81 10.26 -56.68
CA PRO F 292 25.77 9.43 -57.27
C PRO F 292 26.19 7.97 -57.29
N PHE F 293 25.19 7.09 -57.32
CA PHE F 293 25.45 5.66 -57.42
C PHE F 293 25.96 5.34 -58.82
N GLY F 294 27.17 4.81 -58.91
CA GLY F 294 27.76 4.49 -60.19
C GLY F 294 27.29 3.15 -60.72
N VAL F 295 26.00 2.88 -60.61
CA VAL F 295 25.44 1.59 -61.02
C VAL F 295 24.07 1.83 -61.64
N GLY F 296 23.74 1.02 -62.63
CA GLY F 296 22.41 1.00 -63.23
C GLY F 296 21.74 -0.31 -62.88
N LEU F 297 20.41 -0.28 -62.83
CA LEU F 297 19.63 -1.43 -62.39
C LEU F 297 18.57 -1.78 -63.42
N LEU F 298 18.30 -3.07 -63.55
CA LEU F 298 17.14 -3.58 -64.28
C LEU F 298 16.27 -4.34 -63.29
N LEU F 299 15.08 -3.81 -63.03
CA LEU F 299 14.16 -4.38 -62.06
C LEU F 299 13.11 -5.24 -62.76
N ALA F 300 13.04 -6.51 -62.39
CA ALA F 300 12.06 -7.44 -62.95
C ALA F 300 11.13 -7.90 -61.84
N GLY F 301 9.83 -7.65 -62.01
CA GLY F 301 8.88 -7.96 -60.96
C GLY F 301 7.51 -8.30 -61.51
N TYR F 302 6.62 -8.65 -60.60
CA TYR F 302 5.24 -8.98 -60.95
C TYR F 302 4.34 -8.63 -59.77
N ASP F 303 3.16 -8.08 -60.08
CA ASP F 303 2.19 -7.71 -59.06
C ASP F 303 0.80 -7.87 -59.66
N ARG F 304 -0.20 -7.26 -59.02
CA ARG F 304 -1.56 -7.33 -59.53
C ARG F 304 -1.68 -6.70 -60.92
N GLN F 305 -0.81 -5.73 -61.23
CA GLN F 305 -0.87 -5.03 -62.51
C GLN F 305 -0.13 -5.77 -63.62
N GLY F 306 0.48 -6.92 -63.32
CA GLY F 306 1.14 -7.70 -64.32
C GLY F 306 2.65 -7.54 -64.30
N PRO F 307 3.32 -8.00 -65.35
CA PRO F 307 4.79 -7.92 -65.39
C PRO F 307 5.27 -6.48 -65.50
N HIS F 308 6.45 -6.23 -64.93
CA HIS F 308 7.05 -4.92 -64.95
C HIS F 308 8.55 -5.05 -65.20
N LEU F 309 9.10 -4.08 -65.92
CA LEU F 309 10.54 -4.05 -66.23
C LEU F 309 11.00 -2.59 -66.18
N TYR F 310 11.84 -2.26 -65.21
CA TYR F 310 12.31 -0.90 -65.01
C TYR F 310 13.81 -0.83 -65.19
N GLN F 311 14.28 0.37 -65.55
CA GLN F 311 15.71 0.66 -65.63
C GLN F 311 15.96 1.97 -64.91
N THR F 312 16.94 1.97 -64.00
CA THR F 312 17.30 3.16 -63.24
C THR F 312 18.70 3.59 -63.62
N VAL F 313 18.96 4.89 -63.53
CA VAL F 313 20.23 5.48 -63.92
C VAL F 313 20.71 6.33 -62.75
N PRO F 314 22.02 6.64 -62.71
CA PRO F 314 22.53 7.44 -61.60
C PRO F 314 21.85 8.79 -61.44
N SER F 315 21.34 9.38 -62.52
CA SER F 315 20.64 10.65 -62.41
C SER F 315 19.37 10.55 -61.57
N GLY F 316 18.80 9.36 -61.46
CA GLY F 316 17.56 9.16 -60.74
C GLY F 316 16.36 8.87 -61.61
N ASP F 317 16.52 8.92 -62.94
CA ASP F 317 15.42 8.61 -63.83
C ASP F 317 15.14 7.11 -63.84
N VAL F 318 13.86 6.76 -63.82
CA VAL F 318 13.41 5.38 -63.88
C VAL F 318 12.55 5.24 -65.14
N TYR F 319 12.92 4.29 -65.99
CA TYR F 319 12.25 4.09 -67.27
C TYR F 319 11.46 2.79 -67.22
N ASP F 320 10.18 2.87 -67.58
CA ASP F 320 9.35 1.67 -67.72
C ASP F 320 9.54 1.14 -69.14
N TYR F 321 10.06 -0.08 -69.25
CA TYR F 321 10.51 -0.62 -70.52
C TYR F 321 9.75 -1.90 -70.87
N LYS F 322 9.43 -2.03 -72.17
CA LYS F 322 9.02 -3.32 -72.70
C LYS F 322 10.21 -4.27 -72.83
N ALA F 323 11.35 -3.73 -73.27
CA ALA F 323 12.59 -4.47 -73.37
C ALA F 323 13.73 -3.47 -73.47
N THR F 324 14.86 -3.78 -72.85
CA THR F 324 15.97 -2.84 -72.81
C THR F 324 17.26 -3.60 -72.52
N ALA F 325 18.37 -2.88 -72.58
CA ALA F 325 19.69 -3.44 -72.29
C ALA F 325 20.58 -2.33 -71.77
N MET F 326 21.63 -2.73 -71.06
CA MET F 326 22.58 -1.76 -70.54
C MET F 326 23.92 -2.45 -70.29
N GLY F 327 24.99 -1.66 -70.37
CA GLY F 327 26.34 -2.16 -70.20
C GLY F 327 27.19 -1.89 -71.41
N VAL F 328 28.33 -2.58 -71.47
CA VAL F 328 29.27 -2.38 -72.56
C VAL F 328 28.74 -3.03 -73.82
N ARG F 329 28.80 -2.30 -74.94
CA ARG F 329 28.36 -2.79 -76.25
C ARG F 329 26.91 -3.27 -76.21
N SER F 330 26.07 -2.58 -75.44
CA SER F 330 24.67 -2.91 -75.33
C SER F 330 23.82 -2.24 -76.41
N GLN F 331 24.40 -1.36 -77.22
CA GLN F 331 23.67 -0.78 -78.33
C GLN F 331 23.25 -1.85 -79.33
N ALA F 332 24.11 -2.86 -79.53
CA ALA F 332 23.73 -3.97 -80.41
C ALA F 332 22.55 -4.74 -79.84
N SER F 333 22.56 -5.00 -78.53
CA SER F 333 21.42 -5.66 -77.90
C SER F 333 20.14 -4.84 -78.05
N ARG F 334 20.25 -3.52 -77.85
CA ARG F 334 19.08 -2.67 -77.97
C ARG F 334 18.54 -2.64 -79.40
N THR F 335 19.44 -2.57 -80.40
CA THR F 335 18.98 -2.49 -81.78
C THR F 335 18.44 -3.83 -82.25
N TYR F 336 18.90 -4.93 -81.65
CA TYR F 336 18.29 -6.22 -81.93
C TYR F 336 16.90 -6.30 -81.30
N LEU F 337 16.77 -5.88 -80.04
CA LEU F 337 15.48 -5.93 -79.37
C LEU F 337 14.45 -5.02 -80.02
N GLU F 338 14.90 -3.93 -80.65
CA GLU F 338 14.00 -3.03 -81.34
C GLU F 338 13.37 -3.64 -82.59
N ARG F 339 13.64 -4.91 -82.89
CA ARG F 339 13.03 -5.60 -84.02
C ARG F 339 12.04 -6.67 -83.61
N HIS F 340 12.11 -7.16 -82.37
CA HIS F 340 11.25 -8.25 -81.90
C HIS F 340 10.45 -7.88 -80.67
N PHE F 341 10.55 -6.64 -80.18
CA PHE F 341 9.91 -6.28 -78.92
C PHE F 341 8.40 -6.20 -79.03
N GLU F 342 7.86 -5.73 -80.16
CA GLU F 342 6.42 -5.60 -80.31
C GLU F 342 5.70 -6.94 -80.31
N HIS F 343 6.42 -8.04 -80.49
CA HIS F 343 5.84 -9.38 -80.42
C HIS F 343 6.02 -10.02 -79.05
N PHE F 344 6.71 -9.37 -78.13
CA PHE F 344 6.96 -9.97 -76.82
C PHE F 344 5.69 -10.24 -76.04
N SER F 345 4.60 -9.52 -76.34
CA SER F 345 3.33 -9.76 -75.68
C SER F 345 2.71 -11.08 -76.08
N ASP F 346 3.21 -11.74 -77.12
CA ASP F 346 2.67 -13.02 -77.57
C ASP F 346 3.63 -14.19 -77.45
N CYS F 347 4.94 -13.92 -77.32
CA CYS F 347 5.90 -15.00 -77.19
C CYS F 347 5.75 -15.68 -75.83
N THR F 348 5.94 -17.00 -75.81
CA THR F 348 5.88 -17.75 -74.57
C THR F 348 7.16 -17.55 -73.76
N LEU F 349 7.22 -18.23 -72.61
CA LEU F 349 8.37 -18.08 -71.72
C LEU F 349 9.66 -18.53 -72.40
N ASP F 350 9.63 -19.67 -73.09
CA ASP F 350 10.83 -20.15 -73.76
C ASP F 350 11.25 -19.21 -74.88
N GLU F 351 10.29 -18.70 -75.65
CA GLU F 351 10.62 -17.72 -76.68
C GLU F 351 11.17 -16.43 -76.09
N LEU F 352 10.65 -16.01 -74.94
CA LEU F 352 11.19 -14.83 -74.27
C LEU F 352 12.63 -15.06 -73.83
N VAL F 353 12.92 -16.25 -73.29
CA VAL F 353 14.28 -16.57 -72.89
C VAL F 353 15.21 -16.58 -74.09
N THR F 354 14.75 -17.15 -75.21
CA THR F 354 15.58 -17.17 -76.41
C THR F 354 15.84 -15.76 -76.94
N HIS F 355 14.82 -14.89 -76.90
CA HIS F 355 15.02 -13.52 -77.33
C HIS F 355 16.02 -12.78 -76.44
N ALA F 356 15.90 -12.96 -75.12
CA ALA F 356 16.84 -12.33 -74.20
C ALA F 356 18.25 -12.87 -74.42
N LEU F 357 18.38 -14.18 -74.67
CA LEU F 357 19.70 -14.76 -74.91
C LEU F 357 20.30 -14.23 -76.20
N LYS F 358 19.49 -14.08 -77.25
CA LYS F 358 20.00 -13.52 -78.50
C LYS F 358 20.44 -12.08 -78.31
N ALA F 359 19.66 -11.29 -77.55
CA ALA F 359 20.06 -9.92 -77.28
C ALA F 359 21.37 -9.87 -76.50
N LEU F 360 21.53 -10.74 -75.50
CA LEU F 360 22.76 -10.79 -74.73
C LEU F 360 23.95 -11.20 -75.60
N ALA F 361 23.74 -12.19 -76.48
CA ALA F 361 24.79 -12.62 -77.39
C ALA F 361 25.19 -11.54 -78.38
N SER F 362 24.26 -10.67 -78.76
CA SER F 362 24.59 -9.55 -79.62
C SER F 362 25.56 -8.56 -78.96
N ALA F 363 25.73 -8.62 -77.64
CA ALA F 363 26.61 -7.72 -76.93
C ALA F 363 27.96 -8.34 -76.58
N THR F 364 28.16 -9.62 -76.84
CA THR F 364 29.45 -10.25 -76.53
C THR F 364 30.48 -9.89 -77.60
N SER F 365 31.73 -10.23 -77.31
CA SER F 365 32.82 -9.95 -78.23
C SER F 365 32.78 -10.90 -79.42
N GLU F 366 33.75 -10.74 -80.32
CA GLU F 366 33.75 -11.51 -81.57
C GLU F 366 33.94 -13.00 -81.31
N GLY F 367 34.93 -13.35 -80.49
CA GLY F 367 35.32 -14.73 -80.34
C GLY F 367 34.69 -15.45 -79.16
N ILE F 368 33.65 -14.88 -78.58
CA ILE F 368 32.96 -15.48 -77.43
C ILE F 368 31.52 -15.75 -77.81
N GLU F 369 31.08 -16.99 -77.61
CA GLU F 369 29.71 -17.41 -77.81
C GLU F 369 29.08 -17.71 -76.45
N LEU F 370 27.78 -17.44 -76.34
CA LEU F 370 27.08 -17.64 -75.08
C LEU F 370 27.05 -19.12 -74.70
N ASN F 371 27.33 -19.38 -73.43
CA ASN F 371 27.27 -20.71 -72.87
C ASN F 371 27.01 -20.58 -71.37
N VAL F 372 26.80 -21.71 -70.71
CA VAL F 372 26.35 -21.68 -69.32
C VAL F 372 27.41 -21.09 -68.39
N LYS F 373 28.70 -21.20 -68.74
CA LYS F 373 29.75 -20.75 -67.84
C LYS F 373 29.74 -19.24 -67.64
N ASN F 374 29.22 -18.48 -68.61
CA ASN F 374 29.29 -17.03 -68.58
C ASN F 374 27.95 -16.38 -68.91
N THR F 375 26.88 -16.87 -68.28
CA THR F 375 25.57 -16.26 -68.48
C THR F 375 24.63 -16.69 -67.35
N THR F 376 23.92 -15.73 -66.78
CA THR F 376 22.92 -15.97 -65.74
C THR F 376 21.54 -15.57 -66.26
N ILE F 377 20.53 -16.38 -65.94
CA ILE F 377 19.18 -16.14 -66.45
C ILE F 377 18.22 -16.04 -65.28
N ALA F 378 17.58 -14.88 -65.13
CA ALA F 378 16.61 -14.64 -64.07
C ALA F 378 15.21 -14.57 -64.66
N ILE F 379 14.24 -15.17 -63.98
CA ILE F 379 12.88 -15.25 -64.49
C ILE F 379 11.91 -14.91 -63.36
N VAL F 380 10.93 -14.06 -63.66
CA VAL F 380 9.85 -13.77 -62.72
C VAL F 380 8.53 -13.82 -63.48
N GLY F 381 7.48 -14.32 -62.83
CA GLY F 381 6.21 -14.47 -63.51
C GLY F 381 4.98 -14.36 -62.61
N LYS F 382 3.83 -14.80 -63.12
CA LYS F 382 2.58 -14.68 -62.36
C LYS F 382 2.51 -15.71 -61.26
N ASP F 383 2.84 -16.97 -61.56
CA ASP F 383 2.97 -18.02 -60.57
C ASP F 383 4.42 -18.43 -60.35
N THR F 384 5.36 -17.64 -60.86
CA THR F 384 6.78 -17.94 -60.77
C THR F 384 7.47 -16.90 -59.90
N PRO F 385 7.88 -17.25 -58.69
CA PRO F 385 8.72 -16.34 -57.91
C PRO F 385 10.05 -16.10 -58.59
N PHE F 386 10.63 -14.94 -58.33
CA PHE F 386 11.89 -14.56 -58.98
C PHE F 386 12.95 -15.61 -58.75
N THR F 387 13.34 -16.31 -59.82
CA THR F 387 14.24 -17.44 -59.74
C THR F 387 15.47 -17.15 -60.59
N ILE F 388 16.65 -17.42 -60.02
CA ILE F 388 17.93 -17.25 -60.70
C ILE F 388 18.37 -18.60 -61.24
N PHE F 389 18.98 -18.58 -62.43
CA PHE F 389 19.38 -19.79 -63.14
C PHE F 389 20.85 -19.64 -63.50
N GLU F 390 21.65 -20.60 -63.02
CA GLU F 390 23.09 -20.56 -63.14
C GLU F 390 23.57 -21.96 -63.54
N GLU F 391 24.86 -22.22 -63.35
CA GLU F 391 25.57 -23.35 -63.96
C GLU F 391 24.75 -24.61 -64.12
N GLU F 392 24.16 -25.10 -63.02
CA GLU F 392 23.44 -26.37 -63.09
C GLU F 392 22.06 -26.20 -63.72
N SER F 393 21.30 -25.21 -63.28
CA SER F 393 19.92 -25.04 -63.72
C SER F 393 19.78 -24.38 -65.08
N ALA F 394 20.86 -23.82 -65.63
CA ALA F 394 20.79 -23.14 -66.91
C ALA F 394 20.99 -24.06 -68.10
N ARG F 395 21.19 -25.36 -67.86
CA ARG F 395 21.36 -26.31 -68.96
C ARG F 395 20.18 -26.33 -69.92
N LYS F 396 18.96 -26.11 -69.41
CA LYS F 396 17.77 -26.23 -70.24
C LYS F 396 17.65 -25.11 -71.27
N TYR F 397 18.27 -23.96 -71.01
CA TYR F 397 18.12 -22.80 -71.89
C TYR F 397 19.35 -22.48 -72.72
N LEU F 398 20.53 -22.92 -72.31
CA LEU F 398 21.76 -22.52 -72.97
C LEU F 398 22.50 -23.65 -73.66
N ASP F 399 22.27 -24.91 -73.27
CA ASP F 399 22.96 -26.02 -73.92
C ASP F 399 22.61 -26.09 -75.40
N GLY F 400 21.32 -25.98 -75.73
CA GLY F 400 20.93 -25.82 -77.11
C GLY F 400 20.65 -24.36 -77.43
N PHE F 401 21.63 -23.66 -77.99
CA PHE F 401 21.50 -22.26 -78.34
C PHE F 401 22.67 -21.82 -79.21
N LYS F 402 22.37 -21.18 -80.34
CA LYS F 402 23.42 -20.67 -81.21
C LYS F 402 22.84 -19.53 -82.03
N MET F 403 23.66 -18.50 -82.27
CA MET F 403 23.22 -17.32 -83.01
C MET F 403 23.26 -17.61 -84.50
N ARG F 404 22.08 -17.61 -85.14
CA ARG F 404 21.97 -17.84 -86.56
C ARG F 404 21.73 -16.51 -87.26
N PRO F 405 22.72 -15.96 -87.99
CA PRO F 405 22.56 -14.67 -88.67
C PRO F 405 21.67 -14.77 -89.90
N SER G 6 35.61 32.54 -63.37
CA SER G 6 36.40 32.41 -62.15
C SER G 6 35.65 31.61 -61.10
N GLY G 7 35.88 31.94 -59.83
CA GLY G 7 35.22 31.29 -58.72
C GLY G 7 33.93 31.94 -58.27
N HIS G 8 33.38 32.88 -59.03
CA HIS G 8 32.16 33.58 -58.67
C HIS G 8 30.90 32.85 -59.12
N ASP G 9 31.04 31.69 -59.77
CA ASP G 9 29.89 30.96 -60.30
C ASP G 9 29.94 29.48 -59.94
N GLN G 10 30.70 29.12 -58.90
CA GLN G 10 30.85 27.74 -58.51
C GLN G 10 29.86 27.30 -57.44
N SER G 11 29.29 28.23 -56.68
CA SER G 11 28.35 27.89 -55.63
C SER G 11 27.27 28.96 -55.55
N THR G 12 26.13 28.58 -54.96
CA THR G 12 24.98 29.48 -54.88
C THR G 12 25.13 30.54 -53.81
N ASP G 13 25.99 30.32 -52.82
CA ASP G 13 26.14 31.26 -51.72
C ASP G 13 26.99 32.48 -52.08
N VAL G 14 27.29 32.67 -53.36
CA VAL G 14 28.18 33.74 -53.80
C VAL G 14 27.40 34.64 -54.75
N PHE G 15 27.40 35.94 -54.46
CA PHE G 15 26.89 36.93 -55.40
C PHE G 15 27.97 37.34 -56.38
N SER G 16 27.54 37.66 -57.61
CA SER G 16 28.46 38.21 -58.59
C SER G 16 28.65 39.70 -58.35
N ALA G 17 29.60 40.28 -59.09
CA ALA G 17 29.87 41.71 -58.96
C ALA G 17 28.67 42.57 -59.32
N GLU G 18 27.76 42.05 -60.14
CA GLU G 18 26.56 42.76 -60.54
C GLU G 18 25.31 42.27 -59.79
N GLY G 19 25.51 41.53 -58.70
CA GLY G 19 24.38 41.12 -57.88
C GLY G 19 23.60 39.92 -58.39
N ARG G 20 24.26 39.00 -59.07
CA ARG G 20 23.61 37.84 -59.65
C ARG G 20 24.11 36.56 -59.00
N VAL G 21 23.27 35.53 -59.03
CA VAL G 21 23.63 34.18 -58.58
C VAL G 21 23.69 33.32 -59.83
N PHE G 22 24.90 33.01 -60.29
CA PHE G 22 25.07 32.39 -61.59
C PHE G 22 24.65 30.92 -61.60
N GLN G 23 24.77 30.23 -60.46
CA GLN G 23 24.36 28.83 -60.42
C GLN G 23 22.87 28.68 -60.65
N VAL G 24 22.08 29.59 -60.09
CA VAL G 24 20.63 29.58 -60.33
C VAL G 24 20.35 29.82 -61.81
N GLU G 25 21.09 30.74 -62.44
CA GLU G 25 20.91 30.98 -63.86
C GLU G 25 21.28 29.75 -64.69
N TYR G 26 22.31 29.01 -64.28
CA TYR G 26 22.68 27.79 -64.98
C TYR G 26 21.59 26.73 -64.84
N ALA G 27 21.00 26.63 -63.65
CA ALA G 27 19.87 25.72 -63.46
C ALA G 27 18.69 26.12 -64.34
N GLY G 28 18.42 27.42 -64.43
CA GLY G 28 17.36 27.89 -65.32
C GLY G 28 17.67 27.60 -66.78
N LYS G 29 18.94 27.68 -67.16
CA LYS G 29 19.35 27.30 -68.51
C LYS G 29 19.10 25.83 -68.76
N ALA G 30 19.40 24.99 -67.76
CA ALA G 30 19.07 23.56 -67.86
C ALA G 30 17.57 23.36 -68.03
N VAL G 31 16.76 24.15 -67.34
CA VAL G 31 15.32 24.09 -67.51
C VAL G 31 14.93 24.47 -68.94
N ASP G 32 15.57 25.51 -69.49
CA ASP G 32 15.24 26.01 -70.82
C ASP G 32 15.59 25.04 -71.93
N ASN G 33 16.39 24.01 -71.65
CA ASN G 33 16.73 23.01 -72.63
C ASN G 33 15.84 21.77 -72.55
N SER G 34 14.82 21.81 -71.69
CA SER G 34 13.93 20.69 -71.48
C SER G 34 12.72 20.76 -72.40
N SER G 35 11.92 19.70 -72.38
CA SER G 35 10.76 19.59 -73.25
C SER G 35 9.71 20.63 -72.89
N THR G 36 8.96 21.06 -73.89
CA THR G 36 7.99 22.15 -73.74
C THR G 36 6.78 21.70 -72.93
N ALA G 37 6.29 22.60 -72.08
CA ALA G 37 5.06 22.40 -71.34
C ALA G 37 4.24 23.68 -71.40
N VAL G 38 2.91 23.52 -71.41
CA VAL G 38 1.98 24.64 -71.46
C VAL G 38 0.90 24.41 -70.41
N ALA G 39 0.28 25.51 -69.98
CA ALA G 39 -0.78 25.42 -68.99
C ALA G 39 -1.71 26.61 -69.17
N ALA G 40 -2.98 26.41 -68.85
CA ALA G 40 -4.02 27.42 -69.02
C ALA G 40 -5.01 27.34 -67.88
N CYS G 41 -5.38 28.51 -67.34
CA CYS G 41 -6.43 28.62 -66.34
C CYS G 41 -7.69 29.11 -67.04
N CYS G 42 -8.75 28.30 -67.03
CA CYS G 42 -9.90 28.50 -67.90
C CYS G 42 -11.12 29.02 -67.14
N LYS G 43 -10.93 29.62 -65.97
CA LYS G 43 -11.98 30.27 -65.19
C LYS G 43 -12.94 29.23 -64.62
N ASP G 44 -12.76 27.96 -65.01
CA ASP G 44 -13.52 26.87 -64.42
C ASP G 44 -12.62 25.68 -64.11
N GLY G 45 -11.32 25.85 -64.22
CA GLY G 45 -10.37 24.77 -64.01
C GLY G 45 -9.05 25.10 -64.68
N VAL G 46 -8.08 24.22 -64.46
CA VAL G 46 -6.73 24.39 -64.99
C VAL G 46 -6.38 23.16 -65.83
N VAL G 47 -5.80 23.39 -67.00
CA VAL G 47 -5.38 22.34 -67.91
C VAL G 47 -3.89 22.49 -68.17
N VAL G 48 -3.13 21.42 -67.95
CA VAL G 48 -1.69 21.41 -68.19
C VAL G 48 -1.38 20.32 -69.21
N ALA G 49 -0.43 20.60 -70.11
CA ALA G 49 -0.06 19.66 -71.15
C ALA G 49 1.46 19.71 -71.32
N VAL G 50 2.10 18.55 -71.29
CA VAL G 50 3.54 18.47 -71.44
C VAL G 50 3.86 17.53 -72.59
N GLU G 51 5.01 17.73 -73.20
CA GLU G 51 5.53 16.81 -74.21
C GLU G 51 6.66 15.99 -73.58
N LYS G 52 6.61 14.68 -73.80
CA LYS G 52 7.64 13.77 -73.31
C LYS G 52 8.40 13.24 -74.52
N VAL G 53 9.71 13.47 -74.52
CA VAL G 53 10.58 12.98 -75.58
C VAL G 53 11.18 11.67 -75.11
N HIS G 54 11.09 10.64 -75.96
CA HIS G 54 11.62 9.33 -75.62
C HIS G 54 12.87 9.04 -76.44
N THR G 55 13.90 8.56 -75.76
CA THR G 55 15.13 8.14 -76.42
C THR G 55 15.09 6.68 -76.84
N SER G 56 14.00 5.97 -76.58
CA SER G 56 13.84 4.58 -76.97
C SER G 56 12.41 4.36 -77.42
N ARG G 57 12.25 3.47 -78.40
CA ARG G 57 10.94 3.09 -78.89
C ARG G 57 10.35 1.91 -78.13
N MET G 58 11.11 1.33 -77.20
CA MET G 58 10.66 0.17 -76.43
C MET G 58 10.15 0.55 -75.04
N LEU G 59 9.95 1.84 -74.79
CA LEU G 59 9.44 2.28 -73.51
C LEU G 59 7.97 1.93 -73.34
N GLU G 60 7.63 1.47 -72.14
CA GLU G 60 6.23 1.19 -71.82
C GLU G 60 5.45 2.51 -71.76
N LYS G 61 4.18 2.44 -72.15
CA LYS G 61 3.35 3.63 -72.17
C LYS G 61 3.17 4.18 -70.76
N GLY G 62 3.32 5.49 -70.62
CA GLY G 62 3.27 6.14 -69.32
C GLY G 62 4.62 6.29 -68.64
N SER G 63 5.70 5.84 -69.26
CA SER G 63 7.02 5.97 -68.66
C SER G 63 7.43 7.43 -68.56
N ASN G 64 8.17 7.72 -67.49
CA ASN G 64 8.69 9.08 -67.25
C ASN G 64 7.56 10.09 -67.14
N ASN G 65 6.56 9.79 -66.32
CA ASN G 65 5.47 10.72 -66.07
C ASN G 65 6.03 12.01 -65.51
N ARG G 66 5.61 13.14 -66.08
CA ARG G 66 6.03 14.45 -65.61
C ARG G 66 4.93 15.19 -64.87
N ILE G 67 3.69 14.69 -64.91
CA ILE G 67 2.57 15.28 -64.19
C ILE G 67 2.20 14.35 -63.05
N HIS G 68 2.17 14.88 -61.84
CA HIS G 68 1.89 14.07 -60.65
C HIS G 68 0.90 14.78 -59.76
N ALA G 69 -0.07 14.02 -59.25
CA ALA G 69 -1.03 14.58 -58.31
C ALA G 69 -0.38 14.82 -56.96
N VAL G 70 -0.53 16.03 -56.45
CA VAL G 70 -0.01 16.39 -55.12
C VAL G 70 -1.08 16.22 -54.05
N ASP G 71 -2.28 16.71 -54.33
CA ASP G 71 -3.43 16.48 -53.47
C ASP G 71 -4.59 16.02 -54.35
N ARG G 72 -5.80 15.95 -53.79
CA ARG G 72 -6.95 15.58 -54.59
C ARG G 72 -7.20 16.62 -55.68
N GLN G 73 -7.04 17.90 -55.34
CA GLN G 73 -7.34 19.00 -56.24
C GLN G 73 -6.11 19.67 -56.82
N ALA G 74 -4.91 19.24 -56.44
CA ALA G 74 -3.68 19.89 -56.84
C ALA G 74 -2.76 18.91 -57.55
N GLY G 75 -2.02 19.42 -58.53
CA GLY G 75 -1.05 18.62 -59.26
C GLY G 75 0.10 19.49 -59.71
N ILE G 76 1.21 18.84 -60.05
CA ILE G 76 2.42 19.53 -60.46
C ILE G 76 2.96 18.88 -61.73
N CYS G 77 3.27 19.72 -62.71
CA CYS G 77 3.99 19.32 -63.92
C CYS G 77 5.44 19.78 -63.81
N ILE G 78 6.35 18.93 -64.27
CA ILE G 78 7.79 19.18 -64.14
C ILE G 78 8.33 19.54 -65.51
N CYS G 79 9.08 20.64 -65.58
CA CYS G 79 9.77 21.05 -66.80
C CYS G 79 11.26 21.14 -66.47
N GLY G 80 12.01 20.10 -66.82
CA GLY G 80 13.43 20.06 -66.49
C GLY G 80 13.90 18.71 -66.00
N LEU G 81 14.85 18.71 -65.06
CA LEU G 81 15.37 17.47 -64.51
C LEU G 81 14.27 16.74 -63.75
N LEU G 82 13.89 15.57 -64.25
CA LEU G 82 12.77 14.81 -63.71
C LEU G 82 12.96 14.38 -62.25
N PRO G 83 14.13 13.84 -61.86
CA PRO G 83 14.31 13.48 -60.43
C PRO G 83 14.17 14.66 -59.48
N ASP G 84 14.69 15.83 -59.87
CA ASP G 84 14.49 17.03 -59.05
C ASP G 84 13.01 17.37 -58.95
N GLY G 85 12.29 17.23 -60.06
CA GLY G 85 10.85 17.43 -60.02
C GLY G 85 10.15 16.44 -59.10
N ARG G 86 10.63 15.20 -59.07
CA ARG G 86 10.06 14.22 -58.16
C ARG G 86 10.29 14.60 -56.71
N ALA G 87 11.49 15.11 -56.40
CA ALA G 87 11.75 15.59 -55.05
C ALA G 87 10.82 16.76 -54.69
N ILE G 88 10.63 17.69 -55.64
CA ILE G 88 9.74 18.83 -55.39
C ILE G 88 8.31 18.35 -55.21
N VAL G 89 7.90 17.34 -55.99
CA VAL G 89 6.56 16.78 -55.86
C VAL G 89 6.38 16.13 -54.50
N SER G 90 7.40 15.41 -54.02
CA SER G 90 7.33 14.82 -52.69
C SER G 90 7.19 15.90 -51.62
N ARG G 91 7.95 16.99 -51.75
CA ARG G 91 7.81 18.09 -50.80
C ARG G 91 6.42 18.70 -50.85
N ALA G 92 5.87 18.88 -52.05
CA ALA G 92 4.53 19.45 -52.19
C ALA G 92 3.48 18.52 -51.60
N ARG G 93 3.64 17.21 -51.79
CA ARG G 93 2.72 16.26 -51.18
C ARG G 93 2.80 16.30 -49.66
N GLN G 94 4.00 16.46 -49.13
CA GLN G 94 4.15 16.63 -47.69
C GLN G 94 3.45 17.90 -47.21
N GLU G 95 3.57 18.99 -47.97
CA GLU G 95 2.91 20.24 -47.60
C GLU G 95 1.39 20.09 -47.66
N ALA G 96 0.87 19.40 -48.66
CA ALA G 96 -0.57 19.26 -48.82
C ALA G 96 -1.18 18.41 -47.72
N GLU G 97 -0.52 17.31 -47.34
CA GLU G 97 -1.05 16.46 -46.28
C GLU G 97 -0.88 17.06 -44.89
N ASN G 98 0.10 17.95 -44.71
CA ASN G 98 0.23 18.66 -43.45
C ASN G 98 -0.99 19.55 -43.21
N SER G 99 -1.47 20.23 -44.25
CA SER G 99 -2.66 21.06 -44.13
C SER G 99 -3.89 20.20 -43.81
N ARG G 100 -4.01 19.04 -44.44
CA ARG G 100 -5.16 18.18 -44.23
C ARG G 100 -5.11 17.47 -42.88
N ASP G 101 -3.96 17.43 -42.23
CA ASP G 101 -3.80 16.76 -40.94
C ASP G 101 -3.70 17.72 -39.77
N ILE G 102 -3.09 18.88 -39.95
CA ILE G 102 -2.95 19.84 -38.87
C ILE G 102 -4.09 20.85 -38.87
N PHE G 103 -4.57 21.24 -40.04
CA PHE G 103 -5.61 22.27 -40.15
C PHE G 103 -6.91 21.74 -40.71
N ALA G 104 -6.99 20.46 -41.08
CA ALA G 104 -8.23 19.81 -41.51
C ALA G 104 -8.89 20.58 -42.66
N THR G 105 -8.07 20.98 -43.63
CA THR G 105 -8.57 21.70 -44.79
C THR G 105 -7.64 21.45 -45.97
N PRO G 106 -8.18 21.34 -47.18
CA PRO G 106 -7.32 21.26 -48.36
C PRO G 106 -6.46 22.51 -48.49
N ILE G 107 -5.23 22.32 -48.97
CA ILE G 107 -4.31 23.43 -49.09
C ILE G 107 -4.70 24.31 -50.27
N ARG G 108 -4.73 25.62 -50.04
CA ARG G 108 -5.06 26.56 -51.10
C ARG G 108 -3.95 26.57 -52.14
N GLY G 109 -4.33 26.84 -53.40
CA GLY G 109 -3.36 26.82 -54.48
C GLY G 109 -2.24 27.81 -54.28
N SER G 110 -2.58 29.03 -53.84
CA SER G 110 -1.56 30.03 -53.58
C SER G 110 -0.64 29.60 -52.44
N VAL G 111 -1.22 28.99 -51.39
CA VAL G 111 -0.40 28.54 -50.27
C VAL G 111 0.55 27.43 -50.71
N LEU G 112 0.06 26.47 -51.48
CA LEU G 112 0.91 25.40 -51.97
C LEU G 112 2.02 25.94 -52.88
N ALA G 113 1.68 26.90 -53.75
CA ALA G 113 2.70 27.50 -54.60
C ALA G 113 3.75 28.23 -53.78
N ASN G 114 3.34 28.94 -52.74
CA ASN G 114 4.29 29.63 -51.88
C ASN G 114 5.19 28.64 -51.15
N ARG G 115 4.63 27.52 -50.68
CA ARG G 115 5.45 26.51 -50.04
C ARG G 115 6.47 25.92 -51.01
N VAL G 116 6.04 25.64 -52.25
CA VAL G 116 6.97 25.09 -53.24
C VAL G 116 8.08 26.10 -53.54
N GLY G 117 7.72 27.37 -53.67
CA GLY G 117 8.73 28.39 -53.92
C GLY G 117 9.70 28.54 -52.78
N GLU G 118 9.22 28.49 -51.54
CA GLU G 118 10.10 28.57 -50.38
C GLU G 118 11.02 27.37 -50.31
N PHE G 119 10.51 26.17 -50.62
CA PHE G 119 11.35 24.98 -50.64
C PHE G 119 12.43 25.08 -51.71
N MET G 120 12.07 25.55 -52.91
CA MET G 120 13.05 25.64 -53.99
C MET G 120 14.06 26.75 -53.74
N HIS G 121 13.66 27.81 -53.05
CA HIS G 121 14.56 28.93 -52.80
C HIS G 121 15.63 28.57 -51.76
N ALA G 122 15.31 27.70 -50.81
CA ALA G 122 16.25 27.35 -49.76
C ALA G 122 17.50 26.66 -50.28
N TYR G 123 17.42 26.06 -51.47
CA TYR G 123 18.57 25.40 -52.08
C TYR G 123 19.44 26.35 -52.88
N THR G 124 19.06 27.63 -52.97
CA THR G 124 19.85 28.63 -53.68
C THR G 124 20.61 29.54 -52.72
N THR G 125 20.63 29.23 -51.43
CA THR G 125 21.24 30.10 -50.44
C THR G 125 22.38 29.45 -49.66
N HIS G 126 22.58 28.15 -49.77
CA HIS G 126 23.60 27.44 -49.01
C HIS G 126 24.64 26.85 -49.94
N PHE G 127 25.89 26.88 -49.51
CA PHE G 127 26.99 26.37 -50.32
C PHE G 127 26.95 24.86 -50.48
N ALA G 128 26.31 24.14 -49.55
CA ALA G 128 26.31 22.69 -49.57
C ALA G 128 25.26 22.09 -50.50
N TYR G 129 24.44 22.92 -51.14
CA TYR G 129 23.39 22.43 -52.02
C TYR G 129 23.41 23.20 -53.32
N ARG G 130 22.78 22.62 -54.34
CA ARG G 130 22.63 23.23 -55.64
C ARG G 130 21.15 23.44 -55.95
N PRO G 131 20.81 24.43 -56.77
CA PRO G 131 19.39 24.68 -57.08
C PRO G 131 18.81 23.56 -57.91
N PHE G 132 17.49 23.41 -57.81
CA PHE G 132 16.78 22.43 -58.61
C PHE G 132 16.84 22.80 -60.07
N GLY G 133 17.03 21.79 -60.92
CA GLY G 133 17.12 22.02 -62.35
C GLY G 133 15.80 21.82 -63.06
N CYS G 134 14.70 22.23 -62.41
CA CYS G 134 13.38 22.07 -63.01
C CYS G 134 12.48 23.22 -62.56
N SER G 135 11.52 23.54 -63.40
CA SER G 135 10.43 24.45 -63.08
C SER G 135 9.18 23.65 -62.77
N ALA G 136 8.42 24.13 -61.79
CA ALA G 136 7.22 23.43 -61.33
C ALA G 136 5.98 24.22 -61.75
N ILE G 137 5.05 23.53 -62.40
CA ILE G 137 3.76 24.11 -62.76
C ILE G 137 2.73 23.53 -61.79
N ILE G 138 2.16 24.38 -60.95
CA ILE G 138 1.19 23.97 -59.94
C ILE G 138 -0.20 24.32 -60.45
N ALA G 139 -1.03 23.30 -60.63
CA ALA G 139 -2.41 23.47 -61.06
C ALA G 139 -3.31 23.00 -59.92
N SER G 140 -4.11 23.91 -59.38
CA SER G 140 -4.96 23.59 -58.25
C SER G 140 -6.37 24.10 -58.50
N TYR G 141 -7.35 23.41 -57.90
CA TYR G 141 -8.72 23.92 -57.86
C TYR G 141 -9.16 23.79 -56.40
N ALA G 142 -8.79 24.78 -55.59
CA ALA G 142 -9.08 24.80 -54.17
C ALA G 142 -10.21 25.78 -53.89
N ASP G 143 -10.43 26.08 -52.62
CA ASP G 143 -11.50 26.98 -52.20
C ASP G 143 -11.28 28.41 -52.69
N ASP G 144 -10.07 28.71 -53.18
CA ASP G 144 -9.76 30.00 -53.77
C ASP G 144 -9.92 29.99 -55.28
N GLY G 145 -10.68 29.03 -55.81
CA GLY G 145 -10.93 28.96 -57.23
C GLY G 145 -9.80 28.29 -57.99
N PRO G 146 -9.93 28.22 -59.32
CA PRO G 146 -8.85 27.65 -60.14
C PRO G 146 -7.61 28.51 -60.06
N GLN G 147 -6.46 27.86 -59.88
CA GLN G 147 -5.19 28.56 -59.71
C GLN G 147 -4.11 27.85 -60.52
N LEU G 148 -3.28 28.66 -61.18
CA LEU G 148 -2.17 28.17 -61.99
C LEU G 148 -0.94 28.99 -61.64
N PHE G 149 0.08 28.32 -61.09
CA PHE G 149 1.29 28.99 -60.64
C PHE G 149 2.51 28.32 -61.28
N VAL G 150 3.58 29.09 -61.37
CA VAL G 150 4.87 28.60 -61.87
C VAL G 150 5.93 28.94 -60.85
N SER G 151 6.73 27.94 -60.47
CA SER G 151 7.86 28.10 -59.56
C SER G 151 9.15 27.86 -60.32
N ASP G 152 9.97 28.89 -60.37
CA ASP G 152 11.29 29.06 -60.97
C ASP G 152 12.34 28.41 -60.09
N PRO G 153 13.37 27.77 -60.68
CA PRO G 153 14.52 27.33 -59.87
C PRO G 153 15.06 28.39 -58.92
N SER G 154 14.88 29.67 -59.22
CA SER G 154 15.23 30.72 -58.28
C SER G 154 14.30 30.76 -57.07
N GLY G 155 13.17 30.04 -57.12
CA GLY G 155 12.22 30.03 -56.04
C GLY G 155 11.13 31.07 -56.11
N THR G 156 11.10 31.89 -57.15
CA THR G 156 10.03 32.87 -57.30
C THR G 156 8.82 32.21 -57.96
N VAL G 157 7.63 32.51 -57.44
CA VAL G 157 6.39 31.94 -57.93
C VAL G 157 5.57 33.05 -58.57
N ALA G 158 4.90 32.72 -59.67
CA ALA G 158 4.04 33.68 -60.34
C ALA G 158 2.78 32.98 -60.81
N GLY G 159 1.64 33.66 -60.65
CA GLY G 159 0.37 33.13 -61.14
C GLY G 159 0.13 33.57 -62.57
N TYR G 160 -0.49 32.68 -63.35
CA TYR G 160 -0.69 32.91 -64.77
C TYR G 160 -2.11 32.53 -65.17
N TYR G 161 -2.57 33.14 -66.27
CA TYR G 161 -3.71 32.64 -67.00
C TYR G 161 -3.28 31.58 -68.01
N GLY G 162 -2.19 31.83 -68.71
CA GLY G 162 -1.56 30.86 -69.58
C GLY G 162 -0.05 30.99 -69.52
N VAL G 163 0.65 29.86 -69.54
CA VAL G 163 2.10 29.85 -69.36
C VAL G 163 2.72 28.76 -70.22
N ALA G 164 3.94 29.02 -70.68
CA ALA G 164 4.71 28.08 -71.47
C ALA G 164 6.14 28.04 -70.96
N LEU G 165 6.73 26.84 -70.94
CA LEU G 165 8.10 26.64 -70.50
C LEU G 165 8.77 25.62 -71.41
N GLY G 166 10.09 25.63 -71.41
CA GLY G 166 10.87 24.65 -72.14
C GLY G 166 11.65 25.23 -73.29
N LYS G 167 12.10 24.34 -74.17
CA LYS G 167 12.92 24.75 -75.31
C LYS G 167 12.10 25.59 -76.30
N ALA G 168 10.91 25.11 -76.66
CA ALA G 168 10.06 25.82 -77.61
C ALA G 168 9.05 26.68 -76.85
N LYS G 169 9.60 27.59 -76.06
CA LYS G 169 8.81 28.40 -75.14
C LYS G 169 8.21 29.64 -75.80
N THR G 170 9.01 30.38 -76.57
CA THR G 170 8.53 31.64 -77.14
C THR G 170 7.40 31.41 -78.13
N VAL G 171 7.55 30.41 -79.01
CA VAL G 171 6.51 30.13 -80.00
C VAL G 171 5.25 29.63 -79.32
N ALA G 172 5.40 28.75 -78.32
CA ALA G 172 4.24 28.28 -77.57
C ALA G 172 3.55 29.42 -76.83
N LYS G 173 4.33 30.34 -76.26
CA LYS G 173 3.74 31.52 -75.61
C LYS G 173 2.98 32.37 -76.62
N SER G 174 3.55 32.56 -77.81
CA SER G 174 2.86 33.33 -78.84
C SER G 174 1.55 32.67 -79.25
N GLU G 175 1.54 31.34 -79.39
CA GLU G 175 0.29 30.64 -79.67
C GLU G 175 -0.70 30.80 -78.52
N LEU G 176 -0.22 30.79 -77.28
CA LEU G 176 -1.11 30.99 -76.14
C LEU G 176 -1.67 32.40 -76.10
N GLU G 177 -0.95 33.37 -76.68
CA GLU G 177 -1.45 34.75 -76.72
C GLU G 177 -2.69 34.90 -77.58
N LYS G 178 -2.98 33.93 -78.43
CA LYS G 178 -4.14 33.99 -79.32
C LYS G 178 -5.42 33.50 -78.66
N LEU G 179 -5.36 32.98 -77.45
CA LEU G 179 -6.55 32.52 -76.74
C LEU G 179 -7.16 33.67 -75.93
N ASP G 180 -8.41 33.48 -75.52
CA ASP G 180 -9.15 34.52 -74.81
C ASP G 180 -9.03 34.37 -73.30
N PHE G 181 -9.09 33.14 -72.78
CA PHE G 181 -8.90 32.83 -71.37
C PHE G 181 -10.04 33.34 -70.50
N SER G 182 -11.01 34.03 -71.10
CA SER G 182 -12.23 34.40 -70.39
C SER G 182 -13.43 33.58 -70.83
N SER G 183 -13.57 33.34 -72.13
CA SER G 183 -14.55 32.40 -72.65
C SER G 183 -14.00 30.99 -72.82
N LEU G 184 -12.70 30.80 -72.60
CA LEU G 184 -12.08 29.50 -72.80
C LEU G 184 -12.53 28.52 -71.73
N THR G 185 -12.88 27.31 -72.15
CA THR G 185 -13.27 26.23 -71.25
C THR G 185 -12.28 25.09 -71.35
N CYS G 186 -12.22 24.27 -70.30
CA CYS G 186 -11.23 23.21 -70.23
C CYS G 186 -11.42 22.18 -71.35
N ASP G 187 -12.66 21.91 -71.73
CA ASP G 187 -12.92 20.92 -72.78
C ASP G 187 -12.21 21.28 -74.08
N GLU G 188 -12.32 22.54 -74.51
CA GLU G 188 -11.60 22.99 -75.68
C GLU G 188 -10.16 23.38 -75.37
N ALA G 189 -9.86 23.75 -74.12
CA ALA G 189 -8.49 24.08 -73.75
C ALA G 189 -7.56 22.87 -73.86
N VAL G 190 -8.07 21.67 -73.56
CA VAL G 190 -7.24 20.47 -73.72
C VAL G 190 -6.79 20.33 -75.17
N GLY G 191 -7.72 20.43 -76.11
CA GLY G 191 -7.40 20.35 -77.51
C GLY G 191 -6.50 21.48 -77.97
N LYS G 192 -6.75 22.69 -77.47
CA LYS G 192 -5.91 23.83 -77.83
C LYS G 192 -4.47 23.62 -77.40
N LEU G 193 -4.27 23.18 -76.16
CA LEU G 193 -2.91 22.96 -75.66
C LEU G 193 -2.23 21.82 -76.40
N ALA G 194 -2.96 20.73 -76.67
CA ALA G 194 -2.38 19.62 -77.41
C ALA G 194 -1.99 20.05 -78.82
N SER G 195 -2.84 20.83 -79.48
CA SER G 195 -2.53 21.32 -80.82
C SER G 195 -1.32 22.24 -80.80
N ILE G 196 -1.22 23.12 -79.80
CA ILE G 196 -0.07 24.01 -79.70
C ILE G 196 1.21 23.20 -79.51
N LEU G 197 1.17 22.20 -78.63
CA LEU G 197 2.35 21.37 -78.40
C LEU G 197 2.76 20.61 -79.65
N HIS G 198 1.78 20.06 -80.37
CA HIS G 198 2.09 19.35 -81.61
C HIS G 198 2.67 20.28 -82.68
N GLU G 199 2.12 21.49 -82.80
CA GLU G 199 2.58 22.40 -83.83
C GLU G 199 3.97 22.95 -83.53
N VAL G 200 4.25 23.26 -82.27
CA VAL G 200 5.51 23.92 -81.91
C VAL G 200 6.68 22.94 -81.85
N HIS G 201 6.40 21.64 -81.82
CA HIS G 201 7.45 20.65 -81.66
C HIS G 201 8.12 20.34 -83.00
N ASP G 202 9.45 20.23 -82.98
CA ASP G 202 10.20 19.89 -84.18
C ASP G 202 10.24 18.39 -84.38
N LYS G 203 9.83 17.94 -85.56
CA LYS G 203 9.65 16.53 -85.84
C LYS G 203 10.91 15.84 -86.34
N GLN G 204 11.99 16.58 -86.60
CA GLN G 204 13.20 16.01 -87.14
C GLN G 204 14.31 15.85 -86.11
N LYS G 205 14.09 16.28 -84.88
CA LYS G 205 15.08 16.13 -83.82
C LYS G 205 14.61 15.24 -82.68
N ASP G 206 13.33 15.25 -82.37
CA ASP G 206 12.74 14.39 -81.34
C ASP G 206 11.82 13.40 -82.03
N LYS G 207 12.39 12.26 -82.43
CA LYS G 207 11.62 11.29 -83.23
C LYS G 207 10.47 10.70 -82.42
N LEU G 208 10.72 10.34 -81.16
CA LEU G 208 9.71 9.73 -80.31
C LEU G 208 9.19 10.77 -79.34
N TYR G 209 7.93 11.16 -79.51
CA TYR G 209 7.31 12.17 -78.67
C TYR G 209 5.90 11.73 -78.30
N GLU G 210 5.47 12.10 -77.10
CA GLU G 210 4.12 11.83 -76.63
C GLU G 210 3.60 13.07 -75.93
N VAL G 211 2.29 13.28 -76.02
CA VAL G 211 1.62 14.41 -75.38
C VAL G 211 0.87 13.90 -74.16
N GLU G 212 1.21 14.43 -72.99
CA GLU G 212 0.61 14.01 -71.73
C GLU G 212 -0.15 15.20 -71.15
N VAL G 213 -1.47 15.06 -71.03
CA VAL G 213 -2.33 16.17 -70.65
C VAL G 213 -3.10 15.79 -69.39
N ALA G 214 -3.18 16.73 -68.45
CA ALA G 214 -3.94 16.56 -67.23
C ALA G 214 -4.74 17.82 -66.95
N TRP G 215 -5.74 17.70 -66.08
CA TRP G 215 -6.62 18.83 -65.79
C TRP G 215 -7.39 18.58 -64.51
N VAL G 216 -7.82 19.67 -63.90
CA VAL G 216 -8.69 19.64 -62.72
C VAL G 216 -9.74 20.73 -62.83
N CYS G 217 -10.97 20.34 -63.17
CA CYS G 217 -12.07 21.29 -63.25
C CYS G 217 -13.32 20.63 -62.67
N ASP G 218 -14.47 21.25 -62.92
CA ASP G 218 -15.72 20.75 -62.37
C ASP G 218 -16.09 19.40 -62.94
N LYS G 219 -15.60 19.06 -64.13
CA LYS G 219 -16.01 17.82 -64.78
C LYS G 219 -15.42 16.59 -64.09
N SER G 220 -14.30 16.75 -63.38
CA SER G 220 -13.69 15.66 -62.62
C SER G 220 -14.01 15.73 -61.13
N ASP G 221 -15.10 16.41 -60.76
CA ASP G 221 -15.46 16.66 -59.37
C ASP G 221 -14.32 17.37 -58.65
N ARG G 222 -13.65 18.29 -59.36
CA ARG G 222 -12.56 19.09 -58.82
C ARG G 222 -11.40 18.22 -58.34
N LYS G 223 -11.14 17.13 -59.07
CA LYS G 223 -10.06 16.22 -58.75
C LYS G 223 -9.02 16.24 -59.86
N PHE G 224 -7.76 16.39 -59.49
CA PHE G 224 -6.67 16.46 -60.46
C PHE G 224 -6.38 15.06 -61.00
N VAL G 225 -6.72 14.83 -62.26
CA VAL G 225 -6.54 13.54 -62.91
C VAL G 225 -5.99 13.77 -64.32
N HIS G 226 -5.55 12.67 -64.93
CA HIS G 226 -5.18 12.70 -66.34
C HIS G 226 -6.42 12.66 -67.21
N VAL G 227 -6.27 13.08 -68.45
CA VAL G 227 -7.39 13.10 -69.41
C VAL G 227 -7.80 11.67 -69.76
N PRO G 228 -9.03 11.44 -70.19
CA PRO G 228 -9.36 10.19 -70.87
C PRO G 228 -8.49 10.04 -72.11
N ALA G 229 -8.12 8.79 -72.41
CA ALA G 229 -7.15 8.54 -73.48
C ALA G 229 -7.67 9.05 -74.82
N ASP G 230 -8.96 8.84 -75.10
CA ASP G 230 -9.54 9.25 -76.39
C ASP G 230 -10.15 10.65 -76.32
N MET G 231 -9.35 11.62 -75.89
CA MET G 231 -9.77 13.02 -75.87
C MET G 231 -8.78 13.97 -76.52
N VAL G 232 -7.48 13.71 -76.41
CA VAL G 232 -6.47 14.54 -77.04
C VAL G 232 -6.45 14.26 -78.53
N PRO G 233 -6.13 15.24 -79.37
CA PRO G 233 -6.05 14.99 -80.82
C PRO G 233 -4.90 14.04 -81.15
N ALA G 234 -5.05 13.36 -82.28
CA ALA G 234 -4.01 12.44 -82.74
C ALA G 234 -2.71 13.18 -83.01
N GLU G 235 -2.80 14.32 -83.69
CA GLU G 235 -1.63 15.16 -83.95
C GLU G 235 -2.08 16.54 -84.40
N THR H 1 -18.23 24.43 -12.82
CA THR H 1 -18.14 25.04 -14.14
C THR H 1 -19.27 24.56 -15.04
N THR H 2 -19.98 25.50 -15.65
CA THR H 2 -21.03 25.20 -16.62
C THR H 2 -20.73 25.95 -17.90
N ILE H 3 -20.53 25.21 -18.99
CA ILE H 3 -20.28 25.81 -20.29
C ILE H 3 -21.20 25.13 -21.31
N LEU H 4 -21.61 25.88 -22.32
CA LEU H 4 -22.44 25.31 -23.37
C LEU H 4 -22.34 26.18 -24.61
N ALA H 5 -22.73 25.59 -25.74
CA ALA H 5 -22.79 26.31 -27.00
C ALA H 5 -23.95 25.76 -27.82
N VAL H 6 -24.74 26.65 -28.40
CA VAL H 6 -25.93 26.29 -29.16
C VAL H 6 -25.90 27.00 -30.51
N SER H 7 -26.17 26.25 -31.58
CA SER H 7 -26.17 26.80 -32.92
C SER H 7 -27.58 27.22 -33.32
N TYR H 8 -27.70 28.42 -33.87
CA TYR H 8 -28.93 28.86 -34.52
C TYR H 8 -28.65 29.02 -36.01
N ASN H 9 -29.63 29.53 -36.75
CA ASN H 9 -29.51 29.57 -38.20
C ASN H 9 -28.34 30.45 -38.65
N GLY H 10 -28.18 31.61 -38.02
CA GLY H 10 -27.11 32.51 -38.42
C GLY H 10 -25.74 32.05 -37.95
N GLY H 11 -25.59 31.81 -36.65
CA GLY H 11 -24.31 31.48 -36.07
C GLY H 11 -24.45 30.67 -34.81
N VAL H 12 -23.67 31.01 -33.79
CA VAL H 12 -23.64 30.26 -32.54
C VAL H 12 -23.72 31.22 -31.36
N VAL H 13 -24.19 30.68 -30.24
CA VAL H 13 -24.21 31.38 -28.96
C VAL H 13 -23.45 30.51 -27.95
N LEU H 14 -22.46 31.11 -27.29
CA LEU H 14 -21.67 30.45 -26.28
C LEU H 14 -22.02 31.01 -24.92
N ALA H 15 -22.31 30.14 -23.96
CA ALA H 15 -22.72 30.56 -22.63
C ALA H 15 -21.86 29.85 -21.60
N ALA H 16 -21.58 30.56 -20.49
CA ALA H 16 -20.76 30.00 -19.44
C ALA H 16 -21.07 30.69 -18.12
N ASP H 17 -20.76 29.97 -17.03
CA ASP H 17 -20.79 30.56 -15.71
C ASP H 17 -19.46 31.27 -15.43
N SER H 18 -19.39 31.92 -14.26
CA SER H 18 -18.17 32.62 -13.83
C SER H 18 -17.88 32.19 -12.39
N ARG H 19 -17.15 31.08 -12.25
CA ARG H 19 -16.79 30.60 -10.92
C ARG H 19 -15.60 29.66 -11.03
N THR H 20 -14.46 30.09 -10.51
CA THR H 20 -13.31 29.22 -10.31
C THR H 20 -13.24 28.90 -8.82
N SER H 21 -13.36 27.61 -8.49
CA SER H 21 -13.50 27.16 -7.12
C SER H 21 -12.41 26.15 -6.77
N SER H 22 -11.74 26.38 -5.65
CA SER H 22 -10.76 25.43 -5.12
C SER H 22 -11.46 24.42 -4.21
N GLY H 23 -12.26 23.56 -4.85
CA GLY H 23 -12.99 22.53 -4.12
C GLY H 23 -14.29 23.03 -3.51
N THR H 24 -14.18 23.77 -2.41
CA THR H 24 -15.36 24.29 -1.71
C THR H 24 -15.26 25.78 -1.41
N TYR H 25 -14.18 26.45 -1.81
CA TYR H 25 -14.03 27.89 -1.64
C TYR H 25 -13.97 28.54 -3.02
N VAL H 26 -14.62 29.69 -3.14
CA VAL H 26 -14.68 30.41 -4.42
C VAL H 26 -13.45 31.29 -4.53
N VAL H 27 -12.46 30.83 -5.30
CA VAL H 27 -11.27 31.64 -5.53
C VAL H 27 -11.61 32.82 -6.43
N ASN H 28 -12.41 32.60 -7.47
CA ASN H 28 -12.83 33.65 -8.38
C ASN H 28 -14.32 33.53 -8.63
N ARG H 29 -15.04 34.64 -8.57
CA ARG H 29 -16.47 34.65 -8.85
C ARG H 29 -16.81 35.50 -10.07
N ALA H 30 -15.81 35.95 -10.83
CA ALA H 30 -16.01 36.71 -12.05
C ALA H 30 -15.08 36.23 -13.14
N SER H 31 -14.95 34.91 -13.27
CA SER H 31 -14.10 34.33 -14.30
C SER H 31 -14.71 34.56 -15.68
N ASN H 32 -13.87 34.43 -16.70
CA ASN H 32 -14.31 34.52 -18.10
C ASN H 32 -13.83 33.26 -18.80
N LYS H 33 -14.74 32.30 -18.96
CA LYS H 33 -14.41 31.01 -19.55
C LYS H 33 -14.65 30.97 -21.05
N LEU H 34 -15.14 32.06 -21.64
CA LEU H 34 -15.28 32.19 -23.08
C LEU H 34 -14.01 32.86 -23.59
N THR H 35 -13.13 32.07 -24.18
CA THR H 35 -11.79 32.51 -24.58
C THR H 35 -11.74 32.72 -26.08
N LYS H 36 -11.29 33.89 -26.49
CA LYS H 36 -11.20 34.24 -27.90
C LYS H 36 -10.06 33.46 -28.57
N LEU H 37 -10.38 32.82 -29.70
CA LEU H 37 -9.37 32.19 -30.54
C LEU H 37 -9.05 33.06 -31.75
N THR H 38 -10.05 33.33 -32.57
CA THR H 38 -10.02 34.34 -33.62
C THR H 38 -11.16 35.32 -33.38
N LYS H 39 -11.40 36.20 -34.34
CA LYS H 39 -12.46 37.19 -34.18
C LYS H 39 -13.83 36.53 -34.05
N LYS H 40 -14.08 35.48 -34.84
CA LYS H 40 -15.38 34.84 -34.89
C LYS H 40 -15.41 33.44 -34.29
N ILE H 41 -14.31 32.99 -33.68
CA ILE H 41 -14.23 31.65 -33.10
C ILE H 41 -13.81 31.77 -31.64
N TYR H 42 -14.56 31.11 -30.75
CA TYR H 42 -14.29 31.13 -29.32
C TYR H 42 -14.30 29.70 -28.79
N CYS H 43 -13.80 29.54 -27.57
CA CYS H 43 -13.82 28.25 -26.89
C CYS H 43 -14.32 28.41 -25.47
N CYS H 44 -15.14 27.46 -25.03
CA CYS H 44 -15.53 27.31 -23.64
C CYS H 44 -14.62 26.29 -22.98
N ARG H 45 -14.03 26.67 -21.86
CA ARG H 45 -13.03 25.86 -21.16
C ARG H 45 -13.61 25.34 -19.86
N SER H 46 -13.43 24.05 -19.59
CA SER H 46 -13.78 23.47 -18.31
C SER H 46 -12.64 22.60 -17.83
N GLY H 47 -12.50 22.50 -16.51
CA GLY H 47 -11.44 21.68 -15.93
C GLY H 47 -10.31 22.49 -15.35
N SER H 48 -9.07 22.05 -15.57
CA SER H 48 -7.91 22.76 -15.05
C SER H 48 -7.78 24.12 -15.71
N ALA H 49 -7.73 25.18 -14.90
CA ALA H 49 -7.66 26.52 -15.45
C ALA H 49 -6.35 26.77 -16.18
N ALA H 50 -5.23 26.36 -15.58
CA ALA H 50 -3.93 26.59 -16.20
C ALA H 50 -3.80 25.83 -17.51
N ASP H 51 -4.22 24.56 -17.52
CA ASP H 51 -4.11 23.75 -18.73
C ASP H 51 -4.97 24.31 -19.84
N THR H 52 -6.22 24.67 -19.54
CA THR H 52 -7.10 25.21 -20.57
C THR H 52 -6.61 26.56 -21.07
N GLN H 53 -6.09 27.41 -20.16
CA GLN H 53 -5.55 28.69 -20.59
C GLN H 53 -4.36 28.51 -21.52
N ALA H 54 -3.45 27.60 -21.17
CA ALA H 54 -2.28 27.36 -22.02
C ALA H 54 -2.70 26.79 -23.37
N LEU H 55 -3.65 25.85 -23.37
CA LEU H 55 -4.13 25.28 -24.62
C LEU H 55 -4.75 26.35 -25.51
N ALA H 56 -5.60 27.19 -24.94
CA ALA H 56 -6.26 28.24 -25.71
C ALA H 56 -5.25 29.25 -26.25
N GLU H 57 -4.28 29.65 -25.43
CA GLU H 57 -3.28 30.60 -25.89
C GLU H 57 -2.44 30.02 -27.03
N ARG H 58 -2.03 28.76 -26.90
CA ARG H 58 -1.26 28.13 -27.96
C ARG H 58 -2.06 28.01 -29.25
N VAL H 59 -3.33 27.62 -29.14
CA VAL H 59 -4.16 27.46 -30.33
C VAL H 59 -4.40 28.82 -30.99
N SER H 60 -4.63 29.86 -30.17
CA SER H 60 -4.85 31.20 -30.72
C SER H 60 -3.59 31.70 -31.42
N ASN H 61 -2.42 31.46 -30.84
CA ASN H 61 -1.17 31.81 -31.50
C ASN H 61 -1.02 31.08 -32.83
N TYR H 62 -1.34 29.78 -32.85
CA TYR H 62 -1.23 29.02 -34.09
C TYR H 62 -2.18 29.54 -35.15
N LEU H 63 -3.41 29.90 -34.74
CA LEU H 63 -4.41 30.36 -35.71
C LEU H 63 -4.09 31.75 -36.23
N GLY H 64 -3.57 32.63 -35.38
CA GLY H 64 -3.23 33.97 -35.83
C GLY H 64 -2.16 33.99 -36.90
N SER H 65 -1.14 33.14 -36.77
CA SER H 65 -0.14 33.02 -37.80
C SER H 65 -0.70 32.41 -39.07
N TYR H 66 -1.63 31.46 -38.93
CA TYR H 66 -2.20 30.77 -40.08
C TYR H 66 -2.99 31.73 -40.96
N GLN H 67 -3.72 32.68 -40.34
CA GLN H 67 -4.44 33.69 -41.12
C GLN H 67 -3.49 34.53 -41.96
N THR H 68 -2.37 34.95 -41.36
CA THR H 68 -1.38 35.72 -42.12
C THR H 68 -0.76 34.91 -43.23
N ASP H 69 -0.48 33.62 -42.97
CA ASP H 69 0.12 32.77 -43.99
C ASP H 69 -0.81 32.58 -45.18
N ILE H 70 -2.07 32.24 -44.92
CA ILE H 70 -2.98 31.97 -46.04
C ILE H 70 -3.65 33.23 -46.55
N GLY H 71 -3.68 34.31 -45.76
CA GLY H 71 -4.31 35.53 -46.21
C GLY H 71 -5.82 35.47 -46.28
N ALA H 72 -6.44 34.54 -45.57
CA ALA H 72 -7.89 34.40 -45.55
C ALA H 72 -8.33 34.07 -44.14
N GLY H 73 -9.63 33.86 -43.97
CA GLY H 73 -10.17 33.50 -42.68
C GLY H 73 -9.99 32.02 -42.36
N VAL H 74 -10.24 31.69 -41.10
CA VAL H 74 -10.08 30.32 -40.60
C VAL H 74 -11.46 29.73 -40.32
N ASN H 75 -11.65 28.50 -40.78
CA ASN H 75 -12.87 27.77 -40.50
C ASN H 75 -12.87 27.28 -39.05
N VAL H 76 -14.07 27.03 -38.52
CA VAL H 76 -14.17 26.51 -37.16
C VAL H 76 -13.57 25.11 -37.09
N ALA H 77 -13.65 24.35 -38.19
CA ALA H 77 -13.09 23.01 -38.20
C ALA H 77 -11.58 23.01 -37.97
N THR H 78 -10.88 24.03 -38.45
CA THR H 78 -9.44 24.10 -38.24
C THR H 78 -9.11 24.27 -36.76
N ALA H 79 -9.82 25.17 -36.07
CA ALA H 79 -9.59 25.35 -34.63
C ALA H 79 -9.99 24.11 -33.86
N ALA H 80 -11.08 23.45 -34.27
CA ALA H 80 -11.48 22.21 -33.61
C ALA H 80 -10.41 21.14 -33.79
N ASN H 81 -9.82 21.04 -34.98
CA ASN H 81 -8.75 20.08 -35.21
C ASN H 81 -7.52 20.41 -34.38
N LEU H 82 -7.20 21.70 -34.26
CA LEU H 82 -6.04 22.10 -33.46
C LEU H 82 -6.22 21.69 -32.00
N PHE H 83 -7.37 22.03 -31.41
CA PHE H 83 -7.64 21.58 -30.04
C PHE H 83 -7.67 20.06 -29.92
N GLN H 84 -8.27 19.37 -30.90
CA GLN H 84 -8.36 17.92 -30.80
C GLN H 84 -6.96 17.29 -30.79
N LYS H 85 -6.08 17.75 -31.69
CA LYS H 85 -4.72 17.24 -31.71
C LYS H 85 -3.98 17.56 -30.42
N MET H 86 -4.06 18.81 -29.97
CA MET H 86 -3.28 19.23 -28.81
C MET H 86 -3.77 18.56 -27.53
N CYS H 87 -5.09 18.32 -27.43
CA CYS H 87 -5.65 17.62 -26.28
C CYS H 87 -5.44 16.12 -26.34
N TYR H 88 -5.35 15.54 -27.54
CA TYR H 88 -5.09 14.12 -27.66
C TYR H 88 -3.62 13.78 -27.39
N MET H 89 -2.70 14.66 -27.75
CA MET H 89 -1.30 14.40 -27.44
C MET H 89 -0.98 14.60 -25.97
N ASN H 90 -1.84 15.28 -25.22
CA ASN H 90 -1.60 15.56 -23.81
C ASN H 90 -2.72 15.05 -22.91
N ARG H 91 -3.47 14.03 -23.36
CA ARG H 91 -4.67 13.63 -22.63
C ARG H 91 -4.36 13.05 -21.25
N TRP H 92 -3.16 12.52 -21.03
CA TRP H 92 -2.82 11.93 -19.74
C TRP H 92 -2.26 12.94 -18.75
N ASN H 93 -1.88 14.14 -19.20
CA ASN H 93 -1.26 15.12 -18.32
C ASN H 93 -2.15 16.33 -18.04
N ILE H 94 -3.24 16.52 -18.77
CA ILE H 94 -4.09 17.68 -18.61
C ILE H 94 -5.50 17.23 -18.27
N SER H 95 -6.25 18.15 -17.66
CA SER H 95 -7.66 17.95 -17.34
C SER H 95 -8.43 19.08 -18.01
N ALA H 96 -8.97 18.82 -19.20
CA ALA H 96 -9.59 19.88 -19.98
C ALA H 96 -10.76 19.34 -20.78
N GLY H 97 -11.88 20.05 -20.73
CA GLY H 97 -13.00 19.83 -21.63
C GLY H 97 -13.25 21.09 -22.41
N ILE H 98 -13.22 21.00 -23.74
CA ILE H 98 -13.23 22.18 -24.60
C ILE H 98 -14.46 22.14 -25.48
N ILE H 99 -15.08 23.30 -25.67
CA ILE H 99 -16.10 23.50 -26.68
C ILE H 99 -15.59 24.56 -27.64
N VAL H 100 -15.52 24.23 -28.92
CA VAL H 100 -15.05 25.16 -29.93
C VAL H 100 -16.25 25.57 -30.77
N ALA H 101 -16.64 26.84 -30.68
CA ALA H 101 -17.81 27.29 -31.41
C ALA H 101 -17.51 28.60 -32.10
N GLY H 102 -18.03 28.75 -33.31
CA GLY H 102 -17.75 29.97 -34.05
C GLY H 102 -18.51 30.04 -35.35
N TYR H 103 -18.18 31.08 -36.11
CA TYR H 103 -18.77 31.32 -37.42
C TYR H 103 -17.67 31.44 -38.46
N ASP H 104 -17.87 30.78 -39.60
CA ASP H 104 -17.05 30.97 -40.77
C ASP H 104 -17.97 31.11 -41.98
N PRO H 105 -17.56 31.88 -42.99
CA PRO H 105 -18.45 32.11 -44.15
C PRO H 105 -18.74 30.86 -44.94
N ILE H 106 -17.94 29.80 -44.81
CA ILE H 106 -18.13 28.61 -45.63
C ILE H 106 -19.16 27.68 -45.03
N ASN H 107 -19.02 27.36 -43.74
CA ASN H 107 -19.88 26.40 -43.07
C ASN H 107 -20.87 27.04 -42.10
N GLY H 108 -20.97 28.37 -42.08
CA GLY H 108 -21.86 29.05 -41.17
C GLY H 108 -21.42 28.94 -39.73
N GLY H 109 -22.35 28.66 -38.82
CA GLY H 109 -22.04 28.47 -37.42
C GLY H 109 -21.79 27.00 -37.11
N SER H 110 -20.71 26.76 -36.35
CA SER H 110 -20.30 25.41 -36.01
C SER H 110 -20.00 25.30 -34.53
N VAL H 111 -20.33 24.14 -33.97
CA VAL H 111 -20.07 23.79 -32.58
C VAL H 111 -19.41 22.42 -32.53
N TYR H 112 -18.28 22.33 -31.83
CA TYR H 112 -17.52 21.09 -31.68
C TYR H 112 -17.28 20.85 -30.20
N SER H 113 -17.41 19.60 -29.79
CA SER H 113 -17.12 19.18 -28.42
C SER H 113 -15.86 18.33 -28.42
N ILE H 114 -14.93 18.68 -27.54
CA ILE H 114 -13.69 17.93 -27.33
C ILE H 114 -13.64 17.56 -25.85
N PRO H 115 -14.09 16.37 -25.47
CA PRO H 115 -14.10 15.99 -24.04
C PRO H 115 -12.71 15.68 -23.52
N SER H 116 -12.65 15.23 -22.27
CA SER H 116 -11.37 14.92 -21.65
C SER H 116 -10.60 13.83 -22.39
N GLY H 117 -11.33 12.91 -23.05
CA GLY H 117 -10.67 11.84 -23.78
C GLY H 117 -9.83 12.32 -24.93
N GLY H 118 -10.24 13.40 -25.59
CA GLY H 118 -9.53 13.92 -26.73
C GLY H 118 -10.22 13.76 -28.07
N SER H 119 -11.49 13.32 -28.09
CA SER H 119 -12.22 13.18 -29.34
C SER H 119 -12.75 14.54 -29.79
N CYS H 120 -13.37 14.57 -30.96
CA CYS H 120 -13.96 15.79 -31.50
C CYS H 120 -15.25 15.43 -32.20
N VAL H 121 -16.37 15.99 -31.73
CA VAL H 121 -17.68 15.70 -32.28
C VAL H 121 -18.34 17.01 -32.70
N LYS H 122 -18.82 17.07 -33.93
CA LYS H 122 -19.54 18.23 -34.42
C LYS H 122 -21.02 18.08 -34.07
N LEU H 123 -21.55 19.04 -33.34
CA LEU H 123 -22.90 18.93 -32.79
C LEU H 123 -23.67 20.22 -33.02
N ASP H 124 -25.00 20.11 -32.94
CA ASP H 124 -25.86 21.28 -32.93
C ASP H 124 -25.72 22.06 -31.63
N TYR H 125 -25.61 21.36 -30.50
CA TYR H 125 -25.33 21.99 -29.23
C TYR H 125 -24.39 21.10 -28.42
N ALA H 126 -23.63 21.73 -27.54
CA ALA H 126 -22.66 21.03 -26.70
C ALA H 126 -22.74 21.56 -25.28
N LEU H 127 -22.56 20.67 -24.31
CA LEU H 127 -22.53 20.99 -22.90
C LEU H 127 -21.24 20.49 -22.28
N GLY H 128 -20.79 21.16 -21.23
CA GLY H 128 -19.55 20.77 -20.58
C GLY H 128 -19.44 21.33 -19.19
N GLY H 129 -18.58 20.69 -18.39
CA GLY H 129 -18.36 21.08 -17.02
C GLY H 129 -19.14 20.21 -16.05
N SER H 130 -18.91 20.47 -14.76
CA SER H 130 -19.61 19.73 -13.71
C SER H 130 -21.11 19.99 -13.75
N GLY H 131 -21.52 21.20 -14.11
CA GLY H 131 -22.92 21.55 -14.16
C GLY H 131 -23.65 21.11 -15.42
N SER H 132 -22.93 20.56 -16.40
CA SER H 132 -23.58 20.10 -17.62
C SER H 132 -24.48 18.89 -17.37
N ILE H 133 -24.16 18.09 -16.34
CA ILE H 133 -24.93 16.88 -16.07
C ILE H 133 -26.37 17.22 -15.73
N PHE H 134 -26.62 18.43 -15.22
CA PHE H 134 -27.97 18.86 -14.88
C PHE H 134 -28.76 19.36 -16.09
N LEU H 135 -28.10 19.60 -17.22
CA LEU H 135 -28.75 20.26 -18.34
C LEU H 135 -29.25 19.30 -19.41
N TYR H 136 -28.78 18.06 -19.43
CA TYR H 136 -29.13 17.15 -20.52
C TYR H 136 -30.62 16.94 -20.61
N SER H 137 -31.25 16.54 -19.50
CA SER H 137 -32.71 16.41 -19.48
C SER H 137 -33.39 17.76 -19.64
N PHE H 138 -32.70 18.85 -19.32
CA PHE H 138 -33.25 20.17 -19.61
C PHE H 138 -33.30 20.43 -21.11
N PHE H 139 -32.30 19.95 -21.85
CA PHE H 139 -32.31 20.13 -23.29
C PHE H 139 -33.25 19.16 -23.99
N ASP H 140 -33.40 17.95 -23.44
CA ASP H 140 -34.29 16.97 -24.05
C ASP H 140 -35.74 17.40 -23.96
N ALA H 141 -36.10 18.21 -22.96
CA ALA H 141 -37.48 18.60 -22.73
C ALA H 141 -37.81 20.00 -23.22
N ASN H 142 -36.90 20.96 -23.06
CA ASN H 142 -37.22 22.36 -23.30
C ASN H 142 -36.52 22.96 -24.52
N TYR H 143 -35.56 22.26 -25.11
CA TYR H 143 -34.80 22.80 -26.23
C TYR H 143 -35.42 22.36 -27.55
N LYS H 144 -35.72 23.33 -28.42
CA LYS H 144 -36.19 23.07 -29.76
C LYS H 144 -35.20 23.68 -30.73
N PRO H 145 -34.65 22.90 -31.67
CA PRO H 145 -33.72 23.47 -32.64
C PRO H 145 -34.42 24.45 -33.58
N GLY H 146 -33.64 25.42 -34.07
CA GLY H 146 -34.17 26.40 -34.99
C GLY H 146 -34.66 27.69 -34.36
N MET H 147 -34.16 28.04 -33.18
CA MET H 147 -34.56 29.28 -32.54
C MET H 147 -33.87 30.47 -33.19
N SER H 148 -34.41 31.65 -32.94
CA SER H 148 -33.80 32.88 -33.41
C SER H 148 -32.58 33.22 -32.56
N LYS H 149 -31.90 34.31 -32.92
CA LYS H 149 -30.70 34.71 -32.19
C LYS H 149 -31.03 35.10 -30.75
N SER H 150 -32.00 36.00 -30.57
CA SER H 150 -32.39 36.42 -29.23
C SER H 150 -32.97 35.27 -28.44
N GLU H 151 -33.78 34.43 -29.09
CA GLU H 151 -34.33 33.26 -28.42
C GLU H 151 -33.22 32.31 -27.97
N CYS H 152 -32.21 32.12 -28.82
CA CYS H 152 -31.10 31.25 -28.45
C CYS H 152 -30.32 31.81 -27.27
N VAL H 153 -30.08 33.13 -27.27
CA VAL H 153 -29.36 33.74 -26.16
C VAL H 153 -30.15 33.59 -24.86
N ALA H 154 -31.46 33.86 -24.92
CA ALA H 154 -32.29 33.73 -23.73
C ALA H 154 -32.33 32.30 -23.22
N PHE H 155 -32.44 31.33 -24.12
CA PHE H 155 -32.45 29.93 -23.71
C PHE H 155 -31.12 29.53 -23.10
N CYS H 156 -30.01 30.00 -23.67
CA CYS H 156 -28.70 29.67 -23.11
C CYS H 156 -28.55 30.24 -21.71
N GLN H 157 -28.98 31.49 -21.50
CA GLN H 157 -28.91 32.08 -20.18
C GLN H 157 -29.79 31.33 -19.19
N ARG H 158 -31.00 30.96 -19.60
CA ARG H 158 -31.89 30.20 -18.72
C ARG H 158 -31.29 28.84 -18.37
N ALA H 159 -30.68 28.17 -19.35
CA ALA H 159 -30.06 26.88 -19.10
C ALA H 159 -28.89 27.02 -18.13
N VAL H 160 -28.06 28.05 -18.30
CA VAL H 160 -26.93 28.23 -17.39
C VAL H 160 -27.44 28.50 -15.97
N ALA H 161 -28.49 29.32 -15.84
CA ALA H 161 -29.05 29.61 -14.53
C ALA H 161 -29.57 28.34 -13.87
N HIS H 162 -30.31 27.52 -14.64
CA HIS H 162 -30.80 26.26 -14.10
C HIS H 162 -29.66 25.33 -13.73
N ALA H 163 -28.56 25.37 -14.48
CA ALA H 163 -27.43 24.51 -14.20
C ALA H 163 -26.74 24.88 -12.89
N TYR H 164 -26.44 26.17 -12.70
CA TYR H 164 -25.72 26.51 -11.47
C TYR H 164 -26.65 26.69 -10.28
N SER H 165 -27.96 26.67 -10.48
CA SER H 165 -28.85 26.64 -9.33
C SER H 165 -28.70 25.34 -8.55
N ARG H 166 -28.33 24.25 -9.22
CA ARG H 166 -28.17 22.95 -8.60
C ARG H 166 -26.73 22.54 -8.39
N ASP H 167 -25.79 23.14 -9.12
CA ASP H 167 -24.38 22.77 -9.04
C ASP H 167 -23.66 23.72 -8.09
N GLY H 168 -23.03 23.16 -7.05
CA GLY H 168 -22.26 23.96 -6.12
C GLY H 168 -20.96 24.49 -6.69
N SER H 169 -20.39 23.81 -7.68
CA SER H 169 -19.16 24.27 -8.32
C SER H 169 -19.40 25.34 -9.37
N SER H 170 -20.65 25.64 -9.68
CA SER H 170 -20.99 26.66 -10.65
C SER H 170 -21.81 27.76 -9.99
N GLY H 171 -21.74 28.96 -10.55
CA GLY H 171 -22.49 30.07 -10.02
C GLY H 171 -21.90 31.39 -10.48
N GLY H 172 -22.44 32.47 -9.92
CA GLY H 172 -21.98 33.80 -10.23
C GLY H 172 -22.61 34.42 -11.46
N LEU H 173 -21.81 35.13 -12.24
CA LEU H 173 -22.29 35.79 -13.45
C LEU H 173 -22.58 34.78 -14.54
N ILE H 174 -23.44 35.16 -15.47
CA ILE H 174 -23.67 34.40 -16.69
C ILE H 174 -23.12 35.21 -17.85
N ARG H 175 -22.17 34.63 -18.58
CA ARG H 175 -21.55 35.29 -19.72
C ARG H 175 -21.96 34.58 -21.00
N THR H 176 -22.47 35.35 -21.96
CA THR H 176 -22.84 34.84 -23.27
C THR H 176 -22.16 35.68 -24.35
N ILE H 177 -21.86 35.02 -25.46
CA ILE H 177 -21.34 35.71 -26.64
C ILE H 177 -21.99 35.12 -27.87
N THR H 178 -22.40 35.98 -28.79
CA THR H 178 -23.01 35.60 -30.05
C THR H 178 -22.02 35.84 -31.18
N LEU H 179 -21.79 34.79 -31.98
CA LEU H 179 -20.85 34.83 -33.10
C LEU H 179 -21.61 34.50 -34.37
N ASP H 180 -21.62 35.44 -35.31
CA ASP H 180 -22.30 35.23 -36.60
C ASP H 180 -21.64 36.15 -37.62
N ALA H 181 -22.30 36.32 -38.77
CA ALA H 181 -21.72 37.13 -39.85
C ALA H 181 -21.62 38.59 -39.46
N ASP H 182 -22.37 39.03 -38.45
CA ASP H 182 -22.30 40.40 -37.97
C ASP H 182 -21.20 40.50 -36.92
N GLU H 183 -21.14 41.63 -36.24
CA GLU H 183 -20.14 41.80 -35.19
C GLU H 183 -20.50 40.95 -33.98
N PRO H 184 -19.55 40.18 -33.45
CA PRO H 184 -19.85 39.35 -32.27
C PRO H 184 -20.23 40.22 -31.09
N GLU H 185 -21.25 39.79 -30.34
CA GLU H 185 -21.79 40.61 -29.26
C GLU H 185 -21.78 39.82 -27.95
N ASP H 186 -21.20 40.40 -26.92
CA ASP H 186 -21.12 39.78 -25.61
C ASP H 186 -22.16 40.35 -24.66
N GLN H 187 -22.38 39.63 -23.56
CA GLN H 187 -23.35 40.02 -22.56
C GLN H 187 -23.01 39.33 -21.25
N THR H 188 -23.11 40.06 -20.15
CA THR H 188 -22.86 39.52 -18.81
C THR H 188 -24.02 39.91 -17.92
N ILE H 189 -24.80 38.93 -17.48
CA ILE H 189 -25.94 39.17 -16.60
C ILE H 189 -25.58 38.72 -15.20
N PRO H 190 -25.87 39.51 -14.17
CA PRO H 190 -25.49 39.16 -12.80
C PRO H 190 -26.43 38.13 -12.19
N TRP H 191 -26.05 37.66 -11.01
CA TRP H 191 -26.86 36.66 -10.33
C TRP H 191 -28.19 37.23 -9.85
N ASN H 192 -28.21 38.48 -9.38
CA ASN H 192 -29.45 39.07 -8.89
C ASN H 192 -30.45 39.36 -9.98
N ARG H 193 -30.03 39.29 -11.25
CA ARG H 193 -30.94 39.43 -12.39
C ARG H 193 -31.02 38.15 -13.20
N SER H 194 -30.60 37.03 -12.62
CA SER H 194 -30.56 35.77 -13.36
C SER H 194 -31.97 35.31 -13.71
N PRO H 195 -32.14 34.64 -14.87
CA PRO H 195 -33.46 34.16 -15.26
C PRO H 195 -34.05 33.13 -14.32
N TYR H 196 -33.24 32.43 -13.51
CA TYR H 196 -33.79 31.47 -12.57
C TYR H 196 -32.83 31.27 -11.41
N CYS H 197 -33.40 31.08 -10.22
CA CYS H 197 -32.70 30.57 -9.06
C CYS H 197 -33.75 30.05 -8.09
N MET H 198 -33.33 29.10 -7.23
CA MET H 198 -34.29 28.50 -6.31
C MET H 198 -34.73 29.48 -5.21
N GLU H 199 -33.95 30.52 -4.95
CA GLU H 199 -34.32 31.48 -3.92
C GLU H 199 -35.58 32.25 -4.29
N LYS H 200 -35.76 32.57 -5.58
CA LYS H 200 -36.93 33.29 -6.06
C LYS H 200 -38.02 32.36 -6.54
N ASP H 201 -37.81 31.05 -6.53
CA ASP H 201 -38.80 30.11 -7.03
C ASP H 201 -39.93 29.98 -6.02
N PRO H 202 -41.18 30.28 -6.38
CA PRO H 202 -42.27 30.22 -5.41
C PRO H 202 -42.54 28.82 -4.85
N LYS H 203 -42.16 27.76 -5.55
CA LYS H 203 -42.46 26.41 -5.06
C LYS H 203 -41.48 25.93 -4.01
N TYR H 204 -40.39 26.66 -3.77
CA TYR H 204 -39.45 26.34 -2.69
C TYR H 204 -39.52 27.35 -1.56
N VAL H 205 -40.58 28.16 -1.53
CA VAL H 205 -40.73 29.16 -0.48
C VAL H 205 -41.10 28.53 0.86
N THR H 206 -42.03 27.57 0.84
CA THR H 206 -42.46 26.92 2.08
C THR H 206 -41.38 25.96 2.55
N GLN H 207 -40.97 26.10 3.80
CA GLN H 207 -39.91 25.28 4.37
C GLN H 207 -40.42 23.88 4.70
N ALA H 208 -39.54 22.91 4.59
CA ALA H 208 -39.87 21.54 4.98
C ALA H 208 -40.20 21.48 6.46
N THR H 209 -41.20 20.67 6.82
CA THR H 209 -41.66 20.58 8.20
C THR H 209 -40.80 19.57 8.95
N GLN H 210 -39.74 20.07 9.57
CA GLN H 210 -38.77 19.23 10.26
C GLN H 210 -38.76 19.42 11.77
N ASN H 211 -38.97 20.64 12.25
CA ASN H 211 -38.89 20.94 13.68
C ASN H 211 -40.30 20.95 14.27
N GLN H 212 -40.82 19.75 14.52
CA GLN H 212 -42.15 19.61 15.07
C GLN H 212 -42.20 20.21 16.49
N PRO H 213 -43.21 21.01 16.80
CA PRO H 213 -43.46 21.35 18.20
C PRO H 213 -43.93 20.13 18.96
N PHE H 214 -43.63 20.11 20.26
CA PHE H 214 -44.09 19.01 21.10
C PHE H 214 -45.60 19.08 21.23
N SER H 215 -46.29 18.05 20.75
CA SER H 215 -47.74 18.08 20.64
C SER H 215 -48.33 16.78 21.15
N SER H 216 -49.61 16.85 21.51
CA SER H 216 -50.36 15.69 21.98
C SER H 216 -50.99 14.89 20.85
N SER H 217 -50.81 15.31 19.60
CA SER H 217 -51.41 14.67 18.45
C SER H 217 -50.35 14.35 17.40
N ALA H 218 -50.68 13.42 16.52
CA ALA H 218 -49.83 13.06 15.39
C ALA H 218 -50.02 13.99 14.19
N LYS H 219 -50.93 14.96 14.29
CA LYS H 219 -51.15 15.91 13.21
C LYS H 219 -49.93 16.81 13.04
N ILE H 220 -49.47 16.92 11.79
CA ILE H 220 -48.33 17.79 11.48
C ILE H 220 -48.84 19.20 11.23
N THR H 221 -48.32 20.17 11.98
CA THR H 221 -48.86 21.52 11.99
C THR H 221 -47.78 22.58 11.76
N GLY H 222 -46.69 22.24 11.08
CA GLY H 222 -45.66 23.22 10.78
C GLY H 222 -44.50 23.19 11.76
N ASN H 223 -43.50 24.01 11.45
CA ASN H 223 -42.30 24.09 12.26
C ASN H 223 -42.50 24.98 13.47
N ARG H 224 -41.73 24.73 14.52
CA ARG H 224 -41.73 25.54 15.73
C ARG H 224 -40.73 26.67 15.54
N MET H 225 -41.22 27.91 15.47
CA MET H 225 -40.38 29.06 15.23
C MET H 225 -40.33 30.02 16.41
N SER H 226 -40.87 29.63 17.56
CA SER H 226 -40.84 30.47 18.75
C SER H 226 -40.73 29.57 19.97
N SER H 227 -40.08 30.10 21.02
CA SER H 227 -39.95 29.36 22.27
C SER H 227 -41.30 29.12 22.92
N THR H 228 -42.12 30.17 23.00
CA THR H 228 -43.45 30.02 23.58
C THR H 228 -44.33 29.11 22.73
N GLY H 229 -44.27 29.26 21.40
CA GLY H 229 -45.06 28.44 20.51
C GLY H 229 -44.24 27.44 19.72
N THR I 1 1.26 33.50 5.30
CA THR I 1 1.47 34.59 4.36
C THR I 1 0.14 35.13 3.83
N THR I 2 0.01 36.46 3.81
CA THR I 2 -1.18 37.12 3.28
C THR I 2 -0.73 38.25 2.38
N ILE I 3 -1.09 38.17 1.10
CA ILE I 3 -0.80 39.22 0.14
C ILE I 3 -2.10 39.66 -0.51
N VAL I 4 -2.30 40.97 -0.63
CA VAL I 4 -3.55 41.55 -1.08
C VAL I 4 -3.25 42.60 -2.15
N GLY I 5 -4.11 42.64 -3.17
CA GLY I 5 -4.01 43.67 -4.19
C GLY I 5 -5.34 44.33 -4.46
N VAL I 6 -5.34 45.64 -4.67
CA VAL I 6 -6.57 46.41 -4.86
C VAL I 6 -6.36 47.42 -5.97
N VAL I 7 -7.32 47.52 -6.88
CA VAL I 7 -7.32 48.57 -7.90
C VAL I 7 -8.17 49.73 -7.41
N TYR I 8 -7.61 50.92 -7.40
CA TYR I 8 -8.31 52.12 -6.98
C TYR I 8 -8.38 53.11 -8.15
N ARG I 9 -8.82 54.34 -7.84
CA ARG I 9 -9.09 55.37 -8.85
C ARG I 9 -8.00 55.45 -9.91
N ASP I 10 -6.75 55.63 -9.50
CA ASP I 10 -5.61 55.69 -10.44
C ASP I 10 -4.38 55.01 -9.83
N GLY I 11 -4.25 53.72 -10.10
CA GLY I 11 -3.12 52.93 -9.64
C GLY I 11 -3.55 51.65 -8.97
N VAL I 12 -2.57 50.98 -8.36
CA VAL I 12 -2.78 49.72 -7.66
C VAL I 12 -2.10 49.81 -6.30
N VAL I 13 -2.78 49.26 -5.29
CA VAL I 13 -2.23 49.20 -3.93
C VAL I 13 -2.02 47.73 -3.59
N LEU I 14 -0.79 47.38 -3.27
CA LEU I 14 -0.43 46.04 -2.85
C LEU I 14 -0.06 46.03 -1.37
N GLY I 15 -0.28 44.90 -0.72
CA GLY I 15 0.01 44.78 0.69
C GLY I 15 0.41 43.36 1.03
N ALA I 16 1.21 43.22 2.08
CA ALA I 16 1.71 41.92 2.49
C ALA I 16 1.99 41.94 3.99
N ASP I 17 2.16 40.74 4.55
CA ASP I 17 2.65 40.60 5.90
C ASP I 17 4.17 40.44 5.88
N THR I 18 4.79 40.38 7.06
CA THR I 18 6.23 40.31 7.17
C THR I 18 6.75 39.11 7.94
N ARG I 19 5.89 38.14 8.28
CA ARG I 19 6.33 36.98 9.04
C ARG I 19 6.71 35.84 8.11
N ALA I 20 7.91 35.29 8.31
CA ALA I 20 8.37 34.11 7.59
C ALA I 20 8.54 32.98 8.61
N THR I 21 7.88 31.86 8.36
CA THR I 21 7.87 30.74 9.29
C THR I 21 8.74 29.60 8.77
N GLU I 22 9.73 29.20 9.56
CA GLU I 22 10.61 28.09 9.20
C GLU I 22 9.99 26.78 9.70
N GLY I 23 8.85 26.43 9.09
CA GLY I 23 8.15 25.22 9.47
C GLY I 23 7.60 25.26 10.88
N SER I 24 6.58 26.10 11.10
CA SER I 24 5.85 26.27 12.34
C SER I 24 6.64 27.04 13.41
N ILE I 25 7.80 27.60 13.04
CA ILE I 25 8.55 28.47 13.93
C ILE I 25 8.94 29.72 13.15
N VAL I 26 8.83 30.88 13.81
CA VAL I 26 9.06 32.17 13.16
C VAL I 26 10.56 32.32 12.94
N ALA I 27 10.99 32.27 11.67
CA ALA I 27 12.40 32.48 11.34
C ALA I 27 12.75 33.96 11.37
N ASP I 28 12.08 34.76 10.54
CA ASP I 28 12.30 36.20 10.48
C ASP I 28 10.97 36.89 10.68
N LYS I 29 10.98 37.96 11.48
CA LYS I 29 9.76 38.70 11.79
C LYS I 29 9.52 39.88 10.85
N ARG I 30 10.45 40.18 9.96
CA ARG I 30 10.33 41.31 9.05
C ARG I 30 10.77 40.92 7.64
N CYS I 31 10.31 39.76 7.19
CA CYS I 31 10.59 39.33 5.82
C CYS I 31 9.91 40.27 4.83
N ARG I 32 10.53 40.40 3.65
CA ARG I 32 10.05 41.27 2.59
C ARG I 32 9.41 40.39 1.52
N LYS I 33 8.13 40.61 1.25
CA LYS I 33 7.39 39.81 0.28
C LYS I 33 6.85 40.62 -0.90
N ILE I 34 7.00 41.94 -0.88
CA ILE I 34 6.65 42.78 -2.01
C ILE I 34 7.93 42.99 -2.82
N HIS I 35 8.01 42.34 -3.97
CA HIS I 35 9.24 42.29 -4.75
C HIS I 35 9.19 43.30 -5.90
N TYR I 36 10.38 43.68 -6.36
CA TYR I 36 10.51 44.59 -7.49
C TYR I 36 10.44 43.81 -8.80
N MET I 37 9.65 44.34 -9.73
CA MET I 37 9.57 43.79 -11.08
C MET I 37 9.95 44.82 -12.14
N ALA I 38 9.54 46.07 -11.96
CA ALA I 38 9.80 47.12 -12.92
C ALA I 38 9.62 48.46 -12.20
N PRO I 39 9.97 49.57 -12.84
CA PRO I 39 9.66 50.88 -12.24
C PRO I 39 8.17 51.12 -12.05
N ASN I 40 7.32 50.40 -12.78
CA ASN I 40 5.88 50.55 -12.68
C ASN I 40 5.16 49.26 -12.33
N ILE I 41 5.90 48.17 -12.06
CA ILE I 41 5.30 46.86 -11.79
C ILE I 41 5.90 46.30 -10.52
N MET I 42 5.06 45.78 -9.64
CA MET I 42 5.48 45.06 -8.44
C MET I 42 4.75 43.73 -8.36
N CYS I 43 5.29 42.83 -7.55
CA CYS I 43 4.74 41.49 -7.43
C CYS I 43 4.94 40.97 -6.02
N CYS I 44 3.85 40.78 -5.29
CA CYS I 44 3.89 40.09 -4.01
C CYS I 44 3.89 38.58 -4.23
N GLY I 45 4.53 37.86 -3.33
CA GLY I 45 4.66 36.42 -3.46
C GLY I 45 4.29 35.69 -2.20
N ALA I 46 3.77 34.47 -2.39
CA ALA I 46 3.42 33.59 -1.29
C ALA I 46 3.78 32.16 -1.67
N GLY I 47 4.01 31.34 -0.65
CA GLY I 47 4.43 29.97 -0.86
C GLY I 47 5.90 29.78 -0.60
N THR I 48 6.54 28.89 -1.36
CA THR I 48 7.97 28.66 -1.20
C THR I 48 8.74 29.94 -1.50
N SER I 49 9.42 30.48 -0.49
CA SER I 49 10.10 31.75 -0.64
C SER I 49 11.20 31.69 -1.69
N ALA I 50 11.92 30.57 -1.75
CA ALA I 50 12.98 30.43 -2.74
C ALA I 50 12.43 30.49 -4.16
N ASP I 51 11.33 29.77 -4.41
CA ASP I 51 10.73 29.77 -5.74
C ASP I 51 10.22 31.15 -6.12
N THR I 52 9.54 31.84 -5.19
CA THR I 52 9.04 33.17 -5.46
C THR I 52 10.17 34.13 -5.77
N GLU I 53 11.21 34.13 -4.93
CA GLU I 53 12.36 35.00 -5.17
C GLU I 53 13.02 34.72 -6.51
N ALA I 54 13.23 33.44 -6.83
CA ALA I 54 13.90 33.10 -8.08
C ALA I 54 13.08 33.53 -9.29
N VAL I 55 11.78 33.22 -9.29
CA VAL I 55 10.96 33.55 -10.46
C VAL I 55 10.83 35.07 -10.60
N THR I 56 10.64 35.79 -9.49
CA THR I 56 10.52 37.23 -9.58
C THR I 56 11.81 37.87 -10.07
N ASN I 57 12.96 37.42 -9.55
CA ASN I 57 14.23 37.96 -9.99
C ASN I 57 14.48 37.68 -11.46
N MET I 58 14.19 36.46 -11.91
CA MET I 58 14.42 36.11 -13.30
C MET I 58 13.55 36.95 -14.23
N VAL I 59 12.25 37.05 -13.92
CA VAL I 59 11.37 37.81 -14.79
C VAL I 59 11.69 39.29 -14.75
N SER I 60 12.11 39.81 -13.60
CA SER I 60 12.52 41.21 -13.54
C SER I 60 13.76 41.47 -14.38
N SER I 61 14.74 40.56 -14.33
CA SER I 61 15.92 40.71 -15.19
C SER I 61 15.55 40.63 -16.66
N HIS I 62 14.67 39.71 -17.02
CA HIS I 62 14.22 39.60 -18.40
C HIS I 62 13.50 40.88 -18.84
N LEU I 63 12.67 41.45 -17.96
CA LEU I 63 11.99 42.69 -18.28
C LEU I 63 12.98 43.84 -18.45
N ALA I 64 14.00 43.90 -17.60
CA ALA I 64 15.01 44.96 -17.75
C ALA I 64 15.74 44.83 -19.09
N LEU I 65 16.12 43.61 -19.45
CA LEU I 65 16.75 43.40 -20.75
C LEU I 65 15.82 43.80 -21.89
N HIS I 66 14.54 43.45 -21.76
CA HIS I 66 13.57 43.77 -22.81
C HIS I 66 13.35 45.27 -22.93
N ARG I 67 13.35 46.00 -21.82
CA ARG I 67 13.23 47.46 -21.91
C ARG I 67 14.49 48.09 -22.44
N LEU I 68 15.66 47.48 -22.22
CA LEU I 68 16.86 47.94 -22.90
C LEU I 68 16.74 47.74 -24.40
N GLU I 69 16.17 46.60 -24.82
CA GLU I 69 16.03 46.32 -26.25
C GLU I 69 15.04 47.26 -26.91
N THR I 70 13.84 47.40 -26.32
CA THR I 70 12.78 48.15 -26.97
C THR I 70 12.89 49.64 -26.71
N GLY I 71 13.32 50.03 -25.51
CA GLY I 71 13.34 51.44 -25.13
C GLY I 71 12.05 51.95 -24.53
N LYS I 72 11.01 51.13 -24.48
CA LYS I 72 9.75 51.51 -23.87
C LYS I 72 9.70 51.07 -22.42
N GLN I 73 8.63 51.44 -21.73
CA GLN I 73 8.39 50.93 -20.39
C GLN I 73 7.69 49.58 -20.48
N SER I 74 7.97 48.71 -19.51
CA SER I 74 7.45 47.36 -19.54
C SER I 74 5.94 47.36 -19.31
N ARG I 75 5.25 46.48 -20.02
CA ARG I 75 3.81 46.30 -19.85
C ARG I 75 3.56 45.21 -18.82
N VAL I 76 2.49 45.39 -18.04
CA VAL I 76 2.18 44.42 -16.99
C VAL I 76 1.78 43.09 -17.61
N LEU I 77 1.12 43.12 -18.77
CA LEU I 77 0.76 41.89 -19.45
C LEU I 77 1.99 41.08 -19.84
N GLU I 78 3.10 41.75 -20.18
CA GLU I 78 4.32 41.02 -20.52
C GLU I 78 4.88 40.27 -19.32
N ALA I 79 4.94 40.93 -18.16
CA ALA I 79 5.38 40.25 -16.95
C ALA I 79 4.45 39.12 -16.58
N LEU I 80 3.14 39.34 -16.73
CA LEU I 80 2.17 38.30 -16.45
C LEU I 80 2.39 37.08 -17.35
N THR I 81 2.61 37.32 -18.64
CA THR I 81 2.83 36.21 -19.57
C THR I 81 4.11 35.46 -19.24
N LEU I 82 5.19 36.19 -18.94
CA LEU I 82 6.45 35.52 -18.61
C LEU I 82 6.29 34.66 -17.36
N LEU I 83 5.70 35.23 -16.31
CA LEU I 83 5.51 34.49 -15.06
C LEU I 83 4.63 33.28 -15.27
N LYS I 84 3.54 33.43 -16.01
CA LYS I 84 2.61 32.32 -16.16
C LYS I 84 3.21 31.21 -17.03
N ARG I 85 3.97 31.57 -18.07
CA ARG I 85 4.63 30.54 -18.86
C ARG I 85 5.65 29.78 -18.03
N HIS I 86 6.46 30.51 -17.24
CA HIS I 86 7.46 29.83 -16.42
C HIS I 86 6.79 28.93 -15.37
N LEU I 87 5.72 29.39 -14.74
CA LEU I 87 5.08 28.58 -13.71
C LEU I 87 4.37 27.38 -14.31
N TYR I 88 3.79 27.52 -15.49
CA TYR I 88 3.12 26.39 -16.13
C TYR I 88 4.14 25.38 -16.65
N ARG I 89 5.33 25.83 -17.03
CA ARG I 89 6.34 24.91 -17.55
C ARG I 89 6.75 23.86 -16.53
N TYR I 90 6.64 24.18 -15.23
CA TYR I 90 7.07 23.28 -14.17
C TYR I 90 5.91 22.56 -13.50
N GLN I 91 4.70 22.66 -14.05
CA GLN I 91 3.55 21.88 -13.58
C GLN I 91 3.26 22.11 -12.09
N GLY I 92 3.50 23.34 -11.63
CA GLY I 92 3.20 23.70 -10.27
C GLY I 92 4.23 23.30 -9.24
N HIS I 93 5.31 22.63 -9.64
CA HIS I 93 6.34 22.25 -8.68
C HIS I 93 7.15 23.45 -8.21
N VAL I 94 7.19 24.53 -8.99
CA VAL I 94 7.70 25.82 -8.53
C VAL I 94 6.51 26.48 -7.83
N SER I 95 6.39 26.22 -6.53
CA SER I 95 5.20 26.63 -5.78
C SER I 95 5.34 28.09 -5.39
N ALA I 96 4.78 28.96 -6.22
CA ALA I 96 4.79 30.40 -5.97
C ALA I 96 3.45 30.98 -6.43
N ALA I 97 2.68 31.52 -5.49
CA ALA I 97 1.44 32.21 -5.81
C ALA I 97 1.72 33.70 -5.79
N LEU I 98 1.48 34.36 -6.92
CA LEU I 98 1.92 35.74 -7.11
C LEU I 98 0.73 36.67 -7.29
N VAL I 99 0.87 37.87 -6.74
CA VAL I 99 -0.07 38.96 -6.98
C VAL I 99 0.71 40.06 -7.70
N LEU I 100 0.40 40.27 -8.97
CA LEU I 100 1.11 41.21 -9.82
C LEU I 100 0.28 42.47 -9.98
N GLY I 101 0.89 43.62 -9.68
CA GLY I 101 0.20 44.88 -9.80
C GLY I 101 1.05 45.94 -10.47
N GLY I 102 0.49 46.64 -11.45
CA GLY I 102 1.25 47.67 -12.13
C GLY I 102 0.33 48.68 -12.80
N VAL I 103 0.96 49.67 -13.42
CA VAL I 103 0.25 50.69 -14.19
C VAL I 103 0.96 50.87 -15.53
N ASP I 104 0.19 50.87 -16.60
CA ASP I 104 0.71 51.01 -17.96
C ASP I 104 0.00 52.18 -18.65
N VAL I 105 0.24 52.31 -19.95
CA VAL I 105 -0.52 53.26 -20.76
C VAL I 105 -1.97 52.85 -20.86
N GLU I 106 -2.29 51.59 -20.60
CA GLU I 106 -3.65 51.09 -20.62
C GLU I 106 -4.33 51.16 -19.26
N GLY I 107 -3.67 51.71 -18.25
CA GLY I 107 -4.26 51.85 -16.94
C GLY I 107 -3.80 50.79 -15.96
N PRO I 108 -4.35 50.83 -14.75
CA PRO I 108 -3.95 49.85 -13.73
C PRO I 108 -4.25 48.43 -14.15
N PHE I 109 -3.37 47.51 -13.74
CA PHE I 109 -3.48 46.11 -14.07
C PHE I 109 -3.12 45.31 -12.82
N LEU I 110 -4.10 44.57 -12.30
CA LEU I 110 -3.89 43.71 -11.14
C LEU I 110 -4.33 42.30 -11.49
N ALA I 111 -3.49 41.32 -11.15
CA ALA I 111 -3.78 39.94 -11.47
C ALA I 111 -3.14 39.02 -10.45
N THR I 112 -3.63 37.77 -10.42
CA THR I 112 -3.02 36.71 -9.64
C THR I 112 -2.52 35.61 -10.56
N ILE I 113 -1.37 35.06 -10.24
CA ILE I 113 -0.80 33.92 -10.95
C ILE I 113 -0.72 32.78 -9.96
N ALA I 114 -1.42 31.68 -10.25
CA ALA I 114 -1.39 30.50 -9.41
C ALA I 114 -0.07 29.75 -9.63
N PRO I 115 0.33 28.93 -8.67
CA PRO I 115 1.56 28.13 -8.85
C PRO I 115 1.51 27.23 -10.07
N HIS I 116 0.32 26.84 -10.54
CA HIS I 116 0.20 26.00 -11.73
C HIS I 116 0.20 26.79 -13.02
N GLY I 117 0.12 28.12 -12.97
CA GLY I 117 0.23 28.95 -14.15
C GLY I 117 -1.04 29.67 -14.55
N SER I 118 -2.17 29.41 -13.90
CA SER I 118 -3.41 30.08 -14.25
C SER I 118 -3.39 31.52 -13.75
N THR I 119 -4.00 32.42 -14.52
CA THR I 119 -4.03 33.84 -14.20
C THR I 119 -5.47 34.35 -14.16
N ASP I 120 -5.71 35.29 -13.24
CA ASP I 120 -7.01 35.92 -13.09
C ASP I 120 -6.80 37.41 -12.87
N ARG I 121 -7.34 38.23 -13.76
CA ARG I 121 -7.28 39.67 -13.63
C ARG I 121 -8.56 40.16 -12.96
N LEU I 122 -8.43 40.78 -11.80
CA LEU I 122 -9.56 41.14 -10.96
C LEU I 122 -9.30 42.49 -10.31
N PRO I 123 -10.35 43.21 -9.87
CA PRO I 123 -10.14 44.51 -9.22
C PRO I 123 -9.52 44.39 -7.84
N PHE I 124 -9.80 43.28 -7.14
CA PHE I 124 -9.22 43.05 -5.83
C PHE I 124 -8.96 41.55 -5.69
N VAL I 125 -7.78 41.22 -5.16
CA VAL I 125 -7.30 39.84 -5.11
C VAL I 125 -6.60 39.59 -3.78
N THR I 126 -6.61 38.31 -3.38
CA THR I 126 -5.88 37.86 -2.21
C THR I 126 -5.18 36.55 -2.54
N MET I 127 -4.01 36.35 -1.92
CA MET I 127 -3.27 35.10 -2.05
C MET I 127 -2.56 34.82 -0.73
N GLY I 128 -2.25 33.55 -0.51
CA GLY I 128 -1.55 33.10 0.68
C GLY I 128 -2.44 32.26 1.58
N SER I 129 -1.86 31.85 2.69
CA SER I 129 -2.60 31.04 3.65
C SER I 129 -3.70 31.84 4.36
N GLY I 130 -3.46 33.13 4.58
CA GLY I 130 -4.44 33.98 5.22
C GLY I 130 -5.27 34.77 4.23
N SER I 131 -5.29 34.31 2.97
CA SER I 131 -6.02 35.01 1.92
C SER I 131 -7.52 35.06 2.18
N ILE I 132 -8.11 33.95 2.60
CA ILE I 132 -9.56 33.88 2.75
C ILE I 132 -10.04 34.94 3.75
N ALA I 133 -9.43 34.97 4.95
CA ALA I 133 -9.78 35.99 5.91
C ALA I 133 -9.54 37.39 5.38
N ALA I 134 -8.53 37.55 4.52
CA ALA I 134 -8.32 38.83 3.85
C ALA I 134 -9.45 39.11 2.86
N MET I 135 -9.81 38.09 2.07
CA MET I 135 -10.82 38.31 1.02
C MET I 135 -12.16 38.71 1.62
N ALA I 136 -12.54 38.08 2.74
CA ALA I 136 -13.79 38.45 3.40
C ALA I 136 -13.81 39.92 3.76
N GLN I 137 -12.66 40.51 4.05
CA GLN I 137 -12.63 41.95 4.30
C GLN I 137 -12.83 42.73 3.01
N LEU I 138 -12.17 42.33 1.94
CA LEU I 138 -12.29 43.05 0.67
C LEU I 138 -13.72 42.99 0.15
N GLU I 139 -14.36 41.82 0.24
CA GLU I 139 -15.74 41.70 -0.19
C GLU I 139 -16.68 42.52 0.67
N ALA I 140 -16.23 42.99 1.83
CA ALA I 140 -17.10 43.72 2.75
C ALA I 140 -16.95 45.23 2.65
N ALA I 141 -15.85 45.73 2.08
CA ALA I 141 -15.60 47.16 2.07
C ALA I 141 -15.08 47.71 0.75
N TYR I 142 -14.94 46.89 -0.30
CA TYR I 142 -14.42 47.38 -1.56
C TYR I 142 -15.49 48.11 -2.34
N LYS I 143 -15.11 49.23 -2.95
CA LYS I 143 -15.97 49.95 -3.87
C LYS I 143 -15.11 50.48 -5.02
N ASP I 144 -15.77 50.76 -6.15
CA ASP I 144 -15.06 51.24 -7.32
C ASP I 144 -14.58 52.67 -7.14
N ASN I 145 -13.42 52.96 -7.72
CA ASN I 145 -12.85 54.30 -7.76
C ASN I 145 -12.62 54.87 -6.36
N MET I 146 -11.95 54.10 -5.51
CA MET I 146 -11.55 54.61 -4.21
C MET I 146 -10.36 55.55 -4.36
N THR I 147 -10.22 56.46 -3.40
CA THR I 147 -9.02 57.30 -3.35
C THR I 147 -7.84 56.48 -2.85
N CYS I 148 -6.66 57.09 -2.87
CA CYS I 148 -5.46 56.40 -2.43
C CYS I 148 -5.55 56.04 -0.95
N GLU I 149 -6.05 56.96 -0.12
CA GLU I 149 -6.15 56.69 1.31
C GLU I 149 -7.12 55.56 1.60
N GLU I 150 -8.27 55.54 0.93
CA GLU I 150 -9.24 54.48 1.15
C GLU I 150 -8.68 53.13 0.74
N ALA I 151 -8.00 53.07 -0.41
CA ALA I 151 -7.40 51.82 -0.85
C ALA I 151 -6.31 51.35 0.10
N LYS I 152 -5.48 52.26 0.57
CA LYS I 152 -4.43 51.89 1.52
C LYS I 152 -5.01 51.36 2.82
N GLU I 153 -6.04 52.04 3.34
CA GLU I 153 -6.65 51.58 4.59
C GLU I 153 -7.34 50.23 4.40
N LEU I 154 -8.01 50.03 3.27
CA LEU I 154 -8.65 48.75 3.01
C LEU I 154 -7.62 47.63 2.91
N VAL I 155 -6.51 47.89 2.22
CA VAL I 155 -5.45 46.88 2.10
C VAL I 155 -4.86 46.57 3.46
N ALA I 156 -4.61 47.60 4.28
CA ALA I 156 -4.05 47.37 5.61
C ALA I 156 -5.02 46.55 6.47
N SER I 157 -6.32 46.87 6.40
CA SER I 157 -7.30 46.12 7.18
C SER I 157 -7.39 44.67 6.72
N ALA I 158 -7.38 44.44 5.40
CA ALA I 158 -7.43 43.08 4.89
C ALA I 158 -6.18 42.30 5.29
N ILE I 159 -5.02 42.96 5.31
CA ILE I 159 -3.81 42.29 5.76
C ILE I 159 -3.90 41.97 7.24
N ARG I 160 -4.43 42.90 8.04
CA ARG I 160 -4.58 42.66 9.48
C ARG I 160 -5.53 41.51 9.76
N LYS I 161 -6.53 41.30 8.89
CA LYS I 161 -7.42 40.15 9.07
C LYS I 161 -6.67 38.84 8.97
N GLY I 162 -5.72 38.74 8.05
CA GLY I 162 -4.89 37.56 7.96
C GLY I 162 -3.83 37.52 9.04
N ILE I 163 -3.43 38.69 9.53
CA ILE I 163 -2.39 38.74 10.56
C ILE I 163 -2.89 38.09 11.84
N PHE I 164 -4.14 38.37 12.22
CA PHE I 164 -4.65 37.93 13.51
C PHE I 164 -5.37 36.60 13.44
N ASN I 165 -5.84 36.19 12.27
CA ASN I 165 -6.57 34.94 12.12
C ASN I 165 -5.77 33.85 11.43
N ASP I 166 -4.52 34.13 11.05
CA ASP I 166 -3.65 33.12 10.46
C ASP I 166 -2.37 33.08 11.29
N PRO I 167 -1.99 31.91 11.82
CA PRO I 167 -0.72 31.83 12.57
C PRO I 167 0.51 32.06 11.73
N TYR I 168 0.41 31.98 10.40
CA TYR I 168 1.57 32.12 9.53
C TYR I 168 1.81 33.55 9.07
N SER I 169 0.98 34.51 9.50
CA SER I 169 1.10 35.89 9.08
C SER I 169 1.18 36.80 10.29
N GLY I 170 1.86 37.93 10.13
CA GLY I 170 1.80 38.96 11.16
C GLY I 170 3.05 39.83 11.16
N THR I 171 3.16 40.59 12.25
CA THR I 171 4.26 41.42 12.74
C THR I 171 4.41 42.77 12.04
N GLN I 172 3.76 43.01 10.90
CA GLN I 172 3.74 44.30 10.19
C GLN I 172 2.76 44.21 9.03
N VAL I 173 2.53 45.36 8.40
CA VAL I 173 1.81 45.46 7.14
C VAL I 173 2.70 46.24 6.18
N ASP I 174 3.06 45.62 5.06
CA ASP I 174 3.81 46.28 4.00
C ASP I 174 2.86 46.76 2.92
N VAL I 175 2.96 48.04 2.57
CA VAL I 175 2.05 48.68 1.62
C VAL I 175 2.85 49.32 0.50
N CYS I 176 2.47 49.06 -0.74
CA CYS I 176 3.09 49.64 -1.91
C CYS I 176 2.02 50.26 -2.79
N VAL I 177 2.21 51.53 -3.17
CA VAL I 177 1.29 52.25 -4.04
C VAL I 177 1.97 52.47 -5.38
N ILE I 178 1.31 52.05 -6.46
CA ILE I 178 1.84 52.15 -7.81
C ILE I 178 0.91 53.04 -8.62
N THR I 179 1.45 54.11 -9.18
CA THR I 179 0.70 55.01 -10.05
C THR I 179 1.36 55.03 -11.43
N LYS I 180 0.86 55.91 -12.30
CA LYS I 180 1.44 56.04 -13.63
C LYS I 180 2.88 56.55 -13.56
N ASP I 181 3.15 57.50 -12.67
CA ASP I 181 4.46 58.14 -12.62
C ASP I 181 5.32 57.61 -11.47
N LYS I 182 4.73 57.44 -10.29
CA LYS I 182 5.47 57.12 -9.08
C LYS I 182 5.04 55.77 -8.51
N THR I 183 6.01 55.07 -7.92
CA THR I 183 5.77 53.81 -7.21
C THR I 183 6.37 53.97 -5.82
N GLU I 184 5.52 53.98 -4.80
CA GLU I 184 5.93 54.18 -3.41
C GLU I 184 5.69 52.90 -2.62
N LEU I 185 6.68 52.52 -1.81
CA LEU I 185 6.62 51.30 -1.00
C LEU I 185 6.83 51.68 0.46
N THR I 186 5.77 51.61 1.26
CA THR I 186 5.84 51.88 2.69
C THR I 186 5.98 50.57 3.45
N ILE I 187 6.96 50.52 4.34
CA ILE I 187 7.27 49.28 5.06
C ILE I 187 6.56 49.24 6.40
N GLY I 188 6.60 50.33 7.16
CA GLY I 188 5.96 50.36 8.47
C GLY I 188 4.64 51.09 8.47
N TYR I 189 3.82 50.84 7.45
CA TYR I 189 2.55 51.56 7.34
C TYR I 189 1.65 51.28 8.54
N ASP I 190 1.58 50.04 8.98
CA ASP I 190 0.81 49.66 10.15
C ASP I 190 1.62 48.69 11.00
N LYS I 191 1.73 48.98 12.29
CA LYS I 191 2.41 48.11 13.26
C LYS I 191 1.44 47.84 14.41
N PRO I 192 0.47 46.94 14.21
CA PRO I 192 -0.46 46.66 15.31
C PRO I 192 0.18 45.89 16.45
N ASN I 193 1.15 45.03 16.14
CA ASN I 193 1.84 44.24 17.16
C ASN I 193 3.13 44.97 17.55
N GLU I 194 3.06 45.75 18.61
CA GLU I 194 4.20 46.52 19.08
C GLU I 194 5.06 45.67 20.01
N ARG I 195 6.09 46.31 20.58
CA ARG I 195 6.99 45.63 21.52
C ARG I 195 6.54 45.93 22.93
N MET I 196 5.95 44.93 23.59
CA MET I 196 5.45 45.07 24.95
C MET I 196 6.26 44.18 25.89
N TYR I 197 6.30 44.57 27.17
CA TYR I 197 7.05 43.87 28.21
C TYR I 197 8.50 43.66 27.80
N PRO I 198 9.32 44.72 27.82
CA PRO I 198 10.71 44.59 27.35
C PRO I 198 11.53 43.56 28.10
N ARG I 199 12.68 43.20 27.54
CA ARG I 199 13.51 42.14 28.09
C ARG I 199 14.11 42.56 29.43
N GLN I 200 14.47 41.56 30.24
CA GLN I 200 15.16 41.82 31.50
C GLN I 200 16.59 42.28 31.27
N GLU I 201 17.23 41.82 30.19
CA GLU I 201 18.64 42.12 29.91
C GLU I 201 19.52 41.68 31.07
N VAL I 202 19.54 40.37 31.30
CA VAL I 202 20.40 39.79 32.33
C VAL I 202 21.83 39.77 31.81
N LEU I 203 22.75 40.34 32.58
CA LEU I 203 24.11 40.54 32.13
C LEU I 203 24.98 39.31 32.39
N LEU I 204 25.88 39.04 31.46
CA LEU I 204 26.87 37.97 31.59
C LEU I 204 28.25 38.58 31.45
N PRO I 205 28.95 38.81 32.56
CA PRO I 205 30.26 39.46 32.50
C PRO I 205 31.25 38.65 31.67
N PRO I 206 32.13 39.31 30.93
CA PRO I 206 33.12 38.58 30.11
C PRO I 206 34.00 37.69 30.98
N GLY I 207 34.04 36.41 30.64
CA GLY I 207 34.78 35.42 31.39
C GLY I 207 33.92 34.38 32.10
N THR I 208 32.60 34.45 31.99
CA THR I 208 31.76 33.45 32.65
C THR I 208 31.79 32.11 31.92
N THR I 209 32.19 32.11 30.66
CA THR I 209 32.28 30.87 29.88
C THR I 209 33.72 30.45 29.76
N PRO I 210 34.12 29.30 30.31
CA PRO I 210 35.52 28.88 30.22
C PRO I 210 35.96 28.64 28.78
N VAL I 211 37.23 28.94 28.52
CA VAL I 211 37.81 28.85 27.18
C VAL I 211 39.01 27.91 27.24
N LEU I 212 39.10 27.02 26.24
CA LEU I 212 40.11 25.96 26.26
C LEU I 212 41.38 26.39 25.52
N LYS I 213 41.25 26.87 24.29
CA LYS I 213 42.31 27.62 23.61
C LYS I 213 41.74 28.90 23.01
N GLU I 214 42.62 29.88 22.82
CA GLU I 214 42.29 31.16 22.20
C GLU I 214 43.37 31.52 21.19
N GLU I 215 42.93 32.09 20.06
CA GLU I 215 43.85 32.56 19.03
C GLU I 215 43.32 33.89 18.50
N ILE I 216 44.17 34.91 18.54
CA ILE I 216 43.81 36.25 18.06
C ILE I 216 44.63 36.55 16.81
N ARG I 217 43.96 37.02 15.77
CA ARG I 217 44.60 37.33 14.49
C ARG I 217 44.28 38.77 14.12
N GLN I 218 45.28 39.64 14.20
CA GLN I 218 45.12 41.03 13.83
C GLN I 218 45.09 41.18 12.31
N LEU I 219 44.28 42.13 11.84
CA LEU I 219 44.18 42.40 10.41
C LEU I 219 44.56 43.85 10.11
N SER J 2 15.43 11.70 9.57
CA SER J 2 15.59 12.46 8.34
C SER J 2 17.06 12.56 7.94
N ILE J 3 17.30 13.08 6.73
CA ILE J 3 18.66 13.21 6.23
C ILE J 3 19.40 14.39 6.86
N MET J 4 18.69 15.47 7.18
CA MET J 4 19.34 16.66 7.73
C MET J 4 19.84 16.45 9.15
N ALA J 5 19.23 15.54 9.91
CA ALA J 5 19.63 15.27 11.28
C ALA J 5 20.52 14.04 11.40
N TYR J 6 20.93 13.45 10.27
CA TYR J 6 21.73 12.24 10.32
C TYR J 6 23.10 12.50 10.97
N SER J 7 23.74 13.60 10.60
CA SER J 7 25.09 13.88 11.07
C SER J 7 25.14 14.77 12.30
N GLY J 8 24.03 15.40 12.67
CA GLY J 8 24.03 16.32 13.79
C GLY J 8 24.81 17.58 13.47
N GLY J 9 24.96 18.41 14.49
CA GLY J 9 25.70 19.64 14.31
C GLY J 9 24.78 20.85 14.37
N SER J 10 25.32 21.95 14.90
CA SER J 10 24.57 23.20 14.98
C SER J 10 25.52 24.37 14.86
N VAL J 11 25.05 25.42 14.19
CA VAL J 11 25.80 26.65 13.96
C VAL J 11 24.89 27.83 14.25
N MET J 12 25.46 28.90 14.79
CA MET J 12 24.69 30.11 15.07
C MET J 12 25.58 31.32 14.93
N ALA J 13 25.07 32.35 14.26
CA ALA J 13 25.76 33.62 14.11
C ALA J 13 24.95 34.71 14.82
N MET J 14 25.67 35.63 15.47
CA MET J 14 25.08 36.68 16.26
C MET J 14 25.78 37.99 15.95
N ALA J 15 25.01 39.08 15.94
CA ALA J 15 25.51 40.37 15.47
C ALA J 15 25.78 41.29 16.65
N GLY J 16 27.00 41.84 16.69
CA GLY J 16 27.37 42.87 17.64
C GLY J 16 27.19 44.24 17.05
N LYS J 17 27.97 45.20 17.55
CA LYS J 17 27.88 46.55 16.99
C LYS J 17 28.73 46.67 15.72
N GLU J 18 30.05 46.70 15.88
CA GLU J 18 30.95 46.51 14.75
C GLU J 18 31.60 45.14 14.78
N CYS J 19 30.82 44.07 14.85
CA CYS J 19 31.39 42.73 15.03
C CYS J 19 30.28 41.70 14.88
N PHE J 20 30.71 40.44 14.76
CA PHE J 20 29.78 39.33 14.81
C PHE J 20 30.50 38.10 15.33
N VAL J 21 29.77 37.25 16.05
CA VAL J 21 30.30 36.03 16.63
C VAL J 21 29.60 34.86 15.97
N ILE J 22 30.36 33.95 15.37
CA ILE J 22 29.82 32.76 14.75
C ILE J 22 30.36 31.54 15.47
N ILE J 23 29.47 30.65 15.90
CA ILE J 23 29.81 29.56 16.79
C ILE J 23 29.22 28.26 16.26
N SER J 24 29.99 27.18 16.38
CA SER J 24 29.57 25.86 15.91
C SER J 24 29.87 24.83 16.98
N ASP J 25 29.08 23.75 16.98
CA ASP J 25 29.39 22.67 17.88
C ASP J 25 30.50 21.80 17.28
N ASN J 26 30.90 20.76 18.03
CA ASN J 26 32.02 19.92 17.64
C ASN J 26 31.64 18.49 17.29
N ARG J 27 30.38 18.10 17.50
CA ARG J 27 30.00 16.70 17.35
C ARG J 27 29.78 16.33 15.90
N LEU J 28 30.29 15.16 15.52
CA LEU J 28 29.96 14.51 14.25
C LEU J 28 29.58 13.08 14.57
N GLY J 29 28.40 12.65 14.12
CA GLY J 29 27.89 11.34 14.44
C GLY J 29 27.08 10.74 13.31
N GLU J 30 26.63 9.50 13.53
CA GLU J 30 25.76 8.80 12.59
C GLU J 30 24.47 8.44 13.32
N GLN J 31 23.58 9.42 13.43
CA GLN J 31 22.17 9.30 13.79
C GLN J 31 21.91 8.92 15.25
N LEU J 32 22.87 8.27 15.91
CA LEU J 32 22.91 8.23 17.38
C LEU J 32 24.35 8.19 17.88
N LYS J 33 25.24 7.66 17.05
CA LYS J 33 26.57 7.26 17.46
C LYS J 33 27.57 8.34 17.09
N THR J 34 28.38 8.76 18.06
CA THR J 34 29.31 9.86 17.86
C THR J 34 30.57 9.33 17.18
N ILE J 35 30.76 9.67 15.91
CA ILE J 35 31.97 9.29 15.20
C ILE J 35 33.17 10.07 15.74
N SER J 36 33.01 11.37 15.93
CA SER J 36 34.07 12.22 16.45
C SER J 36 33.46 13.36 17.25
N THR J 37 34.24 13.88 18.20
CA THR J 37 33.83 14.99 19.04
C THR J 37 34.65 16.25 18.78
N GLU J 38 35.39 16.30 17.68
CA GLU J 38 36.27 17.42 17.36
C GLU J 38 36.10 17.83 15.90
N VAL J 39 34.85 17.99 15.47
CA VAL J 39 34.56 18.33 14.08
C VAL J 39 33.79 19.65 14.05
N PRO J 40 34.49 20.79 14.07
CA PRO J 40 33.79 22.07 13.87
C PRO J 40 33.26 22.21 12.46
N LYS J 41 32.24 23.06 12.32
CA LYS J 41 31.55 23.24 11.05
C LYS J 41 31.76 24.64 10.46
N LEU J 42 32.74 25.38 10.95
CA LEU J 42 32.97 26.74 10.47
C LEU J 42 33.99 26.75 9.33
N HIS J 43 33.83 27.70 8.43
CA HIS J 43 34.75 27.91 7.31
C HIS J 43 35.00 29.39 7.15
N VAL J 44 36.27 29.76 6.95
CA VAL J 44 36.67 31.13 6.71
C VAL J 44 36.86 31.34 5.21
N VAL J 45 36.11 32.28 4.65
CA VAL J 45 36.26 32.63 3.24
C VAL J 45 37.35 33.67 3.05
N ASN J 46 37.35 34.72 3.87
CA ASN J 46 38.36 35.77 3.84
C ASN J 46 38.33 36.48 5.19
N ASP J 47 39.02 37.61 5.27
CA ASP J 47 39.09 38.35 6.53
C ASP J 47 37.75 38.91 6.99
N SER J 48 36.74 38.91 6.13
CA SER J 48 35.45 39.51 6.46
C SER J 48 34.31 38.52 6.58
N ILE J 49 34.36 37.37 5.92
CA ILE J 49 33.23 36.45 5.84
C ILE J 49 33.61 35.15 6.52
N VAL J 50 32.75 34.69 7.43
CA VAL J 50 32.86 33.35 8.01
C VAL J 50 31.49 32.69 7.92
N TYR J 51 31.45 31.48 7.39
CA TYR J 51 30.19 30.77 7.22
C TYR J 51 30.33 29.35 7.72
N GLY J 52 29.21 28.80 8.17
CA GLY J 52 29.16 27.43 8.63
C GLY J 52 28.09 26.65 7.92
N LEU J 53 28.30 25.34 7.82
CA LEU J 53 27.36 24.46 7.14
C LEU J 53 26.82 23.42 8.13
N THR J 54 25.55 23.06 7.94
CA THR J 54 24.91 22.07 8.80
C THR J 54 24.02 21.19 7.94
N GLY J 55 24.03 19.89 8.24
CA GLY J 55 23.25 18.93 7.49
C GLY J 55 24.00 17.64 7.30
N LEU J 56 23.73 16.92 6.21
CA LEU J 56 24.48 15.72 5.89
C LEU J 56 25.95 16.09 5.71
N ARG J 57 26.83 15.35 6.40
CA ARG J 57 28.24 15.75 6.48
C ARG J 57 28.91 15.67 5.11
N THR J 58 28.59 14.63 4.33
CA THR J 58 29.13 14.53 2.98
C THR J 58 28.69 15.71 2.12
N ASP J 59 27.42 16.11 2.25
CA ASP J 59 26.94 17.29 1.54
C ASP J 59 27.62 18.55 2.04
N GLN J 60 27.86 18.64 3.36
CA GLN J 60 28.59 19.77 3.89
C GLN J 60 29.96 19.89 3.23
N GLN J 61 30.69 18.77 3.15
CA GLN J 61 32.03 18.81 2.60
C GLN J 61 32.02 19.09 1.10
N THR J 62 31.09 18.49 0.36
CA THR J 62 30.99 18.75 -1.08
C THR J 62 30.65 20.20 -1.35
N PHE J 63 29.68 20.74 -0.62
CA PHE J 63 29.30 22.14 -0.81
C PHE J 63 30.42 23.09 -0.38
N ALA J 64 31.15 22.75 0.68
CA ALA J 64 32.28 23.58 1.08
C ALA J 64 33.37 23.58 0.01
N ASN J 65 33.63 22.42 -0.59
CA ASN J 65 34.61 22.37 -1.68
C ASN J 65 34.14 23.20 -2.87
N LYS J 66 32.86 23.11 -3.22
CA LYS J 66 32.34 23.92 -4.32
C LYS J 66 32.44 25.41 -4.02
N VAL J 67 32.14 25.80 -2.79
CA VAL J 67 32.23 27.20 -2.41
C VAL J 67 33.67 27.68 -2.44
N GLN J 68 34.61 26.85 -1.98
CA GLN J 68 36.01 27.22 -2.05
C GLN J 68 36.45 27.42 -3.50
N PHE J 69 36.06 26.50 -4.38
CA PHE J 69 36.35 26.64 -5.81
C PHE J 69 35.81 27.96 -6.34
N ARG J 70 34.55 28.26 -6.02
CA ARG J 70 33.91 29.47 -6.53
C ARG J 70 34.58 30.73 -6.01
N THR J 71 34.92 30.76 -4.72
CA THR J 71 35.54 31.96 -4.16
C THR J 71 36.95 32.15 -4.68
N GLU J 72 37.71 31.07 -4.86
CA GLU J 72 39.04 31.22 -5.43
C GLU J 72 38.97 31.70 -6.87
N MET J 73 38.02 31.17 -7.66
CA MET J 73 37.86 31.64 -9.03
C MET J 73 37.44 33.11 -9.04
N TYR J 74 36.55 33.50 -8.13
CA TYR J 74 36.11 34.88 -8.04
C TYR J 74 37.28 35.81 -7.73
N LYS J 75 38.13 35.41 -6.76
CA LYS J 75 39.26 36.25 -6.39
C LYS J 75 40.31 36.27 -7.49
N LEU J 76 40.40 35.22 -8.30
CA LEU J 76 41.32 35.24 -9.44
C LEU J 76 40.80 36.15 -10.55
N ARG J 77 39.55 35.93 -10.97
CA ARG J 77 38.95 36.79 -12.00
C ARG J 77 38.82 38.22 -11.52
N GLU J 78 38.05 38.43 -10.46
CA GLU J 78 37.90 39.75 -9.86
C GLU J 78 39.02 39.96 -8.86
N GLU J 79 39.88 40.93 -9.12
CA GLU J 79 41.01 41.20 -8.23
C GLU J 79 40.51 41.88 -6.97
N ARG J 80 39.81 41.14 -6.12
CA ARG J 80 39.27 41.67 -4.87
C ARG J 80 38.64 40.53 -4.10
N ASP J 81 38.49 40.73 -2.79
CA ASP J 81 37.79 39.79 -1.94
C ASP J 81 36.29 39.93 -2.16
N ILE J 82 35.59 38.80 -2.17
CA ILE J 82 34.15 38.82 -2.31
C ILE J 82 33.52 39.43 -1.06
N THR J 83 32.41 40.13 -1.24
CA THR J 83 31.70 40.73 -0.13
C THR J 83 30.67 39.76 0.42
N GLY J 84 30.16 40.09 1.61
CA GLY J 84 29.22 39.19 2.27
C GLY J 84 27.92 39.04 1.51
N LYS J 85 27.37 40.14 1.00
CA LYS J 85 26.11 40.07 0.27
C LYS J 85 26.27 39.31 -1.04
N ALA J 86 27.36 39.58 -1.77
CA ALA J 86 27.63 38.84 -3.01
C ALA J 86 27.85 37.37 -2.73
N PHE J 87 28.57 37.06 -1.65
CA PHE J 87 28.81 35.67 -1.27
C PHE J 87 27.50 34.95 -0.93
N ALA J 88 26.62 35.62 -0.19
CA ALA J 88 25.32 35.03 0.14
C ALA J 88 24.48 34.83 -1.11
N ALA J 89 24.49 35.79 -2.02
CA ALA J 89 23.75 35.64 -3.28
C ALA J 89 24.30 34.48 -4.11
N MET J 90 25.62 34.34 -4.14
CA MET J 90 26.22 33.22 -4.86
C MET J 90 25.81 31.89 -4.27
N ILE J 91 25.81 31.79 -2.93
CA ILE J 91 25.34 30.56 -2.29
C ILE J 91 23.88 30.31 -2.60
N THR J 92 23.05 31.36 -2.61
CA THR J 92 21.65 31.20 -2.95
C THR J 92 21.48 30.64 -4.36
N SER J 93 22.24 31.18 -5.31
CA SER J 93 22.16 30.68 -6.68
C SER J 93 22.64 29.25 -6.79
N MET J 94 23.75 28.91 -6.11
CA MET J 94 24.26 27.55 -6.15
C MET J 94 23.25 26.57 -5.57
N LEU J 95 22.61 26.94 -4.46
CA LEU J 95 21.62 26.07 -3.85
C LEU J 95 20.37 25.94 -4.71
N TYR J 96 19.98 27.01 -5.41
CA TYR J 96 18.78 26.93 -6.23
C TYR J 96 19.02 26.22 -7.55
N GLU J 97 20.27 26.15 -8.02
CA GLU J 97 20.53 25.36 -9.23
C GLU J 97 20.14 23.91 -9.05
N ALA J 98 20.41 23.33 -7.88
CA ALA J 98 19.95 21.99 -7.55
C ALA J 98 18.63 22.06 -6.78
N ARG J 99 17.65 22.73 -7.39
CA ARG J 99 16.38 22.93 -6.71
C ARG J 99 15.60 21.64 -6.52
N PHE J 100 15.69 20.71 -7.47
CA PHE J 100 15.01 19.42 -7.37
C PHE J 100 15.96 18.29 -7.01
N GLY J 101 17.26 18.55 -6.94
CA GLY J 101 18.24 17.60 -6.47
C GLY J 101 18.98 18.12 -5.25
N PRO J 102 18.24 18.68 -4.28
CA PRO J 102 18.85 19.64 -3.36
C PRO J 102 20.01 19.07 -2.56
N TRP J 103 20.99 19.95 -2.32
CA TRP J 103 21.99 19.67 -1.30
C TRP J 103 21.33 19.69 0.07
N PHE J 104 21.88 18.92 1.00
CA PHE J 104 21.30 18.78 2.33
C PHE J 104 22.06 19.62 3.36
N VAL J 105 22.49 20.81 2.96
CA VAL J 105 23.17 21.74 3.84
C VAL J 105 22.23 22.88 4.19
N GLU J 106 22.63 23.65 5.20
CA GLU J 106 21.91 24.87 5.58
C GLU J 106 22.94 25.86 6.08
N PRO J 107 23.45 26.73 5.20
CA PRO J 107 24.54 27.63 5.59
C PRO J 107 24.09 28.73 6.52
N VAL J 108 25.07 29.25 7.26
CA VAL J 108 24.90 30.38 8.17
C VAL J 108 26.11 31.28 7.92
N ILE J 109 25.87 32.45 7.33
CA ILE J 109 26.93 33.33 6.86
C ILE J 109 26.94 34.59 7.71
N GLY J 110 28.12 34.97 8.19
CA GLY J 110 28.30 36.27 8.83
C GLY J 110 29.42 37.03 8.16
N SER J 111 29.21 38.33 8.00
CA SER J 111 30.18 39.16 7.31
C SER J 111 30.13 40.58 7.89
N ILE J 112 31.25 41.30 7.71
CA ILE J 112 31.37 42.67 8.18
C ILE J 112 32.16 43.46 7.15
N ASP J 113 31.78 44.72 6.95
CA ASP J 113 32.53 45.62 6.07
C ASP J 113 33.72 46.17 6.83
N LYS J 114 34.92 45.92 6.30
CA LYS J 114 36.13 46.35 7.00
C LYS J 114 36.26 47.87 7.04
N SER J 115 35.68 48.57 6.06
CA SER J 115 35.74 50.02 6.04
C SER J 115 34.54 50.66 6.74
N THR J 116 33.35 50.09 6.57
CA THR J 116 32.15 50.67 7.16
C THR J 116 31.87 50.12 8.55
N GLY J 117 31.90 48.79 8.70
CA GLY J 117 31.56 48.16 9.96
C GLY J 117 30.16 47.57 10.00
N GLU J 118 29.38 47.69 8.93
CA GLU J 118 28.05 47.11 8.91
C GLU J 118 28.14 45.59 8.92
N VAL J 119 27.24 44.96 9.68
CA VAL J 119 27.24 43.51 9.87
C VAL J 119 26.09 42.92 9.07
N TYR J 120 26.39 41.88 8.30
CA TYR J 120 25.42 41.21 7.44
C TYR J 120 25.36 39.74 7.83
N LEU J 121 24.16 39.27 8.17
CA LEU J 121 23.93 37.88 8.51
C LEU J 121 22.95 37.25 7.53
N CYS J 122 23.16 35.97 7.23
CA CYS J 122 22.29 35.26 6.32
C CYS J 122 22.18 33.81 6.76
N ALA J 123 21.02 33.21 6.48
CA ALA J 123 20.79 31.79 6.79
C ALA J 123 19.74 31.29 5.82
N THR J 124 20.16 30.58 4.79
CA THR J 124 19.25 30.10 3.77
C THR J 124 18.75 28.71 4.13
N ASP J 125 17.72 28.27 3.41
CA ASP J 125 17.22 26.90 3.52
C ASP J 125 18.11 25.99 2.67
N LEU J 126 17.69 24.75 2.49
CA LEU J 126 18.44 23.83 1.66
C LEU J 126 18.32 24.15 0.18
N ILE J 127 17.33 24.95 -0.21
CA ILE J 127 17.16 25.36 -1.60
C ILE J 127 17.53 26.83 -1.80
N GLY J 128 18.05 27.49 -0.77
CA GLY J 128 18.61 28.82 -0.92
C GLY J 128 17.71 29.96 -0.48
N ALA J 129 16.54 29.70 0.09
CA ALA J 129 15.64 30.77 0.50
C ALA J 129 16.31 31.63 1.57
N PRO J 130 16.67 32.86 1.25
CA PRO J 130 17.49 33.65 2.17
C PRO J 130 16.69 34.19 3.35
N CYS J 131 17.44 34.65 4.35
CA CYS J 131 16.87 35.20 5.59
C CYS J 131 17.91 36.12 6.19
N GLU J 132 17.64 37.44 6.17
CA GLU J 132 18.62 38.39 6.65
C GLU J 132 18.07 39.26 7.78
N PRO J 133 18.10 38.78 9.01
CA PRO J 133 17.71 39.63 10.14
C PRO J 133 18.89 40.45 10.65
N GLU J 134 18.65 41.27 11.67
CA GLU J 134 19.69 42.13 12.21
C GLU J 134 20.15 41.70 13.60
N ASP J 135 19.65 40.58 14.11
CA ASP J 135 19.98 40.13 15.45
C ASP J 135 20.80 38.84 15.44
N TYR J 136 20.30 37.77 14.84
CA TYR J 136 20.96 36.49 14.91
C TYR J 136 20.34 35.54 13.89
N VAL J 137 21.13 34.54 13.49
CA VAL J 137 20.67 33.42 12.69
C VAL J 137 21.19 32.14 13.33
N CYS J 138 20.50 31.03 13.09
CA CYS J 138 20.94 29.76 13.63
C CYS J 138 20.35 28.63 12.81
N ALA J 139 21.13 27.56 12.64
CA ALA J 139 20.68 26.36 11.95
C ALA J 139 21.26 25.14 12.66
N GLY J 140 20.58 24.01 12.47
CA GLY J 140 21.04 22.74 13.00
C GLY J 140 19.95 21.99 13.71
N THR J 141 20.35 20.92 14.39
CA THR J 141 19.39 20.10 15.12
C THR J 141 18.84 20.83 16.34
N ALA J 142 19.65 21.69 16.95
CA ALA J 142 19.23 22.48 18.11
C ALA J 142 18.77 23.88 17.71
N ALA J 143 18.13 24.00 16.54
CA ALA J 143 17.74 25.30 16.02
C ALA J 143 16.70 25.97 16.90
N GLU J 144 15.72 25.20 17.39
CA GLU J 144 14.65 25.79 18.21
C GLU J 144 15.20 26.32 19.53
N SER J 145 16.03 25.53 20.21
CA SER J 145 16.63 25.97 21.46
C SER J 145 17.56 27.15 21.25
N LEU J 146 18.32 27.15 20.15
CA LEU J 146 19.18 28.28 19.83
C LEU J 146 18.35 29.54 19.61
N HIS J 147 17.24 29.40 18.88
CA HIS J 147 16.35 30.54 18.66
C HIS J 147 15.82 31.09 19.98
N GLY J 148 15.37 30.19 20.86
CA GLY J 148 14.85 30.63 22.15
C GLY J 148 15.90 31.35 22.98
N MET J 149 17.10 30.78 23.08
CA MET J 149 18.15 31.39 23.88
C MET J 149 18.57 32.74 23.30
N CYS J 150 18.73 32.83 21.98
CA CYS J 150 19.11 34.09 21.36
C CYS J 150 18.02 35.14 21.54
N GLU J 151 16.75 34.75 21.38
CA GLU J 151 15.66 35.68 21.59
C GLU J 151 15.63 36.18 23.03
N ALA J 152 15.97 35.32 23.99
CA ALA J 152 15.94 35.69 25.39
C ALA J 152 17.16 36.47 25.85
N LEU J 153 18.30 36.36 25.16
CA LEU J 153 19.53 36.95 25.66
C LEU J 153 20.07 38.11 24.83
N TRP J 154 19.73 38.19 23.54
CA TRP J 154 20.37 39.15 22.65
C TRP J 154 19.81 40.55 22.83
N ARG J 155 20.69 41.53 22.75
CA ARG J 155 20.35 42.95 22.76
C ARG J 155 21.14 43.63 21.64
N PRO J 156 20.65 44.79 21.15
CA PRO J 156 21.30 45.42 19.98
C PRO J 156 22.76 45.81 20.19
N GLY J 157 23.05 46.62 21.20
CA GLY J 157 24.37 47.21 21.31
C GLY J 157 25.38 46.44 22.14
N MET J 158 25.70 45.23 21.71
CA MET J 158 26.65 44.42 22.46
C MET J 158 28.09 44.68 22.03
N SER J 159 29.00 44.54 22.97
CA SER J 159 30.44 44.54 22.76
C SER J 159 30.89 43.16 22.30
N PRO J 160 32.05 43.06 21.65
CA PRO J 160 32.53 41.72 21.23
C PRO J 160 32.60 40.71 22.37
N GLU J 161 33.05 41.13 23.55
CA GLU J 161 33.14 40.20 24.67
C GLU J 161 31.75 39.78 25.16
N GLU J 162 30.85 40.76 25.34
CA GLU J 162 29.50 40.44 25.76
C GLU J 162 28.77 39.58 24.73
N LEU J 163 28.96 39.90 23.45
CA LEU J 163 28.36 39.11 22.39
C LEU J 163 28.89 37.67 22.41
N PHE J 164 30.20 37.52 22.62
CA PHE J 164 30.77 36.18 22.70
C PHE J 164 30.20 35.39 23.88
N GLU J 165 30.07 36.05 25.03
CA GLU J 165 29.52 35.35 26.19
C GLU J 165 28.08 34.93 25.94
N ILE J 166 27.28 35.82 25.35
CA ILE J 166 25.89 35.47 25.04
C ILE J 166 25.83 34.30 24.08
N ALA J 167 26.65 34.34 23.02
CA ALA J 167 26.65 33.26 22.05
C ALA J 167 27.08 31.94 22.67
N ALA J 168 28.11 31.95 23.51
CA ALA J 168 28.58 30.73 24.14
C ALA J 168 27.51 30.15 25.06
N GLN J 169 26.88 31.00 25.88
CA GLN J 169 25.84 30.51 26.77
C GLN J 169 24.67 29.93 26.00
N ALA J 170 24.23 30.62 24.95
CA ALA J 170 23.12 30.14 24.14
C ALA J 170 23.46 28.81 23.48
N MET J 171 24.67 28.70 22.92
CA MET J 171 25.08 27.48 22.24
C MET J 171 25.13 26.31 23.20
N LEU J 172 25.75 26.50 24.38
CA LEU J 172 25.86 25.42 25.34
C LEU J 172 24.49 24.99 25.87
N SER J 173 23.63 25.96 26.18
CA SER J 173 22.31 25.61 26.69
C SER J 173 21.45 24.94 25.62
N ALA J 174 21.64 25.29 24.35
CA ALA J 174 20.89 24.62 23.29
C ALA J 174 21.42 23.21 23.06
N CYS J 175 22.74 23.02 23.15
CA CYS J 175 23.30 21.69 22.97
C CYS J 175 22.99 20.77 24.14
N ASP J 176 22.76 21.32 25.33
CA ASP J 176 22.39 20.47 26.47
C ASP J 176 21.07 19.76 26.23
N ARG J 177 20.13 20.40 25.56
CA ARG J 177 18.82 19.82 25.29
C ARG J 177 18.78 19.03 23.98
N ASP J 178 19.90 18.94 23.27
CA ASP J 178 19.97 18.24 21.99
C ASP J 178 20.89 17.04 22.12
N SER J 179 20.43 15.88 21.66
CA SER J 179 21.23 14.66 21.71
C SER J 179 22.19 14.55 20.53
N LEU J 180 21.98 15.31 19.47
CA LEU J 180 22.82 15.25 18.27
C LEU J 180 23.83 16.38 18.21
N SER J 181 23.91 17.21 19.25
CA SER J 181 24.85 18.33 19.27
C SER J 181 25.51 18.39 20.65
N GLY J 182 26.72 18.96 20.67
CA GLY J 182 27.41 19.14 21.93
C GLY J 182 28.92 18.98 21.83
N TYR J 183 29.54 18.54 22.93
CA TYR J 183 30.98 18.32 23.01
C TYR J 183 31.75 19.63 22.81
N GLY J 184 31.39 20.64 23.60
CA GLY J 184 32.04 21.92 23.52
C GLY J 184 31.58 22.73 22.32
N ALA J 185 32.32 23.80 22.05
CA ALA J 185 31.98 24.65 20.91
C ALA J 185 33.25 25.33 20.41
N VAL J 186 33.17 25.88 19.21
CA VAL J 186 34.22 26.71 18.65
C VAL J 186 33.58 28.01 18.16
N ALA J 187 34.16 29.14 18.55
CA ALA J 187 33.60 30.45 18.24
C ALA J 187 34.63 31.32 17.55
N MET J 188 34.13 32.19 16.67
CA MET J 188 34.95 33.16 15.95
C MET J 188 34.32 34.52 16.14
N ILE J 189 35.07 35.43 16.75
CA ILE J 189 34.66 36.83 16.93
C ILE J 189 35.35 37.64 15.85
N VAL J 190 34.57 38.25 14.96
CA VAL J 190 35.10 39.02 13.85
C VAL J 190 34.74 40.48 14.08
N THR J 191 35.75 41.32 14.21
CA THR J 191 35.60 42.76 14.38
C THR J 191 36.14 43.46 13.15
N LYS J 192 36.13 44.79 13.20
CA LYS J 192 36.68 45.58 12.09
C LYS J 192 38.19 45.42 12.00
N ASP J 193 38.88 45.26 13.14
CA ASP J 193 40.33 45.28 13.17
C ASP J 193 40.96 43.90 13.32
N LYS J 194 40.34 42.99 14.06
CA LYS J 194 40.96 41.70 14.34
C LYS J 194 39.92 40.59 14.29
N VAL J 195 40.42 39.36 14.20
CA VAL J 195 39.59 38.16 14.25
C VAL J 195 40.15 37.24 15.33
N THR J 196 39.29 36.80 16.24
CA THR J 196 39.69 35.95 17.36
C THR J 196 38.99 34.61 17.26
N THR J 197 39.73 33.53 17.52
CA THR J 197 39.18 32.19 17.55
C THR J 197 39.31 31.62 18.95
N ARG J 198 38.21 31.07 19.46
CA ARG J 198 38.17 30.53 20.82
C ARG J 198 37.50 29.17 20.81
N LEU J 199 37.91 28.32 21.76
CA LEU J 199 37.28 27.02 21.95
C LEU J 199 36.66 26.99 23.34
N ILE J 200 35.39 26.61 23.42
CA ILE J 200 34.57 26.79 24.60
C ILE J 200 34.26 25.43 25.21
N LYS J 201 34.52 25.30 26.51
CA LYS J 201 34.25 24.07 27.25
C LYS J 201 32.78 23.69 27.14
N GLY J 202 32.52 22.40 26.98
CA GLY J 202 31.17 21.87 26.99
C GLY J 202 31.10 20.53 27.69
N ARG J 203 29.88 20.03 27.81
CA ARG J 203 29.68 18.70 28.37
C ARG J 203 30.21 17.65 27.41
N LYS J 204 30.74 16.56 27.99
CA LYS J 204 31.20 15.41 27.22
C LYS J 204 30.10 14.40 26.98
N ASP J 205 28.85 14.85 26.99
CA ASP J 205 27.69 13.97 26.86
C ASP J 205 27.16 13.98 25.43
N MET K 1 28.62 -4.11 7.17
CA MET K 1 28.01 -3.94 8.48
C MET K 1 28.02 -5.27 9.24
N ALA K 2 27.78 -6.36 8.51
CA ALA K 2 27.98 -7.68 9.08
C ALA K 2 29.44 -7.93 9.41
N GLU K 3 30.34 -7.47 8.54
CA GLU K 3 31.77 -7.61 8.74
C GLU K 3 32.32 -6.37 9.44
N THR K 4 33.11 -6.58 10.48
CA THR K 4 33.63 -5.49 11.30
C THR K 4 35.07 -5.18 10.92
N ALA K 5 35.34 -3.91 10.66
CA ALA K 5 36.69 -3.42 10.40
C ALA K 5 37.11 -2.50 11.54
N ILE K 6 38.35 -2.65 11.98
CA ILE K 6 38.90 -1.88 13.08
C ILE K 6 40.17 -1.20 12.60
N ALA K 7 40.44 -0.01 13.13
CA ALA K 7 41.69 0.69 12.81
C ALA K 7 42.02 1.62 13.96
N PHE K 8 43.31 1.70 14.29
CA PHE K 8 43.79 2.69 15.23
C PHE K 8 45.20 3.12 14.87
N ARG K 9 45.48 4.40 15.07
CA ARG K 9 46.75 5.02 14.71
C ARG K 9 47.54 5.33 15.97
N CYS K 10 48.83 4.98 15.95
CA CYS K 10 49.72 5.25 17.05
C CYS K 10 50.82 6.20 16.59
N LYS K 11 51.83 6.39 17.44
CA LYS K 11 52.90 7.33 17.15
C LYS K 11 53.68 6.94 15.90
N ASP K 12 53.94 5.64 15.70
CA ASP K 12 54.81 5.20 14.62
C ASP K 12 54.13 4.23 13.66
N TYR K 13 52.84 3.98 13.79
CA TYR K 13 52.18 3.00 12.93
C TYR K 13 50.68 3.22 12.97
N VAL K 14 50.00 2.61 12.00
CA VAL K 14 48.56 2.44 12.02
C VAL K 14 48.25 0.96 11.83
N MET K 15 47.45 0.40 12.72
CA MET K 15 47.01 -1.00 12.59
C MET K 15 45.55 -1.04 12.18
N VAL K 16 45.26 -1.82 11.14
CA VAL K 16 43.91 -2.07 10.69
C VAL K 16 43.68 -3.57 10.69
N ALA K 17 42.41 -3.97 10.79
CA ALA K 17 42.03 -5.37 10.76
C ALA K 17 40.65 -5.47 10.11
N ALA K 18 40.49 -6.46 9.25
CA ALA K 18 39.21 -6.61 8.54
C ALA K 18 38.74 -8.06 8.59
N ALA K 19 37.49 -8.26 8.99
CA ALA K 19 36.91 -9.60 9.01
C ALA K 19 36.86 -10.17 7.60
N GLY K 20 37.14 -11.47 7.49
CA GLY K 20 37.20 -12.12 6.19
C GLY K 20 35.91 -12.82 5.79
N LEU K 21 34.81 -12.45 6.43
CA LEU K 21 33.53 -13.11 6.19
C LEU K 21 32.98 -12.81 4.81
N ASN K 22 32.44 -13.85 4.16
CA ASN K 22 31.66 -13.72 2.94
C ASN K 22 30.50 -14.69 3.05
N ALA K 23 29.27 -14.20 2.85
CA ALA K 23 28.09 -14.98 3.17
C ALA K 23 27.05 -14.88 2.07
N PHE K 24 26.16 -15.86 2.02
CA PHE K 24 24.97 -15.83 1.16
C PHE K 24 23.75 -16.11 2.03
N TYR K 25 23.27 -15.06 2.68
CA TYR K 25 21.96 -14.93 3.33
C TYR K 25 21.77 -15.71 4.62
N TYR K 26 22.50 -16.82 4.81
CA TYR K 26 22.88 -17.25 6.14
C TYR K 26 24.11 -18.15 6.07
N ILE K 27 24.62 -18.35 4.86
CA ILE K 27 25.62 -19.38 4.59
C ILE K 27 26.99 -18.73 4.50
N LYS K 28 27.94 -19.23 5.29
CA LYS K 28 29.30 -18.72 5.26
C LYS K 28 30.01 -19.28 4.03
N ILE K 29 30.14 -18.46 2.99
CA ILE K 29 30.84 -18.89 1.78
C ILE K 29 32.31 -19.12 2.08
N THR K 30 32.94 -18.16 2.75
CA THR K 30 34.31 -18.30 3.21
C THR K 30 34.50 -17.38 4.41
N ASP K 31 35.53 -17.66 5.20
CA ASP K 31 35.87 -16.84 6.35
C ASP K 31 37.25 -16.24 6.22
N ALA K 32 37.95 -16.50 5.11
CA ALA K 32 39.28 -15.94 4.84
C ALA K 32 39.23 -15.24 3.49
N GLU K 33 38.79 -13.99 3.50
CA GLU K 33 38.77 -13.14 2.31
C GLU K 33 39.36 -11.79 2.71
N ASP K 34 40.50 -11.45 2.14
CA ASP K 34 41.18 -10.22 2.51
C ASP K 34 40.40 -9.01 2.01
N LYS K 35 39.93 -8.18 2.95
CA LYS K 35 39.21 -6.96 2.61
C LYS K 35 40.08 -5.72 2.79
N ILE K 36 41.38 -5.90 2.99
CA ILE K 36 42.32 -4.79 3.09
C ILE K 36 43.08 -4.73 1.77
N THR K 37 42.87 -3.65 1.02
CA THR K 37 43.51 -3.46 -0.27
C THR K 37 44.63 -2.44 -0.14
N GLN K 38 45.83 -2.83 -0.56
CA GLN K 38 46.96 -1.92 -0.54
C GLN K 38 46.92 -1.03 -1.78
N LEU K 39 46.81 0.27 -1.56
CA LEU K 39 46.69 1.21 -2.68
C LEU K 39 48.07 1.66 -3.17
N ASP K 40 48.91 2.11 -2.26
CA ASP K 40 50.24 2.58 -2.59
C ASP K 40 51.25 1.83 -1.72
N THR K 41 52.53 2.18 -1.81
CA THR K 41 53.53 1.51 -0.98
C THR K 41 53.27 1.73 0.50
N HIS K 42 52.77 2.91 0.88
CA HIS K 42 52.51 3.25 2.26
C HIS K 42 51.04 3.61 2.50
N GLN K 43 50.14 3.06 1.70
CA GLN K 43 48.71 3.35 1.83
C GLN K 43 47.90 2.09 1.65
N LEU K 44 46.81 1.98 2.42
CA LEU K 44 45.88 0.87 2.28
C LEU K 44 44.50 1.32 2.75
N VAL K 45 43.48 0.54 2.37
CA VAL K 45 42.11 0.78 2.78
C VAL K 45 41.50 -0.53 3.24
N ALA K 46 40.85 -0.52 4.40
CA ALA K 46 40.04 -1.63 4.86
C ALA K 46 38.59 -1.32 4.55
N CYS K 47 37.96 -2.13 3.71
CA CYS K 47 36.64 -1.84 3.17
C CYS K 47 35.65 -2.90 3.61
N THR K 48 34.51 -2.46 4.12
CA THR K 48 33.40 -3.33 4.47
C THR K 48 32.27 -3.15 3.47
N GLY K 49 31.70 -4.26 3.02
CA GLY K 49 30.61 -4.26 2.06
C GLY K 49 30.60 -5.54 1.26
N GLU K 50 29.61 -5.69 0.39
CA GLU K 50 29.56 -6.88 -0.45
C GLU K 50 30.64 -6.81 -1.52
N ASN K 51 30.99 -7.98 -2.05
CA ASN K 51 32.23 -8.14 -2.81
C ASN K 51 32.28 -7.24 -4.04
N GLY K 52 31.18 -7.16 -4.78
CA GLY K 52 31.15 -6.43 -6.03
C GLY K 52 31.56 -4.97 -5.93
N PRO K 53 30.73 -4.18 -5.24
CA PRO K 53 31.06 -2.75 -5.07
C PRO K 53 32.40 -2.51 -4.39
N ARG K 54 32.74 -3.30 -3.38
CA ARG K 54 34.00 -3.11 -2.69
C ARG K 54 35.18 -3.31 -3.63
N VAL K 55 35.18 -4.42 -4.36
CA VAL K 55 36.29 -4.71 -5.28
C VAL K 55 36.35 -3.66 -6.38
N ASN K 56 35.18 -3.28 -6.93
CA ASN K 56 35.19 -2.29 -8.01
C ASN K 56 35.73 -0.95 -7.52
N PHE K 57 35.31 -0.51 -6.34
CA PHE K 57 35.76 0.77 -5.81
C PHE K 57 37.26 0.75 -5.53
N THR K 58 37.73 -0.31 -4.86
CA THR K 58 39.15 -0.38 -4.52
C THR K 58 40.02 -0.47 -5.78
N GLU K 59 39.60 -1.27 -6.77
CA GLU K 59 40.38 -1.36 -8.00
C GLU K 59 40.38 -0.06 -8.77
N TYR K 60 39.24 0.64 -8.80
CA TYR K 60 39.19 1.95 -9.46
C TYR K 60 40.15 2.92 -8.80
N ILE K 61 40.12 2.99 -7.47
CA ILE K 61 40.98 3.93 -6.76
C ILE K 61 42.44 3.58 -6.98
N LYS K 62 42.79 2.30 -6.87
CA LYS K 62 44.19 1.89 -7.05
C LYS K 62 44.67 2.16 -8.46
N CYS K 63 43.85 1.87 -9.47
CA CYS K 63 44.24 2.12 -10.85
C CYS K 63 44.41 3.60 -11.11
N ASN K 64 43.53 4.43 -10.55
CA ASN K 64 43.69 5.87 -10.74
C ASN K 64 44.94 6.39 -10.06
N LEU K 65 45.26 5.88 -8.87
CA LEU K 65 46.50 6.28 -8.20
C LEU K 65 47.72 5.87 -9.03
N ALA K 66 47.71 4.65 -9.58
CA ALA K 66 48.81 4.20 -10.40
C ALA K 66 48.94 5.05 -11.66
N LEU K 67 47.82 5.40 -12.29
CA LEU K 67 47.87 6.25 -13.47
C LEU K 67 48.42 7.64 -13.14
N ASN K 68 48.02 8.20 -12.00
CA ASN K 68 48.56 9.48 -11.59
C ASN K 68 50.06 9.39 -11.35
N ARG K 69 50.52 8.31 -10.71
CA ARG K 69 51.95 8.13 -10.51
C ARG K 69 52.69 8.04 -11.84
N MET K 70 52.09 7.35 -12.82
CA MET K 70 52.69 7.26 -14.14
C MET K 70 52.80 8.64 -14.80
N ARG K 71 51.70 9.39 -14.79
CA ARG K 71 51.68 10.70 -15.42
C ARG K 71 52.40 11.78 -14.63
N GLN K 72 52.81 11.49 -13.40
CA GLN K 72 53.57 12.43 -12.59
C GLN K 72 55.00 11.96 -12.35
N HIS K 73 55.48 11.02 -13.15
CA HIS K 73 56.86 10.52 -13.10
C HIS K 73 57.20 9.96 -11.71
N GLY K 74 56.36 9.03 -11.27
CA GLY K 74 56.63 8.32 -10.04
C GLY K 74 56.49 9.14 -8.77
N ARG K 75 55.75 10.25 -8.82
CA ARG K 75 55.53 11.08 -7.64
C ARG K 75 54.39 10.48 -6.83
N HIS K 76 54.68 10.02 -5.63
CA HIS K 76 53.67 9.39 -4.79
C HIS K 76 52.79 10.44 -4.13
N SER K 77 51.49 10.16 -4.06
CA SER K 77 50.52 11.09 -3.52
C SER K 77 50.44 10.97 -2.00
N SER K 78 50.13 12.08 -1.35
CA SER K 78 49.99 12.11 0.09
C SER K 78 48.71 11.41 0.52
N CYS K 79 48.65 11.04 1.80
CA CYS K 79 47.48 10.36 2.34
C CYS K 79 46.24 11.23 2.27
N GLU K 80 46.37 12.53 2.58
CA GLU K 80 45.22 13.43 2.51
C GLU K 80 44.69 13.53 1.09
N SER K 81 45.58 13.63 0.11
CA SER K 81 45.14 13.73 -1.28
C SER K 81 44.37 12.48 -1.71
N THR K 82 44.90 11.30 -1.38
CA THR K 82 44.22 10.05 -1.74
C THR K 82 42.89 9.92 -1.03
N ALA K 83 42.85 10.31 0.25
CA ALA K 83 41.60 10.25 1.02
C ALA K 83 40.55 11.18 0.41
N ASN K 84 40.96 12.39 0.01
CA ASN K 84 40.03 13.31 -0.62
C ASN K 84 39.57 12.80 -1.98
N PHE K 85 40.45 12.14 -2.73
CA PHE K 85 40.05 11.55 -4.00
C PHE K 85 39.00 10.46 -3.79
N MET K 86 39.21 9.58 -2.80
CA MET K 86 38.21 8.56 -2.50
C MET K 86 36.91 9.20 -2.05
N ARG K 87 36.99 10.23 -1.21
CA ARG K 87 35.78 10.90 -0.74
C ARG K 87 35.01 11.53 -1.89
N ASN K 88 35.72 12.15 -2.83
CA ASN K 88 35.07 12.73 -4.00
C ASN K 88 34.40 11.66 -4.84
N CYS K 89 35.07 10.52 -5.02
CA CYS K 89 34.46 9.42 -5.78
C CYS K 89 33.18 8.94 -5.10
N LEU K 90 33.24 8.69 -3.79
CA LEU K 90 32.07 8.20 -3.06
C LEU K 90 30.94 9.22 -3.09
N ALA K 91 31.25 10.50 -2.92
CA ALA K 91 30.22 11.53 -2.93
C ALA K 91 29.59 11.68 -4.31
N SER K 92 30.40 11.57 -5.37
CA SER K 92 29.85 11.61 -6.71
C SER K 92 28.96 10.41 -6.99
N ALA K 93 29.27 9.26 -6.40
CA ALA K 93 28.48 8.06 -6.64
C ALA K 93 27.05 8.21 -6.13
N ILE K 94 26.85 8.87 -4.99
CA ILE K 94 25.53 8.94 -4.36
C ILE K 94 24.54 9.79 -5.13
N ARG K 95 25.01 10.60 -6.09
CA ARG K 95 24.13 11.41 -6.92
C ARG K 95 24.14 10.95 -8.38
N SER K 96 24.61 9.74 -8.64
CA SER K 96 24.71 9.19 -9.98
C SER K 96 23.63 8.16 -10.23
N ARG K 97 23.45 7.82 -11.51
CA ARG K 97 22.42 6.85 -11.89
C ARG K 97 22.70 5.47 -11.31
N GLU K 98 23.95 5.01 -11.38
CA GLU K 98 24.27 3.67 -10.92
C GLU K 98 24.18 3.52 -9.40
N GLY K 99 24.05 4.63 -8.67
CA GLY K 99 23.85 4.59 -7.23
C GLY K 99 25.16 4.70 -6.47
N ALA K 100 25.01 4.68 -5.14
CA ALA K 100 26.14 4.86 -4.24
C ALA K 100 26.88 3.55 -4.03
N TYR K 101 28.18 3.67 -3.74
CA TYR K 101 28.99 2.53 -3.34
C TYR K 101 28.62 2.12 -1.93
N GLN K 102 28.13 0.90 -1.75
CA GLN K 102 27.76 0.40 -0.43
C GLN K 102 29.01 -0.16 0.27
N VAL K 103 29.98 0.74 0.44
CA VAL K 103 31.29 0.40 0.99
C VAL K 103 31.64 1.40 2.07
N ASN K 104 32.06 0.91 3.24
CA ASN K 104 32.56 1.75 4.31
C ASN K 104 34.05 1.53 4.46
N CYS K 105 34.81 2.62 4.55
CA CYS K 105 36.26 2.56 4.41
C CYS K 105 36.97 3.08 5.65
N LEU K 106 38.07 2.41 6.00
CA LEU K 106 39.06 2.94 6.93
C LEU K 106 40.36 3.04 6.15
N PHE K 107 40.79 4.26 5.85
CA PHE K 107 41.96 4.50 5.02
C PHE K 107 43.15 4.80 5.91
N ALA K 108 44.20 4.00 5.81
CA ALA K 108 45.40 4.13 6.62
C ALA K 108 46.59 4.40 5.73
N GLY K 109 47.53 5.20 6.25
CA GLY K 109 48.72 5.48 5.47
C GLY K 109 49.82 6.06 6.34
N TYR K 110 51.00 6.14 5.74
CA TYR K 110 52.16 6.77 6.38
C TYR K 110 52.76 7.76 5.39
N ASP K 111 52.90 9.01 5.81
CA ASP K 111 53.41 10.07 4.96
C ASP K 111 54.91 10.22 5.18
N THR K 112 55.67 10.19 4.10
CA THR K 112 57.10 10.41 4.13
C THR K 112 57.48 11.58 3.23
N PRO K 113 58.54 12.31 3.55
CA PRO K 113 58.96 13.42 2.69
C PRO K 113 59.34 12.92 1.30
N VAL K 114 58.59 13.39 0.29
CA VAL K 114 58.85 12.97 -1.08
C VAL K 114 60.17 13.54 -1.58
N SER K 115 60.57 14.71 -1.11
CA SER K 115 61.82 15.32 -1.50
C SER K 115 62.33 16.17 -0.34
N GLU K 116 63.50 16.77 -0.52
CA GLU K 116 64.07 17.65 0.49
C GLU K 116 63.30 18.95 0.64
N ASP K 117 62.53 19.35 -0.38
CA ASP K 117 61.71 20.55 -0.28
C ASP K 117 60.40 20.29 0.44
N ASP K 118 60.04 19.02 0.66
CA ASP K 118 58.76 18.69 1.28
C ASP K 118 58.72 19.18 2.73
N ASP K 119 57.58 19.72 3.13
CA ASP K 119 57.37 20.20 4.49
C ASP K 119 55.99 19.82 5.01
N GLY K 120 55.45 18.69 4.54
CA GLY K 120 54.11 18.27 4.89
C GLY K 120 54.07 17.33 6.07
N VAL K 121 53.07 16.46 6.05
CA VAL K 121 52.85 15.50 7.13
C VAL K 121 53.94 14.45 7.12
N VAL K 122 54.39 14.05 8.31
CA VAL K 122 55.40 13.00 8.43
C VAL K 122 54.92 11.80 9.24
N GLY K 123 53.97 11.95 10.15
CA GLY K 123 53.50 10.83 10.93
C GLY K 123 52.50 9.97 10.19
N PRO K 124 51.85 9.06 10.92
CA PRO K 124 50.81 8.21 10.30
C PRO K 124 49.48 8.94 10.21
N GLN K 125 48.64 8.46 9.28
CA GLN K 125 47.35 9.07 8.99
C GLN K 125 46.28 7.99 8.95
N LEU K 126 45.12 8.30 9.55
CA LEU K 126 43.96 7.41 9.54
C LEU K 126 42.71 8.23 9.26
N PHE K 127 41.85 7.69 8.40
CA PHE K 127 40.65 8.39 7.96
C PHE K 127 39.45 7.44 7.98
N TYR K 128 38.35 7.90 8.59
CA TYR K 128 37.08 7.21 8.56
C TYR K 128 36.27 7.72 7.37
N MET K 129 35.65 6.78 6.63
CA MET K 129 34.92 7.09 5.42
C MET K 129 33.59 6.36 5.43
N ASP K 130 32.50 7.12 5.41
CA ASP K 130 31.17 6.56 5.24
C ASP K 130 30.89 6.34 3.76
N TYR K 131 29.92 5.46 3.48
CA TYR K 131 29.56 5.16 2.10
C TYR K 131 28.94 6.36 1.39
N LEU K 132 28.39 7.31 2.15
CA LEU K 132 27.78 8.49 1.54
C LEU K 132 28.80 9.52 1.10
N GLY K 133 30.06 9.34 1.46
CA GLY K 133 31.10 10.30 1.17
C GLY K 133 31.56 11.13 2.36
N THR K 134 31.34 10.67 3.58
CA THR K 134 31.89 11.34 4.76
C THR K 134 33.37 11.00 4.90
N LEU K 135 34.15 12.00 5.29
CA LEU K 135 35.58 11.81 5.53
C LEU K 135 35.95 12.52 6.82
N GLN K 136 36.60 11.80 7.73
CA GLN K 136 37.00 12.40 8.99
C GLN K 136 38.30 11.80 9.49
N ALA K 137 39.26 12.65 9.83
CA ALA K 137 40.49 12.17 10.44
C ALA K 137 40.24 11.80 11.90
N VAL K 138 40.56 10.56 12.26
CA VAL K 138 40.27 10.05 13.60
C VAL K 138 41.51 9.37 14.15
N PRO K 139 41.70 9.36 15.48
CA PRO K 139 42.77 8.53 16.05
C PRO K 139 42.48 7.04 15.91
N TYR K 140 41.21 6.66 15.94
CA TYR K 140 40.81 5.28 15.69
C TYR K 140 39.39 5.29 15.14
N GLY K 141 39.05 4.25 14.39
CA GLY K 141 37.75 4.17 13.76
C GLY K 141 37.36 2.71 13.55
N CYS K 142 36.06 2.51 13.37
CA CYS K 142 35.53 1.16 13.26
C CYS K 142 34.27 1.17 12.40
N HIS K 143 34.04 0.05 11.73
CA HIS K 143 32.82 -0.19 10.96
C HIS K 143 32.29 -1.57 11.29
N GLY K 144 30.99 -1.76 11.10
CA GLY K 144 30.35 -3.04 11.31
C GLY K 144 29.56 -3.10 12.60
N TYR K 145 29.00 -4.28 12.85
CA TYR K 145 28.19 -4.49 14.05
C TYR K 145 29.02 -4.34 15.31
N GLY K 146 30.24 -4.88 15.32
CA GLY K 146 31.10 -4.80 16.49
C GLY K 146 31.76 -3.46 16.69
N ALA K 147 31.59 -2.53 15.75
CA ALA K 147 32.33 -1.28 15.77
C ALA K 147 32.19 -0.56 17.11
N CYS K 148 30.95 -0.36 17.54
CA CYS K 148 30.71 0.31 18.82
C CYS K 148 31.39 -0.43 19.96
N PHE K 149 31.26 -1.77 19.96
CA PHE K 149 31.91 -2.58 20.98
C PHE K 149 33.40 -2.28 21.03
N VAL K 150 34.03 -2.13 19.87
CA VAL K 150 35.45 -1.81 19.86
C VAL K 150 35.67 -0.36 20.29
N THR K 151 34.82 0.55 19.82
CA THR K 151 35.10 1.97 19.99
C THR K 151 35.25 2.33 21.46
N ALA K 152 34.25 1.98 22.27
CA ALA K 152 34.34 2.22 23.70
C ALA K 152 35.58 1.56 24.28
N LEU K 153 35.84 0.31 23.87
CA LEU K 153 37.05 -0.38 24.30
C LEU K 153 38.28 0.46 23.99
N LEU K 154 38.36 1.00 22.78
CA LEU K 154 39.48 1.87 22.45
C LEU K 154 39.48 3.11 23.32
N ASP K 155 38.30 3.71 23.53
CA ASP K 155 38.19 4.86 24.42
C ASP K 155 38.68 4.51 25.82
N ARG K 156 38.60 3.23 26.20
CA ARG K 156 39.09 2.81 27.51
C ARG K 156 40.59 2.59 27.49
N LEU K 157 41.14 2.09 26.38
CA LEU K 157 42.48 1.52 26.39
C LEU K 157 43.47 2.16 25.43
N TRP K 158 43.01 2.85 24.39
CA TRP K 158 43.93 3.38 23.40
C TRP K 158 44.77 4.51 23.99
N ARG K 159 46.06 4.51 23.65
CA ARG K 159 46.98 5.59 24.00
C ARG K 159 47.75 6.02 22.76
N PRO K 160 48.11 7.30 22.66
CA PRO K 160 48.84 7.78 21.48
C PRO K 160 50.20 7.13 21.29
N ASP K 161 50.88 6.74 22.37
CA ASP K 161 52.25 6.26 22.29
C ASP K 161 52.38 4.76 22.57
N LEU K 162 51.41 3.98 22.09
CA LEU K 162 51.49 2.54 22.23
C LEU K 162 52.59 1.97 21.33
N SER K 163 53.25 0.93 21.82
CA SER K 163 54.27 0.24 21.05
C SER K 163 53.62 -0.74 20.08
N GLN K 164 54.44 -1.35 19.22
CA GLN K 164 53.92 -2.30 18.25
C GLN K 164 53.33 -3.53 18.92
N GLN K 165 54.03 -4.08 19.93
CA GLN K 165 53.55 -5.27 20.61
C GLN K 165 52.29 -4.98 21.42
N GLU K 166 52.27 -3.84 22.12
CA GLU K 166 51.09 -3.48 22.90
C GLU K 166 49.92 -3.14 21.99
N GLY K 167 50.21 -2.54 20.83
CA GLY K 167 49.16 -2.34 19.84
C GLY K 167 48.61 -3.64 19.30
N LEU K 168 49.49 -4.62 19.11
CA LEU K 168 49.05 -5.95 18.67
C LEU K 168 48.13 -6.58 19.71
N GLU K 169 48.52 -6.47 20.99
CA GLU K 169 47.66 -6.99 22.05
C GLU K 169 46.32 -6.27 22.10
N LEU K 170 46.31 -4.95 21.91
CA LEU K 170 45.06 -4.21 21.88
C LEU K 170 44.17 -4.65 20.74
N MET K 171 44.75 -4.86 19.56
CA MET K 171 43.96 -5.34 18.42
C MET K 171 43.43 -6.74 18.68
N GLN K 172 44.22 -7.60 19.31
CA GLN K 172 43.73 -8.92 19.70
C GLN K 172 42.54 -8.81 20.64
N LYS K 173 42.61 -7.90 21.61
CA LYS K 173 41.49 -7.68 22.52
C LYS K 173 40.25 -7.22 21.75
N CYS K 174 40.43 -6.29 20.81
CA CYS K 174 39.29 -5.80 20.04
C CYS K 174 38.64 -6.92 19.21
N CYS K 175 39.48 -7.74 18.56
CA CYS K 175 38.94 -8.85 17.78
C CYS K 175 38.23 -9.86 18.67
N ASP K 176 38.79 -10.13 19.85
CA ASP K 176 38.13 -11.03 20.79
C ASP K 176 36.78 -10.47 21.23
N GLU K 177 36.71 -9.17 21.48
CA GLU K 177 35.44 -8.56 21.85
C GLU K 177 34.42 -8.68 20.73
N VAL K 178 34.84 -8.47 19.49
CA VAL K 178 33.92 -8.62 18.36
C VAL K 178 33.41 -10.04 18.28
N LYS K 179 34.30 -11.02 18.43
CA LYS K 179 33.87 -12.42 18.40
C LYS K 179 32.94 -12.73 19.56
N ARG K 180 33.14 -12.08 20.71
CA ARG K 180 32.37 -12.38 21.90
C ARG K 180 30.96 -11.79 21.85
N ARG K 181 30.80 -10.60 21.29
CA ARG K 181 29.54 -9.87 21.44
C ARG K 181 28.68 -9.80 20.19
N VAL K 182 29.20 -10.17 19.03
CA VAL K 182 28.45 -10.07 17.78
C VAL K 182 27.92 -11.45 17.40
N ILE K 183 26.62 -11.52 17.09
CA ILE K 183 26.02 -12.79 16.70
C ILE K 183 26.58 -13.25 15.35
N ILE K 184 26.93 -12.31 14.48
CA ILE K 184 27.54 -12.65 13.20
C ILE K 184 28.95 -13.17 13.45
N SER K 185 29.24 -14.36 12.93
CA SER K 185 30.50 -15.03 13.20
C SER K 185 31.62 -14.39 12.38
N ASN K 186 32.51 -13.67 13.07
CA ASN K 186 33.71 -13.12 12.47
C ASN K 186 34.91 -13.82 13.13
N SER K 187 35.26 -14.98 12.60
CA SER K 187 36.31 -15.81 13.20
C SER K 187 37.71 -15.29 12.89
N TYR K 188 37.92 -14.77 11.69
CA TYR K 188 39.24 -14.35 11.22
C TYR K 188 39.20 -12.86 10.87
N PHE K 189 40.27 -12.15 11.21
CA PHE K 189 40.23 -10.69 11.15
C PHE K 189 41.30 -9.99 10.31
N PHE K 190 42.23 -10.72 9.68
CA PHE K 190 43.06 -10.14 8.63
C PHE K 190 43.68 -8.81 9.04
N VAL K 191 44.69 -8.85 9.92
CA VAL K 191 45.32 -7.65 10.46
C VAL K 191 46.52 -7.25 9.62
N LYS K 192 46.61 -5.96 9.30
CA LYS K 192 47.75 -5.38 8.62
C LYS K 192 48.15 -4.09 9.34
N ALA K 193 49.36 -3.63 9.05
CA ALA K 193 49.88 -2.42 9.67
C ALA K 193 50.64 -1.60 8.63
N VAL K 194 50.66 -0.29 8.86
CA VAL K 194 51.43 0.65 8.05
C VAL K 194 52.43 1.34 8.96
N THR K 195 53.71 1.24 8.60
CA THR K 195 54.79 1.92 9.30
C THR K 195 55.64 2.69 8.28
N LYS K 196 56.72 3.30 8.74
CA LYS K 196 57.60 4.04 7.84
C LYS K 196 58.22 3.14 6.78
N ASN K 197 58.25 1.82 7.00
CA ASN K 197 58.79 0.88 6.04
C ASN K 197 57.73 0.34 5.09
N GLY K 198 56.47 0.73 5.24
CA GLY K 198 55.42 0.31 4.33
C GLY K 198 54.37 -0.54 5.03
N VAL K 199 53.81 -1.47 4.27
CA VAL K 199 52.69 -2.30 4.71
C VAL K 199 53.20 -3.67 5.12
N GLU K 200 52.79 -4.12 6.30
CA GLU K 200 53.14 -5.44 6.82
C GLU K 200 51.85 -6.21 7.12
N VAL K 201 51.81 -7.47 6.73
CA VAL K 201 50.67 -8.33 7.01
C VAL K 201 50.96 -9.09 8.29
N ILE K 202 50.21 -8.79 9.35
CA ILE K 202 50.48 -9.36 10.67
C ILE K 202 49.64 -10.61 10.83
N THR K 203 50.31 -11.74 11.08
CA THR K 203 49.62 -13.02 11.23
C THR K 203 49.38 -13.42 12.68
N ALA K 204 50.06 -12.76 13.63
CA ALA K 204 49.88 -13.12 15.05
C ALA K 204 48.44 -12.88 15.50
N VAL K 205 47.87 -11.75 15.12
CA VAL K 205 46.49 -11.43 15.48
C VAL K 205 45.56 -11.84 14.35
N HIS K 206 44.47 -12.53 14.71
CA HIS K 206 43.49 -12.96 13.74
C HIS K 206 42.13 -13.18 14.41
N THR L 1 18.31 -26.94 -7.73
CA THR L 1 19.60 -26.88 -8.40
C THR L 1 20.74 -26.91 -7.40
N THR L 2 21.65 -27.87 -7.56
CA THR L 2 22.83 -27.96 -6.72
C THR L 2 24.06 -28.13 -7.59
N THR L 3 25.08 -27.31 -7.33
CA THR L 3 26.33 -27.33 -8.06
C THR L 3 27.46 -27.22 -7.06
N LEU L 4 28.59 -27.88 -7.33
CA LEU L 4 29.75 -27.71 -6.47
C LEU L 4 31.02 -27.78 -7.31
N ALA L 5 32.08 -27.18 -6.77
CA ALA L 5 33.38 -27.26 -7.41
C ALA L 5 34.45 -27.01 -6.36
N PHE L 6 35.48 -27.85 -6.36
CA PHE L 6 36.56 -27.71 -5.38
C PHE L 6 37.91 -27.98 -6.03
N ARG L 7 38.94 -27.37 -5.44
CA ARG L 7 40.31 -27.46 -5.92
C ARG L 7 41.10 -28.41 -5.02
N PHE L 8 41.83 -29.34 -5.65
CA PHE L 8 42.65 -30.29 -4.91
C PHE L 8 43.96 -30.50 -5.65
N ASN L 9 44.87 -31.21 -5.00
CA ASN L 9 46.16 -31.51 -5.62
C ASN L 9 45.95 -32.51 -6.75
N GLY L 10 45.79 -32.01 -7.96
CA GLY L 10 45.40 -32.82 -9.09
C GLY L 10 44.42 -32.09 -9.98
N GLY L 11 44.03 -30.89 -9.58
CA GLY L 11 43.18 -30.07 -10.41
C GLY L 11 41.91 -29.58 -9.74
N ILE L 12 40.82 -29.56 -10.49
CA ILE L 12 39.54 -29.07 -9.99
C ILE L 12 38.48 -30.11 -10.32
N ILE L 13 37.53 -30.29 -9.40
CA ILE L 13 36.40 -31.18 -9.61
C ILE L 13 35.13 -30.34 -9.61
N VAL L 14 34.31 -30.51 -10.64
CA VAL L 14 33.02 -29.84 -10.77
C VAL L 14 31.94 -30.90 -10.81
N ALA L 15 30.82 -30.65 -10.14
CA ALA L 15 29.73 -31.61 -10.10
C ALA L 15 28.40 -30.89 -10.10
N VAL L 16 27.42 -31.44 -10.83
CA VAL L 16 26.13 -30.81 -11.02
C VAL L 16 25.03 -31.85 -10.98
N ASP L 17 23.80 -31.37 -10.74
CA ASP L 17 22.59 -32.15 -10.97
C ASP L 17 22.00 -31.75 -12.32
N SER L 18 20.80 -32.24 -12.62
CA SER L 18 20.19 -31.97 -13.92
C SER L 18 18.69 -31.70 -13.79
N ARG L 19 18.29 -30.99 -12.75
CA ARG L 19 16.88 -30.69 -12.52
C ARG L 19 16.60 -29.21 -12.64
N ALA L 20 15.55 -28.87 -13.39
CA ALA L 20 15.02 -27.51 -13.46
C ALA L 20 13.55 -27.57 -13.08
N SER L 21 13.18 -26.90 -12.00
CA SER L 21 11.82 -26.93 -11.47
C SER L 21 11.25 -25.51 -11.53
N THR L 22 10.27 -25.30 -12.40
CA THR L 22 9.58 -24.01 -12.47
C THR L 22 8.59 -23.90 -11.31
N GLY L 23 9.11 -23.68 -10.10
CA GLY L 23 8.27 -23.59 -8.92
C GLY L 23 7.99 -24.94 -8.31
N GLN L 24 6.79 -25.47 -8.55
CA GLN L 24 6.38 -26.77 -8.05
C GLN L 24 6.48 -27.88 -9.07
N TYR L 25 6.38 -27.55 -10.36
CA TYR L 25 6.39 -28.54 -11.43
C TYR L 25 7.81 -28.75 -11.94
N ILE L 26 8.13 -29.99 -12.28
CA ILE L 26 9.46 -30.32 -12.80
C ILE L 26 9.45 -30.07 -14.31
N ALA L 27 10.15 -29.01 -14.73
CA ALA L 27 10.21 -28.69 -16.16
C ALA L 27 10.99 -29.75 -16.93
N SER L 28 12.19 -30.10 -16.45
CA SER L 28 13.04 -31.04 -17.16
C SER L 28 13.94 -31.75 -16.16
N GLN L 29 14.43 -32.93 -16.58
CA GLN L 29 15.36 -33.71 -15.78
C GLN L 29 16.66 -33.99 -16.53
N THR L 30 16.94 -33.24 -17.60
CA THR L 30 18.13 -33.45 -18.42
C THR L 30 18.89 -32.16 -18.65
N VAL L 31 18.74 -31.16 -17.77
CA VAL L 31 19.40 -29.88 -17.95
C VAL L 31 20.90 -30.04 -17.80
N MET L 32 21.66 -29.34 -18.64
CA MET L 32 23.12 -29.35 -18.60
C MET L 32 23.57 -28.16 -17.76
N LYS L 33 23.90 -28.41 -16.50
CA LYS L 33 24.30 -27.34 -15.59
C LYS L 33 25.78 -27.02 -15.65
N VAL L 34 26.59 -27.84 -16.30
CA VAL L 34 27.97 -27.50 -16.60
C VAL L 34 28.00 -26.93 -18.02
N LEU L 35 28.43 -25.68 -18.15
CA LEU L 35 28.47 -25.00 -19.43
C LEU L 35 29.92 -24.96 -19.90
N GLU L 36 30.21 -25.73 -20.94
CA GLU L 36 31.57 -25.83 -21.47
C GLU L 36 31.90 -24.55 -22.21
N ILE L 37 32.54 -23.60 -21.51
CA ILE L 37 32.91 -22.34 -22.14
C ILE L 37 33.87 -22.58 -23.29
N ASN L 38 34.89 -23.39 -23.04
CA ASN L 38 35.89 -23.74 -24.06
C ASN L 38 36.31 -25.18 -23.81
N ASP L 39 37.40 -25.58 -24.45
CA ASP L 39 38.04 -26.86 -24.16
C ASP L 39 38.98 -26.76 -22.96
N TYR L 40 39.10 -25.59 -22.36
CA TYR L 40 39.98 -25.38 -21.21
C TYR L 40 39.33 -24.61 -20.06
N LEU L 41 38.12 -24.10 -20.22
CA LEU L 41 37.41 -23.40 -19.15
C LEU L 41 36.01 -23.98 -19.00
N LEU L 42 35.53 -24.03 -17.77
CA LEU L 42 34.22 -24.58 -17.46
C LEU L 42 33.39 -23.57 -16.69
N GLY L 43 32.09 -23.57 -16.94
CA GLY L 43 31.17 -22.71 -16.22
C GLY L 43 30.02 -23.52 -15.65
N THR L 44 29.31 -22.91 -14.70
CA THR L 44 28.24 -23.59 -13.99
C THR L 44 26.94 -22.82 -14.12
N LEU L 45 25.83 -23.56 -14.09
CA LEU L 45 24.49 -23.03 -14.26
C LEU L 45 23.78 -23.00 -12.90
N ALA L 46 23.32 -21.81 -12.50
CA ALA L 46 22.54 -21.66 -11.28
C ALA L 46 21.80 -20.34 -11.32
N GLY L 47 20.53 -20.36 -10.91
CA GLY L 47 19.71 -19.17 -10.98
C GLY L 47 18.91 -19.11 -12.25
N GLY L 48 18.85 -17.93 -12.87
CA GLY L 48 18.21 -17.80 -14.17
C GLY L 48 18.99 -18.52 -15.23
N ALA L 49 18.40 -19.57 -15.81
CA ALA L 49 19.11 -20.38 -16.79
C ALA L 49 19.44 -19.57 -18.04
N ALA L 50 18.50 -18.75 -18.50
CA ALA L 50 18.76 -17.95 -19.70
C ALA L 50 19.88 -16.95 -19.48
N ASP L 51 19.90 -16.29 -18.32
CA ASP L 51 20.96 -15.33 -18.02
C ASP L 51 22.33 -15.99 -18.04
N CYS L 52 22.45 -17.12 -17.34
CA CYS L 52 23.73 -17.84 -17.29
C CYS L 52 24.16 -18.29 -18.67
N GLN L 53 23.24 -18.91 -19.41
CA GLN L 53 23.59 -19.41 -20.74
C GLN L 53 24.06 -18.29 -21.65
N TYR L 54 23.28 -17.21 -21.72
CA TYR L 54 23.63 -16.10 -22.61
C TYR L 54 24.96 -15.48 -22.21
N TRP L 55 25.15 -15.21 -20.92
CA TRP L 55 26.33 -14.46 -20.52
C TRP L 55 27.59 -15.31 -20.53
N GLU L 56 27.49 -16.61 -20.26
CA GLU L 56 28.67 -17.46 -20.42
C GLU L 56 28.97 -17.75 -21.89
N ARG L 57 27.95 -17.72 -22.75
CA ARG L 57 28.24 -17.73 -24.19
C ARG L 57 28.98 -16.46 -24.60
N VAL L 58 28.56 -15.31 -24.06
CA VAL L 58 29.28 -14.06 -24.30
C VAL L 58 30.72 -14.17 -23.81
N LEU L 59 30.90 -14.76 -22.63
CA LEU L 59 32.24 -14.92 -22.06
C LEU L 59 33.10 -15.82 -22.95
N GLY L 60 32.53 -16.90 -23.46
CA GLY L 60 33.27 -17.76 -24.38
C GLY L 60 33.65 -17.04 -25.66
N MET L 61 32.74 -16.22 -26.20
CA MET L 61 33.08 -15.42 -27.38
C MET L 61 34.22 -14.46 -27.09
N GLU L 62 34.19 -13.78 -25.94
CA GLU L 62 35.26 -12.87 -25.58
C GLU L 62 36.58 -13.62 -25.38
N CYS L 63 36.54 -14.82 -24.80
CA CYS L 63 37.76 -15.60 -24.63
C CYS L 63 38.34 -16.00 -25.99
N ARG L 64 37.48 -16.42 -26.92
CA ARG L 64 37.97 -16.77 -28.25
C ARG L 64 38.54 -15.55 -28.96
N LEU L 65 37.91 -14.39 -28.81
CA LEU L 65 38.46 -13.17 -29.39
C LEU L 65 39.80 -12.82 -28.76
N TRP L 66 39.94 -13.01 -27.45
CA TRP L 66 41.21 -12.79 -26.78
C TRP L 66 42.30 -13.70 -27.36
N GLU L 67 41.96 -14.96 -27.57
CA GLU L 67 42.92 -15.90 -28.14
C GLU L 67 43.30 -15.49 -29.56
N LEU L 68 42.33 -15.06 -30.36
CA LEU L 68 42.60 -14.68 -31.74
C LEU L 68 43.47 -13.43 -31.82
N ARG L 69 43.17 -12.42 -31.01
CA ARG L 69 43.91 -11.17 -31.07
C ARG L 69 45.34 -11.34 -30.56
N ASN L 70 45.51 -12.05 -29.45
CA ASN L 70 46.77 -12.07 -28.73
C ASN L 70 47.61 -13.30 -29.01
N GLY L 71 47.04 -14.33 -29.63
CA GLY L 71 47.80 -15.53 -29.95
C GLY L 71 48.00 -16.49 -28.80
N SER L 72 47.44 -16.21 -27.63
CA SER L 72 47.59 -17.08 -26.47
C SER L 72 46.25 -17.17 -25.74
N ARG L 73 46.09 -18.24 -24.97
CA ARG L 73 44.85 -18.45 -24.22
C ARG L 73 44.71 -17.42 -23.12
N ILE L 74 43.46 -17.09 -22.80
CA ILE L 74 43.16 -16.18 -21.71
C ILE L 74 43.34 -16.91 -20.38
N THR L 75 43.66 -16.16 -19.33
CA THR L 75 43.76 -16.74 -18.01
C THR L 75 42.39 -16.82 -17.36
N VAL L 76 42.29 -17.67 -16.32
CA VAL L 76 41.04 -17.78 -15.60
C VAL L 76 40.75 -16.52 -14.80
N ALA L 77 41.80 -15.86 -14.31
CA ALA L 77 41.60 -14.59 -13.60
C ALA L 77 41.00 -13.54 -14.53
N ALA L 78 41.48 -13.47 -15.78
CA ALA L 78 40.91 -12.53 -16.73
C ALA L 78 39.53 -12.95 -17.21
N ALA L 79 39.33 -14.26 -17.43
CA ALA L 79 38.02 -14.73 -17.86
C ALA L 79 36.97 -14.49 -16.78
N SER L 80 37.30 -14.76 -15.52
CA SER L 80 36.37 -14.48 -14.44
C SER L 80 36.16 -12.99 -14.26
N LYS L 81 37.18 -12.18 -14.55
CA LYS L 81 37.04 -10.73 -14.45
C LYS L 81 36.09 -10.18 -15.51
N ILE L 82 36.08 -10.78 -16.70
CA ILE L 82 35.16 -10.33 -17.75
C ILE L 82 33.72 -10.57 -17.33
N LEU L 83 33.43 -11.78 -16.85
CA LEU L 83 32.08 -12.10 -16.39
C LEU L 83 31.67 -11.23 -15.21
N ALA L 84 32.60 -11.00 -14.28
CA ALA L 84 32.30 -10.17 -13.13
C ALA L 84 32.02 -8.73 -13.54
N ASN L 85 32.78 -8.20 -14.49
CA ASN L 85 32.55 -6.85 -14.98
C ASN L 85 31.19 -6.74 -15.67
N ILE L 86 30.88 -7.73 -16.52
CA ILE L 86 29.59 -7.73 -17.22
C ILE L 86 28.45 -7.77 -16.20
N THR L 87 28.56 -8.64 -15.20
CA THR L 87 27.52 -8.77 -14.19
C THR L 87 27.39 -7.50 -13.36
N TYR L 88 28.52 -6.88 -13.00
CA TYR L 88 28.47 -5.65 -12.22
C TYR L 88 27.85 -4.50 -13.02
N ALA L 89 28.05 -4.48 -14.34
CA ALA L 89 27.39 -3.48 -15.16
C ALA L 89 25.87 -3.63 -15.12
N TYR L 90 25.38 -4.86 -14.90
CA TYR L 90 23.95 -5.15 -14.90
C TYR L 90 23.43 -5.43 -13.50
N ARG L 91 24.09 -4.92 -12.45
CA ARG L 91 23.71 -5.27 -11.08
C ARG L 91 22.34 -4.70 -10.71
N ASN L 92 21.89 -3.64 -11.36
CA ASN L 92 20.59 -3.05 -11.09
C ASN L 92 19.54 -3.43 -12.12
N HIS L 93 19.85 -4.42 -12.97
CA HIS L 93 18.94 -4.85 -14.02
C HIS L 93 18.25 -6.17 -13.68
N GLY L 94 18.34 -6.61 -12.43
CA GLY L 94 17.62 -7.80 -12.00
C GLY L 94 18.09 -9.10 -12.62
N LEU L 95 19.39 -9.24 -12.86
CA LEU L 95 19.92 -10.53 -13.28
C LEU L 95 19.88 -11.52 -12.13
N SER L 96 19.80 -12.80 -12.47
CA SER L 96 19.79 -13.88 -11.49
C SER L 96 20.73 -14.97 -12.00
N MET L 97 21.97 -14.96 -11.53
CA MET L 97 22.95 -15.92 -12.03
C MET L 97 24.07 -16.08 -11.02
N GLY L 98 24.32 -17.32 -10.62
CA GLY L 98 25.49 -17.65 -9.81
C GLY L 98 26.32 -18.71 -10.47
N THR L 99 27.51 -18.35 -10.94
CA THR L 99 28.33 -19.26 -11.72
C THR L 99 29.69 -19.47 -11.06
N MET L 100 30.36 -20.53 -11.48
CA MET L 100 31.72 -20.81 -11.07
C MET L 100 32.57 -20.97 -12.32
N VAL L 101 33.70 -20.28 -12.35
CA VAL L 101 34.66 -20.39 -13.44
C VAL L 101 35.85 -21.19 -12.91
N ALA L 102 36.10 -22.35 -13.50
CA ALA L 102 37.18 -23.22 -13.09
C ALA L 102 38.07 -23.49 -14.29
N GLY L 103 39.39 -23.34 -14.10
CA GLY L 103 40.27 -23.56 -15.22
C GLY L 103 41.70 -23.81 -14.77
N TRP L 104 42.51 -24.21 -15.74
CA TRP L 104 43.93 -24.47 -15.52
C TRP L 104 44.71 -23.65 -16.54
N ASP L 105 45.13 -22.45 -16.14
CA ASP L 105 45.97 -21.60 -16.97
C ASP L 105 47.44 -21.88 -16.67
N GLN L 106 48.33 -21.02 -17.13
CA GLN L 106 49.76 -21.22 -16.92
C GLN L 106 50.18 -21.02 -15.48
N PHE L 107 49.28 -20.62 -14.59
CA PHE L 107 49.59 -20.51 -13.17
C PHE L 107 48.88 -21.59 -12.35
N GLY L 108 48.56 -22.73 -12.97
CA GLY L 108 47.94 -23.82 -12.28
C GLY L 108 46.43 -23.69 -12.22
N PRO L 109 45.79 -24.52 -11.40
CA PRO L 109 44.34 -24.48 -11.30
C PRO L 109 43.86 -23.22 -10.58
N SER L 110 42.64 -22.81 -10.90
CA SER L 110 42.04 -21.64 -10.28
C SER L 110 40.52 -21.70 -10.44
N LEU L 111 39.82 -21.32 -9.38
CA LEU L 111 38.38 -21.41 -9.29
C LEU L 111 37.83 -20.12 -8.72
N TYR L 112 36.83 -19.55 -9.39
CA TYR L 112 36.18 -18.32 -8.95
C TYR L 112 34.67 -18.52 -8.90
N TYR L 113 34.03 -17.82 -7.97
CA TYR L 113 32.59 -17.74 -7.89
C TYR L 113 32.15 -16.33 -8.22
N VAL L 114 31.20 -16.21 -9.15
CA VAL L 114 30.67 -14.92 -9.60
C VAL L 114 29.16 -14.94 -9.43
N ASP L 115 28.63 -14.01 -8.65
CA ASP L 115 27.19 -13.93 -8.41
C ASP L 115 26.55 -13.01 -9.44
N ASP L 116 25.28 -12.63 -9.20
CA ASP L 116 24.53 -11.77 -10.10
C ASP L 116 24.67 -10.30 -9.77
N LYS L 117 25.47 -9.94 -8.75
CA LYS L 117 25.66 -8.55 -8.37
C LYS L 117 27.10 -8.09 -8.55
N GLY L 118 27.90 -8.79 -9.36
CA GLY L 118 29.25 -8.40 -9.64
C GLY L 118 30.31 -8.93 -8.68
N SER L 119 29.91 -9.74 -7.70
CA SER L 119 30.89 -10.32 -6.79
C SER L 119 31.73 -11.36 -7.51
N ARG L 120 33.00 -11.42 -7.14
CA ARG L 120 33.93 -12.38 -7.76
C ARG L 120 34.94 -12.78 -6.68
N VAL L 121 34.76 -13.97 -6.13
CA VAL L 121 35.58 -14.45 -5.03
C VAL L 121 36.39 -15.66 -5.47
N LYS L 122 37.58 -15.82 -4.90
CA LYS L 122 38.51 -16.87 -5.31
C LYS L 122 38.87 -17.72 -4.09
N GLN L 123 38.23 -18.87 -3.95
CA GLN L 123 38.52 -19.82 -2.89
C GLN L 123 38.67 -21.21 -3.51
N ASP L 124 39.00 -22.18 -2.67
CA ASP L 124 39.29 -23.55 -3.11
C ASP L 124 38.07 -24.45 -3.07
N LEU L 125 36.89 -23.94 -2.71
CA LEU L 125 35.73 -24.79 -2.54
C LEU L 125 34.47 -23.94 -2.57
N PHE L 126 33.52 -24.29 -3.43
CA PHE L 126 32.25 -23.60 -3.50
C PHE L 126 31.12 -24.59 -3.74
N SER L 127 29.96 -24.25 -3.20
CA SER L 127 28.70 -24.94 -3.51
C SER L 127 27.66 -23.86 -3.75
N VAL L 128 26.92 -23.99 -4.85
CA VAL L 128 25.98 -22.98 -5.31
C VAL L 128 24.63 -23.63 -5.57
N GLY L 129 23.57 -22.90 -5.27
CA GLY L 129 22.22 -23.33 -5.54
C GLY L 129 21.44 -23.62 -4.26
N SER L 130 20.17 -23.99 -4.45
CA SER L 130 19.30 -24.26 -3.33
C SER L 130 19.70 -25.52 -2.56
N GLY L 131 20.37 -26.46 -3.22
CA GLY L 131 20.84 -27.66 -2.55
C GLY L 131 22.23 -27.56 -1.96
N SER L 132 22.88 -26.40 -2.07
CA SER L 132 24.23 -26.26 -1.56
C SER L 132 24.30 -26.54 -0.06
N ILE L 133 23.25 -26.15 0.68
CA ILE L 133 23.21 -26.38 2.11
C ILE L 133 23.35 -27.87 2.43
N TYR L 134 22.94 -28.75 1.51
CA TYR L 134 23.15 -30.17 1.71
C TYR L 134 24.49 -30.64 1.20
N ALA L 135 25.02 -30.01 0.15
CA ALA L 135 26.31 -30.43 -0.38
C ALA L 135 27.43 -30.12 0.61
N TYR L 136 27.43 -28.89 1.14
CA TYR L 136 28.49 -28.45 2.04
C TYR L 136 28.66 -29.41 3.20
N GLY L 137 27.56 -29.87 3.80
CA GLY L 137 27.65 -30.79 4.91
C GLY L 137 28.40 -32.06 4.56
N VAL L 138 28.16 -32.59 3.36
CA VAL L 138 28.92 -33.75 2.90
C VAL L 138 30.27 -33.35 2.34
N LEU L 139 30.42 -32.10 1.90
CA LEU L 139 31.62 -31.72 1.17
C LEU L 139 32.71 -31.20 2.11
N ASP L 140 32.33 -30.36 3.07
CA ASP L 140 33.32 -29.86 4.04
C ASP L 140 33.85 -30.97 4.93
N THR L 141 33.07 -32.01 5.18
CA THR L 141 33.47 -33.09 6.08
C THR L 141 34.50 -34.02 5.48
N GLY L 142 34.50 -34.21 4.16
CA GLY L 142 35.41 -35.14 3.54
C GLY L 142 36.46 -34.52 2.64
N TYR L 143 36.45 -33.19 2.52
CA TYR L 143 37.38 -32.51 1.64
C TYR L 143 38.77 -32.43 2.27
N ARG L 144 39.79 -32.77 1.47
CA ARG L 144 41.17 -32.53 1.84
C ARG L 144 41.99 -32.38 0.56
N LYS L 145 43.06 -31.60 0.64
CA LYS L 145 43.82 -31.26 -0.55
C LYS L 145 44.45 -32.50 -1.19
N ASP L 146 44.97 -33.41 -0.37
CA ASP L 146 45.66 -34.60 -0.89
C ASP L 146 44.69 -35.73 -1.21
N LEU L 147 43.67 -35.43 -2.01
CA LEU L 147 42.74 -36.43 -2.47
C LEU L 147 43.13 -36.93 -3.86
N SER L 148 42.90 -38.21 -4.10
CA SER L 148 43.10 -38.76 -5.42
C SER L 148 42.01 -38.24 -6.37
N VAL L 149 42.26 -38.38 -7.67
CA VAL L 149 41.26 -38.00 -8.65
C VAL L 149 39.99 -38.82 -8.48
N GLU L 150 40.16 -40.14 -8.32
CA GLU L 150 39.00 -41.01 -8.06
C GLU L 150 38.32 -40.64 -6.75
N ASP L 151 39.11 -40.38 -5.70
CA ASP L 151 38.53 -40.02 -4.41
C ASP L 151 37.80 -38.69 -4.48
N ALA L 152 38.37 -37.69 -5.17
CA ALA L 152 37.71 -36.40 -5.30
C ALA L 152 36.43 -36.52 -6.10
N CYS L 153 36.46 -37.30 -7.19
CA CYS L 153 35.24 -37.52 -7.97
C CYS L 153 34.17 -38.21 -7.14
N ASP L 154 34.56 -39.21 -6.35
CA ASP L 154 33.61 -39.90 -5.48
C ASP L 154 33.02 -38.94 -4.46
N LEU L 155 33.85 -38.09 -3.86
CA LEU L 155 33.35 -37.13 -2.87
C LEU L 155 32.36 -36.16 -3.50
N ALA L 156 32.68 -35.63 -4.68
CA ALA L 156 31.77 -34.70 -5.34
C ALA L 156 30.47 -35.38 -5.73
N ARG L 157 30.55 -36.60 -6.27
CA ARG L 157 29.35 -37.31 -6.65
C ARG L 157 28.47 -37.60 -5.44
N ARG L 158 29.08 -38.02 -4.33
CA ARG L 158 28.33 -38.30 -3.11
C ARG L 158 27.69 -37.05 -2.55
N SER L 159 28.40 -35.91 -2.57
CA SER L 159 27.83 -34.67 -2.08
C SER L 159 26.64 -34.22 -2.93
N ILE L 160 26.77 -34.32 -4.27
CA ILE L 160 25.65 -33.93 -5.12
C ILE L 160 24.47 -34.87 -4.90
N PHE L 161 24.73 -36.18 -4.76
CA PHE L 161 23.66 -37.12 -4.49
C PHE L 161 22.93 -36.77 -3.19
N HIS L 162 23.68 -36.50 -2.13
CA HIS L 162 23.07 -36.16 -0.86
C HIS L 162 22.33 -34.83 -0.92
N ALA L 163 22.75 -33.92 -1.80
CA ALA L 163 21.97 -32.71 -2.03
C ALA L 163 20.65 -33.03 -2.73
N THR L 164 20.68 -33.88 -3.75
CA THR L 164 19.48 -34.22 -4.49
C THR L 164 18.50 -35.06 -3.67
N TYR L 165 18.98 -35.77 -2.66
CA TYR L 165 18.12 -36.66 -1.89
C TYR L 165 17.19 -35.89 -0.95
N ARG L 166 17.64 -34.75 -0.43
CA ARG L 166 16.84 -33.97 0.52
C ARG L 166 16.27 -32.69 -0.06
N ASP L 167 16.85 -32.16 -1.13
CA ASP L 167 16.36 -30.92 -1.75
C ASP L 167 15.37 -31.25 -2.85
N GLY L 168 14.17 -30.69 -2.76
CA GLY L 168 13.15 -30.94 -3.77
C GLY L 168 13.42 -30.27 -5.10
N ALA L 169 14.20 -29.18 -5.10
CA ALA L 169 14.53 -28.48 -6.33
C ALA L 169 15.74 -29.06 -7.03
N SER L 170 16.40 -30.07 -6.45
CA SER L 170 17.58 -30.68 -7.03
C SER L 170 17.30 -32.14 -7.34
N GLY L 171 17.92 -32.63 -8.41
CA GLY L 171 17.75 -34.01 -8.79
C GLY L 171 18.20 -34.25 -10.22
N GLY L 172 17.80 -35.40 -10.73
CA GLY L 172 18.13 -35.77 -12.10
C GLY L 172 19.31 -36.70 -12.21
N ILE L 173 20.31 -36.31 -13.01
CA ILE L 173 21.51 -37.10 -13.22
C ILE L 173 22.69 -36.33 -12.69
N VAL L 174 23.48 -36.97 -11.83
CA VAL L 174 24.67 -36.35 -11.27
C VAL L 174 25.79 -36.44 -12.30
N THR L 175 26.36 -35.30 -12.66
CA THR L 175 27.42 -35.23 -13.65
C THR L 175 28.68 -34.67 -12.99
N VAL L 176 29.82 -35.30 -13.27
CA VAL L 176 31.09 -34.95 -12.66
C VAL L 176 32.12 -34.71 -13.76
N TYR L 177 32.76 -33.54 -13.71
CA TYR L 177 33.83 -33.13 -14.60
C TYR L 177 35.12 -32.94 -13.80
N HIS L 178 36.25 -33.20 -14.44
CA HIS L 178 37.57 -32.98 -13.85
C HIS L 178 38.36 -32.06 -14.76
N VAL L 179 38.88 -30.97 -14.20
CA VAL L 179 39.71 -30.01 -14.91
C VAL L 179 41.16 -30.24 -14.49
N HIS L 180 42.00 -30.55 -15.46
CA HIS L 180 43.43 -30.79 -15.26
C HIS L 180 44.22 -29.85 -16.18
N GLU L 181 45.54 -30.07 -16.23
CA GLU L 181 46.41 -29.19 -17.01
C GLU L 181 46.14 -29.29 -18.50
N LYS L 182 45.66 -30.44 -18.98
CA LYS L 182 45.39 -30.65 -20.38
C LYS L 182 43.98 -30.22 -20.79
N GLY L 183 43.20 -29.68 -19.86
CA GLY L 183 41.84 -29.26 -20.15
C GLY L 183 40.86 -29.83 -19.16
N TRP L 184 39.74 -30.37 -19.65
CA TRP L 184 38.75 -31.01 -18.81
C TRP L 184 38.24 -32.27 -19.49
N THR L 185 37.78 -33.21 -18.67
CA THR L 185 37.12 -34.42 -19.15
C THR L 185 35.85 -34.64 -18.35
N LYS L 186 34.80 -35.06 -19.04
CA LYS L 186 33.55 -35.45 -18.37
C LYS L 186 33.80 -36.79 -17.69
N ILE L 187 34.03 -36.76 -16.38
CA ILE L 187 34.39 -37.97 -15.66
C ILE L 187 33.22 -38.95 -15.62
N SER L 188 32.03 -38.47 -15.25
CA SER L 188 30.94 -39.41 -15.03
C SER L 188 29.59 -38.74 -15.20
N ARG L 189 28.58 -39.57 -15.44
CA ARG L 189 27.20 -39.12 -15.57
C ARG L 189 26.31 -40.29 -15.11
N ASP L 190 25.84 -40.22 -13.86
CA ASP L 190 25.15 -41.34 -13.23
C ASP L 190 23.79 -40.91 -12.71
N ASP L 191 22.80 -41.79 -12.89
CA ASP L 191 21.46 -41.52 -12.37
C ASP L 191 21.47 -41.48 -10.84
N GLN L 192 20.64 -40.61 -10.28
CA GLN L 192 20.62 -40.37 -8.85
C GLN L 192 20.08 -41.55 -8.06
N THR L 193 19.02 -42.21 -8.56
CA THR L 193 18.46 -43.36 -7.86
C THR L 193 19.43 -44.54 -7.88
N LYS L 194 20.10 -44.76 -9.01
CA LYS L 194 21.14 -45.78 -9.06
C LYS L 194 22.28 -45.43 -8.11
N LEU L 195 22.58 -44.14 -7.95
CA LEU L 195 23.56 -43.74 -6.96
C LEU L 195 23.10 -44.07 -5.55
N TYR L 196 21.81 -43.88 -5.26
CA TYR L 196 21.28 -44.27 -3.95
C TYR L 196 21.45 -45.76 -3.71
N HIS L 197 21.11 -46.57 -4.72
CA HIS L 197 21.24 -48.01 -4.56
C HIS L 197 22.69 -48.47 -4.50
N ARG L 198 23.62 -47.73 -5.10
CA ARG L 198 25.03 -48.04 -4.98
C ARG L 198 25.60 -47.65 -3.62
N TYR L 199 25.22 -46.49 -3.09
CA TYR L 199 25.76 -46.03 -1.81
C TYR L 199 25.08 -46.70 -0.63
N PHE L 200 23.83 -47.13 -0.77
CA PHE L 200 23.07 -47.75 0.30
C PHE L 200 22.45 -49.04 -0.22
N PRO L 201 23.26 -50.09 -0.40
CA PRO L 201 22.73 -51.35 -0.91
C PRO L 201 21.89 -52.07 0.13
N SER L 202 21.02 -52.95 -0.37
CA SER L 202 20.13 -53.72 0.49
C SER L 202 18.97 -52.91 1.03
N TRP M 126 -4.77 -0.88 -17.48
CA TRP M 126 -4.44 -1.55 -18.73
C TRP M 126 -3.11 -2.27 -18.65
N SER M 127 -3.09 -3.53 -19.06
CA SER M 127 -1.87 -4.32 -19.10
C SER M 127 -1.51 -4.66 -20.53
N PRO M 128 -0.23 -4.60 -20.91
CA PRO M 128 0.18 -4.93 -22.28
C PRO M 128 0.26 -6.42 -22.56
N TYR M 129 -0.19 -7.28 -21.66
CA TYR M 129 -0.09 -8.71 -21.82
C TYR M 129 -1.47 -9.36 -21.75
N GLN M 130 -1.59 -10.53 -22.36
CA GLN M 130 -2.82 -11.30 -22.38
C GLN M 130 -2.50 -12.75 -22.73
N ASP M 131 -3.08 -13.68 -22.00
CA ASP M 131 -2.91 -15.11 -22.25
C ASP M 131 -4.11 -15.62 -23.03
N ASN M 132 -3.85 -16.19 -24.21
CA ASN M 132 -4.91 -16.71 -25.06
C ASN M 132 -5.05 -18.22 -24.95
N GLY M 133 -4.35 -18.86 -24.02
CA GLY M 133 -4.48 -20.27 -23.81
C GLY M 133 -3.90 -21.10 -24.95
N GLY M 134 -4.36 -22.34 -25.03
CA GLY M 134 -3.92 -23.26 -26.06
C GLY M 134 -2.67 -24.03 -25.66
N THR M 135 -2.47 -25.16 -26.34
CA THR M 135 -1.36 -26.04 -26.03
C THR M 135 -0.74 -26.61 -27.29
N THR M 136 0.58 -26.81 -27.25
CA THR M 136 1.35 -27.40 -28.32
C THR M 136 2.17 -28.56 -27.77
N ALA M 137 2.53 -29.47 -28.67
CA ALA M 137 3.27 -30.67 -28.27
C ALA M 137 4.06 -31.20 -29.46
N ALA M 138 5.33 -31.52 -29.23
CA ALA M 138 6.20 -32.05 -30.26
C ALA M 138 6.84 -33.34 -29.77
N ILE M 139 7.00 -34.29 -30.69
CA ILE M 139 7.72 -35.53 -30.44
C ILE M 139 8.67 -35.76 -31.61
N ALA M 140 9.96 -35.91 -31.32
CA ALA M 140 10.97 -36.13 -32.34
C ALA M 140 11.22 -37.62 -32.52
N GLY M 141 11.05 -38.09 -33.76
CA GLY M 141 11.27 -39.48 -34.09
C GLY M 141 12.67 -39.73 -34.62
N LYS M 142 12.83 -40.87 -35.29
CA LYS M 142 14.12 -41.22 -35.85
C LYS M 142 14.45 -40.40 -37.09
N ASP M 143 13.49 -40.21 -37.98
CA ASP M 143 13.68 -39.43 -39.19
C ASP M 143 12.46 -38.55 -39.45
N PHE M 144 11.81 -38.09 -38.39
CA PHE M 144 10.60 -37.29 -38.53
C PHE M 144 10.39 -36.51 -37.24
N VAL M 145 9.54 -35.48 -37.33
CA VAL M 145 9.09 -34.73 -36.17
C VAL M 145 7.57 -34.59 -36.26
N ILE M 146 6.88 -34.89 -35.15
CA ILE M 146 5.44 -34.68 -35.07
C ILE M 146 5.22 -33.45 -34.22
N LEU M 147 4.77 -32.36 -34.85
CA LEU M 147 4.39 -31.15 -34.15
C LEU M 147 2.87 -31.06 -34.11
N ALA M 148 2.34 -30.48 -33.04
CA ALA M 148 0.90 -30.39 -32.90
C ALA M 148 0.53 -29.16 -32.11
N GLY M 149 -0.55 -28.50 -32.53
CA GLY M 149 -1.05 -27.35 -31.81
C GLY M 149 -2.57 -27.29 -31.82
N ASP M 150 -3.17 -26.93 -30.68
CA ASP M 150 -4.63 -26.85 -30.64
C ASP M 150 -5.08 -25.53 -31.26
N THR M 151 -6.09 -25.61 -32.12
CA THR M 151 -6.59 -24.44 -32.86
C THR M 151 -7.74 -23.84 -32.07
N ARG M 152 -7.42 -22.98 -31.12
CA ARG M 152 -8.44 -22.33 -30.30
C ARG M 152 -7.88 -21.03 -29.76
N LEU M 153 -8.56 -19.92 -30.05
CA LEU M 153 -8.15 -18.61 -29.60
C LEU M 153 -9.30 -18.01 -28.78
N ASN M 154 -9.01 -17.66 -27.53
CA ASN M 154 -10.00 -17.12 -26.62
C ASN M 154 -9.48 -15.84 -25.97
N GLY M 155 -10.40 -14.97 -25.61
CA GLY M 155 -10.09 -13.67 -25.02
C GLY M 155 -10.19 -13.69 -23.52
N ASP M 156 -10.72 -12.60 -22.96
CA ASP M 156 -10.82 -12.48 -21.51
C ASP M 156 -11.70 -13.59 -20.93
N PHE M 157 -12.93 -13.71 -21.44
CA PHE M 157 -13.77 -14.84 -21.10
C PHE M 157 -14.53 -15.40 -22.30
N CYS M 158 -14.51 -14.75 -23.44
CA CYS M 158 -15.21 -15.21 -24.63
C CYS M 158 -14.30 -16.15 -25.42
N LEU M 159 -14.70 -16.49 -26.64
CA LEU M 159 -13.94 -17.36 -27.52
C LEU M 159 -13.81 -16.66 -28.87
N HIS M 160 -12.60 -16.18 -29.18
CA HIS M 160 -12.40 -15.44 -30.42
C HIS M 160 -12.64 -16.32 -31.64
N SER M 161 -12.04 -17.50 -31.66
CA SER M 161 -12.16 -18.39 -32.81
C SER M 161 -11.85 -19.82 -32.41
N ARG M 162 -12.43 -20.76 -33.16
CA ARG M 162 -12.11 -22.17 -33.03
C ARG M 162 -11.20 -22.67 -34.13
N HIS M 163 -10.71 -21.79 -35.00
CA HIS M 163 -9.89 -22.17 -36.14
C HIS M 163 -8.68 -21.25 -36.27
N ASP M 164 -8.01 -20.97 -35.16
CA ASP M 164 -6.81 -20.14 -35.17
C ASP M 164 -5.63 -21.01 -35.54
N GLN M 165 -4.94 -20.66 -36.63
CA GLN M 165 -3.81 -21.44 -37.13
C GLN M 165 -2.48 -20.72 -36.96
N SER M 166 -2.42 -19.73 -36.07
CA SER M 166 -1.22 -18.92 -35.90
C SER M 166 -0.22 -19.53 -34.91
N LYS M 167 -0.58 -20.62 -34.24
CA LYS M 167 0.31 -21.19 -33.24
C LYS M 167 1.53 -21.84 -33.87
N ILE M 168 1.37 -22.49 -35.01
CA ILE M 168 2.46 -23.18 -35.70
C ILE M 168 2.83 -22.37 -36.94
N PHE M 169 4.12 -22.09 -37.09
CA PHE M 169 4.64 -21.26 -38.16
C PHE M 169 5.82 -21.97 -38.82
N GLN M 170 5.80 -22.02 -40.15
CA GLN M 170 6.88 -22.64 -40.90
C GLN M 170 7.97 -21.61 -41.16
N LEU M 171 9.19 -21.91 -40.75
CA LEU M 171 10.33 -21.03 -41.00
C LEU M 171 11.10 -21.46 -42.24
N THR M 172 11.44 -22.74 -42.33
CA THR M 172 12.07 -23.36 -43.48
C THR M 172 11.32 -24.63 -43.80
N PRO M 173 11.51 -25.19 -45.01
CA PRO M 173 10.85 -26.46 -45.35
C PRO M 173 11.10 -27.59 -44.36
N TYR M 174 12.09 -27.44 -43.49
CA TYR M 174 12.44 -28.48 -42.52
C TYR M 174 12.43 -27.98 -41.08
N THR M 175 12.07 -26.72 -40.83
CA THR M 175 12.06 -26.18 -39.47
C THR M 175 10.73 -25.48 -39.21
N TYR M 176 10.14 -25.75 -38.05
CA TYR M 176 8.89 -25.14 -37.64
C TYR M 176 9.03 -24.60 -36.22
N MET M 177 8.22 -23.60 -35.91
CA MET M 177 8.12 -23.05 -34.57
C MET M 177 6.68 -23.13 -34.09
N ALA M 178 6.51 -23.37 -32.79
CA ALA M 178 5.20 -23.43 -32.18
C ALA M 178 5.22 -22.61 -30.90
N SER M 179 4.26 -21.70 -30.75
CA SER M 179 4.25 -20.77 -29.63
C SER M 179 2.94 -20.87 -28.88
N ASN M 180 3.03 -20.66 -27.56
CA ASN M 180 1.87 -20.62 -26.68
C ASN M 180 1.90 -19.33 -25.89
N GLY M 181 0.72 -18.89 -25.48
CA GLY M 181 0.60 -17.64 -24.75
C GLY M 181 -0.06 -16.54 -25.55
N MET M 182 0.58 -15.38 -25.59
CA MET M 182 0.03 -14.24 -26.30
C MET M 182 0.04 -14.46 -27.82
N GLN M 183 -1.09 -14.18 -28.46
CA GLN M 183 -1.18 -14.35 -29.91
C GLN M 183 -0.45 -13.25 -30.65
N ALA M 184 -0.61 -12.00 -30.21
CA ALA M 184 0.08 -10.88 -30.86
C ALA M 184 1.59 -11.00 -30.71
N ASP M 185 2.05 -11.41 -29.53
CA ASP M 185 3.48 -11.58 -29.31
C ASP M 185 4.06 -12.66 -30.21
N ARG M 186 3.34 -13.77 -30.38
CA ARG M 186 3.88 -14.81 -31.26
C ARG M 186 3.79 -14.41 -32.72
N LEU M 187 2.79 -13.61 -33.11
CA LEU M 187 2.78 -13.09 -34.48
C LEU M 187 4.00 -12.21 -34.74
N GLN M 188 4.30 -11.30 -33.80
CA GLN M 188 5.47 -10.46 -33.95
C GLN M 188 6.75 -11.27 -33.97
N LEU M 189 6.87 -12.27 -33.09
CA LEU M 189 8.05 -13.12 -33.05
C LEU M 189 8.20 -13.92 -34.34
N GLN M 190 7.08 -14.41 -34.88
CA GLN M 190 7.13 -15.13 -36.16
C GLN M 190 7.63 -14.24 -37.28
N GLN M 191 7.16 -12.99 -37.32
CA GLN M 191 7.64 -12.06 -38.34
C GLN M 191 9.13 -11.81 -38.19
N MET M 192 9.59 -11.61 -36.96
CA MET M 192 11.01 -11.35 -36.73
C MET M 192 11.86 -12.55 -37.14
N LEU M 193 11.44 -13.76 -36.76
CA LEU M 193 12.16 -14.96 -37.17
C LEU M 193 12.18 -15.11 -38.69
N LYS M 194 11.05 -14.88 -39.34
CA LYS M 194 10.98 -15.02 -40.79
C LYS M 194 11.93 -14.06 -41.48
N TYR M 195 11.96 -12.81 -41.03
CA TYR M 195 12.84 -11.84 -41.69
C TYR M 195 14.31 -12.07 -41.36
N ARG M 196 14.63 -12.55 -40.16
CA ARG M 196 16.00 -12.93 -39.86
C ARG M 196 16.45 -14.11 -40.72
N VAL M 197 15.56 -15.09 -40.93
CA VAL M 197 15.89 -16.22 -41.78
C VAL M 197 16.09 -15.77 -43.22
N LYS M 198 15.25 -14.84 -43.70
CA LYS M 198 15.41 -14.34 -45.05
C LYS M 198 16.73 -13.56 -45.21
N TRP M 199 17.09 -12.77 -44.20
CA TRP M 199 18.39 -12.09 -44.22
C TRP M 199 19.54 -13.09 -44.22
N TYR M 200 19.42 -14.16 -43.44
CA TYR M 200 20.45 -15.20 -43.44
C TYR M 200 20.59 -15.82 -44.81
N LYS M 201 19.46 -16.09 -45.45
CA LYS M 201 19.49 -16.67 -46.80
C LYS M 201 20.15 -15.71 -47.78
N TYR M 202 19.86 -14.41 -47.67
CA TYR M 202 20.52 -13.43 -48.53
C TYR M 202 22.03 -13.37 -48.27
N ASN M 203 22.44 -13.45 -47.01
CA ASN M 203 23.84 -13.26 -46.67
C ASN M 203 24.67 -14.52 -46.79
N ASN M 204 24.06 -15.66 -47.10
CA ASN M 204 24.76 -16.93 -47.19
C ASN M 204 24.53 -17.60 -48.54
N GLY M 205 24.31 -16.79 -49.57
CA GLY M 205 24.16 -17.30 -50.92
C GLY M 205 22.98 -18.22 -51.13
N GLY M 206 21.84 -17.91 -50.53
CA GLY M 206 20.66 -18.76 -50.69
C GLY M 206 20.66 -20.02 -49.85
N LYS M 207 21.62 -20.18 -48.95
CA LYS M 207 21.69 -21.36 -48.10
C LYS M 207 20.69 -21.20 -46.96
N VAL M 208 19.76 -22.15 -46.84
CA VAL M 208 18.71 -22.06 -45.82
C VAL M 208 19.32 -22.43 -44.46
N PRO M 209 18.99 -21.71 -43.38
CA PRO M 209 19.57 -22.04 -42.08
C PRO M 209 19.07 -23.39 -41.57
N SER M 210 19.93 -24.03 -40.79
CA SER M 210 19.62 -25.33 -40.20
C SER M 210 18.76 -25.16 -38.95
N THR M 211 18.27 -26.30 -38.44
CA THR M 211 17.41 -26.26 -37.27
C THR M 211 18.14 -25.74 -36.04
N LYS M 212 19.39 -26.15 -35.85
CA LYS M 212 20.14 -25.70 -34.68
C LYS M 212 20.50 -24.22 -34.78
N ALA M 213 20.81 -23.76 -35.99
CA ALA M 213 21.07 -22.33 -36.18
C ALA M 213 19.83 -21.50 -35.85
N ILE M 214 18.66 -21.96 -36.30
CA ILE M 214 17.42 -21.26 -36.00
C ILE M 214 17.12 -21.32 -34.50
N ALA M 215 17.44 -22.44 -33.85
CA ALA M 215 17.23 -22.54 -32.41
C ALA M 215 18.09 -21.55 -31.65
N GLN M 216 19.37 -21.44 -32.02
CA GLN M 216 20.25 -20.48 -31.37
C GLN M 216 19.80 -19.05 -31.65
N LEU M 217 19.36 -18.78 -32.88
CA LEU M 217 18.86 -17.45 -33.21
C LEU M 217 17.61 -17.11 -32.40
N MET M 218 16.71 -18.07 -32.23
CA MET M 218 15.52 -17.86 -31.42
C MET M 218 15.89 -17.54 -29.98
N SER M 219 16.84 -18.30 -29.43
CA SER M 219 17.29 -18.03 -28.07
C SER M 219 17.88 -16.62 -27.95
N THR M 220 18.74 -16.26 -28.91
CA THR M 220 19.39 -14.95 -28.85
C THR M 220 18.37 -13.81 -28.97
N MET M 221 17.39 -13.94 -29.86
CA MET M 221 16.42 -12.87 -30.04
C MET M 221 15.43 -12.81 -28.90
N LEU M 222 15.08 -13.95 -28.30
CA LEU M 222 14.27 -13.92 -27.09
C LEU M 222 15.00 -13.24 -25.95
N TYR M 223 16.29 -13.49 -25.81
CA TYR M 223 17.04 -12.85 -24.73
C TYR M 223 17.26 -11.36 -25.01
N HIS M 224 17.30 -10.95 -26.27
CA HIS M 224 17.50 -9.54 -26.57
C HIS M 224 16.37 -8.68 -26.01
N ARG M 225 15.14 -9.21 -26.02
CA ARG M 225 14.01 -8.55 -25.38
C ARG M 225 13.83 -9.08 -23.95
N ARG M 226 14.90 -9.03 -23.17
CA ARG M 226 14.85 -9.61 -21.83
C ARG M 226 14.11 -8.70 -20.85
N PHE M 227 14.15 -7.39 -21.08
CA PHE M 227 13.55 -6.42 -20.17
C PHE M 227 12.10 -6.10 -20.51
N PHE M 228 11.68 -6.36 -21.75
CA PHE M 228 10.26 -6.30 -22.14
C PHE M 228 9.98 -7.60 -22.87
N PRO M 229 9.88 -8.71 -22.14
CA PRO M 229 9.84 -10.02 -22.79
C PRO M 229 8.58 -10.24 -23.61
N TYR M 230 8.73 -11.04 -24.65
CA TYR M 230 7.57 -11.60 -25.33
C TYR M 230 6.83 -12.53 -24.38
N TYR M 231 5.51 -12.51 -24.44
CA TYR M 231 4.70 -13.42 -23.65
C TYR M 231 4.42 -14.70 -24.45
N THR M 232 5.51 -15.33 -24.87
CA THR M 232 5.45 -16.54 -25.68
C THR M 232 6.31 -17.62 -25.07
N PHE M 233 5.81 -18.85 -25.13
CA PHE M 233 6.58 -20.05 -24.81
C PHE M 233 6.70 -20.85 -26.10
N ASN M 234 7.92 -20.98 -26.60
CA ASN M 234 8.16 -21.44 -27.95
C ASN M 234 8.88 -22.79 -27.97
N MET M 235 8.68 -23.49 -29.08
CA MET M 235 9.40 -24.72 -29.39
C MET M 235 9.83 -24.67 -30.85
N VAL M 236 11.10 -24.96 -31.10
CA VAL M 236 11.65 -25.03 -32.45
C VAL M 236 11.92 -26.50 -32.76
N VAL M 237 11.30 -27.01 -33.82
CA VAL M 237 11.41 -28.42 -34.18
C VAL M 237 11.88 -28.53 -35.62
N GLY M 238 12.51 -29.65 -35.92
CA GLY M 238 13.03 -29.89 -37.25
C GLY M 238 13.98 -31.06 -37.26
N LEU M 239 14.68 -31.21 -38.37
CA LEU M 239 15.63 -32.29 -38.57
C LEU M 239 17.06 -31.80 -38.37
N ASP M 240 17.91 -32.70 -37.91
CA ASP M 240 19.33 -32.40 -37.74
C ASP M 240 20.05 -32.56 -39.08
N GLU M 241 21.38 -32.41 -39.07
CA GLU M 241 22.16 -32.61 -40.28
C GLU M 241 22.08 -34.05 -40.75
N GLU M 242 22.07 -35.01 -39.82
CA GLU M 242 21.92 -36.41 -40.17
C GLU M 242 20.48 -36.78 -40.53
N GLY M 243 19.52 -35.88 -40.31
CA GLY M 243 18.13 -36.13 -40.60
C GLY M 243 17.29 -36.53 -39.40
N HIS M 244 17.91 -36.73 -38.25
CA HIS M 244 17.17 -37.18 -37.07
C HIS M 244 16.46 -35.99 -36.43
N GLY M 245 15.22 -36.21 -36.01
CA GLY M 245 14.39 -35.13 -35.50
C GLY M 245 14.84 -34.66 -34.12
N VAL M 246 14.72 -33.35 -33.89
CA VAL M 246 15.16 -32.75 -32.64
C VAL M 246 14.13 -31.69 -32.22
N CYS M 247 13.92 -31.57 -30.92
CA CYS M 247 13.02 -30.56 -30.39
C CYS M 247 13.79 -29.62 -29.46
N TYR M 248 13.37 -28.37 -29.43
CA TYR M 248 13.95 -27.37 -28.53
C TYR M 248 12.82 -26.66 -27.80
N SER M 249 13.00 -26.41 -26.51
CA SER M 249 12.02 -25.69 -25.72
C SER M 249 12.65 -24.47 -25.08
N TYR M 250 11.83 -23.45 -24.83
CA TYR M 250 12.30 -22.15 -24.36
C TYR M 250 11.39 -21.64 -23.26
N ASP M 251 11.97 -20.84 -22.37
CA ASP M 251 11.16 -20.02 -21.48
C ASP M 251 10.80 -18.70 -22.15
N ALA M 252 10.27 -17.77 -21.37
CA ALA M 252 9.91 -16.47 -21.92
C ALA M 252 11.13 -15.67 -22.36
N VAL M 253 12.28 -15.86 -21.71
CA VAL M 253 13.47 -15.06 -21.97
C VAL M 253 14.51 -15.83 -22.78
N GLY M 254 14.17 -17.01 -23.29
CA GLY M 254 15.00 -17.69 -24.26
C GLY M 254 15.89 -18.80 -23.73
N SER M 255 15.60 -19.36 -22.55
CA SER M 255 16.44 -20.44 -22.04
C SER M 255 16.17 -21.71 -22.84
N THR M 256 16.99 -21.95 -23.86
CA THR M 256 16.81 -23.09 -24.74
C THR M 256 17.26 -24.38 -24.07
N GLU M 257 16.55 -25.47 -24.39
CA GLU M 257 16.99 -26.78 -23.96
C GLU M 257 16.49 -27.80 -24.97
N PRO M 258 17.37 -28.66 -25.49
CA PRO M 258 16.95 -29.68 -26.45
C PRO M 258 16.33 -30.88 -25.76
N PHE M 259 15.51 -31.60 -26.53
CA PHE M 259 14.88 -32.83 -26.04
C PHE M 259 14.22 -33.53 -27.22
N LEU M 260 13.78 -34.76 -26.97
CA LEU M 260 13.13 -35.57 -27.99
C LEU M 260 11.62 -35.35 -28.05
N TYR M 261 11.01 -34.87 -26.96
CA TYR M 261 9.61 -34.48 -26.98
C TYR M 261 9.45 -33.26 -26.09
N GLY M 262 8.22 -32.77 -25.99
CA GLY M 262 7.95 -31.62 -25.16
C GLY M 262 6.58 -31.01 -25.37
N THR M 263 5.94 -30.59 -24.29
CA THR M 263 4.61 -30.01 -24.34
C THR M 263 4.63 -28.64 -23.66
N ARG M 264 3.97 -27.68 -24.28
CA ARG M 264 3.88 -26.32 -23.75
C ARG M 264 2.44 -25.86 -23.77
N GLY M 265 2.11 -24.97 -22.84
CA GLY M 265 0.79 -24.38 -22.80
C GLY M 265 -0.02 -24.73 -21.56
N SER M 266 -1.35 -24.70 -21.71
CA SER M 266 -2.22 -24.88 -20.55
C SER M 266 -2.28 -26.33 -20.11
N ALA M 267 -2.22 -27.27 -21.05
CA ALA M 267 -2.40 -28.69 -20.76
C ALA M 267 -1.07 -29.45 -20.72
N ALA M 268 0.04 -28.73 -20.54
CA ALA M 268 1.35 -29.39 -20.54
C ALA M 268 1.47 -30.36 -19.37
N SER M 269 1.00 -29.95 -18.19
CA SER M 269 1.10 -30.80 -17.00
C SER M 269 0.22 -32.04 -17.08
N PHE M 270 -0.74 -32.08 -18.00
CA PHE M 270 -1.62 -33.22 -18.14
C PHE M 270 -1.09 -34.28 -19.09
N VAL M 271 -0.31 -33.86 -20.09
CA VAL M 271 0.14 -34.77 -21.13
C VAL M 271 1.64 -35.08 -21.04
N GLU M 272 2.45 -34.18 -20.49
CA GLU M 272 3.88 -34.45 -20.37
C GLU M 272 4.19 -35.67 -19.52
N PRO M 273 3.60 -35.87 -18.33
CA PRO M 273 3.87 -37.12 -17.60
C PRO M 273 3.43 -38.36 -18.37
N LEU M 274 2.36 -38.27 -19.16
CA LEU M 274 1.94 -39.41 -19.96
C LEU M 274 2.95 -39.75 -21.03
N LEU M 275 3.51 -38.74 -21.70
CA LEU M 275 4.59 -38.99 -22.65
C LEU M 275 5.82 -39.54 -21.95
N ASP M 276 6.08 -39.09 -20.72
CA ASP M 276 7.20 -39.63 -19.94
C ASP M 276 7.04 -41.13 -19.69
N CYS M 277 5.83 -41.57 -19.35
CA CYS M 277 5.62 -42.97 -19.00
C CYS M 277 5.68 -43.88 -20.23
N LEU M 278 5.11 -43.45 -21.36
CA LEU M 278 5.01 -44.30 -22.53
C LEU M 278 6.26 -44.30 -23.40
N ILE M 279 7.12 -43.28 -23.28
CA ILE M 279 8.32 -43.18 -24.08
C ILE M 279 9.55 -43.65 -23.31
N ASN M 280 9.75 -43.12 -22.10
CA ASN M 280 10.89 -43.53 -21.30
C ASN M 280 10.71 -44.92 -20.69
N ARG M 281 9.47 -45.34 -20.44
CA ARG M 281 9.15 -46.67 -19.94
C ARG M 281 9.83 -46.95 -18.60
N GLN M 282 9.93 -45.92 -17.76
CA GLN M 282 10.55 -46.07 -16.45
C GLN M 282 9.58 -46.77 -15.48
N HIS M 283 10.14 -47.37 -14.43
CA HIS M 283 9.38 -48.15 -13.45
C HIS M 283 8.60 -49.28 -14.12
N MET M 284 9.19 -49.90 -15.13
CA MET M 284 8.55 -50.99 -15.85
C MET M 284 9.53 -52.16 -15.91
N THR M 285 9.17 -53.27 -15.27
CA THR M 285 10.00 -54.48 -15.27
C THR M 285 9.66 -55.31 -16.50
N SER M 286 9.91 -54.71 -17.67
CA SER M 286 9.62 -55.35 -18.94
C SER M 286 10.58 -54.82 -19.99
N GLN M 287 10.79 -55.62 -21.04
CA GLN M 287 11.68 -55.21 -22.12
C GLN M 287 11.09 -54.01 -22.86
N ALA M 288 11.97 -53.07 -23.23
CA ALA M 288 11.53 -51.87 -23.91
C ALA M 288 10.96 -52.21 -25.28
N PRO M 289 9.79 -51.71 -25.64
CA PRO M 289 9.23 -51.96 -26.98
C PRO M 289 10.08 -51.29 -28.05
N PRO M 290 9.94 -51.70 -29.31
CA PRO M 290 10.72 -51.07 -30.38
C PRO M 290 10.37 -49.60 -30.53
N GLU M 291 11.30 -48.86 -31.13
CA GLU M 291 11.14 -47.42 -31.28
C GLU M 291 9.96 -47.13 -32.19
N MET M 292 9.20 -46.08 -31.83
CA MET M 292 7.92 -45.83 -32.46
C MET M 292 8.06 -45.25 -33.85
N THR M 293 7.13 -45.61 -34.73
CA THR M 293 7.08 -45.09 -36.08
C THR M 293 6.22 -43.82 -36.10
N LYS M 294 5.98 -43.27 -37.30
CA LYS M 294 5.16 -42.08 -37.42
C LYS M 294 3.74 -42.34 -36.97
N GLU M 295 3.17 -43.48 -37.37
CA GLU M 295 1.76 -43.76 -37.07
C GLU M 295 1.52 -43.92 -35.58
N GLU M 296 2.39 -44.69 -34.91
CA GLU M 296 2.21 -44.89 -33.47
C GLU M 296 2.42 -43.61 -32.69
N THR M 297 3.40 -42.80 -33.09
CA THR M 297 3.61 -41.51 -32.44
C THR M 297 2.40 -40.60 -32.64
N LEU M 298 1.85 -40.57 -33.86
CA LEU M 298 0.67 -39.76 -34.11
C LEU M 298 -0.52 -40.21 -33.27
N ALA M 299 -0.71 -41.54 -33.17
CA ALA M 299 -1.81 -42.05 -32.35
C ALA M 299 -1.62 -41.70 -30.87
N MET M 300 -0.39 -41.82 -30.37
CA MET M 300 -0.10 -41.46 -28.99
C MET M 300 -0.38 -39.98 -28.74
N LEU M 301 0.03 -39.11 -29.66
CA LEU M 301 -0.20 -37.68 -29.49
C LEU M 301 -1.69 -37.36 -29.58
N LYS M 302 -2.42 -38.07 -30.45
CA LYS M 302 -3.87 -37.88 -30.52
C LYS M 302 -4.53 -38.28 -29.21
N ASN M 303 -4.09 -39.38 -28.60
CA ASN M 303 -4.61 -39.76 -27.29
C ASN M 303 -4.29 -38.70 -26.24
N ALA M 304 -3.07 -38.17 -26.28
CA ALA M 304 -2.69 -37.15 -25.30
C ALA M 304 -3.58 -35.92 -25.42
N PHE M 305 -3.80 -35.43 -26.64
CA PHE M 305 -4.66 -34.27 -26.82
C PHE M 305 -6.12 -34.58 -26.47
N THR M 306 -6.59 -35.78 -26.80
CA THR M 306 -7.97 -36.15 -26.44
C THR M 306 -8.15 -36.16 -24.92
N GLY M 307 -7.19 -36.72 -24.20
CA GLY M 307 -7.24 -36.70 -22.75
C GLY M 307 -7.14 -35.30 -22.17
N ALA M 308 -6.29 -34.46 -22.75
CA ALA M 308 -6.15 -33.09 -22.27
C ALA M 308 -7.42 -32.29 -22.47
N ALA M 309 -8.09 -32.47 -23.62
CA ALA M 309 -9.28 -31.70 -23.92
C ALA M 309 -10.47 -32.03 -23.02
N GLU M 310 -10.46 -33.18 -22.35
CA GLU M 310 -11.54 -33.56 -21.47
C GLU M 310 -11.34 -33.10 -20.03
N ARG M 311 -10.16 -32.57 -19.70
CA ARG M 311 -9.89 -32.11 -18.34
C ARG M 311 -9.43 -30.66 -18.26
N ASP M 312 -8.91 -30.08 -19.33
CA ASP M 312 -8.48 -28.69 -19.34
C ASP M 312 -9.52 -27.86 -20.09
N ILE M 313 -9.99 -26.79 -19.43
CA ILE M 313 -11.11 -26.02 -19.97
C ILE M 313 -10.70 -25.00 -21.02
N TYR M 314 -9.41 -24.69 -21.14
CA TYR M 314 -8.95 -23.66 -22.06
C TYR M 314 -8.37 -24.21 -23.36
N THR M 315 -8.41 -25.53 -23.55
CA THR M 315 -7.90 -26.13 -24.77
C THR M 315 -8.91 -27.08 -25.38
N GLY M 316 -8.90 -27.15 -26.71
CA GLY M 316 -9.61 -28.18 -27.43
C GLY M 316 -10.82 -27.74 -28.23
N ASP M 317 -10.61 -27.53 -29.52
CA ASP M 317 -11.61 -27.54 -30.58
C ASP M 317 -11.18 -28.40 -31.74
N SER M 318 -9.88 -28.41 -32.05
CA SER M 318 -9.27 -29.22 -33.10
C SER M 318 -7.76 -29.06 -32.96
N VAL M 319 -7.03 -30.11 -33.36
CA VAL M 319 -5.58 -30.13 -33.26
C VAL M 319 -5.00 -30.22 -34.66
N SER M 320 -4.04 -29.36 -34.96
CA SER M 320 -3.31 -29.40 -36.22
C SER M 320 -1.99 -30.13 -36.01
N PHE M 321 -1.79 -31.19 -36.79
CA PHE M 321 -0.58 -32.00 -36.76
C PHE M 321 0.26 -31.72 -38.01
N PHE M 322 1.55 -31.50 -37.79
CA PHE M 322 2.52 -31.38 -38.86
C PHE M 322 3.53 -32.50 -38.72
N ILE M 323 3.58 -33.37 -39.72
CA ILE M 323 4.55 -34.47 -39.76
C ILE M 323 5.66 -34.04 -40.72
N ILE M 324 6.85 -33.83 -40.17
CA ILE M 324 7.98 -33.28 -40.89
C ILE M 324 8.98 -34.41 -41.15
N THR M 325 9.16 -34.74 -42.42
CA THR M 325 10.17 -35.70 -42.84
C THR M 325 11.06 -35.06 -43.90
N LYS M 326 12.04 -35.81 -44.42
CA LYS M 326 12.85 -35.28 -45.50
C LYS M 326 12.07 -35.19 -46.80
N ASP M 327 11.07 -36.05 -46.98
CA ASP M 327 10.23 -36.03 -48.18
C ASP M 327 9.05 -35.08 -48.00
N GLY M 328 9.34 -33.83 -47.66
CA GLY M 328 8.30 -32.86 -47.46
C GLY M 328 7.63 -32.97 -46.10
N VAL M 329 6.64 -32.11 -45.88
CA VAL M 329 5.89 -32.03 -44.64
C VAL M 329 4.41 -32.20 -44.95
N GLN M 330 3.74 -33.02 -44.17
CA GLN M 330 2.31 -33.24 -44.36
C GLN M 330 1.52 -32.74 -43.15
N GLN M 331 0.28 -32.34 -43.41
CA GLN M 331 -0.56 -31.70 -42.40
C GLN M 331 -1.84 -32.49 -42.24
N GLU M 332 -2.32 -32.55 -40.99
CA GLU M 332 -3.51 -33.34 -40.66
C GLU M 332 -4.30 -32.60 -39.57
N SER M 333 -5.60 -32.85 -39.53
CA SER M 333 -6.49 -32.17 -38.59
C SER M 333 -7.28 -33.19 -37.80
N PHE M 334 -7.32 -33.01 -36.48
CA PHE M 334 -7.93 -33.98 -35.57
C PHE M 334 -9.03 -33.29 -34.79
N GLU M 335 -10.18 -33.94 -34.71
CA GLU M 335 -11.37 -33.36 -34.07
C GLU M 335 -11.32 -33.56 -32.56
N LEU M 336 -11.68 -32.51 -31.83
CA LEU M 336 -11.83 -32.56 -30.38
C LEU M 336 -13.21 -32.07 -29.96
N ARG M 337 -13.46 -32.12 -28.66
CA ARG M 337 -14.71 -31.63 -28.11
C ARG M 337 -14.78 -30.11 -28.20
N LYS M 338 -16.01 -29.59 -28.26
CA LYS M 338 -16.23 -28.15 -28.42
C LYS M 338 -16.66 -27.46 -27.14
N ASP M 339 -16.66 -28.15 -26.01
CA ASP M 339 -17.04 -27.52 -24.75
C ASP M 339 -15.82 -27.12 -23.94
N ALA N 2 -15.81 9.73 -24.10
CA ALA N 2 -16.66 9.20 -25.17
C ALA N 2 -16.28 7.76 -25.49
N SER N 3 -17.24 6.86 -25.34
CA SER N 3 -17.01 5.44 -25.58
C SER N 3 -18.15 4.87 -26.40
N GLY N 4 -17.82 3.93 -27.28
CA GLY N 4 -18.82 3.26 -28.08
C GLY N 4 -19.22 1.92 -27.53
N GLY N 5 -20.44 1.50 -27.86
CA GLY N 5 -20.98 0.25 -27.36
C GLY N 5 -20.47 -0.96 -28.10
N SER N 6 -21.31 -1.97 -28.25
CA SER N 6 -20.92 -3.22 -28.88
C SER N 6 -21.11 -3.15 -30.39
N VAL N 7 -20.30 -3.94 -31.10
CA VAL N 7 -20.37 -4.07 -32.55
C VAL N 7 -20.45 -5.54 -32.89
N ILE N 8 -21.30 -5.89 -33.86
CA ILE N 8 -21.44 -7.27 -34.29
C ILE N 8 -21.33 -7.32 -35.82
N ALA N 9 -20.97 -8.49 -36.32
CA ALA N 9 -20.80 -8.66 -37.76
C ALA N 9 -20.90 -10.14 -38.11
N ILE N 10 -21.47 -10.42 -39.28
CA ILE N 10 -21.66 -11.80 -39.74
C ILE N 10 -21.51 -11.82 -41.25
N LYS N 11 -20.90 -12.89 -41.77
CA LYS N 11 -20.76 -13.09 -43.20
C LYS N 11 -21.95 -13.87 -43.75
N TYR N 12 -22.54 -13.36 -44.82
CA TYR N 12 -23.64 -14.05 -45.49
C TYR N 12 -23.21 -14.42 -46.90
N LYS N 13 -24.03 -15.25 -47.53
CA LYS N 13 -23.67 -15.82 -48.83
C LYS N 13 -23.72 -14.74 -49.89
N GLY N 14 -22.63 -13.99 -50.03
CA GLY N 14 -22.57 -12.91 -50.98
C GLY N 14 -21.99 -11.63 -50.42
N GLY N 15 -21.70 -11.59 -49.13
CA GLY N 15 -21.13 -10.38 -48.55
C GLY N 15 -20.99 -10.48 -47.05
N VAL N 16 -20.84 -9.31 -46.43
CA VAL N 16 -20.70 -9.19 -44.98
C VAL N 16 -21.67 -8.12 -44.49
N LEU N 17 -22.20 -8.33 -43.28
CA LEU N 17 -23.03 -7.34 -42.61
C LEU N 17 -22.39 -7.00 -41.27
N MET N 18 -22.42 -5.72 -40.90
CA MET N 18 -21.86 -5.28 -39.63
C MET N 18 -22.77 -4.23 -39.02
N ALA N 19 -23.29 -4.52 -37.83
CA ALA N 19 -24.25 -3.66 -37.16
C ALA N 19 -23.65 -3.07 -35.89
N ALA N 20 -24.04 -1.83 -35.60
CA ALA N 20 -23.64 -1.18 -34.36
C ALA N 20 -24.64 -0.07 -34.04
N ASP N 21 -24.78 0.22 -32.76
CA ASP N 21 -25.67 1.31 -32.36
C ASP N 21 -25.00 2.66 -32.58
N THR N 22 -25.83 3.69 -32.74
CA THR N 22 -25.34 5.05 -33.00
C THR N 22 -25.29 5.86 -31.71
N LEU N 23 -24.53 5.38 -30.74
CA LEU N 23 -24.46 6.03 -29.43
C LEU N 23 -23.02 6.11 -28.95
N LEU N 24 -22.65 7.28 -28.42
CA LEU N 24 -21.43 7.45 -27.65
C LEU N 24 -21.80 7.85 -26.23
N SER N 25 -21.25 7.12 -25.26
CA SER N 25 -21.50 7.33 -23.85
C SER N 25 -20.26 7.91 -23.17
N TYR N 26 -20.49 8.64 -22.09
CA TYR N 26 -19.43 9.19 -21.26
C TYR N 26 -19.64 8.62 -19.86
N GLY N 27 -19.07 7.45 -19.62
CA GLY N 27 -19.38 6.72 -18.39
C GLY N 27 -20.73 6.07 -18.52
N SER N 28 -21.58 6.29 -17.51
CA SER N 28 -22.96 5.83 -17.57
C SER N 28 -23.88 6.82 -18.28
N LEU N 29 -23.37 7.98 -18.65
CA LEU N 29 -24.15 8.99 -19.35
C LEU N 29 -24.26 8.65 -20.83
N ALA N 30 -25.48 8.49 -21.32
CA ALA N 30 -25.72 8.37 -22.76
C ALA N 30 -25.60 9.76 -23.37
N LYS N 31 -24.40 10.09 -23.85
CA LYS N 31 -24.09 11.47 -24.18
C LYS N 31 -24.63 11.86 -25.56
N TRP N 32 -24.29 11.10 -26.59
CA TRP N 32 -24.66 11.46 -27.96
C TRP N 32 -25.36 10.30 -28.65
N PRO N 33 -26.64 10.41 -28.98
CA PRO N 33 -27.37 9.33 -29.62
C PRO N 33 -27.43 9.38 -31.15
N ASN N 34 -26.67 10.26 -31.79
CA ASN N 34 -26.73 10.45 -33.24
C ASN N 34 -25.33 10.45 -33.84
N ILE N 35 -24.52 9.48 -33.46
CA ILE N 35 -23.13 9.37 -33.89
C ILE N 35 -23.03 8.25 -34.93
N PRO N 36 -22.55 8.53 -36.14
CA PRO N 36 -22.25 7.44 -37.09
C PRO N 36 -20.93 6.78 -36.71
N ARG N 37 -21.02 5.57 -36.16
CA ARG N 37 -19.85 4.89 -35.64
C ARG N 37 -19.16 4.02 -36.68
N ILE N 38 -19.89 3.56 -37.70
CA ILE N 38 -19.29 2.79 -38.77
C ILE N 38 -18.63 3.75 -39.76
N ARG N 39 -17.32 3.59 -39.97
CA ARG N 39 -16.60 4.43 -40.89
C ARG N 39 -16.11 3.61 -42.07
N LEU N 40 -16.19 4.21 -43.26
CA LEU N 40 -15.78 3.56 -44.50
C LEU N 40 -14.29 3.81 -44.73
N LEU N 41 -13.54 2.73 -44.93
CA LEU N 41 -12.13 2.79 -45.25
C LEU N 41 -11.93 2.34 -46.70
N GLY N 42 -11.28 3.18 -47.48
CA GLY N 42 -11.07 2.93 -48.88
C GLY N 42 -12.39 2.91 -49.63
N SER N 43 -12.37 2.19 -50.75
CA SER N 43 -13.57 1.94 -51.53
C SER N 43 -14.09 0.53 -51.36
N HIS N 44 -13.55 -0.23 -50.41
CA HIS N 44 -13.89 -1.63 -50.24
C HIS N 44 -14.19 -2.05 -48.81
N SER N 45 -13.83 -1.26 -47.80
CA SER N 45 -13.87 -1.76 -46.43
C SER N 45 -14.59 -0.81 -45.50
N ALA N 46 -14.94 -1.33 -44.33
CA ALA N 46 -15.57 -0.55 -43.28
C ALA N 46 -15.06 -1.06 -41.92
N VAL N 47 -15.12 -0.18 -40.93
CA VAL N 47 -14.61 -0.48 -39.60
C VAL N 47 -15.52 0.13 -38.55
N CYS N 48 -15.60 -0.52 -37.39
CA CYS N 48 -16.32 0.02 -36.25
C CYS N 48 -15.64 -0.46 -34.97
N ALA N 49 -15.45 0.45 -34.03
CA ALA N 49 -14.66 0.17 -32.83
C ALA N 49 -15.53 0.22 -31.58
N THR N 50 -15.29 -0.72 -30.68
CA THR N 50 -15.82 -0.68 -29.32
C THR N 50 -14.76 -0.06 -28.41
N GLY N 51 -15.19 0.88 -27.57
CA GLY N 51 -14.27 1.49 -26.63
C GLY N 51 -14.04 2.97 -26.89
N SER N 52 -12.81 3.43 -26.66
CA SER N 52 -12.51 4.85 -26.78
C SER N 52 -12.78 5.35 -28.20
N TYR N 53 -13.44 6.49 -28.30
CA TYR N 53 -13.77 7.06 -29.60
C TYR N 53 -12.67 7.97 -30.14
N ALA N 54 -11.91 8.62 -29.25
CA ALA N 54 -10.78 9.43 -29.70
C ALA N 54 -9.71 8.56 -30.35
N ASP N 55 -9.38 7.43 -29.71
CA ASP N 55 -8.39 6.53 -30.28
C ASP N 55 -8.87 5.97 -31.61
N PHE N 56 -10.15 5.60 -31.69
CA PHE N 56 -10.71 5.14 -32.96
C PHE N 56 -10.65 6.22 -34.03
N GLN N 57 -10.95 7.47 -33.66
CA GLN N 57 -10.88 8.56 -34.62
C GLN N 57 -9.47 8.72 -35.17
N MET N 58 -8.48 8.75 -34.28
CA MET N 58 -7.10 8.93 -34.72
C MET N 58 -6.63 7.76 -35.58
N MET N 59 -6.94 6.53 -35.16
CA MET N 59 -6.52 5.36 -35.92
C MET N 59 -7.20 5.31 -37.28
N ALA N 60 -8.49 5.64 -37.34
CA ALA N 60 -9.20 5.64 -38.61
C ALA N 60 -8.65 6.70 -39.54
N LYS N 61 -8.33 7.89 -39.01
CA LYS N 61 -7.70 8.92 -39.84
C LYS N 61 -6.36 8.44 -40.39
N GLN N 62 -5.56 7.81 -39.53
CA GLN N 62 -4.25 7.33 -39.96
C GLN N 62 -4.38 6.26 -41.04
N VAL N 63 -5.37 5.36 -40.89
CA VAL N 63 -5.54 4.30 -41.87
C VAL N 63 -6.07 4.85 -43.18
N GLU N 64 -7.05 5.74 -43.13
CA GLU N 64 -7.62 6.30 -44.34
C GLU N 64 -6.63 7.16 -45.10
N ASP N 65 -5.78 7.91 -44.39
CA ASP N 65 -4.73 8.68 -45.07
C ASP N 65 -3.76 7.77 -45.79
N ASN N 66 -3.43 6.62 -45.20
CA ASN N 66 -2.48 5.70 -45.82
C ASN N 66 -3.01 5.13 -47.13
N ILE N 67 -4.29 4.78 -47.19
CA ILE N 67 -4.85 4.19 -48.41
C ILE N 67 -4.89 5.21 -49.53
N GLU N 68 -5.46 6.39 -49.26
CA GLU N 68 -5.65 7.38 -50.30
C GLU N 68 -4.32 7.91 -50.82
N ARG N 69 -3.36 8.15 -49.92
CA ARG N 69 -2.06 8.66 -50.34
C ARG N 69 -1.31 7.64 -51.19
N GLN N 70 -1.37 6.37 -50.80
CA GLN N 70 -0.72 5.33 -51.60
C GLN N 70 -1.37 5.20 -52.97
N LYS N 71 -2.70 5.25 -53.03
CA LYS N 71 -3.38 5.17 -54.31
C LYS N 71 -3.06 6.38 -55.19
N MET N 72 -2.94 7.56 -54.59
CA MET N 72 -2.76 8.80 -55.34
C MET N 72 -1.31 9.04 -55.75
N TYR N 73 -0.36 8.75 -54.87
CA TYR N 73 1.04 9.08 -55.15
C TYR N 73 1.64 8.16 -56.19
N HIS N 74 1.25 6.88 -56.20
CA HIS N 74 1.77 5.90 -57.14
C HIS N 74 0.64 5.28 -57.94
N ASN N 75 0.94 4.92 -59.18
CA ASN N 75 -0.03 4.29 -60.07
C ASN N 75 -0.14 2.82 -59.69
N VAL N 76 -0.81 2.58 -58.56
CA VAL N 76 -0.94 1.23 -58.00
C VAL N 76 -2.41 0.98 -57.70
N ASP N 77 -2.75 -0.30 -57.60
CA ASP N 77 -4.10 -0.69 -57.20
C ASP N 77 -4.36 -0.30 -55.75
N GLU N 78 -5.63 -0.05 -55.45
CA GLU N 78 -6.02 0.27 -54.08
C GLU N 78 -5.78 -0.94 -53.18
N LEU N 79 -5.44 -0.67 -51.93
CA LEU N 79 -5.12 -1.73 -50.98
C LEU N 79 -6.31 -2.67 -50.80
N SER N 80 -6.02 -3.96 -50.75
CA SER N 80 -7.03 -4.96 -50.50
C SER N 80 -7.50 -4.87 -49.05
N PRO N 81 -8.73 -5.28 -48.75
CA PRO N 81 -9.20 -5.27 -47.36
C PRO N 81 -8.29 -6.05 -46.41
N SER N 82 -7.72 -7.16 -46.87
CA SER N 82 -6.77 -7.89 -46.04
C SER N 82 -5.54 -7.04 -45.75
N GLU N 83 -5.04 -6.32 -46.75
CA GLU N 83 -3.88 -5.46 -46.54
C GLU N 83 -4.20 -4.29 -45.62
N VAL N 84 -5.40 -3.71 -45.76
CA VAL N 84 -5.80 -2.62 -44.87
C VAL N 84 -5.89 -3.12 -43.44
N PHE N 85 -6.47 -4.30 -43.22
CA PHE N 85 -6.57 -4.84 -41.87
C PHE N 85 -5.19 -5.19 -41.32
N SER N 86 -4.29 -5.68 -42.18
CA SER N 86 -2.93 -5.95 -41.74
C SER N 86 -2.24 -4.68 -41.27
N TYR N 87 -2.38 -3.60 -42.04
CA TYR N 87 -1.80 -2.33 -41.63
C TYR N 87 -2.41 -1.84 -40.31
N LEU N 88 -3.73 -1.98 -40.18
CA LEU N 88 -4.40 -1.57 -38.94
C LEU N 88 -3.88 -2.36 -37.75
N HIS N 89 -3.75 -3.68 -37.91
CA HIS N 89 -3.26 -4.51 -36.82
C HIS N 89 -1.82 -4.17 -36.46
N ARG N 90 -0.96 -3.95 -37.45
CA ARG N 90 0.43 -3.59 -37.16
C ARG N 90 0.50 -2.24 -36.44
N SER N 91 -0.32 -1.27 -36.87
CA SER N 91 -0.33 0.02 -36.20
C SER N 91 -0.80 -0.10 -34.76
N ILE N 92 -1.85 -0.90 -34.52
CA ILE N 92 -2.35 -1.08 -33.16
C ILE N 92 -1.29 -1.74 -32.29
N TYR N 93 -0.64 -2.78 -32.82
CA TYR N 93 0.39 -3.47 -32.04
C TYR N 93 1.57 -2.54 -31.75
N GLN N 94 1.95 -1.70 -32.73
CA GLN N 94 3.03 -0.75 -32.51
C GLN N 94 2.65 0.26 -31.43
N LYS N 95 1.39 0.69 -31.42
CA LYS N 95 0.92 1.55 -30.33
C LYS N 95 1.01 0.84 -28.98
N ARG N 96 0.67 -0.45 -28.96
CA ARG N 96 0.75 -1.21 -27.71
C ARG N 96 2.18 -1.31 -27.20
N CYS N 97 3.14 -1.57 -28.10
CA CYS N 97 4.52 -1.72 -27.70
C CYS N 97 5.14 -0.42 -27.21
N ASP N 98 4.56 0.72 -27.57
CA ASP N 98 5.04 2.02 -27.11
C ASP N 98 4.38 2.45 -25.80
N PHE N 99 3.56 1.58 -25.20
CA PHE N 99 2.82 1.89 -23.99
C PHE N 99 1.89 3.08 -24.17
N ASP N 100 1.41 3.27 -25.41
CA ASP N 100 0.38 4.25 -25.72
C ASP N 100 -0.68 3.57 -26.57
N PRO N 101 -1.42 2.63 -25.98
CA PRO N 101 -2.31 1.77 -26.78
C PRO N 101 -3.50 2.52 -27.32
N CYS N 102 -4.04 1.97 -28.42
CA CYS N 102 -5.31 2.41 -28.99
C CYS N 102 -6.41 1.59 -28.31
N LEU N 103 -6.99 2.14 -27.24
CA LEU N 103 -7.89 1.40 -26.37
C LEU N 103 -9.24 1.18 -27.06
N CYS N 104 -9.22 0.35 -28.09
CA CYS N 104 -10.42 0.02 -28.85
C CYS N 104 -10.39 -1.44 -29.25
N GLN N 105 -11.58 -2.00 -29.47
CA GLN N 105 -11.76 -3.30 -30.08
C GLN N 105 -12.50 -3.11 -31.38
N MET N 106 -11.83 -3.37 -32.50
CA MET N 106 -12.32 -3.01 -33.82
C MET N 106 -12.78 -4.23 -34.60
N VAL N 107 -13.94 -4.11 -35.24
CA VAL N 107 -14.43 -5.07 -36.22
C VAL N 107 -14.25 -4.45 -37.59
N PHE N 108 -13.71 -5.25 -38.51
CA PHE N 108 -13.31 -4.80 -39.84
C PHE N 108 -13.94 -5.72 -40.87
N ILE N 109 -14.61 -5.12 -41.86
CA ILE N 109 -15.26 -5.87 -42.93
C ILE N 109 -14.79 -5.31 -44.27
N GLY N 110 -14.84 -6.14 -45.29
CA GLY N 110 -14.48 -5.71 -46.63
C GLY N 110 -14.82 -6.76 -47.66
N VAL N 111 -14.99 -6.30 -48.89
CA VAL N 111 -15.20 -7.18 -50.04
C VAL N 111 -14.48 -6.58 -51.24
N ARG N 112 -13.77 -7.42 -51.98
CA ARG N 112 -13.16 -7.01 -53.24
C ARG N 112 -13.29 -8.14 -54.25
N ASP N 113 -13.90 -7.83 -55.39
CA ASP N 113 -13.97 -8.72 -56.57
C ASP N 113 -14.41 -10.14 -56.21
N GLY N 114 -15.19 -10.25 -55.14
CA GLY N 114 -15.77 -11.53 -54.78
C GLY N 114 -15.35 -12.09 -53.44
N GLU N 115 -14.11 -11.85 -53.03
CA GLU N 115 -13.62 -12.40 -51.77
C GLU N 115 -14.07 -11.52 -50.62
N THR N 116 -14.64 -12.13 -49.59
CA THR N 116 -15.13 -11.42 -48.42
C THR N 116 -14.15 -11.58 -47.26
N PHE N 117 -13.93 -10.50 -46.52
CA PHE N 117 -13.01 -10.47 -45.40
C PHE N 117 -13.72 -9.89 -44.19
N LEU N 118 -13.64 -10.61 -43.07
CA LEU N 118 -14.21 -10.17 -41.81
C LEU N 118 -13.23 -10.52 -40.70
N ALA N 119 -12.91 -9.55 -39.86
CA ALA N 119 -11.88 -9.76 -38.85
C ALA N 119 -12.13 -8.87 -37.64
N GLY N 120 -11.46 -9.20 -36.55
CA GLY N 120 -11.51 -8.39 -35.35
C GLY N 120 -10.12 -8.25 -34.76
N VAL N 121 -9.89 -7.11 -34.10
CA VAL N 121 -8.60 -6.79 -33.50
C VAL N 121 -8.82 -6.13 -32.15
N ASP N 122 -8.00 -6.49 -31.17
CA ASP N 122 -8.05 -5.91 -29.83
C ASP N 122 -7.16 -4.67 -29.72
N ASP N 123 -7.22 -4.03 -28.56
CA ASP N 123 -6.39 -2.87 -28.26
C ASP N 123 -4.94 -3.25 -27.97
N VAL N 124 -4.63 -4.53 -27.82
CA VAL N 124 -3.29 -4.95 -27.45
C VAL N 124 -2.59 -5.68 -28.59
N GLY N 125 -3.28 -5.91 -29.71
CA GLY N 125 -2.68 -6.51 -30.87
C GLY N 125 -3.23 -7.85 -31.28
N THR N 126 -4.16 -8.42 -30.53
CA THR N 126 -4.76 -9.69 -30.90
C THR N 126 -5.64 -9.51 -32.13
N ARG N 127 -5.51 -10.41 -33.10
CA ARG N 127 -6.29 -10.37 -34.32
C ARG N 127 -6.84 -11.76 -34.62
N TRP N 128 -8.04 -11.79 -35.22
CA TRP N 128 -8.59 -13.06 -35.65
C TRP N 128 -9.60 -12.83 -36.77
N GLU N 129 -9.87 -13.89 -37.52
CA GLU N 129 -10.85 -13.87 -38.60
C GLU N 129 -11.81 -15.03 -38.40
N ASP N 130 -13.08 -14.81 -38.71
CA ASP N 130 -14.11 -15.81 -38.56
C ASP N 130 -15.31 -15.41 -39.42
N ASP N 131 -16.37 -16.23 -39.38
CA ASP N 131 -17.60 -15.92 -40.08
C ASP N 131 -18.55 -15.07 -39.24
N CYS N 132 -18.20 -14.81 -37.98
CA CYS N 132 -18.98 -13.91 -37.13
C CYS N 132 -18.04 -13.32 -36.09
N ILE N 133 -18.12 -12.00 -35.93
CA ILE N 133 -17.25 -11.27 -35.01
C ILE N 133 -18.13 -10.39 -34.13
N ALA N 134 -17.69 -10.16 -32.90
CA ALA N 134 -18.40 -9.30 -31.99
C ALA N 134 -17.42 -8.72 -30.98
N THR N 135 -17.68 -7.48 -30.58
CA THR N 135 -16.85 -6.81 -29.58
C THR N 135 -17.75 -6.24 -28.48
N GLY N 136 -17.15 -6.01 -27.32
CA GLY N 136 -17.94 -5.56 -26.18
C GLY N 136 -18.89 -6.65 -25.72
N TYR N 137 -20.02 -6.22 -25.17
CA TYR N 137 -21.03 -7.17 -24.69
C TYR N 137 -21.65 -7.99 -25.81
N GLY N 138 -21.48 -7.58 -27.07
CA GLY N 138 -21.90 -8.42 -28.17
C GLY N 138 -21.12 -9.72 -28.24
N ALA N 139 -19.90 -9.74 -27.69
CA ALA N 139 -19.13 -10.97 -27.66
C ALA N 139 -19.76 -12.01 -26.74
N TYR N 140 -20.37 -11.57 -25.63
CA TYR N 140 -21.01 -12.49 -24.71
C TYR N 140 -22.49 -12.69 -25.01
N ILE N 141 -23.15 -11.71 -25.62
CA ILE N 141 -24.58 -11.76 -25.84
C ILE N 141 -24.88 -12.22 -27.26
N ALA N 142 -24.45 -11.45 -28.25
CA ALA N 142 -24.84 -11.70 -29.63
C ALA N 142 -24.08 -12.87 -30.24
N LEU N 143 -22.80 -13.03 -29.89
CA LEU N 143 -21.96 -14.01 -30.57
C LEU N 143 -22.48 -15.45 -30.45
N PRO N 144 -22.93 -15.95 -29.30
CA PRO N 144 -23.50 -17.30 -29.28
C PRO N 144 -24.67 -17.48 -30.24
N LEU N 145 -25.56 -16.49 -30.34
CA LEU N 145 -26.69 -16.59 -31.25
C LEU N 145 -26.22 -16.60 -32.71
N LEU N 146 -25.23 -15.76 -33.03
CA LEU N 146 -24.69 -15.75 -34.38
C LEU N 146 -24.05 -17.08 -34.74
N ARG N 147 -23.29 -17.66 -33.80
CA ARG N 147 -22.67 -18.96 -34.05
C ARG N 147 -23.71 -20.05 -34.25
N GLN N 148 -24.77 -20.03 -33.42
CA GLN N 148 -25.83 -21.02 -33.58
C GLN N 148 -26.53 -20.86 -34.93
N ALA N 149 -26.82 -19.62 -35.34
CA ALA N 149 -27.44 -19.39 -36.64
C ALA N 149 -26.54 -19.85 -37.78
N LEU N 150 -25.22 -19.62 -37.66
CA LEU N 150 -24.29 -20.09 -38.68
C LEU N 150 -24.27 -21.62 -38.75
N GLU N 151 -24.28 -22.29 -37.59
CA GLU N 151 -24.15 -23.74 -37.59
C GLU N 151 -25.46 -24.47 -37.89
N LYS N 152 -26.62 -23.80 -37.81
CA LYS N 152 -27.85 -24.45 -38.26
C LYS N 152 -27.94 -24.57 -39.77
N ASN N 153 -27.08 -23.89 -40.51
CA ASN N 153 -27.02 -24.03 -41.96
C ASN N 153 -25.62 -23.72 -42.49
N PRO N 154 -24.76 -24.74 -42.62
CA PRO N 154 -23.36 -24.48 -42.97
C PRO N 154 -23.15 -24.19 -44.45
N ASP N 155 -24.18 -24.29 -45.28
CA ASP N 155 -24.02 -23.93 -46.69
C ASP N 155 -23.89 -22.43 -46.89
N GLY N 156 -24.35 -21.63 -45.92
CA GLY N 156 -24.25 -20.19 -46.01
C GLY N 156 -25.57 -19.49 -45.76
N LEU N 157 -25.51 -18.31 -45.13
CA LEU N 157 -26.70 -17.52 -44.86
C LEU N 157 -27.00 -16.58 -46.01
N SER N 158 -28.28 -16.48 -46.35
CA SER N 158 -28.71 -15.46 -47.29
C SER N 158 -28.71 -14.09 -46.60
N ARG N 159 -28.81 -13.04 -47.41
CA ARG N 159 -28.77 -11.69 -46.85
C ARG N 159 -29.95 -11.45 -45.92
N GLY N 160 -31.14 -11.92 -46.30
CA GLY N 160 -32.30 -11.79 -45.43
C GLY N 160 -32.15 -12.59 -44.14
N GLU N 161 -31.66 -13.83 -44.24
CA GLU N 161 -31.46 -14.64 -43.05
C GLU N 161 -30.42 -14.02 -42.12
N ALA N 162 -29.32 -13.51 -42.67
CA ALA N 162 -28.33 -12.84 -41.85
C ALA N 162 -28.88 -11.58 -41.21
N MET N 163 -29.65 -10.80 -41.97
CA MET N 163 -30.23 -9.57 -41.41
C MET N 163 -31.20 -9.89 -40.28
N ARG N 164 -31.99 -10.95 -40.42
CA ARG N 164 -32.95 -11.31 -39.38
C ARG N 164 -32.25 -11.64 -38.07
N ILE N 165 -31.23 -12.51 -38.13
CA ILE N 165 -30.52 -12.88 -36.90
C ILE N 165 -29.74 -11.70 -36.36
N LEU N 166 -29.25 -10.82 -37.24
CA LEU N 166 -28.55 -9.63 -36.77
C LEU N 166 -29.49 -8.71 -36.00
N THR N 167 -30.71 -8.52 -36.50
CA THR N 167 -31.68 -7.70 -35.79
C THR N 167 -32.11 -8.37 -34.49
N ASP N 168 -32.21 -9.70 -34.48
CA ASP N 168 -32.51 -10.39 -33.23
C ASP N 168 -31.42 -10.16 -32.18
N CYS N 169 -30.15 -10.25 -32.60
CA CYS N 169 -29.05 -9.97 -31.69
C CYS N 169 -29.04 -8.53 -31.22
N LEU N 170 -29.37 -7.58 -32.10
CA LEU N 170 -29.46 -6.18 -31.68
C LEU N 170 -30.57 -5.99 -30.66
N ARG N 171 -31.71 -6.66 -30.86
CA ARG N 171 -32.81 -6.58 -29.90
C ARG N 171 -32.39 -7.12 -28.54
N VAL N 172 -31.70 -8.26 -28.53
CA VAL N 172 -31.25 -8.83 -27.27
C VAL N 172 -30.22 -7.92 -26.61
N LEU N 173 -29.33 -7.31 -27.41
CA LEU N 173 -28.35 -6.38 -26.87
C LEU N 173 -29.03 -5.16 -26.24
N PHE N 174 -30.06 -4.64 -26.89
CA PHE N 174 -30.81 -3.54 -26.31
C PHE N 174 -31.51 -3.97 -25.02
N TYR N 175 -31.99 -5.21 -24.96
CA TYR N 175 -32.57 -5.72 -23.73
C TYR N 175 -31.56 -5.77 -22.59
N ARG N 176 -30.35 -6.26 -22.88
CA ARG N 176 -29.45 -6.70 -21.81
C ARG N 176 -28.21 -5.85 -21.63
N GLU N 177 -27.98 -4.84 -22.46
CA GLU N 177 -26.82 -3.97 -22.32
C GLU N 177 -27.26 -2.62 -21.78
N CYS N 178 -26.59 -2.16 -20.72
CA CYS N 178 -27.00 -0.94 -20.05
C CYS N 178 -26.76 0.29 -20.92
N ARG N 179 -25.56 0.41 -21.49
CA ARG N 179 -25.19 1.59 -22.27
C ARG N 179 -25.48 1.30 -23.74
N ALA N 180 -26.77 1.26 -24.06
CA ALA N 180 -27.22 1.02 -25.42
C ALA N 180 -28.50 1.80 -25.67
N ILE N 181 -28.79 2.05 -26.94
CA ILE N 181 -30.02 2.68 -27.36
C ILE N 181 -30.62 1.87 -28.51
N ASN N 182 -31.92 2.04 -28.71
CA ASN N 182 -32.62 1.33 -29.79
C ASN N 182 -32.54 2.13 -31.09
N LYS N 183 -31.32 2.26 -31.59
CA LYS N 183 -31.05 2.93 -32.85
C LYS N 183 -29.74 2.37 -33.40
N PHE N 184 -29.82 1.64 -34.50
CA PHE N 184 -28.69 0.91 -35.03
C PHE N 184 -28.47 1.23 -36.50
N GLN N 185 -27.24 1.02 -36.96
CA GLN N 185 -26.88 1.11 -38.36
C GLN N 185 -26.18 -0.17 -38.77
N VAL N 186 -26.52 -0.65 -39.96
CA VAL N 186 -25.92 -1.85 -40.54
C VAL N 186 -25.21 -1.45 -41.82
N ALA N 187 -23.92 -1.77 -41.91
CA ALA N 187 -23.15 -1.61 -43.12
C ALA N 187 -23.08 -2.95 -43.84
N ASP N 188 -23.35 -2.93 -45.14
CA ASP N 188 -23.34 -4.12 -45.98
C ASP N 188 -22.19 -4.02 -46.96
N ALA N 189 -21.22 -4.90 -46.84
CA ALA N 189 -20.09 -4.97 -47.76
C ALA N 189 -20.40 -6.05 -48.80
N ALA N 190 -20.54 -5.62 -50.05
CA ALA N 190 -20.81 -6.52 -51.16
C ALA N 190 -19.83 -6.28 -52.30
N SER N 191 -20.06 -6.91 -53.44
CA SER N 191 -19.13 -6.80 -54.56
C SER N 191 -19.02 -5.35 -55.04
N ASP N 192 -20.15 -4.66 -55.16
CA ASP N 192 -20.12 -3.29 -55.66
C ASP N 192 -19.45 -2.34 -54.68
N GLY N 193 -19.48 -2.65 -53.39
CA GLY N 193 -18.89 -1.78 -52.39
C GLY N 193 -19.65 -1.91 -51.08
N VAL N 194 -19.27 -1.05 -50.14
CA VAL N 194 -19.89 -1.03 -48.83
C VAL N 194 -20.94 0.06 -48.78
N ARG N 195 -22.12 -0.27 -48.26
CA ARG N 195 -23.24 0.66 -48.17
C ARG N 195 -23.69 0.72 -46.72
N ILE N 196 -23.72 1.92 -46.15
CA ILE N 196 -24.22 2.12 -44.80
C ILE N 196 -25.68 2.52 -44.87
N SER N 197 -26.52 1.83 -44.11
CA SER N 197 -27.95 2.09 -44.11
C SER N 197 -28.30 3.25 -43.19
N GLU N 198 -29.51 3.76 -43.33
CA GLU N 198 -30.00 4.79 -42.45
C GLU N 198 -30.28 4.21 -41.07
N PRO N 199 -30.22 5.03 -40.01
CA PRO N 199 -30.52 4.52 -38.68
C PRO N 199 -31.93 3.95 -38.59
N PHE N 200 -32.07 2.85 -37.87
CA PHE N 200 -33.35 2.19 -37.68
C PHE N 200 -33.44 1.67 -36.26
N ASP N 201 -34.61 1.12 -35.92
CA ASP N 201 -34.83 0.53 -34.61
C ASP N 201 -35.54 -0.80 -34.77
N VAL N 202 -35.37 -1.67 -33.77
CA VAL N 202 -36.03 -2.96 -33.75
C VAL N 202 -37.22 -2.88 -32.80
N GLU N 203 -38.21 -3.73 -33.04
CA GLU N 203 -39.39 -3.78 -32.20
C GLU N 203 -39.10 -4.65 -30.98
N THR N 204 -39.53 -4.19 -29.81
CA THR N 204 -39.27 -4.85 -28.55
C THR N 204 -40.57 -5.35 -27.93
N HIS N 205 -40.43 -6.22 -26.93
CA HIS N 205 -41.57 -6.79 -26.23
C HIS N 205 -41.37 -6.60 -24.74
N TRP N 206 -42.37 -5.99 -24.09
CA TRP N 206 -42.31 -5.74 -22.65
C TRP N 206 -43.61 -6.14 -21.96
N GLU N 207 -44.42 -7.00 -22.59
CA GLU N 207 -45.76 -7.31 -22.11
C GLU N 207 -45.89 -8.76 -21.66
N TYR N 208 -44.82 -9.32 -21.10
CA TYR N 208 -44.91 -10.66 -20.53
C TYR N 208 -45.78 -10.66 -19.30
N GLU N 209 -46.58 -11.73 -19.14
CA GLU N 209 -47.49 -11.81 -18.01
C GLU N 209 -46.75 -11.86 -16.69
N GLY N 210 -45.53 -12.36 -16.67
CA GLY N 210 -44.71 -12.37 -15.47
C GLY N 210 -44.05 -11.05 -15.14
N TYR N 211 -44.19 -10.05 -16.01
CA TYR N 211 -43.61 -8.73 -15.81
C TYR N 211 -44.55 -7.78 -15.08
N CYS N 212 -45.75 -8.24 -14.72
CA CYS N 212 -46.76 -7.35 -14.17
C CYS N 212 -46.37 -6.87 -12.77
N PHE N 213 -47.10 -5.86 -12.29
CA PHE N 213 -46.79 -5.24 -11.01
C PHE N 213 -46.95 -6.22 -9.85
N GLU N 214 -48.00 -7.05 -9.87
CA GLU N 214 -48.28 -7.90 -8.72
C GLU N 214 -47.38 -9.13 -8.66
N LYS N 215 -46.97 -9.68 -9.81
CA LYS N 215 -46.10 -10.85 -9.79
C LYS N 215 -44.66 -10.49 -9.44
N THR N 216 -44.21 -9.29 -9.81
CA THR N 216 -42.86 -8.84 -9.52
C THR N 216 -42.77 -8.10 -8.19
N ALA N 217 -43.88 -7.89 -7.50
CA ALA N 217 -43.86 -7.13 -6.27
C ALA N 217 -43.23 -7.95 -5.14
N ILE N 218 -42.53 -7.25 -4.24
CA ILE N 218 -41.97 -7.85 -3.05
C ILE N 218 -42.76 -7.36 -1.85
N ILE N 219 -43.79 -8.09 -1.46
CA ILE N 219 -44.67 -7.65 -0.39
C ILE N 219 -44.07 -7.97 0.98
N ALA O 4 -43.82 -34.28 49.89
CA ALA O 4 -44.81 -35.31 49.60
C ALA O 4 -46.16 -34.97 50.23
N GLY O 5 -46.21 -33.81 50.89
CA GLY O 5 -47.42 -33.39 51.56
C GLY O 5 -48.31 -32.49 50.73
N PHE O 6 -47.69 -31.55 50.00
CA PHE O 6 -48.48 -30.56 49.26
C PHE O 6 -48.99 -31.12 47.93
N ASP O 7 -48.06 -31.47 47.03
CA ASP O 7 -48.24 -32.16 45.76
C ASP O 7 -49.30 -31.50 44.87
N LYS O 8 -49.76 -30.31 45.25
CA LYS O 8 -50.80 -29.64 44.48
C LYS O 8 -50.59 -28.13 44.38
N TYR O 9 -49.49 -27.60 44.91
CA TYR O 9 -49.17 -26.18 44.76
C TYR O 9 -48.19 -25.92 43.63
N ILE O 10 -47.48 -26.95 43.16
CA ILE O 10 -46.55 -26.83 42.05
C ILE O 10 -46.84 -27.95 41.06
N THR O 11 -46.29 -27.81 39.86
CA THR O 11 -46.55 -28.74 38.77
C THR O 11 -45.78 -30.03 39.01
N VAL O 12 -46.32 -30.84 39.92
CA VAL O 12 -45.81 -32.18 40.18
C VAL O 12 -46.99 -33.15 40.14
N PHE O 13 -46.70 -34.40 39.83
CA PHE O 13 -47.76 -35.40 39.71
C PHE O 13 -48.33 -35.74 41.08
N SER O 14 -49.65 -35.89 41.13
CA SER O 14 -50.33 -36.46 42.28
C SER O 14 -50.16 -37.96 42.28
N PRO O 15 -50.46 -38.64 43.40
CA PRO O 15 -50.41 -40.11 43.39
C PRO O 15 -51.34 -40.75 42.38
N GLU O 16 -52.37 -40.04 41.93
CA GLU O 16 -53.28 -40.53 40.91
C GLU O 16 -52.81 -40.20 39.49
N GLY O 17 -51.64 -39.61 39.35
CA GLY O 17 -51.15 -39.26 38.03
C GLY O 17 -51.84 -38.07 37.40
N SER O 18 -52.18 -37.06 38.19
CA SER O 18 -52.86 -35.87 37.71
C SER O 18 -52.12 -34.62 38.19
N LEU O 19 -52.31 -33.52 37.46
CA LEU O 19 -51.72 -32.24 37.80
C LEU O 19 -52.81 -31.35 38.38
N TYR O 20 -52.72 -31.09 39.69
CA TYR O 20 -53.76 -30.33 40.36
C TYR O 20 -53.76 -28.87 39.94
N GLN O 21 -52.57 -28.29 39.74
CA GLN O 21 -52.49 -26.90 39.34
C GLN O 21 -53.04 -26.65 37.94
N VAL O 22 -53.11 -27.68 37.10
CA VAL O 22 -53.71 -27.54 35.79
C VAL O 22 -55.21 -27.76 35.84
N GLU O 23 -55.68 -28.65 36.71
CA GLU O 23 -57.12 -28.81 36.89
C GLU O 23 -57.74 -27.59 37.55
N TYR O 24 -56.98 -26.91 38.42
CA TYR O 24 -57.48 -25.68 39.03
C TYR O 24 -57.55 -24.54 38.03
N ALA O 25 -56.64 -24.50 37.06
CA ALA O 25 -56.70 -23.50 36.01
C ALA O 25 -57.90 -23.72 35.10
N PHE O 26 -58.41 -24.95 35.03
CA PHE O 26 -59.64 -25.20 34.27
C PHE O 26 -60.85 -24.59 34.98
N LYS O 27 -60.81 -24.52 36.31
CA LYS O 27 -61.90 -23.89 37.05
C LYS O 27 -61.82 -22.37 37.03
N ALA O 28 -60.65 -21.81 36.67
CA ALA O 28 -60.56 -20.38 36.47
C ALA O 28 -61.20 -19.94 35.16
N VAL O 29 -61.40 -20.87 34.23
CA VAL O 29 -62.07 -20.54 32.98
C VAL O 29 -63.54 -20.25 33.23
N THR O 30 -64.20 -21.09 34.03
CA THR O 30 -65.62 -20.94 34.32
C THR O 30 -65.90 -20.03 35.51
N TYR O 31 -64.86 -19.60 36.23
CA TYR O 31 -65.02 -18.74 37.39
C TYR O 31 -65.69 -17.40 37.07
N PRO O 32 -65.29 -16.67 36.02
CA PRO O 32 -65.91 -15.36 35.75
C PRO O 32 -67.39 -15.44 35.42
N GLY O 33 -67.92 -16.61 35.04
CA GLY O 33 -69.31 -16.74 34.71
C GLY O 33 -69.68 -16.38 33.29
N LEU O 34 -68.71 -16.28 32.40
CA LEU O 34 -68.94 -15.92 31.01
C LEU O 34 -69.02 -17.19 30.16
N LEU O 35 -69.66 -17.06 29.00
CA LEU O 35 -69.83 -18.20 28.11
C LEU O 35 -69.58 -17.76 26.67
N THR O 36 -68.90 -18.63 25.91
CA THR O 36 -68.61 -18.36 24.51
C THR O 36 -68.95 -19.59 23.68
N VAL O 37 -69.50 -19.36 22.49
CA VAL O 37 -69.88 -20.43 21.57
C VAL O 37 -69.32 -20.12 20.20
N ALA O 38 -68.59 -21.07 19.62
CA ALA O 38 -68.04 -20.92 18.28
C ALA O 38 -68.62 -21.99 17.37
N ILE O 39 -69.04 -21.58 16.17
CA ILE O 39 -69.61 -22.49 15.20
C ILE O 39 -69.04 -22.15 13.82
N ARG O 40 -69.12 -23.12 12.91
CA ARG O 40 -68.69 -22.92 11.54
C ARG O 40 -69.77 -23.43 10.58
N CYS O 41 -70.11 -22.62 9.59
CA CYS O 41 -71.05 -23.01 8.56
C CYS O 41 -70.27 -23.48 7.33
N LYS O 42 -70.98 -23.66 6.20
CA LYS O 42 -70.35 -24.18 4.99
C LYS O 42 -69.30 -23.22 4.44
N ASP O 43 -69.43 -21.92 4.73
CA ASP O 43 -68.54 -20.93 4.13
C ASP O 43 -68.05 -19.86 5.09
N ALA O 44 -68.34 -19.97 6.39
CA ALA O 44 -67.92 -18.96 7.34
C ALA O 44 -67.82 -19.57 8.72
N VAL O 45 -67.15 -18.84 9.61
CA VAL O 45 -66.99 -19.24 11.01
C VAL O 45 -67.35 -18.04 11.89
N LEU O 46 -68.17 -18.28 12.91
CA LEU O 46 -68.64 -17.26 13.83
C LEU O 46 -68.30 -17.65 15.25
N VAL O 47 -68.05 -16.64 16.08
CA VAL O 47 -67.86 -16.83 17.51
C VAL O 47 -68.70 -15.79 18.24
N VAL O 48 -69.47 -16.21 19.24
CA VAL O 48 -70.31 -15.32 20.03
C VAL O 48 -69.84 -15.37 21.48
N THR O 49 -69.62 -14.19 22.04
CA THR O 49 -69.11 -14.04 23.40
C THR O 49 -70.09 -13.21 24.22
N GLN O 50 -70.34 -13.64 25.45
CA GLN O 50 -71.11 -12.83 26.37
C GLN O 50 -70.37 -11.54 26.68
N HIS O 51 -71.04 -10.40 26.44
CA HIS O 51 -70.47 -9.08 26.69
C HIS O 51 -71.47 -8.30 27.54
N LEU O 52 -71.40 -8.49 28.86
CA LEU O 52 -72.34 -7.90 29.79
C LEU O 52 -71.61 -6.90 30.68
N ILE O 53 -72.19 -5.72 30.86
CA ILE O 53 -71.58 -4.63 31.58
C ILE O 53 -72.52 -4.20 32.71
N PRO O 54 -72.49 -4.87 33.86
CA PRO O 54 -73.38 -4.45 34.97
C PRO O 54 -73.13 -3.03 35.43
N ASP O 55 -71.88 -2.57 35.39
CA ASP O 55 -71.55 -1.21 35.80
C ASP O 55 -72.01 -0.23 34.73
N ARG O 56 -72.99 0.60 35.07
CA ARG O 56 -73.51 1.60 34.15
C ARG O 56 -72.48 2.65 33.79
N LEU O 57 -71.46 2.86 34.63
CA LEU O 57 -70.45 3.87 34.37
C LEU O 57 -69.27 3.34 33.56
N MET O 58 -69.29 2.07 33.17
CA MET O 58 -68.20 1.46 32.42
C MET O 58 -68.45 1.63 30.93
N ARG O 59 -67.43 2.07 30.21
CA ARG O 59 -67.53 2.24 28.76
C ARG O 59 -67.66 0.89 28.09
N PRO O 60 -68.82 0.56 27.51
CA PRO O 60 -69.06 -0.82 27.06
C PRO O 60 -68.14 -1.30 25.94
N ASP O 61 -67.68 -0.38 25.10
CA ASP O 61 -66.85 -0.75 23.96
C ASP O 61 -65.37 -0.83 24.29
N SER O 62 -64.98 -0.55 25.54
CA SER O 62 -63.58 -0.64 25.91
C SER O 62 -63.17 -2.08 26.23
N VAL O 63 -63.99 -2.77 27.02
CA VAL O 63 -63.69 -4.15 27.40
C VAL O 63 -64.28 -5.09 26.36
N THR O 64 -63.47 -6.03 25.88
CA THR O 64 -63.92 -7.01 24.92
C THR O 64 -63.11 -8.29 25.09
N ALA O 65 -63.72 -9.41 24.74
CA ALA O 65 -63.04 -10.70 24.75
C ALA O 65 -62.63 -11.16 23.36
N LEU O 66 -62.96 -10.40 22.32
CA LEU O 66 -62.58 -10.75 20.96
C LEU O 66 -61.33 -9.97 20.58
N TYR O 67 -60.32 -10.67 20.08
CA TYR O 67 -59.05 -10.07 19.69
C TYR O 67 -58.68 -10.48 18.27
N GLU O 68 -57.95 -9.59 17.61
CA GLU O 68 -57.37 -9.90 16.31
C GLU O 68 -55.95 -10.41 16.54
N VAL O 69 -55.70 -11.66 16.16
CA VAL O 69 -54.33 -12.17 16.15
C VAL O 69 -53.62 -11.75 14.88
N THR O 70 -54.18 -12.13 13.74
CA THR O 70 -53.76 -11.66 12.43
C THR O 70 -55.01 -11.20 11.70
N PRO O 71 -54.86 -10.38 10.66
CA PRO O 71 -56.04 -9.98 9.87
C PRO O 71 -56.94 -11.14 9.49
N ASN O 72 -56.39 -12.34 9.27
CA ASN O 72 -57.18 -13.49 8.88
C ASN O 72 -57.43 -14.48 10.02
N ILE O 73 -56.90 -14.23 11.22
CA ILE O 73 -57.10 -15.12 12.35
C ILE O 73 -57.56 -14.28 13.54
N GLY O 74 -58.74 -14.59 14.06
CA GLY O 74 -59.26 -13.91 15.22
C GLY O 74 -59.30 -14.81 16.43
N CYS O 75 -59.34 -14.23 17.63
CA CYS O 75 -59.27 -15.03 18.85
C CYS O 75 -60.33 -14.58 19.84
N CYS O 76 -60.79 -15.53 20.66
CA CYS O 76 -61.68 -15.26 21.79
C CYS O 76 -61.10 -15.94 23.02
N MET O 77 -61.08 -15.21 24.13
CA MET O 77 -60.51 -15.71 25.38
C MET O 77 -61.63 -15.85 26.40
N THR O 78 -61.70 -17.01 27.04
CA THR O 78 -62.70 -17.31 28.07
C THR O 78 -61.99 -17.67 29.35
N GLY O 79 -62.22 -16.88 30.41
CA GLY O 79 -61.57 -17.12 31.68
C GLY O 79 -61.03 -15.87 32.32
N ARG O 80 -59.90 -15.99 33.03
CA ARG O 80 -59.28 -14.84 33.66
C ARG O 80 -58.92 -13.79 32.61
N ALA O 81 -59.58 -12.64 32.69
CA ALA O 81 -59.48 -11.64 31.61
C ALA O 81 -58.05 -11.19 31.34
N PRO O 82 -57.25 -10.79 32.35
CA PRO O 82 -55.86 -10.41 32.02
C PRO O 82 -55.04 -11.55 31.43
N ASP O 83 -55.19 -12.76 31.98
CA ASP O 83 -54.40 -13.90 31.52
C ASP O 83 -54.55 -14.11 30.03
N GLY O 84 -55.80 -14.19 29.55
CA GLY O 84 -56.03 -14.34 28.13
C GLY O 84 -55.37 -13.24 27.33
N ARG O 85 -55.48 -12.00 27.82
CA ARG O 85 -54.79 -10.88 27.17
C ARG O 85 -53.33 -11.21 26.96
N ALA O 86 -52.65 -11.66 28.02
CA ALA O 86 -51.26 -12.04 27.90
C ALA O 86 -51.08 -13.07 26.80
N LEU O 87 -51.90 -14.12 26.80
CA LEU O 87 -51.79 -15.14 25.76
C LEU O 87 -51.98 -14.53 24.39
N VAL O 88 -52.96 -13.63 24.25
CA VAL O 88 -53.17 -12.97 22.97
C VAL O 88 -51.87 -12.31 22.52
N GLN O 89 -51.24 -11.57 23.45
CA GLN O 89 -49.97 -10.93 23.12
C GLN O 89 -48.99 -11.94 22.56
N ARG O 90 -48.80 -13.06 23.27
CA ARG O 90 -47.84 -14.07 22.82
C ARG O 90 -48.16 -14.51 21.40
N ALA O 91 -49.44 -14.81 21.13
CA ALA O 91 -49.81 -15.32 19.82
C ALA O 91 -49.33 -14.39 18.73
N ARG O 92 -49.41 -13.08 18.99
CA ARG O 92 -49.04 -12.11 17.96
C ARG O 92 -47.57 -12.26 17.57
N GLU O 93 -46.67 -12.37 18.55
CA GLU O 93 -45.28 -12.62 18.16
C GLU O 93 -45.17 -13.95 17.42
N GLU O 94 -45.86 -14.97 17.92
CA GLU O 94 -45.78 -16.27 17.26
C GLU O 94 -46.33 -16.19 15.85
N ALA O 95 -47.19 -15.21 15.59
CA ALA O 95 -47.54 -14.91 14.20
C ALA O 95 -46.46 -14.09 13.53
N SER O 96 -46.09 -12.96 14.14
CA SER O 96 -45.18 -12.01 13.50
C SER O 96 -43.85 -12.67 13.17
N ASP O 97 -43.24 -13.31 14.16
CA ASP O 97 -41.99 -14.03 13.91
C ASP O 97 -42.17 -15.03 12.78
N TYR O 98 -43.27 -15.79 12.82
CA TYR O 98 -43.55 -16.73 11.74
C TYR O 98 -43.59 -16.00 10.40
N GLN O 99 -44.32 -14.88 10.35
CA GLN O 99 -44.40 -14.11 9.12
C GLN O 99 -43.02 -13.66 8.67
N TYR O 100 -42.14 -13.33 9.62
CA TYR O 100 -40.81 -12.87 9.25
C TYR O 100 -39.88 -14.02 8.90
N ARG O 101 -40.21 -15.26 9.26
CA ARG O 101 -39.29 -16.35 8.98
C ARG O 101 -39.66 -17.14 7.74
N TYR O 102 -40.94 -17.16 7.37
CA TYR O 102 -41.40 -17.91 6.21
C TYR O 102 -41.98 -17.03 5.11
N GLY O 103 -42.27 -15.77 5.39
CA GLY O 103 -42.83 -14.87 4.39
C GLY O 103 -44.30 -15.05 4.11
N VAL O 104 -44.95 -16.06 4.71
CA VAL O 104 -46.37 -16.29 4.54
C VAL O 104 -47.05 -16.13 5.89
N GLU O 105 -48.35 -15.87 5.85
CA GLU O 105 -49.12 -15.74 7.08
C GLU O 105 -49.26 -17.11 7.75
N ILE O 106 -49.23 -17.10 9.08
CA ILE O 106 -49.22 -18.35 9.83
C ILE O 106 -50.57 -19.05 9.69
N PRO O 107 -50.59 -20.36 9.45
CA PRO O 107 -51.87 -21.08 9.47
C PRO O 107 -52.46 -21.13 10.87
N ILE O 108 -53.78 -21.23 10.92
CA ILE O 108 -54.48 -21.23 12.21
C ILE O 108 -54.12 -22.47 13.02
N ALA O 109 -54.04 -23.63 12.37
CA ALA O 109 -53.70 -24.86 13.07
C ALA O 109 -52.29 -24.80 13.64
N VAL O 110 -51.35 -24.25 12.87
CA VAL O 110 -49.98 -24.12 13.36
C VAL O 110 -49.92 -23.18 14.56
N LEU O 111 -50.64 -22.07 14.49
CA LEU O 111 -50.68 -21.13 15.60
C LEU O 111 -51.26 -21.78 16.85
N ALA O 112 -52.35 -22.55 16.68
CA ALA O 112 -52.95 -23.24 17.82
C ALA O 112 -51.99 -24.26 18.41
N LYS O 113 -51.28 -25.01 17.55
CA LYS O 113 -50.31 -25.99 18.04
C LYS O 113 -49.19 -25.31 18.81
N ARG O 114 -48.70 -24.17 18.32
CA ARG O 114 -47.63 -23.47 19.01
C ARG O 114 -48.11 -22.86 20.32
N MET O 115 -49.34 -22.35 20.36
CA MET O 115 -49.90 -21.86 21.61
C MET O 115 -50.08 -22.98 22.63
N GLY O 116 -50.48 -24.17 22.16
CA GLY O 116 -50.53 -25.32 23.05
C GLY O 116 -49.16 -25.74 23.54
N ASP O 117 -48.14 -25.60 22.70
CA ASP O 117 -46.77 -25.83 23.14
C ASP O 117 -46.37 -24.85 24.23
N LYS O 118 -46.75 -23.58 24.08
CA LYS O 118 -46.46 -22.59 25.11
C LYS O 118 -47.14 -22.93 26.44
N ALA O 119 -48.39 -23.42 26.38
CA ALA O 119 -49.10 -23.76 27.59
C ALA O 119 -48.49 -24.96 28.29
N GLN O 120 -48.02 -25.95 27.52
CA GLN O 120 -47.44 -27.15 28.12
C GLN O 120 -46.19 -26.84 28.93
N VAL O 121 -45.42 -25.82 28.51
CA VAL O 121 -44.20 -25.47 29.21
C VAL O 121 -44.51 -25.04 30.64
N ARG O 122 -45.58 -24.24 30.82
CA ARG O 122 -45.95 -23.78 32.14
C ARG O 122 -46.52 -24.88 33.02
N THR O 123 -46.83 -26.04 32.46
CA THR O 123 -47.29 -27.18 33.23
C THR O 123 -46.17 -28.15 33.61
N GLN O 124 -44.96 -27.90 33.13
CA GLN O 124 -43.80 -28.71 33.48
C GLN O 124 -42.75 -27.97 34.27
N GLN O 125 -42.60 -26.66 34.04
CA GLN O 125 -41.74 -25.82 34.86
C GLN O 125 -42.46 -25.46 36.16
N ALA O 126 -41.69 -25.45 37.25
CA ALA O 126 -42.30 -25.36 38.58
C ALA O 126 -42.82 -23.97 38.87
N GLY O 127 -42.05 -22.93 38.56
CA GLY O 127 -42.37 -21.60 39.06
C GLY O 127 -43.44 -20.87 38.27
N LEU O 128 -43.81 -21.39 37.10
CA LEU O 128 -44.75 -20.70 36.24
C LEU O 128 -46.19 -21.14 36.51
N ARG O 129 -47.10 -20.18 36.50
CA ARG O 129 -48.53 -20.42 36.69
C ARG O 129 -49.22 -20.57 35.35
N PRO O 130 -50.04 -21.60 35.16
CA PRO O 130 -50.78 -21.73 33.90
C PRO O 130 -51.77 -20.59 33.73
N MET O 131 -52.05 -20.26 32.47
CA MET O 131 -53.03 -19.24 32.13
C MET O 131 -54.43 -19.85 32.23
N GLY O 132 -55.23 -19.34 33.16
CA GLY O 132 -56.55 -19.90 33.40
C GLY O 132 -57.58 -19.45 32.39
N VAL O 133 -57.29 -19.65 31.10
CA VAL O 133 -58.21 -19.29 30.03
C VAL O 133 -58.22 -20.41 28.98
N VAL O 134 -59.32 -20.49 28.25
CA VAL O 134 -59.42 -21.35 27.08
C VAL O 134 -59.43 -20.46 25.85
N SER O 135 -58.52 -20.71 24.92
CA SER O 135 -58.37 -19.88 23.73
C SER O 135 -59.14 -20.50 22.57
N THR O 136 -59.89 -19.68 21.84
CA THR O 136 -60.64 -20.13 20.68
C THR O 136 -60.24 -19.28 19.49
N PHE O 137 -59.44 -19.85 18.60
CA PHE O 137 -59.00 -19.17 17.38
C PHE O 137 -59.91 -19.58 16.23
N ILE O 138 -60.40 -18.58 15.50
CA ILE O 138 -61.23 -18.83 14.33
C ILE O 138 -60.57 -18.19 13.12
N GLY O 139 -60.77 -18.82 11.97
CA GLY O 139 -60.18 -18.28 10.76
C GLY O 139 -60.55 -19.11 9.55
N MET O 140 -59.85 -18.82 8.45
CA MET O 140 -60.03 -19.54 7.20
C MET O 140 -58.72 -20.24 6.85
N ASP O 141 -58.81 -21.45 6.33
CA ASP O 141 -57.66 -22.25 5.95
C ASP O 141 -57.64 -22.41 4.43
N GLN O 142 -56.47 -22.13 3.85
CA GLN O 142 -56.27 -22.27 2.41
C GLN O 142 -56.04 -23.74 2.08
N SER O 143 -56.96 -24.34 1.33
CA SER O 143 -56.87 -25.74 1.00
C SER O 143 -55.96 -25.97 -0.19
N ASP O 144 -55.44 -27.19 -0.31
CA ASP O 144 -54.63 -27.58 -1.45
C ASP O 144 -55.52 -28.16 -2.54
N GLN O 145 -54.95 -28.27 -3.74
CA GLN O 145 -55.48 -28.95 -4.93
C GLN O 145 -56.78 -28.33 -5.43
N ASP O 146 -57.32 -27.36 -4.69
CA ASP O 146 -58.44 -26.57 -5.19
C ASP O 146 -58.36 -25.08 -4.88
N GLY O 147 -57.51 -24.66 -3.94
CA GLY O 147 -57.32 -23.26 -3.66
C GLY O 147 -58.40 -22.60 -2.84
N SER O 148 -59.47 -23.30 -2.50
CA SER O 148 -60.59 -22.70 -1.79
C SER O 148 -60.28 -22.58 -0.30
N LEU O 149 -61.04 -21.72 0.37
CA LEU O 149 -60.91 -21.49 1.80
C LEU O 149 -61.98 -22.27 2.56
N LYS O 150 -61.60 -22.76 3.75
CA LYS O 150 -62.54 -23.47 4.60
C LYS O 150 -62.51 -22.89 6.01
N PRO O 151 -63.66 -22.73 6.65
CA PRO O 151 -63.69 -22.23 8.02
C PRO O 151 -63.01 -23.20 8.99
N GLN O 152 -62.37 -22.64 10.01
CA GLN O 152 -61.61 -23.44 10.97
C GLN O 152 -61.74 -22.84 12.36
N ILE O 153 -61.98 -23.71 13.34
CA ILE O 153 -62.01 -23.38 14.76
C ILE O 153 -60.99 -24.25 15.47
N TYR O 154 -60.17 -23.64 16.32
CA TYR O 154 -59.19 -24.39 17.10
C TYR O 154 -59.18 -23.89 18.54
N THR O 155 -59.33 -24.80 19.49
CA THR O 155 -59.31 -24.45 20.90
C THR O 155 -58.02 -24.95 21.55
N VAL O 156 -57.48 -24.12 22.43
CA VAL O 156 -56.31 -24.44 23.24
C VAL O 156 -56.71 -24.36 24.70
N ASP O 157 -56.45 -25.43 25.44
CA ASP O 157 -56.74 -25.58 26.85
C ASP O 157 -55.59 -25.07 27.71
N PRO O 158 -55.84 -24.80 28.99
CA PRO O 158 -54.72 -24.46 29.89
C PRO O 158 -53.72 -25.59 30.04
N ALA O 159 -54.11 -26.84 29.75
CA ALA O 159 -53.18 -27.96 29.80
C ALA O 159 -52.31 -28.07 28.56
N GLY O 160 -52.55 -27.24 27.55
CA GLY O 160 -51.85 -27.32 26.30
C GLY O 160 -52.50 -28.22 25.27
N TRP O 161 -53.71 -28.69 25.51
CA TRP O 161 -54.42 -29.53 24.56
C TRP O 161 -54.99 -28.65 23.45
N THR O 162 -54.65 -28.98 22.21
CA THR O 162 -55.10 -28.24 21.04
C THR O 162 -56.00 -29.12 20.19
N GLY O 163 -57.14 -28.56 19.78
CA GLY O 163 -58.06 -29.34 18.98
C GLY O 163 -58.99 -28.54 18.08
N GLY O 164 -59.21 -29.02 16.86
CA GLY O 164 -60.20 -28.41 16.00
C GLY O 164 -61.61 -28.72 16.44
N HIS O 165 -62.56 -27.95 15.91
CA HIS O 165 -63.95 -28.15 16.26
C HIS O 165 -64.85 -27.78 15.09
N ILE O 166 -65.92 -28.56 14.92
CA ILE O 166 -67.05 -28.13 14.11
C ILE O 166 -67.87 -27.09 14.85
N ALA O 167 -68.10 -27.32 16.16
CA ALA O 167 -68.73 -26.35 17.04
C ALA O 167 -68.22 -26.63 18.45
N CYS O 168 -68.08 -25.57 19.24
CA CYS O 168 -67.54 -25.70 20.58
C CYS O 168 -68.12 -24.62 21.49
N ALA O 169 -68.06 -24.88 22.79
CA ALA O 169 -68.49 -23.93 23.80
C ALA O 169 -67.48 -23.94 24.94
N ALA O 170 -67.36 -22.80 25.62
CA ALA O 170 -66.38 -22.67 26.69
C ALA O 170 -66.85 -21.65 27.70
N GLY O 171 -66.70 -21.99 28.98
CA GLY O 171 -67.06 -21.07 30.04
C GLY O 171 -68.11 -21.61 30.99
N LYS O 172 -68.79 -20.72 31.69
CA LYS O 172 -69.84 -21.11 32.62
C LYS O 172 -70.99 -21.79 31.87
N LYS O 173 -71.44 -22.93 32.41
CA LYS O 173 -72.51 -23.72 31.80
C LYS O 173 -72.18 -24.08 30.36
N GLN O 174 -70.91 -24.43 30.12
CA GLN O 174 -70.50 -24.88 28.79
C GLN O 174 -71.04 -26.27 28.47
N VAL O 175 -71.30 -27.08 29.49
CA VAL O 175 -71.82 -28.43 29.24
C VAL O 175 -73.23 -28.36 28.66
N GLU O 176 -74.07 -27.46 29.15
CA GLU O 176 -75.41 -27.32 28.61
C GLU O 176 -75.40 -26.83 27.17
N ALA O 177 -74.53 -25.86 26.87
CA ALA O 177 -74.39 -25.39 25.50
C ALA O 177 -73.90 -26.50 24.58
N MET O 178 -72.92 -27.28 25.04
CA MET O 178 -72.41 -28.39 24.24
C MET O 178 -73.50 -29.44 24.01
N ALA O 179 -74.30 -29.71 25.04
CA ALA O 179 -75.40 -30.67 24.88
C ALA O 179 -76.43 -30.17 23.88
N PHE O 180 -76.77 -28.87 23.94
CA PHE O 180 -77.71 -28.30 22.98
C PHE O 180 -77.17 -28.40 21.56
N LEU O 181 -75.88 -28.06 21.37
CA LEU O 181 -75.28 -28.13 20.05
C LEU O 181 -75.23 -29.57 19.54
N GLU O 182 -74.92 -30.53 20.40
CA GLU O 182 -74.91 -31.94 20.00
C GLU O 182 -76.31 -32.41 19.62
N LYS O 183 -77.33 -32.00 20.39
CA LYS O 183 -78.69 -32.38 20.07
C LYS O 183 -79.12 -31.80 18.72
N ARG O 184 -78.76 -30.54 18.46
CA ARG O 184 -79.09 -29.94 17.18
C ARG O 184 -78.31 -30.59 16.04
N GLN O 185 -77.11 -31.10 16.32
CA GLN O 185 -76.32 -31.77 15.31
C GLN O 185 -76.89 -33.12 14.90
N LYS O 186 -77.66 -33.77 15.77
CA LYS O 186 -78.22 -35.07 15.44
C LYS O 186 -79.22 -35.01 14.30
N SER O 187 -79.84 -33.85 14.07
CA SER O 187 -80.83 -33.69 13.02
C SER O 187 -80.23 -33.09 11.75
N THR O 188 -79.63 -31.91 11.86
CA THR O 188 -79.08 -31.20 10.71
C THR O 188 -77.60 -31.51 10.58
N GLU O 189 -76.99 -30.95 9.53
CA GLU O 189 -75.55 -31.07 9.29
C GLU O 189 -74.96 -29.67 9.34
N LEU O 190 -74.12 -29.41 10.35
CA LEU O 190 -73.64 -28.06 10.60
C LEU O 190 -72.75 -27.56 9.46
N ASP O 191 -71.93 -28.44 8.90
CA ASP O 191 -71.01 -28.05 7.83
C ASP O 191 -71.71 -27.78 6.51
N ALA O 192 -73.02 -28.03 6.41
CA ALA O 192 -73.78 -27.74 5.21
C ALA O 192 -74.75 -26.58 5.40
N LEU O 193 -74.77 -25.95 6.57
CA LEU O 193 -75.67 -24.84 6.82
C LEU O 193 -75.08 -23.53 6.30
N THR O 194 -75.91 -22.48 6.33
CA THR O 194 -75.50 -21.14 5.94
C THR O 194 -75.09 -20.35 7.18
N GLN O 195 -74.59 -19.14 6.94
CA GLN O 195 -74.18 -18.27 8.04
C GLN O 195 -75.35 -17.90 8.95
N LYS O 196 -76.51 -17.60 8.37
CA LYS O 196 -77.67 -17.23 9.18
C LYS O 196 -78.10 -18.39 10.07
N GLU O 197 -78.18 -19.60 9.50
CA GLU O 197 -78.59 -20.75 10.29
C GLU O 197 -77.59 -21.06 11.40
N ALA O 198 -76.30 -20.99 11.09
CA ALA O 198 -75.28 -21.24 12.10
C ALA O 198 -75.32 -20.19 13.20
N ALA O 199 -75.51 -18.92 12.83
CA ALA O 199 -75.61 -17.86 13.83
C ALA O 199 -76.83 -18.07 14.73
N MET O 200 -77.96 -18.43 14.13
CA MET O 200 -79.16 -18.67 14.93
C MET O 200 -78.96 -19.85 15.88
N ILE O 201 -78.31 -20.92 15.40
CA ILE O 201 -78.05 -22.07 16.25
C ILE O 201 -77.13 -21.69 17.41
N ALA O 202 -76.07 -20.93 17.13
CA ALA O 202 -75.14 -20.53 18.18
C ALA O 202 -75.83 -19.65 19.22
N LEU O 203 -76.63 -18.68 18.77
CA LEU O 203 -77.34 -17.83 19.71
C LEU O 203 -78.38 -18.60 20.51
N ALA O 204 -79.06 -19.56 19.87
CA ALA O 204 -80.02 -20.39 20.59
C ALA O 204 -79.33 -21.23 21.66
N ALA O 205 -78.16 -21.80 21.33
CA ALA O 205 -77.41 -22.55 22.32
C ALA O 205 -76.95 -21.68 23.48
N LEU O 206 -76.47 -20.48 23.17
CA LEU O 206 -76.05 -19.56 24.23
C LEU O 206 -77.21 -19.18 25.13
N GLN O 207 -78.38 -18.91 24.53
CA GLN O 207 -79.55 -18.56 25.33
C GLN O 207 -80.03 -19.73 26.17
N SER O 208 -80.07 -20.93 25.59
CA SER O 208 -80.56 -22.09 26.32
C SER O 208 -79.62 -22.49 27.46
N ALA O 209 -78.32 -22.28 27.28
CA ALA O 209 -77.39 -22.58 28.37
C ALA O 209 -77.65 -21.70 29.57
N ILE O 210 -77.97 -20.42 29.36
CA ILE O 210 -78.18 -19.49 30.46
C ILE O 210 -79.64 -19.15 30.71
N GLY O 211 -80.52 -19.33 29.73
CA GLY O 211 -81.94 -19.13 29.93
C GLY O 211 -82.36 -17.71 30.29
N THR O 212 -81.83 -16.71 29.58
CA THR O 212 -82.20 -15.33 29.85
C THR O 212 -82.63 -14.55 28.61
N ALA O 213 -82.54 -15.13 27.41
CA ALA O 213 -82.96 -14.48 26.17
C ALA O 213 -82.22 -13.15 25.96
N VAL O 214 -80.90 -13.29 25.77
CA VAL O 214 -79.98 -12.16 25.68
C VAL O 214 -80.39 -11.17 24.59
N LYS O 215 -80.02 -9.91 24.78
CA LYS O 215 -80.18 -8.86 23.78
C LYS O 215 -78.93 -8.78 22.93
N ALA O 216 -78.83 -7.74 22.11
CA ALA O 216 -77.66 -7.56 21.25
C ALA O 216 -76.50 -6.90 21.99
N LYS O 217 -76.79 -5.96 22.89
CA LYS O 217 -75.72 -5.31 23.66
C LYS O 217 -75.05 -6.26 24.64
N GLU O 218 -75.66 -7.41 24.93
CA GLU O 218 -75.12 -8.35 25.90
C GLU O 218 -74.16 -9.35 25.27
N VAL O 219 -73.98 -9.33 23.95
CA VAL O 219 -73.08 -10.26 23.28
C VAL O 219 -72.26 -9.50 22.25
N GLU O 220 -71.09 -10.07 21.93
CA GLU O 220 -70.26 -9.59 20.82
C GLU O 220 -69.90 -10.79 19.95
N VAL O 221 -69.95 -10.58 18.64
CA VAL O 221 -69.79 -11.66 17.67
C VAL O 221 -68.63 -11.31 16.74
N GLY O 222 -67.72 -12.26 16.55
CA GLY O 222 -66.66 -12.15 15.57
C GLY O 222 -66.89 -13.13 14.43
N ARG O 223 -66.34 -12.83 13.25
CA ARG O 223 -66.70 -13.56 12.05
C ARG O 223 -65.55 -13.56 11.06
N CYS O 224 -65.36 -14.71 10.41
CA CYS O 224 -64.51 -14.84 9.22
C CYS O 224 -65.33 -15.53 8.14
N THR O 225 -65.25 -15.04 6.91
CA THR O 225 -66.00 -15.61 5.80
C THR O 225 -65.08 -15.99 4.66
N ALA O 226 -65.57 -16.87 3.79
CA ALA O 226 -64.81 -17.23 2.60
C ALA O 226 -64.69 -16.07 1.62
N ALA O 227 -65.77 -15.30 1.46
CA ALA O 227 -65.71 -14.13 0.59
C ALA O 227 -64.80 -13.05 1.18
N ASN O 228 -64.86 -12.86 2.49
CA ASN O 228 -64.04 -11.88 3.20
C ASN O 228 -63.24 -12.61 4.28
N PRO O 229 -62.02 -13.09 3.96
CA PRO O 229 -61.26 -13.88 4.94
C PRO O 229 -60.86 -13.11 6.19
N ALA O 230 -60.92 -11.77 6.17
CA ALA O 230 -60.52 -11.00 7.32
C ALA O 230 -61.46 -11.22 8.49
N PHE O 231 -60.90 -11.24 9.71
CA PHE O 231 -61.70 -11.37 10.91
C PHE O 231 -62.26 -10.01 11.31
N GLN O 232 -63.57 -9.95 11.53
CA GLN O 232 -64.18 -8.69 11.92
C GLN O 232 -65.40 -8.96 12.78
N ARG O 233 -65.79 -7.95 13.56
CA ARG O 233 -66.92 -8.08 14.46
C ARG O 233 -68.21 -7.70 13.74
N VAL O 234 -69.24 -8.51 13.97
CA VAL O 234 -70.55 -8.29 13.34
C VAL O 234 -71.19 -7.05 13.96
N PRO O 235 -71.73 -6.14 13.16
CA PRO O 235 -72.41 -4.97 13.74
C PRO O 235 -73.68 -5.37 14.48
N ASN O 236 -74.07 -4.51 15.43
CA ASN O 236 -75.17 -4.83 16.32
C ASN O 236 -76.50 -4.99 15.59
N SER O 237 -76.67 -4.36 14.43
CA SER O 237 -77.93 -4.48 13.69
C SER O 237 -78.12 -5.91 13.18
N GLU O 238 -77.06 -6.50 12.64
CA GLU O 238 -77.15 -7.88 12.16
C GLU O 238 -77.37 -8.85 13.32
N VAL O 239 -76.73 -8.59 14.46
CA VAL O 239 -76.99 -9.42 15.65
C VAL O 239 -78.43 -9.28 16.09
N GLU O 240 -78.98 -8.07 16.04
CA GLU O 240 -80.38 -7.86 16.40
C GLU O 240 -81.31 -8.64 15.47
N GLU O 241 -81.06 -8.59 14.16
CA GLU O 241 -81.92 -9.31 13.23
C GLU O 241 -81.77 -10.81 13.41
N TRP O 242 -80.57 -11.28 13.73
CA TRP O 242 -80.37 -12.70 14.05
C TRP O 242 -81.18 -13.10 15.28
N LEU O 243 -81.17 -12.27 16.32
CA LEU O 243 -81.90 -12.57 17.54
C LEU O 243 -83.41 -12.58 17.29
N THR O 244 -83.91 -11.63 16.50
CA THR O 244 -85.32 -11.65 16.14
C THR O 244 -85.68 -12.88 15.32
N ALA O 245 -84.79 -13.32 14.44
CA ALA O 245 -85.04 -14.56 13.70
C ALA O 245 -85.07 -15.75 14.65
N VAL O 246 -84.20 -15.76 15.66
CA VAL O 246 -84.21 -16.82 16.67
C VAL O 246 -85.48 -16.81 17.50
N ALA O 247 -86.04 -15.62 17.77
CA ALA O 247 -87.15 -15.49 18.71
C ALA O 247 -88.44 -16.15 18.22
N GLU O 248 -88.51 -16.56 16.96
CA GLU O 248 -89.71 -17.22 16.44
C GLU O 248 -90.02 -18.49 17.22
N GLU P 3 -34.70 -19.57 40.47
CA GLU P 3 -35.94 -19.71 39.72
C GLU P 3 -36.21 -21.17 39.37
N ALA P 4 -36.54 -21.97 40.38
CA ALA P 4 -36.84 -23.39 40.23
C ALA P 4 -35.67 -24.13 39.59
N PHE P 5 -34.55 -24.12 40.31
CA PHE P 5 -33.36 -24.85 39.90
C PHE P 5 -33.12 -26.10 40.73
N TYR P 6 -33.96 -26.38 41.71
CA TYR P 6 -33.84 -27.60 42.48
C TYR P 6 -34.65 -28.73 41.84
N GLY P 7 -34.26 -29.96 42.14
CA GLY P 7 -34.90 -31.11 41.52
C GLY P 7 -36.24 -31.43 42.18
N LEU P 8 -37.18 -31.84 41.34
CA LEU P 8 -38.50 -32.25 41.82
C LEU P 8 -38.61 -33.75 42.02
N THR P 9 -37.79 -34.52 41.31
CA THR P 9 -37.73 -35.97 41.49
C THR P 9 -36.58 -36.31 42.43
N THR P 10 -36.89 -36.93 43.55
CA THR P 10 -35.88 -37.33 44.52
C THR P 10 -36.14 -38.77 44.96
N PHE P 11 -35.10 -39.41 45.49
CA PHE P 11 -35.23 -40.76 45.99
C PHE P 11 -36.02 -40.79 47.30
N SER P 12 -36.66 -41.92 47.56
CA SER P 12 -37.43 -42.15 48.77
C SER P 12 -36.70 -43.14 49.67
N PRO P 13 -37.07 -43.22 50.95
CA PRO P 13 -36.42 -44.18 51.86
C PRO P 13 -36.46 -45.63 51.37
N SER P 14 -37.38 -45.97 50.47
CA SER P 14 -37.44 -47.30 49.90
C SER P 14 -36.62 -47.43 48.63
N GLY P 15 -35.90 -46.38 48.24
CA GLY P 15 -35.16 -46.40 46.99
C GLY P 15 -35.99 -46.16 45.76
N LYS P 16 -37.21 -45.67 45.91
CA LYS P 16 -38.13 -45.45 44.80
C LYS P 16 -38.16 -43.98 44.44
N LEU P 17 -38.21 -43.68 43.14
CA LEU P 17 -38.43 -42.33 42.65
C LEU P 17 -39.92 -42.19 42.42
N ILE P 18 -40.64 -41.78 43.47
CA ILE P 18 -42.10 -41.81 43.45
C ILE P 18 -42.66 -40.87 42.41
N GLN P 19 -41.94 -39.80 42.07
CA GLN P 19 -42.40 -38.91 41.02
C GLN P 19 -42.42 -39.62 39.67
N ILE P 20 -41.40 -40.43 39.38
CA ILE P 20 -41.39 -41.20 38.14
C ILE P 20 -42.50 -42.23 38.13
N GLU P 21 -42.77 -42.86 39.28
CA GLU P 21 -43.87 -43.82 39.37
C GLU P 21 -45.21 -43.14 39.12
N TYR P 22 -45.40 -41.94 39.68
CA TYR P 22 -46.63 -41.20 39.42
C TYR P 22 -46.76 -40.80 37.96
N ALA P 23 -45.64 -40.41 37.33
CA ALA P 23 -45.65 -40.11 35.91
C ALA P 23 -46.01 -41.33 35.08
N THR P 24 -45.50 -42.51 35.47
CA THR P 24 -45.86 -43.74 34.79
C THR P 24 -47.34 -44.05 34.97
N THR P 25 -47.89 -43.79 36.16
CA THR P 25 -49.32 -43.95 36.37
C THR P 25 -50.12 -43.02 35.47
N ALA P 26 -49.65 -41.78 35.31
CA ALA P 26 -50.30 -40.85 34.40
C ALA P 26 -50.21 -41.33 32.95
N ALA P 27 -49.09 -41.95 32.58
CA ALA P 27 -48.89 -42.44 31.22
C ALA P 27 -49.77 -43.64 30.88
N GLY P 28 -50.31 -44.33 31.88
CA GLY P 28 -51.19 -45.45 31.63
C GLY P 28 -52.67 -45.12 31.68
N LYS P 29 -53.05 -43.84 31.73
CA LYS P 29 -54.44 -43.44 31.82
C LYS P 29 -55.01 -42.96 30.49
N GLY P 30 -54.20 -42.92 29.43
CA GLY P 30 -54.69 -42.51 28.13
C GLY P 30 -55.42 -43.63 27.42
N THR P 31 -55.91 -43.30 26.22
CA THR P 31 -56.62 -44.28 25.42
C THR P 31 -55.66 -45.38 24.97
N THR P 32 -56.24 -46.51 24.57
CA THR P 32 -55.45 -47.69 24.26
C THR P 32 -54.76 -47.54 22.91
N ALA P 33 -53.44 -47.72 22.91
CA ALA P 33 -52.64 -47.77 21.70
C ALA P 33 -51.86 -49.08 21.69
N LEU P 34 -51.49 -49.54 20.50
CA LEU P 34 -50.81 -50.83 20.43
C LEU P 34 -49.97 -50.90 19.16
N GLY P 35 -49.00 -51.82 19.17
CA GLY P 35 -48.15 -52.05 18.03
C GLY P 35 -47.85 -53.52 17.84
N VAL P 36 -47.77 -53.96 16.58
CA VAL P 36 -47.53 -55.35 16.22
C VAL P 36 -46.45 -55.40 15.15
N LYS P 37 -45.42 -56.20 15.39
CA LYS P 37 -44.38 -56.44 14.42
C LYS P 37 -44.70 -57.69 13.60
N ALA P 38 -44.15 -57.73 12.39
CA ALA P 38 -44.36 -58.86 11.49
C ALA P 38 -43.18 -58.94 10.54
N THR P 39 -43.00 -60.12 9.94
CA THR P 39 -41.81 -60.43 9.15
C THR P 39 -41.55 -59.42 8.05
N ASP P 40 -42.53 -58.60 7.68
CA ASP P 40 -42.32 -57.60 6.64
C ASP P 40 -42.89 -56.24 7.00
N GLY P 41 -43.03 -55.91 8.27
CA GLY P 41 -43.44 -54.56 8.63
C GLY P 41 -44.08 -54.51 10.00
N VAL P 42 -44.28 -53.28 10.47
CA VAL P 42 -44.86 -53.03 11.78
C VAL P 42 -46.08 -52.15 11.61
N VAL P 43 -47.14 -52.48 12.34
CA VAL P 43 -48.38 -51.73 12.29
C VAL P 43 -48.73 -51.26 13.70
N ILE P 44 -48.99 -49.96 13.85
CA ILE P 44 -49.35 -49.37 15.13
C ILE P 44 -50.71 -48.71 15.00
N ALA P 45 -51.59 -48.99 15.95
CA ALA P 45 -52.96 -48.49 15.92
C ALA P 45 -53.29 -47.82 17.24
N ALA P 46 -53.93 -46.66 17.16
CA ALA P 46 -54.35 -45.90 18.33
C ALA P 46 -55.87 -45.78 18.32
N LYS P 47 -56.40 -45.13 19.35
CA LYS P 47 -57.85 -44.99 19.55
C LYS P 47 -58.18 -43.51 19.68
N LYS P 48 -58.74 -42.92 18.63
CA LYS P 48 -59.11 -41.51 18.62
C LYS P 48 -60.59 -41.39 19.01
N LYS P 49 -60.84 -41.46 20.32
CA LYS P 49 -62.19 -41.31 20.85
C LYS P 49 -62.38 -39.86 21.25
N ALA P 50 -63.03 -39.08 20.40
CA ALA P 50 -63.22 -37.66 20.67
C ALA P 50 -64.21 -37.48 21.82
N PRO P 51 -64.06 -36.41 22.61
CA PRO P 51 -65.01 -36.17 23.70
C PRO P 51 -66.43 -35.96 23.23
N SER P 52 -66.63 -35.47 22.00
CA SER P 52 -67.96 -35.22 21.48
C SER P 52 -67.95 -35.46 19.97
N THR P 53 -69.12 -35.37 19.37
CA THR P 53 -69.23 -35.45 17.91
C THR P 53 -68.92 -34.12 17.23
N LEU P 54 -68.73 -33.05 18.00
CA LEU P 54 -68.41 -31.73 17.48
C LEU P 54 -66.92 -31.41 17.56
N VAL P 55 -66.06 -32.43 17.50
CA VAL P 55 -64.64 -32.27 17.72
C VAL P 55 -63.84 -32.32 16.43
N ASP P 56 -64.47 -32.68 15.31
CA ASP P 56 -63.79 -32.73 14.01
C ASP P 56 -62.59 -33.69 14.07
N ALA P 57 -62.95 -34.98 14.23
CA ALA P 57 -61.97 -36.02 14.50
C ALA P 57 -60.78 -36.02 13.53
N SER P 58 -60.92 -35.40 12.35
CA SER P 58 -59.79 -35.27 11.45
C SER P 58 -58.71 -34.35 12.01
N SER P 59 -59.07 -33.44 12.92
CA SER P 59 -58.09 -32.52 13.49
C SER P 59 -57.30 -33.13 14.64
N ILE P 60 -57.85 -34.12 15.33
CA ILE P 60 -57.17 -34.76 16.44
C ILE P 60 -56.36 -35.94 15.91
N GLN P 61 -55.10 -36.03 16.33
CA GLN P 61 -54.17 -37.01 15.79
C GLN P 61 -53.45 -37.70 16.93
N LYS P 62 -53.40 -39.03 16.86
CA LYS P 62 -52.67 -39.83 17.85
C LYS P 62 -51.55 -40.65 17.22
N VAL P 63 -51.46 -40.70 15.90
CA VAL P 63 -50.38 -41.38 15.19
C VAL P 63 -49.59 -40.32 14.43
N PHE P 64 -48.27 -40.31 14.62
CA PHE P 64 -47.43 -39.24 14.10
C PHE P 64 -46.31 -39.82 13.24
N VAL P 65 -45.89 -39.04 12.24
CA VAL P 65 -44.76 -39.39 11.40
C VAL P 65 -43.54 -38.64 11.91
N LEU P 66 -42.49 -39.36 12.31
CA LEU P 66 -41.27 -38.73 12.78
C LEU P 66 -40.29 -38.46 11.64
N ASP P 67 -40.22 -39.36 10.67
CA ASP P 67 -39.47 -39.16 9.44
C ASP P 67 -40.08 -40.04 8.36
N GLU P 68 -39.47 -40.02 7.18
CA GLU P 68 -40.01 -40.78 6.06
C GLU P 68 -39.93 -42.28 6.26
N HIS P 69 -39.35 -42.75 7.37
CA HIS P 69 -39.21 -44.17 7.63
C HIS P 69 -39.67 -44.60 9.01
N VAL P 70 -40.09 -43.66 9.87
CA VAL P 70 -40.37 -43.98 11.26
C VAL P 70 -41.64 -43.24 11.71
N GLY P 71 -42.47 -43.94 12.48
CA GLY P 71 -43.68 -43.36 13.05
C GLY P 71 -43.74 -43.60 14.54
N CYS P 72 -44.77 -42.99 15.16
CA CYS P 72 -44.91 -43.03 16.60
C CYS P 72 -46.38 -42.96 16.98
N THR P 73 -46.69 -43.50 18.16
CA THR P 73 -48.00 -43.34 18.79
C THR P 73 -47.77 -43.37 20.29
N TYR P 74 -48.75 -42.85 21.03
CA TYR P 74 -48.56 -42.64 22.46
C TYR P 74 -49.81 -43.01 23.24
N SER P 75 -49.70 -42.86 24.57
CA SER P 75 -50.82 -43.02 25.48
C SER P 75 -50.50 -42.21 26.73
N GLY P 76 -51.40 -41.31 27.11
CA GLY P 76 -51.14 -40.45 28.25
C GLY P 76 -51.40 -38.99 27.97
N MET P 77 -50.49 -38.12 28.41
CA MET P 77 -50.64 -36.69 28.22
C MET P 77 -50.17 -36.31 26.82
N GLY P 78 -51.11 -35.87 25.98
CA GLY P 78 -50.81 -35.46 24.63
C GLY P 78 -49.89 -34.26 24.52
N PRO P 79 -50.17 -33.19 25.27
CA PRO P 79 -49.24 -32.05 25.27
C PRO P 79 -47.84 -32.43 25.72
N ASP P 80 -47.70 -33.34 26.68
CA ASP P 80 -46.38 -33.87 27.03
C ASP P 80 -45.76 -34.61 25.86
N CYS P 81 -46.57 -35.38 25.13
CA CYS P 81 -46.08 -36.16 24.01
C CYS P 81 -45.60 -35.30 22.86
N ARG P 82 -46.21 -34.13 22.66
CA ARG P 82 -45.89 -33.33 21.48
C ARG P 82 -44.47 -32.80 21.54
N VAL P 83 -43.99 -32.50 22.75
CA VAL P 83 -42.60 -32.05 22.90
C VAL P 83 -41.64 -33.13 22.44
N LEU P 84 -41.88 -34.37 22.88
CA LEU P 84 -41.03 -35.48 22.46
C LEU P 84 -41.14 -35.75 20.98
N ILE P 85 -42.34 -35.59 20.42
CA ILE P 85 -42.52 -35.79 18.97
C ILE P 85 -41.69 -34.79 18.19
N ASP P 86 -41.76 -33.51 18.60
CA ASP P 86 -40.98 -32.48 17.92
C ASP P 86 -39.48 -32.72 18.09
N SER P 87 -39.04 -33.11 19.28
CA SER P 87 -37.62 -33.39 19.48
C SER P 87 -37.16 -34.57 18.63
N ALA P 88 -38.00 -35.61 18.52
CA ALA P 88 -37.64 -36.76 17.68
C ALA P 88 -37.56 -36.37 16.22
N ARG P 89 -38.50 -35.56 15.74
CA ARG P 89 -38.45 -35.11 14.36
C ARG P 89 -37.18 -34.29 14.10
N LYS P 90 -36.85 -33.39 15.02
CA LYS P 90 -35.63 -32.59 14.87
C LYS P 90 -34.39 -33.47 14.89
N ASN P 91 -34.36 -34.49 15.75
CA ASN P 91 -33.23 -35.41 15.79
C ASN P 91 -33.09 -36.17 14.50
N CYS P 92 -34.22 -36.63 13.93
CA CYS P 92 -34.17 -37.32 12.65
C CYS P 92 -33.62 -36.42 11.55
N GLN P 93 -34.08 -35.17 11.52
CA GLN P 93 -33.59 -34.23 10.51
C GLN P 93 -32.10 -33.96 10.69
N GLN P 94 -31.65 -33.80 11.94
CA GLN P 94 -30.22 -33.56 12.19
C GLN P 94 -29.38 -34.77 11.77
N TYR P 95 -29.87 -35.98 12.04
CA TYR P 95 -29.15 -37.17 11.62
C TYR P 95 -29.05 -37.24 10.11
N LYS P 96 -30.15 -36.97 9.40
CA LYS P 96 -30.10 -36.97 7.94
C LYS P 96 -29.15 -35.90 7.42
N LEU P 97 -29.08 -34.76 8.10
CA LEU P 97 -28.13 -33.72 7.69
C LEU P 97 -26.69 -34.17 7.92
N MET P 98 -26.44 -34.92 8.99
CA MET P 98 -25.08 -35.27 9.37
C MET P 98 -24.53 -36.42 8.54
N TYR P 99 -25.31 -37.48 8.34
CA TYR P 99 -24.82 -38.70 7.72
C TYR P 99 -25.45 -39.02 6.37
N ASN P 100 -26.44 -38.23 5.95
CA ASN P 100 -27.12 -38.45 4.66
C ASN P 100 -27.71 -39.86 4.61
N GLU P 101 -28.22 -40.33 5.74
CA GLU P 101 -28.85 -41.63 5.85
C GLU P 101 -30.05 -41.50 6.77
N PRO P 102 -31.06 -42.35 6.61
CA PRO P 102 -32.15 -42.38 7.59
C PRO P 102 -31.63 -42.84 8.94
N ILE P 103 -32.10 -42.19 10.00
CA ILE P 103 -31.62 -42.54 11.34
C ILE P 103 -32.09 -43.94 11.69
N PRO P 104 -31.22 -44.82 12.20
CA PRO P 104 -31.70 -46.12 12.69
C PRO P 104 -32.62 -45.93 13.88
N ILE P 105 -33.57 -46.87 14.02
CA ILE P 105 -34.60 -46.74 15.04
C ILE P 105 -33.99 -46.80 16.43
N SER P 106 -32.95 -47.61 16.61
CA SER P 106 -32.32 -47.72 17.92
C SER P 106 -31.71 -46.40 18.38
N GLN P 107 -31.03 -45.69 17.47
CA GLN P 107 -30.43 -44.41 17.82
C GLN P 107 -31.50 -43.38 18.15
N LEU P 108 -32.60 -43.36 17.39
CA LEU P 108 -33.69 -42.43 17.68
C LEU P 108 -34.31 -42.75 19.04
N VAL P 109 -34.48 -44.03 19.36
CA VAL P 109 -35.04 -44.41 20.65
C VAL P 109 -34.11 -44.01 21.78
N ARG P 110 -32.79 -44.18 21.59
CA ARG P 110 -31.83 -43.71 22.58
C ARG P 110 -31.94 -42.20 22.77
N LYS P 111 -32.07 -41.46 21.68
CA LYS P 111 -32.17 -40.01 21.78
C LYS P 111 -33.45 -39.58 22.50
N ILE P 112 -34.57 -40.25 22.23
CA ILE P 112 -35.80 -39.96 22.95
C ILE P 112 -35.65 -40.28 24.42
N SER P 113 -35.02 -41.41 24.74
CA SER P 113 -34.84 -41.83 26.13
C SER P 113 -33.99 -40.85 26.93
N ALA P 114 -33.07 -40.14 26.29
CA ALA P 114 -32.22 -39.18 27.00
C ALA P 114 -32.98 -37.96 27.47
N ILE P 115 -34.01 -37.53 26.73
CA ILE P 115 -34.83 -36.41 27.17
C ILE P 115 -35.69 -36.81 28.37
N TYR P 116 -36.23 -38.03 28.35
CA TYR P 116 -36.96 -38.55 29.49
C TYR P 116 -36.10 -38.50 30.76
N GLN P 117 -34.88 -39.01 30.69
CA GLN P 117 -33.98 -38.96 31.84
C GLN P 117 -33.67 -37.53 32.24
N GLU P 118 -33.45 -36.67 31.25
CA GLU P 118 -33.19 -35.26 31.53
C GLU P 118 -34.31 -34.65 32.36
N PHE P 119 -35.57 -34.91 32.01
CA PHE P 119 -36.67 -34.34 32.77
C PHE P 119 -36.98 -35.10 34.05
N THR P 120 -36.48 -36.33 34.19
CA THR P 120 -36.62 -37.04 35.45
C THR P 120 -35.49 -36.75 36.42
N GLN P 121 -34.43 -36.04 36.01
CA GLN P 121 -33.34 -35.75 36.91
C GLN P 121 -32.98 -34.27 37.03
N SER P 122 -33.16 -33.47 35.97
CA SER P 122 -32.78 -32.07 36.05
C SER P 122 -33.73 -31.30 36.96
N GLY P 123 -33.31 -30.10 37.37
CA GLY P 123 -34.02 -29.35 38.38
C GLY P 123 -35.13 -28.49 37.81
N GLY P 124 -36.19 -28.34 38.58
CA GLY P 124 -37.28 -27.45 38.23
C GLY P 124 -38.32 -28.02 37.29
N VAL P 125 -38.20 -29.29 36.89
CA VAL P 125 -39.13 -29.89 35.95
C VAL P 125 -39.62 -31.22 36.50
N ARG P 126 -40.76 -31.65 35.98
CA ARG P 126 -41.37 -32.92 36.32
C ARG P 126 -41.22 -33.90 35.16
N PRO P 127 -41.29 -35.21 35.43
CA PRO P 127 -41.18 -36.18 34.33
C PRO P 127 -42.36 -36.09 33.38
N PHE P 128 -42.18 -36.66 32.19
CA PHE P 128 -43.25 -36.71 31.21
C PHE P 128 -44.31 -37.71 31.64
N GLY P 129 -45.55 -37.46 31.23
CA GLY P 129 -46.65 -38.33 31.57
C GLY P 129 -47.19 -39.11 30.40
N CYS P 130 -46.31 -39.59 29.53
CA CYS P 130 -46.72 -40.31 28.33
C CYS P 130 -45.72 -41.42 28.04
N SER P 131 -46.18 -42.42 27.29
CA SER P 131 -45.36 -43.52 26.82
C SER P 131 -45.44 -43.55 25.30
N LEU P 132 -44.32 -43.90 24.66
CA LEU P 132 -44.23 -43.85 23.21
C LEU P 132 -44.09 -45.25 22.62
N LEU P 133 -44.71 -45.44 21.47
CA LEU P 133 -44.54 -46.65 20.66
C LEU P 133 -43.95 -46.22 19.32
N VAL P 134 -42.69 -46.57 19.10
CA VAL P 134 -41.97 -46.13 17.90
C VAL P 134 -41.82 -47.32 16.96
N ALA P 135 -42.16 -47.11 15.69
CA ALA P 135 -42.09 -48.17 14.69
C ALA P 135 -41.35 -47.65 13.46
N GLY P 136 -40.46 -48.48 12.91
CA GLY P 136 -39.72 -48.01 11.76
C GLY P 136 -38.91 -49.08 11.08
N VAL P 137 -38.26 -48.67 9.99
CA VAL P 137 -37.34 -49.50 9.21
C VAL P 137 -35.95 -48.89 9.30
N ASP P 138 -34.95 -49.75 9.31
CA ASP P 138 -33.56 -49.29 9.19
C ASP P 138 -32.76 -50.40 8.53
N ALA P 139 -31.45 -50.20 8.41
CA ALA P 139 -30.59 -51.10 7.67
C ALA P 139 -30.62 -52.52 8.21
N ASN P 140 -31.01 -52.71 9.47
CA ASN P 140 -31.10 -54.03 10.07
C ASN P 140 -32.54 -54.39 10.42
N GLY P 141 -33.48 -54.01 9.57
CA GLY P 141 -34.82 -54.56 9.62
C GLY P 141 -35.88 -53.64 10.20
N TYR P 142 -36.93 -54.27 10.70
CA TYR P 142 -38.10 -53.58 11.24
C TYR P 142 -38.01 -53.55 12.75
N HIS P 143 -38.43 -52.44 13.35
CA HIS P 143 -38.31 -52.29 14.79
C HIS P 143 -39.54 -51.63 15.38
N LEU P 144 -39.89 -52.06 16.59
CA LEU P 144 -41.00 -51.54 17.37
C LEU P 144 -40.56 -51.44 18.83
N TYR P 145 -40.44 -50.23 19.34
CA TYR P 145 -39.98 -49.96 20.69
C TYR P 145 -41.08 -49.32 21.53
N GLN P 146 -41.01 -49.61 22.84
CA GLN P 146 -41.85 -48.95 23.83
C GLN P 146 -40.94 -48.14 24.75
N VAL P 147 -41.30 -46.89 25.01
CA VAL P 147 -40.52 -46.01 25.87
C VAL P 147 -41.44 -45.46 26.95
N ASP P 148 -40.98 -45.55 28.20
CA ASP P 148 -41.74 -45.17 29.38
C ASP P 148 -41.21 -43.88 29.96
N PRO P 149 -41.97 -43.24 30.86
CA PRO P 149 -41.50 -41.96 31.44
C PRO P 149 -40.18 -42.07 32.18
N SER P 150 -39.80 -43.24 32.67
CA SER P 150 -38.50 -43.37 33.34
C SER P 150 -37.34 -43.28 32.36
N GLY P 151 -37.59 -43.38 31.07
CA GLY P 151 -36.56 -43.41 30.06
C GLY P 151 -36.18 -44.80 29.60
N THR P 152 -36.63 -45.84 30.29
CA THR P 152 -36.33 -47.20 29.88
C THR P 152 -37.08 -47.55 28.61
N PHE P 153 -36.42 -48.27 27.71
CA PHE P 153 -37.01 -48.67 26.45
C PHE P 153 -36.79 -50.16 26.23
N TRP P 154 -37.77 -50.79 25.59
CA TRP P 154 -37.72 -52.20 25.25
C TRP P 154 -37.99 -52.38 23.77
N ALA P 155 -37.53 -53.49 23.22
CA ALA P 155 -37.86 -53.88 21.85
C ALA P 155 -38.93 -54.97 21.91
N TRP P 156 -40.05 -54.75 21.22
CA TRP P 156 -41.21 -55.61 21.32
C TRP P 156 -41.53 -56.25 19.98
N LYS P 157 -42.18 -57.42 20.05
CA LYS P 157 -42.82 -58.02 18.89
C LYS P 157 -44.29 -57.63 18.78
N ALA P 158 -44.96 -57.45 19.91
CA ALA P 158 -46.34 -56.97 19.94
C ALA P 158 -46.62 -56.49 21.36
N THR P 159 -47.07 -55.24 21.49
CA THR P 159 -47.27 -54.64 22.80
C THR P 159 -48.41 -53.63 22.74
N ALA P 160 -48.81 -53.17 23.91
CA ALA P 160 -49.89 -52.19 24.03
C ALA P 160 -49.64 -51.29 25.24
N ILE P 161 -50.12 -50.06 25.13
CA ILE P 161 -50.02 -49.06 26.19
C ILE P 161 -51.37 -48.39 26.35
N GLY P 162 -51.55 -47.76 27.50
CA GLY P 162 -52.79 -47.07 27.82
C GLY P 162 -53.70 -47.89 28.72
N THR P 163 -54.93 -47.41 28.84
CA THR P 163 -55.94 -48.13 29.60
C THR P 163 -56.31 -49.42 28.89
N GLY P 164 -56.51 -50.48 29.68
CA GLY P 164 -56.79 -51.78 29.10
C GLY P 164 -55.61 -52.42 28.42
N SER P 165 -54.39 -52.00 28.76
CA SER P 165 -53.19 -52.55 28.14
C SER P 165 -52.87 -53.97 28.60
N PRO P 166 -53.09 -54.35 29.88
CA PRO P 166 -52.87 -55.76 30.23
C PRO P 166 -53.75 -56.71 29.43
N ASP P 167 -55.02 -56.37 29.25
CA ASP P 167 -55.93 -57.21 28.47
C ASP P 167 -55.51 -57.25 27.01
N ALA P 168 -55.11 -56.10 26.44
CA ALA P 168 -54.66 -56.07 25.06
C ALA P 168 -53.41 -56.93 24.87
N LYS P 169 -52.47 -56.85 25.81
CA LYS P 169 -51.26 -57.66 25.72
C LYS P 169 -51.58 -59.15 25.85
N ALA P 170 -52.50 -59.50 26.76
CA ALA P 170 -52.90 -60.90 26.87
C ALA P 170 -53.57 -61.39 25.60
N PHE P 171 -54.41 -60.56 24.99
CA PHE P 171 -55.06 -60.92 23.73
C PHE P 171 -54.04 -61.08 22.61
N LEU P 172 -53.05 -60.19 22.56
CA LEU P 172 -52.02 -60.30 21.52
C LEU P 172 -51.12 -61.51 21.73
N GLU P 173 -50.92 -61.91 22.99
CA GLU P 173 -50.01 -63.02 23.27
C GLU P 173 -50.49 -64.31 22.62
N LYS P 174 -51.80 -64.59 22.69
CA LYS P 174 -52.30 -65.84 22.14
C LYS P 174 -52.39 -65.81 20.62
N ARG P 175 -52.60 -64.64 20.02
CA ARG P 175 -52.79 -64.55 18.58
C ARG P 175 -51.49 -64.32 17.81
N TYR P 176 -50.45 -63.79 18.46
CA TYR P 176 -49.21 -63.49 17.75
C TYR P 176 -48.51 -64.77 17.32
N THR P 177 -47.94 -64.73 16.11
CA THR P 177 -47.22 -65.86 15.54
C THR P 177 -45.89 -65.35 15.02
N VAL P 178 -44.85 -66.17 15.15
CA VAL P 178 -43.50 -65.73 14.80
C VAL P 178 -43.37 -65.36 13.32
N ASP P 179 -44.13 -66.01 12.44
CA ASP P 179 -44.02 -65.78 11.01
C ASP P 179 -45.28 -65.09 10.47
N MET P 180 -45.86 -64.19 11.25
CA MET P 180 -47.00 -63.41 10.79
C MET P 180 -46.56 -62.41 9.74
N GLU P 181 -47.41 -62.22 8.72
CA GLU P 181 -47.11 -61.30 7.63
C GLU P 181 -47.91 -60.02 7.86
N LEU P 182 -47.82 -59.07 6.91
CA LEU P 182 -48.22 -57.68 7.18
C LEU P 182 -49.71 -57.53 7.46
N GLU P 183 -50.57 -57.84 6.48
CA GLU P 183 -52.00 -57.58 6.65
C GLU P 183 -52.59 -58.44 7.76
N ASP P 184 -51.99 -59.61 8.02
CA ASP P 184 -52.41 -60.39 9.18
C ASP P 184 -52.16 -59.63 10.47
N ALA P 185 -51.02 -58.93 10.56
CA ALA P 185 -50.74 -58.12 11.74
C ALA P 185 -51.74 -56.98 11.87
N VAL P 186 -52.12 -56.36 10.74
CA VAL P 186 -53.13 -55.31 10.78
C VAL P 186 -54.46 -55.85 11.27
N HIS P 187 -54.85 -57.03 10.79
CA HIS P 187 -56.08 -57.66 11.25
C HIS P 187 -56.02 -57.94 12.75
N THR P 188 -54.89 -58.46 13.23
CA THR P 188 -54.74 -58.75 14.65
C THR P 188 -54.82 -57.46 15.48
N ALA P 189 -54.18 -56.40 15.02
CA ALA P 189 -54.21 -55.13 15.73
C ALA P 189 -55.63 -54.57 15.80
N LEU P 190 -56.36 -54.62 14.68
CA LEU P 190 -57.73 -54.13 14.67
C LEU P 190 -58.61 -54.96 15.58
N LEU P 191 -58.43 -56.29 15.58
CA LEU P 191 -59.20 -57.15 16.47
C LEU P 191 -58.89 -56.84 17.94
N THR P 192 -57.62 -56.61 18.26
CA THR P 192 -57.23 -56.30 19.63
C THR P 192 -57.85 -54.97 20.08
N LEU P 193 -57.87 -53.98 19.19
CA LEU P 193 -58.57 -52.74 19.52
C LEU P 193 -60.07 -52.98 19.71
N LYS P 194 -60.67 -53.81 18.84
CA LYS P 194 -62.11 -54.02 18.88
C LYS P 194 -62.54 -54.72 20.18
N GLU P 195 -61.77 -55.72 20.61
CA GLU P 195 -62.18 -56.47 21.80
C GLU P 195 -62.18 -55.60 23.05
N GLY P 196 -61.41 -54.52 23.05
CA GLY P 196 -61.40 -53.60 24.17
C GLY P 196 -62.12 -52.30 23.89
N PHE P 197 -62.66 -52.18 22.67
CA PHE P 197 -63.33 -50.95 22.27
C PHE P 197 -64.69 -50.83 22.98
N ASP P 198 -65.03 -49.59 23.33
CA ASP P 198 -66.28 -49.35 24.06
C ASP P 198 -67.49 -49.43 23.12
N GLY P 199 -67.35 -48.95 21.90
CA GLY P 199 -68.45 -48.98 20.95
C GLY P 199 -68.10 -49.64 19.64
N GLN P 200 -68.35 -48.96 18.53
CA GLN P 200 -68.05 -49.47 17.20
C GLN P 200 -66.89 -48.70 16.60
N MET P 201 -65.93 -49.42 16.03
CA MET P 201 -64.76 -48.80 15.42
C MET P 201 -65.12 -48.30 14.02
N THR P 202 -65.07 -46.98 13.84
CA THR P 202 -65.23 -46.36 12.53
C THR P 202 -63.90 -45.80 12.06
N SER P 203 -63.82 -45.51 10.77
CA SER P 203 -62.58 -44.98 10.21
C SER P 203 -62.24 -43.59 10.72
N GLU P 204 -63.20 -42.89 11.33
CA GLU P 204 -62.96 -41.63 12.00
C GLU P 204 -62.69 -41.80 13.49
N ASN P 205 -62.83 -43.02 14.01
CA ASN P 205 -62.59 -43.31 15.41
C ASN P 205 -61.22 -43.91 15.67
N THR P 206 -60.54 -44.40 14.63
CA THR P 206 -59.27 -45.08 14.77
C THR P 206 -58.25 -44.47 13.81
N GLN P 207 -56.98 -44.47 14.24
CA GLN P 207 -55.88 -44.06 13.39
C GLN P 207 -54.84 -45.17 13.39
N VAL P 208 -54.42 -45.60 12.20
CA VAL P 208 -53.53 -46.74 12.05
C VAL P 208 -52.41 -46.36 11.09
N GLY P 209 -51.19 -46.78 11.41
CA GLY P 209 -50.05 -46.60 10.52
C GLY P 209 -49.25 -47.87 10.38
N ARG P 210 -49.05 -48.33 9.15
CA ARG P 210 -48.35 -49.58 8.88
C ARG P 210 -47.01 -49.28 8.24
N VAL P 211 -45.93 -49.61 8.95
CA VAL P 211 -44.57 -49.46 8.44
C VAL P 211 -44.35 -50.55 7.38
N VAL P 212 -44.16 -50.14 6.13
CA VAL P 212 -44.03 -51.09 5.02
C VAL P 212 -42.73 -50.78 4.27
N GLU P 213 -41.66 -51.42 4.70
CA GLU P 213 -40.43 -51.76 3.97
C GLU P 213 -39.57 -50.57 3.56
N ASN P 214 -40.14 -49.36 3.51
CA ASN P 214 -39.36 -48.15 3.33
C ASN P 214 -39.93 -46.92 4.02
N ARG P 215 -41.07 -47.04 4.70
CA ARG P 215 -41.85 -45.85 5.02
C ARG P 215 -42.91 -46.19 6.06
N PHE P 216 -43.59 -45.16 6.54
CA PHE P 216 -44.59 -45.30 7.59
C PHE P 216 -46.01 -45.18 7.04
N GLU P 217 -46.29 -44.08 6.32
CA GLU P 217 -47.54 -43.85 5.58
C GLU P 217 -48.77 -44.11 6.46
N ILE P 218 -49.01 -43.17 7.38
CA ILE P 218 -50.27 -43.14 8.12
C ILE P 218 -51.43 -43.42 7.18
N LEU P 219 -52.27 -44.38 7.55
CA LEU P 219 -53.29 -44.87 6.64
C LEU P 219 -54.38 -43.83 6.41
N SER P 220 -54.89 -43.82 5.19
CA SER P 220 -55.98 -42.94 4.80
C SER P 220 -57.32 -43.48 5.34
N VAL P 221 -58.34 -42.63 5.28
CA VAL P 221 -59.67 -43.03 5.73
C VAL P 221 -60.21 -44.18 4.88
N ASP P 222 -59.99 -44.10 3.56
CA ASP P 222 -60.46 -45.17 2.68
C ASP P 222 -59.74 -46.49 2.96
N GLN P 223 -58.43 -46.44 3.20
CA GLN P 223 -57.69 -47.65 3.50
C GLN P 223 -58.18 -48.29 4.79
N LEU P 224 -58.41 -47.47 5.82
CA LEU P 224 -58.92 -48.00 7.09
C LEU P 224 -60.32 -48.57 6.94
N ARG P 225 -61.17 -47.92 6.12
CA ARG P 225 -62.47 -48.49 5.84
C ARG P 225 -62.34 -49.85 5.14
N ASP P 226 -61.42 -49.95 4.18
CA ASP P 226 -61.17 -51.22 3.50
C ASP P 226 -60.63 -52.28 4.46
N TYR P 227 -59.97 -51.87 5.55
CA TYR P 227 -59.54 -52.81 6.56
C TYR P 227 -60.58 -53.04 7.65
N LEU P 228 -61.45 -52.06 7.91
CA LEU P 228 -62.46 -52.22 8.94
C LEU P 228 -63.63 -53.09 8.49
N ASP P 229 -64.00 -53.02 7.21
CA ASP P 229 -65.10 -53.82 6.67
C ASP P 229 -64.66 -55.24 6.32
N GLN P 230 -63.46 -55.64 6.71
CA GLN P 230 -62.94 -56.97 6.45
C GLN P 230 -62.74 -57.79 7.71
N ILE P 231 -62.69 -57.17 8.88
CA ILE P 231 -62.52 -57.89 10.13
C ILE P 231 -63.88 -58.27 10.70
N SER Q 2 -40.79 -22.17 44.54
CA SER Q 2 -40.39 -21.46 45.74
C SER Q 2 -39.49 -22.33 46.62
N HIS Q 3 -38.78 -21.69 47.54
CA HIS Q 3 -37.84 -22.40 48.40
C HIS Q 3 -38.54 -23.32 49.40
N ARG Q 4 -39.84 -23.15 49.60
CA ARG Q 4 -40.58 -24.02 50.52
C ARG Q 4 -40.56 -25.48 50.07
N TYR Q 5 -40.66 -25.73 48.77
CA TYR Q 5 -40.77 -27.08 48.24
C TYR Q 5 -39.42 -27.67 47.85
N ASP Q 6 -38.33 -26.97 48.12
CA ASP Q 6 -37.00 -27.50 47.85
C ASP Q 6 -36.71 -28.67 48.78
N SER Q 7 -36.30 -29.79 48.20
CA SER Q 7 -36.05 -31.00 48.99
C SER Q 7 -34.67 -31.01 49.63
N ARG Q 8 -33.77 -30.13 49.18
CA ARG Q 8 -32.41 -30.01 49.74
C ARG Q 8 -31.67 -31.35 49.67
N THR Q 9 -31.46 -31.78 48.42
CA THR Q 9 -30.81 -33.07 48.19
C THR Q 9 -29.36 -33.06 48.66
N THR Q 10 -28.60 -32.02 48.31
CA THR Q 10 -27.18 -31.95 48.64
C THR Q 10 -26.96 -31.20 49.96
N THR Q 11 -27.52 -31.77 51.03
CA THR Q 11 -27.36 -31.23 52.37
C THR Q 11 -27.01 -32.36 53.33
N PHE Q 12 -26.29 -31.99 54.39
CA PHE Q 12 -25.95 -32.94 55.44
C PHE Q 12 -27.10 -33.10 56.42
N SER Q 13 -27.14 -34.25 57.05
CA SER Q 13 -28.10 -34.59 58.09
C SER Q 13 -27.42 -34.57 59.46
N PRO Q 14 -28.20 -34.59 60.54
CA PRO Q 14 -27.58 -34.53 61.89
C PRO Q 14 -26.56 -35.62 62.17
N GLU Q 15 -26.46 -36.66 61.35
CA GLU Q 15 -25.47 -37.71 61.54
C GLU Q 15 -24.32 -37.62 60.54
N GLY Q 16 -24.27 -36.54 59.75
CA GLY Q 16 -23.24 -36.41 58.74
C GLY Q 16 -23.45 -37.28 57.52
N ARG Q 17 -24.63 -37.86 57.36
CA ARG Q 17 -24.93 -38.76 56.26
C ARG Q 17 -25.87 -38.09 55.27
N LEU Q 18 -25.65 -38.37 53.98
CA LEU Q 18 -26.44 -37.79 52.90
C LEU Q 18 -27.56 -38.77 52.56
N TYR Q 19 -28.80 -38.37 52.85
CA TYR Q 19 -29.92 -39.29 52.71
C TYR Q 19 -30.16 -39.70 51.26
N GLN Q 20 -29.94 -38.79 50.31
CA GLN Q 20 -30.15 -39.12 48.91
C GLN Q 20 -29.20 -40.22 48.45
N VAL Q 21 -27.94 -40.15 48.89
CA VAL Q 21 -26.96 -41.18 48.54
C VAL Q 21 -27.39 -42.54 49.11
N GLU Q 22 -27.83 -42.55 50.37
CA GLU Q 22 -28.25 -43.80 50.99
C GLU Q 22 -29.48 -44.38 50.30
N TYR Q 23 -30.43 -43.51 49.92
CA TYR Q 23 -31.61 -43.99 49.22
C TYR Q 23 -31.25 -44.52 47.83
N ALA Q 24 -30.27 -43.91 47.15
CA ALA Q 24 -29.80 -44.45 45.89
C ALA Q 24 -29.15 -45.81 46.08
N VAL Q 25 -28.37 -45.97 47.15
CA VAL Q 25 -27.77 -47.27 47.45
C VAL Q 25 -28.85 -48.31 47.68
N GLU Q 26 -29.91 -47.94 48.41
CA GLU Q 26 -31.03 -48.85 48.64
C GLU Q 26 -31.71 -49.19 47.32
N ALA Q 27 -31.81 -48.22 46.41
CA ALA Q 27 -32.38 -48.49 45.10
C ALA Q 27 -31.56 -49.50 44.33
N ILE Q 28 -30.23 -49.39 44.39
CA ILE Q 28 -29.36 -50.32 43.70
C ILE Q 28 -29.49 -51.72 44.28
N GLN Q 29 -29.86 -51.83 45.56
CA GLN Q 29 -30.00 -53.15 46.18
C GLN Q 29 -31.09 -53.98 45.51
N GLN Q 30 -32.11 -53.34 44.95
CA GLN Q 30 -33.20 -54.06 44.29
C GLN Q 30 -32.92 -54.36 42.82
N ALA Q 31 -31.80 -53.89 42.28
CA ALA Q 31 -31.46 -54.14 40.89
C ALA Q 31 -30.92 -55.56 40.73
N GLY Q 32 -30.84 -56.00 39.47
CA GLY Q 32 -30.35 -57.34 39.20
C GLY Q 32 -28.91 -57.52 39.65
N THR Q 33 -28.61 -58.73 40.10
CA THR Q 33 -27.27 -59.04 40.61
C THR Q 33 -26.30 -59.27 39.46
N VAL Q 34 -25.13 -58.66 39.56
CA VAL Q 34 -24.03 -58.92 38.62
C VAL Q 34 -22.75 -59.09 39.42
N ILE Q 35 -21.96 -60.09 39.06
CA ILE Q 35 -20.77 -60.49 39.77
C ILE Q 35 -19.58 -60.40 38.82
N GLY Q 36 -18.52 -59.75 39.28
CA GLY Q 36 -17.28 -59.69 38.54
C GLY Q 36 -16.17 -60.49 39.21
N VAL Q 37 -15.44 -61.27 38.42
CA VAL Q 37 -14.31 -62.05 38.90
C VAL Q 37 -13.10 -61.68 38.06
N CYS Q 38 -12.04 -61.19 38.71
CA CYS Q 38 -10.83 -60.75 38.05
C CYS Q 38 -9.77 -61.85 38.18
N THR Q 39 -9.57 -62.59 37.09
CA THR Q 39 -8.56 -63.65 37.06
C THR Q 39 -7.27 -63.07 36.47
N LYS Q 40 -6.28 -63.94 36.24
CA LYS Q 40 -5.00 -63.52 35.69
C LYS Q 40 -4.97 -63.55 34.17
N ASP Q 41 -5.91 -64.23 33.53
CA ASP Q 41 -5.98 -64.30 32.07
C ASP Q 41 -7.32 -63.78 31.56
N GLY Q 42 -7.89 -62.80 32.25
CA GLY Q 42 -9.15 -62.22 31.84
C GLY Q 42 -10.05 -61.89 33.01
N VAL Q 43 -11.11 -61.13 32.76
CA VAL Q 43 -12.08 -60.76 33.77
C VAL Q 43 -13.46 -61.16 33.28
N VAL Q 44 -14.24 -61.79 34.15
CA VAL Q 44 -15.55 -62.32 33.81
C VAL Q 44 -16.61 -61.50 34.54
N LEU Q 45 -17.68 -61.15 33.81
CA LEU Q 45 -18.86 -60.51 34.39
C LEU Q 45 -20.03 -61.44 34.13
N ALA Q 46 -20.80 -61.75 35.17
CA ALA Q 46 -21.96 -62.62 35.06
C ALA Q 46 -23.12 -61.97 35.80
N GLY Q 47 -24.17 -61.62 35.06
CA GLY Q 47 -25.30 -60.95 35.67
C GLY Q 47 -26.64 -61.61 35.36
N GLU Q 48 -27.62 -61.39 36.23
CA GLU Q 48 -28.97 -61.91 36.02
C GLU Q 48 -29.81 -60.84 35.34
N LYS Q 49 -30.38 -61.18 34.20
CA LYS Q 49 -31.29 -60.28 33.49
C LYS Q 49 -32.73 -60.69 33.77
N MET Q 50 -33.64 -59.73 33.59
CA MET Q 50 -35.04 -59.94 33.94
C MET Q 50 -35.63 -61.09 33.12
N VAL Q 51 -36.64 -61.73 33.69
CA VAL Q 51 -37.24 -62.92 33.06
C VAL Q 51 -37.75 -62.54 31.67
N PRO Q 52 -37.37 -63.28 30.63
CA PRO Q 52 -37.75 -62.87 29.26
C PRO Q 52 -39.22 -63.14 28.99
N HIS Q 53 -39.97 -62.06 28.79
CA HIS Q 53 -41.35 -62.18 28.35
C HIS Q 53 -41.38 -62.74 26.92
N PRO Q 54 -42.36 -63.59 26.60
CA PRO Q 54 -42.39 -64.20 25.26
C PRO Q 54 -42.54 -63.18 24.13
N LEU Q 55 -42.97 -61.96 24.42
CA LEU Q 55 -43.13 -60.94 23.39
C LEU Q 55 -41.96 -59.99 23.29
N PHE Q 56 -40.91 -60.18 24.09
CA PHE Q 56 -39.69 -59.41 23.88
C PHE Q 56 -39.08 -59.72 22.52
N ASP Q 57 -38.55 -58.68 21.88
CA ASP Q 57 -37.83 -58.82 20.63
C ASP Q 57 -36.39 -58.35 20.83
N SER Q 58 -35.47 -58.98 20.11
CA SER Q 58 -34.07 -58.62 20.15
C SER Q 58 -33.79 -57.57 19.09
N GLU Q 59 -33.16 -56.48 19.49
CA GLU Q 59 -32.72 -55.46 18.53
C GLU Q 59 -31.69 -56.10 17.60
N SER Q 60 -32.03 -56.20 16.32
CA SER Q 60 -31.17 -56.95 15.40
C SER Q 60 -29.91 -56.13 15.09
N MET Q 61 -29.11 -55.89 16.11
CA MET Q 61 -27.89 -55.11 15.95
C MET Q 61 -26.80 -55.95 15.31
N GLN Q 62 -26.12 -55.37 14.32
CA GLN Q 62 -24.83 -55.88 13.91
C GLN Q 62 -23.83 -55.68 15.05
N ASP Q 63 -22.68 -56.36 14.97
CA ASP Q 63 -21.60 -56.17 15.93
C ASP Q 63 -22.10 -56.45 17.35
N LYS Q 64 -22.47 -57.71 17.57
CA LYS Q 64 -23.13 -58.10 18.81
C LYS Q 64 -22.15 -58.25 19.96
N ASN Q 65 -21.32 -57.23 20.18
CA ASN Q 65 -20.39 -57.25 21.29
C ASN Q 65 -20.27 -55.91 21.99
N THR Q 66 -21.08 -54.91 21.66
CA THR Q 66 -20.95 -53.58 22.25
C THR Q 66 -21.82 -53.41 23.49
N SER Q 67 -23.08 -53.81 23.42
CA SER Q 67 -23.97 -53.65 24.56
C SER Q 67 -24.96 -54.80 24.59
N GLY Q 68 -25.18 -55.36 25.77
CA GLY Q 68 -26.21 -56.34 26.01
C GLY Q 68 -27.34 -55.78 26.83
N GLU Q 69 -28.12 -56.68 27.42
CA GLU Q 69 -29.20 -56.25 28.30
C GLU Q 69 -28.69 -55.77 29.65
N LYS Q 70 -27.47 -56.13 30.03
CA LYS Q 70 -26.94 -55.77 31.34
C LYS Q 70 -25.52 -55.22 31.24
N MET Q 71 -24.82 -55.55 30.15
CA MET Q 71 -23.39 -55.30 30.03
C MET Q 71 -23.10 -54.49 28.77
N TYR Q 72 -22.23 -53.48 28.91
CA TYR Q 72 -21.96 -52.53 27.84
C TYR Q 72 -20.45 -52.39 27.65
N LYS Q 73 -20.08 -51.88 26.49
CA LYS Q 73 -18.68 -51.62 26.16
C LYS Q 73 -18.42 -50.12 26.24
N ILE Q 74 -17.42 -49.73 27.02
CA ILE Q 74 -17.01 -48.33 27.11
C ILE Q 74 -15.97 -47.99 26.05
N ALA Q 75 -14.95 -48.83 25.92
CA ALA Q 75 -13.94 -48.68 24.90
C ALA Q 75 -13.52 -50.07 24.45
N GLU Q 76 -12.59 -50.13 23.48
CA GLU Q 76 -12.12 -51.42 23.01
C GLU Q 76 -11.46 -52.21 24.13
N HIS Q 77 -10.86 -51.54 25.10
CA HIS Q 77 -10.21 -52.18 26.23
C HIS Q 77 -10.97 -52.04 27.53
N ILE Q 78 -12.19 -51.51 27.50
CA ILE Q 78 -12.96 -51.24 28.71
C ILE Q 78 -14.38 -51.77 28.52
N GLY Q 79 -14.89 -52.48 29.53
CA GLY Q 79 -16.27 -52.89 29.58
C GLY Q 79 -16.86 -52.58 30.95
N CYS Q 80 -18.19 -52.63 31.03
CA CYS Q 80 -18.85 -52.29 32.27
C CYS Q 80 -20.16 -53.05 32.39
N SER Q 81 -20.62 -53.17 33.63
CA SER Q 81 -21.96 -53.66 33.95
C SER Q 81 -22.61 -52.70 34.92
N VAL Q 82 -23.93 -52.58 34.83
CA VAL Q 82 -24.66 -51.58 35.59
C VAL Q 82 -25.61 -52.26 36.56
N ALA Q 83 -25.90 -51.58 37.66
CA ALA Q 83 -26.94 -52.02 38.59
C ALA Q 83 -27.64 -50.79 39.14
N GLY Q 84 -28.94 -50.70 38.89
CA GLY Q 84 -29.71 -49.56 39.39
C GLY Q 84 -30.61 -48.96 38.33
N VAL Q 85 -30.72 -47.63 38.33
CA VAL Q 85 -31.52 -46.93 37.34
C VAL Q 85 -30.84 -47.04 35.98
N THR Q 86 -31.42 -47.85 35.09
CA THR Q 86 -30.80 -48.07 33.79
C THR Q 86 -30.74 -46.79 32.97
N SER Q 87 -31.79 -45.98 33.02
CA SER Q 87 -31.79 -44.71 32.30
C SER Q 87 -30.72 -43.76 32.82
N ASP Q 88 -30.46 -43.77 34.13
CA ASP Q 88 -29.32 -43.03 34.66
C ASP Q 88 -28.01 -43.66 34.22
N ALA Q 89 -27.99 -44.98 34.06
CA ALA Q 89 -26.76 -45.66 33.64
C ALA Q 89 -26.37 -45.34 32.22
N TYR Q 90 -27.35 -45.12 31.33
CA TYR Q 90 -27.04 -44.83 29.93
C TYR Q 90 -26.29 -43.51 29.78
N ALA Q 91 -26.71 -42.48 30.52
CA ALA Q 91 -26.04 -41.19 30.43
C ALA Q 91 -24.60 -41.28 30.93
N LEU Q 92 -24.38 -41.99 32.04
CA LEU Q 92 -23.03 -42.16 32.55
C LEU Q 92 -22.18 -43.02 31.62
N LEU Q 93 -22.78 -44.02 30.97
CA LEU Q 93 -22.04 -44.80 29.99
C LEU Q 93 -21.60 -43.94 28.82
N ASN Q 94 -22.49 -43.07 28.33
CA ASN Q 94 -22.12 -42.15 27.26
C ASN Q 94 -21.01 -41.22 27.72
N TYR Q 95 -21.09 -40.71 28.94
CA TYR Q 95 -20.04 -39.84 29.48
C TYR Q 95 -18.71 -40.57 29.56
N ALA Q 96 -18.73 -41.84 30.00
CA ALA Q 96 -17.50 -42.61 30.10
C ALA Q 96 -16.89 -42.86 28.73
N ARG Q 97 -17.72 -43.19 27.74
CA ARG Q 97 -17.21 -43.37 26.39
C ARG Q 97 -16.61 -42.08 25.86
N LEU Q 98 -17.27 -40.95 26.11
CA LEU Q 98 -16.73 -39.67 25.67
C LEU Q 98 -15.39 -39.37 26.33
N SER Q 99 -15.28 -39.64 27.63
CA SER Q 99 -14.02 -39.39 28.34
C SER Q 99 -12.89 -40.28 27.80
N ALA Q 100 -13.18 -41.56 27.58
CA ALA Q 100 -12.17 -42.46 27.05
C ALA Q 100 -11.71 -42.03 25.67
N LEU Q 101 -12.65 -41.65 24.80
CA LEU Q 101 -12.26 -41.22 23.47
C LEU Q 101 -11.55 -39.88 23.48
N ARG Q 102 -11.89 -38.99 24.42
CA ARG Q 102 -11.14 -37.75 24.55
C ARG Q 102 -9.71 -38.01 24.98
N HIS Q 103 -9.51 -38.93 25.93
CA HIS Q 103 -8.15 -39.29 26.33
C HIS Q 103 -7.39 -39.89 25.16
N GLN Q 104 -8.03 -40.75 24.38
CA GLN Q 104 -7.38 -41.30 23.19
C GLN Q 104 -7.06 -40.20 22.17
N TYR Q 105 -7.93 -39.20 22.06
CA TYR Q 105 -7.65 -38.08 21.16
C TYR Q 105 -6.42 -37.30 21.62
N THR Q 106 -6.31 -37.06 22.92
CA THR Q 106 -5.22 -36.21 23.42
C THR Q 106 -3.87 -36.93 23.39
N PHE Q 107 -3.84 -38.20 23.78
CA PHE Q 107 -2.58 -38.92 23.99
C PHE Q 107 -2.33 -40.03 22.99
N GLN Q 108 -3.34 -40.43 22.20
CA GLN Q 108 -3.22 -41.54 21.25
C GLN Q 108 -2.81 -42.84 21.94
N GLU Q 109 -3.28 -43.05 23.15
CA GLU Q 109 -3.07 -44.28 23.90
C GLU Q 109 -4.36 -44.66 24.61
N PRO Q 110 -4.58 -45.94 24.86
CA PRO Q 110 -5.76 -46.34 25.63
C PRO Q 110 -5.75 -45.75 27.03
N MET Q 111 -6.92 -45.31 27.49
CA MET Q 111 -7.06 -44.77 28.83
C MET Q 111 -6.88 -45.87 29.86
N ALA Q 112 -6.18 -45.55 30.95
CA ALA Q 112 -6.05 -46.49 32.05
C ALA Q 112 -7.41 -46.75 32.68
N ILE Q 113 -7.61 -47.99 33.12
CA ILE Q 113 -8.90 -48.37 33.70
C ILE Q 113 -9.18 -47.56 34.96
N GLU Q 114 -8.16 -47.38 35.81
CA GLU Q 114 -8.34 -46.60 37.02
C GLU Q 114 -8.65 -45.14 36.71
N ASP Q 115 -8.03 -44.59 35.66
CA ASP Q 115 -8.30 -43.21 35.28
C ASP Q 115 -9.75 -43.03 34.83
N LEU Q 116 -10.26 -43.96 34.02
CA LEU Q 116 -11.65 -43.87 33.59
C LEU Q 116 -12.60 -44.06 34.76
N CYS Q 117 -12.27 -44.98 35.67
CA CYS Q 117 -13.09 -45.16 36.86
C CYS Q 117 -13.13 -43.89 37.69
N ARG Q 118 -11.98 -43.23 37.84
CA ARG Q 118 -11.93 -41.99 38.62
C ARG Q 118 -12.71 -40.87 37.95
N ILE Q 119 -12.62 -40.75 36.62
CA ILE Q 119 -13.20 -39.59 35.96
C ILE Q 119 -14.72 -39.63 36.01
N LEU Q 120 -15.33 -40.81 35.91
CA LEU Q 120 -16.78 -40.93 36.02
C LEU Q 120 -17.27 -40.96 37.46
N CYS Q 121 -16.37 -41.19 38.42
CA CYS Q 121 -16.74 -41.08 39.82
C CYS Q 121 -16.83 -39.62 40.27
N ASP Q 122 -16.00 -38.75 39.71
CA ASP Q 122 -16.14 -37.33 40.00
C ASP Q 122 -17.46 -36.79 39.47
N GLU Q 123 -17.95 -37.33 38.35
CA GLU Q 123 -19.25 -36.93 37.83
C GLU Q 123 -20.36 -37.25 38.83
N LYS Q 124 -20.31 -38.45 39.42
CA LYS Q 124 -21.31 -38.84 40.41
C LYS Q 124 -21.16 -38.03 41.69
N GLN Q 125 -19.92 -37.75 42.11
CA GLN Q 125 -19.71 -36.96 43.32
C GLN Q 125 -20.19 -35.54 43.15
N LEU Q 126 -20.04 -34.97 41.96
CA LEU Q 126 -20.43 -33.58 41.74
C LEU Q 126 -21.91 -33.36 42.02
N TYR Q 127 -22.75 -34.34 41.69
CA TYR Q 127 -24.18 -34.22 41.90
C TYR Q 127 -24.58 -34.37 43.36
N THR Q 128 -23.67 -34.82 44.22
CA THR Q 128 -23.96 -34.95 45.64
C THR Q 128 -23.52 -33.74 46.45
N GLN Q 129 -22.87 -32.77 45.82
CA GLN Q 129 -22.40 -31.58 46.53
C GLN Q 129 -22.92 -30.31 45.89
N TYR Q 130 -23.14 -30.35 44.57
CA TYR Q 130 -23.57 -29.18 43.82
C TYR Q 130 -24.84 -29.52 43.04
N GLY Q 131 -25.50 -28.48 42.55
CA GLY Q 131 -26.63 -28.60 41.64
C GLY Q 131 -28.00 -28.60 42.28
N GLY Q 132 -28.15 -29.20 43.45
CA GLY Q 132 -29.44 -29.27 44.08
C GLY Q 132 -30.40 -30.27 43.46
N VAL Q 133 -29.89 -31.23 42.69
CA VAL Q 133 -30.72 -32.25 42.06
C VAL Q 133 -30.36 -33.61 42.65
N ARG Q 134 -31.12 -34.63 42.29
CA ARG Q 134 -30.86 -35.96 42.81
C ARG Q 134 -29.59 -36.55 42.17
N PRO Q 135 -28.88 -37.41 42.88
CA PRO Q 135 -27.70 -38.06 42.30
C PRO Q 135 -28.10 -39.21 41.40
N TYR Q 136 -27.10 -39.81 40.77
CA TYR Q 136 -27.32 -40.99 39.93
C TYR Q 136 -27.50 -42.21 40.82
N GLY Q 137 -28.58 -42.94 40.61
CA GLY Q 137 -28.82 -44.17 41.35
C GLY Q 137 -28.33 -45.41 40.63
N VAL Q 138 -27.03 -45.49 40.39
CA VAL Q 138 -26.46 -46.61 39.63
C VAL Q 138 -25.07 -46.93 40.16
N SER Q 139 -24.75 -48.21 40.17
CA SER Q 139 -23.43 -48.71 40.49
C SER Q 139 -22.83 -49.38 39.27
N PHE Q 140 -21.54 -49.16 39.05
CA PHE Q 140 -20.81 -49.69 37.91
C PHE Q 140 -19.82 -50.75 38.36
N LEU Q 141 -19.71 -51.81 37.57
CA LEU Q 141 -18.64 -52.80 37.67
C LEU Q 141 -17.80 -52.65 36.41
N LEU Q 142 -16.60 -52.09 36.55
CA LEU Q 142 -15.71 -51.81 35.43
C LEU Q 142 -14.71 -52.93 35.28
N VAL Q 143 -14.49 -53.37 34.05
CA VAL Q 143 -13.47 -54.37 33.72
C VAL Q 143 -12.65 -53.81 32.57
N GLY Q 144 -11.40 -54.25 32.48
CA GLY Q 144 -10.55 -53.79 31.41
C GLY Q 144 -9.13 -54.24 31.59
N TRP Q 145 -8.30 -53.87 30.62
CA TRP Q 145 -6.88 -54.19 30.63
C TRP Q 145 -6.07 -52.98 30.23
N ASP Q 146 -4.98 -52.74 30.94
CA ASP Q 146 -4.01 -51.72 30.54
C ASP Q 146 -2.62 -52.22 30.91
N ARG Q 147 -1.61 -51.67 30.23
CA ARG Q 147 -0.25 -52.17 30.39
C ARG Q 147 0.33 -51.88 31.78
N TYR Q 148 -0.29 -51.01 32.56
CA TYR Q 148 0.28 -50.67 33.86
C TYR Q 148 -0.08 -51.69 34.93
N TYR Q 149 -1.31 -52.21 34.91
CA TYR Q 149 -1.75 -53.17 35.92
C TYR Q 149 -2.43 -54.40 35.33
N GLY Q 150 -2.46 -54.55 34.01
CA GLY Q 150 -3.10 -55.72 33.43
C GLY Q 150 -4.59 -55.70 33.64
N TYR Q 151 -5.17 -56.88 33.82
CA TYR Q 151 -6.60 -57.00 34.06
C TYR Q 151 -6.97 -56.37 35.39
N GLN Q 152 -8.06 -55.60 35.41
CA GLN Q 152 -8.49 -54.88 36.60
C GLN Q 152 -10.00 -54.99 36.74
N LEU Q 153 -10.48 -54.75 37.96
CA LEU Q 153 -11.90 -54.78 38.26
C LEU Q 153 -12.20 -53.70 39.28
N TYR Q 154 -13.16 -52.83 38.98
CA TYR Q 154 -13.52 -51.74 39.87
C TYR Q 154 -15.02 -51.73 40.12
N SER Q 155 -15.39 -51.25 41.30
CA SER Q 155 -16.77 -51.06 41.68
C SER Q 155 -16.98 -49.63 42.13
N THR Q 156 -18.08 -49.02 41.72
CA THR Q 156 -18.38 -47.63 42.01
C THR Q 156 -19.70 -47.54 42.77
N GLU Q 157 -19.74 -46.66 43.76
CA GLU Q 157 -20.93 -46.37 44.54
C GLU Q 157 -21.58 -45.10 44.03
N PRO Q 158 -22.88 -44.91 44.29
CA PRO Q 158 -23.54 -43.67 43.86
C PRO Q 158 -23.22 -42.48 44.76
N SER Q 159 -21.94 -42.35 45.11
CA SER Q 159 -21.48 -41.21 45.89
C SER Q 159 -20.14 -40.66 45.39
N GLY Q 160 -19.54 -41.27 44.37
CA GLY Q 160 -18.22 -40.91 43.93
C GLY Q 160 -17.13 -41.85 44.40
N ASP Q 161 -17.41 -42.69 45.39
CA ASP Q 161 -16.43 -43.63 45.90
C ASP Q 161 -16.27 -44.80 44.94
N TYR Q 162 -15.03 -45.27 44.78
CA TYR Q 162 -14.76 -46.44 43.97
C TYR Q 162 -13.70 -47.28 44.67
N SER Q 163 -13.67 -48.57 44.31
CA SER Q 163 -12.73 -49.51 44.91
C SER Q 163 -12.30 -50.51 43.86
N ALA Q 164 -11.12 -51.09 44.06
CA ALA Q 164 -10.60 -52.14 43.21
C ALA Q 164 -10.76 -53.48 43.90
N TRP Q 165 -11.20 -54.48 43.15
CA TRP Q 165 -11.51 -55.79 43.72
C TRP Q 165 -10.94 -56.89 42.83
N SER Q 166 -10.60 -58.01 43.48
CA SER Q 166 -10.32 -59.25 42.77
C SER Q 166 -11.59 -59.99 42.39
N ALA Q 167 -12.63 -59.87 43.21
CA ALA Q 167 -13.94 -60.42 42.91
C ALA Q 167 -14.96 -59.66 43.74
N TYR Q 168 -16.06 -59.26 43.11
CA TYR Q 168 -17.05 -58.42 43.75
C TYR Q 168 -18.41 -58.67 43.13
N ALA Q 169 -19.45 -58.07 43.73
CA ALA Q 169 -20.80 -58.23 43.22
C ALA Q 169 -21.63 -57.02 43.64
N ILE Q 170 -22.62 -56.69 42.81
CA ILE Q 170 -23.58 -55.64 43.14
C ILE Q 170 -24.98 -56.10 42.74
N GLY Q 171 -25.98 -55.48 43.36
CA GLY Q 171 -27.37 -55.82 43.08
C GLY Q 171 -28.02 -56.61 44.21
N GLN Q 172 -29.00 -57.44 43.87
CA GLN Q 172 -29.68 -58.24 44.88
C GLN Q 172 -28.73 -59.26 45.50
N ASN Q 173 -28.86 -59.47 46.80
CA ASN Q 173 -28.09 -60.46 47.54
C ASN Q 173 -26.59 -60.27 47.36
N ASP Q 174 -26.13 -59.02 47.36
CA ASP Q 174 -24.71 -58.75 47.20
C ASP Q 174 -23.90 -59.25 48.38
N GLN Q 175 -24.46 -59.21 49.59
CA GLN Q 175 -23.76 -59.72 50.76
C GLN Q 175 -23.52 -61.22 50.65
N VAL Q 176 -24.54 -61.96 50.20
CA VAL Q 176 -24.39 -63.40 50.03
C VAL Q 176 -23.37 -63.71 48.95
N ALA Q 177 -23.39 -62.94 47.85
CA ALA Q 177 -22.42 -63.14 46.79
C ALA Q 177 -21.00 -62.86 47.28
N HIS Q 178 -20.83 -61.82 48.10
CA HIS Q 178 -19.52 -61.53 48.67
C HIS Q 178 -19.07 -62.66 49.59
N ALA Q 179 -19.99 -63.20 50.40
CA ALA Q 179 -19.65 -64.31 51.28
C ALA Q 179 -19.22 -65.54 50.50
N LEU Q 180 -19.93 -65.87 49.42
CA LEU Q 180 -19.58 -67.05 48.64
C LEU Q 180 -18.32 -66.86 47.81
N LEU Q 181 -18.07 -65.64 47.31
CA LEU Q 181 -16.85 -65.39 46.55
C LEU Q 181 -15.62 -65.48 47.44
N LYS Q 182 -15.74 -65.08 48.71
CA LYS Q 182 -14.62 -65.20 49.63
C LYS Q 182 -14.26 -66.65 49.91
N LYS Q 183 -15.26 -67.53 49.95
CA LYS Q 183 -15.01 -68.95 50.19
C LYS Q 183 -14.15 -69.56 49.10
N ASP Q 184 -14.42 -69.22 47.84
CA ASP Q 184 -13.78 -69.84 46.70
C ASP Q 184 -13.19 -68.77 45.78
N TRP Q 185 -11.94 -68.38 46.04
CA TRP Q 185 -11.20 -67.55 45.11
C TRP Q 185 -9.72 -67.67 45.42
N HIS Q 186 -8.91 -67.81 44.38
CA HIS Q 186 -7.46 -67.89 44.53
C HIS Q 186 -6.81 -67.17 43.35
N GLU Q 187 -5.57 -66.71 43.57
CA GLU Q 187 -4.85 -66.00 42.51
C GLU Q 187 -4.48 -66.93 41.36
N SER Q 188 -4.20 -68.20 41.66
CA SER Q 188 -3.86 -69.18 40.61
C SER Q 188 -5.13 -69.77 40.01
N MET Q 189 -5.92 -68.91 39.38
CA MET Q 189 -7.22 -69.28 38.82
C MET Q 189 -7.24 -68.90 37.34
N THR Q 190 -7.61 -69.87 36.50
CA THR Q 190 -7.68 -69.63 35.07
C THR Q 190 -8.97 -68.90 34.71
N LEU Q 191 -9.07 -68.50 33.44
CA LEU Q 191 -10.26 -67.79 32.98
C LEU Q 191 -11.49 -68.69 33.06
N GLU Q 192 -11.40 -69.89 32.48
CA GLU Q 192 -12.53 -70.82 32.50
C GLU Q 192 -12.91 -71.22 33.92
N ASP Q 193 -11.92 -71.38 34.80
CA ASP Q 193 -12.22 -71.58 36.21
C ASP Q 193 -12.94 -70.36 36.78
N GLY Q 194 -12.44 -69.16 36.45
CA GLY Q 194 -13.05 -67.95 36.99
C GLY Q 194 -14.51 -67.81 36.61
N MET Q 195 -14.83 -68.04 35.34
CA MET Q 195 -16.22 -68.05 34.92
C MET Q 195 -17.00 -69.12 35.67
N LEU Q 196 -16.38 -70.29 35.86
CA LEU Q 196 -17.01 -71.33 36.67
C LEU Q 196 -17.32 -70.83 38.06
N LEU Q 197 -16.46 -69.97 38.62
CA LEU Q 197 -16.75 -69.38 39.92
C LEU Q 197 -17.93 -68.43 39.83
N ALA Q 198 -18.02 -67.65 38.76
CA ALA Q 198 -19.05 -66.62 38.68
C ALA Q 198 -20.44 -67.24 38.64
N LEU Q 199 -20.66 -68.17 37.71
CA LEU Q 199 -21.98 -68.76 37.55
C LEU Q 199 -22.45 -69.44 38.82
N ARG Q 200 -21.59 -70.28 39.41
CA ARG Q 200 -21.95 -70.96 40.64
C ARG Q 200 -22.24 -69.97 41.77
N VAL Q 201 -21.64 -68.78 41.71
CA VAL Q 201 -22.01 -67.77 42.70
C VAL Q 201 -23.31 -67.11 42.31
N LEU Q 202 -23.53 -66.84 41.02
CA LEU Q 202 -24.78 -66.23 40.58
C LEU Q 202 -25.96 -67.17 40.84
N GLY Q 203 -25.85 -68.41 40.37
CA GLY Q 203 -26.96 -69.35 40.50
C GLY Q 203 -27.34 -69.63 41.94
N LYS Q 204 -26.43 -69.37 42.87
CA LYS Q 204 -26.74 -69.55 44.29
C LYS Q 204 -27.28 -68.28 44.95
N THR Q 205 -26.97 -67.10 44.39
CA THR Q 205 -27.60 -65.89 44.91
C THR Q 205 -29.04 -65.77 44.43
N MET Q 206 -29.30 -66.17 43.19
CA MET Q 206 -30.66 -66.21 42.66
C MET Q 206 -31.40 -67.48 43.02
N ASP Q 207 -30.73 -68.41 43.72
CA ASP Q 207 -31.34 -69.62 44.27
C ASP Q 207 -32.02 -70.44 43.18
N THR Q 208 -31.21 -70.95 42.26
CA THR Q 208 -31.69 -71.80 41.18
C THR Q 208 -30.82 -73.04 41.06
N ALA Q 209 -31.44 -74.17 40.75
CA ALA Q 209 -30.73 -75.36 40.31
C ALA Q 209 -30.99 -75.55 38.82
N LYS Q 210 -30.02 -76.10 38.09
CA LYS Q 210 -30.07 -76.18 36.64
C LYS Q 210 -30.22 -74.77 36.06
N ILE Q 211 -29.16 -73.99 36.26
CA ILE Q 211 -29.13 -72.55 35.99
C ILE Q 211 -29.77 -72.23 34.65
N ASP Q 212 -30.72 -71.30 34.64
CA ASP Q 212 -31.50 -70.98 33.46
C ASP Q 212 -30.73 -70.08 32.51
N LEU Q 213 -30.65 -70.50 31.26
CA LEU Q 213 -29.90 -69.79 30.22
C LEU Q 213 -30.58 -68.52 29.77
N ASP Q 214 -31.90 -68.41 29.92
CA ASP Q 214 -32.65 -67.25 29.45
C ASP Q 214 -32.63 -66.09 30.42
N ARG Q 215 -31.95 -66.23 31.57
CA ARG Q 215 -31.97 -65.23 32.62
C ARG Q 215 -30.57 -64.83 33.04
N VAL Q 216 -29.53 -65.28 32.33
CA VAL Q 216 -28.15 -65.02 32.69
C VAL Q 216 -27.41 -64.48 31.47
N GLU Q 217 -26.56 -63.48 31.70
CA GLU Q 217 -25.71 -62.90 30.67
C GLU Q 217 -24.28 -62.86 31.17
N VAL Q 218 -23.33 -63.15 30.28
CA VAL Q 218 -21.91 -63.23 30.65
C VAL Q 218 -21.08 -62.47 29.62
N ALA Q 219 -20.13 -61.68 30.11
CA ALA Q 219 -19.18 -60.95 29.27
C ALA Q 219 -17.77 -61.22 29.77
N VAL Q 220 -16.80 -61.12 28.86
CA VAL Q 220 -15.40 -61.40 29.17
C VAL Q 220 -14.52 -60.31 28.60
N MET Q 221 -13.60 -59.83 29.44
CA MET Q 221 -12.49 -58.98 29.01
C MET Q 221 -11.22 -59.82 29.02
N ARG Q 222 -10.75 -60.20 27.84
CA ARG Q 222 -9.53 -60.99 27.76
C ARG Q 222 -8.58 -60.37 26.75
N LYS Q 223 -7.52 -61.07 26.36
CA LYS Q 223 -6.60 -60.60 25.33
C LYS Q 223 -6.54 -61.62 24.21
N VAL Q 224 -6.63 -61.14 22.97
CA VAL Q 224 -6.64 -62.02 21.81
C VAL Q 224 -5.53 -61.57 20.86
N PRO Q 225 -5.05 -62.42 19.97
CA PRO Q 225 -4.03 -61.98 19.00
C PRO Q 225 -4.56 -60.86 18.11
N ALA Q 226 -3.68 -59.91 17.80
CA ALA Q 226 -4.07 -58.77 17.00
C ALA Q 226 -4.44 -59.21 15.59
N SER Q 227 -5.41 -58.50 15.00
CA SER Q 227 -5.99 -58.89 13.72
C SER Q 227 -5.71 -57.88 12.60
N ASN Q 228 -5.69 -56.58 12.91
CA ASN Q 228 -5.64 -55.53 11.91
C ASN Q 228 -4.33 -54.75 11.98
N ILE Q 229 -3.21 -55.46 12.12
CA ILE Q 229 -1.90 -54.83 12.14
C ILE Q 229 -1.48 -54.54 10.71
N ASP Q 230 -1.29 -53.26 10.38
CA ASP Q 230 -0.81 -52.83 9.07
C ASP Q 230 0.40 -51.92 9.29
N GLN Q 231 1.59 -52.52 9.25
CA GLN Q 231 2.81 -51.78 9.55
C GLN Q 231 3.19 -50.83 8.42
N LEU Q 232 2.81 -51.15 7.17
CA LEU Q 232 3.22 -50.34 6.03
C LEU Q 232 2.59 -48.95 6.05
N LEU Q 233 1.45 -48.78 6.72
CA LEU Q 233 0.78 -47.48 6.74
C LEU Q 233 1.39 -46.51 7.75
N ASP Q 234 2.19 -46.99 8.70
CA ASP Q 234 2.93 -46.12 9.60
C ASP Q 234 4.09 -46.92 10.16
N PRO Q 235 5.23 -46.94 9.45
CA PRO Q 235 6.31 -47.90 9.78
C PRO Q 235 6.90 -47.72 11.16
N PHE Q 236 6.70 -46.57 11.79
CA PHE Q 236 7.32 -46.28 13.08
C PHE Q 236 6.43 -46.58 14.27
N LYS Q 237 5.21 -47.07 14.07
CA LYS Q 237 4.29 -47.34 15.17
C LYS Q 237 4.43 -48.78 15.59
N HIS Q 238 4.70 -49.00 16.88
CA HIS Q 238 4.78 -50.34 17.44
C HIS Q 238 3.37 -50.89 17.66
N HIS Q 239 3.12 -52.08 17.12
CA HIS Q 239 1.82 -52.73 17.29
C HIS Q 239 1.96 -53.93 18.21
N PRO Q 240 1.25 -53.96 19.34
CA PRO Q 240 1.34 -55.11 20.24
C PRO Q 240 0.81 -56.38 19.58
N LYS Q 241 1.39 -57.50 20.01
CA LYS Q 241 0.98 -58.80 19.47
C LYS Q 241 -0.44 -59.17 19.85
N THR Q 242 -0.86 -58.85 21.07
CA THR Q 242 -2.20 -59.17 21.55
C THR Q 242 -2.89 -57.90 22.02
N THR Q 243 -4.18 -57.79 21.71
CA THR Q 243 -4.99 -56.66 22.08
C THR Q 243 -6.14 -57.10 22.99
N PRO Q 244 -6.56 -56.25 23.93
CA PRO Q 244 -7.69 -56.60 24.78
C PRO Q 244 -9.00 -56.60 24.00
N ARG Q 245 -9.84 -57.58 24.29
CA ARG Q 245 -11.10 -57.81 23.61
C ARG Q 245 -12.21 -57.97 24.64
N PHE Q 246 -13.30 -57.25 24.44
CA PHE Q 246 -14.52 -57.41 25.22
C PHE Q 246 -15.55 -58.18 24.40
N GLN Q 247 -15.99 -59.32 24.91
CA GLN Q 247 -16.89 -60.19 24.17
C GLN Q 247 -18.05 -60.60 25.07
N ILE Q 248 -19.27 -60.42 24.57
CA ILE Q 248 -20.47 -60.84 25.27
C ILE Q 248 -20.89 -62.21 24.76
N LEU Q 249 -21.05 -63.15 25.69
CA LEU Q 249 -21.34 -64.54 25.33
C LEU Q 249 -22.77 -64.69 24.85
N THR Q 250 -22.94 -65.52 23.82
CA THR Q 250 -24.24 -65.78 23.23
C THR Q 250 -24.90 -66.97 23.91
N ARG Q 251 -26.08 -67.36 23.44
CA ARG Q 251 -26.77 -68.52 23.98
C ARG Q 251 -25.98 -69.81 23.76
N SER Q 252 -25.43 -69.99 22.56
CA SER Q 252 -24.65 -71.19 22.26
C SER Q 252 -23.29 -71.19 22.94
N GLU Q 253 -22.73 -70.01 23.23
CA GLU Q 253 -21.42 -69.91 23.85
C GLU Q 253 -21.46 -70.01 25.36
N LEU Q 254 -22.59 -69.67 25.98
CA LEU Q 254 -22.68 -69.63 27.43
C LEU Q 254 -23.03 -70.99 28.03
N LYS Q 255 -23.79 -71.81 27.30
CA LYS Q 255 -24.25 -73.07 27.87
C LYS Q 255 -23.14 -74.11 28.06
N PRO Q 256 -22.08 -74.18 27.24
CA PRO Q 256 -20.98 -75.10 27.59
C PRO Q 256 -20.35 -74.79 28.92
N HIS Q 257 -20.21 -73.50 29.26
CA HIS Q 257 -19.72 -73.11 30.57
C HIS Q 257 -20.77 -73.25 31.66
N ALA Q 258 -22.04 -73.05 31.33
CA ALA Q 258 -23.11 -73.22 32.30
C ALA Q 258 -23.25 -74.69 32.72
N GLU Q 259 -22.97 -75.61 31.80
CA GLU Q 259 -23.02 -77.03 32.14
C GLU Q 259 -21.97 -77.37 33.20
N ARG Q 260 -20.72 -76.94 32.98
CA ARG Q 260 -19.69 -77.21 33.98
C ARG Q 260 -20.14 -76.74 35.36
N ALA Q 261 -20.88 -75.63 35.42
CA ALA Q 261 -21.35 -75.10 36.70
C ALA Q 261 -22.31 -76.07 37.40
N ASP Q 262 -23.30 -76.61 36.68
CA ASP Q 262 -24.32 -77.36 37.41
C ASP Q 262 -23.85 -78.78 37.74
N GLN Q 263 -23.07 -79.43 36.87
CA GLN Q 263 -22.43 -80.68 37.28
C GLN Q 263 -21.46 -80.45 38.43
N ALA Q 264 -20.77 -79.31 38.45
CA ALA Q 264 -19.98 -78.98 39.64
C ALA Q 264 -20.87 -78.86 40.87
N ARG Q 265 -22.06 -78.29 40.69
CA ARG Q 265 -23.02 -78.15 41.79
C ARG Q 265 -23.42 -79.51 42.34
N GLU Q 266 -23.79 -80.44 41.48
CA GLU Q 266 -24.11 -81.78 41.98
C GLU Q 266 -22.90 -82.46 42.60
N ALA Q 267 -21.71 -82.31 42.01
CA ALA Q 267 -20.52 -82.93 42.57
C ALA Q 267 -20.24 -82.41 43.98
N GLU Q 268 -20.55 -81.13 44.23
CA GLU Q 268 -20.29 -80.57 45.55
C GLU Q 268 -21.45 -80.74 46.52
N GLU Q 269 -22.66 -81.06 46.05
CA GLU Q 269 -23.78 -81.23 46.95
C GLU Q 269 -24.12 -82.69 47.24
N LYS Q 270 -23.67 -83.63 46.41
CA LYS Q 270 -24.00 -85.03 46.64
C LYS Q 270 -23.20 -85.66 47.78
N ALA Q 271 -22.03 -85.12 48.10
CA ALA Q 271 -21.16 -85.69 49.11
C ALA Q 271 -21.38 -85.08 50.49
N GLU Q 272 -22.35 -84.19 50.65
CA GLU Q 272 -22.61 -83.56 51.93
C GLU Q 272 -23.22 -84.51 52.96
N ALA Q 273 -23.66 -85.68 52.54
CA ALA Q 273 -24.25 -86.65 53.46
C ALA Q 273 -23.18 -87.43 54.21
N SER R 2 -28.51 -20.46 38.02
CA SER R 2 -28.25 -21.79 38.55
C SER R 2 -28.61 -21.89 40.03
N TYR R 3 -28.65 -23.11 40.53
CA TYR R 3 -28.99 -23.35 41.94
C TYR R 3 -27.91 -22.78 42.85
N ASP R 4 -28.26 -21.74 43.60
CA ASP R 4 -27.33 -21.11 44.54
C ASP R 4 -28.02 -20.82 45.86
N ARG R 5 -28.90 -21.71 46.29
CA ARG R 5 -29.59 -21.53 47.56
C ARG R 5 -28.60 -21.62 48.71
N ALA R 6 -28.82 -20.80 49.74
CA ALA R 6 -27.97 -20.82 50.92
C ALA R 6 -28.17 -22.14 51.66
N ILE R 7 -27.12 -22.95 51.72
CA ILE R 7 -27.16 -24.25 52.38
C ILE R 7 -26.57 -24.18 53.79
N THR R 8 -25.41 -23.55 53.93
CA THR R 8 -24.79 -23.35 55.23
C THR R 8 -25.29 -22.02 55.80
N VAL R 9 -26.12 -22.09 56.83
CA VAL R 9 -26.72 -20.91 57.44
C VAL R 9 -26.54 -21.00 58.95
N PHE R 10 -26.62 -19.83 59.59
CA PHE R 10 -26.47 -19.76 61.04
C PHE R 10 -27.73 -20.24 61.74
N SER R 11 -27.54 -20.74 62.96
CA SER R 11 -28.61 -21.24 63.81
C SER R 11 -28.83 -20.29 64.98
N PRO R 12 -30.00 -20.33 65.62
CA PRO R 12 -30.30 -19.38 66.70
C PRO R 12 -29.34 -19.44 67.89
N ASP R 13 -28.44 -20.41 67.91
CA ASP R 13 -27.40 -20.49 68.95
C ASP R 13 -26.02 -20.16 68.41
N GLY R 14 -25.92 -19.56 67.23
CA GLY R 14 -24.63 -19.18 66.68
C GLY R 14 -23.82 -20.32 66.10
N HIS R 15 -24.47 -21.42 65.72
CA HIS R 15 -23.79 -22.58 65.17
C HIS R 15 -24.14 -22.75 63.70
N LEU R 16 -23.18 -23.23 62.93
CA LEU R 16 -23.40 -23.61 61.54
C LEU R 16 -23.65 -25.11 61.51
N PHE R 17 -24.92 -25.50 61.34
CA PHE R 17 -25.29 -26.91 61.44
C PHE R 17 -24.62 -27.75 60.35
N GLN R 18 -24.47 -27.21 59.15
CA GLN R 18 -23.83 -27.96 58.08
C GLN R 18 -22.38 -28.27 58.41
N VAL R 19 -21.65 -27.30 58.98
CA VAL R 19 -20.27 -27.53 59.37
C VAL R 19 -20.18 -28.58 60.47
N GLU R 20 -21.07 -28.50 61.47
CA GLU R 20 -21.06 -29.49 62.54
C GLU R 20 -21.39 -30.88 62.01
N TYR R 21 -22.30 -30.97 61.05
CA TYR R 21 -22.62 -32.28 60.48
C TYR R 21 -21.48 -32.83 59.64
N ALA R 22 -20.77 -31.96 58.92
CA ALA R 22 -19.57 -32.39 58.22
C ALA R 22 -18.51 -32.90 59.20
N GLN R 23 -18.34 -32.20 60.32
CA GLN R 23 -17.41 -32.65 61.35
C GLN R 23 -17.83 -33.99 61.93
N GLU R 24 -19.13 -34.19 62.13
CA GLU R 24 -19.62 -35.47 62.61
C GLU R 24 -19.37 -36.58 61.59
N ALA R 25 -19.50 -36.26 60.30
CA ALA R 25 -19.13 -37.22 59.27
C ALA R 25 -17.65 -37.54 59.32
N VAL R 26 -16.82 -36.55 59.68
CA VAL R 26 -15.40 -36.81 59.87
C VAL R 26 -15.18 -37.71 61.07
N LYS R 27 -15.98 -37.53 62.12
CA LYS R 27 -15.85 -38.34 63.34
C LYS R 27 -16.11 -39.82 63.08
N LYS R 28 -16.77 -40.17 61.98
CA LYS R 28 -17.05 -41.55 61.63
C LYS R 28 -16.05 -42.12 60.64
N GLY R 29 -15.01 -41.36 60.28
CA GLY R 29 -14.03 -41.80 59.33
C GLY R 29 -12.89 -42.59 59.98
N LEU R 30 -12.05 -43.15 59.12
CA LEU R 30 -10.91 -43.93 59.60
C LEU R 30 -9.90 -43.02 60.28
N ALA R 31 -9.31 -43.52 61.36
CA ALA R 31 -8.36 -42.73 62.13
C ALA R 31 -7.07 -42.50 61.35
N ALA R 32 -6.39 -41.40 61.68
CA ALA R 32 -5.11 -41.07 61.07
C ALA R 32 -4.31 -40.24 62.05
N VAL R 33 -3.00 -40.47 62.10
CA VAL R 33 -2.12 -39.75 63.02
C VAL R 33 -0.90 -39.25 62.26
N GLY R 34 -0.45 -38.07 62.66
CA GLY R 34 0.79 -37.52 62.15
C GLY R 34 1.71 -37.13 63.28
N VAL R 35 2.98 -37.49 63.13
CA VAL R 35 4.01 -37.26 64.14
C VAL R 35 5.17 -36.51 63.51
N LEU R 36 5.64 -35.47 64.19
CA LEU R 36 6.75 -34.65 63.73
C LEU R 36 8.00 -35.00 64.52
N GLY R 37 9.10 -35.26 63.80
CA GLY R 37 10.36 -35.61 64.41
C GLY R 37 11.47 -34.63 64.07
N SER R 38 12.69 -35.02 64.45
CA SER R 38 13.84 -34.16 64.17
C SER R 38 14.08 -34.00 62.67
N ASP R 39 13.97 -35.10 61.92
CA ASP R 39 14.21 -35.05 60.48
C ASP R 39 13.24 -35.91 59.69
N SER R 40 12.08 -36.24 60.25
CA SER R 40 11.13 -37.08 59.56
C SER R 40 9.72 -36.77 60.05
N VAL R 41 8.75 -36.94 59.16
CA VAL R 41 7.33 -36.80 59.48
C VAL R 41 6.65 -38.12 59.18
N VAL R 42 5.96 -38.68 60.17
CA VAL R 42 5.35 -39.99 60.06
C VAL R 42 3.84 -39.83 59.97
N ILE R 43 3.24 -40.44 58.96
CA ILE R 43 1.79 -40.42 58.77
C ILE R 43 1.28 -41.86 58.78
N ALA R 44 0.34 -42.15 59.66
CA ALA R 44 -0.25 -43.48 59.75
C ALA R 44 -1.76 -43.37 59.59
N VAL R 45 -2.34 -44.30 58.82
CA VAL R 45 -3.77 -44.32 58.55
C VAL R 45 -4.30 -45.73 58.82
N GLU R 46 -5.62 -45.80 59.01
CA GLU R 46 -6.27 -46.98 59.56
C GLU R 46 -6.30 -48.15 58.59
N LYS R 47 -6.33 -47.90 57.28
CA LYS R 47 -6.23 -48.97 56.28
C LYS R 47 -7.26 -50.08 56.56
N LYS R 48 -8.52 -49.71 56.35
CA LYS R 48 -9.69 -50.32 56.98
C LYS R 48 -9.56 -51.81 57.28
N SER R 49 -9.26 -52.63 56.26
CA SER R 49 -9.12 -54.06 56.47
C SER R 49 -8.59 -54.78 55.24
N ALA R 50 -8.32 -56.08 55.39
CA ALA R 50 -8.02 -56.96 54.27
C ALA R 50 -9.25 -57.83 54.04
N VAL R 51 -10.01 -57.51 52.98
CA VAL R 51 -11.29 -58.16 52.74
C VAL R 51 -11.13 -59.52 52.07
N LYS R 52 -9.93 -59.84 51.57
CA LYS R 52 -9.63 -61.06 50.82
C LYS R 52 -10.24 -60.96 49.43
N LEU R 53 -11.02 -59.91 49.20
CA LEU R 53 -11.59 -59.63 47.89
C LEU R 53 -10.99 -58.41 47.22
N GLN R 54 -10.22 -57.60 47.94
CA GLN R 54 -9.54 -56.47 47.33
C GLN R 54 -8.44 -56.95 46.40
N ASP R 55 -8.02 -56.07 45.50
CA ASP R 55 -6.98 -56.40 44.55
C ASP R 55 -5.66 -56.67 45.27
N SER R 56 -4.91 -57.65 44.75
CA SER R 56 -3.60 -57.95 45.33
C SER R 56 -2.65 -56.78 45.20
N ARG R 57 -2.76 -56.00 44.12
CA ARG R 57 -1.98 -54.78 43.98
C ARG R 57 -2.27 -53.83 45.14
N THR R 58 -1.20 -53.25 45.70
CA THR R 58 -1.35 -52.34 46.81
C THR R 58 -1.76 -50.95 46.32
N ILE R 59 -2.66 -50.32 47.08
CA ILE R 59 -3.07 -48.94 46.83
C ILE R 59 -2.86 -48.16 48.13
N ARG R 60 -2.29 -46.97 48.01
CA ARG R 60 -1.92 -46.19 49.19
C ARG R 60 -3.10 -45.33 49.64
N LYS R 61 -3.33 -45.34 50.95
CA LYS R 61 -4.31 -44.46 51.57
C LYS R 61 -3.72 -43.12 51.97
N ILE R 62 -2.41 -42.94 51.81
CA ILE R 62 -1.76 -41.65 51.97
C ILE R 62 -1.39 -41.16 50.57
N TYR R 63 -1.80 -39.95 50.25
CA TYR R 63 -1.79 -39.47 48.87
C TYR R 63 -0.69 -38.43 48.66
N LYS R 64 0.02 -38.56 47.55
CA LYS R 64 1.12 -37.69 47.20
C LYS R 64 0.57 -36.47 46.47
N VAL R 65 0.36 -35.39 47.21
CA VAL R 65 -0.09 -34.15 46.58
C VAL R 65 1.02 -33.54 45.75
N ASP R 66 2.25 -33.59 46.24
CA ASP R 66 3.40 -33.09 45.51
C ASP R 66 4.62 -33.87 45.97
N ALA R 67 5.72 -33.70 45.22
CA ALA R 67 6.93 -34.48 45.47
C ALA R 67 7.41 -34.35 46.91
N ASN R 68 7.15 -33.21 47.54
CA ASN R 68 7.52 -32.99 48.93
C ASN R 68 6.35 -33.04 49.90
N ILE R 69 5.10 -33.04 49.41
CA ILE R 69 3.94 -32.85 50.26
C ILE R 69 3.03 -34.07 50.13
N TYR R 70 2.68 -34.67 51.27
CA TYR R 70 1.80 -35.83 51.32
C TYR R 70 0.61 -35.53 52.22
N LEU R 71 -0.49 -36.23 51.95
CA LEU R 71 -1.77 -35.94 52.60
C LEU R 71 -2.45 -37.24 53.03
N ALA R 72 -3.16 -37.16 54.16
CA ALA R 72 -4.06 -38.21 54.61
C ALA R 72 -5.37 -37.56 55.02
N PHE R 73 -6.46 -38.32 54.97
CA PHE R 73 -7.78 -37.74 55.22
C PHE R 73 -8.61 -38.66 56.11
N ALA R 74 -9.63 -38.05 56.71
CA ALA R 74 -10.68 -38.75 57.43
C ALA R 74 -12.01 -38.13 57.03
N GLY R 75 -12.97 -38.98 56.66
CA GLY R 75 -14.27 -38.51 56.24
C GLY R 75 -14.77 -39.19 54.98
N LEU R 76 -15.38 -38.40 54.08
CA LEU R 76 -15.90 -38.93 52.83
C LEU R 76 -14.78 -39.06 51.81
N SER R 77 -14.70 -40.25 51.19
CA SER R 77 -13.58 -40.53 50.30
C SER R 77 -13.64 -39.72 49.02
N ALA R 78 -14.84 -39.53 48.47
CA ALA R 78 -14.96 -38.84 47.18
C ALA R 78 -14.68 -37.35 47.32
N ASP R 79 -15.20 -36.73 48.39
CA ASP R 79 -14.87 -35.33 48.66
C ASP R 79 -13.38 -35.17 48.91
N ALA R 80 -12.77 -36.15 49.61
CA ALA R 80 -11.34 -36.11 49.83
C ALA R 80 -10.57 -36.19 48.51
N ARG R 81 -11.02 -37.04 47.59
CA ARG R 81 -10.36 -37.14 46.29
C ARG R 81 -10.48 -35.83 45.52
N VAL R 82 -11.65 -35.19 45.57
CA VAL R 82 -11.81 -33.89 44.91
C VAL R 82 -10.86 -32.87 45.52
N LEU R 83 -10.77 -32.84 46.85
CA LEU R 83 -9.87 -31.91 47.52
C LEU R 83 -8.42 -32.17 47.17
N ILE R 84 -8.03 -33.44 47.10
CA ILE R 84 -6.65 -33.79 46.76
C ILE R 84 -6.33 -33.39 45.32
N ASN R 85 -7.28 -33.58 44.40
CA ASN R 85 -7.08 -33.14 43.03
C ASN R 85 -6.91 -31.63 42.97
N LYS R 86 -7.73 -30.90 43.73
CA LYS R 86 -7.58 -29.45 43.77
C LYS R 86 -6.21 -29.06 44.31
N ALA R 87 -5.74 -29.74 45.36
CA ALA R 87 -4.44 -29.43 45.94
C ALA R 87 -3.31 -29.70 44.95
N GLN R 88 -3.40 -30.81 44.22
CA GLN R 88 -2.37 -31.13 43.23
C GLN R 88 -2.36 -30.11 42.11
N LEU R 89 -3.54 -29.72 41.63
CA LEU R 89 -3.62 -28.68 40.61
C LEU R 89 -3.05 -27.36 41.13
N GLU R 90 -3.30 -27.03 42.39
CA GLU R 90 -2.75 -25.81 42.96
C GLU R 90 -1.23 -25.87 43.05
N CYS R 91 -0.68 -27.02 43.44
CA CYS R 91 0.76 -27.17 43.50
C CYS R 91 1.38 -26.98 42.12
N GLN R 92 0.78 -27.60 41.10
CA GLN R 92 1.31 -27.45 39.75
C GLN R 92 1.19 -26.01 39.25
N ARG R 93 0.06 -25.35 39.52
CA ARG R 93 -0.09 -23.95 39.12
C ARG R 93 0.91 -23.06 39.83
N PHE R 94 1.19 -23.34 41.10
CA PHE R 94 2.19 -22.57 41.85
C PHE R 94 3.57 -22.76 41.23
N SER R 95 3.95 -24.01 40.97
CA SER R 95 5.26 -24.30 40.39
C SER R 95 5.36 -23.88 38.93
N LEU R 96 4.24 -23.51 38.32
CA LEU R 96 4.25 -22.96 36.97
C LEU R 96 4.19 -21.44 36.93
N ASN R 97 3.70 -20.77 37.97
CA ASN R 97 3.65 -19.32 38.01
C ASN R 97 4.82 -18.70 38.74
N TYR R 98 5.57 -19.47 39.54
CA TYR R 98 6.68 -18.93 40.31
C TYR R 98 7.97 -19.70 40.15
N GLU R 99 7.96 -20.85 39.45
CA GLU R 99 9.14 -21.68 39.19
C GLU R 99 9.66 -22.33 40.47
N ASP R 100 9.06 -21.99 41.61
CA ASP R 100 9.43 -22.57 42.89
C ASP R 100 8.36 -23.54 43.35
N THR R 101 8.80 -24.56 44.09
CA THR R 101 7.86 -25.53 44.64
C THR R 101 7.08 -24.91 45.79
N MET R 102 5.81 -25.27 45.88
CA MET R 102 4.94 -24.75 46.93
C MET R 102 5.41 -25.25 48.30
N ASP R 103 5.47 -24.33 49.26
CA ASP R 103 5.75 -24.73 50.62
C ASP R 103 4.56 -25.48 51.22
N VAL R 104 4.82 -26.24 52.27
CA VAL R 104 3.76 -27.02 52.91
C VAL R 104 2.69 -26.09 53.46
N ASP R 105 3.10 -25.00 54.10
CA ASP R 105 2.12 -24.08 54.70
C ASP R 105 1.30 -23.37 53.63
N MET R 106 1.88 -23.07 52.47
CA MET R 106 1.12 -22.43 51.40
C MET R 106 0.00 -23.34 50.91
N LEU R 107 0.33 -24.61 50.66
CA LEU R 107 -0.67 -25.58 50.23
C LEU R 107 -1.72 -25.80 51.31
N VAL R 108 -1.30 -25.88 52.57
CA VAL R 108 -2.26 -26.06 53.66
C VAL R 108 -3.22 -24.88 53.72
N ARG R 109 -2.71 -23.67 53.55
CA ARG R 109 -3.57 -22.50 53.53
C ARG R 109 -4.55 -22.55 52.36
N TYR R 110 -4.07 -22.99 51.19
CA TYR R 110 -4.96 -23.11 50.04
C TYR R 110 -6.08 -24.10 50.31
N VAL R 111 -5.74 -25.27 50.87
CA VAL R 111 -6.75 -26.29 51.16
C VAL R 111 -7.75 -25.79 52.19
N ALA R 112 -7.24 -25.13 53.25
CA ALA R 112 -8.14 -24.57 54.26
C ALA R 112 -9.05 -23.52 53.67
N GLY R 113 -8.53 -22.70 52.75
CA GLY R 113 -9.37 -21.72 52.09
C GLY R 113 -10.45 -22.35 51.23
N VAL R 114 -10.11 -23.43 50.52
CA VAL R 114 -11.10 -24.14 49.72
C VAL R 114 -12.19 -24.70 50.62
N GLN R 115 -11.80 -25.31 51.74
CA GLN R 115 -12.78 -25.84 52.68
C GLN R 115 -13.66 -24.74 53.25
N GLN R 116 -13.07 -23.58 53.55
CA GLN R 116 -13.85 -22.46 54.05
C GLN R 116 -14.85 -21.97 53.01
N LYS R 117 -14.42 -21.82 51.76
CA LYS R 117 -15.33 -21.39 50.71
C LYS R 117 -16.44 -22.41 50.51
N SER R 118 -16.17 -23.69 50.77
CA SER R 118 -17.23 -24.69 50.69
C SER R 118 -18.32 -24.46 51.73
N THR R 119 -18.02 -23.72 52.80
CA THR R 119 -18.99 -23.45 53.85
C THR R 119 -19.67 -22.09 53.69
N GLN R 120 -19.37 -21.36 52.61
CA GLN R 120 -19.99 -20.05 52.42
C GLN R 120 -20.44 -19.83 50.97
N SER R 121 -20.52 -20.90 50.18
CA SER R 121 -20.95 -20.80 48.79
C SER R 121 -22.37 -21.33 48.66
N GLY R 122 -23.24 -20.54 48.02
CA GLY R 122 -24.62 -20.94 47.86
C GLY R 122 -24.77 -22.11 46.91
N GLY R 123 -25.68 -23.01 47.25
CA GLY R 123 -25.93 -24.17 46.41
C GLY R 123 -24.96 -25.31 46.59
N SER R 124 -24.14 -25.29 47.63
CA SER R 124 -23.15 -26.33 47.86
C SER R 124 -23.00 -26.60 49.34
N ARG R 125 -22.88 -27.87 49.69
CA ARG R 125 -22.63 -28.28 51.06
C ARG R 125 -21.12 -28.32 51.33
N PRO R 126 -20.72 -28.19 52.60
CA PRO R 126 -19.29 -28.22 52.91
C PRO R 126 -18.69 -29.61 52.68
N PHE R 127 -17.37 -29.61 52.50
CA PHE R 127 -16.63 -30.87 52.41
C PHE R 127 -16.66 -31.57 53.77
N GLY R 128 -16.96 -32.87 53.75
CA GLY R 128 -16.92 -33.66 54.97
C GLY R 128 -15.58 -34.36 55.16
N VAL R 129 -14.49 -33.62 55.04
CA VAL R 129 -13.15 -34.16 55.07
C VAL R 129 -12.29 -33.36 56.03
N ALA R 130 -11.52 -34.06 56.85
CA ALA R 130 -10.44 -33.47 57.62
C ALA R 130 -9.13 -34.05 57.11
N THR R 131 -8.08 -33.25 57.07
CA THR R 131 -6.83 -33.67 56.46
C THR R 131 -5.66 -33.47 57.41
N VAL R 132 -4.67 -34.35 57.27
CA VAL R 132 -3.37 -34.22 57.90
C VAL R 132 -2.34 -34.14 56.77
N ILE R 133 -1.61 -33.04 56.71
CA ILE R 133 -0.71 -32.75 55.60
C ILE R 133 0.70 -32.64 56.14
N GLY R 134 1.61 -33.44 55.58
CA GLY R 134 2.99 -33.41 56.02
C GLY R 134 3.94 -33.14 54.87
N GLY R 135 5.13 -32.65 55.18
CA GLY R 135 6.10 -32.45 54.12
C GLY R 135 7.35 -31.73 54.62
N PHE R 136 8.20 -31.39 53.65
CA PHE R 136 9.43 -30.66 53.86
C PHE R 136 9.52 -29.51 52.87
N ASN R 137 9.94 -28.34 53.35
CA ASN R 137 10.26 -27.26 52.44
C ASN R 137 11.62 -27.50 51.80
N GLU R 138 11.98 -26.63 50.85
CA GLU R 138 13.24 -26.78 50.14
C GLU R 138 14.45 -26.43 50.98
N ASP R 139 14.26 -26.10 52.26
CA ASP R 139 15.34 -25.76 53.18
C ASP R 139 15.19 -26.58 54.47
N GLY R 140 14.96 -27.88 54.31
CA GLY R 140 14.66 -28.73 55.45
C GLY R 140 13.30 -28.40 56.01
N LYS R 141 13.24 -28.04 57.29
CA LYS R 141 12.03 -27.53 57.92
C LYS R 141 10.84 -28.48 57.75
N PRO R 142 10.80 -29.61 58.46
CA PRO R 142 9.63 -30.47 58.39
C PRO R 142 8.38 -29.74 58.88
N HIS R 143 7.24 -30.08 58.28
CA HIS R 143 6.00 -29.39 58.57
C HIS R 143 4.86 -30.41 58.63
N LEU R 144 3.99 -30.23 59.63
CA LEU R 144 2.81 -31.06 59.83
C LEU R 144 1.64 -30.15 60.17
N TRP R 145 0.54 -30.28 59.43
CA TRP R 145 -0.62 -29.41 59.58
C TRP R 145 -1.88 -30.25 59.57
N LYS R 146 -2.95 -29.67 60.11
CA LYS R 146 -4.26 -30.31 60.13
C LYS R 146 -5.33 -29.31 59.72
N THR R 147 -6.27 -29.77 58.90
CA THR R 147 -7.41 -28.97 58.48
C THR R 147 -8.71 -29.67 58.86
N ASP R 148 -9.73 -28.88 59.16
CA ASP R 148 -11.03 -29.39 59.55
C ASP R 148 -12.07 -28.94 58.52
N PRO R 149 -13.28 -29.51 58.53
CA PRO R 149 -14.29 -29.10 57.55
C PRO R 149 -14.64 -27.62 57.59
N SER R 150 -14.47 -26.96 58.74
CA SER R 150 -14.75 -25.54 58.83
C SER R 150 -13.72 -24.67 58.11
N GLY R 151 -12.60 -25.24 57.69
CA GLY R 151 -11.56 -24.49 57.03
C GLY R 151 -10.48 -23.94 57.94
N MET R 152 -10.40 -24.42 59.18
CA MET R 152 -9.37 -23.98 60.12
C MET R 152 -8.14 -24.87 59.96
N CYS R 153 -6.97 -24.23 59.80
CA CYS R 153 -5.71 -24.94 59.67
C CYS R 153 -4.78 -24.58 60.82
N SER R 154 -4.08 -25.59 61.32
CA SER R 154 -3.15 -25.39 62.43
C SER R 154 -2.02 -26.40 62.31
N ALA R 155 -0.81 -25.97 62.66
CA ALA R 155 0.36 -26.84 62.65
C ALA R 155 0.51 -27.52 63.99
N TRP R 156 0.83 -28.81 63.96
CA TRP R 156 0.93 -29.63 65.16
C TRP R 156 2.31 -30.27 65.22
N ARG R 157 2.70 -30.68 66.43
CA ARG R 157 3.82 -31.60 66.61
C ARG R 157 3.38 -33.05 66.58
N ALA R 158 2.14 -33.32 66.99
CA ALA R 158 1.51 -34.63 66.86
C ALA R 158 0.01 -34.40 66.80
N VAL R 159 -0.62 -34.91 65.74
CA VAL R 159 -2.04 -34.65 65.50
C VAL R 159 -2.75 -35.95 65.16
N ALA R 160 -4.05 -35.98 65.47
CA ALA R 160 -4.89 -37.13 65.15
C ALA R 160 -6.22 -36.63 64.58
N ILE R 161 -6.71 -37.32 63.56
CA ILE R 161 -8.02 -37.05 62.97
C ILE R 161 -8.76 -38.36 62.83
N GLY R 162 -10.07 -38.26 62.64
CA GLY R 162 -10.92 -39.41 62.47
C GLY R 162 -11.67 -39.78 63.72
N ARG R 163 -12.06 -41.06 63.79
CA ARG R 163 -12.77 -41.56 64.94
C ARG R 163 -11.87 -41.61 66.17
N HIS R 164 -12.43 -41.19 67.31
CA HIS R 164 -11.72 -41.20 68.60
C HIS R 164 -10.43 -40.39 68.55
N ASP R 165 -10.40 -39.33 67.73
CA ASP R 165 -9.18 -38.55 67.58
C ASP R 165 -8.84 -37.79 68.86
N GLN R 166 -9.85 -37.35 69.61
CA GLN R 166 -9.59 -36.63 70.85
C GLN R 166 -8.89 -37.51 71.87
N THR R 167 -9.28 -38.78 71.95
CA THR R 167 -8.62 -39.71 72.87
C THR R 167 -7.16 -39.91 72.49
N VAL R 168 -6.88 -40.08 71.20
CA VAL R 168 -5.50 -40.24 70.75
C VAL R 168 -4.68 -39.00 71.07
N ILE R 169 -5.25 -37.82 70.81
CA ILE R 169 -4.53 -36.58 71.07
C ILE R 169 -4.22 -36.43 72.55
N GLU R 170 -5.22 -36.70 73.41
CA GLU R 170 -5.00 -36.59 74.84
C GLU R 170 -4.01 -37.62 75.34
N TYR R 171 -3.97 -38.80 74.71
CA TYR R 171 -3.02 -39.82 75.11
C TYR R 171 -1.59 -39.42 74.75
N MET R 172 -1.38 -38.95 73.52
CA MET R 172 -0.02 -38.62 73.10
C MET R 172 0.40 -37.22 73.51
N GLU R 173 -0.48 -36.45 74.15
CA GLU R 173 -0.04 -35.20 74.76
C GLU R 173 0.93 -35.44 75.91
N LYS R 174 0.72 -36.51 76.67
CA LYS R 174 1.52 -36.80 77.85
C LYS R 174 2.68 -37.75 77.56
N SER R 175 2.86 -38.16 76.30
CA SER R 175 3.91 -39.13 75.99
C SER R 175 4.74 -38.74 74.77
N TYR R 176 4.50 -37.60 74.15
CA TYR R 176 5.25 -37.17 72.98
C TYR R 176 6.48 -36.41 73.44
N LYS R 177 7.65 -36.81 72.94
CA LYS R 177 8.90 -36.15 73.25
C LYS R 177 9.37 -35.34 72.04
N ASP R 178 9.92 -34.16 72.31
CA ASP R 178 10.39 -33.31 71.22
C ASP R 178 11.68 -33.87 70.62
N GLY R 179 11.78 -33.76 69.30
CA GLY R 179 13.00 -34.15 68.60
C GLY R 179 13.34 -35.62 68.65
N MET R 180 12.36 -36.49 68.44
CA MET R 180 12.63 -37.92 68.39
C MET R 180 13.26 -38.30 67.04
N SER R 181 13.82 -39.51 67.00
CA SER R 181 14.49 -40.00 65.82
C SER R 181 13.49 -40.63 64.85
N ARG R 182 14.00 -41.07 63.69
CA ARG R 182 13.14 -41.69 62.70
C ARG R 182 12.49 -42.96 63.22
N ASP R 183 13.26 -43.81 63.90
CA ASP R 183 12.70 -45.06 64.40
C ASP R 183 11.73 -44.85 65.55
N GLU R 184 12.00 -43.85 66.41
CA GLU R 184 11.09 -43.57 67.52
C GLU R 184 9.75 -43.06 67.02
N CYS R 185 9.77 -42.12 66.06
CA CYS R 185 8.53 -41.57 65.53
C CYS R 185 7.66 -42.67 64.92
N VAL R 186 8.26 -43.55 64.11
CA VAL R 186 7.53 -44.68 63.57
C VAL R 186 7.00 -45.54 64.72
N HIS R 187 7.80 -45.71 65.77
CA HIS R 187 7.31 -46.41 66.95
C HIS R 187 6.23 -45.61 67.66
N PHE R 188 6.36 -44.28 67.67
CA PHE R 188 5.39 -43.46 68.39
C PHE R 188 4.05 -43.41 67.67
N ALA R 189 4.06 -43.32 66.34
CA ALA R 189 2.82 -43.23 65.59
C ALA R 189 1.98 -44.50 65.74
N ILE R 190 2.61 -45.67 65.73
CA ILE R 190 1.88 -46.92 65.82
C ILE R 190 1.22 -47.06 67.18
N LYS R 191 1.98 -46.83 68.25
CA LYS R 191 1.42 -46.95 69.59
C LYS R 191 0.34 -45.92 69.86
N SER R 192 0.40 -44.76 69.20
CA SER R 192 -0.71 -43.82 69.24
C SER R 192 -1.88 -44.31 68.39
N LEU R 193 -1.60 -44.95 67.25
CA LEU R 193 -2.67 -45.42 66.38
C LEU R 193 -3.36 -46.65 66.94
N LEU R 194 -2.59 -47.58 67.53
CA LEU R 194 -3.16 -48.82 68.02
C LEU R 194 -4.08 -48.62 69.22
N GLU R 195 -4.09 -47.43 69.83
CA GLU R 195 -4.97 -47.17 70.95
C GLU R 195 -6.44 -47.20 70.55
N VAL R 196 -6.76 -46.93 69.28
CA VAL R 196 -8.14 -46.92 68.82
C VAL R 196 -8.42 -47.91 67.70
N VAL R 197 -7.40 -48.48 67.05
CA VAL R 197 -7.60 -49.51 66.03
C VAL R 197 -7.31 -50.85 66.67
N GLU R 198 -7.93 -51.91 66.16
CA GLU R 198 -7.73 -53.23 66.70
C GLU R 198 -6.30 -53.71 66.47
N SER R 199 -5.85 -54.61 67.34
CA SER R 199 -4.47 -55.08 67.35
C SER R 199 -4.11 -55.84 66.08
N GLY R 200 -5.07 -56.03 65.18
CA GLY R 200 -4.80 -56.63 63.89
C GLY R 200 -3.72 -55.88 63.14
N SER R 201 -2.60 -56.54 62.89
CA SER R 201 -1.43 -55.89 62.33
C SER R 201 -1.56 -55.60 60.84
N ARG R 202 -2.62 -56.08 60.18
CA ARG R 202 -2.83 -55.88 58.75
C ARG R 202 -3.76 -54.70 58.48
N ASN R 203 -3.93 -53.81 59.45
CA ASN R 203 -4.80 -52.64 59.33
C ASN R 203 -4.07 -51.37 59.78
N ILE R 204 -2.83 -51.22 59.34
CA ILE R 204 -2.07 -49.99 59.50
C ILE R 204 -1.33 -49.69 58.20
N GLU R 205 -1.41 -48.44 57.74
CA GLU R 205 -0.64 -48.00 56.58
C GLU R 205 0.17 -46.79 57.00
N LEU R 206 1.50 -46.94 57.06
CA LEU R 206 2.37 -45.92 57.62
C LEU R 206 3.43 -45.51 56.60
N LEU R 207 3.72 -44.21 56.54
CA LEU R 207 4.66 -43.65 55.60
C LEU R 207 5.55 -42.63 56.30
N VAL R 208 6.85 -42.66 55.99
CA VAL R 208 7.82 -41.75 56.57
C VAL R 208 8.30 -40.78 55.51
N LEU R 209 8.36 -39.49 55.86
CA LEU R 209 8.82 -38.44 54.98
C LEU R 209 10.13 -37.89 55.54
N GLN R 210 11.18 -37.95 54.72
CA GLN R 210 12.44 -37.28 54.99
C GLN R 210 12.77 -36.38 53.81
N TYR R 211 13.78 -35.53 53.99
CA TYR R 211 14.17 -34.57 52.97
C TYR R 211 14.46 -35.27 51.64
N LYS R 212 13.61 -35.01 50.63
CA LYS R 212 13.76 -35.54 49.29
C LYS R 212 13.70 -37.07 49.28
N GLU R 213 13.02 -37.68 50.26
CA GLU R 213 12.92 -39.13 50.33
C GLU R 213 11.71 -39.51 51.16
N ALA R 214 10.70 -40.11 50.51
CA ALA R 214 9.53 -40.65 51.18
C ALA R 214 9.36 -42.10 50.78
N ARG R 215 9.33 -43.00 51.77
CA ARG R 215 9.26 -44.42 51.50
C ARG R 215 8.22 -45.06 52.42
N TYR R 216 7.32 -45.84 51.83
CA TYR R 216 6.36 -46.61 52.62
C TYR R 216 7.02 -47.85 53.20
N LEU R 217 6.69 -48.13 54.47
CA LEU R 217 7.22 -49.32 55.11
C LEU R 217 6.60 -50.58 54.52
N THR R 218 7.43 -51.61 54.38
CA THR R 218 6.95 -52.92 53.96
C THR R 218 6.15 -53.57 55.07
N GLU R 219 5.45 -54.65 54.73
CA GLU R 219 4.62 -55.33 55.72
C GLU R 219 5.46 -55.94 56.84
N GLU R 220 6.60 -56.54 56.50
CA GLU R 220 7.46 -57.14 57.52
C GLU R 220 8.07 -56.08 58.42
N GLU R 221 8.50 -54.95 57.84
CA GLU R 221 9.04 -53.87 58.66
C GLU R 221 7.97 -53.28 59.56
N LEU R 222 6.71 -53.31 59.12
CA LEU R 222 5.62 -52.87 60.00
C LEU R 222 5.36 -53.89 61.10
N GLN R 223 5.47 -55.18 60.79
CA GLN R 223 5.28 -56.21 61.81
C GLN R 223 6.32 -56.08 62.90
N LYS R 224 7.57 -55.83 62.51
CA LYS R 224 8.65 -55.67 63.48
C LYS R 224 8.35 -54.55 64.47
N PHE R 225 7.77 -53.45 64.01
CA PHE R 225 7.44 -52.35 64.89
C PHE R 225 6.19 -52.63 65.73
N VAL R 226 5.18 -53.27 65.12
CA VAL R 226 3.92 -53.44 65.85
C VAL R 226 4.07 -54.50 66.95
N VAL R 227 4.91 -55.51 66.76
CA VAL R 227 5.13 -56.46 67.85
C VAL R 227 5.81 -55.77 69.03
N GLU R 228 6.78 -54.90 68.74
CA GLU R 228 7.43 -54.13 69.80
C GLU R 228 6.41 -53.25 70.51
N VAL R 229 5.53 -52.59 69.75
CA VAL R 229 4.53 -51.71 70.35
C VAL R 229 3.58 -52.49 71.24
N GLU R 230 3.07 -53.64 70.76
CA GLU R 230 2.11 -54.38 71.57
C GLU R 230 2.76 -54.96 72.82
N LYS R 231 4.01 -55.48 72.70
CA LYS R 231 4.64 -55.99 73.90
C LYS R 231 4.91 -54.87 74.89
N GLU R 232 5.35 -53.70 74.41
CA GLU R 232 5.59 -52.57 75.30
C GLU R 232 4.31 -52.15 76.02
N ARG R 233 3.19 -52.15 75.30
CA ARG R 233 1.92 -51.92 75.98
C ARG R 233 1.64 -53.00 77.03
N GLU R 234 2.07 -54.23 76.76
CA GLU R 234 1.89 -55.29 77.75
C GLU R 234 2.67 -55.02 79.03
N GLU R 235 3.94 -54.60 78.92
CA GLU R 235 4.66 -54.28 80.16
C GLU R 235 4.08 -53.03 80.82
N GLU R 236 3.57 -52.07 80.02
CA GLU R 236 2.94 -50.91 80.65
C GLU R 236 1.71 -51.32 81.45
N ALA R 237 0.87 -52.19 80.90
CA ALA R 237 -0.30 -52.68 81.62
C ALA R 237 0.10 -53.46 82.87
N ALA R 238 1.14 -54.29 82.75
CA ALA R 238 1.64 -55.03 83.92
C ALA R 238 2.18 -54.10 84.99
N ALA R 239 2.89 -53.05 84.60
CA ALA R 239 3.40 -52.07 85.55
C ALA R 239 2.27 -51.32 86.24
N LYS R 240 1.21 -50.96 85.52
CA LYS R 240 0.04 -50.40 86.17
C LYS R 240 -0.54 -51.39 87.18
N LYS R 241 -1.03 -52.53 86.69
CA LYS R 241 -1.50 -53.62 87.55
C LYS R 241 -1.30 -54.97 86.86
N GLU S 107 -31.88 -24.28 60.21
CA GLU S 107 -33.26 -24.42 59.77
C GLU S 107 -33.51 -23.51 58.57
N TYR S 108 -34.30 -24.00 57.61
CA TYR S 108 -34.53 -23.29 56.35
C TYR S 108 -35.98 -22.82 56.20
N ASP S 109 -36.72 -22.75 57.31
CA ASP S 109 -38.09 -22.26 57.25
C ASP S 109 -38.13 -20.80 56.78
N ARG S 110 -37.19 -19.99 57.28
CA ARG S 110 -37.16 -18.58 57.00
C ARG S 110 -35.89 -18.20 56.25
N GLY S 111 -35.99 -17.20 55.39
CA GLY S 111 -34.90 -16.81 54.54
C GLY S 111 -33.80 -16.09 55.30
N VAL S 112 -32.68 -15.90 54.61
CA VAL S 112 -31.52 -15.25 55.22
C VAL S 112 -31.63 -13.73 55.19
N ASN S 113 -32.54 -13.16 54.40
CA ASN S 113 -32.74 -11.72 54.32
C ASN S 113 -33.97 -11.27 55.13
N THR S 114 -34.55 -12.16 55.92
CA THR S 114 -35.77 -11.85 56.64
C THR S 114 -35.49 -10.94 57.83
N PHE S 115 -36.48 -10.12 58.18
CA PHE S 115 -36.41 -9.23 59.33
C PHE S 115 -37.15 -9.83 60.51
N SER S 116 -36.61 -9.62 61.70
CA SER S 116 -37.32 -9.97 62.91
C SER S 116 -38.47 -8.97 63.14
N PRO S 117 -39.51 -9.36 63.87
CA PRO S 117 -40.56 -8.40 64.23
C PRO S 117 -40.03 -7.20 65.00
N GLU S 118 -38.88 -7.32 65.64
CA GLU S 118 -38.21 -6.20 66.28
C GLU S 118 -37.36 -5.40 65.30
N GLY S 119 -37.23 -5.86 64.05
CA GLY S 119 -36.50 -5.15 63.03
C GLY S 119 -35.09 -5.63 62.76
N ARG S 120 -34.63 -6.67 63.44
CA ARG S 120 -33.27 -7.16 63.29
C ARG S 120 -33.22 -8.30 62.29
N ILE S 121 -32.13 -8.37 61.54
CA ILE S 121 -31.93 -9.46 60.59
C ILE S 121 -31.51 -10.71 61.37
N PHE S 122 -32.23 -11.81 61.12
CA PHE S 122 -32.03 -13.01 61.93
C PHE S 122 -30.64 -13.59 61.75
N GLN S 123 -30.14 -13.64 60.51
CA GLN S 123 -28.81 -14.20 60.27
C GLN S 123 -27.72 -13.36 60.92
N ILE S 124 -27.86 -12.02 60.86
CA ILE S 124 -26.87 -11.15 61.48
C ILE S 124 -26.87 -11.31 62.99
N GLU S 125 -28.06 -11.41 63.61
CA GLU S 125 -28.12 -11.60 65.05
C GLU S 125 -27.58 -12.97 65.45
N TYR S 126 -27.80 -14.00 64.62
CA TYR S 126 -27.26 -15.31 64.92
C TYR S 126 -25.75 -15.34 64.78
N ALA S 127 -25.20 -14.59 63.81
CA ALA S 127 -23.75 -14.51 63.67
C ALA S 127 -23.10 -13.73 64.80
N VAL S 128 -23.84 -12.82 65.44
CA VAL S 128 -23.31 -12.08 66.58
C VAL S 128 -23.10 -13.03 67.76
N GLU S 129 -24.05 -13.96 67.97
CA GLU S 129 -23.92 -14.93 69.05
C GLU S 129 -22.75 -15.89 68.84
N ALA S 130 -22.28 -16.03 67.59
CA ALA S 130 -21.10 -16.83 67.34
C ALA S 130 -19.83 -16.13 67.83
N ILE S 131 -19.84 -14.80 67.85
CA ILE S 131 -18.69 -14.05 68.35
C ILE S 131 -18.49 -14.32 69.84
N LYS S 132 -19.59 -14.33 70.60
CA LYS S 132 -19.51 -14.57 72.03
C LYS S 132 -18.99 -15.97 72.37
N LEU S 133 -19.05 -16.91 71.43
CA LEU S 133 -18.52 -18.25 71.63
C LEU S 133 -17.03 -18.35 71.29
N GLY S 134 -16.43 -17.26 70.80
CA GLY S 134 -15.03 -17.26 70.45
C GLY S 134 -14.13 -16.79 71.58
N SER S 135 -12.83 -16.74 71.28
CA SER S 135 -11.85 -16.30 72.24
C SER S 135 -11.93 -14.79 72.44
N THR S 136 -11.33 -14.32 73.53
CA THR S 136 -11.38 -12.91 73.87
C THR S 136 -10.24 -12.15 73.20
N SER S 137 -10.58 -10.99 72.63
CA SER S 137 -9.61 -10.11 71.99
C SER S 137 -9.76 -8.71 72.56
N LEU S 138 -8.64 -8.01 72.69
CA LEU S 138 -8.59 -6.70 73.31
C LEU S 138 -8.03 -5.67 72.34
N GLY S 139 -8.23 -4.40 72.70
CA GLY S 139 -7.64 -3.29 71.98
C GLY S 139 -7.66 -2.02 72.82
N ILE S 140 -6.52 -1.36 72.94
CA ILE S 140 -6.37 -0.16 73.76
C ILE S 140 -5.71 0.92 72.92
N ARG S 141 -6.30 2.11 72.89
CA ARG S 141 -5.75 3.25 72.17
C ARG S 141 -5.20 4.25 73.17
N THR S 142 -3.96 4.68 72.97
CA THR S 142 -3.27 5.62 73.83
C THR S 142 -2.46 6.55 72.95
N PRO S 143 -2.13 7.75 73.44
CA PRO S 143 -1.33 8.67 72.61
C PRO S 143 0.00 8.10 72.16
N GLU S 144 0.57 7.15 72.90
CA GLU S 144 1.82 6.53 72.50
C GLU S 144 1.64 5.40 71.49
N GLY S 145 0.43 4.90 71.31
CA GLY S 145 0.22 3.82 70.36
C GLY S 145 -1.02 3.03 70.71
N VAL S 146 -1.21 1.94 69.97
CA VAL S 146 -2.36 1.07 70.14
C VAL S 146 -1.90 -0.36 70.37
N VAL S 147 -2.54 -1.01 71.34
CA VAL S 147 -2.16 -2.34 71.79
C VAL S 147 -3.30 -3.32 71.49
N LEU S 148 -2.95 -4.45 70.88
CA LEU S 148 -3.89 -5.53 70.64
C LEU S 148 -3.47 -6.74 71.47
N ALA S 149 -4.44 -7.35 72.16
CA ALA S 149 -4.19 -8.55 72.95
C ALA S 149 -5.24 -9.58 72.61
N ALA S 150 -4.85 -10.85 72.67
CA ALA S 150 -5.76 -11.91 72.29
C ALA S 150 -5.44 -13.18 73.08
N GLU S 151 -6.50 -13.92 73.41
CA GLU S 151 -6.36 -15.23 74.04
C GLU S 151 -6.25 -16.31 72.97
N LYS S 152 -5.19 -17.11 73.04
CA LYS S 152 -4.94 -18.09 72.00
C LYS S 152 -5.93 -19.25 72.04
N ARG S 153 -6.16 -19.81 73.23
CA ARG S 153 -7.04 -20.97 73.42
C ARG S 153 -6.69 -22.08 72.42
N VAL S 154 -5.48 -22.60 72.53
CA VAL S 154 -5.06 -23.71 71.68
C VAL S 154 -5.84 -24.96 72.05
N PRO S 155 -6.23 -25.80 71.09
CA PRO S 155 -6.97 -27.02 71.44
C PRO S 155 -6.13 -28.06 72.16
N SER S 156 -4.81 -28.00 72.06
CA SER S 156 -3.95 -28.99 72.67
C SER S 156 -2.56 -28.41 72.86
N THR S 157 -1.78 -29.05 73.74
CA THR S 157 -0.40 -28.63 73.97
C THR S 157 0.52 -29.04 72.83
N LEU S 158 0.07 -29.91 71.94
CA LEU S 158 0.85 -30.31 70.77
C LEU S 158 0.76 -29.33 69.63
N VAL S 159 -0.15 -28.35 69.70
CA VAL S 159 -0.31 -27.37 68.64
C VAL S 159 0.84 -26.38 68.68
N VAL S 160 1.42 -26.09 67.52
CA VAL S 160 2.41 -25.02 67.40
C VAL S 160 1.67 -23.71 67.61
N PRO S 161 1.95 -22.96 68.69
CA PRO S 161 1.14 -21.77 68.98
C PRO S 161 1.23 -20.68 67.92
N SER S 162 2.29 -20.63 67.14
CA SER S 162 2.42 -19.62 66.10
C SER S 162 1.54 -19.90 64.88
N SER S 163 1.01 -21.11 64.75
CA SER S 163 0.16 -21.46 63.62
C SER S 163 -1.30 -21.05 63.82
N MET S 164 -1.64 -20.51 64.99
CA MET S 164 -2.99 -20.03 65.29
C MET S 164 -2.94 -18.58 65.70
N SER S 165 -2.20 -17.78 64.94
CA SER S 165 -2.02 -16.36 65.24
C SER S 165 -3.35 -15.63 65.25
N LYS S 166 -3.76 -15.15 66.43
CA LYS S 166 -4.99 -14.37 66.55
C LYS S 166 -4.80 -12.93 66.11
N ILE S 167 -3.56 -12.48 65.95
CA ILE S 167 -3.26 -11.14 65.48
C ILE S 167 -2.53 -11.26 64.15
N MET S 168 -3.11 -10.68 63.10
CA MET S 168 -2.54 -10.73 61.77
C MET S 168 -2.18 -9.33 61.30
N GLU S 169 -1.11 -9.23 60.52
CA GLU S 169 -0.63 -7.94 60.02
C GLU S 169 -1.28 -7.64 58.68
N VAL S 170 -2.13 -6.61 58.66
CA VAL S 170 -2.68 -6.13 57.40
C VAL S 170 -1.62 -5.36 56.61
N ASP S 171 -0.88 -4.50 57.29
CA ASP S 171 0.17 -3.72 56.67
C ASP S 171 1.15 -3.33 57.77
N SER S 172 2.28 -2.75 57.36
CA SER S 172 3.34 -2.42 58.32
C SER S 172 2.88 -1.44 59.38
N HIS S 173 1.77 -0.74 59.16
CA HIS S 173 1.22 0.16 60.16
C HIS S 173 -0.16 -0.26 60.66
N ILE S 174 -0.72 -1.36 60.15
CA ILE S 174 -2.07 -1.77 60.52
C ILE S 174 -2.07 -3.25 60.87
N ALA S 175 -2.55 -3.57 62.06
CA ALA S 175 -2.75 -4.94 62.52
C ALA S 175 -4.23 -5.21 62.73
N ALA S 176 -4.59 -6.49 62.79
CA ALA S 176 -5.98 -6.87 63.00
C ALA S 176 -6.03 -8.11 63.89
N VAL S 177 -6.89 -8.07 64.89
CA VAL S 177 -7.13 -9.22 65.78
C VAL S 177 -8.59 -9.62 65.65
N MET S 178 -8.82 -10.92 65.52
CA MET S 178 -10.15 -11.45 65.26
C MET S 178 -10.66 -12.27 66.44
N SER S 179 -12.00 -12.36 66.52
CA SER S 179 -12.65 -13.24 67.47
C SER S 179 -13.83 -13.90 66.79
N GLY S 180 -14.01 -15.19 67.07
CA GLY S 180 -15.09 -15.95 66.46
C GLY S 180 -14.59 -17.10 65.62
N MET S 181 -14.93 -17.08 64.33
CA MET S 181 -14.55 -18.14 63.41
C MET S 181 -13.28 -17.73 62.67
N VAL S 182 -12.14 -18.30 63.06
CA VAL S 182 -10.87 -17.91 62.47
C VAL S 182 -10.79 -18.22 60.98
N ALA S 183 -11.51 -19.24 60.52
CA ALA S 183 -11.48 -19.58 59.10
C ALA S 183 -12.07 -18.47 58.25
N ASP S 184 -13.17 -17.87 58.68
CA ASP S 184 -13.76 -16.75 57.96
C ASP S 184 -12.93 -15.47 58.10
N ALA S 185 -12.21 -15.32 59.21
CA ALA S 185 -11.41 -14.12 59.41
C ALA S 185 -10.26 -14.03 58.42
N ARG S 186 -9.76 -15.16 57.94
CA ARG S 186 -8.69 -15.14 56.95
C ARG S 186 -9.12 -14.44 55.67
N ILE S 187 -10.36 -14.66 55.24
CA ILE S 187 -10.87 -13.99 54.05
C ILE S 187 -10.88 -12.49 54.25
N LEU S 188 -11.37 -12.03 55.40
CA LEU S 188 -11.42 -10.60 55.68
C LEU S 188 -10.03 -9.99 55.73
N VAL S 189 -9.08 -10.67 56.37
CA VAL S 189 -7.72 -10.13 56.46
C VAL S 189 -7.05 -10.11 55.10
N GLU S 190 -7.28 -11.13 54.28
CA GLU S 190 -6.73 -11.14 52.92
C GLU S 190 -7.30 -10.00 52.09
N HIS S 191 -8.61 -9.77 52.20
CA HIS S 191 -9.23 -8.65 51.49
C HIS S 191 -8.65 -7.32 51.94
N ALA S 192 -8.48 -7.16 53.26
CA ALA S 192 -7.90 -5.92 53.78
C ALA S 192 -6.48 -5.73 53.28
N ARG S 193 -5.68 -6.80 53.25
CA ARG S 193 -4.31 -6.71 52.74
C ARG S 193 -4.30 -6.30 51.27
N VAL S 194 -5.18 -6.91 50.48
CA VAL S 194 -5.24 -6.59 49.05
C VAL S 194 -5.65 -5.14 48.84
N GLU S 195 -6.64 -4.67 49.60
CA GLU S 195 -7.08 -3.29 49.45
C GLU S 195 -6.00 -2.30 49.88
N SER S 196 -5.29 -2.61 50.97
CA SER S 196 -4.21 -1.74 51.42
C SER S 196 -3.08 -1.68 50.38
N GLN S 197 -2.74 -2.82 49.80
CA GLN S 197 -1.70 -2.82 48.77
C GLN S 197 -2.16 -2.07 47.52
N ASN S 198 -3.44 -2.21 47.15
CA ASN S 198 -3.96 -1.46 46.02
C ASN S 198 -3.90 0.04 46.27
N HIS S 199 -4.26 0.47 47.48
CA HIS S 199 -4.21 1.88 47.82
C HIS S 199 -2.77 2.41 47.82
N ARG S 200 -1.84 1.62 48.34
CA ARG S 200 -0.43 2.01 48.25
C ARG S 200 0.03 2.10 46.80
N PHE S 201 -0.44 1.19 45.96
CA PHE S 201 -0.09 1.22 44.53
C PHE S 201 -0.63 2.48 43.85
N THR S 202 -1.87 2.87 44.19
CA THR S 202 -2.53 3.95 43.49
C THR S 202 -2.16 5.33 44.02
N TYR S 203 -1.99 5.48 45.33
CA TYR S 203 -1.77 6.78 45.93
C TYR S 203 -0.40 6.95 46.55
N ASN S 204 0.44 5.91 46.53
CA ASN S 204 1.81 5.99 47.05
C ASN S 204 1.84 6.46 48.50
N GLU S 205 0.92 5.92 49.30
CA GLU S 205 0.82 6.30 50.70
C GLU S 205 0.11 5.18 51.45
N PRO S 206 0.37 5.03 52.75
CA PRO S 206 -0.36 4.04 53.54
C PRO S 206 -1.82 4.46 53.74
N MET S 207 -2.67 3.46 53.93
CA MET S 207 -4.08 3.75 54.20
C MET S 207 -4.28 4.24 55.62
N SER S 208 -5.35 4.99 55.81
CA SER S 208 -5.89 5.23 57.14
C SER S 208 -6.57 3.95 57.63
N VAL S 209 -6.65 3.81 58.95
CA VAL S 209 -7.30 2.65 59.54
C VAL S 209 -8.77 2.61 59.16
N GLU S 210 -9.39 3.79 59.08
CA GLU S 210 -10.81 3.85 58.74
C GLU S 210 -11.07 3.32 57.33
N SER S 211 -10.17 3.62 56.37
CA SER S 211 -10.34 3.10 55.02
C SER S 211 -10.23 1.59 54.99
N CYS S 212 -9.28 1.03 55.75
CA CYS S 212 -9.16 -0.43 55.80
C CYS S 212 -10.40 -1.07 56.39
N THR S 213 -10.92 -0.49 57.48
CA THR S 213 -12.14 -1.03 58.07
C THR S 213 -13.31 -0.88 57.11
N LEU S 214 -13.37 0.22 56.36
CA LEU S 214 -14.42 0.41 55.36
C LEU S 214 -14.37 -0.67 54.30
N ALA S 215 -13.17 -0.98 53.80
CA ALA S 215 -13.05 -2.04 52.80
C ALA S 215 -13.45 -3.39 53.38
N THR S 216 -13.06 -3.67 54.61
CA THR S 216 -13.43 -4.93 55.24
C THR S 216 -14.95 -5.05 55.37
N CYS S 217 -15.61 -4.00 55.83
CA CYS S 217 -17.07 -4.05 55.95
C CYS S 217 -17.74 -4.09 54.57
N ASP S 218 -17.15 -3.46 53.57
CA ASP S 218 -17.68 -3.54 52.21
C ASP S 218 -17.67 -4.97 51.70
N LEU S 219 -16.58 -5.69 51.96
CA LEU S 219 -16.58 -7.12 51.64
C LEU S 219 -17.60 -7.88 52.49
N SER S 220 -17.72 -7.54 53.77
CA SER S 220 -18.57 -8.30 54.67
C SER S 220 -20.05 -8.21 54.30
N ILE S 221 -20.52 -7.02 53.90
CA ILE S 221 -21.95 -6.83 53.68
C ILE S 221 -22.47 -7.63 52.48
N GLN S 222 -21.60 -8.10 51.60
CA GLN S 222 -22.03 -8.71 50.34
C GLN S 222 -22.40 -10.17 50.56
N PHE S 223 -23.53 -10.37 51.23
CA PHE S 223 -24.08 -11.71 51.44
C PHE S 223 -25.57 -11.71 51.15
N GLY S 224 -26.07 -12.89 50.74
CA GLY S 224 -27.46 -13.05 50.39
C GLY S 224 -27.75 -14.39 49.75
N GLU S 225 -28.82 -14.46 48.95
CA GLU S 225 -29.16 -15.69 48.24
C GLU S 225 -29.49 -15.49 46.77
N SER S 226 -29.92 -14.31 46.35
CA SER S 226 -30.29 -14.06 44.96
C SER S 226 -29.06 -14.14 44.08
N GLY S 227 -29.07 -15.06 43.12
CA GLY S 227 -27.96 -15.19 42.21
C GLY S 227 -27.85 -14.04 41.24
N GLY S 228 -28.81 -13.93 40.32
CA GLY S 228 -28.85 -12.82 39.38
C GLY S 228 -27.58 -12.63 38.59
N ARG S 229 -26.87 -11.53 38.86
CA ARG S 229 -25.65 -11.20 38.14
C ARG S 229 -24.38 -11.51 38.94
N ARG S 230 -24.44 -11.41 40.26
CA ARG S 230 -23.28 -11.59 41.12
C ARG S 230 -23.52 -12.69 42.13
N LYS S 231 -22.51 -13.54 42.32
CA LYS S 231 -22.56 -14.59 43.32
C LYS S 231 -22.24 -14.00 44.69
N LEU S 232 -23.21 -14.02 45.58
CA LEU S 232 -23.07 -13.50 46.93
C LEU S 232 -22.79 -14.64 47.90
N MET S 233 -22.41 -14.26 49.13
CA MET S 233 -22.16 -15.24 50.17
C MET S 233 -23.48 -15.75 50.74
N SER S 234 -23.53 -17.06 51.01
CA SER S 234 -24.74 -17.67 51.54
C SER S 234 -25.05 -17.25 52.97
N ARG S 235 -24.09 -16.64 53.67
CA ARG S 235 -24.27 -16.27 55.07
C ARG S 235 -23.29 -15.16 55.39
N PRO S 236 -23.57 -14.38 56.43
CA PRO S 236 -22.60 -13.37 56.88
C PRO S 236 -21.41 -14.02 57.57
N PHE S 237 -20.34 -13.25 57.70
CA PHE S 237 -19.14 -13.72 58.40
C PHE S 237 -19.43 -13.84 59.89
N GLY S 238 -18.97 -14.94 60.48
CA GLY S 238 -19.06 -15.12 61.91
C GLY S 238 -17.84 -14.55 62.61
N VAL S 239 -17.39 -13.39 62.15
CA VAL S 239 -16.15 -12.78 62.63
C VAL S 239 -16.42 -11.35 63.04
N SER S 240 -15.85 -10.96 64.17
CA SER S 240 -15.77 -9.57 64.58
C SER S 240 -14.30 -9.17 64.54
N LEU S 241 -13.98 -8.12 63.80
CA LEU S 241 -12.60 -7.71 63.65
C LEU S 241 -12.30 -6.49 64.51
N LEU S 242 -11.06 -6.42 64.98
CA LEU S 242 -10.56 -5.27 65.75
C LEU S 242 -9.28 -4.83 65.04
N ILE S 243 -9.37 -3.73 64.31
CA ILE S 243 -8.28 -3.24 63.47
C ILE S 243 -7.61 -2.07 64.15
N ALA S 244 -6.31 -2.18 64.37
CA ALA S 244 -5.52 -1.15 65.03
C ALA S 244 -4.49 -0.61 64.07
N GLY S 245 -4.16 0.67 64.20
CA GLY S 245 -3.14 1.22 63.33
C GLY S 245 -2.74 2.61 63.74
N VAL S 246 -1.79 3.16 62.98
CA VAL S 246 -1.32 4.53 63.17
C VAL S 246 -1.31 5.21 61.81
N ASP S 247 -1.93 6.38 61.73
CA ASP S 247 -1.99 7.14 60.49
C ASP S 247 -1.81 8.62 60.78
N GLU S 248 -2.16 9.48 59.82
CA GLU S 248 -2.03 10.92 60.00
C GLU S 248 -2.85 11.43 61.18
N LYS S 249 -3.87 10.68 61.61
CA LYS S 249 -4.68 11.06 62.75
C LYS S 249 -4.25 10.36 64.04
N GLY S 250 -3.01 9.87 64.10
CA GLY S 250 -2.50 9.21 65.28
C GLY S 250 -2.98 7.78 65.42
N PRO S 251 -2.81 7.20 66.61
CA PRO S 251 -3.28 5.83 66.83
C PRO S 251 -4.80 5.75 66.74
N GLN S 252 -5.28 4.83 65.92
CA GLN S 252 -6.71 4.62 65.71
C GLN S 252 -7.06 3.15 65.88
N LEU S 253 -8.16 2.90 66.57
CA LEU S 253 -8.67 1.55 66.78
C LEU S 253 -10.12 1.50 66.32
N TRP S 254 -10.45 0.51 65.51
CA TRP S 254 -11.79 0.36 64.97
C TRP S 254 -12.27 -1.08 65.19
N GLN S 255 -13.58 -1.24 65.24
CA GLN S 255 -14.21 -2.53 65.48
C GLN S 255 -15.19 -2.82 64.35
N THR S 256 -15.19 -4.07 63.89
CA THR S 256 -16.01 -4.52 62.78
C THR S 256 -17.02 -5.54 63.28
N ASP S 257 -18.25 -5.45 62.77
CA ASP S 257 -19.32 -6.36 63.14
C ASP S 257 -19.73 -7.22 61.95
N PRO S 258 -20.36 -8.37 62.20
CA PRO S 258 -20.89 -9.18 61.10
C PRO S 258 -21.96 -8.47 60.29
N SER S 259 -22.59 -7.42 60.85
CA SER S 259 -23.55 -6.64 60.08
C SER S 259 -22.89 -5.73 59.07
N GLY S 260 -21.56 -5.65 59.07
CA GLY S 260 -20.85 -4.73 58.20
C GLY S 260 -20.77 -3.32 58.71
N THR S 261 -20.83 -3.12 60.03
CA THR S 261 -20.84 -1.79 60.63
C THR S 261 -19.52 -1.57 61.36
N HIS S 262 -18.81 -0.51 60.98
CA HIS S 262 -17.54 -0.17 61.60
C HIS S 262 -17.74 0.92 62.64
N THR S 263 -16.99 0.82 63.74
CA THR S 263 -17.12 1.79 64.82
C THR S 263 -15.74 2.08 65.41
N ARG S 264 -15.38 3.36 65.48
CA ARG S 264 -14.13 3.76 66.10
C ARG S 264 -14.26 3.68 67.61
N TYR S 265 -13.25 3.13 68.28
CA TYR S 265 -13.28 2.92 69.72
C TYR S 265 -11.99 3.42 70.34
N ASP S 266 -12.06 3.65 71.66
CA ASP S 266 -10.88 3.93 72.48
C ASP S 266 -10.36 2.70 73.19
N ALA S 267 -11.26 1.82 73.66
CA ALA S 267 -10.86 0.55 74.25
C ALA S 267 -12.04 -0.40 74.11
N GLN S 268 -11.93 -1.36 73.20
CA GLN S 268 -13.00 -2.30 72.91
C GLN S 268 -12.51 -3.73 73.07
N ALA S 269 -13.41 -4.60 73.51
CA ALA S 269 -13.11 -6.01 73.70
C ALA S 269 -14.20 -6.85 73.05
N ILE S 270 -13.80 -7.91 72.37
CA ILE S 270 -14.72 -8.80 71.69
C ILE S 270 -14.44 -10.23 72.13
N GLY S 271 -15.43 -11.10 71.94
CA GLY S 271 -15.31 -12.48 72.35
C GLY S 271 -16.13 -12.80 73.58
N GLY S 272 -15.83 -13.96 74.15
CA GLY S 272 -16.55 -14.47 75.30
C GLY S 272 -16.47 -13.57 76.52
N GLY S 273 -15.28 -13.10 76.85
CA GLY S 273 -15.11 -12.21 77.99
C GLY S 273 -15.21 -10.76 77.61
N ALA S 274 -16.32 -10.39 76.97
CA ALA S 274 -16.51 -9.02 76.48
C ALA S 274 -17.08 -8.10 77.55
N GLU S 275 -18.15 -8.53 78.22
CA GLU S 275 -18.80 -7.67 79.21
C GLU S 275 -17.93 -7.42 80.42
N ALA S 276 -17.19 -8.43 80.90
CA ALA S 276 -16.28 -8.22 82.01
C ALA S 276 -15.16 -7.26 81.63
N ALA S 277 -14.64 -7.41 80.40
CA ALA S 277 -13.59 -6.50 79.95
C ALA S 277 -14.11 -5.08 79.82
N GLN S 278 -15.35 -4.91 79.35
CA GLN S 278 -15.95 -3.59 79.31
C GLN S 278 -16.11 -3.00 80.72
N SER S 279 -16.53 -3.83 81.67
CA SER S 279 -16.67 -3.37 83.04
C SER S 279 -15.33 -2.90 83.60
N VAL S 280 -14.26 -3.64 83.32
CA VAL S 280 -12.93 -3.18 83.71
C VAL S 280 -12.54 -1.92 82.94
N PHE S 281 -13.03 -1.77 81.72
CA PHE S 281 -12.77 -0.56 80.94
C PHE S 281 -13.38 0.67 81.59
N THR S 282 -14.58 0.53 82.16
CA THR S 282 -15.25 1.70 82.76
C THR S 282 -14.37 2.38 83.79
N GLU S 283 -13.63 1.62 84.58
CA GLU S 283 -12.65 2.14 85.51
C GLU S 283 -11.25 1.88 84.97
N ARG S 284 -10.24 2.25 85.75
CA ARG S 284 -8.84 1.87 85.51
C ARG S 284 -8.35 2.31 84.12
N TYR S 285 -9.13 3.13 83.42
CA TYR S 285 -8.77 3.54 82.07
C TYR S 285 -8.98 5.04 81.93
N HIS S 286 -7.96 5.74 81.44
CA HIS S 286 -8.08 7.14 81.04
C HIS S 286 -7.61 7.30 79.60
N ARG S 287 -7.77 8.52 79.09
CA ARG S 287 -7.49 8.79 77.68
C ARG S 287 -6.05 9.19 77.41
N ASN S 288 -5.20 9.25 78.44
CA ASN S 288 -3.81 9.67 78.30
C ASN S 288 -2.86 8.69 78.96
N MET S 289 -3.14 7.40 78.84
CA MET S 289 -2.24 6.39 79.39
C MET S 289 -0.97 6.28 78.56
N THR S 290 0.11 5.83 79.22
CA THR S 290 1.32 5.47 78.51
C THR S 290 1.18 4.07 77.93
N LEU S 291 2.09 3.73 77.02
CA LEU S 291 2.01 2.43 76.35
C LEU S 291 2.15 1.28 77.33
N GLU S 292 3.09 1.41 78.28
CA GLU S 292 3.28 0.35 79.27
C GLU S 292 2.04 0.16 80.13
N GLU S 293 1.38 1.26 80.54
CA GLU S 293 0.17 1.13 81.34
C GLU S 293 -0.92 0.42 80.56
N GLY S 294 -1.08 0.75 79.28
CA GLY S 294 -2.06 0.04 78.46
C GLY S 294 -1.73 -1.43 78.30
N GLU S 295 -0.46 -1.76 78.13
CA GLU S 295 -0.05 -3.16 78.04
C GLU S 295 -0.39 -3.92 79.31
N THR S 296 -0.06 -3.32 80.47
CA THR S 296 -0.38 -3.97 81.74
C THR S 296 -1.88 -4.11 81.94
N LEU S 297 -2.65 -3.10 81.54
CA LEU S 297 -4.10 -3.18 81.62
C LEU S 297 -4.64 -4.32 80.77
N ALA S 298 -4.12 -4.46 79.54
CA ALA S 298 -4.54 -5.56 78.68
C ALA S 298 -4.21 -6.90 79.29
N VAL S 299 -3.00 -7.03 79.87
CA VAL S 299 -2.60 -8.29 80.47
C VAL S 299 -3.51 -8.64 81.65
N ASP S 300 -3.78 -7.67 82.53
CA ASP S 300 -4.65 -7.94 83.67
C ASP S 300 -6.07 -8.29 83.22
N ILE S 301 -6.57 -7.60 82.20
CA ILE S 301 -7.92 -7.89 81.72
C ILE S 301 -7.98 -9.29 81.11
N LEU S 302 -6.92 -9.70 80.41
CA LEU S 302 -6.86 -11.07 79.92
C LEU S 302 -6.85 -12.06 81.08
N LYS S 303 -6.10 -11.75 82.14
CA LYS S 303 -6.11 -12.64 83.31
C LYS S 303 -7.50 -12.75 83.92
N GLN S 304 -8.24 -11.66 83.96
CA GLN S 304 -9.56 -11.66 84.60
C GLN S 304 -10.60 -12.45 83.81
N VAL S 305 -10.41 -12.62 82.50
CA VAL S 305 -11.43 -13.25 81.66
C VAL S 305 -10.92 -14.54 81.03
N MET S 306 -9.81 -15.08 81.52
CA MET S 306 -9.23 -16.31 80.98
C MET S 306 -9.52 -17.48 81.91
N GLU S 307 -10.10 -18.54 81.37
CA GLU S 307 -10.32 -19.76 82.15
C GLU S 307 -9.02 -20.50 82.41
N ASP S 308 -8.07 -20.40 81.48
CA ASP S 308 -6.76 -21.02 81.65
C ASP S 308 -5.82 -20.07 82.38
N GLN S 309 -4.66 -20.57 82.77
CA GLN S 309 -3.64 -19.76 83.42
C GLN S 309 -2.82 -19.00 82.39
N LEU S 310 -2.43 -17.79 82.73
CA LEU S 310 -1.70 -16.93 81.81
C LEU S 310 -0.24 -17.34 81.79
N SER S 311 0.27 -17.65 80.60
CA SER S 311 1.67 -17.92 80.35
C SER S 311 2.14 -17.09 79.16
N PRO S 312 3.44 -16.85 79.01
CA PRO S 312 3.91 -16.03 77.88
C PRO S 312 3.49 -16.57 76.53
N GLU S 313 3.34 -17.89 76.40
CA GLU S 313 2.91 -18.50 75.15
C GLU S 313 1.41 -18.76 75.10
N ASN S 314 0.67 -18.31 76.11
CA ASN S 314 -0.77 -18.57 76.15
C ASN S 314 -1.57 -17.46 75.49
N ILE S 315 -1.01 -16.26 75.36
CA ILE S 315 -1.70 -15.15 74.73
C ILE S 315 -0.85 -14.58 73.61
N GLU S 316 -1.40 -13.61 72.88
CA GLU S 316 -0.71 -12.95 71.78
C GLU S 316 -0.88 -11.45 71.94
N VAL S 317 0.23 -10.72 71.88
CA VAL S 317 0.24 -9.27 72.10
C VAL S 317 0.95 -8.60 70.94
N ALA S 318 0.38 -7.51 70.44
CA ALA S 318 0.99 -6.71 69.38
C ALA S 318 0.80 -5.24 69.71
N VAL S 319 1.72 -4.41 69.21
CA VAL S 319 1.71 -2.99 69.48
C VAL S 319 2.06 -2.24 68.20
N VAL S 320 1.27 -1.21 67.90
CA VAL S 320 1.59 -0.26 66.83
C VAL S 320 1.93 1.06 67.52
N ARG S 321 3.18 1.50 67.40
CA ARG S 321 3.66 2.65 68.13
C ARG S 321 3.40 3.93 67.36
N ALA S 322 3.04 4.99 68.08
CA ALA S 322 2.77 6.28 67.44
C ALA S 322 4.04 6.90 66.89
N ASP S 323 5.11 6.95 67.69
CA ASP S 323 6.36 7.54 67.24
C ASP S 323 7.00 6.73 66.12
N ASP S 324 7.03 5.40 66.27
CA ASP S 324 7.62 4.54 65.25
C ASP S 324 6.74 4.48 64.01
N GLY S 325 5.43 4.33 64.20
CA GLY S 325 4.52 4.16 63.08
C GLY S 325 4.50 2.77 62.49
N LYS S 326 5.14 1.81 63.14
CA LYS S 326 5.24 0.44 62.63
C LYS S 326 4.64 -0.54 63.63
N LEU S 327 4.25 -1.69 63.12
CA LEU S 327 3.68 -2.76 63.93
C LEU S 327 4.79 -3.64 64.50
N HIS S 328 4.64 -4.04 65.76
CA HIS S 328 5.66 -4.81 66.45
C HIS S 328 4.97 -5.97 67.17
N MET S 329 5.11 -7.18 66.63
CA MET S 329 4.62 -8.38 67.29
C MET S 329 5.51 -8.71 68.48
N TYR S 330 4.87 -8.95 69.62
CA TYR S 330 5.61 -9.26 70.85
C TYR S 330 5.86 -10.75 70.97
N THR S 331 7.12 -11.09 71.23
CA THR S 331 7.64 -12.43 71.49
C THR S 331 7.30 -12.86 72.92
N PRO S 332 7.30 -14.16 73.19
CA PRO S 332 6.97 -14.62 74.56
C PRO S 332 7.83 -14.02 75.65
N THR S 333 9.12 -13.76 75.38
CA THR S 333 9.95 -13.13 76.40
C THR S 333 9.50 -11.70 76.68
N GLU S 334 9.05 -10.98 75.65
CA GLU S 334 8.50 -9.65 75.86
C GLU S 334 7.21 -9.70 76.68
N ILE S 335 6.37 -10.71 76.42
CA ILE S 335 5.15 -10.88 77.21
C ILE S 335 5.49 -11.17 78.66
N LYS S 336 6.50 -12.00 78.90
CA LYS S 336 6.95 -12.26 80.26
C LYS S 336 7.47 -10.98 80.92
N ALA S 337 8.21 -10.17 80.17
CA ALA S 337 8.69 -8.89 80.70
C ALA S 337 7.53 -7.98 81.08
N ILE S 338 6.47 -7.98 80.27
CA ILE S 338 5.26 -7.23 80.62
C ILE S 338 4.65 -7.77 81.89
N MET S 339 4.58 -9.11 82.03
CA MET S 339 4.02 -9.70 83.23
C MET S 339 4.82 -9.36 84.47
N SER S 340 6.15 -9.37 84.36
CA SER S 340 7.03 -9.06 85.49
C SER S 340 7.12 -7.56 85.71
N ARG S 341 5.96 -6.94 85.93
CA ARG S 341 5.87 -5.50 86.13
C ARG S 341 4.54 -5.14 86.78
N ASN T 168 -47.96 -16.13 62.95
CA ASN T 168 -48.06 -15.39 61.70
C ASN T 168 -47.30 -16.11 60.59
N GLU T 169 -48.02 -16.52 59.55
CA GLU T 169 -47.43 -17.24 58.43
C GLU T 169 -47.35 -16.38 57.17
N TYR T 170 -47.46 -15.07 57.31
CA TYR T 170 -47.40 -14.15 56.17
C TYR T 170 -46.28 -13.11 56.35
N ASP T 171 -45.38 -13.31 57.30
CA ASP T 171 -44.33 -12.36 57.59
C ASP T 171 -42.93 -12.88 57.24
N SER T 172 -42.81 -14.11 56.75
CA SER T 172 -41.50 -14.70 56.50
C SER T 172 -40.94 -14.36 55.13
N ASP T 173 -41.73 -13.74 54.25
CA ASP T 173 -41.26 -13.44 52.90
C ASP T 173 -41.69 -12.03 52.52
N ILE T 174 -40.91 -11.42 51.62
CA ILE T 174 -41.24 -10.10 51.11
C ILE T 174 -42.29 -10.11 50.01
N THR T 175 -42.40 -11.22 49.26
CA THR T 175 -43.36 -11.32 48.17
C THR T 175 -44.66 -11.99 48.62
N THR T 176 -44.99 -11.88 49.89
CA THR T 176 -46.21 -12.49 50.45
C THR T 176 -47.11 -11.37 50.96
N TRP T 177 -48.32 -11.32 50.42
CA TRP T 177 -49.35 -10.41 50.90
C TRP T 177 -50.12 -11.06 52.05
N SER T 178 -50.31 -10.31 53.12
CA SER T 178 -51.16 -10.78 54.20
C SER T 178 -52.62 -10.76 53.75
N PRO T 179 -53.47 -11.58 54.35
CA PRO T 179 -54.89 -11.58 53.95
C PRO T 179 -55.59 -10.25 54.16
N THR T 180 -55.08 -9.39 55.04
CA THR T 180 -55.64 -8.06 55.25
C THR T 180 -55.00 -7.01 54.35
N GLY T 181 -54.10 -7.41 53.46
CA GLY T 181 -53.47 -6.47 52.55
C GLY T 181 -52.31 -5.72 53.16
N ARG T 182 -51.43 -6.44 53.86
CA ARG T 182 -50.27 -5.86 54.50
C ARG T 182 -49.02 -6.62 54.09
N LEU T 183 -47.89 -5.92 54.11
CA LEU T 183 -46.59 -6.51 53.86
C LEU T 183 -45.78 -6.39 55.16
N PHE T 184 -45.63 -7.52 55.86
CA PHE T 184 -45.09 -7.48 57.22
C PHE T 184 -43.59 -7.27 57.25
N GLN T 185 -42.87 -7.69 56.20
CA GLN T 185 -41.43 -7.50 56.19
C GLN T 185 -41.08 -6.01 56.14
N ILE T 186 -41.81 -5.24 55.32
CA ILE T 186 -41.59 -3.79 55.28
C ILE T 186 -41.94 -3.16 56.62
N GLU T 187 -43.01 -3.65 57.27
CA GLU T 187 -43.34 -3.13 58.59
C GLU T 187 -42.24 -3.42 59.61
N TYR T 188 -41.61 -4.59 59.51
CA TYR T 188 -40.48 -4.92 60.37
C TYR T 188 -39.29 -4.01 60.08
N ALA T 189 -39.06 -3.69 58.81
CA ALA T 189 -38.01 -2.73 58.48
C ALA T 189 -38.32 -1.34 59.05
N ASN T 190 -39.58 -0.92 59.02
CA ASN T 190 -39.96 0.33 59.67
C ASN T 190 -39.70 0.27 61.17
N GLU T 191 -39.99 -0.88 61.79
CA GLU T 191 -39.66 -1.05 63.21
C GLU T 191 -38.17 -0.94 63.45
N ALA T 192 -37.36 -1.48 62.54
CA ALA T 192 -35.92 -1.33 62.65
C ALA T 192 -35.51 0.13 62.58
N VAL T 193 -36.14 0.89 61.69
CA VAL T 193 -35.85 2.32 61.60
C VAL T 193 -36.25 3.04 62.88
N ASN T 194 -37.36 2.63 63.48
CA ASN T 194 -37.87 3.27 64.70
C ASN T 194 -36.99 3.04 65.92
N ASN T 195 -36.01 2.14 65.84
CA ASN T 195 -35.13 1.85 66.97
C ASN T 195 -33.76 2.48 66.84
N GLY T 196 -33.51 3.27 65.80
CA GLY T 196 -32.22 3.91 65.62
C GLY T 196 -32.10 5.18 66.45
N SER T 197 -30.91 5.78 66.36
CA SER T 197 -30.64 7.02 67.08
C SER T 197 -31.53 8.14 66.56
N ALA T 198 -31.99 8.99 67.47
CA ALA T 198 -32.91 10.05 67.11
C ALA T 198 -32.21 11.13 66.29
N THR T 199 -32.91 11.63 65.26
CA THR T 199 -32.42 12.72 64.43
C THR T 199 -33.60 13.60 64.05
N VAL T 200 -33.30 14.89 63.83
CA VAL T 200 -34.31 15.90 63.61
C VAL T 200 -33.90 16.73 62.40
N GLY T 201 -34.86 17.01 61.51
CA GLY T 201 -34.63 17.88 60.38
C GLY T 201 -35.56 19.08 60.45
N VAL T 202 -35.01 20.27 60.18
CA VAL T 202 -35.77 21.51 60.23
C VAL T 202 -35.46 22.31 58.97
N LYS T 203 -36.50 22.84 58.34
CA LYS T 203 -36.36 23.62 57.10
C LYS T 203 -36.81 25.05 57.36
N GLY T 204 -35.93 25.99 57.05
CA GLY T 204 -36.25 27.40 57.10
C GLY T 204 -36.53 27.98 55.73
N LYS T 205 -36.43 29.30 55.64
CA LYS T 205 -36.62 29.99 54.36
C LYS T 205 -35.43 29.81 53.43
N ASN T 206 -34.22 29.84 53.95
CA ASN T 206 -33.01 29.68 53.14
C ASN T 206 -32.13 28.52 53.56
N PHE T 207 -32.34 27.94 54.74
CA PHE T 207 -31.43 26.94 55.28
C PHE T 207 -32.20 25.71 55.76
N VAL T 208 -31.51 24.58 55.75
CA VAL T 208 -31.98 23.34 56.35
C VAL T 208 -30.93 22.88 57.34
N VAL T 209 -31.41 22.49 58.53
CA VAL T 209 -30.54 22.09 59.64
C VAL T 209 -30.94 20.69 60.10
N LEU T 210 -29.98 19.79 60.13
CA LEU T 210 -30.15 18.46 60.70
C LEU T 210 -29.40 18.35 62.02
N ALA T 211 -30.02 17.69 62.99
CA ALA T 211 -29.41 17.44 64.29
C ALA T 211 -29.43 15.95 64.54
N ALA T 212 -28.26 15.38 64.82
CA ALA T 212 -28.12 13.95 65.03
C ALA T 212 -27.62 13.67 66.44
N LEU T 213 -28.24 12.70 67.10
CA LEU T 213 -27.90 12.30 68.46
C LEU T 213 -27.02 11.06 68.40
N LYS T 214 -25.72 11.25 68.58
CA LYS T 214 -24.77 10.14 68.55
C LYS T 214 -24.58 9.58 69.96
N ARG T 215 -23.95 8.41 70.01
CA ARG T 215 -23.76 7.71 71.29
C ARG T 215 -22.81 8.49 72.20
N SER T 216 -23.18 8.58 73.46
CA SER T 216 -22.33 9.24 74.44
C SER T 216 -21.25 8.28 74.94
N PRO T 217 -20.09 8.82 75.33
CA PRO T 217 -19.04 7.95 75.87
C PRO T 217 -19.43 7.36 77.20
N VAL T 218 -18.88 6.17 77.50
CA VAL T 218 -19.11 5.59 78.82
C VAL T 218 -18.01 6.10 79.75
N ALA T 219 -18.15 7.36 80.15
CA ALA T 219 -17.39 8.02 81.21
C ALA T 219 -15.91 8.17 80.91
N GLU T 220 -15.38 7.40 79.96
CA GLU T 220 -14.03 7.66 79.46
C GLU T 220 -13.86 7.32 77.99
N LEU T 221 -14.77 6.51 77.45
CA LEU T 221 -14.55 5.82 76.18
C LEU T 221 -15.46 6.40 75.11
N SER T 222 -14.88 7.18 74.20
CA SER T 222 -15.63 7.83 73.13
C SER T 222 -15.69 6.90 71.93
N SER T 223 -16.90 6.42 71.61
CA SER T 223 -17.11 5.61 70.41
C SER T 223 -17.74 6.48 69.34
N TYR T 224 -17.20 6.39 68.13
CA TYR T 224 -17.64 7.22 67.01
C TYR T 224 -18.23 6.34 65.92
N GLN T 225 -19.35 6.81 65.34
CA GLN T 225 -20.01 6.11 64.25
C GLN T 225 -20.61 7.16 63.32
N GLU T 226 -20.31 7.05 62.03
CA GLU T 226 -20.71 8.06 61.07
C GLU T 226 -22.19 7.88 60.71
N LYS T 227 -23.01 8.86 61.05
CA LYS T 227 -24.43 8.85 60.73
C LYS T 227 -24.82 9.89 59.71
N VAL T 228 -24.21 11.08 59.74
CA VAL T 228 -24.48 12.14 58.79
C VAL T 228 -23.48 12.06 57.65
N PHE T 229 -23.98 12.07 56.42
CA PHE T 229 -23.15 11.96 55.24
C PHE T 229 -23.34 13.18 54.35
N GLU T 230 -22.27 13.54 53.65
CA GLU T 230 -22.29 14.62 52.67
C GLU T 230 -22.39 14.02 51.29
N ILE T 231 -23.50 14.26 50.60
CA ILE T 231 -23.79 13.64 49.31
C ILE T 231 -23.20 14.45 48.16
N ASP T 232 -23.32 15.77 48.21
CA ASP T 232 -22.82 16.65 47.17
C ASP T 232 -22.63 18.03 47.78
N GLU T 233 -22.14 18.98 46.98
CA GLU T 233 -21.90 20.33 47.48
C GLU T 233 -23.15 20.94 48.08
N HIS T 234 -24.33 20.59 47.57
CA HIS T 234 -25.58 21.17 48.02
C HIS T 234 -26.47 20.19 48.78
N VAL T 235 -26.03 18.94 48.95
CA VAL T 235 -26.88 17.90 49.49
C VAL T 235 -26.14 17.15 50.59
N GLY T 236 -26.90 16.76 51.62
CA GLY T 236 -26.41 15.86 52.65
C GLY T 236 -27.59 15.12 53.23
N MET T 237 -27.30 14.16 54.10
CA MET T 237 -28.37 13.38 54.70
C MET T 237 -27.96 12.85 56.06
N SER T 238 -28.96 12.51 56.87
CA SER T 238 -28.79 11.87 58.16
C SER T 238 -29.51 10.53 58.15
N ILE T 239 -28.83 9.47 58.59
CA ILE T 239 -29.38 8.14 58.53
C ILE T 239 -29.87 7.74 59.92
N SER T 240 -30.78 6.77 59.96
CA SER T 240 -31.23 6.21 61.22
C SER T 240 -31.66 4.76 61.00
N GLY T 241 -31.06 3.84 61.75
CA GLY T 241 -31.38 2.43 61.60
C GLY T 241 -30.16 1.58 61.31
N LEU T 242 -30.22 0.78 60.25
CA LEU T 242 -29.11 -0.08 59.86
C LEU T 242 -28.04 0.79 59.20
N VAL T 243 -26.85 0.84 59.83
CA VAL T 243 -25.78 1.70 59.34
C VAL T 243 -25.26 1.22 57.99
N ALA T 244 -25.21 -0.11 57.77
CA ALA T 244 -24.73 -0.62 56.49
C ALA T 244 -25.66 -0.22 55.34
N ASP T 245 -26.97 -0.28 55.56
CA ASP T 245 -27.91 0.18 54.55
C ASP T 245 -27.75 1.67 54.28
N GLY T 246 -27.53 2.46 55.33
CA GLY T 246 -27.26 3.87 55.15
C GLY T 246 -26.00 4.13 54.34
N ARG T 247 -24.95 3.32 54.57
CA ARG T 247 -23.73 3.46 53.78
C ARG T 247 -23.96 3.11 52.32
N VAL T 248 -24.72 2.05 52.06
CA VAL T 248 -25.04 1.69 50.67
C VAL T 248 -25.82 2.80 49.99
N LEU T 249 -26.81 3.35 50.69
CA LEU T 249 -27.61 4.44 50.12
C LEU T 249 -26.76 5.69 49.90
N ALA T 250 -25.83 5.97 50.82
CA ALA T 250 -24.93 7.11 50.63
C ALA T 250 -24.04 6.92 49.41
N ARG T 251 -23.52 5.71 49.22
CA ARG T 251 -22.70 5.43 48.04
C ARG T 251 -23.51 5.62 46.77
N TYR T 252 -24.74 5.10 46.75
CA TYR T 252 -25.59 5.23 45.57
C TYR T 252 -25.90 6.71 45.27
N LEU T 253 -26.25 7.47 46.31
CA LEU T 253 -26.58 8.87 46.11
C LEU T 253 -25.37 9.67 45.65
N ARG T 254 -24.20 9.40 46.22
CA ARG T 254 -22.99 10.09 45.79
C ARG T 254 -22.66 9.76 44.34
N THR T 255 -22.82 8.50 43.94
CA THR T 255 -22.56 8.12 42.56
C THR T 255 -23.53 8.82 41.61
N GLU T 256 -24.81 8.89 41.98
CA GLU T 256 -25.79 9.55 41.13
C GLU T 256 -25.53 11.04 41.03
N CYS T 257 -25.15 11.68 42.15
CA CYS T 257 -24.82 13.10 42.12
C CYS T 257 -23.60 13.36 41.25
N MET T 258 -22.58 12.51 41.35
CA MET T 258 -21.39 12.67 40.52
C MET T 258 -21.73 12.50 39.05
N ASN T 259 -22.59 11.53 38.73
CA ASN T 259 -23.00 11.34 37.34
C ASN T 259 -23.78 12.56 36.82
N TYR T 260 -24.68 13.10 37.64
CA TYR T 260 -25.47 14.24 37.19
C TYR T 260 -24.60 15.48 37.00
N ARG T 261 -23.77 15.79 37.98
CA ARG T 261 -22.92 16.97 37.87
C ARG T 261 -21.92 16.87 36.73
N TYR T 262 -21.60 15.65 36.30
CA TYR T 262 -20.72 15.48 35.15
C TYR T 262 -21.46 15.80 33.85
N MET T 263 -22.72 15.39 33.75
CA MET T 263 -23.47 15.58 32.50
C MET T 263 -23.93 17.02 32.32
N TYR T 264 -24.35 17.68 33.39
CA TYR T 264 -24.99 18.99 33.29
C TYR T 264 -24.21 20.11 33.95
N SER T 265 -23.07 19.81 34.60
CA SER T 265 -22.24 20.81 35.25
C SER T 265 -23.02 21.57 36.32
N ASN T 266 -23.94 20.89 36.99
CA ASN T 266 -24.74 21.50 38.04
C ASN T 266 -25.24 20.40 38.96
N GLY T 267 -25.67 20.82 40.16
CA GLY T 267 -26.16 19.87 41.13
C GLY T 267 -27.52 19.33 40.78
N MET T 268 -27.77 18.09 41.20
CA MET T 268 -29.05 17.45 40.95
C MET T 268 -30.16 18.17 41.73
N PRO T 269 -31.30 18.44 41.10
CA PRO T 269 -32.43 19.01 41.84
C PRO T 269 -32.94 18.02 42.89
N MET T 270 -33.48 18.57 43.97
CA MET T 270 -33.83 17.75 45.13
C MET T 270 -35.05 16.88 44.87
N ASN T 271 -36.00 17.38 44.07
CA ASN T 271 -37.18 16.56 43.75
C ASN T 271 -36.79 15.33 42.95
N GLN T 272 -35.93 15.50 41.94
CA GLN T 272 -35.44 14.36 41.17
C GLN T 272 -34.67 13.40 42.06
N MET T 273 -33.87 13.93 42.99
CA MET T 273 -33.13 13.08 43.91
C MET T 273 -34.07 12.26 44.78
N ALA T 274 -35.11 12.90 45.33
CA ALA T 274 -36.07 12.17 46.16
C ALA T 274 -36.78 11.09 45.37
N ASP T 275 -37.14 11.39 44.12
CA ASP T 275 -37.74 10.37 43.26
C ASP T 275 -36.78 9.20 43.05
N MET T 276 -35.49 9.49 42.85
CA MET T 276 -34.52 8.42 42.65
C MET T 276 -34.36 7.55 43.89
N ILE T 277 -34.31 8.17 45.07
CA ILE T 277 -34.23 7.40 46.30
C ILE T 277 -35.48 6.54 46.48
N GLY T 278 -36.65 7.10 46.17
CA GLY T 278 -37.87 6.31 46.27
C GLY T 278 -37.87 5.12 45.34
N GLU T 279 -37.42 5.33 44.09
CA GLU T 279 -37.34 4.23 43.14
C GLU T 279 -36.34 3.17 43.59
N LYS T 280 -35.21 3.61 44.13
CA LYS T 280 -34.21 2.67 44.64
C LYS T 280 -34.76 1.84 45.79
N HIS T 281 -35.50 2.48 46.70
CA HIS T 281 -36.14 1.75 47.78
C HIS T 281 -37.16 0.75 47.25
N GLN T 282 -37.97 1.17 46.28
CA GLN T 282 -39.00 0.29 45.73
C GLN T 282 -38.40 -0.89 44.98
N ARG T 283 -37.20 -0.72 44.44
CA ARG T 283 -36.56 -1.82 43.71
C ARG T 283 -36.27 -3.03 44.59
N HIS T 284 -36.28 -2.87 45.92
CA HIS T 284 -35.89 -3.93 46.83
C HIS T 284 -37.06 -4.46 47.67
N ILE T 285 -38.29 -4.18 47.28
CA ILE T 285 -39.44 -4.57 48.08
C ILE T 285 -40.38 -5.46 47.30
N GLN T 286 -39.98 -5.87 46.10
CA GLN T 286 -40.85 -6.68 45.25
C GLN T 286 -40.19 -7.94 44.70
N CYS T 287 -38.87 -8.08 44.81
CA CYS T 287 -38.18 -9.27 44.34
C CYS T 287 -37.96 -10.24 45.49
N SER T 288 -38.09 -11.54 45.19
CA SER T 288 -37.97 -12.56 46.22
C SER T 288 -36.57 -12.57 46.84
N GLY T 289 -35.53 -12.38 46.03
CA GLY T 289 -34.17 -12.42 46.53
C GLY T 289 -33.67 -11.07 47.00
N LYS T 290 -34.56 -10.24 47.55
CA LYS T 290 -34.20 -8.92 48.03
C LYS T 290 -34.89 -8.67 49.36
N ARG T 291 -34.37 -7.69 50.10
CA ARG T 291 -34.92 -7.29 51.38
C ARG T 291 -34.95 -5.77 51.43
N PRO T 292 -35.86 -5.17 52.19
CA PRO T 292 -35.92 -3.71 52.24
C PRO T 292 -34.76 -3.14 53.04
N PHE T 293 -34.43 -1.89 52.75
CA PHE T 293 -33.40 -1.19 53.49
C PHE T 293 -33.91 -0.87 54.89
N GLY T 294 -33.22 -1.38 55.90
CA GLY T 294 -33.64 -1.15 57.28
C GLY T 294 -33.14 0.17 57.83
N VAL T 295 -33.23 1.23 57.02
CA VAL T 295 -32.73 2.54 57.40
C VAL T 295 -33.67 3.60 56.86
N GLY T 296 -33.82 4.68 57.62
CA GLY T 296 -34.54 5.86 57.17
C GLY T 296 -33.56 7.00 56.97
N LEU T 297 -33.91 7.92 56.08
CA LEU T 297 -33.03 9.02 55.71
C LEU T 297 -33.76 10.35 55.88
N LEU T 298 -32.98 11.37 56.26
CA LEU T 298 -33.43 12.76 56.22
C LEU T 298 -32.49 13.50 55.27
N LEU T 299 -33.03 13.94 54.15
CA LEU T 299 -32.25 14.60 53.10
C LEU T 299 -32.37 16.11 53.23
N ALA T 300 -31.23 16.79 53.38
CA ALA T 300 -31.19 18.23 53.48
C ALA T 300 -30.41 18.77 52.28
N GLY T 301 -31.06 19.63 51.49
CA GLY T 301 -30.43 20.12 50.28
C GLY T 301 -30.93 21.50 49.92
N TYR T 302 -30.36 22.03 48.84
CA TYR T 302 -30.71 23.34 48.32
C TYR T 302 -30.48 23.36 46.82
N ASP T 303 -31.39 23.99 46.10
CA ASP T 303 -31.28 24.11 44.64
C ASP T 303 -31.95 25.43 44.23
N ARG T 304 -32.25 25.55 42.94
CA ARG T 304 -32.91 26.76 42.44
C ARG T 304 -34.27 26.97 43.10
N GLN T 305 -34.94 25.89 43.50
CA GLN T 305 -36.26 25.97 44.09
C GLN T 305 -36.23 26.27 45.59
N GLY T 306 -35.04 26.41 46.18
CA GLY T 306 -34.93 26.74 47.57
C GLY T 306 -34.61 25.55 48.45
N PRO T 307 -34.75 25.71 49.76
CA PRO T 307 -34.43 24.64 50.68
C PRO T 307 -35.40 23.47 50.55
N HIS T 308 -34.89 22.27 50.83
CA HIS T 308 -35.67 21.05 50.76
C HIS T 308 -35.33 20.14 51.92
N LEU T 309 -36.32 19.42 52.43
CA LEU T 309 -36.15 18.48 53.53
C LEU T 309 -37.03 17.27 53.26
N TYR T 310 -36.42 16.12 53.01
CA TYR T 310 -37.15 14.91 52.68
C TYR T 310 -36.91 13.82 53.74
N GLN T 311 -37.88 12.93 53.84
CA GLN T 311 -37.77 11.76 54.72
C GLN T 311 -38.15 10.52 53.92
N THR T 312 -37.29 9.51 53.93
CA THR T 312 -37.53 8.27 53.22
C THR T 312 -37.72 7.14 54.23
N VAL T 313 -38.51 6.14 53.83
CA VAL T 313 -38.83 5.02 54.69
C VAL T 313 -38.56 3.74 53.90
N PRO T 314 -38.40 2.60 54.58
CA PRO T 314 -38.14 1.34 53.86
C PRO T 314 -39.20 0.99 52.82
N SER T 315 -40.45 1.40 53.04
CA SER T 315 -41.50 1.10 52.06
C SER T 315 -41.25 1.79 50.73
N GLY T 316 -40.48 2.87 50.70
CA GLY T 316 -40.22 3.63 49.50
C GLY T 316 -40.91 4.97 49.44
N ASP T 317 -41.74 5.30 50.43
CA ASP T 317 -42.39 6.59 50.46
C ASP T 317 -41.38 7.69 50.82
N VAL T 318 -41.49 8.81 50.11
CA VAL T 318 -40.66 9.97 50.37
C VAL T 318 -41.58 11.12 50.73
N TYR T 319 -41.35 11.73 51.89
CA TYR T 319 -42.20 12.78 52.42
C TYR T 319 -41.45 14.11 52.35
N ASP T 320 -42.09 15.11 51.76
CA ASP T 320 -41.55 16.47 51.76
C ASP T 320 -42.00 17.17 53.03
N TYR T 321 -41.05 17.56 53.87
CA TYR T 321 -41.35 18.00 55.23
C TYR T 321 -40.87 19.43 55.45
N LYS T 322 -41.67 20.20 56.19
CA LYS T 322 -41.20 21.45 56.75
C LYS T 322 -40.27 21.20 57.94
N ALA T 323 -40.62 20.23 58.77
CA ALA T 323 -39.80 19.81 59.90
C ALA T 323 -40.27 18.44 60.33
N THR T 324 -39.34 17.57 60.72
CA THR T 324 -39.68 16.20 61.07
C THR T 324 -38.59 15.62 61.95
N ALA T 325 -38.83 14.41 62.44
CA ALA T 325 -37.87 13.69 63.27
C ALA T 325 -38.10 12.20 63.08
N MET T 326 -37.07 11.42 63.40
CA MET T 326 -37.17 9.97 63.33
C MET T 326 -36.15 9.34 64.25
N GLY T 327 -36.45 8.12 64.69
CA GLY T 327 -35.61 7.38 65.60
C GLY T 327 -36.35 7.05 66.89
N VAL T 328 -35.57 6.65 67.90
CA VAL T 328 -36.14 6.24 69.17
C VAL T 328 -36.62 7.47 69.93
N ARG T 329 -37.83 7.40 70.48
CA ARG T 329 -38.42 8.48 71.28
C ARG T 329 -38.47 9.79 70.50
N SER T 330 -38.70 9.69 69.19
CA SER T 330 -38.79 10.87 68.34
C SER T 330 -40.17 11.47 68.28
N GLN T 331 -41.17 10.82 68.90
CA GLN T 331 -42.50 11.40 68.99
C GLN T 331 -42.48 12.70 69.79
N ALA T 332 -41.65 12.75 70.83
CA ALA T 332 -41.50 14.00 71.59
C ALA T 332 -40.93 15.10 70.73
N SER T 333 -39.90 14.79 69.92
CA SER T 333 -39.35 15.77 69.01
C SER T 333 -40.39 16.24 68.01
N ARG T 334 -41.19 15.31 67.48
CA ARG T 334 -42.20 15.69 66.51
C ARG T 334 -43.28 16.57 67.13
N THR T 335 -43.73 16.25 68.35
CA THR T 335 -44.78 17.05 68.96
C THR T 335 -44.25 18.41 69.41
N TYR T 336 -42.96 18.50 69.74
CA TYR T 336 -42.37 19.81 69.98
C TYR T 336 -42.31 20.63 68.69
N LEU T 337 -41.85 20.00 67.60
CA LEU T 337 -41.74 20.71 66.34
C LEU T 337 -43.10 21.15 65.82
N GLU T 338 -44.15 20.41 66.14
CA GLU T 338 -45.51 20.78 65.73
C GLU T 338 -46.02 22.04 66.41
N ARG T 339 -45.21 22.68 67.26
CA ARG T 339 -45.59 23.93 67.91
C ARG T 339 -44.86 25.16 67.36
N HIS T 340 -43.71 24.96 66.71
CA HIS T 340 -42.88 26.06 66.23
C HIS T 340 -42.60 25.97 64.73
N PHE T 341 -43.14 24.97 64.03
CA PHE T 341 -42.78 24.77 62.63
C PHE T 341 -43.34 25.85 61.72
N GLU T 342 -44.56 26.33 61.97
CA GLU T 342 -45.17 27.32 61.10
C GLU T 342 -44.44 28.66 61.11
N HIS T 343 -43.56 28.89 62.10
CA HIS T 343 -42.76 30.10 62.16
C HIS T 343 -41.35 29.90 61.62
N PHE T 344 -40.99 28.67 61.24
CA PHE T 344 -39.64 28.40 60.75
C PHE T 344 -39.30 29.20 59.51
N SER T 345 -40.29 29.65 58.75
CA SER T 345 -40.02 30.46 57.56
C SER T 345 -39.48 31.84 57.91
N ASP T 346 -39.53 32.24 59.18
CA ASP T 346 -39.02 33.54 59.60
C ASP T 346 -37.82 33.46 60.53
N CYS T 347 -37.53 32.30 61.10
CA CYS T 347 -36.37 32.16 61.97
C CYS T 347 -35.08 32.28 61.17
N THR T 348 -34.08 32.91 61.77
CA THR T 348 -32.76 32.96 61.16
C THR T 348 -32.04 31.62 61.34
N LEU T 349 -30.80 31.56 60.85
CA LEU T 349 -30.04 30.33 60.93
C LEU T 349 -29.81 29.90 62.38
N ASP T 350 -29.44 30.86 63.24
CA ASP T 350 -29.21 30.53 64.65
C ASP T 350 -30.48 30.05 65.32
N GLU T 351 -31.60 30.72 65.05
CA GLU T 351 -32.87 30.28 65.63
C GLU T 351 -33.28 28.90 65.11
N LEU T 352 -33.01 28.63 63.83
CA LEU T 352 -33.28 27.29 63.29
C LEU T 352 -32.44 26.24 64.00
N VAL T 353 -31.16 26.53 64.23
CA VAL T 353 -30.29 25.60 64.93
C VAL T 353 -30.78 25.37 66.35
N THR T 354 -31.21 26.43 67.03
CA THR T 354 -31.73 26.28 68.39
C THR T 354 -33.00 25.45 68.40
N HIS T 355 -33.89 25.65 67.43
CA HIS T 355 -35.11 24.84 67.36
C HIS T 355 -34.79 23.38 67.13
N ALA T 356 -33.87 23.10 66.20
CA ALA T 356 -33.47 21.71 65.95
C ALA T 356 -32.83 21.09 67.18
N LEU T 357 -32.00 21.85 67.90
CA LEU T 357 -31.38 21.34 69.10
C LEU T 357 -32.41 21.05 70.20
N LYS T 358 -33.40 21.93 70.34
CA LYS T 358 -34.45 21.68 71.32
C LYS T 358 -35.25 20.43 70.96
N ALA T 359 -35.56 20.26 69.67
CA ALA T 359 -36.26 19.06 69.24
C ALA T 359 -35.44 17.80 69.51
N LEU T 360 -34.13 17.86 69.24
CA LEU T 360 -33.27 16.71 69.51
C LEU T 360 -33.19 16.41 71.01
N ALA T 361 -33.09 17.46 71.83
CA ALA T 361 -33.05 17.28 73.28
C ALA T 361 -34.35 16.71 73.82
N SER T 362 -35.48 17.01 73.18
CA SER T 362 -36.75 16.42 73.59
C SER T 362 -36.78 14.90 73.42
N ALA T 363 -35.86 14.33 72.64
CA ALA T 363 -35.81 12.90 72.41
C ALA T 363 -34.77 12.18 73.25
N THR T 364 -33.97 12.90 74.03
CA THR T 364 -32.97 12.26 74.87
C THR T 364 -33.62 11.68 76.12
N SER T 365 -32.83 10.87 76.85
CA SER T 365 -33.31 10.25 78.07
C SER T 365 -33.35 11.28 79.19
N GLU T 366 -33.74 10.81 80.39
CA GLU T 366 -33.93 11.70 81.52
C GLU T 366 -32.61 12.32 81.97
N GLY T 367 -31.58 11.49 82.13
CA GLY T 367 -30.33 11.95 82.72
C GLY T 367 -29.27 12.39 81.73
N ILE T 368 -29.65 12.61 80.48
CA ILE T 368 -28.72 13.04 79.44
C ILE T 368 -29.18 14.38 78.89
N GLU T 369 -28.28 15.36 78.92
CA GLU T 369 -28.50 16.66 78.33
C GLU T 369 -27.62 16.81 77.09
N LEU T 370 -28.11 17.55 76.10
CA LEU T 370 -27.35 17.76 74.89
C LEU T 370 -26.08 18.53 75.17
N ASN T 371 -24.98 18.08 74.55
CA ASN T 371 -23.69 18.74 74.68
C ASN T 371 -22.88 18.43 73.43
N VAL T 372 -21.64 18.92 73.42
CA VAL T 372 -20.79 18.77 72.24
C VAL T 372 -20.43 17.32 71.96
N LYS T 373 -20.23 16.50 73.00
CA LYS T 373 -19.73 15.15 72.81
C LYS T 373 -20.72 14.24 72.09
N ASN T 374 -22.01 14.55 72.18
CA ASN T 374 -23.04 13.64 71.68
C ASN T 374 -24.08 14.39 70.84
N THR T 375 -23.61 15.20 69.90
CA THR T 375 -24.52 15.92 69.02
C THR T 375 -23.76 16.35 67.76
N THR T 376 -24.34 16.07 66.60
CA THR T 376 -23.79 16.49 65.32
C THR T 376 -24.79 17.43 64.64
N ILE T 377 -24.29 18.52 64.06
CA ILE T 377 -25.16 19.54 63.47
C ILE T 377 -24.76 19.74 62.01
N ALA T 378 -25.67 19.43 61.10
CA ALA T 378 -25.45 19.61 59.67
C ALA T 378 -26.26 20.79 59.16
N ILE T 379 -25.67 21.61 58.30
CA ILE T 379 -26.31 22.82 57.81
C ILE T 379 -26.11 22.92 56.31
N VAL T 380 -27.19 23.22 55.58
CA VAL T 380 -27.11 23.50 54.14
C VAL T 380 -27.93 24.75 53.87
N GLY T 381 -27.47 25.55 52.90
CA GLY T 381 -28.15 26.80 52.61
C GLY T 381 -27.99 27.31 51.20
N LYS T 382 -28.31 28.59 50.98
CA LYS T 382 -28.26 29.15 49.63
C LYS T 382 -26.82 29.43 49.21
N ASP T 383 -26.03 30.03 50.08
CA ASP T 383 -24.60 30.22 49.86
C ASP T 383 -23.76 29.32 50.77
N THR T 384 -24.39 28.37 51.43
CA THR T 384 -23.73 27.48 52.39
C THR T 384 -23.73 26.06 51.85
N PRO T 385 -22.60 25.55 51.39
CA PRO T 385 -22.52 24.12 51.05
C PRO T 385 -22.75 23.26 52.28
N PHE T 386 -23.26 22.05 52.06
CA PHE T 386 -23.60 21.16 53.16
C PHE T 386 -22.39 20.94 54.05
N THR T 387 -22.47 21.43 55.28
CA THR T 387 -21.36 21.41 56.21
C THR T 387 -21.75 20.67 57.47
N ILE T 388 -20.89 19.76 57.91
CA ILE T 388 -21.08 18.99 59.13
C ILE T 388 -20.32 19.68 60.25
N PHE T 389 -20.92 19.67 61.44
CA PHE T 389 -20.39 20.34 62.62
C PHE T 389 -20.28 19.31 63.74
N GLU T 390 -19.07 19.07 64.19
CA GLU T 390 -18.77 18.09 65.23
C GLU T 390 -17.92 18.78 66.28
N GLU T 391 -17.29 17.97 67.15
CA GLU T 391 -16.74 18.42 68.43
C GLU T 391 -16.11 19.80 68.41
N GLU T 392 -15.16 20.03 67.50
CA GLU T 392 -14.45 21.31 67.50
C GLU T 392 -15.33 22.44 66.99
N SER T 393 -16.04 22.21 65.89
CA SER T 393 -16.85 23.25 65.27
C SER T 393 -18.22 23.43 65.89
N ALA T 394 -18.67 22.49 66.72
CA ALA T 394 -19.99 22.56 67.33
C ALA T 394 -20.03 23.40 68.60
N ARG T 395 -18.88 23.91 69.06
CA ARG T 395 -18.84 24.71 70.27
C ARG T 395 -19.68 25.97 70.17
N LYS T 396 -19.88 26.51 68.97
CA LYS T 396 -20.66 27.74 68.83
C LYS T 396 -22.14 27.53 69.03
N TYR T 397 -22.63 26.30 68.89
CA TYR T 397 -24.05 26.00 69.01
C TYR T 397 -24.41 25.18 70.24
N LEU T 398 -23.48 24.40 70.77
CA LEU T 398 -23.78 23.49 71.86
C LEU T 398 -23.28 23.96 73.22
N ASP T 399 -22.22 24.78 73.26
CA ASP T 399 -21.70 25.24 74.55
C ASP T 399 -22.74 26.07 75.29
N GLY T 400 -23.32 27.07 74.63
CA GLY T 400 -24.42 27.79 75.22
C GLY T 400 -25.76 27.23 74.76
N PHE T 401 -26.32 26.33 75.54
CA PHE T 401 -27.60 25.70 75.22
C PHE T 401 -28.13 24.92 76.42
N LYS T 402 -29.38 25.14 76.79
CA LYS T 402 -30.00 24.41 77.88
C LYS T 402 -31.51 24.44 77.68
N MET T 403 -32.17 23.33 78.01
CA MET T 403 -33.61 23.21 77.82
C MET T 403 -34.32 23.88 78.99
N ARG T 404 -35.01 24.99 78.71
CA ARG T 404 -35.79 25.69 79.71
C ARG T 404 -37.24 25.27 79.59
N PRO T 405 -37.80 24.53 80.56
CA PRO T 405 -39.19 24.07 80.51
C PRO T 405 -40.19 25.21 80.76
N SER U 6 -53.71 -22.32 54.40
CA SER U 6 -52.62 -23.25 54.12
C SER U 6 -51.59 -22.62 53.19
N GLY U 7 -50.97 -23.44 52.36
CA GLY U 7 -49.98 -22.99 51.41
C GLY U 7 -50.51 -22.59 50.04
N HIS U 8 -51.83 -22.49 49.89
CA HIS U 8 -52.45 -22.15 48.62
C HIS U 8 -52.57 -20.65 48.38
N ASP U 9 -52.07 -19.83 49.32
CA ASP U 9 -52.21 -18.38 49.20
C ASP U 9 -50.91 -17.67 49.53
N GLN U 10 -49.78 -18.37 49.44
CA GLN U 10 -48.48 -17.79 49.77
C GLN U 10 -47.77 -17.20 48.57
N SER U 11 -48.12 -17.60 47.35
CA SER U 11 -47.48 -17.10 46.15
C SER U 11 -48.49 -16.99 45.02
N THR U 12 -48.17 -16.16 44.03
CA THR U 12 -49.09 -15.89 42.93
C THR U 12 -49.14 -17.01 41.91
N ASP U 13 -48.11 -17.85 41.85
CA ASP U 13 -48.04 -18.92 40.86
C ASP U 13 -48.92 -20.12 41.21
N VAL U 14 -49.78 -19.99 42.21
CA VAL U 14 -50.58 -21.10 42.70
C VAL U 14 -52.05 -20.75 42.53
N PHE U 15 -52.80 -21.62 41.87
CA PHE U 15 -54.25 -21.50 41.82
C PHE U 15 -54.87 -22.17 43.04
N SER U 16 -56.00 -21.63 43.49
CA SER U 16 -56.76 -22.26 44.56
C SER U 16 -57.63 -23.37 43.98
N ALA U 17 -58.25 -24.13 44.88
CA ALA U 17 -59.13 -25.22 44.45
C ALA U 17 -60.31 -24.73 43.63
N GLU U 18 -60.71 -23.48 43.81
CA GLU U 18 -61.81 -22.89 43.06
C GLU U 18 -61.34 -21.97 41.94
N GLY U 19 -60.06 -22.06 41.57
CA GLY U 19 -59.55 -21.30 40.44
C GLY U 19 -59.23 -19.85 40.72
N ARG U 20 -58.81 -19.52 41.94
CA ARG U 20 -58.52 -18.16 42.33
C ARG U 20 -57.05 -17.99 42.67
N VAL U 21 -56.56 -16.77 42.52
CA VAL U 21 -55.21 -16.39 42.92
C VAL U 21 -55.36 -15.47 44.12
N PHE U 22 -55.08 -16.00 45.32
CA PHE U 22 -55.41 -15.28 46.54
C PHE U 22 -54.48 -14.11 46.81
N GLN U 23 -53.23 -14.19 46.35
CA GLN U 23 -52.31 -13.08 46.57
C GLN U 23 -52.76 -11.83 45.83
N VAL U 24 -53.28 -12.00 44.61
CA VAL U 24 -53.83 -10.86 43.87
C VAL U 24 -55.03 -10.28 44.62
N GLU U 25 -55.88 -11.13 45.19
CA GLU U 25 -57.00 -10.64 45.97
C GLU U 25 -56.55 -9.88 47.20
N TYR U 26 -55.46 -10.34 47.85
CA TYR U 26 -54.92 -9.62 48.99
C TYR U 26 -54.37 -8.26 48.58
N ALA U 27 -53.71 -8.19 47.43
CA ALA U 27 -53.25 -6.91 46.91
C ALA U 27 -54.42 -5.98 46.62
N GLY U 28 -55.50 -6.53 46.05
CA GLY U 28 -56.70 -5.72 45.82
C GLY U 28 -57.32 -5.25 47.12
N LYS U 29 -57.27 -6.07 48.15
CA LYS U 29 -57.75 -5.67 49.47
C LYS U 29 -56.90 -4.53 50.02
N ALA U 30 -55.59 -4.59 49.81
CA ALA U 30 -54.71 -3.48 50.20
C ALA U 30 -55.08 -2.22 49.43
N VAL U 31 -55.44 -2.35 48.16
CA VAL U 31 -55.91 -1.21 47.38
C VAL U 31 -57.20 -0.64 47.98
N ASP U 32 -58.12 -1.53 48.39
CA ASP U 32 -59.41 -1.11 48.91
C ASP U 32 -59.32 -0.39 50.24
N ASN U 33 -58.18 -0.46 50.93
CA ASN U 33 -57.98 0.25 52.18
C ASN U 33 -57.30 1.59 51.99
N SER U 34 -57.06 2.00 50.75
CA SER U 34 -56.36 3.23 50.44
C SER U 34 -57.33 4.39 50.28
N SER U 35 -56.78 5.58 50.14
CA SER U 35 -57.58 6.79 50.03
C SER U 35 -58.40 6.80 48.74
N THR U 36 -59.55 7.45 48.80
CA THR U 36 -60.50 7.45 47.70
C THR U 36 -60.01 8.30 46.53
N ALA U 37 -60.27 7.82 45.32
CA ALA U 37 -59.99 8.55 44.10
C ALA U 37 -61.19 8.42 43.17
N VAL U 38 -61.45 9.47 42.40
CA VAL U 38 -62.54 9.49 41.43
C VAL U 38 -62.00 10.03 40.11
N ALA U 39 -62.69 9.67 39.03
CA ALA U 39 -62.30 10.13 37.71
C ALA U 39 -63.53 10.16 36.81
N ALA U 40 -63.53 11.09 35.86
CA ALA U 40 -64.66 11.30 34.96
C ALA U 40 -64.16 11.66 33.57
N CYS U 41 -64.76 11.03 32.56
CA CYS U 41 -64.51 11.36 31.16
C CYS U 41 -65.66 12.23 30.67
N CYS U 42 -65.35 13.46 30.29
CA CYS U 42 -66.36 14.49 30.07
C CYS U 42 -66.61 14.79 28.59
N LYS U 43 -66.24 13.87 27.71
CA LYS U 43 -66.51 13.97 26.27
C LYS U 43 -65.68 15.08 25.64
N ASP U 44 -64.96 15.84 26.47
CA ASP U 44 -64.01 16.83 25.98
C ASP U 44 -62.70 16.78 26.76
N GLY U 45 -62.53 15.77 27.60
CA GLY U 45 -61.35 15.65 28.45
C GLY U 45 -61.65 14.75 29.63
N VAL U 46 -60.60 14.49 30.41
CA VAL U 46 -60.68 13.61 31.56
C VAL U 46 -60.23 14.39 32.79
N VAL U 47 -60.98 14.25 33.89
CA VAL U 47 -60.68 14.89 35.16
C VAL U 47 -60.54 13.82 36.22
N VAL U 48 -59.41 13.83 36.94
CA VAL U 48 -59.15 12.89 38.02
C VAL U 48 -58.93 13.68 39.30
N ALA U 49 -59.43 13.14 40.41
CA ALA U 49 -59.32 13.80 41.71
C ALA U 49 -59.04 12.74 42.76
N VAL U 50 -58.01 12.97 43.58
CA VAL U 50 -57.65 12.03 44.62
C VAL U 50 -57.60 12.77 45.95
N GLU U 51 -57.81 12.04 47.03
CA GLU U 51 -57.64 12.56 48.38
C GLU U 51 -56.34 12.01 48.94
N LYS U 52 -55.54 12.90 49.54
CA LYS U 52 -54.29 12.53 50.18
C LYS U 52 -54.45 12.72 51.68
N VAL U 53 -54.27 11.66 52.43
CA VAL U 53 -54.34 11.68 53.88
C VAL U 53 -52.92 11.86 54.42
N HIS U 54 -52.75 12.84 55.30
CA HIS U 54 -51.45 13.11 55.87
C HIS U 54 -51.41 12.68 57.33
N THR U 55 -50.33 11.98 57.69
CA THR U 55 -50.11 11.58 59.08
C THR U 55 -49.33 12.62 59.86
N SER U 56 -48.96 13.73 59.23
CA SER U 56 -48.25 14.81 59.91
C SER U 56 -48.77 16.13 59.39
N ARG U 57 -48.79 17.13 60.27
CA ARG U 57 -49.20 18.48 59.91
C ARG U 57 -48.04 19.33 59.44
N MET U 58 -46.81 18.82 59.48
CA MET U 58 -45.63 19.54 59.08
C MET U 58 -45.17 19.19 57.66
N LEU U 59 -45.99 18.47 56.92
CA LEU U 59 -45.64 18.10 55.55
C LEU U 59 -45.69 19.32 54.64
N GLU U 60 -44.70 19.42 53.76
CA GLU U 60 -44.68 20.47 52.75
C GLU U 60 -45.80 20.24 51.75
N LYS U 61 -46.36 21.33 51.24
CA LYS U 61 -47.47 21.24 50.30
C LYS U 61 -47.02 20.53 49.01
N GLY U 62 -47.83 19.58 48.55
CA GLY U 62 -47.49 18.77 47.41
C GLY U 62 -46.78 17.48 47.73
N SER U 63 -46.54 17.18 49.01
CA SER U 63 -45.89 15.95 49.40
C SER U 63 -46.76 14.74 49.06
N ASN U 64 -46.10 13.65 48.70
CA ASN U 64 -46.76 12.38 48.37
C ASN U 64 -47.75 12.56 47.21
N ASN U 65 -47.27 13.16 46.12
CA ASN U 65 -48.10 13.31 44.93
C ASN U 65 -48.53 11.94 44.43
N ARG U 66 -49.82 11.79 44.17
CA ARG U 66 -50.34 10.53 43.64
C ARG U 66 -50.72 10.62 42.16
N ILE U 67 -50.73 11.82 41.59
CA ILE U 67 -51.02 12.02 40.17
C ILE U 67 -49.72 12.44 39.48
N HIS U 68 -49.34 11.71 38.44
CA HIS U 68 -48.09 11.97 37.75
C HIS U 68 -48.32 11.94 36.25
N ALA U 69 -47.71 12.90 35.56
CA ALA U 69 -47.78 12.94 34.10
C ALA U 69 -46.92 11.84 33.51
N VAL U 70 -47.50 11.05 32.63
CA VAL U 70 -46.78 9.98 31.92
C VAL U 70 -46.28 10.47 30.57
N ASP U 71 -47.15 11.14 29.82
CA ASP U 71 -46.76 11.81 28.59
C ASP U 71 -47.30 13.23 28.62
N ARG U 72 -47.23 13.94 27.49
CA ARG U 72 -47.80 15.28 27.45
C ARG U 72 -49.31 15.23 27.66
N GLN U 73 -49.98 14.23 27.07
CA GLN U 73 -51.42 14.12 27.11
C GLN U 73 -51.92 13.04 28.04
N ALA U 74 -51.04 12.30 28.70
CA ALA U 74 -51.42 11.17 29.52
C ALA U 74 -50.90 11.34 30.94
N GLY U 75 -51.69 10.85 31.89
CA GLY U 75 -51.30 10.88 33.30
C GLY U 75 -51.90 9.71 34.02
N ILE U 76 -51.33 9.42 35.20
CA ILE U 76 -51.75 8.27 36.00
C ILE U 76 -51.94 8.73 37.44
N CYS U 77 -53.08 8.36 38.02
CA CYS U 77 -53.35 8.50 39.44
C CYS U 77 -53.21 7.15 40.12
N ILE U 78 -52.64 7.16 41.32
CA ILE U 78 -52.33 5.94 42.06
C ILE U 78 -53.31 5.81 43.21
N CYS U 79 -53.94 4.65 43.33
CA CYS U 79 -54.82 4.34 44.46
C CYS U 79 -54.25 3.10 45.14
N GLY U 80 -53.52 3.29 46.24
CA GLY U 80 -52.89 2.18 46.92
C GLY U 80 -51.47 2.47 47.36
N LEU U 81 -50.61 1.44 47.32
CA LEU U 81 -49.22 1.61 47.73
C LEU U 81 -48.52 2.56 46.77
N LEU U 82 -48.10 3.71 47.29
CA LEU U 82 -47.52 4.78 46.47
C LEU U 82 -46.23 4.37 45.76
N PRO U 83 -45.27 3.71 46.42
CA PRO U 83 -44.06 3.29 45.68
C PRO U 83 -44.34 2.34 44.52
N ASP U 84 -45.29 1.41 44.70
CA ASP U 84 -45.68 0.56 43.59
C ASP U 84 -46.28 1.37 42.45
N GLY U 85 -47.08 2.38 42.81
CA GLY U 85 -47.61 3.29 41.79
C GLY U 85 -46.51 4.05 41.08
N ARG U 86 -45.45 4.43 41.80
CA ARG U 86 -44.33 5.11 41.17
C ARG U 86 -43.62 4.18 40.18
N ALA U 87 -43.46 2.91 40.54
CA ALA U 87 -42.88 1.95 39.61
C ALA U 87 -43.75 1.80 38.36
N ILE U 88 -45.07 1.72 38.56
CA ILE U 88 -45.99 1.60 37.42
C ILE U 88 -45.93 2.86 36.56
N VAL U 89 -45.81 4.02 37.19
CA VAL U 89 -45.70 5.28 36.45
C VAL U 89 -44.41 5.31 35.64
N SER U 90 -43.31 4.83 36.22
CA SER U 90 -42.06 4.75 35.47
C SER U 90 -42.20 3.83 34.26
N ARG U 91 -42.85 2.68 34.44
CA ARG U 91 -43.08 1.79 33.31
C ARG U 91 -43.94 2.45 32.24
N ALA U 92 -45.00 3.16 32.66
CA ALA U 92 -45.86 3.84 31.69
C ALA U 92 -45.12 4.94 30.96
N ARG U 93 -44.24 5.67 31.66
CA ARG U 93 -43.42 6.69 31.00
C ARG U 93 -42.48 6.06 29.99
N GLN U 94 -41.91 4.90 30.33
CA GLN U 94 -41.08 4.18 29.38
C GLN U 94 -41.88 3.77 28.15
N GLU U 95 -43.11 3.30 28.36
CA GLU U 95 -43.97 2.91 27.24
C GLU U 95 -44.32 4.10 26.37
N ALA U 96 -44.60 5.26 26.98
CA ALA U 96 -45.00 6.43 26.22
C ALA U 96 -43.87 6.98 25.38
N GLU U 97 -42.65 7.02 25.93
CA GLU U 97 -41.51 7.53 25.17
C GLU U 97 -41.02 6.56 24.11
N ASN U 98 -41.28 5.25 24.30
CA ASN U 98 -40.95 4.29 23.26
C ASN U 98 -41.78 4.55 22.00
N SER U 99 -43.06 4.87 22.17
CA SER U 99 -43.91 5.20 21.03
C SER U 99 -43.44 6.47 20.35
N ARG U 100 -43.04 7.47 21.12
CA ARG U 100 -42.60 8.74 20.55
C ARG U 100 -41.22 8.64 19.90
N ASP U 101 -40.46 7.61 20.21
CA ASP U 101 -39.11 7.43 19.66
C ASP U 101 -39.03 6.37 18.58
N ILE U 102 -39.81 5.30 18.68
CA ILE U 102 -39.78 4.24 17.69
C ILE U 102 -40.83 4.46 16.60
N PHE U 103 -41.99 5.01 16.96
CA PHE U 103 -43.08 5.18 16.01
C PHE U 103 -43.42 6.63 15.75
N ALA U 104 -42.76 7.58 16.41
CA ALA U 104 -42.91 9.01 16.15
C ALA U 104 -44.38 9.44 16.25
N THR U 105 -45.05 8.96 17.29
CA THR U 105 -46.44 9.31 17.51
C THR U 105 -46.76 9.21 19.00
N PRO U 106 -47.60 10.09 19.53
CA PRO U 106 -48.04 9.94 20.91
C PRO U 106 -48.79 8.63 21.10
N ILE U 107 -48.61 8.03 22.28
CA ILE U 107 -49.23 6.74 22.54
C ILE U 107 -50.72 6.93 22.79
N ARG U 108 -51.53 6.09 22.15
CA ARG U 108 -52.97 6.15 22.33
C ARG U 108 -53.33 5.72 23.75
N GLY U 109 -54.43 6.28 24.26
CA GLY U 109 -54.83 5.98 25.63
C GLY U 109 -55.10 4.51 25.84
N SER U 110 -55.80 3.88 24.90
CA SER U 110 -56.07 2.45 25.00
C SER U 110 -54.78 1.64 24.96
N VAL U 111 -53.84 2.04 24.09
CA VAL U 111 -52.57 1.32 24.00
C VAL U 111 -51.78 1.44 25.30
N LEU U 112 -51.73 2.65 25.86
CA LEU U 112 -51.03 2.84 27.13
C LEU U 112 -51.67 2.05 28.26
N ALA U 113 -53.01 2.03 28.30
CA ALA U 113 -53.70 1.26 29.31
C ALA U 113 -53.42 -0.23 29.16
N ASN U 114 -53.39 -0.72 27.92
CA ASN U 114 -53.07 -2.13 27.69
C ASN U 114 -51.64 -2.45 28.13
N ARG U 115 -50.69 -1.55 27.85
CA ARG U 115 -49.33 -1.78 28.28
C ARG U 115 -49.24 -1.81 29.81
N VAL U 116 -49.93 -0.90 30.48
CA VAL U 116 -49.91 -0.88 31.94
C VAL U 116 -50.51 -2.17 32.50
N GLY U 117 -51.62 -2.62 31.91
CA GLY U 117 -52.24 -3.86 32.36
C GLY U 117 -51.34 -5.07 32.14
N GLU U 118 -50.67 -5.12 30.99
CA GLU U 118 -49.73 -6.22 30.73
C GLU U 118 -48.56 -6.20 31.70
N PHE U 119 -48.04 -5.02 32.02
CA PHE U 119 -46.95 -4.92 32.99
C PHE U 119 -47.40 -5.37 34.37
N MET U 120 -48.61 -4.95 34.80
CA MET U 120 -49.09 -5.33 36.12
C MET U 120 -49.44 -6.81 36.19
N HIS U 121 -49.89 -7.39 35.08
CA HIS U 121 -50.27 -8.81 35.09
C HIS U 121 -49.06 -9.72 35.19
N ALA U 122 -47.92 -9.32 34.64
CA ALA U 122 -46.74 -10.16 34.63
C ALA U 122 -46.23 -10.47 36.04
N TYR U 123 -46.57 -9.63 37.02
CA TYR U 123 -46.16 -9.85 38.40
C TYR U 123 -47.11 -10.75 39.16
N THR U 124 -48.19 -11.21 38.52
CA THR U 124 -49.14 -12.12 39.15
C THR U 124 -48.99 -13.55 38.65
N THR U 125 -47.93 -13.84 37.89
CA THR U 125 -47.76 -15.15 37.29
C THR U 125 -46.49 -15.87 37.71
N HIS U 126 -45.56 -15.19 38.37
CA HIS U 126 -44.28 -15.79 38.76
C HIS U 126 -44.15 -15.85 40.27
N PHE U 127 -43.55 -16.93 40.75
CA PHE U 127 -43.39 -17.12 42.19
C PHE U 127 -42.42 -16.14 42.81
N ALA U 128 -41.49 -15.58 42.03
CA ALA U 128 -40.45 -14.72 42.56
C ALA U 128 -40.90 -13.27 42.74
N TYR U 129 -42.13 -12.94 42.37
CA TYR U 129 -42.63 -11.57 42.48
C TYR U 129 -44.01 -11.58 43.11
N ARG U 130 -44.41 -10.43 43.61
CA ARG U 130 -45.72 -10.21 44.19
C ARG U 130 -46.49 -9.16 43.39
N PRO U 131 -47.82 -9.21 43.39
CA PRO U 131 -48.59 -8.23 42.61
C PRO U 131 -48.46 -6.84 43.21
N PHE U 132 -48.66 -5.84 42.35
CA PHE U 132 -48.66 -4.46 42.80
C PHE U 132 -49.84 -4.20 43.71
N GLY U 133 -49.60 -3.43 44.77
CA GLY U 133 -50.64 -3.12 45.72
C GLY U 133 -51.32 -1.80 45.44
N CYS U 134 -51.51 -1.48 44.17
CA CYS U 134 -52.14 -0.22 43.79
C CYS U 134 -52.93 -0.42 42.50
N SER U 135 -53.97 0.39 42.35
CA SER U 135 -54.72 0.51 41.12
C SER U 135 -54.30 1.78 40.40
N ALA U 136 -54.24 1.70 39.07
CA ALA U 136 -53.78 2.81 38.24
C ALA U 136 -54.96 3.39 37.46
N ILE U 137 -55.13 4.70 37.56
CA ILE U 137 -56.14 5.41 36.78
C ILE U 137 -55.40 6.16 35.68
N ILE U 138 -55.64 5.75 34.44
CA ILE U 138 -54.97 6.34 33.28
C ILE U 138 -55.93 7.31 32.63
N ALA U 139 -55.54 8.59 32.58
CA ALA U 139 -56.32 9.63 31.93
C ALA U 139 -55.51 10.16 30.75
N SER U 140 -56.05 10.00 29.55
CA SER U 140 -55.34 10.39 28.34
C SER U 140 -56.26 11.20 27.44
N TYR U 141 -55.65 12.10 26.66
CA TYR U 141 -56.37 12.77 25.58
C TYR U 141 -55.48 12.64 24.35
N ALA U 142 -55.58 11.50 23.67
CA ALA U 142 -54.78 11.18 22.51
C ALA U 142 -55.62 11.32 21.25
N ASP U 143 -55.09 10.84 20.13
CA ASP U 143 -55.77 10.94 18.85
C ASP U 143 -57.05 10.10 18.81
N ASP U 144 -57.24 9.22 19.80
CA ASP U 144 -58.47 8.45 19.94
C ASP U 144 -59.45 9.11 20.89
N GLY U 145 -59.31 10.42 21.11
CA GLY U 145 -60.23 11.15 21.95
C GLY U 145 -59.92 11.01 23.42
N PRO U 146 -60.75 11.61 24.27
CA PRO U 146 -60.55 11.47 25.73
C PRO U 146 -60.77 10.03 26.15
N GLN U 147 -59.87 9.53 26.99
CA GLN U 147 -59.91 8.14 27.43
C GLN U 147 -59.61 8.06 28.92
N LEU U 148 -60.39 7.23 29.61
CA LEU U 148 -60.24 7.00 31.04
C LEU U 148 -60.26 5.50 31.30
N PHE U 149 -59.15 4.97 31.80
CA PHE U 149 -59.00 3.54 32.03
C PHE U 149 -58.59 3.28 33.47
N VAL U 150 -58.89 2.08 33.94
CA VAL U 150 -58.49 1.64 35.27
C VAL U 150 -57.80 0.28 35.13
N SER U 151 -56.62 0.18 35.73
CA SER U 151 -55.84 -1.06 35.76
C SER U 151 -55.79 -1.57 37.19
N ASP U 152 -56.34 -2.76 37.38
CA ASP U 152 -56.47 -3.59 38.57
C ASP U 152 -55.15 -4.28 38.86
N PRO U 153 -54.78 -4.43 40.15
CA PRO U 153 -53.63 -5.29 40.48
C PRO U 153 -53.64 -6.65 39.79
N SER U 154 -54.80 -7.17 39.43
CA SER U 154 -54.86 -8.38 38.62
C SER U 154 -54.39 -8.16 37.19
N GLY U 155 -54.21 -6.91 36.77
CA GLY U 155 -53.77 -6.60 35.43
C GLY U 155 -54.88 -6.41 34.41
N THR U 156 -56.14 -6.50 34.82
CA THR U 156 -57.24 -6.25 33.89
C THR U 156 -57.52 -4.76 33.81
N VAL U 157 -57.74 -4.27 32.60
CA VAL U 157 -57.99 -2.86 32.35
C VAL U 157 -59.42 -2.70 31.86
N ALA U 158 -60.07 -1.62 32.32
CA ALA U 158 -61.43 -1.34 31.89
C ALA U 158 -61.57 0.16 31.66
N GLY U 159 -62.28 0.52 30.58
CA GLY U 159 -62.57 1.91 30.30
C GLY U 159 -63.86 2.34 30.97
N TYR U 160 -63.88 3.59 31.43
CA TYR U 160 -65.00 4.12 32.19
C TYR U 160 -65.38 5.51 31.71
N TYR U 161 -66.64 5.87 31.95
CA TYR U 161 -67.06 7.26 31.91
C TYR U 161 -66.82 7.94 33.24
N GLY U 162 -67.13 7.24 34.34
CA GLY U 162 -66.81 7.68 35.67
C GLY U 162 -66.43 6.49 36.54
N VAL U 163 -65.43 6.66 37.40
CA VAL U 163 -64.92 5.56 38.21
C VAL U 163 -64.51 6.07 39.58
N ALA U 164 -64.64 5.20 40.57
CA ALA U 164 -64.26 5.49 41.95
C ALA U 164 -63.51 4.30 42.53
N LEU U 165 -62.47 4.58 43.31
CA LEU U 165 -61.65 3.55 43.94
C LEU U 165 -61.31 4.00 45.35
N GLY U 166 -60.96 3.04 46.19
CA GLY U 166 -60.49 3.32 47.53
C GLY U 166 -61.43 2.82 48.61
N LYS U 167 -61.22 3.34 49.83
CA LYS U 167 -62.01 2.92 50.97
C LYS U 167 -63.47 3.37 50.83
N ALA U 168 -63.69 4.63 50.49
CA ALA U 168 -65.03 5.19 50.34
C ALA U 168 -65.44 5.12 48.87
N LYS U 169 -65.49 3.90 48.36
CA LYS U 169 -65.70 3.64 46.94
C LYS U 169 -67.17 3.59 46.57
N THR U 170 -67.97 2.84 47.33
CA THR U 170 -69.37 2.64 46.97
C THR U 170 -70.16 3.95 47.02
N VAL U 171 -69.95 4.75 48.06
CA VAL U 171 -70.67 6.02 48.16
C VAL U 171 -70.23 6.98 47.07
N ALA U 172 -68.92 7.03 46.80
CA ALA U 172 -68.43 7.86 45.70
C ALA U 172 -68.98 7.42 44.35
N LYS U 173 -69.07 6.10 44.13
CA LYS U 173 -69.67 5.60 42.89
C LYS U 173 -71.14 5.99 42.80
N SER U 174 -71.87 5.91 43.92
CA SER U 174 -73.27 6.32 43.92
C SER U 174 -73.42 7.80 43.60
N GLU U 175 -72.55 8.65 44.16
CA GLU U 175 -72.56 10.06 43.79
C GLU U 175 -72.23 10.26 42.32
N LEU U 176 -71.31 9.47 41.78
CA LEU U 176 -70.97 9.58 40.36
C LEU U 176 -72.12 9.15 39.47
N GLU U 177 -72.97 8.22 39.95
CA GLU U 177 -74.12 7.79 39.16
C GLU U 177 -75.14 8.91 38.95
N LYS U 178 -75.05 9.99 39.72
CA LYS U 178 -75.98 11.11 39.59
C LYS U 178 -75.57 12.11 38.52
N LEU U 179 -74.41 11.93 37.89
CA LEU U 179 -73.97 12.81 36.83
C LEU U 179 -74.44 12.29 35.47
N ASP U 180 -74.39 13.17 34.47
CA ASP U 180 -74.89 12.85 33.14
C ASP U 180 -73.79 12.30 32.23
N PHE U 181 -72.60 12.90 32.28
CA PHE U 181 -71.42 12.46 31.54
C PHE U 181 -71.56 12.66 30.04
N SER U 182 -72.71 13.15 29.59
CA SER U 182 -72.86 13.56 28.20
C SER U 182 -72.89 15.07 28.03
N SER U 183 -73.57 15.78 28.92
CA SER U 183 -73.51 17.24 28.99
C SER U 183 -72.45 17.73 29.96
N LEU U 184 -71.80 16.83 30.70
CA LEU U 184 -70.82 17.22 31.70
C LEU U 184 -69.55 17.75 31.02
N THR U 185 -69.05 18.86 31.52
CA THR U 185 -67.81 19.45 31.05
C THR U 185 -66.77 19.47 32.16
N CYS U 186 -65.50 19.53 31.77
CA CYS U 186 -64.41 19.43 32.73
C CYS U 186 -64.43 20.57 33.74
N ASP U 187 -64.83 21.77 33.31
CA ASP U 187 -64.85 22.91 34.22
C ASP U 187 -65.74 22.64 35.42
N GLU U 188 -66.95 22.14 35.20
CA GLU U 188 -67.82 21.77 36.30
C GLU U 188 -67.50 20.39 36.86
N ALA U 189 -66.88 19.51 36.07
CA ALA U 189 -66.51 18.20 36.57
C ALA U 189 -65.45 18.27 37.65
N VAL U 190 -64.54 19.24 37.57
CA VAL U 190 -63.54 19.41 38.62
C VAL U 190 -64.23 19.69 39.95
N GLY U 191 -65.16 20.64 39.97
CA GLY U 191 -65.90 20.96 41.17
C GLY U 191 -66.75 19.81 41.65
N LYS U 192 -67.37 19.09 40.71
CA LYS U 192 -68.20 17.94 41.08
C LYS U 192 -67.37 16.87 41.78
N LEU U 193 -66.21 16.53 41.21
CA LEU U 193 -65.36 15.51 41.81
C LEU U 193 -64.81 15.96 43.16
N ALA U 194 -64.41 17.23 43.26
CA ALA U 194 -63.91 17.74 44.54
C ALA U 194 -65.00 17.71 45.61
N SER U 195 -66.23 18.10 45.24
CA SER U 195 -67.34 18.06 46.18
C SER U 195 -67.65 16.63 46.60
N ILE U 196 -67.62 15.69 45.67
CA ILE U 196 -67.88 14.29 46.01
C ILE U 196 -66.82 13.78 46.98
N LEU U 197 -65.55 14.09 46.70
CA LEU U 197 -64.48 13.64 47.59
C LEU U 197 -64.61 14.25 48.98
N HIS U 198 -64.94 15.54 49.05
CA HIS U 198 -65.13 16.18 50.36
C HIS U 198 -66.31 15.60 51.11
N GLU U 199 -67.42 15.31 50.42
CA GLU U 199 -68.60 14.81 51.09
C GLU U 199 -68.41 13.38 51.58
N VAL U 200 -67.76 12.54 50.77
CA VAL U 200 -67.66 11.11 51.09
C VAL U 200 -66.59 10.83 52.14
N HIS U 201 -65.71 11.79 52.41
CA HIS U 201 -64.60 11.56 53.32
C HIS U 201 -65.04 11.74 54.77
N ASP U 202 -64.58 10.85 55.65
CA ASP U 202 -64.89 10.92 57.06
C ASP U 202 -63.92 11.87 57.77
N LYS U 203 -64.45 12.85 58.47
CA LYS U 203 -63.67 13.92 59.06
C LYS U 203 -63.14 13.60 60.45
N GLN U 204 -63.54 12.47 61.04
CA GLN U 204 -63.12 12.13 62.39
C GLN U 204 -62.04 11.06 62.44
N LYS U 205 -61.64 10.52 61.30
CA LYS U 205 -60.58 9.52 61.25
C LYS U 205 -59.35 9.99 60.50
N ASP U 206 -59.51 10.79 59.45
CA ASP U 206 -58.41 11.35 58.69
C ASP U 206 -58.39 12.85 58.93
N LYS U 207 -57.67 13.26 59.98
CA LYS U 207 -57.69 14.67 60.38
C LYS U 207 -57.06 15.57 59.32
N LEU U 208 -55.94 15.14 58.73
CA LEU U 208 -55.23 15.93 57.74
C LEU U 208 -55.52 15.34 56.36
N TYR U 209 -56.26 16.08 55.54
CA TYR U 209 -56.64 15.63 54.21
C TYR U 209 -56.47 16.78 53.22
N GLU U 210 -56.10 16.43 52.00
CA GLU U 210 -55.98 17.40 50.92
C GLU U 210 -56.58 16.79 49.66
N VAL U 211 -57.15 17.64 48.81
CA VAL U 211 -57.75 17.22 47.55
C VAL U 211 -56.82 17.64 46.42
N GLU U 212 -56.36 16.67 45.64
CA GLU U 212 -55.43 16.88 44.55
C GLU U 212 -56.13 16.52 43.24
N VAL U 213 -56.32 17.51 42.37
CA VAL U 213 -57.12 17.34 41.18
C VAL U 213 -56.26 17.67 39.96
N ALA U 214 -56.36 16.84 38.92
CA ALA U 214 -55.68 17.05 37.65
C ALA U 214 -56.64 16.77 36.52
N TRP U 215 -56.28 17.25 35.33
CA TRP U 215 -57.15 17.11 34.17
C TRP U 215 -56.37 17.36 32.89
N VAL U 216 -56.89 16.81 31.81
CA VAL U 216 -56.36 17.03 30.47
C VAL U 216 -57.51 17.18 29.48
N CYS U 217 -57.80 18.41 29.08
CA CYS U 217 -58.83 18.67 28.09
C CYS U 217 -58.34 19.76 27.13
N ASP U 218 -59.27 20.31 26.36
CA ASP U 218 -58.91 21.31 25.36
C ASP U 218 -58.40 22.59 26.01
N LYS U 219 -58.77 22.86 27.25
CA LYS U 219 -58.40 24.12 27.88
C LYS U 219 -56.91 24.17 28.22
N SER U 220 -56.27 23.03 28.39
CA SER U 220 -54.83 22.96 28.65
C SER U 220 -54.03 22.62 27.40
N ASP U 221 -54.59 22.87 26.21
CA ASP U 221 -53.98 22.48 24.94
C ASP U 221 -53.72 20.98 24.91
N ARG U 222 -54.65 20.21 25.49
CA ARG U 222 -54.58 18.75 25.53
C ARG U 222 -53.32 18.26 26.25
N LYS U 223 -52.93 18.97 27.30
CA LYS U 223 -51.76 18.63 28.09
C LYS U 223 -52.19 18.26 29.50
N PHE U 224 -51.71 17.13 30.00
CA PHE U 224 -52.08 16.65 31.33
C PHE U 224 -51.33 17.46 32.39
N VAL U 225 -52.06 18.30 33.11
CA VAL U 225 -51.49 19.17 34.14
C VAL U 225 -52.39 19.13 35.37
N HIS U 226 -51.87 19.69 36.46
CA HIS U 226 -52.67 19.91 37.65
C HIS U 226 -53.54 21.14 37.47
N VAL U 227 -54.60 21.23 38.27
CA VAL U 227 -55.53 22.37 38.21
C VAL U 227 -54.84 23.63 38.71
N PRO U 228 -55.29 24.81 38.30
CA PRO U 228 -54.91 26.03 39.00
C PRO U 228 -55.35 25.94 40.46
N ALA U 229 -54.53 26.52 41.35
CA ALA U 229 -54.76 26.36 42.78
C ALA U 229 -56.12 26.91 43.20
N ASP U 230 -56.51 28.06 42.64
CA ASP U 230 -57.78 28.70 43.01
C ASP U 230 -58.92 28.28 42.08
N MET U 231 -59.12 26.97 41.94
CA MET U 231 -60.24 26.44 41.16
C MET U 231 -61.06 25.39 41.90
N VAL U 232 -60.43 24.57 42.73
CA VAL U 232 -61.16 23.57 43.51
C VAL U 232 -61.89 24.26 44.64
N PRO U 233 -63.05 23.75 45.07
CA PRO U 233 -63.75 24.36 46.20
C PRO U 233 -62.97 24.21 47.50
N ALA U 234 -63.23 25.13 48.43
CA ALA U 234 -62.56 25.09 49.73
C ALA U 234 -62.91 23.80 50.47
N GLU U 235 -64.19 23.43 50.47
CA GLU U 235 -64.63 22.19 51.09
C GLU U 235 -66.04 21.85 50.62
N THR V 1 -30.83 3.22 -11.51
CA THR V 1 -32.08 3.27 -10.76
C THR V 1 -32.62 4.69 -10.69
N THR V 2 -33.89 4.86 -11.06
CA THR V 2 -34.58 6.14 -10.96
C THR V 2 -35.85 5.93 -10.16
N ILE V 3 -35.95 6.62 -9.02
CA ILE V 3 -37.15 6.56 -8.18
C ILE V 3 -37.55 7.99 -7.83
N LEU V 4 -38.85 8.20 -7.66
CA LEU V 4 -39.33 9.51 -7.26
C LEU V 4 -40.72 9.37 -6.65
N ALA V 5 -41.12 10.40 -5.91
CA ALA V 5 -42.45 10.47 -5.34
C ALA V 5 -42.90 11.93 -5.33
N VAL V 6 -44.14 12.17 -5.75
CA VAL V 6 -44.69 13.51 -5.86
C VAL V 6 -46.05 13.54 -5.17
N SER V 7 -46.26 14.57 -4.34
CA SER V 7 -47.51 14.72 -3.61
C SER V 7 -48.45 15.63 -4.38
N TYR V 8 -49.70 15.21 -4.51
CA TYR V 8 -50.78 16.06 -5.00
C TYR V 8 -51.76 16.30 -3.86
N ASN V 9 -52.87 16.97 -4.16
CA ASN V 9 -53.79 17.38 -3.10
C ASN V 9 -54.37 16.17 -2.37
N GLY V 10 -54.77 15.14 -3.11
CA GLY V 10 -55.38 13.98 -2.48
C GLY V 10 -54.37 13.09 -1.77
N GLY V 11 -53.32 12.67 -2.48
CA GLY V 11 -52.36 11.73 -1.95
C GLY V 11 -51.01 11.87 -2.61
N VAL V 12 -50.40 10.74 -2.94
CA VAL V 12 -49.06 10.71 -3.50
C VAL V 12 -49.02 9.78 -4.72
N VAL V 13 -48.05 10.04 -5.59
CA VAL V 13 -47.74 9.18 -6.72
C VAL V 13 -46.27 8.78 -6.61
N LEU V 14 -46.01 7.48 -6.67
CA LEU V 14 -44.66 6.94 -6.61
C LEU V 14 -44.30 6.37 -7.97
N ALA V 15 -43.16 6.77 -8.51
CA ALA V 15 -42.72 6.36 -9.84
C ALA V 15 -41.32 5.77 -9.74
N ALA V 16 -41.06 4.75 -10.57
CA ALA V 16 -39.76 4.11 -10.57
C ALA V 16 -39.50 3.46 -11.91
N ASP V 17 -38.22 3.27 -12.20
CA ASP V 17 -37.80 2.46 -13.34
C ASP V 17 -37.77 0.99 -12.95
N SER V 18 -37.47 0.13 -13.93
CA SER V 18 -37.37 -1.31 -13.71
C SER V 18 -36.06 -1.79 -14.35
N ARG V 19 -34.97 -1.70 -13.59
CA ARG V 19 -33.67 -2.16 -14.10
C ARG V 19 -32.73 -2.41 -12.94
N THR V 20 -32.40 -3.68 -12.72
CA THR V 20 -31.32 -4.07 -11.82
C THR V 20 -30.12 -4.46 -12.68
N SER V 21 -29.03 -3.72 -12.52
CA SER V 21 -27.86 -3.84 -13.39
C SER V 21 -26.62 -4.15 -12.58
N SER V 22 -25.88 -5.17 -12.99
CA SER V 22 -24.59 -5.50 -12.40
C SER V 22 -23.47 -4.72 -13.10
N GLY V 23 -23.49 -3.41 -12.88
CA GLY V 23 -22.51 -2.52 -13.47
C GLY V 23 -22.83 -2.11 -14.89
N THR V 24 -22.62 -3.02 -15.85
CA THR V 24 -22.88 -2.74 -17.24
C THR V 24 -23.75 -3.79 -17.92
N TYR V 25 -24.17 -4.83 -17.21
CA TYR V 25 -25.06 -5.85 -17.74
C TYR V 25 -26.38 -5.79 -17.00
N VAL V 26 -27.48 -5.96 -17.73
CA VAL V 26 -28.81 -5.89 -17.15
C VAL V 26 -29.17 -7.26 -16.60
N VAL V 27 -29.07 -7.43 -15.29
CA VAL V 27 -29.47 -8.67 -14.67
C VAL V 27 -30.98 -8.82 -14.69
N ASN V 28 -31.70 -7.73 -14.41
CA ASN V 28 -33.15 -7.73 -14.42
C ASN V 28 -33.64 -6.48 -15.15
N ARG V 29 -34.61 -6.66 -16.05
CA ARG V 29 -35.19 -5.53 -16.76
C ARG V 29 -36.68 -5.35 -16.45
N ALA V 30 -37.19 -6.08 -15.45
CA ALA V 30 -38.58 -5.95 -15.03
C ALA V 30 -38.66 -5.94 -13.51
N SER V 31 -37.76 -5.20 -12.87
CA SER V 31 -37.76 -5.11 -11.42
C SER V 31 -38.97 -4.30 -10.93
N ASN V 32 -39.28 -4.46 -9.65
CA ASN V 32 -40.36 -3.71 -9.01
C ASN V 32 -39.77 -3.05 -7.77
N LYS V 33 -39.42 -1.77 -7.90
CA LYS V 33 -38.78 -1.02 -6.83
C LYS V 33 -39.78 -0.30 -5.94
N LEU V 34 -41.06 -0.38 -6.23
CA LEU V 34 -42.11 0.16 -5.37
C LEU V 34 -42.57 -0.97 -4.46
N THR V 35 -42.13 -0.93 -3.20
CA THR V 35 -42.32 -2.01 -2.26
C THR V 35 -43.41 -1.64 -1.26
N LYS V 36 -44.40 -2.51 -1.12
CA LYS V 36 -45.51 -2.28 -0.22
C LYS V 36 -45.07 -2.39 1.24
N LEU V 37 -45.39 -1.38 2.04
CA LEU V 37 -45.19 -1.44 3.49
C LEU V 37 -46.50 -1.75 4.20
N THR V 38 -47.50 -0.89 4.03
CA THR V 38 -48.88 -1.14 4.43
C THR V 38 -49.75 -0.99 3.18
N LYS V 39 -51.07 -1.00 3.38
CA LYS V 39 -51.97 -0.88 2.24
C LYS V 39 -51.79 0.46 1.52
N LYS V 40 -51.61 1.54 2.27
CA LYS V 40 -51.54 2.88 1.70
C LYS V 40 -50.16 3.51 1.79
N ILE V 41 -49.14 2.77 2.21
CA ILE V 41 -47.78 3.31 2.35
C ILE V 41 -46.83 2.41 1.57
N TYR V 42 -46.00 3.02 0.72
CA TYR V 42 -45.02 2.30 -0.09
C TYR V 42 -43.66 2.97 0.05
N CYS V 43 -42.63 2.27 -0.41
CA CYS V 43 -41.29 2.80 -0.42
C CYS V 43 -40.64 2.56 -1.78
N CYS V 44 -39.90 3.56 -2.26
CA CYS V 44 -39.03 3.43 -3.40
C CYS V 44 -37.61 3.15 -2.92
N ARG V 45 -37.01 2.09 -3.45
CA ARG V 45 -35.71 1.61 -3.00
C ARG V 45 -34.66 1.87 -4.08
N SER V 46 -33.52 2.41 -3.68
CA SER V 46 -32.38 2.55 -4.58
C SER V 46 -31.12 2.07 -3.87
N GLY V 47 -30.18 1.55 -4.65
CA GLY V 47 -28.93 1.07 -4.08
C GLY V 47 -28.83 -0.44 -4.06
N SER V 48 -28.31 -0.98 -2.96
CA SER V 48 -28.16 -2.43 -2.84
C SER V 48 -29.52 -3.09 -2.78
N ALA V 49 -29.76 -4.04 -3.69
CA ALA V 49 -31.06 -4.70 -3.75
C ALA V 49 -31.34 -5.53 -2.50
N ALA V 50 -30.34 -6.31 -2.06
CA ALA V 50 -30.54 -7.16 -0.89
C ALA V 50 -30.78 -6.33 0.36
N ASP V 51 -29.99 -5.27 0.55
CA ASP V 51 -30.14 -4.44 1.74
C ASP V 51 -31.50 -3.75 1.76
N THR V 52 -31.92 -3.18 0.64
CA THR V 52 -33.21 -2.50 0.58
C THR V 52 -34.36 -3.47 0.75
N GLN V 53 -34.25 -4.67 0.16
CA GLN V 53 -35.30 -5.67 0.33
C GLN V 53 -35.42 -6.09 1.80
N ALA V 54 -34.29 -6.34 2.46
CA ALA V 54 -34.33 -6.72 3.87
C ALA V 54 -34.89 -5.61 4.73
N LEU V 55 -34.48 -4.36 4.46
CA LEU V 55 -34.99 -3.23 5.22
C LEU V 55 -36.50 -3.10 5.06
N ALA V 56 -36.98 -3.19 3.82
CA ALA V 56 -38.41 -3.05 3.57
C ALA V 56 -39.21 -4.19 4.21
N GLU V 57 -38.71 -5.42 4.12
CA GLU V 57 -39.41 -6.54 4.72
C GLU V 57 -39.48 -6.40 6.24
N ARG V 58 -38.37 -5.99 6.87
CA ARG V 58 -38.37 -5.80 8.31
C ARG V 58 -39.32 -4.69 8.73
N VAL V 59 -39.32 -3.57 7.99
CA VAL V 59 -40.20 -2.46 8.34
C VAL V 59 -41.66 -2.86 8.15
N SER V 60 -41.97 -3.59 7.07
CA SER V 60 -43.34 -4.03 6.84
C SER V 60 -43.80 -5.00 7.92
N ASN V 61 -42.92 -5.90 8.35
CA ASN V 61 -43.25 -6.78 9.47
C ASN V 61 -43.51 -5.98 10.74
N TYR V 62 -42.68 -4.98 11.02
CA TYR V 62 -42.89 -4.16 12.21
C TYR V 62 -44.21 -3.39 12.14
N LEU V 63 -44.54 -2.87 10.97
CA LEU V 63 -45.77 -2.07 10.83
C LEU V 63 -47.02 -2.94 10.89
N GLY V 64 -46.96 -4.15 10.32
CA GLY V 64 -48.12 -5.02 10.36
C GLY V 64 -48.52 -5.42 11.77
N SER V 65 -47.54 -5.70 12.63
CA SER V 65 -47.82 -5.99 14.02
C SER V 65 -48.34 -4.76 14.76
N TYR V 66 -47.84 -3.57 14.41
CA TYR V 66 -48.23 -2.35 15.08
C TYR V 66 -49.70 -2.03 14.84
N GLN V 67 -50.19 -2.30 13.62
CA GLN V 67 -51.61 -2.10 13.33
C GLN V 67 -52.48 -2.98 14.21
N THR V 68 -52.10 -4.25 14.37
CA THR V 68 -52.85 -5.15 15.22
C THR V 68 -52.79 -4.72 16.68
N ASP V 69 -51.63 -4.25 17.13
CA ASP V 69 -51.49 -3.81 18.51
C ASP V 69 -52.37 -2.60 18.81
N ILE V 70 -52.31 -1.57 17.96
CA ILE V 70 -53.08 -0.37 18.24
C ILE V 70 -54.50 -0.45 17.71
N GLY V 71 -54.79 -1.35 16.78
CA GLY V 71 -56.12 -1.47 16.24
C GLY V 71 -56.55 -0.32 15.36
N ALA V 72 -55.60 0.43 14.81
CA ALA V 72 -55.90 1.55 13.93
C ALA V 72 -54.88 1.55 12.79
N GLY V 73 -54.99 2.57 11.93
CA GLY V 73 -54.06 2.70 10.83
C GLY V 73 -52.75 3.33 11.26
N VAL V 74 -51.77 3.27 10.35
CA VAL V 74 -50.43 3.78 10.60
C VAL V 74 -50.21 5.03 9.75
N ASN V 75 -49.67 6.06 10.38
CA ASN V 75 -49.30 7.28 9.66
C ASN V 75 -48.03 7.05 8.86
N VAL V 76 -47.85 7.86 7.82
CA VAL V 76 -46.64 7.76 7.01
C VAL V 76 -45.41 8.14 7.84
N ALA V 77 -45.58 9.03 8.82
CA ALA V 77 -44.46 9.44 9.66
C ALA V 77 -43.90 8.27 10.45
N THR V 78 -44.75 7.33 10.87
CA THR V 78 -44.27 6.17 11.61
C THR V 78 -43.36 5.30 10.75
N ALA V 79 -43.77 5.03 9.50
CA ALA V 79 -42.92 4.25 8.60
C ALA V 79 -41.64 5.00 8.26
N ALA V 80 -41.74 6.32 8.08
CA ALA V 80 -40.54 7.11 7.82
C ALA V 80 -39.58 7.03 9.00
N ASN V 81 -40.10 7.10 10.23
CA ASN V 81 -39.25 6.98 11.41
C ASN V 81 -38.62 5.60 11.50
N LEU V 82 -39.38 4.55 11.16
CA LEU V 82 -38.84 3.20 11.20
C LEU V 82 -37.67 3.05 10.23
N PHE V 83 -37.86 3.47 8.97
CA PHE V 83 -36.74 3.44 8.03
C PHE V 83 -35.58 4.32 8.48
N GLN V 84 -35.87 5.51 9.01
CA GLN V 84 -34.78 6.40 9.41
C GLN V 84 -33.94 5.76 10.51
N LYS V 85 -34.59 5.18 11.52
CA LYS V 85 -33.86 4.52 12.59
C LYS V 85 -33.06 3.33 12.05
N MET V 86 -33.69 2.48 11.23
CA MET V 86 -33.04 1.26 10.80
C MET V 86 -31.90 1.56 9.83
N CYS V 87 -32.02 2.60 9.02
CA CYS V 87 -30.94 3.01 8.13
C CYS V 87 -29.84 3.77 8.84
N TYR V 88 -30.16 4.48 9.93
CA TYR V 88 -29.14 5.18 10.69
C TYR V 88 -28.31 4.23 11.55
N MET V 89 -28.92 3.16 12.07
CA MET V 89 -28.15 2.20 12.84
C MET V 89 -27.27 1.32 11.96
N ASN V 90 -27.53 1.28 10.65
CA ASN V 90 -26.77 0.43 9.74
C ASN V 90 -26.14 1.22 8.60
N ARG V 91 -25.91 2.53 8.79
CA ARG V 91 -25.48 3.37 7.68
C ARG V 91 -24.11 3.00 7.13
N TRP V 92 -23.25 2.36 7.95
CA TRP V 92 -21.92 2.00 7.49
C TRP V 92 -21.85 0.65 6.80
N ASN V 93 -22.89 -0.17 6.91
CA ASN V 93 -22.87 -1.51 6.35
C ASN V 93 -23.81 -1.69 5.17
N ILE V 94 -24.71 -0.76 4.91
CA ILE V 94 -25.69 -0.89 3.84
C ILE V 94 -25.55 0.27 2.88
N SER V 95 -26.03 0.05 1.66
CA SER V 95 -26.07 1.07 0.61
C SER V 95 -27.53 1.19 0.18
N ALA V 96 -28.25 2.16 0.74
CA ALA V 96 -29.68 2.25 0.50
C ALA V 96 -30.12 3.71 0.51
N GLY V 97 -30.92 4.08 -0.49
CA GLY V 97 -31.64 5.33 -0.51
C GLY V 97 -33.12 5.04 -0.58
N ILE V 98 -33.89 5.55 0.38
CA ILE V 98 -35.28 5.17 0.54
C ILE V 98 -36.16 6.39 0.37
N ILE V 99 -37.29 6.21 -0.29
CA ILE V 99 -38.36 7.20 -0.33
C ILE V 99 -39.59 6.54 0.27
N VAL V 100 -40.14 7.14 1.32
CA VAL V 100 -41.33 6.61 1.98
C VAL V 100 -42.49 7.54 1.65
N ALA V 101 -43.46 7.04 0.89
CA ALA V 101 -44.57 7.87 0.48
C ALA V 101 -45.87 7.12 0.68
N GLY V 102 -46.89 7.84 1.12
CA GLY V 102 -48.15 7.18 1.37
C GLY V 102 -49.24 8.15 1.75
N TYR V 103 -50.39 7.57 2.11
CA TYR V 103 -51.55 8.32 2.55
C TYR V 103 -51.99 7.82 3.92
N ASP V 104 -52.30 8.77 4.80
CA ASP V 104 -52.95 8.48 6.07
C ASP V 104 -54.08 9.49 6.26
N PRO V 105 -55.16 9.10 6.94
CA PRO V 105 -56.30 10.02 7.09
C PRO V 105 -55.98 11.26 7.89
N ILE V 106 -54.91 11.27 8.69
CA ILE V 106 -54.63 12.40 9.55
C ILE V 106 -53.86 13.48 8.82
N ASN V 107 -52.78 13.11 8.14
CA ASN V 107 -51.90 14.06 7.48
C ASN V 107 -52.03 14.05 5.95
N GLY V 108 -52.99 13.32 5.41
CA GLY V 108 -53.16 13.24 3.97
C GLY V 108 -52.04 12.46 3.30
N GLY V 109 -51.53 12.98 2.19
CA GLY V 109 -50.42 12.37 1.50
C GLY V 109 -49.09 12.94 1.96
N SER V 110 -48.13 12.04 2.21
CA SER V 110 -46.83 12.43 2.73
C SER V 110 -45.72 11.74 1.94
N VAL V 111 -44.62 12.47 1.76
CA VAL V 111 -43.41 12.00 1.10
C VAL V 111 -42.22 12.32 1.97
N TYR V 112 -41.39 11.30 2.24
CA TYR V 112 -40.19 11.43 3.06
C TYR V 112 -39.01 10.88 2.30
N SER V 113 -37.88 11.57 2.37
CA SER V 113 -36.63 11.12 1.77
C SER V 113 -35.67 10.71 2.87
N ILE V 114 -35.10 9.52 2.73
CA ILE V 114 -34.08 9.00 3.64
C ILE V 114 -32.86 8.65 2.79
N PRO V 115 -31.89 9.55 2.67
CA PRO V 115 -30.72 9.27 1.82
C PRO V 115 -29.77 8.26 2.45
N SER V 116 -28.63 8.04 1.80
CA SER V 116 -27.66 7.07 2.30
C SER V 116 -27.13 7.44 3.68
N GLY V 117 -27.09 8.74 3.99
CA GLY V 117 -26.60 9.17 5.30
C GLY V 117 -27.44 8.68 6.45
N GLY V 118 -28.75 8.58 6.26
CA GLY V 118 -29.66 8.16 7.31
C GLY V 118 -30.58 9.25 7.85
N SER V 119 -30.63 10.41 7.21
CA SER V 119 -31.53 11.47 7.65
C SER V 119 -32.94 11.21 7.14
N CYS V 120 -33.88 12.06 7.54
CA CYS V 120 -35.26 11.95 7.09
C CYS V 120 -35.82 13.35 6.88
N VAL V 121 -36.22 13.65 5.66
CA VAL V 121 -36.73 14.97 5.30
C VAL V 121 -38.12 14.82 4.70
N LYS V 122 -39.08 15.57 5.22
CA LYS V 122 -40.43 15.57 4.70
C LYS V 122 -40.52 16.60 3.57
N LEU V 123 -40.89 16.15 2.37
CA LEU V 123 -40.84 16.99 1.19
C LEU V 123 -42.13 16.87 0.40
N ASP V 124 -42.37 17.86 -0.47
CA ASP V 124 -43.45 17.78 -1.44
C ASP V 124 -43.14 16.75 -2.52
N TYR V 125 -41.89 16.69 -2.97
CA TYR V 125 -41.47 15.66 -3.90
C TYR V 125 -40.05 15.22 -3.53
N ALA V 126 -39.73 13.98 -3.88
CA ALA V 126 -38.42 13.40 -3.59
C ALA V 126 -37.93 12.63 -4.80
N LEU V 127 -36.62 12.69 -5.03
CA LEU V 127 -35.95 11.97 -6.10
C LEU V 127 -34.84 11.11 -5.53
N GLY V 128 -34.52 10.01 -6.20
CA GLY V 128 -33.49 9.12 -5.72
C GLY V 128 -32.98 8.21 -6.80
N GLY V 129 -31.77 7.69 -6.57
CA GLY V 129 -31.11 6.81 -7.51
C GLY V 129 -30.09 7.54 -8.36
N SER V 130 -29.40 6.76 -9.19
CA SER V 130 -28.40 7.33 -10.09
C SER V 130 -29.02 8.27 -11.11
N GLY V 131 -30.24 7.97 -11.56
CA GLY V 131 -30.92 8.79 -12.53
C GLY V 131 -31.60 10.03 -11.98
N SER V 132 -31.63 10.19 -10.65
CA SER V 132 -32.25 11.37 -10.07
C SER V 132 -31.47 12.63 -10.38
N ILE V 133 -30.16 12.53 -10.59
CA ILE V 133 -29.33 13.70 -10.83
C ILE V 133 -29.76 14.42 -12.11
N PHE V 134 -30.37 13.69 -13.04
CA PHE V 134 -30.84 14.29 -14.28
C PHE V 134 -32.18 14.99 -14.13
N LEU V 135 -32.89 14.78 -13.02
CA LEU V 135 -34.27 15.26 -12.90
C LEU V 135 -34.40 16.57 -12.15
N TYR V 136 -33.38 16.97 -11.39
CA TYR V 136 -33.51 18.15 -10.54
C TYR V 136 -33.83 19.39 -11.36
N SER V 137 -33.02 19.68 -12.37
CA SER V 137 -33.32 20.80 -13.26
C SER V 137 -34.58 20.56 -14.06
N PHE V 138 -34.97 19.29 -14.24
CA PHE V 138 -36.26 19.01 -14.86
C PHE V 138 -37.41 19.43 -13.95
N PHE V 139 -37.26 19.26 -12.64
CA PHE V 139 -38.31 19.67 -11.72
C PHE V 139 -38.30 21.17 -11.49
N ASP V 140 -37.13 21.80 -11.54
CA ASP V 140 -37.06 23.25 -11.33
C ASP V 140 -37.72 24.01 -12.46
N ALA V 141 -37.76 23.43 -13.67
CA ALA V 141 -38.29 24.10 -14.84
C ALA V 141 -39.70 23.69 -15.21
N ASN V 142 -40.03 22.41 -15.09
CA ASN V 142 -41.29 21.89 -15.63
C ASN V 142 -42.31 21.47 -14.57
N TYR V 143 -41.91 21.40 -13.30
CA TYR V 143 -42.80 20.93 -12.25
C TYR V 143 -43.49 22.11 -11.58
N LYS V 144 -44.82 22.08 -11.56
CA LYS V 144 -45.63 23.05 -10.84
C LYS V 144 -46.41 22.31 -9.76
N PRO V 145 -46.26 22.69 -8.49
CA PRO V 145 -47.03 22.02 -7.43
C PRO V 145 -48.52 22.30 -7.56
N GLY V 146 -49.32 21.35 -7.08
CA GLY V 146 -50.75 21.47 -7.12
C GLY V 146 -51.43 20.84 -8.32
N MET V 147 -50.81 19.85 -8.94
CA MET V 147 -51.41 19.18 -10.08
C MET V 147 -52.47 18.19 -9.62
N SER V 148 -53.32 17.79 -10.57
CA SER V 148 -54.33 16.79 -10.30
C SER V 148 -53.70 15.40 -10.23
N LYS V 149 -54.51 14.39 -9.93
CA LYS V 149 -54.01 13.03 -9.82
C LYS V 149 -53.47 12.52 -11.15
N SER V 150 -54.28 12.62 -12.21
CA SER V 150 -53.85 12.17 -13.52
C SER V 150 -52.67 12.99 -14.03
N GLU V 151 -52.70 14.31 -13.79
CA GLU V 151 -51.59 15.17 -14.18
C GLU V 151 -50.32 14.76 -13.45
N CYS V 152 -50.43 14.46 -12.16
CA CYS V 152 -49.26 14.04 -11.39
C CYS V 152 -48.70 12.73 -11.91
N VAL V 153 -49.58 11.76 -12.23
CA VAL V 153 -49.11 10.48 -12.76
C VAL V 153 -48.40 10.68 -14.09
N ALA V 154 -49.00 11.48 -14.98
CA ALA V 154 -48.39 11.73 -16.28
C ALA V 154 -47.04 12.42 -16.14
N PHE V 155 -46.95 13.41 -15.25
CA PHE V 155 -45.68 14.11 -15.03
C PHE V 155 -44.63 13.17 -14.46
N CYS V 156 -45.02 12.29 -13.53
CA CYS V 156 -44.06 11.34 -12.97
C CYS V 156 -43.54 10.39 -14.03
N GLN V 157 -44.43 9.89 -14.90
CA GLN V 157 -44.00 9.01 -15.97
C GLN V 157 -43.07 9.74 -16.94
N ARG V 158 -43.41 10.98 -17.29
CA ARG V 158 -42.55 11.76 -18.19
C ARG V 158 -41.18 12.01 -17.56
N ALA V 159 -41.15 12.32 -16.27
CA ALA V 159 -39.89 12.54 -15.58
C ALA V 159 -39.04 11.27 -15.55
N VAL V 160 -39.67 10.12 -15.27
CA VAL V 160 -38.90 8.87 -15.26
C VAL V 160 -38.35 8.57 -16.64
N ALA V 161 -39.14 8.79 -17.68
CA ALA V 161 -38.67 8.56 -19.05
C ALA V 161 -37.48 9.45 -19.37
N HIS V 162 -37.59 10.75 -19.03
CA HIS V 162 -36.47 11.66 -19.26
C HIS V 162 -35.25 11.26 -18.46
N ALA V 163 -35.45 10.71 -17.26
CA ALA V 163 -34.33 10.31 -16.42
C ALA V 163 -33.59 9.12 -17.02
N TYR V 164 -34.31 8.07 -17.42
CA TYR V 164 -33.57 6.91 -17.92
C TYR V 164 -33.20 7.05 -19.39
N SER V 165 -33.69 8.08 -20.09
CA SER V 165 -33.17 8.32 -21.43
C SER V 165 -31.70 8.70 -21.40
N ARG V 166 -31.25 9.33 -20.32
CA ARG V 166 -29.86 9.76 -20.18
C ARG V 166 -29.04 8.88 -19.25
N ASP V 167 -29.67 8.12 -18.38
CA ASP V 167 -28.96 7.29 -17.41
C ASP V 167 -28.84 5.87 -17.94
N GLY V 168 -27.60 5.38 -18.05
CA GLY V 168 -27.37 4.01 -18.49
C GLY V 168 -27.76 2.97 -17.46
N SER V 169 -27.73 3.31 -16.18
CA SER V 169 -28.12 2.38 -15.13
C SER V 169 -29.63 2.29 -14.94
N SER V 170 -30.40 3.12 -15.62
CA SER V 170 -31.85 3.12 -15.55
C SER V 170 -32.44 2.82 -16.91
N GLY V 171 -33.64 2.25 -16.91
CA GLY V 171 -34.31 1.94 -18.15
C GLY V 171 -35.39 0.90 -17.93
N GLY V 172 -35.97 0.45 -19.04
CA GLY V 172 -36.99 -0.56 -19.01
C GLY V 172 -38.39 -0.03 -18.79
N LEU V 173 -39.18 -0.75 -18.00
CA LEU V 173 -40.56 -0.37 -17.72
C LEU V 173 -40.60 0.83 -16.79
N ILE V 174 -41.71 1.56 -16.83
CA ILE V 174 -41.99 2.61 -15.87
C ILE V 174 -43.16 2.15 -15.01
N ARG V 175 -42.94 2.07 -13.70
CA ARG V 175 -43.97 1.63 -12.76
C ARG V 175 -44.38 2.81 -11.90
N THR V 176 -45.69 3.06 -11.83
CA THR V 176 -46.25 4.10 -10.99
C THR V 176 -47.34 3.51 -10.13
N ILE V 177 -47.50 4.07 -8.93
CA ILE V 177 -48.59 3.71 -8.04
C ILE V 177 -49.14 4.98 -7.40
N THR V 178 -50.45 5.08 -7.34
CA THR V 178 -51.14 6.20 -6.72
C THR V 178 -51.76 5.74 -5.41
N LEU V 179 -51.45 6.48 -4.34
CA LEU V 179 -51.92 6.19 -2.99
C LEU V 179 -52.71 7.38 -2.48
N ASP V 180 -53.98 7.18 -2.18
CA ASP V 180 -54.84 8.25 -1.65
C ASP V 180 -55.96 7.59 -0.86
N ALA V 181 -57.00 8.38 -0.55
CA ALA V 181 -58.11 7.87 0.27
C ALA V 181 -58.88 6.78 -0.46
N ASP V 182 -58.77 6.71 -1.78
CA ASP V 182 -59.43 5.67 -2.55
C ASP V 182 -58.53 4.44 -2.62
N GLU V 183 -58.90 3.48 -3.45
CA GLU V 183 -58.08 2.29 -3.59
C GLU V 183 -56.80 2.62 -4.35
N PRO V 184 -55.64 2.20 -3.83
CA PRO V 184 -54.38 2.49 -4.53
C PRO V 184 -54.37 1.83 -5.90
N GLU V 185 -53.86 2.54 -6.90
CA GLU V 185 -53.91 2.05 -8.28
C GLU V 185 -52.52 2.05 -8.88
N ASP V 186 -52.12 0.92 -9.44
CA ASP V 186 -50.81 0.77 -10.06
C ASP V 186 -50.92 0.84 -11.58
N GLN V 187 -49.76 1.02 -12.21
CA GLN V 187 -49.68 1.13 -13.66
C GLN V 187 -48.26 0.84 -14.09
N THR V 188 -48.11 0.08 -15.17
CA THR V 188 -46.81 -0.25 -15.73
C THR V 188 -46.85 0.03 -17.22
N ILE V 189 -46.09 1.02 -17.67
CA ILE V 189 -46.02 1.39 -19.08
C ILE V 189 -44.70 0.89 -19.65
N PRO V 190 -44.69 0.27 -20.82
CA PRO V 190 -43.47 -0.29 -21.39
C PRO V 190 -42.60 0.78 -22.04
N TRP V 191 -41.40 0.36 -22.44
CA TRP V 191 -40.48 1.30 -23.06
C TRP V 191 -40.96 1.75 -24.44
N ASN V 192 -41.56 0.85 -25.22
CA ASN V 192 -42.02 1.21 -26.55
C ASN V 192 -43.21 2.16 -26.54
N ARG V 193 -43.85 2.36 -25.37
CA ARG V 193 -44.92 3.33 -25.23
C ARG V 193 -44.54 4.44 -24.26
N SER V 194 -43.24 4.60 -23.99
CA SER V 194 -42.79 5.57 -23.02
C SER V 194 -43.08 6.99 -23.50
N PRO V 195 -43.37 7.92 -22.58
CA PRO V 195 -43.64 9.31 -22.98
C PRO V 195 -42.46 10.01 -23.63
N TYR V 196 -41.23 9.54 -23.42
CA TYR V 196 -40.09 10.17 -24.07
C TYR V 196 -38.94 9.19 -24.18
N CYS V 197 -38.21 9.28 -25.29
CA CYS V 197 -36.91 8.66 -25.47
C CYS V 197 -36.20 9.38 -26.60
N MET V 198 -34.87 9.34 -26.59
CA MET V 198 -34.12 10.06 -27.61
C MET V 198 -34.26 9.41 -28.98
N GLU V 199 -34.62 8.13 -29.04
CA GLU V 199 -34.76 7.46 -30.34
C GLU V 199 -35.91 8.04 -31.15
N LYS V 200 -37.01 8.44 -30.50
CA LYS V 200 -38.15 9.03 -31.17
C LYS V 200 -38.10 10.54 -31.20
N ASP V 201 -37.08 11.16 -30.60
CA ASP V 201 -37.00 12.61 -30.56
C ASP V 201 -36.58 13.14 -31.92
N PRO V 202 -37.37 13.99 -32.57
CA PRO V 202 -37.01 14.47 -33.91
C PRO V 202 -35.73 15.29 -33.96
N LYS V 203 -35.30 15.91 -32.86
CA LYS V 203 -34.11 16.74 -32.91
C LYS V 203 -32.82 15.94 -32.83
N TYR V 204 -32.88 14.64 -32.57
CA TYR V 204 -31.71 13.77 -32.59
C TYR V 204 -31.74 12.81 -33.78
N VAL V 205 -32.60 13.09 -34.76
CA VAL V 205 -32.70 12.23 -35.93
C VAL V 205 -31.50 12.39 -36.86
N THR V 206 -31.07 13.63 -37.09
CA THR V 206 -29.94 13.89 -37.97
C THR V 206 -28.65 13.51 -37.27
N GLN V 207 -27.84 12.68 -37.93
CA GLN V 207 -26.60 12.21 -37.35
C GLN V 207 -25.52 13.29 -37.40
N ALA V 208 -24.64 13.26 -36.41
CA ALA V 208 -23.50 14.18 -36.40
C ALA V 208 -22.61 13.92 -37.61
N THR V 209 -22.08 14.99 -38.19
CA THR V 209 -21.26 14.89 -39.40
C THR V 209 -19.82 14.61 -39.00
N GLN V 210 -19.49 13.31 -38.94
CA GLN V 210 -18.17 12.87 -38.50
C GLN V 210 -17.35 12.21 -39.59
N ASN V 211 -17.99 11.47 -40.50
CA ASN V 211 -17.28 10.72 -41.54
C ASN V 211 -17.30 11.52 -42.83
N GLN V 212 -16.43 12.51 -42.90
CA GLN V 212 -16.34 13.36 -44.08
C GLN V 212 -15.89 12.54 -45.29
N PRO V 213 -16.56 12.68 -46.44
CA PRO V 213 -15.99 12.15 -47.68
C PRO V 213 -14.74 12.94 -48.05
N PHE V 214 -13.83 12.28 -48.74
CA PHE V 214 -12.62 12.95 -49.22
C PHE V 214 -13.02 13.95 -50.30
N SER V 215 -12.78 15.24 -50.04
CA SER V 215 -13.27 16.31 -50.89
C SER V 215 -12.16 17.32 -51.15
N SER V 216 -12.35 18.08 -52.24
CA SER V 216 -11.42 19.14 -52.62
C SER V 216 -11.74 20.47 -51.96
N SER V 217 -12.79 20.53 -51.12
CA SER V 217 -13.22 21.76 -50.50
C SER V 217 -13.36 21.56 -48.99
N ALA V 218 -13.34 22.67 -48.27
CA ALA V 218 -13.57 22.68 -46.82
C ALA V 218 -15.05 22.69 -46.46
N LYS V 219 -15.93 22.73 -47.45
CA LYS V 219 -17.37 22.72 -47.18
C LYS V 219 -17.80 21.37 -46.62
N ILE V 220 -18.53 21.40 -45.51
CA ILE V 220 -19.04 20.18 -44.89
C ILE V 220 -20.35 19.81 -45.55
N THR V 221 -20.43 18.58 -46.07
CA THR V 221 -21.56 18.16 -46.89
C THR V 221 -22.15 16.84 -46.44
N GLY V 222 -22.04 16.50 -45.15
CA GLY V 222 -22.65 15.29 -44.64
C GLY V 222 -21.68 14.13 -44.55
N ASN V 223 -22.19 13.04 -43.99
CA ASN V 223 -21.39 11.83 -43.80
C ASN V 223 -21.33 11.02 -45.08
N ARG V 224 -20.26 10.23 -45.21
CA ARG V 224 -20.07 9.33 -46.34
C ARG V 224 -20.72 8.00 -46.00
N MET V 225 -21.80 7.67 -46.71
CA MET V 225 -22.55 6.45 -46.47
C MET V 225 -22.48 5.48 -47.64
N SER V 226 -21.58 5.71 -48.59
CA SER V 226 -21.44 4.84 -49.75
C SER V 226 -19.97 4.76 -50.14
N SER V 227 -19.56 3.59 -50.63
CA SER V 227 -18.19 3.44 -51.12
C SER V 227 -17.96 4.30 -52.36
N THR V 228 -18.87 4.25 -53.32
CA THR V 228 -18.76 5.09 -54.50
C THR V 228 -18.89 6.57 -54.15
N GLY V 229 -19.81 6.90 -53.26
CA GLY V 229 -20.01 8.29 -52.85
C GLY V 229 -19.61 8.54 -51.41
N THR W 1 -20.44 -22.68 -14.81
CA THR W 1 -21.77 -23.15 -14.42
C THR W 1 -22.86 -22.33 -15.09
N THR W 2 -23.87 -23.02 -15.63
CA THR W 2 -25.00 -22.36 -16.28
C THR W 2 -26.27 -23.03 -15.77
N ILE W 3 -27.12 -22.27 -15.09
CA ILE W 3 -28.41 -22.76 -14.62
C ILE W 3 -29.50 -21.84 -15.15
N VAL W 4 -30.57 -22.44 -15.67
CA VAL W 4 -31.63 -21.72 -16.37
C VAL W 4 -32.98 -22.18 -15.82
N GLY W 5 -33.90 -21.22 -15.68
CA GLY W 5 -35.26 -21.53 -15.28
C GLY W 5 -36.28 -20.87 -16.18
N VAL W 6 -37.36 -21.57 -16.50
CA VAL W 6 -38.37 -21.08 -17.43
C VAL W 6 -39.75 -21.43 -16.89
N VAL W 7 -40.67 -20.48 -16.91
CA VAL W 7 -42.07 -20.73 -16.59
C VAL W 7 -42.83 -20.98 -17.88
N TYR W 8 -43.53 -22.10 -17.95
CA TYR W 8 -44.32 -22.45 -19.12
C TYR W 8 -45.80 -22.58 -18.71
N ARG W 9 -46.61 -23.10 -19.65
CA ARG W 9 -48.06 -23.15 -19.49
C ARG W 9 -48.50 -23.61 -18.10
N ASP W 10 -48.02 -24.77 -17.66
CA ASP W 10 -48.34 -25.28 -16.31
C ASP W 10 -47.12 -25.98 -15.71
N GLY W 11 -46.32 -25.21 -14.98
CA GLY W 11 -45.15 -25.73 -14.30
C GLY W 11 -43.92 -24.90 -14.57
N VAL W 12 -42.78 -25.43 -14.13
CA VAL W 12 -41.48 -24.78 -14.29
C VAL W 12 -40.49 -25.80 -14.82
N VAL W 13 -39.64 -25.35 -15.75
CA VAL W 13 -38.59 -26.19 -16.31
C VAL W 13 -37.25 -25.60 -15.88
N LEU W 14 -36.45 -26.39 -15.20
CA LEU W 14 -35.12 -26.00 -14.77
C LEU W 14 -34.07 -26.79 -15.56
N GLY W 15 -32.91 -26.20 -15.74
CA GLY W 15 -31.83 -26.84 -16.47
C GLY W 15 -30.50 -26.41 -15.95
N ALA W 16 -29.51 -27.28 -16.11
CA ALA W 16 -28.17 -27.01 -15.61
C ALA W 16 -27.15 -27.75 -16.46
N ASP W 17 -25.88 -27.37 -16.31
CA ASP W 17 -24.79 -28.12 -16.88
C ASP W 17 -24.26 -29.11 -15.84
N THR W 18 -23.29 -29.94 -16.25
CA THR W 18 -22.77 -30.99 -15.37
C THR W 18 -21.27 -30.92 -15.14
N ARG W 19 -20.61 -29.85 -15.57
CA ARG W 19 -19.16 -29.75 -15.40
C ARG W 19 -18.82 -29.01 -14.11
N ALA W 20 -17.97 -29.62 -13.30
CA ALA W 20 -17.44 -29.00 -12.09
C ALA W 20 -15.93 -28.82 -12.28
N THR W 21 -15.46 -27.58 -12.12
CA THR W 21 -14.07 -27.24 -12.37
C THR W 21 -13.34 -27.01 -11.05
N GLU W 22 -12.27 -27.76 -10.82
CA GLU W 22 -11.46 -27.61 -9.62
C GLU W 22 -10.36 -26.56 -9.88
N GLY W 23 -10.82 -25.33 -10.08
CA GLY W 23 -9.90 -24.24 -10.34
C GLY W 23 -9.19 -24.37 -11.67
N SER W 24 -9.94 -24.20 -12.76
CA SER W 24 -9.48 -24.22 -14.15
C SER W 24 -9.14 -25.63 -14.64
N ILE W 25 -9.45 -26.67 -13.86
CA ILE W 25 -9.30 -28.05 -14.30
C ILE W 25 -10.59 -28.79 -13.98
N VAL W 26 -11.04 -29.63 -14.91
CA VAL W 26 -12.31 -30.34 -14.77
C VAL W 26 -12.15 -31.43 -13.73
N ALA W 27 -12.79 -31.25 -12.57
CA ALA W 27 -12.76 -32.27 -11.52
C ALA W 27 -13.71 -33.42 -11.85
N ASP W 28 -15.00 -33.11 -11.99
CA ASP W 28 -16.02 -34.11 -12.32
C ASP W 28 -16.76 -33.63 -13.56
N LYS W 29 -17.02 -34.55 -14.48
CA LYS W 29 -17.70 -34.23 -15.73
C LYS W 29 -19.21 -34.40 -15.65
N ARG W 30 -19.73 -34.95 -14.56
CA ARG W 30 -21.16 -35.21 -14.42
C ARG W 30 -21.65 -34.79 -13.04
N CYS W 31 -21.23 -33.60 -12.60
CA CYS W 31 -21.71 -33.07 -11.34
C CYS W 31 -23.20 -32.77 -11.42
N ARG W 32 -23.87 -32.88 -10.26
CA ARG W 32 -25.30 -32.66 -10.16
C ARG W 32 -25.53 -31.30 -9.51
N LYS W 33 -26.22 -30.41 -10.22
CA LYS W 33 -26.46 -29.06 -9.73
C LYS W 33 -27.94 -28.73 -9.56
N ILE W 34 -28.84 -29.63 -9.95
CA ILE W 34 -30.26 -29.47 -9.70
C ILE W 34 -30.57 -30.23 -8.41
N HIS W 35 -30.81 -29.49 -7.33
CA HIS W 35 -30.93 -30.06 -6.01
C HIS W 35 -32.40 -30.22 -5.61
N TYR W 36 -32.63 -31.12 -4.67
CA TYR W 36 -33.96 -31.37 -4.14
C TYR W 36 -34.26 -30.39 -3.01
N MET W 37 -35.44 -29.80 -3.05
CA MET W 37 -35.93 -28.94 -1.99
C MET W 37 -37.24 -29.43 -1.38
N ALA W 38 -38.13 -29.94 -2.22
CA ALA W 38 -39.43 -30.42 -1.78
C ALA W 38 -39.99 -31.32 -2.86
N PRO W 39 -41.10 -32.03 -2.60
CA PRO W 39 -41.73 -32.79 -3.68
C PRO W 39 -42.20 -31.93 -4.83
N ASN W 40 -42.40 -30.63 -4.61
CA ASN W 40 -42.84 -29.72 -5.65
C ASN W 40 -41.89 -28.56 -5.88
N ILE W 41 -40.73 -28.54 -5.21
CA ILE W 41 -39.79 -27.42 -5.31
C ILE W 41 -38.40 -27.98 -5.60
N MET W 42 -37.71 -27.37 -6.56
CA MET W 42 -36.32 -27.68 -6.85
C MET W 42 -35.51 -26.40 -6.89
N CYS W 43 -34.19 -26.54 -6.79
CA CYS W 43 -33.30 -25.38 -6.73
C CYS W 43 -31.98 -25.73 -7.38
N CYS W 44 -31.68 -25.08 -8.50
CA CYS W 44 -30.36 -25.17 -9.11
C CYS W 44 -29.41 -24.19 -8.43
N GLY W 45 -28.14 -24.55 -8.38
CA GLY W 45 -27.16 -23.75 -7.68
C GLY W 45 -25.93 -23.49 -8.53
N ALA W 46 -25.31 -22.33 -8.30
CA ALA W 46 -24.08 -21.94 -8.95
C ALA W 46 -23.19 -21.22 -7.96
N GLY W 47 -21.88 -21.25 -8.22
CA GLY W 47 -20.92 -20.66 -7.31
C GLY W 47 -20.20 -21.71 -6.49
N THR W 48 -19.87 -21.38 -5.25
CA THR W 48 -19.20 -22.33 -4.37
C THR W 48 -20.09 -23.54 -4.12
N SER W 49 -19.64 -24.71 -4.59
CA SER W 49 -20.48 -25.90 -4.51
C SER W 49 -20.78 -26.28 -3.07
N ALA W 50 -19.81 -26.12 -2.17
CA ALA W 50 -20.04 -26.44 -0.77
C ALA W 50 -21.13 -25.58 -0.17
N ASP W 51 -21.09 -24.26 -0.44
CA ASP W 51 -22.10 -23.35 0.09
C ASP W 51 -23.48 -23.67 -0.47
N THR W 52 -23.57 -23.91 -1.78
CA THR W 52 -24.85 -24.25 -2.39
C THR W 52 -25.42 -25.53 -1.79
N GLU W 53 -24.60 -26.57 -1.71
CA GLU W 53 -25.04 -27.84 -1.14
C GLU W 53 -25.51 -27.67 0.30
N ALA W 54 -24.74 -26.96 1.12
CA ALA W 54 -25.09 -26.79 2.52
C ALA W 54 -26.40 -26.02 2.67
N VAL W 55 -26.53 -24.90 1.97
CA VAL W 55 -27.74 -24.09 2.14
C VAL W 55 -28.96 -24.83 1.61
N THR W 56 -28.84 -25.52 0.48
CA THR W 56 -29.98 -26.25 -0.07
C THR W 56 -30.38 -27.40 0.85
N ASN W 57 -29.41 -28.14 1.37
CA ASN W 57 -29.73 -29.24 2.27
C ASN W 57 -30.38 -28.74 3.54
N MET W 58 -29.86 -27.66 4.12
CA MET W 58 -30.43 -27.15 5.36
C MET W 58 -31.85 -26.65 5.16
N VAL W 59 -32.09 -25.89 4.09
CA VAL W 59 -33.43 -25.37 3.85
C VAL W 59 -34.39 -26.48 3.50
N SER W 60 -33.94 -27.51 2.77
CA SER W 60 -34.81 -28.64 2.47
C SER W 60 -35.18 -29.40 3.74
N SER W 61 -34.22 -29.61 4.63
CA SER W 61 -34.52 -30.28 5.90
C SER W 61 -35.49 -29.46 6.74
N HIS W 62 -35.28 -28.14 6.80
CA HIS W 62 -36.18 -27.29 7.55
C HIS W 62 -37.58 -27.30 6.95
N LEU W 63 -37.68 -27.31 5.62
CA LEU W 63 -38.98 -27.41 4.98
C LEU W 63 -39.66 -28.74 5.28
N ALA W 64 -38.90 -29.83 5.28
CA ALA W 64 -39.48 -31.12 5.62
C ALA W 64 -40.04 -31.12 7.03
N LEU W 65 -39.28 -30.56 7.98
CA LEU W 65 -39.76 -30.42 9.34
C LEU W 65 -41.03 -29.56 9.39
N HIS W 66 -41.04 -28.49 8.61
CA HIS W 66 -42.20 -27.60 8.60
C HIS W 66 -43.45 -28.29 8.03
N ARG W 67 -43.29 -29.10 7.00
CA ARG W 67 -44.45 -29.84 6.47
C ARG W 67 -44.88 -30.95 7.42
N LEU W 68 -43.95 -31.50 8.21
CA LEU W 68 -44.36 -32.42 9.27
C LEU W 68 -45.20 -31.68 10.31
N GLU W 69 -44.81 -30.45 10.64
CA GLU W 69 -45.55 -29.68 11.63
C GLU W 69 -46.93 -29.28 11.11
N THR W 70 -47.00 -28.72 9.90
CA THR W 70 -48.25 -28.16 9.40
C THR W 70 -49.13 -29.23 8.75
N GLY W 71 -48.55 -30.19 8.05
CA GLY W 71 -49.30 -31.18 7.32
C GLY W 71 -49.66 -30.77 5.91
N LYS W 72 -49.32 -29.56 5.49
CA LYS W 72 -49.56 -29.08 4.15
C LYS W 72 -48.32 -29.32 3.27
N GLN W 73 -48.45 -29.02 1.98
CA GLN W 73 -47.30 -29.01 1.11
C GLN W 73 -46.59 -27.66 1.21
N SER W 74 -45.28 -27.69 1.02
CA SER W 74 -44.46 -26.50 1.20
C SER W 74 -44.74 -25.50 0.09
N ARG W 75 -44.73 -24.21 0.44
CA ARG W 75 -44.90 -23.13 -0.51
C ARG W 75 -43.53 -22.67 -1.00
N VAL W 76 -43.46 -22.31 -2.28
CA VAL W 76 -42.18 -21.88 -2.85
C VAL W 76 -41.72 -20.59 -2.20
N LEU W 77 -42.66 -19.72 -1.83
CA LEU W 77 -42.31 -18.48 -1.16
C LEU W 77 -41.64 -18.74 0.18
N GLU W 78 -42.03 -19.81 0.88
CA GLU W 78 -41.38 -20.14 2.15
C GLU W 78 -39.92 -20.52 1.94
N ALA W 79 -39.64 -21.37 0.95
CA ALA W 79 -38.26 -21.72 0.65
C ALA W 79 -37.47 -20.50 0.21
N LEU W 80 -38.09 -19.64 -0.60
CA LEU W 80 -37.42 -18.41 -1.04
C LEU W 80 -37.07 -17.54 0.15
N THR W 81 -38.00 -17.36 1.09
CA THR W 81 -37.73 -16.55 2.27
C THR W 81 -36.62 -17.13 3.12
N LEU W 82 -36.65 -18.45 3.35
CA LEU W 82 -35.61 -19.07 4.15
C LEU W 82 -34.24 -18.90 3.51
N LEU W 83 -34.15 -19.18 2.21
CA LEU W 83 -32.88 -19.07 1.49
C LEU W 83 -32.38 -17.63 1.51
N LYS W 84 -33.27 -16.67 1.27
CA LYS W 84 -32.82 -15.28 1.19
C LYS W 84 -32.40 -14.75 2.54
N ARG W 85 -33.10 -15.13 3.62
CA ARG W 85 -32.68 -14.72 4.95
C ARG W 85 -31.32 -15.30 5.30
N HIS W 86 -31.13 -16.59 5.01
CA HIS W 86 -29.83 -17.20 5.31
C HIS W 86 -28.71 -16.57 4.51
N LEU W 87 -28.94 -16.30 3.22
CA LEU W 87 -27.89 -15.73 2.40
C LEU W 87 -27.59 -14.28 2.79
N TYR W 88 -28.61 -13.53 3.19
CA TYR W 88 -28.38 -12.15 3.61
C TYR W 88 -27.70 -12.09 4.97
N ARG W 89 -27.93 -13.08 5.83
CA ARG W 89 -27.32 -13.07 7.15
C ARG W 89 -25.80 -13.12 7.08
N TYR W 90 -25.25 -13.69 6.00
CA TYR W 90 -23.81 -13.86 5.88
C TYR W 90 -23.17 -12.84 4.93
N GLN W 91 -23.93 -11.82 4.51
CA GLN W 91 -23.40 -10.69 3.74
C GLN W 91 -22.70 -11.17 2.46
N GLY W 92 -23.23 -12.22 1.85
CA GLY W 92 -22.70 -12.71 0.60
C GLY W 92 -21.47 -13.58 0.69
N HIS W 93 -20.95 -13.82 1.89
CA HIS W 93 -19.78 -14.68 2.02
C HIS W 93 -20.12 -16.15 1.79
N VAL W 94 -21.37 -16.53 1.96
CA VAL W 94 -21.86 -17.83 1.50
C VAL W 94 -22.24 -17.61 0.04
N SER W 95 -21.26 -17.84 -0.84
CA SER W 95 -21.41 -17.49 -2.26
C SER W 95 -22.18 -18.60 -2.96
N ALA W 96 -23.49 -18.42 -3.06
CA ALA W 96 -24.37 -19.37 -3.74
C ALA W 96 -25.45 -18.58 -4.47
N ALA W 97 -25.46 -18.69 -5.80
CA ALA W 97 -26.51 -18.09 -6.62
C ALA W 97 -27.49 -19.18 -6.99
N LEU W 98 -28.76 -19.00 -6.59
CA LEU W 98 -29.74 -20.06 -6.68
C LEU W 98 -30.86 -19.70 -7.64
N VAL W 99 -31.34 -20.70 -8.36
CA VAL W 99 -32.54 -20.58 -9.19
C VAL W 99 -33.56 -21.54 -8.59
N LEU W 100 -34.61 -20.99 -7.99
CA LEU W 100 -35.63 -21.75 -7.30
C LEU W 100 -36.88 -21.85 -8.16
N GLY W 101 -37.34 -23.08 -8.41
CA GLY W 101 -38.52 -23.29 -9.21
C GLY W 101 -39.47 -24.29 -8.59
N GLY W 102 -40.75 -23.94 -8.53
CA GLY W 102 -41.72 -24.86 -7.94
C GLY W 102 -43.11 -24.56 -8.42
N VAL W 103 -44.06 -25.38 -7.96
CA VAL W 103 -45.47 -25.19 -8.24
C VAL W 103 -46.25 -25.33 -6.94
N ASP W 104 -47.16 -24.39 -6.69
CA ASP W 104 -47.96 -24.35 -5.48
C ASP W 104 -49.44 -24.32 -5.87
N VAL W 105 -50.29 -24.09 -4.86
CA VAL W 105 -51.70 -23.83 -5.14
C VAL W 105 -51.88 -22.50 -5.85
N GLU W 106 -50.89 -21.62 -5.77
CA GLU W 106 -50.93 -20.33 -6.44
C GLU W 106 -50.31 -20.37 -7.84
N GLY W 107 -49.87 -21.54 -8.30
CA GLY W 107 -49.31 -21.66 -9.62
C GLY W 107 -47.80 -21.71 -9.63
N PRO W 108 -47.21 -21.77 -10.82
CA PRO W 108 -45.75 -21.85 -10.92
C PRO W 108 -45.07 -20.62 -10.31
N PHE W 109 -43.91 -20.87 -9.72
CA PHE W 109 -43.13 -19.83 -9.05
C PHE W 109 -41.67 -20.06 -9.40
N LEU W 110 -41.07 -19.10 -10.10
CA LEU W 110 -39.66 -19.16 -10.47
C LEU W 110 -38.98 -17.88 -10.00
N ALA W 111 -37.84 -18.03 -9.35
CA ALA W 111 -37.13 -16.87 -8.80
C ALA W 111 -35.63 -17.15 -8.77
N THR W 112 -34.85 -16.08 -8.66
CA THR W 112 -33.42 -16.17 -8.43
C THR W 112 -33.08 -15.55 -7.09
N ILE W 113 -32.15 -16.18 -6.37
CA ILE W 113 -31.62 -15.65 -5.13
C ILE W 113 -30.15 -15.38 -5.35
N ALA W 114 -29.75 -14.12 -5.19
CA ALA W 114 -28.36 -13.75 -5.32
C ALA W 114 -27.57 -14.17 -4.08
N PRO W 115 -26.26 -14.31 -4.19
CA PRO W 115 -25.45 -14.65 -3.00
C PRO W 115 -25.60 -13.65 -1.87
N HIS W 116 -25.95 -12.40 -2.16
CA HIS W 116 -26.12 -11.38 -1.14
C HIS W 116 -27.52 -11.39 -0.52
N GLY W 117 -28.47 -12.15 -1.08
CA GLY W 117 -29.78 -12.29 -0.51
C GLY W 117 -30.92 -11.66 -1.29
N SER W 118 -30.62 -10.92 -2.36
CA SER W 118 -31.68 -10.30 -3.15
C SER W 118 -32.39 -11.35 -3.99
N THR W 119 -33.70 -11.17 -4.17
CA THR W 119 -34.53 -12.11 -4.92
C THR W 119 -35.27 -11.39 -6.04
N ASP W 120 -35.43 -12.10 -7.16
CA ASP W 120 -36.16 -11.59 -8.32
C ASP W 120 -37.03 -12.71 -8.86
N ARG W 121 -38.34 -12.48 -8.89
CA ARG W 121 -39.29 -13.43 -9.46
C ARG W 121 -39.56 -13.03 -10.91
N LEU W 122 -39.23 -13.91 -11.85
CA LEU W 122 -39.29 -13.61 -13.26
C LEU W 122 -39.78 -14.84 -14.02
N PRO W 123 -40.30 -14.65 -15.24
CA PRO W 123 -40.77 -15.82 -16.03
C PRO W 123 -39.63 -16.68 -16.54
N PHE W 124 -38.47 -16.08 -16.80
CA PHE W 124 -37.31 -16.82 -17.24
C PHE W 124 -36.07 -16.18 -16.63
N VAL W 125 -35.16 -17.02 -16.13
CA VAL W 125 -34.00 -16.56 -15.37
C VAL W 125 -32.78 -17.39 -15.74
N THR W 126 -31.61 -16.78 -15.57
CA THR W 126 -30.34 -17.45 -15.75
C THR W 126 -29.41 -17.07 -14.61
N MET W 127 -28.54 -18.00 -14.22
CA MET W 127 -27.52 -17.74 -13.22
C MET W 127 -26.28 -18.56 -13.57
N GLY W 128 -25.14 -18.12 -13.06
CA GLY W 128 -23.86 -18.77 -13.28
C GLY W 128 -22.94 -17.95 -14.16
N SER W 129 -21.77 -18.53 -14.41
CA SER W 129 -20.79 -17.85 -15.24
C SER W 129 -21.22 -17.80 -16.71
N GLY W 130 -21.94 -18.82 -17.18
CA GLY W 130 -22.43 -18.83 -18.54
C GLY W 130 -23.85 -18.35 -18.67
N SER W 131 -24.32 -17.61 -17.65
CA SER W 131 -25.70 -17.13 -17.65
C SER W 131 -26.00 -16.18 -18.79
N ILE W 132 -25.08 -15.24 -19.06
CA ILE W 132 -25.35 -14.20 -20.06
C ILE W 132 -25.61 -14.84 -21.43
N ALA W 133 -24.71 -15.73 -21.86
CA ALA W 133 -24.93 -16.43 -23.12
C ALA W 133 -26.21 -17.24 -23.10
N ALA W 134 -26.59 -17.76 -21.93
CA ALA W 134 -27.87 -18.42 -21.80
C ALA W 134 -29.01 -17.43 -21.93
N MET W 135 -28.89 -16.28 -21.26
CA MET W 135 -29.99 -15.31 -21.26
C MET W 135 -30.27 -14.79 -22.66
N ALA W 136 -29.22 -14.54 -23.45
CA ALA W 136 -29.41 -14.10 -24.82
C ALA W 136 -30.25 -15.08 -25.61
N GLN W 137 -30.17 -16.38 -25.29
CA GLN W 137 -31.04 -17.34 -25.96
C GLN W 137 -32.48 -17.19 -25.48
N LEU W 138 -32.68 -17.05 -24.17
CA LEU W 138 -34.04 -16.93 -23.64
C LEU W 138 -34.73 -15.68 -24.17
N GLU W 139 -34.00 -14.56 -24.22
CA GLU W 139 -34.58 -13.34 -24.76
C GLU W 139 -34.89 -13.46 -26.24
N ALA W 140 -34.36 -14.47 -26.92
CA ALA W 140 -34.55 -14.61 -28.36
C ALA W 140 -35.66 -15.57 -28.73
N ALA W 141 -36.07 -16.46 -27.82
CA ALA W 141 -37.04 -17.49 -28.17
C ALA W 141 -38.13 -17.72 -27.14
N TYR W 142 -38.16 -16.96 -26.04
CA TYR W 142 -39.17 -17.18 -25.01
C TYR W 142 -40.49 -16.56 -25.42
N LYS W 143 -41.58 -17.28 -25.16
CA LYS W 143 -42.92 -16.75 -25.33
C LYS W 143 -43.79 -17.28 -24.19
N ASP W 144 -44.90 -16.57 -23.93
CA ASP W 144 -45.79 -16.94 -22.85
C ASP W 144 -46.57 -18.20 -23.18
N ASN W 145 -46.82 -19.01 -22.15
CA ASN W 145 -47.66 -20.20 -22.25
C ASN W 145 -47.13 -21.20 -23.27
N MET W 146 -45.84 -21.53 -23.14
CA MET W 146 -45.27 -22.59 -23.96
C MET W 146 -45.71 -23.95 -23.44
N THR W 147 -45.72 -24.94 -24.33
CA THR W 147 -45.95 -26.31 -23.91
C THR W 147 -44.72 -26.86 -23.21
N CYS W 148 -44.84 -28.06 -22.67
CA CYS W 148 -43.72 -28.68 -21.97
C CYS W 148 -42.55 -28.93 -22.90
N GLU W 149 -42.83 -29.40 -24.12
CA GLU W 149 -41.76 -29.69 -25.07
C GLU W 149 -41.02 -28.42 -25.48
N GLU W 150 -41.76 -27.34 -25.74
CA GLU W 150 -41.12 -26.08 -26.13
C GLU W 150 -40.25 -25.55 -25.00
N ALA W 151 -40.75 -25.60 -23.76
CA ALA W 151 -39.96 -25.11 -22.63
C ALA W 151 -38.71 -25.96 -22.43
N LYS W 152 -38.85 -27.29 -22.55
CA LYS W 152 -37.69 -28.16 -22.40
C LYS W 152 -36.64 -27.89 -23.47
N GLU W 153 -37.08 -27.73 -24.72
CA GLU W 153 -36.13 -27.46 -25.80
C GLU W 153 -35.47 -26.10 -25.63
N LEU W 154 -36.23 -25.09 -25.21
CA LEU W 154 -35.65 -23.78 -24.98
C LEU W 154 -34.62 -23.82 -23.85
N VAL W 155 -34.93 -24.53 -22.77
CA VAL W 155 -33.99 -24.65 -21.66
C VAL W 155 -32.73 -25.38 -22.11
N ALA W 156 -32.89 -26.46 -22.87
CA ALA W 156 -31.72 -27.20 -23.36
C ALA W 156 -30.86 -26.34 -24.26
N SER W 157 -31.48 -25.56 -25.15
CA SER W 157 -30.73 -24.69 -26.05
C SER W 157 -30.00 -23.60 -25.26
N ALA W 158 -30.67 -22.99 -24.28
CA ALA W 158 -30.02 -21.97 -23.47
C ALA W 158 -28.87 -22.54 -22.66
N ILE W 159 -29.00 -23.78 -22.19
CA ILE W 159 -27.90 -24.43 -21.48
C ILE W 159 -26.74 -24.71 -22.44
N ARG W 160 -27.05 -25.15 -23.66
CA ARG W 160 -26.01 -25.40 -24.66
C ARG W 160 -25.27 -24.13 -25.03
N LYS W 161 -25.96 -22.99 -25.00
CA LYS W 161 -25.27 -21.72 -25.26
C LYS W 161 -24.18 -21.46 -24.25
N GLY W 162 -24.42 -21.75 -22.98
CA GLY W 162 -23.40 -21.61 -21.97
C GLY W 162 -22.38 -22.74 -22.02
N ILE W 163 -22.80 -23.90 -22.53
CA ILE W 163 -21.90 -25.05 -22.61
C ILE W 163 -20.76 -24.75 -23.57
N PHE W 164 -21.07 -24.16 -24.72
CA PHE W 164 -20.08 -24.00 -25.77
C PHE W 164 -19.35 -22.65 -25.71
N ASN W 165 -19.94 -21.65 -25.05
CA ASN W 165 -19.34 -20.33 -24.96
C ASN W 165 -18.77 -20.01 -23.59
N ASP W 166 -18.85 -20.94 -22.64
CA ASP W 166 -18.26 -20.78 -21.32
C ASP W 166 -17.34 -21.96 -21.06
N PRO W 167 -16.06 -21.74 -20.77
CA PRO W 167 -15.17 -22.86 -20.45
C PRO W 167 -15.54 -23.60 -19.17
N TYR W 168 -16.35 -23.01 -18.29
CA TYR W 168 -16.68 -23.61 -17.01
C TYR W 168 -17.94 -24.48 -17.06
N SER W 169 -18.58 -24.59 -18.22
CA SER W 169 -19.82 -25.35 -18.35
C SER W 169 -19.67 -26.37 -19.46
N GLY W 170 -20.40 -27.48 -19.33
CA GLY W 170 -20.51 -28.42 -20.43
C GLY W 170 -20.79 -29.83 -19.96
N THR W 171 -20.60 -30.76 -20.90
CA THR W 171 -20.59 -32.21 -20.84
C THR W 171 -21.96 -32.88 -20.74
N GLN W 172 -23.05 -32.14 -20.47
CA GLN W 172 -24.43 -32.64 -20.45
C GLN W 172 -25.38 -31.46 -20.24
N VAL W 173 -26.67 -31.75 -20.37
CA VAL W 173 -27.75 -30.85 -20.00
C VAL W 173 -28.67 -31.61 -19.05
N ASP W 174 -28.83 -31.10 -17.83
CA ASP W 174 -29.76 -31.65 -16.87
C ASP W 174 -31.06 -30.86 -16.90
N VAL W 175 -32.18 -31.57 -17.06
CA VAL W 175 -33.50 -30.95 -17.21
C VAL W 175 -34.44 -31.51 -16.16
N CYS W 176 -35.15 -30.64 -15.47
CA CYS W 176 -36.14 -31.01 -14.47
C CYS W 176 -37.45 -30.29 -14.77
N VAL W 177 -38.54 -31.05 -14.84
CA VAL W 177 -39.87 -30.51 -15.09
C VAL W 177 -40.69 -30.64 -13.82
N ILE W 178 -41.25 -29.54 -13.34
CA ILE W 178 -42.04 -29.50 -12.12
C ILE W 178 -43.45 -29.05 -12.48
N THR W 179 -44.42 -29.88 -12.13
CA THR W 179 -45.84 -29.56 -12.33
C THR W 179 -46.54 -29.56 -10.97
N LYS W 180 -47.87 -29.41 -11.01
CA LYS W 180 -48.64 -29.43 -9.77
C LYS W 180 -48.56 -30.80 -9.09
N ASP W 181 -48.61 -31.88 -9.87
CA ASP W 181 -48.67 -33.22 -9.30
C ASP W 181 -47.32 -33.94 -9.36
N LYS W 182 -46.62 -33.83 -10.49
CA LYS W 182 -45.41 -34.61 -10.73
C LYS W 182 -44.20 -33.70 -10.90
N THR W 183 -43.05 -34.19 -10.44
CA THR W 183 -41.76 -33.53 -10.64
C THR W 183 -40.82 -34.55 -11.27
N GLU W 184 -40.41 -34.30 -12.51
CA GLU W 184 -39.57 -35.22 -13.27
C GLU W 184 -38.21 -34.57 -13.51
N LEU W 185 -37.15 -35.34 -13.29
CA LEU W 185 -35.78 -34.87 -13.46
C LEU W 185 -35.06 -35.77 -14.46
N THR W 186 -34.80 -35.25 -15.65
CA THR W 186 -34.07 -35.97 -16.68
C THR W 186 -32.60 -35.57 -16.65
N ILE W 187 -31.72 -36.56 -16.61
CA ILE W 187 -30.29 -36.31 -16.47
C ILE W 187 -29.61 -36.24 -17.83
N GLY W 188 -29.90 -37.19 -18.71
CA GLY W 188 -29.28 -37.23 -20.02
C GLY W 188 -30.17 -36.70 -21.13
N TYR W 189 -30.87 -35.60 -20.86
CA TYR W 189 -31.80 -35.07 -21.85
C TYR W 189 -31.10 -34.69 -23.14
N ASP W 190 -29.93 -34.06 -23.03
CA ASP W 190 -29.14 -33.70 -24.21
C ASP W 190 -27.67 -34.02 -23.92
N LYS W 191 -27.02 -34.73 -24.84
CA LYS W 191 -25.60 -35.04 -24.76
C LYS W 191 -24.94 -34.59 -26.06
N PRO W 192 -24.70 -33.29 -26.23
CA PRO W 192 -24.06 -32.83 -27.47
C PRO W 192 -22.59 -33.25 -27.57
N ASN W 193 -21.90 -33.33 -26.43
CA ASN W 193 -20.49 -33.73 -26.40
C ASN W 193 -20.42 -35.21 -26.11
N GLU W 194 -20.32 -36.02 -27.17
CA GLU W 194 -20.26 -37.46 -27.03
C GLU W 194 -18.82 -37.92 -26.84
N ARG W 195 -18.63 -39.23 -26.79
CA ARG W 195 -17.30 -39.82 -26.62
C ARG W 195 -16.74 -40.18 -27.99
N MET W 196 -15.77 -39.40 -28.47
CA MET W 196 -15.15 -39.61 -29.76
C MET W 196 -13.68 -39.99 -29.57
N TYR W 197 -13.14 -40.71 -30.56
CA TYR W 197 -11.78 -41.20 -30.55
C TYR W 197 -11.47 -41.98 -29.27
N PRO W 198 -11.99 -43.21 -29.15
CA PRO W 198 -11.81 -43.96 -27.89
C PRO W 198 -10.36 -44.22 -27.53
N ARG W 199 -10.14 -44.63 -26.28
CA ARG W 199 -8.79 -44.79 -25.75
C ARG W 199 -8.08 -45.95 -26.44
N GLN W 200 -6.74 -45.91 -26.41
CA GLN W 200 -5.94 -47.01 -26.93
C GLN W 200 -6.02 -48.24 -26.03
N GLU W 201 -6.20 -48.04 -24.71
CA GLU W 201 -6.19 -49.13 -23.74
C GLU W 201 -4.89 -49.92 -23.81
N VAL W 202 -3.80 -49.24 -23.50
CA VAL W 202 -2.49 -49.89 -23.45
C VAL W 202 -2.40 -50.72 -22.17
N LEU W 203 -2.07 -52.00 -22.33
CA LEU W 203 -2.12 -52.94 -21.22
C LEU W 203 -0.82 -52.93 -20.42
N LEU W 204 -0.96 -53.09 -19.11
CA LEU W 204 0.16 -53.20 -18.19
C LEU W 204 0.03 -54.51 -17.43
N PRO W 205 0.75 -55.54 -17.83
CA PRO W 205 0.61 -56.86 -17.19
C PRO W 205 0.95 -56.79 -15.71
N PRO W 206 0.25 -57.55 -14.87
CA PRO W 206 0.53 -57.55 -13.43
C PRO W 206 1.97 -57.95 -13.15
N GLY W 207 2.68 -57.10 -12.43
CA GLY W 207 4.09 -57.32 -12.12
C GLY W 207 5.04 -56.34 -12.78
N THR W 208 4.56 -55.39 -13.57
CA THR W 208 5.46 -54.43 -14.20
C THR W 208 5.97 -53.39 -13.20
N THR W 209 5.28 -53.23 -12.08
CA THR W 209 5.71 -52.28 -11.04
C THR W 209 6.33 -53.04 -9.90
N PRO W 210 7.62 -52.83 -9.60
CA PRO W 210 8.27 -53.56 -8.51
C PRO W 210 7.64 -53.22 -7.16
N VAL W 211 7.62 -54.22 -6.28
CA VAL W 211 6.99 -54.10 -4.97
C VAL W 211 8.05 -54.43 -3.91
N LEU W 212 8.08 -53.62 -2.85
CA LEU W 212 9.14 -53.72 -1.84
C LEU W 212 8.71 -54.62 -0.68
N LYS W 213 7.55 -54.37 -0.09
CA LYS W 213 6.87 -55.34 0.77
C LYS W 213 5.41 -55.48 0.37
N GLU W 214 4.83 -56.62 0.71
CA GLU W 214 3.43 -56.92 0.47
C GLU W 214 2.82 -57.56 1.71
N GLU W 215 1.59 -57.18 2.01
CA GLU W 215 0.85 -57.75 3.14
C GLU W 215 -0.59 -57.96 2.70
N ILE W 216 -1.08 -59.20 2.83
CA ILE W 216 -2.45 -59.55 2.45
C ILE W 216 -3.22 -59.88 3.72
N ARG W 217 -4.41 -59.28 3.85
CA ARG W 217 -5.26 -59.49 5.02
C ARG W 217 -6.63 -59.98 4.56
N GLN W 218 -6.91 -61.26 4.81
CA GLN W 218 -8.21 -61.83 4.47
C GLN W 218 -9.28 -61.36 5.44
N LEU W 219 -10.50 -61.18 4.91
CA LEU W 219 -11.63 -60.75 5.73
C LEU W 219 -12.76 -61.78 5.66
N SER X 2 1.95 -21.49 -0.96
CA SER X 2 0.66 -21.61 -0.29
C SER X 2 0.74 -22.59 0.89
N ILE X 3 -0.33 -22.64 1.67
CA ILE X 3 -0.36 -23.52 2.84
C ILE X 3 -0.62 -24.98 2.45
N MET X 4 -1.38 -25.22 1.40
CA MET X 4 -1.71 -26.60 1.01
C MET X 4 -0.52 -27.34 0.43
N ALA X 5 0.45 -26.63 -0.15
CA ALA X 5 1.63 -27.25 -0.74
C ALA X 5 2.83 -27.20 0.18
N TYR X 6 2.66 -26.75 1.42
CA TYR X 6 3.79 -26.62 2.33
C TYR X 6 4.40 -27.99 2.67
N SER X 7 3.55 -28.97 2.93
CA SER X 7 4.02 -30.29 3.36
C SER X 7 4.17 -31.28 2.22
N GLY X 8 3.63 -31.00 1.05
CA GLY X 8 3.67 -31.95 -0.04
C GLY X 8 2.78 -33.15 0.23
N GLY X 9 2.86 -34.11 -0.68
CA GLY X 9 2.09 -35.32 -0.52
C GLY X 9 0.97 -35.40 -1.54
N SER X 10 0.69 -36.62 -1.98
CA SER X 10 -0.38 -36.85 -2.95
C SER X 10 -1.03 -38.20 -2.69
N VAL X 11 -2.34 -38.26 -2.90
CA VAL X 11 -3.15 -39.45 -2.72
C VAL X 11 -4.08 -39.57 -3.92
N MET X 12 -4.34 -40.81 -4.34
CA MET X 12 -5.24 -41.07 -5.44
C MET X 12 -5.96 -42.38 -5.21
N ALA X 13 -7.27 -42.38 -5.45
CA ALA X 13 -8.10 -43.58 -5.37
C ALA X 13 -8.66 -43.89 -6.74
N MET X 14 -8.71 -45.18 -7.06
CA MET X 14 -9.13 -45.66 -8.37
C MET X 14 -10.07 -46.84 -8.17
N ALA X 15 -11.09 -46.93 -9.02
CA ALA X 15 -12.17 -47.88 -8.85
C ALA X 15 -12.01 -49.06 -9.81
N GLY X 16 -12.03 -50.27 -9.28
CA GLY X 16 -12.07 -51.48 -10.07
C GLY X 16 -13.49 -51.96 -10.26
N LYS X 17 -13.65 -53.28 -10.45
CA LYS X 17 -15.00 -53.80 -10.60
C LYS X 17 -15.66 -54.04 -9.25
N GLU X 18 -15.21 -55.06 -8.52
CA GLU X 18 -15.54 -55.20 -7.10
C GLU X 18 -14.34 -54.86 -6.22
N CYS X 19 -13.75 -53.69 -6.39
CA CYS X 19 -12.51 -53.37 -5.68
C CYS X 19 -12.18 -51.91 -5.90
N PHE X 20 -11.23 -51.42 -5.10
CA PHE X 20 -10.65 -50.11 -5.32
C PHE X 20 -9.23 -50.09 -4.78
N VAL X 21 -8.37 -49.31 -5.44
CA VAL X 21 -6.97 -49.18 -5.05
C VAL X 21 -6.74 -47.74 -4.63
N ILE X 22 -6.25 -47.54 -3.42
CA ILE X 22 -5.93 -46.21 -2.92
C ILE X 22 -4.44 -46.15 -2.63
N ILE X 23 -3.79 -45.12 -3.16
CA ILE X 23 -2.33 -45.05 -3.16
C ILE X 23 -1.90 -43.66 -2.71
N SER X 24 -0.83 -43.62 -1.92
CA SER X 24 -0.30 -42.37 -1.40
C SER X 24 1.22 -42.35 -1.58
N ASP X 25 1.77 -41.15 -1.69
CA ASP X 25 3.22 -41.05 -1.71
C ASP X 25 3.77 -41.11 -0.29
N ASN X 26 5.10 -41.05 -0.18
CA ASN X 26 5.77 -41.21 1.10
C ASN X 26 6.47 -39.95 1.60
N ARG X 27 6.55 -38.90 0.80
CA ARG X 27 7.35 -37.75 1.17
C ARG X 27 6.63 -36.84 2.16
N LEU X 28 7.37 -36.39 3.16
CA LEU X 28 6.94 -35.30 4.04
C LEU X 28 8.07 -34.29 4.11
N GLY X 29 7.76 -33.03 3.79
CA GLY X 29 8.77 -32.00 3.71
C GLY X 29 8.26 -30.66 4.20
N GLU X 30 9.16 -29.68 4.22
CA GLU X 30 8.83 -28.30 4.55
C GLU X 30 9.20 -27.41 3.37
N GLN X 31 8.31 -27.39 2.38
CA GLN X 31 8.24 -26.44 1.28
C GLN X 31 9.36 -26.54 0.26
N LEU X 32 10.51 -27.09 0.64
CA LEU X 32 11.48 -27.61 -0.32
C LEU X 32 12.23 -28.80 0.26
N LYS X 33 12.33 -28.84 1.58
CA LYS X 33 13.26 -29.70 2.29
C LYS X 33 12.53 -30.93 2.79
N THR X 34 13.07 -32.11 2.49
CA THR X 34 12.40 -33.36 2.83
C THR X 34 12.71 -33.72 4.28
N ILE X 35 11.70 -33.60 5.15
CA ILE X 35 11.87 -34.00 6.54
C ILE X 35 11.98 -35.51 6.66
N SER X 36 11.12 -36.24 5.95
CA SER X 36 11.13 -37.69 5.97
C SER X 36 10.65 -38.22 4.62
N THR X 37 11.10 -39.42 4.29
CA THR X 37 10.72 -40.09 3.04
C THR X 37 9.87 -41.33 3.29
N GLU X 38 9.34 -41.52 4.50
CA GLU X 38 8.58 -42.69 4.87
C GLU X 38 7.32 -42.29 5.62
N VAL X 39 6.58 -41.33 5.07
CA VAL X 39 5.36 -40.83 5.71
C VAL X 39 4.18 -41.04 4.78
N PRO X 40 3.57 -42.22 4.78
CA PRO X 40 2.33 -42.42 4.03
C PRO X 40 1.18 -41.61 4.61
N LYS X 41 0.19 -41.34 3.76
CA LYS X 41 -0.94 -40.49 4.13
C LYS X 41 -2.26 -41.25 4.16
N LEU X 42 -2.21 -42.59 4.19
CA LEU X 42 -3.43 -43.39 4.18
C LEU X 42 -3.87 -43.72 5.60
N HIS X 43 -5.18 -43.85 5.78
CA HIS X 43 -5.78 -44.23 7.04
C HIS X 43 -6.89 -45.24 6.80
N VAL X 44 -6.92 -46.29 7.60
CA VAL X 44 -7.96 -47.31 7.53
C VAL X 44 -8.99 -47.04 8.60
N VAL X 45 -10.24 -46.85 8.17
CA VAL X 45 -11.34 -46.67 9.11
C VAL X 45 -11.91 -48.01 9.57
N ASN X 46 -12.13 -48.92 8.63
CA ASN X 46 -12.64 -50.26 8.92
C ASN X 46 -12.29 -51.13 7.72
N ASP X 47 -12.88 -52.33 7.68
CA ASP X 47 -12.59 -53.28 6.61
C ASP X 47 -13.07 -52.80 5.25
N SER X 48 -13.91 -51.77 5.18
CA SER X 48 -14.48 -51.31 3.93
C SER X 48 -14.02 -49.94 3.48
N ILE X 49 -13.58 -49.06 4.38
CA ILE X 49 -13.29 -47.68 4.05
C ILE X 49 -11.81 -47.42 4.28
N VAL X 50 -11.14 -46.84 3.28
CA VAL X 50 -9.78 -46.34 3.42
C VAL X 50 -9.75 -44.93 2.86
N TYR X 51 -9.22 -43.99 3.63
CA TYR X 51 -9.16 -42.60 3.19
C TYR X 51 -7.78 -42.03 3.45
N GLY X 52 -7.43 -41.05 2.63
CA GLY X 52 -6.15 -40.38 2.76
C GLY X 52 -6.33 -38.88 2.82
N LEU X 53 -5.36 -38.20 3.43
CA LEU X 53 -5.41 -36.76 3.58
C LEU X 53 -4.21 -36.10 2.91
N THR X 54 -4.45 -34.93 2.32
CA THR X 54 -3.40 -34.16 1.67
C THR X 54 -3.53 -32.71 2.12
N GLY X 55 -2.40 -32.06 2.37
CA GLY X 55 -2.40 -30.67 2.80
C GLY X 55 -1.38 -30.41 3.87
N LEU X 56 -1.63 -29.40 4.71
CA LEU X 56 -0.76 -29.12 5.84
C LEU X 56 -0.73 -30.33 6.77
N ARG X 57 0.48 -30.77 7.11
CA ARG X 57 0.63 -32.04 7.83
C ARG X 57 0.01 -31.97 9.23
N THR X 58 0.18 -30.85 9.91
CA THR X 58 -0.45 -30.70 11.23
C THR X 58 -1.97 -30.77 11.12
N ASP X 59 -2.53 -30.14 10.08
CA ASP X 59 -3.97 -30.23 9.85
C ASP X 59 -4.37 -31.65 9.48
N GLN X 60 -3.53 -32.35 8.70
CA GLN X 60 -3.80 -33.75 8.39
C GLN X 60 -3.92 -34.57 9.68
N GLN X 61 -2.97 -34.39 10.59
CA GLN X 61 -2.96 -35.18 11.82
C GLN X 61 -4.13 -34.81 12.73
N THR X 62 -4.42 -33.51 12.86
CA THR X 62 -5.55 -33.09 13.69
C THR X 62 -6.87 -33.61 13.14
N PHE X 63 -7.06 -33.49 11.83
CA PHE X 63 -8.30 -33.98 11.23
C PHE X 63 -8.40 -35.50 11.30
N ALA X 64 -7.28 -36.20 11.15
CA ALA X 64 -7.31 -37.66 11.30
C ALA X 64 -7.68 -38.06 12.73
N ASN X 65 -7.16 -37.34 13.72
CA ASN X 65 -7.53 -37.63 15.11
C ASN X 65 -9.02 -37.36 15.33
N LYS X 66 -9.53 -36.26 14.79
CA LYS X 66 -10.95 -35.96 14.93
C LYS X 66 -11.80 -37.03 14.26
N VAL X 67 -11.40 -37.49 13.08
CA VAL X 67 -12.15 -38.52 12.36
C VAL X 67 -12.10 -39.83 13.12
N GLN X 68 -10.96 -40.18 13.71
CA GLN X 68 -10.87 -41.39 14.52
C GLN X 68 -11.81 -41.30 15.72
N PHE X 69 -11.81 -40.15 16.40
CA PHE X 69 -12.73 -39.94 17.51
C PHE X 69 -14.17 -40.15 17.07
N ARG X 70 -14.54 -39.53 15.93
CA ARG X 70 -15.92 -39.60 15.46
C ARG X 70 -16.31 -41.02 15.07
N THR X 71 -15.42 -41.75 14.39
CA THR X 71 -15.76 -43.10 13.97
C THR X 71 -15.83 -44.06 15.15
N GLU X 72 -14.94 -43.90 16.15
CA GLU X 72 -15.05 -44.73 17.34
C GLU X 72 -16.33 -44.45 18.10
N MET X 73 -16.71 -43.18 18.23
CA MET X 73 -17.96 -42.85 18.89
C MET X 73 -19.15 -43.41 18.11
N TYR X 74 -19.10 -43.33 16.78
CA TYR X 74 -20.17 -43.87 15.95
C TYR X 74 -20.30 -45.38 16.14
N LYS X 75 -19.17 -46.09 16.16
CA LYS X 75 -19.22 -47.54 16.33
C LYS X 75 -19.65 -47.92 17.74
N LEU X 76 -19.38 -47.06 18.73
CA LEU X 76 -19.86 -47.34 20.08
C LEU X 76 -21.37 -47.10 20.19
N ARG X 77 -21.82 -45.92 19.76
CA ARG X 77 -23.25 -45.63 19.79
C ARG X 77 -24.02 -46.57 18.86
N GLU X 78 -23.72 -46.51 17.56
CA GLU X 78 -24.33 -47.40 16.59
C GLU X 78 -23.54 -48.69 16.54
N GLU X 79 -24.16 -49.80 16.91
CA GLU X 79 -23.48 -51.08 16.93
C GLU X 79 -23.30 -51.58 15.50
N ARG X 80 -22.43 -50.94 14.74
CA ARG X 80 -22.17 -51.31 13.35
C ARG X 80 -21.03 -50.45 12.83
N ASP X 81 -20.39 -50.94 11.77
CA ASP X 81 -19.37 -50.17 11.07
C ASP X 81 -20.03 -49.10 10.22
N ILE X 82 -19.41 -47.92 10.19
CA ILE X 82 -19.92 -46.84 9.36
C ILE X 82 -19.74 -47.20 7.89
N THR X 83 -20.67 -46.75 7.07
CA THR X 83 -20.60 -46.99 5.63
C THR X 83 -19.83 -45.86 4.94
N GLY X 84 -19.46 -46.12 3.69
CA GLY X 84 -18.66 -45.14 2.96
C GLY X 84 -19.39 -43.84 2.71
N LYS X 85 -20.67 -43.91 2.32
CA LYS X 85 -21.43 -42.71 2.06
C LYS X 85 -21.67 -41.91 3.33
N ALA X 86 -22.02 -42.59 4.43
CA ALA X 86 -22.21 -41.91 5.70
C ALA X 86 -20.90 -41.29 6.18
N PHE X 87 -19.79 -42.01 6.00
CA PHE X 87 -18.48 -41.49 6.40
C PHE X 87 -18.11 -40.24 5.59
N ALA X 88 -18.37 -40.27 4.28
CA ALA X 88 -18.09 -39.11 3.45
C ALA X 88 -18.98 -37.93 3.84
N ALA X 89 -20.24 -38.19 4.13
CA ALA X 89 -21.14 -37.11 4.56
C ALA X 89 -20.68 -36.51 5.89
N MET X 90 -20.22 -37.37 6.81
CA MET X 90 -19.73 -36.89 8.09
C MET X 90 -18.49 -36.01 7.90
N ILE X 91 -17.58 -36.43 7.02
CA ILE X 91 -16.42 -35.59 6.72
C ILE X 91 -16.84 -34.28 6.09
N THR X 92 -17.84 -34.31 5.20
CA THR X 92 -18.32 -33.07 4.60
C THR X 92 -18.86 -32.12 5.67
N SER X 93 -19.64 -32.65 6.61
CA SER X 93 -20.18 -31.80 7.67
C SER X 93 -19.08 -31.26 8.56
N MET X 94 -18.09 -32.10 8.92
CA MET X 94 -17.00 -31.64 9.75
C MET X 94 -16.20 -30.55 9.06
N LEU X 95 -15.94 -30.70 7.76
CA LEU X 95 -15.20 -29.68 7.03
C LEU X 95 -16.00 -28.40 6.87
N TYR X 96 -17.33 -28.50 6.73
CA TYR X 96 -18.13 -27.30 6.56
C TYR X 96 -18.38 -26.57 7.87
N GLU X 97 -18.29 -27.27 9.01
CA GLU X 97 -18.41 -26.56 10.28
C GLU X 97 -17.35 -25.47 10.42
N ALA X 98 -16.12 -25.75 10.00
CA ALA X 98 -15.07 -24.73 9.97
C ALA X 98 -15.00 -24.11 8.58
N ARG X 99 -16.15 -23.57 8.13
CA ARG X 99 -16.22 -23.02 6.79
C ARG X 99 -15.38 -21.76 6.63
N PHE X 100 -15.29 -20.94 7.67
CA PHE X 100 -14.49 -19.72 7.63
C PHE X 100 -13.18 -19.85 8.39
N GLY X 101 -12.96 -20.97 9.08
CA GLY X 101 -11.70 -21.28 9.71
C GLY X 101 -11.10 -22.56 9.16
N PRO X 102 -11.08 -22.71 7.83
CA PRO X 102 -11.03 -24.04 7.24
C PRO X 102 -9.79 -24.83 7.63
N TRP X 103 -9.98 -26.15 7.77
CA TRP X 103 -8.86 -27.07 7.80
C TRP X 103 -8.19 -27.09 6.43
N PHE X 104 -6.90 -27.37 6.43
CA PHE X 104 -6.10 -27.35 5.20
C PHE X 104 -5.85 -28.76 4.68
N VAL X 105 -6.85 -29.62 4.80
CA VAL X 105 -6.76 -30.99 4.30
C VAL X 105 -7.62 -31.12 3.05
N GLU X 106 -7.44 -32.22 2.34
CA GLU X 106 -8.27 -32.55 1.18
C GLU X 106 -8.39 -34.06 1.14
N PRO X 107 -9.43 -34.63 1.75
CA PRO X 107 -9.53 -36.08 1.86
C PRO X 107 -9.85 -36.75 0.54
N VAL X 108 -9.49 -38.03 0.46
CA VAL X 108 -9.77 -38.90 -0.67
C VAL X 108 -10.24 -40.22 -0.05
N ILE X 109 -11.52 -40.54 -0.22
CA ILE X 109 -12.17 -41.65 0.46
C ILE X 109 -12.52 -42.72 -0.56
N GLY X 110 -12.17 -43.96 -0.28
CA GLY X 110 -12.64 -45.09 -1.07
C GLY X 110 -13.31 -46.10 -0.17
N SER X 111 -14.41 -46.67 -0.66
CA SER X 111 -15.17 -47.62 0.13
C SER X 111 -15.83 -48.64 -0.80
N ILE X 112 -16.16 -49.79 -0.23
CA ILE X 112 -16.82 -50.87 -0.96
C ILE X 112 -17.82 -51.54 -0.04
N ASP X 113 -18.96 -51.95 -0.59
CA ASP X 113 -19.96 -52.70 0.16
C ASP X 113 -19.54 -54.16 0.21
N LYS X 114 -19.36 -54.69 1.42
CA LYS X 114 -18.89 -56.06 1.55
C LYS X 114 -19.92 -57.08 1.06
N SER X 115 -21.21 -56.72 1.11
CA SER X 115 -22.26 -57.62 0.64
C SER X 115 -22.61 -57.38 -0.82
N THR X 116 -22.63 -56.13 -1.26
CA THR X 116 -23.02 -55.81 -2.63
C THR X 116 -21.81 -55.79 -3.56
N GLY X 117 -20.75 -55.07 -3.17
CA GLY X 117 -19.59 -54.90 -4.02
C GLY X 117 -19.53 -53.56 -4.73
N GLU X 118 -20.51 -52.69 -4.53
CA GLU X 118 -20.49 -51.38 -5.16
C GLU X 118 -19.36 -50.54 -4.56
N VAL X 119 -18.67 -49.80 -5.43
CA VAL X 119 -17.51 -49.01 -5.04
C VAL X 119 -17.91 -47.53 -5.01
N TYR X 120 -17.57 -46.86 -3.92
CA TYR X 120 -17.89 -45.45 -3.72
C TYR X 120 -16.61 -44.67 -3.49
N LEU X 121 -16.38 -43.65 -4.32
CA LEU X 121 -15.22 -42.78 -4.19
C LEU X 121 -15.68 -41.35 -3.92
N CYS X 122 -14.88 -40.64 -3.13
CA CYS X 122 -15.19 -39.26 -2.80
C CYS X 122 -13.89 -38.48 -2.66
N ALA X 123 -13.95 -37.19 -2.99
CA ALA X 123 -12.81 -36.30 -2.82
C ALA X 123 -13.36 -34.88 -2.65
N THR X 124 -13.38 -34.40 -1.42
CA THR X 124 -13.94 -33.09 -1.14
C THR X 124 -12.84 -32.03 -1.20
N ASP X 125 -13.27 -30.77 -1.20
CA ASP X 125 -12.36 -29.64 -1.11
C ASP X 125 -11.99 -29.44 0.36
N LEU X 126 -11.32 -28.33 0.66
CA LEU X 126 -10.97 -28.03 2.04
C LEU X 126 -12.18 -27.61 2.87
N ILE X 127 -13.29 -27.23 2.22
CA ILE X 127 -14.51 -26.86 2.91
C ILE X 127 -15.59 -27.92 2.76
N GLY X 128 -15.27 -29.06 2.15
CA GLY X 128 -16.17 -30.21 2.13
C GLY X 128 -16.96 -30.39 0.85
N ALA X 129 -16.73 -29.59 -0.19
CA ALA X 129 -17.50 -29.72 -1.42
C ALA X 129 -17.25 -31.09 -2.04
N PRO X 130 -18.24 -31.98 -2.03
CA PRO X 130 -18.01 -33.37 -2.42
C PRO X 130 -17.85 -33.53 -3.92
N CYS X 131 -17.34 -34.70 -4.30
CA CYS X 131 -17.12 -35.05 -5.71
C CYS X 131 -17.11 -36.57 -5.80
N GLU X 132 -18.14 -37.14 -6.42
CA GLU X 132 -18.26 -38.59 -6.47
C GLU X 132 -18.32 -39.10 -7.90
N PRO X 133 -17.18 -39.28 -8.56
CA PRO X 133 -17.20 -39.91 -9.88
C PRO X 133 -17.13 -41.43 -9.78
N GLU X 134 -17.15 -42.11 -10.92
CA GLU X 134 -17.13 -43.57 -10.95
C GLU X 134 -15.80 -44.14 -11.45
N ASP X 135 -14.81 -43.29 -11.72
CA ASP X 135 -13.54 -43.75 -12.25
C ASP X 135 -12.39 -43.57 -11.27
N TYR X 136 -12.15 -42.35 -10.80
CA TYR X 136 -10.99 -42.09 -9.95
C TYR X 136 -11.11 -40.71 -9.31
N VAL X 137 -10.42 -40.54 -8.19
CA VAL X 137 -10.25 -39.26 -7.54
C VAL X 137 -8.78 -39.11 -7.18
N CYS X 138 -8.33 -37.87 -7.04
CA CYS X 138 -6.94 -37.63 -6.68
C CYS X 138 -6.82 -36.24 -6.06
N ALA X 139 -5.95 -36.13 -5.05
CA ALA X 139 -5.67 -34.85 -4.41
C ALA X 139 -4.17 -34.78 -4.09
N GLY X 140 -3.68 -33.56 -3.94
CA GLY X 140 -2.32 -33.32 -3.54
C GLY X 140 -1.62 -32.35 -4.47
N THR X 141 -0.31 -32.26 -4.33
CA THR X 141 0.48 -31.34 -5.14
C THR X 141 0.57 -31.81 -6.59
N ALA X 142 0.54 -33.11 -6.82
CA ALA X 142 0.61 -33.68 -8.17
C ALA X 142 -0.77 -34.03 -8.70
N ALA X 143 -1.78 -33.21 -8.38
CA ALA X 143 -3.16 -33.53 -8.76
C ALA X 143 -3.35 -33.49 -10.27
N GLU X 144 -2.75 -32.51 -10.95
CA GLU X 144 -2.94 -32.38 -12.39
C GLU X 144 -2.34 -33.57 -13.14
N SER X 145 -1.11 -33.94 -12.79
CA SER X 145 -0.46 -35.08 -13.45
C SER X 145 -1.19 -36.38 -13.12
N LEU X 146 -1.66 -36.53 -11.89
CA LEU X 146 -2.45 -37.71 -11.54
C LEU X 146 -3.73 -37.77 -12.36
N HIS X 147 -4.41 -36.63 -12.52
CA HIS X 147 -5.62 -36.59 -13.34
C HIS X 147 -5.31 -36.99 -14.77
N GLY X 148 -4.24 -36.46 -15.34
CA GLY X 148 -3.88 -36.80 -16.71
C GLY X 148 -3.59 -38.29 -16.88
N MET X 149 -2.78 -38.84 -15.97
CA MET X 149 -2.41 -40.25 -16.07
C MET X 149 -3.64 -41.15 -15.89
N CYS X 150 -4.50 -40.85 -14.92
CA CYS X 150 -5.69 -41.66 -14.71
C CYS X 150 -6.65 -41.55 -15.90
N GLU X 151 -6.82 -40.34 -16.45
CA GLU X 151 -7.66 -40.19 -17.63
C GLU X 151 -7.11 -40.98 -18.80
N ALA X 152 -5.78 -41.05 -18.93
CA ALA X 152 -5.18 -41.76 -20.06
C ALA X 152 -5.10 -43.27 -19.87
N LEU X 153 -5.15 -43.77 -18.64
CA LEU X 153 -4.91 -45.19 -18.41
C LEU X 153 -6.13 -45.96 -17.92
N TRP X 154 -7.09 -45.30 -17.27
CA TRP X 154 -8.17 -46.02 -16.59
C TRP X 154 -9.23 -46.52 -17.58
N ARG X 155 -9.74 -47.71 -17.31
CA ARG X 155 -10.85 -48.30 -18.04
C ARG X 155 -11.83 -48.88 -17.03
N PRO X 156 -13.11 -49.04 -17.41
CA PRO X 156 -14.12 -49.46 -16.42
C PRO X 156 -13.86 -50.82 -15.77
N GLY X 157 -13.73 -51.87 -16.58
CA GLY X 157 -13.72 -53.22 -16.04
C GLY X 157 -12.36 -53.79 -15.69
N MET X 158 -11.66 -53.14 -14.76
CA MET X 158 -10.33 -53.61 -14.38
C MET X 158 -10.41 -54.65 -13.26
N SER X 159 -9.44 -55.56 -13.27
CA SER X 159 -9.18 -56.51 -12.21
C SER X 159 -8.36 -55.85 -11.13
N PRO X 160 -8.36 -56.40 -9.89
CA PRO X 160 -7.54 -55.80 -8.84
C PRO X 160 -6.06 -55.66 -9.21
N GLU X 161 -5.49 -56.65 -9.88
CA GLU X 161 -4.09 -56.57 -10.27
C GLU X 161 -3.86 -55.50 -11.33
N GLU X 162 -4.70 -55.49 -12.37
CA GLU X 162 -4.58 -54.48 -13.41
C GLU X 162 -4.81 -53.08 -12.85
N LEU X 163 -5.81 -52.95 -11.96
CA LEU X 163 -6.07 -51.67 -11.34
C LEU X 163 -4.88 -51.20 -10.51
N PHE X 164 -4.27 -52.13 -9.77
CA PHE X 164 -3.09 -51.78 -8.97
C PHE X 164 -1.94 -51.32 -9.86
N GLU X 165 -1.71 -52.03 -10.97
CA GLU X 165 -0.63 -51.63 -11.87
C GLU X 165 -0.89 -50.25 -12.46
N ILE X 166 -2.13 -49.98 -12.87
CA ILE X 166 -2.47 -48.67 -13.43
C ILE X 166 -2.24 -47.59 -12.38
N ALA X 167 -2.71 -47.83 -11.15
CA ALA X 167 -2.55 -46.84 -10.10
C ALA X 167 -1.10 -46.58 -9.78
N ALA X 168 -0.28 -47.64 -9.71
CA ALA X 168 1.14 -47.47 -9.41
C ALA X 168 1.84 -46.69 -10.51
N GLN X 169 1.57 -47.03 -11.77
CA GLN X 169 2.20 -46.31 -12.87
C GLN X 169 1.80 -44.84 -12.86
N ALA X 170 0.51 -44.57 -12.68
CA ALA X 170 0.04 -43.19 -12.66
C ALA X 170 0.67 -42.41 -11.51
N MET X 171 0.73 -43.02 -10.32
CA MET X 171 1.29 -42.34 -9.17
C MET X 171 2.77 -42.02 -9.38
N LEU X 172 3.54 -43.01 -9.85
CA LEU X 172 4.97 -42.79 -10.06
C LEU X 172 5.23 -41.74 -11.13
N SER X 173 4.49 -41.81 -12.24
CA SER X 173 4.69 -40.83 -13.30
C SER X 173 4.26 -39.43 -12.87
N ALA X 174 3.25 -39.32 -12.01
CA ALA X 174 2.86 -38.01 -11.52
C ALA X 174 3.87 -37.46 -10.52
N CYS X 175 4.43 -38.34 -9.68
CA CYS X 175 5.44 -37.89 -8.72
C CYS X 175 6.76 -37.53 -9.39
N ASP X 176 7.05 -38.12 -10.55
CA ASP X 176 8.28 -37.75 -11.26
C ASP X 176 8.28 -36.29 -11.67
N ARG X 177 7.12 -35.76 -12.04
CA ARG X 177 6.99 -34.37 -12.48
C ARG X 177 6.73 -33.41 -11.33
N ASP X 178 6.66 -33.90 -10.10
CA ASP X 178 6.37 -33.07 -8.93
C ASP X 178 7.57 -33.08 -7.99
N SER X 179 8.00 -31.89 -7.56
CA SER X 179 9.13 -31.77 -6.66
C SER X 179 8.74 -31.98 -5.19
N LEU X 180 7.45 -31.90 -4.87
CA LEU X 180 6.97 -32.03 -3.51
C LEU X 180 6.40 -33.41 -3.22
N SER X 181 6.48 -34.34 -4.18
CA SER X 181 5.95 -35.67 -4.01
C SER X 181 6.96 -36.69 -4.55
N GLY X 182 6.90 -37.90 -4.00
CA GLY X 182 7.76 -38.96 -4.49
C GLY X 182 8.24 -39.92 -3.41
N TYR X 183 9.43 -40.50 -3.61
CA TYR X 183 10.03 -41.43 -2.67
C TYR X 183 9.18 -42.69 -2.51
N GLY X 184 8.85 -43.32 -3.64
CA GLY X 184 8.06 -44.52 -3.63
C GLY X 184 6.58 -44.24 -3.39
N ALA X 185 5.85 -45.31 -3.12
CA ALA X 185 4.42 -45.18 -2.86
C ALA X 185 3.96 -46.32 -1.96
N VAL X 186 2.79 -46.14 -1.38
CA VAL X 186 2.12 -47.20 -0.63
C VAL X 186 0.70 -47.34 -1.17
N ALA X 187 0.30 -48.57 -1.47
CA ALA X 187 -0.99 -48.83 -2.09
C ALA X 187 -1.78 -49.83 -1.26
N MET X 188 -3.10 -49.68 -1.30
CA MET X 188 -4.03 -50.57 -0.62
C MET X 188 -5.08 -51.00 -1.64
N ILE X 189 -5.13 -52.30 -1.89
CA ILE X 189 -6.14 -52.89 -2.78
C ILE X 189 -7.21 -53.49 -1.90
N VAL X 190 -8.44 -52.98 -2.00
CA VAL X 190 -9.55 -53.43 -1.17
C VAL X 190 -10.56 -54.11 -2.09
N THR X 191 -10.80 -55.38 -1.84
CA THR X 191 -11.77 -56.19 -2.57
C THR X 191 -12.91 -56.56 -1.62
N LYS X 192 -13.84 -57.36 -2.14
CA LYS X 192 -14.95 -57.82 -1.32
C LYS X 192 -14.47 -58.79 -0.23
N ASP X 193 -13.46 -59.59 -0.53
CA ASP X 193 -13.03 -60.66 0.36
C ASP X 193 -11.77 -60.36 1.15
N LYS X 194 -10.81 -59.63 0.57
CA LYS X 194 -9.53 -59.42 1.24
C LYS X 194 -9.06 -58.00 1.01
N VAL X 195 -8.09 -57.59 1.83
CA VAL X 195 -7.41 -56.30 1.70
C VAL X 195 -5.92 -56.55 1.65
N THR X 196 -5.26 -55.99 0.63
CA THR X 196 -3.83 -56.16 0.43
C THR X 196 -3.12 -54.83 0.53
N THR X 197 -1.98 -54.81 1.20
CA THR X 197 -1.13 -53.63 1.32
C THR X 197 0.20 -53.89 0.63
N ARG X 198 0.62 -52.95 -0.21
CA ARG X 198 1.86 -53.09 -0.97
C ARG X 198 2.65 -51.80 -0.90
N LEU X 199 3.97 -51.91 -0.99
CA LEU X 199 4.86 -50.77 -1.06
C LEU X 199 5.58 -50.81 -2.40
N ILE X 200 5.56 -49.69 -3.11
CA ILE X 200 5.94 -49.63 -4.52
C ILE X 200 7.22 -48.81 -4.64
N LYS X 201 8.21 -49.39 -5.32
CA LYS X 201 9.49 -48.72 -5.56
C LYS X 201 9.29 -47.40 -6.29
N GLY X 202 10.05 -46.38 -5.88
CA GLY X 202 10.05 -45.10 -6.55
C GLY X 202 11.44 -44.51 -6.59
N ARG X 203 11.55 -43.38 -7.28
CA ARG X 203 12.80 -42.64 -7.31
C ARG X 203 13.10 -42.06 -5.94
N LYS X 204 14.40 -42.00 -5.61
CA LYS X 204 14.86 -41.37 -4.38
C LYS X 204 15.13 -39.89 -4.55
N ASP X 205 14.46 -39.26 -5.51
CA ASP X 205 14.69 -37.86 -5.84
C ASP X 205 13.63 -36.97 -5.20
N MET Y 1 15.50 -20.78 14.69
CA MET Y 1 16.04 -20.88 13.34
C MET Y 1 17.49 -20.38 13.31
N ALA Y 2 17.74 -19.29 14.05
CA ALA Y 2 19.11 -18.85 14.26
C ALA Y 2 19.90 -19.89 15.05
N GLU Y 3 19.27 -20.48 16.06
CA GLU Y 3 19.90 -21.51 16.88
C GLU Y 3 19.59 -22.89 16.30
N THR Y 4 20.63 -23.70 16.16
CA THR Y 4 20.51 -25.02 15.55
C THR Y 4 20.45 -26.11 16.61
N ALA Y 5 19.44 -26.97 16.50
CA ALA Y 5 19.31 -28.14 17.36
C ALA Y 5 19.48 -29.40 16.52
N ILE Y 6 20.22 -30.36 17.06
CA ILE Y 6 20.52 -31.61 16.38
C ILE Y 6 20.07 -32.75 17.27
N ALA Y 7 19.62 -33.84 16.65
CA ALA Y 7 19.27 -35.04 17.41
C ALA Y 7 19.42 -36.25 16.51
N PHE Y 8 19.92 -37.34 17.08
CA PHE Y 8 19.94 -38.62 16.38
C PHE Y 8 19.80 -39.75 17.36
N ARG Y 9 19.09 -40.79 16.94
CA ARG Y 9 18.76 -41.94 17.78
C ARG Y 9 19.56 -43.14 17.30
N CYS Y 10 20.16 -43.86 18.26
CA CYS Y 10 20.92 -45.06 17.97
C CYS Y 10 20.25 -46.26 18.66
N LYS Y 11 20.94 -47.39 18.65
CA LYS Y 11 20.35 -48.62 19.18
C LYS Y 11 20.06 -48.51 20.68
N ASP Y 12 20.94 -47.85 21.44
CA ASP Y 12 20.82 -47.83 22.89
C ASP Y 12 20.72 -46.43 23.47
N TYR Y 13 20.62 -45.39 22.64
CA TYR Y 13 20.61 -44.03 23.16
C TYR Y 13 20.05 -43.08 22.10
N VAL Y 14 19.69 -41.89 22.56
CA VAL Y 14 19.42 -40.75 21.69
C VAL Y 14 20.28 -39.58 22.15
N MET Y 15 21.03 -38.99 21.23
CA MET Y 15 21.83 -37.80 21.55
C MET Y 15 21.19 -36.58 20.92
N VAL Y 16 21.02 -35.53 21.72
CA VAL Y 16 20.53 -34.25 21.26
C VAL Y 16 21.55 -33.19 21.65
N ALA Y 17 21.54 -32.08 20.92
CA ALA Y 17 22.43 -30.96 21.20
C ALA Y 17 21.71 -29.68 20.81
N ALA Y 18 21.83 -28.66 21.65
CA ALA Y 18 21.13 -27.40 21.38
C ALA Y 18 22.07 -26.22 21.57
N ALA Y 19 22.12 -25.34 20.57
CA ALA Y 19 22.94 -24.13 20.67
C ALA Y 19 22.45 -23.25 21.81
N GLY Y 20 23.38 -22.64 22.53
CA GLY Y 20 23.05 -21.83 23.68
C GLY Y 20 22.93 -20.35 23.40
N LEU Y 21 22.77 -20.00 22.12
CA LEU Y 21 22.74 -18.60 21.71
C LEU Y 21 21.50 -17.89 22.21
N ASN Y 22 21.68 -16.66 22.68
CA ASN Y 22 20.59 -15.73 22.97
C ASN Y 22 21.04 -14.35 22.51
N ALA Y 23 20.15 -13.72 21.76
CA ALA Y 23 20.56 -12.45 21.15
C ALA Y 23 19.47 -11.40 21.17
N PHE Y 24 19.86 -10.14 21.25
CA PHE Y 24 18.90 -9.03 21.07
C PHE Y 24 19.38 -8.38 19.78
N TYR Y 25 18.71 -8.68 18.68
CA TYR Y 25 19.17 -8.17 17.36
C TYR Y 25 20.53 -8.80 17.06
N TYR Y 26 21.57 -8.00 16.84
CA TYR Y 26 22.88 -8.54 16.45
C TYR Y 26 23.75 -8.75 17.68
N ILE Y 27 23.24 -8.45 18.87
CA ILE Y 27 24.07 -8.55 20.10
C ILE Y 27 23.91 -9.93 20.74
N LYS Y 28 25.01 -10.61 20.97
CA LYS Y 28 25.01 -11.88 21.68
C LYS Y 28 24.83 -11.62 23.17
N ILE Y 29 23.61 -11.83 23.66
CA ILE Y 29 23.35 -11.65 25.09
C ILE Y 29 24.12 -12.69 25.90
N THR Y 30 24.03 -13.95 25.50
CA THR Y 30 24.81 -15.01 26.10
C THR Y 30 24.95 -16.12 25.08
N ASP Y 31 25.95 -16.98 25.29
CA ASP Y 31 26.18 -18.12 24.42
C ASP Y 31 26.05 -19.44 25.18
N ALA Y 32 25.72 -19.39 26.47
CA ALA Y 32 25.53 -20.59 27.30
C ALA Y 32 24.16 -20.47 27.95
N GLU Y 33 23.13 -20.91 27.22
CA GLU Y 33 21.76 -20.97 27.71
C GLU Y 33 21.21 -22.35 27.33
N ASP Y 34 20.91 -23.17 28.32
CA ASP Y 34 20.46 -24.53 28.05
C ASP Y 34 19.06 -24.51 27.47
N LYS Y 35 18.91 -24.99 26.24
CA LYS Y 35 17.62 -25.08 25.58
C LYS Y 35 17.08 -26.50 25.56
N ILE Y 36 17.70 -27.40 26.30
CA ILE Y 36 17.23 -28.78 26.44
C ILE Y 36 16.57 -28.90 27.80
N THR Y 37 15.25 -29.11 27.81
CA THR Y 37 14.48 -29.23 29.03
C THR Y 37 14.14 -30.68 29.28
N GLN Y 38 14.49 -31.18 30.46
CA GLN Y 38 14.14 -32.53 30.85
C GLN Y 38 12.70 -32.57 31.35
N LEU Y 39 11.86 -33.34 30.65
CA LEU Y 39 10.44 -33.41 31.01
C LEU Y 39 10.19 -34.50 32.04
N ASP Y 40 10.73 -35.70 31.79
CA ASP Y 40 10.53 -36.85 32.67
C ASP Y 40 11.91 -37.45 32.93
N THR Y 41 11.98 -38.46 33.79
CA THR Y 41 13.26 -39.10 34.09
C THR Y 41 13.95 -39.60 32.83
N HIS Y 42 13.18 -40.06 31.85
CA HIS Y 42 13.73 -40.60 30.61
C HIS Y 42 13.23 -39.83 29.38
N GLN Y 43 12.86 -38.57 29.55
CA GLN Y 43 12.33 -37.76 28.45
C GLN Y 43 12.92 -36.36 28.50
N LEU Y 44 13.18 -35.79 27.33
CA LEU Y 44 13.62 -34.41 27.22
C LEU Y 44 13.22 -33.85 25.87
N VAL Y 45 13.25 -32.53 25.77
CA VAL Y 45 12.96 -31.82 24.52
C VAL Y 45 14.02 -30.76 24.30
N ALA Y 46 14.58 -30.72 23.09
CA ALA Y 46 15.45 -29.63 22.66
C ALA Y 46 14.61 -28.67 21.83
N CYS Y 47 14.48 -27.43 22.30
CA CYS Y 47 13.56 -26.46 21.73
C CYS Y 47 14.33 -25.27 21.17
N THR Y 48 14.02 -24.89 19.94
CA THR Y 48 14.56 -23.70 19.31
C THR Y 48 13.48 -22.64 19.21
N GLY Y 49 13.84 -21.40 19.56
CA GLY Y 49 12.92 -20.28 19.52
C GLY Y 49 13.34 -19.22 20.53
N GLU Y 50 12.62 -18.10 20.55
CA GLU Y 50 12.93 -17.07 21.52
C GLU Y 50 12.50 -17.50 22.91
N ASN Y 51 13.10 -16.87 23.92
CA ASN Y 51 13.09 -17.40 25.28
C ASN Y 51 11.67 -17.53 25.83
N GLY Y 52 10.83 -16.52 25.62
CA GLY Y 52 9.51 -16.49 26.19
C GLY Y 52 8.64 -17.68 25.86
N PRO Y 53 8.28 -17.81 24.58
CA PRO Y 53 7.44 -18.95 24.16
C PRO Y 53 8.07 -20.30 24.46
N ARG Y 54 9.38 -20.43 24.26
CA ARG Y 54 10.03 -21.71 24.52
C ARG Y 54 9.91 -22.10 25.98
N VAL Y 55 10.24 -21.18 26.88
CA VAL Y 55 10.18 -21.47 28.31
C VAL Y 55 8.74 -21.75 28.73
N ASN Y 56 7.79 -20.94 28.24
CA ASN Y 56 6.40 -21.15 28.63
C ASN Y 56 5.89 -22.51 28.16
N PHE Y 57 6.20 -22.88 26.92
CA PHE Y 57 5.74 -24.16 26.39
C PHE Y 57 6.36 -25.33 27.16
N THR Y 58 7.67 -25.28 27.38
CA THR Y 58 8.33 -26.39 28.08
C THR Y 58 7.85 -26.51 29.51
N GLU Y 59 7.67 -25.38 30.21
CA GLU Y 59 7.18 -25.44 31.59
C GLU Y 59 5.75 -25.94 31.64
N TYR Y 60 4.91 -25.52 30.69
CA TYR Y 60 3.54 -26.01 30.65
C TYR Y 60 3.52 -27.52 30.46
N ILE Y 61 4.30 -28.02 29.50
CA ILE Y 61 4.32 -29.46 29.22
C ILE Y 61 4.84 -30.23 30.43
N LYS Y 62 5.93 -29.76 31.03
CA LYS Y 62 6.50 -30.46 32.17
C LYS Y 62 5.55 -30.46 33.36
N CYS Y 63 4.89 -29.33 33.63
CA CYS Y 63 3.95 -29.28 34.74
C CYS Y 63 2.75 -30.19 34.50
N ASN Y 64 2.26 -30.24 33.26
CA ASN Y 64 1.15 -31.14 32.97
C ASN Y 64 1.55 -32.61 33.11
N LEU Y 65 2.77 -32.95 32.68
CA LEU Y 65 3.25 -34.32 32.88
C LEU Y 65 3.36 -34.66 34.36
N ALA Y 66 3.89 -33.73 35.16
CA ALA Y 66 4.00 -33.96 36.59
C ALA Y 66 2.62 -34.13 37.22
N LEU Y 67 1.66 -33.30 36.82
CA LEU Y 67 0.31 -33.40 37.36
C LEU Y 67 -0.32 -34.74 36.99
N ASN Y 68 -0.11 -35.19 35.75
CA ASN Y 68 -0.63 -36.50 35.35
C ASN Y 68 0.01 -37.61 36.17
N ARG Y 69 1.32 -37.53 36.41
CA ARG Y 69 1.97 -38.53 37.24
C ARG Y 69 1.40 -38.52 38.66
N MET Y 70 1.11 -37.34 39.20
CA MET Y 70 0.50 -37.25 40.52
C MET Y 70 -0.88 -37.90 40.54
N ARG Y 71 -1.72 -37.57 39.57
CA ARG Y 71 -3.07 -38.09 39.52
C ARG Y 71 -3.14 -39.54 39.06
N GLN Y 72 -2.04 -40.11 38.56
CA GLN Y 72 -2.01 -41.51 38.16
C GLN Y 72 -1.11 -42.34 39.06
N HIS Y 73 -0.79 -41.83 40.26
CA HIS Y 73 -0.03 -42.56 41.27
C HIS Y 73 1.35 -42.96 40.74
N GLY Y 74 2.09 -41.97 40.25
CA GLY Y 74 3.45 -42.18 39.83
C GLY Y 74 3.63 -43.02 38.58
N ARG Y 75 2.59 -43.13 37.75
CA ARG Y 75 2.68 -43.88 36.51
C ARG Y 75 3.29 -42.99 35.43
N HIS Y 76 4.48 -43.36 34.96
CA HIS Y 76 5.18 -42.56 33.97
C HIS Y 76 4.60 -42.78 32.59
N SER Y 77 4.48 -41.70 31.82
CA SER Y 77 3.89 -41.74 30.50
C SER Y 77 4.91 -42.16 29.45
N SER Y 78 4.43 -42.83 28.41
CA SER Y 78 5.29 -43.27 27.33
C SER Y 78 5.70 -42.08 26.46
N CYS Y 79 6.77 -42.28 25.68
CA CYS Y 79 7.27 -41.22 24.81
C CYS Y 79 6.25 -40.82 23.76
N GLU Y 80 5.54 -41.79 23.17
CA GLU Y 80 4.54 -41.46 22.17
C GLU Y 80 3.41 -40.64 22.76
N SER Y 81 2.97 -40.99 23.96
CA SER Y 81 1.90 -40.24 24.60
C SER Y 81 2.30 -38.79 24.85
N THR Y 82 3.51 -38.59 25.38
CA THR Y 82 3.99 -37.22 25.64
C THR Y 82 4.17 -36.45 24.35
N ALA Y 83 4.69 -37.10 23.32
CA ALA Y 83 4.86 -36.45 22.03
C ALA Y 83 3.51 -36.02 21.45
N ASN Y 84 2.51 -36.89 21.54
CA ASN Y 84 1.18 -36.53 21.05
C ASN Y 84 0.56 -35.42 21.88
N PHE Y 85 0.81 -35.40 23.19
CA PHE Y 85 0.32 -34.30 24.02
C PHE Y 85 0.94 -32.97 23.60
N MET Y 86 2.26 -32.96 23.37
CA MET Y 86 2.90 -31.74 22.89
C MET Y 86 2.38 -31.33 21.53
N ARG Y 87 2.17 -32.30 20.63
CA ARG Y 87 1.66 -32.00 19.30
C ARG Y 87 0.26 -31.41 19.38
N ASN Y 88 -0.58 -31.95 20.25
CA ASN Y 88 -1.93 -31.41 20.43
C ASN Y 88 -1.87 -29.99 20.97
N CYS Y 89 -0.98 -29.73 21.92
CA CYS Y 89 -0.84 -28.37 22.45
C CYS Y 89 -0.42 -27.40 21.34
N LEU Y 90 0.61 -27.76 20.57
CA LEU Y 90 1.10 -26.89 19.51
C LEU Y 90 0.03 -26.67 18.45
N ALA Y 91 -0.70 -27.72 18.07
CA ALA Y 91 -1.74 -27.59 17.05
C ALA Y 91 -2.90 -26.73 17.55
N SER Y 92 -3.26 -26.86 18.83
CA SER Y 92 -4.29 -26.01 19.38
C SER Y 92 -3.85 -24.56 19.44
N ALA Y 93 -2.56 -24.31 19.65
CA ALA Y 93 -2.07 -22.94 19.74
C ALA Y 93 -2.25 -22.18 18.42
N ILE Y 94 -2.06 -22.84 17.28
CA ILE Y 94 -2.08 -22.15 15.99
C ILE Y 94 -3.46 -21.67 15.59
N ARG Y 95 -4.52 -22.15 16.25
CA ARG Y 95 -5.88 -21.70 15.97
C ARG Y 95 -6.47 -20.91 17.14
N SER Y 96 -5.63 -20.43 18.05
CA SER Y 96 -6.06 -19.70 19.23
C SER Y 96 -5.78 -18.22 19.08
N ARG Y 97 -6.39 -17.44 19.97
CA ARG Y 97 -6.22 -15.98 19.92
C ARG Y 97 -4.78 -15.57 20.19
N GLU Y 98 -4.15 -16.17 21.19
CA GLU Y 98 -2.79 -15.77 21.57
C GLU Y 98 -1.75 -16.16 20.52
N GLY Y 99 -2.12 -16.99 19.55
CA GLY Y 99 -1.24 -17.34 18.45
C GLY Y 99 -0.47 -18.62 18.71
N ALA Y 100 0.34 -18.97 17.71
CA ALA Y 100 1.10 -20.21 17.75
C ALA Y 100 2.39 -20.05 18.55
N TYR Y 101 2.85 -21.16 19.12
CA TYR Y 101 4.15 -21.20 19.78
C TYR Y 101 5.24 -21.20 18.72
N GLN Y 102 6.10 -20.19 18.72
CA GLN Y 102 7.19 -20.09 17.76
C GLN Y 102 8.38 -20.91 18.27
N VAL Y 103 8.12 -22.21 18.45
CA VAL Y 103 9.08 -23.15 19.02
C VAL Y 103 9.14 -24.39 18.16
N ASN Y 104 10.34 -24.81 17.79
CA ASN Y 104 10.56 -26.05 17.07
C ASN Y 104 11.23 -27.05 17.99
N CYS Y 105 10.71 -28.28 18.02
CA CYS Y 105 11.08 -29.24 19.06
C CYS Y 105 11.69 -30.50 18.47
N LEU Y 106 12.70 -31.02 19.17
CA LEU Y 106 13.18 -32.38 18.98
C LEU Y 106 12.98 -33.10 20.30
N PHE Y 107 12.02 -34.03 20.34
CA PHE Y 107 11.65 -34.72 21.57
C PHE Y 107 12.34 -36.08 21.60
N ALA Y 108 13.14 -36.31 22.63
CA ALA Y 108 13.90 -37.55 22.78
C ALA Y 108 13.46 -38.25 24.05
N GLY Y 109 13.48 -39.58 24.01
CA GLY Y 109 13.13 -40.34 25.19
C GLY Y 109 13.55 -41.78 25.09
N TYR Y 110 13.45 -42.47 26.22
CA TYR Y 110 13.72 -43.90 26.29
C TYR Y 110 12.55 -44.57 27.00
N ASP Y 111 11.96 -45.57 26.34
CA ASP Y 111 10.79 -46.26 26.88
C ASP Y 111 11.24 -47.51 27.62
N THR Y 112 10.79 -47.65 28.86
CA THR Y 112 11.06 -48.82 29.66
C THR Y 112 9.75 -49.47 30.10
N PRO Y 113 9.72 -50.78 30.30
CA PRO Y 113 8.48 -51.44 30.77
C PRO Y 113 8.07 -50.92 32.14
N VAL Y 114 6.89 -50.30 32.18
CA VAL Y 114 6.39 -49.75 33.43
C VAL Y 114 6.03 -50.84 34.42
N SER Y 115 5.60 -52.00 33.92
CA SER Y 115 5.25 -53.13 34.77
C SER Y 115 5.52 -54.42 33.99
N GLU Y 116 5.30 -55.55 34.66
CA GLU Y 116 5.48 -56.84 34.01
C GLU Y 116 4.41 -57.11 32.95
N ASP Y 117 3.27 -56.44 33.02
CA ASP Y 117 2.23 -56.59 32.00
C ASP Y 117 2.50 -55.74 30.77
N ASP Y 118 3.45 -54.81 30.85
CA ASP Y 118 3.74 -53.93 29.72
C ASP Y 118 4.30 -54.71 28.55
N ASP Y 119 3.84 -54.35 27.35
CA ASP Y 119 4.30 -54.98 26.10
C ASP Y 119 4.51 -53.94 25.01
N GLY Y 120 4.88 -52.72 25.40
CA GLY Y 120 5.03 -51.62 24.47
C GLY Y 120 6.44 -51.45 23.97
N VAL Y 121 6.78 -50.21 23.67
CA VAL Y 121 8.09 -49.87 23.12
C VAL Y 121 9.16 -50.01 24.19
N VAL Y 122 10.32 -50.52 23.80
CA VAL Y 122 11.45 -50.67 24.71
C VAL Y 122 12.68 -49.90 24.29
N GLY Y 123 12.89 -49.62 23.01
CA GLY Y 123 14.05 -48.90 22.56
C GLY Y 123 13.93 -47.40 22.75
N PRO Y 124 14.86 -46.66 22.17
CA PRO Y 124 14.79 -45.20 22.23
C PRO Y 124 13.85 -44.62 21.19
N GLN Y 125 13.37 -43.41 21.46
CA GLN Y 125 12.39 -42.73 20.63
C GLN Y 125 12.83 -41.30 20.36
N LEU Y 126 12.68 -40.87 19.11
CA LEU Y 126 12.99 -39.51 18.69
C LEU Y 126 11.87 -38.98 17.80
N PHE Y 127 11.46 -37.74 18.04
CA PHE Y 127 10.35 -37.13 17.31
C PHE Y 127 10.71 -35.71 16.89
N TYR Y 128 10.46 -35.41 15.62
CA TYR Y 128 10.58 -34.07 15.07
C TYR Y 128 9.24 -33.36 15.19
N MET Y 129 9.27 -32.10 15.65
CA MET Y 129 8.07 -31.32 15.90
C MET Y 129 8.24 -29.94 15.31
N ASP Y 130 7.36 -29.59 14.35
CA ASP Y 130 7.29 -28.24 13.84
C ASP Y 130 6.44 -27.37 14.75
N TYR Y 131 6.63 -26.05 14.64
CA TYR Y 131 5.87 -25.12 15.47
C TYR Y 131 4.38 -25.13 15.13
N LEU Y 132 4.02 -25.57 13.92
CA LEU Y 132 2.61 -25.62 13.53
C LEU Y 132 1.88 -26.81 14.11
N GLY Y 133 2.58 -27.74 14.73
CA GLY Y 133 2.00 -28.96 15.24
C GLY Y 133 2.27 -30.20 14.42
N THR Y 134 3.33 -30.21 13.61
CA THR Y 134 3.75 -31.42 12.91
C THR Y 134 4.49 -32.34 13.87
N LEU Y 135 4.24 -33.64 13.74
CA LEU Y 135 4.92 -34.64 14.55
C LEU Y 135 5.34 -35.79 13.66
N GLN Y 136 6.61 -36.16 13.71
CA GLN Y 136 7.09 -37.25 12.87
C GLN Y 136 8.20 -38.01 13.58
N ALA Y 137 8.08 -39.33 13.64
CA ALA Y 137 9.15 -40.16 14.17
C ALA Y 137 10.27 -40.26 13.15
N VAL Y 138 11.49 -39.89 13.55
CA VAL Y 138 12.62 -39.86 12.63
C VAL Y 138 13.82 -40.55 13.28
N PRO Y 139 14.71 -41.15 12.49
CA PRO Y 139 15.97 -41.64 13.08
C PRO Y 139 16.88 -40.49 13.52
N TYR Y 140 16.82 -39.36 12.83
CA TYR Y 140 17.53 -38.17 13.24
C TYR Y 140 16.78 -36.95 12.71
N GLY Y 141 16.96 -35.82 13.39
CA GLY Y 141 16.26 -34.61 13.02
C GLY Y 141 17.07 -33.39 13.44
N CYS Y 142 16.74 -32.26 12.81
CA CYS Y 142 17.49 -31.04 13.03
C CYS Y 142 16.59 -29.84 12.81
N HIS Y 143 16.91 -28.76 13.53
CA HIS Y 143 16.25 -27.47 13.37
C HIS Y 143 17.31 -26.38 13.30
N GLY Y 144 16.96 -25.27 12.67
CA GLY Y 144 17.83 -24.12 12.60
C GLY Y 144 18.48 -23.98 11.23
N TYR Y 145 19.34 -22.96 11.12
CA TYR Y 145 20.01 -22.68 9.86
C TYR Y 145 20.95 -23.82 9.46
N GLY Y 146 21.68 -24.38 10.43
CA GLY Y 146 22.60 -25.46 10.14
C GLY Y 146 21.96 -26.82 9.94
N ALA Y 147 20.63 -26.90 10.15
CA ALA Y 147 19.95 -28.19 10.15
C ALA Y 147 20.24 -28.99 8.89
N CYS Y 148 20.03 -28.37 7.73
CA CYS Y 148 20.28 -29.05 6.47
C CYS Y 148 21.73 -29.49 6.39
N PHE Y 149 22.66 -28.62 6.78
CA PHE Y 149 24.07 -28.96 6.79
C PHE Y 149 24.31 -30.24 7.58
N VAL Y 150 23.64 -30.37 8.73
CA VAL Y 150 23.80 -31.59 9.52
C VAL Y 150 23.09 -32.76 8.85
N THR Y 151 21.90 -32.51 8.30
CA THR Y 151 21.05 -33.62 7.86
C THR Y 151 21.77 -34.47 6.82
N ALA Y 152 22.26 -33.83 5.74
CA ALA Y 152 23.02 -34.54 4.74
C ALA Y 152 24.21 -35.25 5.36
N LEU Y 153 24.93 -34.55 6.25
CA LEU Y 153 26.03 -35.17 6.98
C LEU Y 153 25.57 -36.45 7.67
N LEU Y 154 24.44 -36.39 8.36
CA LEU Y 154 23.91 -37.60 8.98
C LEU Y 154 23.57 -38.64 7.94
N ASP Y 155 22.95 -38.22 6.83
CA ASP Y 155 22.65 -39.15 5.75
C ASP Y 155 23.92 -39.80 5.22
N ARG Y 156 25.06 -39.11 5.37
CA ARG Y 156 26.33 -39.68 4.93
C ARG Y 156 26.90 -40.63 5.98
N LEU Y 157 26.71 -40.33 7.27
CA LEU Y 157 27.50 -40.96 8.31
C LEU Y 157 26.70 -41.71 9.36
N TRP Y 158 25.43 -41.42 9.54
CA TRP Y 158 24.67 -42.05 10.61
C TRP Y 158 24.47 -43.53 10.34
N ARG Y 159 24.60 -44.34 11.39
CA ARG Y 159 24.30 -45.76 11.35
C ARG Y 159 23.42 -46.13 12.53
N PRO Y 160 22.53 -47.12 12.36
CA PRO Y 160 21.63 -47.50 13.47
C PRO Y 160 22.36 -48.03 14.69
N ASP Y 161 23.52 -48.67 14.52
CA ASP Y 161 24.20 -49.35 15.62
C ASP Y 161 25.48 -48.65 16.04
N LEU Y 162 25.49 -47.31 16.04
CA LEU Y 162 26.65 -46.57 16.51
C LEU Y 162 26.80 -46.71 18.02
N SER Y 163 28.04 -46.74 18.47
CA SER Y 163 28.33 -46.79 19.90
C SER Y 163 28.25 -45.39 20.50
N GLN Y 164 28.36 -45.32 21.84
CA GLN Y 164 28.28 -44.03 22.51
C GLN Y 164 29.44 -43.12 22.12
N GLN Y 165 30.66 -43.66 22.06
CA GLN Y 165 31.82 -42.84 21.72
C GLN Y 165 31.77 -42.41 20.27
N GLU Y 166 31.39 -43.31 19.36
CA GLU Y 166 31.30 -42.96 17.95
C GLU Y 166 30.15 -41.99 17.72
N GLY Y 167 29.06 -42.14 18.48
CA GLY Y 167 27.99 -41.15 18.42
C GLY Y 167 28.44 -39.79 18.90
N LEU Y 168 29.27 -39.76 19.95
CA LEU Y 168 29.82 -38.50 20.44
C LEU Y 168 30.69 -37.85 19.37
N GLU Y 169 31.52 -38.63 18.70
CA GLU Y 169 32.33 -38.09 17.61
C GLU Y 169 31.47 -37.57 16.47
N LEU Y 170 30.39 -38.28 16.13
CA LEU Y 170 29.49 -37.81 15.09
C LEU Y 170 28.84 -36.50 15.46
N MET Y 171 28.40 -36.37 16.72
CA MET Y 171 27.81 -35.11 17.16
C MET Y 171 28.83 -33.98 17.16
N GLN Y 172 30.08 -34.29 17.52
CA GLN Y 172 31.13 -33.28 17.43
C GLN Y 172 31.32 -32.82 15.99
N LYS Y 173 31.30 -33.76 15.04
CA LYS Y 173 31.40 -33.40 13.63
C LYS Y 173 30.24 -32.51 13.20
N CYS Y 174 29.02 -32.85 13.63
CA CYS Y 174 27.86 -32.04 13.26
C CYS Y 174 27.96 -30.62 13.82
N CYS Y 175 28.37 -30.50 15.09
CA CYS Y 175 28.53 -29.17 15.68
C CYS Y 175 29.62 -28.38 14.98
N ASP Y 176 30.73 -29.04 14.61
CA ASP Y 176 31.78 -28.38 13.87
C ASP Y 176 31.29 -27.89 12.52
N GLU Y 177 30.48 -28.71 11.84
CA GLU Y 177 29.93 -28.28 10.56
C GLU Y 177 29.02 -27.07 10.72
N VAL Y 178 28.20 -27.05 11.76
CA VAL Y 178 27.33 -25.91 12.00
C VAL Y 178 28.16 -24.64 12.25
N LYS Y 179 29.21 -24.77 13.07
CA LYS Y 179 30.08 -23.62 13.31
C LYS Y 179 30.78 -23.18 12.03
N ARG Y 180 31.09 -24.13 11.14
CA ARG Y 180 31.85 -23.82 9.94
C ARG Y 180 31.00 -23.13 8.87
N ARG Y 181 29.74 -23.52 8.73
CA ARG Y 181 28.96 -23.10 7.57
C ARG Y 181 27.87 -22.08 7.86
N VAL Y 182 27.55 -21.81 9.11
CA VAL Y 182 26.48 -20.88 9.46
C VAL Y 182 27.08 -19.55 9.87
N ILE Y 183 26.58 -18.46 9.29
CA ILE Y 183 27.08 -17.14 9.63
C ILE Y 183 26.71 -16.79 11.07
N ILE Y 184 25.59 -17.29 11.56
CA ILE Y 184 25.18 -17.07 12.94
C ILE Y 184 26.10 -17.86 13.86
N SER Y 185 26.71 -17.17 14.82
CA SER Y 185 27.72 -17.78 15.67
C SER Y 185 27.05 -18.68 16.71
N ASN Y 186 27.22 -19.99 16.54
CA ASN Y 186 26.78 -20.98 17.52
C ASN Y 186 28.04 -21.65 18.07
N SER Y 187 28.63 -21.04 19.08
CA SER Y 187 29.91 -21.51 19.63
C SER Y 187 29.73 -22.72 20.56
N TYR Y 188 28.65 -22.75 21.32
CA TYR Y 188 28.42 -23.78 22.32
C TYR Y 188 27.11 -24.51 22.01
N PHE Y 189 27.11 -25.83 22.20
CA PHE Y 189 26.02 -26.64 21.70
C PHE Y 189 25.27 -27.53 22.70
N PHE Y 190 25.66 -27.54 23.98
CA PHE Y 190 24.80 -28.11 25.02
C PHE Y 190 24.28 -29.49 24.65
N VAL Y 191 25.15 -30.51 24.71
CA VAL Y 191 24.80 -31.87 24.31
C VAL Y 191 24.32 -32.67 25.51
N LYS Y 192 23.21 -33.39 25.31
CA LYS Y 192 22.68 -34.31 26.30
C LYS Y 192 22.31 -35.62 25.60
N ALA Y 193 22.14 -36.67 26.40
CA ALA Y 193 21.80 -37.98 25.88
C ALA Y 193 20.76 -38.64 26.77
N VAL Y 194 19.97 -39.52 26.16
CA VAL Y 194 18.99 -40.34 26.87
C VAL Y 194 19.35 -41.79 26.63
N THR Y 195 19.56 -42.53 27.73
CA THR Y 195 19.81 -43.96 27.69
C THR Y 195 18.85 -44.67 28.65
N LYS Y 196 19.00 -45.97 28.81
CA LYS Y 196 18.15 -46.73 29.72
C LYS Y 196 18.28 -46.26 31.16
N ASN Y 197 19.39 -45.58 31.50
CA ASN Y 197 19.60 -45.06 32.83
C ASN Y 197 19.10 -43.65 33.02
N GLY Y 198 18.56 -43.02 31.97
CA GLY Y 198 17.99 -41.69 32.07
C GLY Y 198 18.75 -40.68 31.23
N VAL Y 199 18.79 -39.44 31.73
CA VAL Y 199 19.35 -38.30 31.01
C VAL Y 199 20.75 -38.00 31.55
N GLU Y 200 21.71 -37.87 30.64
CA GLU Y 200 23.08 -37.52 30.97
C GLU Y 200 23.46 -36.24 30.23
N VAL Y 201 24.12 -35.32 30.92
CA VAL Y 201 24.60 -34.09 30.31
C VAL Y 201 26.04 -34.31 29.89
N ILE Y 202 26.29 -34.33 28.58
CA ILE Y 202 27.61 -34.65 28.05
C ILE Y 202 28.38 -33.36 27.85
N THR Y 203 29.54 -33.26 28.51
CA THR Y 203 30.36 -32.06 28.44
C THR Y 203 31.50 -32.17 27.43
N ALA Y 204 31.83 -33.38 26.96
CA ALA Y 204 32.93 -33.55 26.01
C ALA Y 204 32.64 -32.82 24.71
N VAL Y 205 31.42 -32.94 24.20
CA VAL Y 205 31.03 -32.27 22.96
C VAL Y 205 30.37 -30.95 23.29
N HIS Y 206 30.78 -29.88 22.60
CA HIS Y 206 30.20 -28.57 22.80
C HIS Y 206 30.41 -27.70 21.55
N THR Z 1 19.64 5.55 26.54
CA THR Z 1 19.52 4.82 27.80
C THR Z 1 20.50 3.66 27.86
N THR Z 2 21.34 3.64 28.88
CA THR Z 2 22.28 2.54 29.09
C THR Z 2 22.19 2.07 30.53
N THR Z 3 22.04 0.76 30.70
CA THR Z 3 21.94 0.13 32.00
C THR Z 3 22.81 -1.12 31.99
N LEU Z 4 23.43 -1.44 33.12
CA LEU Z 4 24.18 -2.68 33.21
C LEU Z 4 24.05 -3.26 34.61
N ALA Z 5 24.24 -4.57 34.71
CA ALA Z 5 24.26 -5.23 36.00
C ALA Z 5 25.06 -6.53 35.87
N PHE Z 6 25.95 -6.77 36.82
CA PHE Z 6 26.77 -7.98 36.78
C PHE Z 6 26.92 -8.56 38.17
N ARG Z 7 27.14 -9.87 38.21
CA ARG Z 7 27.30 -10.64 39.44
C ARG Z 7 28.76 -10.97 39.67
N PHE Z 8 29.24 -10.72 40.89
CA PHE Z 8 30.62 -11.01 41.24
C PHE Z 8 30.68 -11.56 42.65
N ASN Z 9 31.85 -12.03 43.05
CA ASN Z 9 32.04 -12.56 44.40
C ASN Z 9 31.99 -11.41 45.39
N GLY Z 10 30.80 -11.16 45.94
CA GLY Z 10 30.57 -10.00 46.76
C GLY Z 10 29.21 -9.40 46.50
N GLY Z 11 28.48 -9.98 45.54
CA GLY Z 11 27.13 -9.55 45.27
C GLY Z 11 26.85 -9.18 43.84
N ILE Z 12 26.05 -8.13 43.65
CA ILE Z 12 25.66 -7.67 42.32
C ILE Z 12 25.90 -6.17 42.25
N ILE Z 13 26.35 -5.71 41.08
CA ILE Z 13 26.54 -4.30 40.82
C ILE Z 13 25.59 -3.87 39.72
N VAL Z 14 24.82 -2.82 39.96
CA VAL Z 14 23.91 -2.24 38.99
C VAL Z 14 24.34 -0.80 38.71
N ALA Z 15 24.27 -0.40 37.45
CA ALA Z 15 24.69 0.95 37.08
C ALA Z 15 23.79 1.48 35.97
N VAL Z 16 23.45 2.77 36.06
CA VAL Z 16 22.51 3.39 35.14
C VAL Z 16 22.98 4.80 34.78
N ASP Z 17 22.45 5.30 33.68
CA ASP Z 17 22.53 6.72 33.34
C ASP Z 17 21.22 7.39 33.74
N SER Z 18 21.04 8.65 33.37
CA SER Z 18 19.85 9.40 33.77
C SER Z 18 19.33 10.27 32.64
N ARG Z 19 19.35 9.76 31.41
CA ARG Z 19 18.89 10.53 30.26
C ARG Z 19 17.66 9.89 29.63
N ALA Z 20 16.65 10.71 29.35
CA ALA Z 20 15.49 10.32 28.57
C ALA Z 20 15.36 11.28 27.41
N SER Z 21 15.45 10.76 26.19
CA SER Z 21 15.42 11.58 24.98
C SER Z 21 14.22 11.17 24.14
N THR Z 22 13.25 12.07 24.03
CA THR Z 22 12.10 11.84 23.15
C THR Z 22 12.49 12.07 21.71
N GLY Z 23 13.21 11.10 21.13
CA GLY Z 23 13.69 11.24 19.77
C GLY Z 23 15.01 11.98 19.69
N GLN Z 24 14.95 13.26 19.33
CA GLN Z 24 16.14 14.09 19.22
C GLN Z 24 16.27 15.08 20.38
N TYR Z 25 15.16 15.51 20.97
CA TYR Z 25 15.17 16.46 22.08
C TYR Z 25 15.36 15.74 23.39
N ILE Z 26 16.14 16.35 24.28
CA ILE Z 26 16.40 15.77 25.60
C ILE Z 26 15.26 16.16 26.53
N ALA Z 27 14.42 15.18 26.89
CA ALA Z 27 13.30 15.45 27.78
C ALA Z 27 13.78 15.79 29.19
N SER Z 28 14.67 14.96 29.74
CA SER Z 28 15.13 15.16 31.10
C SER Z 28 16.53 14.59 31.26
N GLN Z 29 17.24 15.07 32.28
CA GLN Z 29 18.57 14.59 32.61
C GLN Z 29 18.66 14.08 34.04
N THR Z 30 17.52 13.82 34.69
CA THR Z 30 17.49 13.38 36.07
C THR Z 30 16.63 12.13 36.26
N VAL Z 31 16.42 11.34 35.19
CA VAL Z 31 15.57 10.17 35.28
C VAL Z 31 16.21 9.12 36.19
N MET Z 32 15.38 8.47 37.00
CA MET Z 32 15.83 7.41 37.90
C MET Z 32 15.62 6.09 37.18
N LYS Z 33 16.69 5.54 36.62
CA LYS Z 33 16.60 4.29 35.87
C LYS Z 33 16.75 3.05 36.74
N VAL Z 34 17.16 3.19 37.99
CA VAL Z 34 17.10 2.10 38.95
C VAL Z 34 15.81 2.24 39.74
N LEU Z 35 14.94 1.24 39.65
CA LEU Z 35 13.65 1.26 40.31
C LEU Z 35 13.73 0.36 41.54
N GLU Z 36 13.71 0.98 42.71
CA GLU Z 36 13.82 0.25 43.97
C GLU Z 36 12.51 -0.48 44.22
N ILE Z 37 12.45 -1.75 43.81
CA ILE Z 37 11.25 -2.54 44.02
C ILE Z 37 10.95 -2.69 45.51
N ASN Z 38 11.98 -3.02 46.29
CA ASN Z 38 11.87 -3.16 47.73
C ASN Z 38 13.19 -2.70 48.35
N ASP Z 39 13.38 -3.02 49.63
CA ASP Z 39 14.66 -2.83 50.29
C ASP Z 39 15.61 -3.98 50.03
N TYR Z 40 15.17 -4.99 49.26
CA TYR Z 40 16.00 -6.16 48.97
C TYR Z 40 15.99 -6.55 47.50
N LEU Z 41 15.18 -5.94 46.65
CA LEU Z 41 15.17 -6.23 45.22
C LEU Z 41 15.28 -4.93 44.44
N LEU Z 42 15.97 -4.99 43.31
CA LEU Z 42 16.21 -3.83 42.45
C LEU Z 42 15.73 -4.11 41.04
N GLY Z 43 15.21 -3.09 40.39
CA GLY Z 43 14.79 -3.19 39.01
C GLY Z 43 15.41 -2.09 38.17
N THR Z 44 15.38 -2.28 36.86
CA THR Z 44 16.02 -1.35 35.93
C THR Z 44 15.02 -0.82 34.92
N LEU Z 45 15.26 0.40 34.46
CA LEU Z 45 14.40 1.12 33.54
C LEU Z 45 15.04 1.12 32.15
N ALA Z 46 14.30 0.61 31.16
CA ALA Z 46 14.76 0.64 29.78
C ALA Z 46 13.57 0.41 28.86
N GLY Z 47 13.49 1.19 27.78
CA GLY Z 47 12.37 1.10 26.87
C GLY Z 47 11.28 2.09 27.23
N GLY Z 48 10.02 1.66 27.19
CA GLY Z 48 8.93 2.50 27.62
C GLY Z 48 8.99 2.75 29.10
N ALA Z 49 9.22 4.01 29.50
CA ALA Z 49 9.38 4.33 30.91
C ALA Z 49 8.10 4.05 31.69
N ALA Z 50 6.95 4.41 31.12
CA ALA Z 50 5.68 4.18 31.80
C ALA Z 50 5.42 2.69 32.02
N ASP Z 51 5.69 1.87 31.01
CA ASP Z 51 5.48 0.43 31.13
C ASP Z 51 6.32 -0.15 32.25
N CYS Z 52 7.62 0.18 32.25
CA CYS Z 52 8.52 -0.33 33.28
C CYS Z 52 8.09 0.12 34.66
N GLN Z 53 7.81 1.41 34.81
CA GLN Z 53 7.42 1.94 36.12
C GLN Z 53 6.17 1.25 36.64
N TYR Z 54 5.12 1.19 35.80
CA TYR Z 54 3.87 0.61 36.24
C TYR Z 54 4.03 -0.87 36.58
N TRP Z 55 4.72 -1.63 35.73
CA TRP Z 55 4.76 -3.06 35.94
C TRP Z 55 5.72 -3.46 37.05
N GLU Z 56 6.80 -2.72 37.26
CA GLU Z 56 7.64 -3.00 38.42
C GLU Z 56 7.00 -2.53 39.72
N ARG Z 57 6.15 -1.50 39.66
CA ARG Z 57 5.32 -1.19 40.82
C ARG Z 57 4.35 -2.33 41.12
N VAL Z 58 3.76 -2.90 40.08
CA VAL Z 58 2.90 -4.08 40.25
C VAL Z 58 3.70 -5.23 40.86
N LEU Z 59 4.92 -5.43 40.39
CA LEU Z 59 5.78 -6.49 40.91
C LEU Z 59 6.10 -6.27 42.39
N GLY Z 60 6.40 -5.02 42.76
CA GLY Z 60 6.62 -4.72 44.16
C GLY Z 60 5.40 -4.97 45.03
N MET Z 61 4.22 -4.61 44.53
CA MET Z 61 3.00 -4.90 45.25
C MET Z 61 2.79 -6.40 45.44
N GLU Z 62 3.04 -7.19 44.39
CA GLU Z 62 2.90 -8.63 44.51
C GLU Z 62 3.93 -9.22 45.47
N CYS Z 63 5.15 -8.69 45.47
CA CYS Z 63 6.16 -9.16 46.41
C CYS Z 63 5.76 -8.86 47.85
N ARG Z 64 5.22 -7.66 48.09
CA ARG Z 64 4.77 -7.32 49.44
C ARG Z 64 3.60 -8.20 49.86
N LEU Z 65 2.68 -8.50 48.93
CA LEU Z 65 1.59 -9.41 49.24
C LEU Z 65 2.10 -10.81 49.54
N TRP Z 66 3.11 -11.26 48.80
CA TRP Z 66 3.73 -12.55 49.06
C TRP Z 66 4.32 -12.59 50.47
N GLU Z 67 5.02 -11.52 50.86
CA GLU Z 67 5.59 -11.45 52.19
C GLU Z 67 4.50 -11.46 53.26
N LEU Z 68 3.42 -10.71 53.04
CA LEU Z 68 2.35 -10.64 54.03
C LEU Z 68 1.64 -11.98 54.18
N ARG Z 69 1.35 -12.66 53.07
CA ARG Z 69 0.60 -13.92 53.14
C ARG Z 69 1.45 -15.03 53.76
N ASN Z 70 2.70 -15.13 53.35
CA ASN Z 70 3.52 -16.30 53.67
C ASN Z 70 4.48 -16.06 54.84
N GLY Z 71 4.67 -14.82 55.27
CA GLY Z 71 5.54 -14.55 56.40
C GLY Z 71 7.01 -14.53 56.09
N SER Z 72 7.40 -14.71 54.83
CA SER Z 72 8.80 -14.72 54.45
C SER Z 72 8.96 -13.97 53.13
N ARG Z 73 10.18 -13.49 52.89
CA ARG Z 73 10.46 -12.73 51.68
C ARG Z 73 10.39 -13.63 50.45
N ILE Z 74 10.01 -13.02 49.34
CA ILE Z 74 9.96 -13.73 48.06
C ILE Z 74 11.38 -13.90 47.52
N THR Z 75 11.58 -14.96 46.73
CA THR Z 75 12.86 -15.16 46.10
C THR Z 75 12.95 -14.36 44.81
N VAL Z 76 14.19 -14.16 44.33
CA VAL Z 76 14.38 -13.44 43.08
C VAL Z 76 13.90 -14.28 41.90
N ALA Z 77 14.02 -15.60 41.99
CA ALA Z 77 13.50 -16.46 40.94
C ALA Z 77 11.98 -16.33 40.81
N ALA Z 78 11.29 -16.27 41.94
CA ALA Z 78 9.84 -16.08 41.90
C ALA Z 78 9.46 -14.65 41.51
N ALA Z 79 10.20 -13.65 41.99
CA ALA Z 79 9.91 -12.27 41.62
C ALA Z 79 10.12 -12.05 40.13
N SER Z 80 11.21 -12.59 39.57
CA SER Z 80 11.44 -12.46 38.14
C SER Z 80 10.42 -13.26 37.35
N LYS Z 81 9.93 -14.37 37.91
CA LYS Z 81 8.91 -15.16 37.23
C LYS Z 81 7.58 -14.43 37.16
N ILE Z 82 7.25 -13.64 38.19
CA ILE Z 82 6.01 -12.87 38.16
C ILE Z 82 6.04 -11.84 37.05
N LEU Z 83 7.14 -11.09 36.97
CA LEU Z 83 7.28 -10.08 35.91
C LEU Z 83 7.29 -10.73 34.53
N ALA Z 84 7.97 -11.87 34.40
CA ALA Z 84 8.02 -12.55 33.12
C ALA Z 84 6.64 -13.06 32.71
N ASN Z 85 5.87 -13.59 33.66
CA ASN Z 85 4.52 -14.05 33.36
C ASN Z 85 3.63 -12.88 32.94
N ILE Z 86 3.72 -11.77 33.67
CA ILE Z 86 2.92 -10.59 33.33
C ILE Z 86 3.27 -10.11 31.93
N THR Z 87 4.56 -10.03 31.63
CA THR Z 87 5.00 -9.57 30.33
C THR Z 87 4.58 -10.52 29.21
N TYR Z 88 4.67 -11.83 29.46
CA TYR Z 88 4.27 -12.80 28.46
C TYR Z 88 2.76 -12.75 28.20
N ALA Z 89 1.97 -12.44 29.23
CA ALA Z 89 0.54 -12.26 29.01
C ALA Z 89 0.25 -11.09 28.07
N TYR Z 90 1.13 -10.09 28.05
CA TYR Z 90 0.95 -8.89 27.24
C TYR Z 90 1.89 -8.84 26.05
N ARG Z 91 2.38 -9.99 25.58
CA ARG Z 91 3.39 -10.00 24.52
C ARG Z 91 2.83 -9.48 23.19
N ASN Z 92 1.53 -9.56 22.97
CA ASN Z 92 0.91 -9.07 21.74
C ASN Z 92 0.24 -7.72 21.93
N HIS Z 93 0.49 -7.05 23.07
CA HIS Z 93 -0.11 -5.75 23.36
C HIS Z 93 0.86 -4.60 23.16
N GLY Z 94 2.00 -4.86 22.52
CA GLY Z 94 2.93 -3.78 22.19
C GLY Z 94 3.60 -3.13 23.38
N LEU Z 95 3.92 -3.90 24.41
CA LEU Z 95 4.73 -3.36 25.51
C LEU Z 95 6.16 -3.16 25.04
N SER Z 96 6.85 -2.22 25.68
CA SER Z 96 8.24 -1.93 25.39
C SER Z 96 8.97 -1.77 26.73
N MET Z 97 9.60 -2.84 27.19
CA MET Z 97 10.26 -2.79 28.49
C MET Z 97 11.33 -3.87 28.57
N GLY Z 98 12.55 -3.45 28.90
CA GLY Z 98 13.62 -4.39 29.20
C GLY Z 98 14.20 -4.12 30.56
N THR Z 99 13.98 -5.03 31.51
CA THR Z 99 14.36 -4.80 32.89
C THR Z 99 15.31 -5.89 33.37
N MET Z 100 16.00 -5.59 34.46
CA MET Z 100 16.83 -6.56 35.16
C MET Z 100 16.39 -6.62 36.60
N VAL Z 101 16.19 -7.84 37.09
CA VAL Z 101 15.86 -8.08 38.49
C VAL Z 101 17.09 -8.66 39.16
N ALA Z 102 17.63 -7.93 40.14
CA ALA Z 102 18.82 -8.34 40.86
C ALA Z 102 18.51 -8.40 42.35
N GLY Z 103 18.88 -9.50 42.99
CA GLY Z 103 18.57 -9.61 44.40
C GLY Z 103 19.43 -10.65 45.09
N TRP Z 104 19.34 -10.65 46.41
CA TRP Z 104 20.06 -11.60 47.25
C TRP Z 104 19.04 -12.28 48.15
N ASP Z 105 18.55 -13.43 47.72
CA ASP Z 105 17.64 -14.25 48.51
C ASP Z 105 18.44 -15.25 49.34
N GLN Z 106 17.78 -16.24 49.91
CA GLN Z 106 18.45 -17.23 50.76
C GLN Z 106 19.34 -18.16 49.96
N PHE Z 107 19.37 -18.08 48.63
CA PHE Z 107 20.28 -18.87 47.80
C PHE Z 107 21.38 -18.01 47.19
N GLY Z 108 21.71 -16.89 47.83
CA GLY Z 108 22.77 -16.03 47.34
C GLY Z 108 22.29 -15.05 46.29
N PRO Z 109 23.22 -14.38 45.63
CA PRO Z 109 22.85 -13.38 44.62
C PRO Z 109 22.28 -14.05 43.38
N SER Z 110 21.43 -13.30 42.68
CA SER Z 110 20.82 -13.78 41.45
C SER Z 110 20.33 -12.60 40.62
N LEU Z 111 20.54 -12.70 39.31
CA LEU Z 111 20.25 -11.63 38.36
C LEU Z 111 19.53 -12.21 37.16
N TYR Z 112 18.42 -11.59 36.78
CA TYR Z 112 17.63 -12.00 35.63
C TYR Z 112 17.39 -10.82 34.71
N TYR Z 113 17.29 -11.11 33.42
CA TYR Z 113 16.89 -10.14 32.41
C TYR Z 113 15.53 -10.54 31.86
N VAL Z 114 14.59 -9.60 31.85
CA VAL Z 114 13.23 -9.82 31.37
C VAL Z 114 12.93 -8.78 30.30
N ASP Z 115 12.60 -9.23 29.10
CA ASP Z 115 12.30 -8.33 27.99
C ASP Z 115 10.80 -8.04 27.96
N ASP Z 116 10.33 -7.44 26.86
CA ASP Z 116 8.93 -7.08 26.69
C ASP Z 116 8.12 -8.18 26.03
N LYS Z 117 8.73 -9.33 25.71
CA LYS Z 117 8.02 -10.43 25.07
C LYS Z 117 7.97 -11.68 25.95
N GLY Z 118 8.19 -11.54 27.26
CA GLY Z 118 8.11 -12.66 28.16
C GLY Z 118 9.39 -13.44 28.37
N SER Z 119 10.49 -13.03 27.73
CA SER Z 119 11.76 -13.71 27.93
C SER Z 119 12.29 -13.45 29.33
N ARG Z 120 12.92 -14.46 29.91
CA ARG Z 120 13.48 -14.34 31.26
C ARG Z 120 14.72 -15.21 31.31
N VAL Z 121 15.89 -14.58 31.25
CA VAL Z 121 17.17 -15.27 31.18
C VAL Z 121 17.98 -14.98 32.43
N LYS Z 122 18.79 -15.94 32.85
CA LYS Z 122 19.55 -15.85 34.10
C LYS Z 122 21.03 -16.04 33.79
N GLN Z 123 21.77 -14.94 33.71
CA GLN Z 123 23.21 -14.97 33.50
C GLN Z 123 23.86 -14.03 34.52
N ASP Z 124 25.19 -13.99 34.50
CA ASP Z 124 25.97 -13.23 35.47
C ASP Z 124 26.31 -11.83 34.99
N LEU Z 125 25.84 -11.42 33.81
CA LEU Z 125 26.24 -10.14 33.26
C LEU Z 125 25.25 -9.72 32.18
N PHE Z 126 24.70 -8.52 32.30
CA PHE Z 126 23.79 -7.99 31.29
C PHE Z 126 24.04 -6.50 31.09
N SER Z 127 23.82 -6.06 29.86
CA SER Z 127 23.76 -4.63 29.53
C SER Z 127 22.54 -4.43 28.64
N VAL Z 128 21.73 -3.44 28.98
CA VAL Z 128 20.45 -3.19 28.33
C VAL Z 128 20.38 -1.74 27.89
N GLY Z 129 19.74 -1.52 26.75
CA GLY Z 129 19.51 -0.18 26.23
C GLY Z 129 20.32 0.09 24.96
N SER Z 130 20.11 1.28 24.42
CA SER Z 130 20.77 1.67 23.19
C SER Z 130 22.27 1.87 23.37
N GLY Z 131 22.72 2.17 24.58
CA GLY Z 131 24.13 2.31 24.87
C GLY Z 131 24.83 1.04 25.30
N SER Z 132 24.10 -0.08 25.37
CA SER Z 132 24.71 -1.33 25.82
C SER Z 132 25.87 -1.73 24.94
N ILE Z 133 25.78 -1.47 23.64
CA ILE Z 133 26.84 -1.81 22.71
C ILE Z 133 28.15 -1.16 23.10
N TYR Z 134 28.09 -0.01 23.79
CA TYR Z 134 29.30 0.61 24.29
C TYR Z 134 29.69 0.11 25.66
N ALA Z 135 28.72 -0.28 26.50
CA ALA Z 135 29.05 -0.76 27.83
C ALA Z 135 29.75 -2.11 27.75
N TYR Z 136 29.21 -3.03 26.95
CA TYR Z 136 29.76 -4.38 26.84
C TYR Z 136 31.24 -4.34 26.50
N GLY Z 137 31.63 -3.50 25.56
CA GLY Z 137 33.03 -3.41 25.18
C GLY Z 137 33.93 -3.07 26.35
N VAL Z 138 33.49 -2.15 27.21
CA VAL Z 138 34.25 -1.85 28.42
C VAL Z 138 33.98 -2.86 29.52
N LEU Z 139 32.84 -3.55 29.47
CA LEU Z 139 32.44 -4.38 30.60
C LEU Z 139 32.97 -5.81 30.45
N ASP Z 140 32.85 -6.39 29.26
CA ASP Z 140 33.39 -7.74 29.04
C ASP Z 140 34.91 -7.78 29.16
N THR Z 141 35.60 -6.69 28.87
CA THR Z 141 37.05 -6.66 28.89
C THR Z 141 37.63 -6.64 30.30
N GLY Z 142 36.93 -6.05 31.26
CA GLY Z 142 37.46 -5.93 32.60
C GLY Z 142 36.74 -6.74 33.66
N TYR Z 143 35.70 -7.47 33.25
CA TYR Z 143 34.91 -8.24 34.21
C TYR Z 143 35.64 -9.50 34.63
N ARG Z 144 35.67 -9.76 35.95
CA ARG Z 144 36.12 -11.02 36.48
C ARG Z 144 35.43 -11.25 37.82
N LYS Z 145 35.21 -12.51 38.17
CA LYS Z 145 34.42 -12.84 39.35
C LYS Z 145 35.09 -12.33 40.63
N ASP Z 146 36.41 -12.45 40.72
CA ASP Z 146 37.13 -12.06 41.94
C ASP Z 146 37.47 -10.58 41.95
N LEU Z 147 36.46 -9.74 41.74
CA LEU Z 147 36.63 -8.30 41.83
C LEU Z 147 36.22 -7.79 43.20
N SER Z 148 36.94 -6.78 43.68
CA SER Z 148 36.54 -6.12 44.91
C SER Z 148 35.26 -5.31 44.68
N VAL Z 149 34.61 -4.94 45.79
CA VAL Z 149 33.42 -4.10 45.68
C VAL Z 149 33.78 -2.75 45.06
N GLU Z 150 34.87 -2.15 45.52
CA GLU Z 150 35.33 -0.91 44.93
C GLU Z 150 35.72 -1.09 43.46
N ASP Z 151 36.42 -2.18 43.15
CA ASP Z 151 36.81 -2.44 41.77
C ASP Z 151 35.60 -2.68 40.87
N ALA Z 152 34.61 -3.44 41.36
CA ALA Z 152 33.41 -3.68 40.57
C ALA Z 152 32.62 -2.40 40.34
N CYS Z 153 32.51 -1.57 41.39
CA CYS Z 153 31.84 -0.29 41.23
C CYS Z 153 32.56 0.61 40.23
N ASP Z 154 33.89 0.63 40.29
CA ASP Z 154 34.67 1.42 39.34
C ASP Z 154 34.46 0.91 37.92
N LEU Z 155 34.46 -0.41 37.73
CA LEU Z 155 34.26 -0.97 36.40
C LEU Z 155 32.88 -0.61 35.85
N ALA Z 156 31.84 -0.73 36.68
CA ALA Z 156 30.50 -0.39 36.22
C ALA Z 156 30.38 1.09 35.90
N ARG Z 157 30.94 1.95 36.76
CA ARG Z 157 30.88 3.38 36.51
C ARG Z 157 31.61 3.75 35.23
N ARG Z 158 32.78 3.15 35.01
CA ARG Z 158 33.55 3.42 33.79
C ARG Z 158 32.82 2.95 32.56
N SER Z 159 32.19 1.76 32.62
CA SER Z 159 31.45 1.26 31.47
C SER Z 159 30.25 2.16 31.15
N ILE Z 160 29.52 2.60 32.17
CA ILE Z 160 28.38 3.48 31.91
C ILE Z 160 28.86 4.82 31.35
N PHE Z 161 29.97 5.35 31.88
CA PHE Z 161 30.52 6.59 31.35
C PHE Z 161 30.89 6.44 29.88
N HIS Z 162 31.58 5.35 29.53
CA HIS Z 162 31.97 5.14 28.15
C HIS Z 162 30.76 4.91 27.25
N ALA Z 163 29.66 4.38 27.79
CA ALA Z 163 28.43 4.31 27.02
C ALA Z 163 27.85 5.70 26.77
N THR Z 164 27.83 6.54 27.80
CA THR Z 164 27.26 7.88 27.66
C THR Z 164 28.11 8.79 26.78
N TYR Z 165 29.40 8.50 26.65
CA TYR Z 165 30.28 9.38 25.89
C TYR Z 165 30.07 9.25 24.38
N ARG Z 166 29.70 8.06 23.90
CA ARG Z 166 29.52 7.84 22.47
C ARG Z 166 28.07 7.70 22.04
N ASP Z 167 27.16 7.35 22.95
CA ASP Z 167 25.75 7.19 22.63
C ASP Z 167 25.02 8.50 22.88
N GLY Z 168 24.33 8.99 21.85
CA GLY Z 168 23.59 10.23 21.98
C GLY Z 168 22.34 10.11 22.83
N ALA Z 169 21.77 8.92 22.94
CA ALA Z 169 20.57 8.70 23.74
C ALA Z 169 20.89 8.43 25.21
N SER Z 170 22.16 8.33 25.57
CA SER Z 170 22.57 8.04 26.94
C SER Z 170 23.34 9.23 27.49
N GLY Z 171 23.20 9.45 28.79
CA GLY Z 171 23.90 10.53 29.43
C GLY Z 171 23.28 10.86 30.78
N GLY Z 172 23.68 12.02 31.31
CA GLY Z 172 23.17 12.49 32.58
C GLY Z 172 24.10 12.23 33.73
N ILE Z 173 23.60 11.57 34.78
CA ILE Z 173 24.37 11.25 35.97
C ILE Z 173 24.47 9.74 36.08
N VAL Z 174 25.70 9.25 36.22
CA VAL Z 174 25.95 7.82 36.37
C VAL Z 174 25.68 7.43 37.82
N THR Z 175 24.78 6.48 38.02
CA THR Z 175 24.40 6.02 39.34
C THR Z 175 24.76 4.56 39.49
N VAL Z 176 25.35 4.21 40.63
CA VAL Z 176 25.86 2.86 40.90
C VAL Z 176 25.27 2.37 42.22
N TYR Z 177 24.62 1.20 42.16
CA TYR Z 177 24.07 0.49 43.31
C TYR Z 177 24.80 -0.83 43.50
N HIS Z 178 24.89 -1.26 44.76
CA HIS Z 178 25.47 -2.55 45.11
C HIS Z 178 24.46 -3.35 45.91
N VAL Z 179 24.17 -4.57 45.46
CA VAL Z 179 23.26 -5.48 46.14
C VAL Z 179 24.10 -6.54 46.85
N HIS Z 180 23.94 -6.61 48.17
CA HIS Z 180 24.64 -7.56 49.01
C HIS Z 180 23.61 -8.38 49.81
N GLU Z 181 24.10 -9.17 50.77
CA GLU Z 181 23.22 -10.05 51.53
C GLU Z 181 22.26 -9.26 52.42
N LYS Z 182 22.66 -8.06 52.85
CA LYS Z 182 21.83 -7.24 53.72
C LYS Z 182 20.88 -6.33 52.95
N GLY Z 183 20.86 -6.43 51.62
CA GLY Z 183 19.99 -5.59 50.82
C GLY Z 183 20.76 -4.89 49.70
N TRP Z 184 20.52 -3.60 49.54
CA TRP Z 184 21.25 -2.80 48.56
C TRP Z 184 21.58 -1.44 49.15
N THR Z 185 22.65 -0.84 48.64
CA THR Z 185 23.03 0.52 48.98
C THR Z 185 23.34 1.28 47.71
N LYS Z 186 22.91 2.54 47.66
CA LYS Z 186 23.27 3.42 46.55
C LYS Z 186 24.74 3.80 46.71
N ILE Z 187 25.61 3.14 45.95
CA ILE Z 187 27.05 3.35 46.12
C ILE Z 187 27.45 4.76 45.71
N SER Z 188 27.00 5.20 44.54
CA SER Z 188 27.52 6.47 44.03
C SER Z 188 26.55 7.10 43.04
N ARG Z 189 26.72 8.42 42.86
CA ARG Z 189 25.92 9.18 41.91
C ARG Z 189 26.81 10.35 41.45
N ASP Z 190 27.42 10.20 40.27
CA ASP Z 190 28.43 11.14 39.79
C ASP Z 190 28.07 11.68 38.42
N ASP Z 191 28.31 12.97 38.24
CA ASP Z 191 28.08 13.60 36.93
C ASP Z 191 29.02 13.02 35.88
N GLN Z 192 28.51 12.91 34.66
CA GLN Z 192 29.25 12.26 33.58
C GLN Z 192 30.45 13.08 33.12
N THR Z 193 30.31 14.41 33.02
CA THR Z 193 31.43 15.24 32.60
C THR Z 193 32.54 15.26 33.65
N LYS Z 194 32.16 15.31 34.93
CA LYS Z 194 33.16 15.18 35.99
C LYS Z 194 33.83 13.82 35.94
N LEU Z 195 33.09 12.77 35.55
CA LEU Z 195 33.70 11.47 35.35
C LEU Z 195 34.71 11.50 34.21
N TYR Z 196 34.39 12.21 33.13
CA TYR Z 196 35.35 12.35 32.03
C TYR Z 196 36.63 13.03 32.51
N HIS Z 197 36.47 14.12 33.27
CA HIS Z 197 37.64 14.83 33.76
C HIS Z 197 38.43 14.03 34.80
N ARG Z 198 37.77 13.13 35.54
CA ARG Z 198 38.46 12.25 36.47
C ARG Z 198 39.21 11.13 35.75
N TYR Z 199 38.60 10.53 34.73
CA TYR Z 199 39.23 9.42 34.03
C TYR Z 199 40.28 9.87 33.03
N PHE Z 200 39.94 10.93 32.30
CA PHE Z 200 40.81 11.45 31.23
C PHE Z 200 41.28 12.81 31.69
N PRO Z 201 42.28 12.83 32.58
CA PRO Z 201 42.75 14.07 33.16
C PRO Z 201 43.79 14.74 32.28
N SER Z 202 43.56 16.11 32.39
CA SER Z 202 44.49 16.95 31.60
C SER Z 202 43.87 17.38 30.29
N TRP AA 126 -11.78 10.20 9.29
CA TRP AA 126 -11.99 10.81 10.60
C TRP AA 126 -11.06 10.24 11.66
N SER AA 127 -10.41 11.13 12.40
CA SER AA 127 -9.55 10.73 13.50
C SER AA 127 -10.12 11.21 14.83
N PRO AA 128 -10.05 10.39 15.88
CA PRO AA 128 -10.55 10.80 17.19
C PRO AA 128 -9.65 11.75 17.96
N TYR AA 129 -8.55 12.21 17.36
CA TYR AA 129 -7.58 13.05 18.04
C TYR AA 129 -7.45 14.40 17.34
N GLN AA 130 -7.02 15.40 18.10
CA GLN AA 130 -6.83 16.75 17.60
C GLN AA 130 -5.95 17.51 18.58
N ASP AA 131 -4.95 18.21 18.05
CA ASP AA 131 -4.04 19.02 18.84
C ASP AA 131 -4.50 20.48 18.79
N ASN AA 132 -4.77 21.05 19.96
CA ASN AA 132 -5.22 22.43 20.06
C ASN AA 132 -4.10 23.38 20.42
N GLY AA 133 -2.86 22.92 20.46
CA GLY AA 133 -1.75 23.79 20.73
C GLY AA 133 -1.71 24.26 22.18
N GLY AA 134 -0.99 25.36 22.39
CA GLY AA 134 -0.86 25.95 23.69
C GLY AA 134 0.31 25.37 24.49
N THR AA 135 0.74 26.13 25.49
CA THR AA 135 1.89 25.74 26.29
C THR AA 135 1.65 26.09 27.76
N THR AA 136 2.21 25.24 28.63
CA THR AA 136 2.17 25.42 30.07
C THR AA 136 3.58 25.32 30.63
N ALA AA 137 3.77 25.93 31.80
CA ALA AA 137 5.09 25.96 32.42
C ALA AA 137 4.94 26.12 33.92
N ALA AA 138 5.67 25.32 34.68
CA ALA AA 138 5.65 25.37 36.13
C ALA AA 138 7.06 25.50 36.67
N ILE AA 139 7.21 26.28 37.73
CA ILE AA 139 8.46 26.40 38.47
C ILE AA 139 8.15 26.27 39.96
N ALA AA 140 8.80 25.33 40.62
CA ALA AA 140 8.58 25.08 42.04
C ALA AA 140 9.62 25.86 42.86
N GLY AA 141 9.13 26.71 43.77
CA GLY AA 141 9.97 27.49 44.63
C GLY AA 141 10.20 26.82 45.97
N LYS AA 142 10.67 27.62 46.93
CA LYS AA 142 10.92 27.10 48.27
C LYS AA 142 9.64 26.82 49.02
N ASP AA 143 8.67 27.74 48.96
CA ASP AA 143 7.39 27.56 49.63
C ASP AA 143 6.25 28.01 48.73
N PHE AA 144 6.41 27.82 47.43
CA PHE AA 144 5.41 28.26 46.46
C PHE AA 144 5.60 27.49 45.17
N VAL AA 145 4.57 27.52 44.33
CA VAL AA 145 4.63 27.00 42.98
C VAL AA 145 4.06 28.03 42.03
N ILE AA 146 4.77 28.31 40.94
CA ILE AA 146 4.28 29.20 39.89
C ILE AA 146 3.87 28.33 38.72
N LEU AA 147 2.56 28.24 38.49
CA LEU AA 147 2.02 27.54 37.34
C LEU AA 147 1.56 28.56 36.31
N ALA AA 148 1.67 28.22 35.03
CA ALA AA 148 1.29 29.16 33.99
C ALA AA 148 0.80 28.41 32.77
N GLY AA 149 -0.24 28.95 32.15
CA GLY AA 149 -0.76 28.37 30.93
C GLY AA 149 -1.23 29.43 29.94
N ASP AA 150 -0.94 29.24 28.66
CA ASP AA 150 -1.38 30.23 27.67
C ASP AA 150 -2.84 30.00 27.33
N THR AA 151 -3.62 31.08 27.31
CA THR AA 151 -5.06 31.01 27.08
C THR AA 151 -5.31 31.22 25.59
N ARG AA 152 -5.25 30.12 24.84
CA ARG AA 152 -5.47 30.19 23.40
C ARG AA 152 -5.90 28.81 22.91
N LEU AA 153 -7.08 28.75 22.30
CA LEU AA 153 -7.63 27.51 21.77
C LEU AA 153 -7.85 27.68 20.29
N ASN AA 154 -7.23 26.81 19.49
CA ASN AA 154 -7.33 26.86 18.04
C ASN AA 154 -7.67 25.48 17.49
N GLY AA 155 -8.35 25.47 16.35
CA GLY AA 155 -8.78 24.24 15.71
C GLY AA 155 -7.87 23.81 14.59
N ASP AA 156 -8.47 23.42 13.47
CA ASP AA 156 -7.70 22.96 12.32
C ASP AA 156 -6.75 24.05 11.83
N PHE AA 157 -7.31 25.17 11.37
CA PHE AA 157 -6.50 26.34 11.03
C PHE AA 157 -7.09 27.64 11.54
N CYS AA 158 -8.30 27.63 12.10
CA CYS AA 158 -8.91 28.83 12.65
C CYS AA 158 -8.47 29.01 14.10
N LEU AA 159 -9.12 29.92 14.81
CA LEU AA 159 -8.83 30.19 16.22
C LEU AA 159 -10.15 30.16 16.97
N HIS AA 160 -10.35 29.13 17.79
CA HIS AA 160 -11.62 28.98 18.49
C HIS AA 160 -11.82 30.10 19.50
N SER AA 161 -10.82 30.39 20.32
CA SER AA 161 -10.95 31.41 21.35
C SER AA 161 -9.57 31.89 21.78
N ARG AA 162 -9.53 33.13 22.26
CA ARG AA 162 -8.34 33.70 22.88
C ARG AA 162 -8.43 33.73 24.40
N HIS AA 163 -9.48 33.16 24.99
CA HIS AA 163 -9.70 33.21 26.42
C HIS AA 163 -10.12 31.85 26.95
N ASP AA 164 -9.43 30.79 26.51
CA ASP AA 164 -9.70 29.44 26.98
C ASP AA 164 -8.96 29.23 28.30
N GLN AA 165 -9.71 28.91 29.35
CA GLN AA 165 -9.14 28.75 30.69
C GLN AA 165 -9.20 27.30 31.16
N SER AA 166 -9.33 26.34 30.25
CA SER AA 166 -9.47 24.94 30.60
C SER AA 166 -8.13 24.23 30.76
N LYS AA 167 -7.01 24.90 30.47
CA LYS AA 167 -5.72 24.24 30.56
C LYS AA 167 -5.31 23.97 32.00
N ILE AA 168 -5.61 24.88 32.91
CA ILE AA 168 -5.25 24.76 34.32
C ILE AA 168 -6.51 24.45 35.11
N PHE AA 169 -6.45 23.40 35.94
CA PHE AA 169 -7.58 22.92 36.71
C PHE AA 169 -7.16 22.73 38.16
N GLN AA 170 -7.97 23.26 39.08
CA GLN AA 170 -7.70 23.10 40.50
C GLN AA 170 -8.31 21.80 40.99
N LEU AA 171 -7.48 20.95 41.60
CA LEU AA 171 -7.96 19.70 42.18
C LEU AA 171 -8.22 19.84 43.67
N THR AA 172 -7.26 20.39 44.40
CA THR AA 172 -7.37 20.71 45.81
C THR AA 172 -6.86 22.12 46.01
N PRO AA 173 -7.18 22.74 47.16
CA PRO AA 173 -6.67 24.10 47.42
C PRO AA 173 -5.15 24.24 47.31
N TYR AA 174 -4.43 23.12 47.28
CA TYR AA 174 -2.97 23.15 47.21
C TYR AA 174 -2.42 22.35 46.04
N THR AA 175 -3.26 21.76 45.20
CA THR AA 175 -2.79 20.96 44.08
C THR AA 175 -3.50 21.39 42.81
N TYR AA 176 -2.73 21.57 41.73
CA TYR AA 176 -3.27 21.97 40.43
C TYR AA 176 -2.72 21.04 39.36
N MET AA 177 -3.47 20.92 38.27
CA MET AA 177 -3.04 20.19 37.09
C MET AA 177 -3.08 21.11 35.88
N ALA AA 178 -2.13 20.91 34.97
CA ALA AA 178 -2.06 21.68 33.74
C ALA AA 178 -1.84 20.72 32.58
N SER AA 179 -2.68 20.81 31.55
CA SER AA 179 -2.64 19.87 30.45
C SER AA 179 -2.45 20.60 29.13
N ASN AA 180 -1.73 19.95 28.22
CA ASN AA 180 -1.53 20.44 26.87
C ASN AA 180 -1.95 19.37 25.88
N GLY AA 181 -2.32 19.82 24.69
CA GLY AA 181 -2.78 18.90 23.66
C GLY AA 181 -4.27 19.00 23.39
N MET AA 182 -4.95 17.86 23.39
CA MET AA 182 -6.37 17.82 23.05
C MET AA 182 -7.19 18.41 24.19
N GLN AA 183 -8.12 19.31 23.83
CA GLN AA 183 -8.92 20.00 24.84
C GLN AA 183 -9.99 19.09 25.43
N ALA AA 184 -10.68 18.32 24.58
CA ALA AA 184 -11.70 17.41 25.08
C ALA AA 184 -11.10 16.34 25.98
N ASP AA 185 -9.92 15.83 25.60
CA ASP AA 185 -9.25 14.83 26.42
C ASP AA 185 -8.90 15.38 27.79
N ARG AA 186 -8.40 16.61 27.85
CA ARG AA 186 -8.07 17.14 29.17
C ARG AA 186 -9.31 17.51 29.97
N LEU AA 187 -10.41 17.89 29.32
CA LEU AA 187 -11.65 18.09 30.05
C LEU AA 187 -12.11 16.78 30.69
N GLN AA 188 -12.08 15.69 29.92
CA GLN AA 188 -12.47 14.39 30.48
C GLN AA 188 -11.54 13.97 31.60
N LEU AA 189 -10.23 14.17 31.41
CA LEU AA 189 -9.26 13.80 32.44
C LEU AA 189 -9.46 14.63 33.70
N GLN AA 190 -9.75 15.92 33.55
CA GLN AA 190 -10.02 16.77 34.71
C GLN AA 190 -11.24 16.27 35.47
N GLN AA 191 -12.30 15.90 34.75
CA GLN AA 191 -13.49 15.37 35.43
C GLN AA 191 -13.17 14.09 36.18
N MET AA 192 -12.39 13.19 35.56
CA MET AA 192 -12.03 11.94 36.22
C MET AA 192 -11.19 12.18 37.46
N LEU AA 193 -10.20 13.08 37.37
CA LEU AA 193 -9.39 13.41 38.54
C LEU AA 193 -10.25 14.02 39.65
N LYS AA 194 -11.15 14.94 39.28
CA LYS AA 194 -11.98 15.59 40.29
C LYS AA 194 -12.85 14.58 41.02
N TYR AA 195 -13.46 13.65 40.29
CA TYR AA 195 -14.33 12.68 40.94
C TYR AA 195 -13.54 11.65 41.74
N ARG AA 196 -12.35 11.27 41.29
CA ARG AA 196 -11.50 10.39 42.09
C ARG AA 196 -11.08 11.08 43.39
N VAL AA 197 -10.76 12.37 43.32
CA VAL AA 197 -10.38 13.12 44.52
C VAL AA 197 -11.56 13.22 45.47
N LYS AA 198 -12.76 13.44 44.94
CA LYS AA 198 -13.95 13.54 45.79
C LYS AA 198 -14.27 12.19 46.44
N TRP AA 199 -14.09 11.10 45.69
CA TRP AA 199 -14.24 9.77 46.29
C TRP AA 199 -13.20 9.52 47.38
N TYR AA 200 -11.96 9.95 47.14
CA TYR AA 200 -10.92 9.81 48.17
C TYR AA 200 -11.29 10.58 49.42
N LYS AA 201 -11.81 11.80 49.25
CA LYS AA 201 -12.24 12.59 50.39
C LYS AA 201 -13.36 11.89 51.16
N TYR AA 202 -14.30 11.27 50.42
CA TYR AA 202 -15.36 10.52 51.09
C TYR AA 202 -14.81 9.33 51.86
N ASN AA 203 -13.85 8.62 51.28
CA ASN AA 203 -13.38 7.37 51.86
C ASN AA 203 -12.30 7.57 52.94
N ASN AA 204 -11.84 8.80 53.15
CA ASN AA 204 -10.79 9.08 54.12
C ASN AA 204 -11.24 10.13 55.14
N GLY AA 205 -12.54 10.17 55.41
CA GLY AA 205 -13.07 11.06 56.43
C GLY AA 205 -12.87 12.53 56.15
N GLY AA 206 -13.03 12.96 54.91
CA GLY AA 206 -12.86 14.36 54.56
C GLY AA 206 -11.42 14.81 54.43
N LYS AA 207 -10.46 13.89 54.49
CA LYS AA 207 -9.05 14.25 54.36
C LYS AA 207 -8.72 14.46 52.89
N VAL AA 208 -8.23 15.65 52.56
CA VAL AA 208 -7.93 15.99 51.16
C VAL AA 208 -6.64 15.28 50.75
N PRO AA 209 -6.56 14.71 49.55
CA PRO AA 209 -5.33 14.02 49.14
C PRO AA 209 -4.18 15.00 48.95
N SER AA 210 -2.98 14.48 49.19
CA SER AA 210 -1.76 15.26 49.06
C SER AA 210 -1.33 15.34 47.60
N THR AA 211 -0.32 16.18 47.34
CA THR AA 211 0.16 16.37 45.98
C THR AA 211 0.76 15.08 45.41
N LYS AA 212 1.54 14.36 46.23
CA LYS AA 212 2.16 13.13 45.74
C LYS AA 212 1.13 12.03 45.51
N ALA AA 213 0.11 11.96 46.36
CA ALA AA 213 -0.97 11.00 46.15
C ALA AA 213 -1.70 11.28 44.84
N ILE AA 214 -1.98 12.56 44.58
CA ILE AA 214 -2.64 12.94 43.33
C ILE AA 214 -1.74 12.65 42.13
N ALA AA 215 -0.42 12.85 42.29
CA ALA AA 215 0.51 12.55 41.21
C ALA AA 215 0.50 11.06 40.88
N GLN AA 216 0.56 10.21 41.90
CA GLN AA 216 0.52 8.77 41.68
C GLN AA 216 -0.81 8.35 41.06
N LEU AA 217 -1.91 8.95 41.53
CA LEU AA 217 -3.22 8.64 40.97
C LEU AA 217 -3.30 9.04 39.50
N MET AA 218 -2.75 10.21 39.16
CA MET AA 218 -2.72 10.65 37.76
C MET AA 218 -1.93 9.68 36.91
N SER AA 219 -0.77 9.24 37.40
CA SER AA 219 0.03 8.27 36.65
C SER AA 219 -0.75 6.97 36.44
N THR AA 220 -1.38 6.47 37.50
CA THR AA 220 -2.11 5.21 37.42
C THR AA 220 -3.28 5.31 36.45
N MET AA 221 -4.02 6.41 36.48
CA MET AA 221 -5.19 6.53 35.62
C MET AA 221 -4.79 6.81 34.17
N LEU AA 222 -3.67 7.52 33.96
CA LEU AA 222 -3.17 7.66 32.59
C LEU AA 222 -2.73 6.32 32.04
N TYR AA 223 -2.09 5.49 32.85
CA TYR AA 223 -1.67 4.18 32.35
C TYR AA 223 -2.85 3.24 32.15
N HIS AA 224 -3.95 3.42 32.90
CA HIS AA 224 -5.09 2.54 32.73
C HIS AA 224 -5.67 2.66 31.32
N ARG AA 225 -5.63 3.85 30.74
CA ARG AA 225 -6.02 4.05 29.34
C ARG AA 225 -4.79 3.99 28.43
N ARG AA 226 -4.03 2.90 28.56
CA ARG AA 226 -2.77 2.81 27.82
C ARG AA 226 -3.01 2.45 26.36
N PHE AA 227 -4.09 1.72 26.07
CA PHE AA 227 -4.38 1.26 24.72
C PHE AA 227 -5.24 2.23 23.92
N PHE AA 228 -5.96 3.13 24.58
CA PHE AA 228 -6.63 4.25 23.94
C PHE AA 228 -6.24 5.51 24.72
N PRO AA 229 -5.01 5.96 24.56
CA PRO AA 229 -4.49 7.00 25.45
C PRO AA 229 -5.19 8.34 25.28
N TYR AA 230 -5.23 9.08 26.39
CA TYR AA 230 -5.59 10.49 26.32
C TYR AA 230 -4.52 11.23 25.53
N TYR AA 231 -4.95 12.19 24.72
CA TYR AA 231 -4.00 13.03 23.99
C TYR AA 231 -3.67 14.27 24.81
N THR AA 232 -3.18 14.02 26.03
CA THR AA 232 -2.85 15.07 26.98
C THR AA 232 -1.43 14.88 27.49
N PHE AA 233 -0.73 15.99 27.66
CA PHE AA 233 0.55 16.03 28.35
C PHE AA 233 0.35 16.87 29.59
N ASN AA 234 0.47 16.25 30.77
CA ASN AA 234 0.00 16.84 32.00
C ASN AA 234 1.16 17.13 32.95
N MET AA 235 0.91 18.09 33.85
CA MET AA 235 1.81 18.41 34.95
C MET AA 235 0.96 18.59 36.20
N VAL AA 236 1.39 17.93 37.28
CA VAL AA 236 0.73 18.07 38.59
C VAL AA 236 1.66 18.85 39.50
N VAL AA 237 1.18 19.98 40.02
CA VAL AA 237 1.99 20.85 40.84
C VAL AA 237 1.29 21.09 42.17
N GLY AA 238 2.09 21.40 43.18
CA GLY AA 238 1.54 21.62 44.51
C GLY AA 238 2.65 21.65 45.53
N LEU AA 239 2.26 21.60 46.79
CA LEU AA 239 3.18 21.65 47.91
C LEU AA 239 3.34 20.28 48.55
N ASP AA 240 4.53 20.05 49.12
CA ASP AA 240 4.82 18.80 49.79
C ASP AA 240 4.25 18.83 51.21
N GLU AA 241 4.52 17.78 51.99
CA GLU AA 241 4.13 17.78 53.39
C GLU AA 241 4.86 18.86 54.18
N GLU AA 242 6.13 19.10 53.86
CA GLU AA 242 6.89 20.18 54.47
C GLU AA 242 6.52 21.55 53.93
N GLY AA 243 5.74 21.60 52.84
CA GLY AA 243 5.35 22.85 52.23
C GLY AA 243 6.16 23.26 51.02
N HIS AA 244 7.24 22.55 50.71
CA HIS AA 244 8.09 22.92 49.59
C HIS AA 244 7.43 22.50 48.28
N GLY AA 245 7.55 23.37 47.27
CA GLY AA 245 6.86 23.13 46.01
C GLY AA 245 7.50 22.02 45.18
N VAL AA 246 6.66 21.31 44.45
CA VAL AA 246 7.12 20.17 43.65
C VAL AA 246 6.35 20.18 42.33
N CYS AA 247 7.03 19.78 41.26
CA CYS AA 247 6.42 19.63 39.96
C CYS AA 247 6.53 18.19 39.49
N TYR AA 248 5.52 17.72 38.77
CA TYR AA 248 5.52 16.39 38.18
C TYR AA 248 5.16 16.52 36.71
N SER AA 249 5.86 15.78 35.85
CA SER AA 249 5.58 15.78 34.42
C SER AA 249 5.27 14.38 33.95
N TYR AA 250 4.46 14.27 32.90
CA TYR AA 250 3.95 13.00 32.42
C TYR AA 250 4.03 12.95 30.91
N ASP AA 251 4.16 11.75 30.37
CA ASP AA 251 3.93 11.52 28.96
C ASP AA 251 2.44 11.24 28.73
N ALA AA 252 2.12 10.78 27.51
CA ALA AA 252 0.72 10.47 27.20
C ALA AA 252 0.22 9.27 28.00
N VAL AA 253 1.10 8.33 28.33
CA VAL AA 253 0.69 7.09 28.99
C VAL AA 253 1.02 7.08 30.48
N GLY AA 254 1.44 8.21 31.04
CA GLY AA 254 1.56 8.36 32.46
C GLY AA 254 2.94 8.19 33.07
N SER AA 255 4.01 8.29 32.28
CA SER AA 255 5.34 8.16 32.85
C SER AA 255 5.68 9.40 33.68
N THR AA 256 5.44 9.31 34.98
CA THR AA 256 5.64 10.44 35.87
C THR AA 256 7.13 10.64 36.16
N GLU AA 257 7.51 11.91 36.32
CA GLU AA 257 8.85 12.22 36.78
C GLU AA 257 8.82 13.54 37.52
N PRO AA 258 9.35 13.61 38.74
CA PRO AA 258 9.35 14.86 39.49
C PRO AA 258 10.49 15.76 39.05
N PHE AA 259 10.31 17.06 39.31
CA PHE AA 259 11.32 18.06 39.01
C PHE AA 259 10.89 19.38 39.65
N LEU AA 260 11.81 20.34 39.65
CA LEU AA 260 11.57 21.66 40.22
C LEU AA 260 10.96 22.63 39.23
N TYR AA 261 11.12 22.39 37.93
CA TYR AA 261 10.43 23.17 36.92
C TYR AA 261 10.07 22.25 35.77
N GLY AA 262 9.43 22.81 34.75
CA GLY AA 262 9.05 22.03 33.59
C GLY AA 262 8.10 22.74 32.65
N THR AA 263 8.31 22.56 31.36
CA THR AA 263 7.49 23.20 30.33
C THR AA 263 6.94 22.13 29.39
N ARG AA 264 5.66 22.25 29.06
CA ARG AA 264 4.99 21.32 28.16
C ARG AA 264 4.25 22.09 27.09
N GLY AA 265 4.11 21.47 25.91
CA GLY AA 265 3.35 22.05 24.84
C GLY AA 265 4.14 22.40 23.61
N SER AA 266 3.66 23.39 22.86
CA SER AA 266 4.28 23.72 21.57
C SER AA 266 5.60 24.47 21.74
N ALA AA 267 5.69 25.32 22.77
CA ALA AA 267 6.84 26.18 22.97
C ALA AA 267 7.79 25.66 24.05
N ALA AA 268 7.70 24.38 24.39
CA ALA AA 268 8.54 23.82 25.44
C ALA AA 268 10.02 23.89 25.06
N SER AA 269 10.34 23.56 23.81
CA SER AA 269 11.73 23.57 23.36
C SER AA 269 12.32 24.97 23.30
N PHE AA 270 11.50 26.01 23.34
CA PHE AA 270 11.99 27.38 23.29
C PHE AA 270 12.29 27.95 24.66
N VAL AA 271 11.58 27.51 25.69
CA VAL AA 271 11.71 28.09 27.01
C VAL AA 271 12.40 27.17 28.01
N GLU AA 272 12.33 25.85 27.82
CA GLU AA 272 13.00 24.94 28.74
C GLU AA 272 14.50 25.13 28.79
N PRO AA 273 15.24 25.25 27.67
CA PRO AA 273 16.68 25.54 27.79
C PRO AA 273 16.97 26.87 28.48
N LEU AA 274 16.09 27.87 28.32
CA LEU AA 274 16.29 29.13 29.00
C LEU AA 274 16.14 28.99 30.50
N LEU AA 275 15.15 28.22 30.95
CA LEU AA 275 15.02 27.94 32.37
C LEU AA 275 16.21 27.12 32.87
N ASP AA 276 16.74 26.23 32.03
CA ASP AA 276 17.93 25.47 32.40
C ASP AA 276 19.12 26.38 32.67
N CYS AA 277 19.32 27.39 31.82
CA CYS AA 277 20.50 28.25 31.95
C CYS AA 277 20.39 29.19 33.16
N LEU AA 278 19.20 29.75 33.41
CA LEU AA 278 19.05 30.75 34.46
C LEU AA 278 18.85 30.15 35.85
N ILE AA 279 18.43 28.89 35.94
CA ILE AA 279 18.18 28.24 37.22
C ILE AA 279 19.36 27.37 37.64
N ASN AA 280 19.79 26.47 36.75
CA ASN AA 280 20.92 25.60 37.07
C ASN AA 280 22.26 26.35 37.03
N ARG AA 281 22.36 27.40 36.23
CA ARG AA 281 23.56 28.24 36.15
C ARG AA 281 24.80 27.43 35.77
N GLN AA 282 24.62 26.45 34.89
CA GLN AA 282 25.73 25.63 34.43
C GLN AA 282 26.57 26.40 33.41
N HIS AA 283 27.83 25.97 33.25
CA HIS AA 283 28.80 26.63 32.39
C HIS AA 283 28.97 28.10 32.75
N MET AA 284 28.94 28.41 34.04
CA MET AA 284 29.10 29.77 34.52
C MET AA 284 30.17 29.79 35.60
N THR AA 285 31.28 30.47 35.33
CA THR AA 285 32.38 30.59 36.29
C THR AA 285 32.10 31.78 37.21
N SER AA 286 31.00 31.65 37.96
CA SER AA 286 30.58 32.70 38.87
C SER AA 286 29.79 32.07 40.01
N GLN AA 287 29.76 32.76 41.15
CA GLN AA 287 29.03 32.26 42.30
C GLN AA 287 27.53 32.24 42.01
N ALA AA 288 26.87 31.19 42.49
CA ALA AA 288 25.45 31.03 42.25
C ALA AA 288 24.67 32.13 42.95
N PRO AA 289 23.75 32.81 42.27
CA PRO AA 289 22.93 33.84 42.93
C PRO AA 289 22.00 33.21 43.96
N PRO AA 290 21.46 34.01 44.88
CA PRO AA 290 20.55 33.45 45.88
C PRO AA 290 19.28 32.88 45.24
N GLU AA 291 18.64 31.98 45.97
CA GLU AA 291 17.46 31.31 45.46
C GLU AA 291 16.34 32.31 45.23
N MET AA 292 15.60 32.10 44.14
CA MET AA 292 14.66 33.10 43.66
C MET AA 292 13.40 33.16 44.50
N THR AA 293 12.85 34.36 44.64
CA THR AA 293 11.60 34.56 45.34
C THR AA 293 10.43 34.44 44.36
N LYS AA 294 9.21 34.72 44.84
CA LYS AA 294 8.05 34.64 43.97
C LYS AA 294 8.12 35.66 42.85
N GLU AA 295 8.53 36.89 43.17
CA GLU AA 295 8.52 37.97 42.17
C GLU AA 295 9.53 37.70 41.06
N GLU AA 296 10.74 37.28 41.42
CA GLU AA 296 11.75 37.03 40.40
C GLU AA 296 11.37 35.84 39.53
N THR AA 297 10.82 34.79 40.14
CA THR AA 297 10.36 33.64 39.37
C THR AA 297 9.24 34.04 38.41
N LEU AA 298 8.29 34.86 38.88
CA LEU AA 298 7.22 35.32 38.02
C LEU AA 298 7.74 36.14 36.86
N ALA AA 299 8.71 37.03 37.13
CA ALA AA 299 9.30 37.84 36.06
C ALA AA 299 10.03 36.96 35.05
N MET AA 300 10.78 35.96 35.54
CA MET AA 300 11.48 35.05 34.62
C MET AA 300 10.49 34.29 33.75
N LEU AA 301 9.39 33.80 34.34
CA LEU AA 301 8.41 33.06 33.56
C LEU AA 301 7.70 33.97 32.56
N LYS AA 302 7.46 35.22 32.94
CA LYS AA 302 6.87 36.19 32.01
C LYS AA 302 7.81 36.43 30.83
N ASN AA 303 9.11 36.55 31.09
CA ASN AA 303 10.06 36.68 30.00
C ASN AA 303 10.06 35.45 29.10
N ALA AA 304 9.99 34.26 29.72
CA ALA AA 304 9.98 33.04 28.92
C ALA AA 304 8.77 32.99 28.00
N PHE AA 305 7.59 33.30 28.52
CA PHE AA 305 6.39 33.29 27.68
C PHE AA 305 6.43 34.40 26.62
N THR AA 306 6.96 35.58 26.98
CA THR AA 306 7.07 36.66 25.99
C THR AA 306 7.99 36.25 24.84
N GLY AA 307 9.13 35.63 25.16
CA GLY AA 307 10.01 35.14 24.12
C GLY AA 307 9.40 34.03 23.29
N ALA AA 308 8.66 33.13 23.92
CA ALA AA 308 8.02 32.04 23.20
C ALA AA 308 6.96 32.55 22.24
N ALA AA 309 6.17 33.55 22.67
CA ALA AA 309 5.09 34.06 21.85
C ALA AA 309 5.57 34.79 20.59
N GLU AA 310 6.82 35.23 20.56
CA GLU AA 310 7.36 35.92 19.40
C GLU AA 310 7.99 34.99 18.38
N ARG AA 311 8.15 33.71 18.70
CA ARG AA 311 8.75 32.75 17.78
C ARG AA 311 7.89 31.53 17.50
N ASP AA 312 6.94 31.19 18.36
CA ASP AA 312 6.05 30.06 18.14
C ASP AA 312 4.69 30.58 17.69
N ILE AA 313 4.20 30.06 16.56
CA ILE AA 313 2.99 30.60 15.95
C ILE AA 313 1.70 30.07 16.57
N TYR AA 314 1.76 29.00 17.35
CA TYR AA 314 0.57 28.39 17.90
C TYR AA 314 0.31 28.76 19.36
N THR AA 315 1.11 29.64 19.94
CA THR AA 315 0.93 30.05 21.32
C THR AA 315 0.94 31.57 21.43
N GLY AA 316 0.15 32.08 22.37
CA GLY AA 316 0.24 33.47 22.78
C GLY AA 316 -0.93 34.35 22.41
N ASP AA 317 -1.84 34.55 23.35
CA ASP AA 317 -2.79 35.65 23.44
C ASP AA 317 -2.77 36.27 24.82
N SER AA 318 -2.61 35.45 25.86
CA SER AA 318 -2.52 35.86 27.25
C SER AA 318 -2.13 34.63 28.06
N VAL AA 319 -1.42 34.86 29.16
CA VAL AA 319 -0.93 33.80 30.03
C VAL AA 319 -1.59 33.94 31.39
N SER AA 320 -2.14 32.84 31.90
CA SER AA 320 -2.70 32.79 33.24
C SER AA 320 -1.67 32.20 34.19
N PHE AA 321 -1.35 32.96 35.24
CA PHE AA 321 -0.41 32.56 36.27
C PHE AA 321 -1.17 32.23 37.56
N PHE AA 322 -0.83 31.09 38.15
CA PHE AA 322 -1.33 30.70 39.46
C PHE AA 322 -0.14 30.59 40.40
N ILE AA 323 -0.13 31.43 41.43
CA ILE AA 323 0.90 31.40 42.47
C ILE AA 323 0.29 30.68 43.67
N ILE AA 324 0.82 29.51 43.98
CA ILE AA 324 0.28 28.62 45.00
C ILE AA 324 1.21 28.67 46.20
N THR AA 325 0.70 29.19 47.31
CA THR AA 325 1.41 29.17 48.59
C THR AA 325 0.52 28.53 49.64
N LYS AA 326 1.01 28.45 50.88
CA LYS AA 326 0.17 27.95 51.96
C LYS AA 326 -0.94 28.92 52.32
N ASP AA 327 -0.72 30.22 52.11
CA ASP AA 327 -1.72 31.24 52.39
C ASP AA 327 -2.62 31.46 51.19
N GLY AA 328 -3.23 30.39 50.69
CA GLY AA 328 -4.09 30.49 49.54
C GLY AA 328 -3.33 30.55 48.23
N VAL AA 329 -4.10 30.67 47.14
CA VAL AA 329 -3.58 30.72 45.79
C VAL AA 329 -4.06 32.01 45.13
N GLN AA 330 -3.16 32.70 44.45
CA GLN AA 330 -3.53 33.93 43.75
C GLN AA 330 -3.34 33.77 42.25
N GLN AA 331 -4.13 34.52 41.49
CA GLN AA 331 -4.19 34.38 40.05
C GLN AA 331 -3.88 35.71 39.40
N GLU AA 332 -3.18 35.65 38.26
CA GLU AA 332 -2.73 36.85 37.57
C GLU AA 332 -2.80 36.60 36.06
N SER AA 333 -2.95 37.67 35.29
CA SER AA 333 -3.09 37.57 33.85
C SER AA 333 -2.07 38.47 33.15
N PHE AA 334 -1.38 37.92 32.16
CA PHE AA 334 -0.28 38.60 31.51
C PHE AA 334 -0.59 38.71 30.02
N GLU AA 335 -0.38 39.90 29.46
CA GLU AA 335 -0.73 40.18 28.07
C GLU AA 335 0.39 39.73 27.13
N LEU AA 336 -0.01 39.11 26.02
CA LEU AA 336 0.90 38.71 24.96
C LEU AA 336 0.43 39.28 23.63
N ARG AA 337 1.23 39.02 22.59
CA ARG AA 337 0.88 39.43 21.24
C ARG AA 337 -0.29 38.61 20.72
N LYS AA 338 -1.07 39.21 19.81
CA LYS AA 338 -2.27 38.58 19.27
C LYS AA 338 -2.07 38.00 17.87
N ASP AA 339 -0.86 38.04 17.33
CA ASP AA 339 -0.62 37.49 16.00
C ASP AA 339 -0.05 36.07 16.08
N ALA BA 2 -26.71 14.25 3.01
CA ALA BA 2 -27.25 15.55 3.40
C ALA BA 2 -26.31 16.25 4.37
N SER BA 3 -25.83 17.42 3.98
CA SER BA 3 -24.90 18.18 4.81
C SER BA 3 -25.32 19.64 4.85
N GLY BA 4 -25.11 20.27 6.00
CA GLY BA 4 -25.43 21.67 6.15
C GLY BA 4 -24.21 22.56 5.99
N GLY BA 5 -24.46 23.80 5.59
CA GLY BA 5 -23.39 24.76 5.36
C GLY BA 5 -22.84 25.38 6.62
N SER BA 6 -22.45 26.63 6.55
CA SER BA 6 -21.84 27.32 7.68
C SER BA 6 -22.90 27.95 8.57
N VAL BA 7 -22.55 28.09 9.85
CA VAL BA 7 -23.40 28.73 10.85
C VAL BA 7 -22.57 29.79 11.55
N ILE BA 8 -23.18 30.96 11.81
CA ILE BA 8 -22.50 32.04 12.50
C ILE BA 8 -23.40 32.52 13.64
N ALA BA 9 -22.78 33.14 14.64
CA ALA BA 9 -23.53 33.64 15.79
C ALA BA 9 -22.71 34.71 16.50
N ILE BA 10 -23.40 35.72 17.03
CA ILE BA 10 -22.75 36.82 17.73
C ILE BA 10 -23.66 37.27 18.87
N LYS BA 11 -23.03 37.66 19.98
CA LYS BA 11 -23.76 38.18 21.14
C LYS BA 11 -23.88 39.69 21.02
N TYR BA 12 -25.09 40.21 21.20
CA TYR BA 12 -25.34 41.64 21.21
C TYR BA 12 -25.83 42.06 22.59
N LYS BA 13 -25.86 43.37 22.80
CA LYS BA 13 -26.18 43.92 24.11
C LYS BA 13 -27.65 43.69 24.42
N GLY BA 14 -27.96 42.50 24.94
CA GLY BA 14 -29.33 42.16 25.25
C GLY BA 14 -29.74 40.78 24.77
N GLY BA 15 -28.86 40.09 24.06
CA GLY BA 15 -29.21 38.76 23.59
C GLY BA 15 -28.16 38.17 22.69
N VAL BA 16 -28.56 37.14 21.94
CA VAL BA 16 -27.68 36.46 20.99
C VAL BA 16 -28.41 36.35 19.66
N LEU BA 17 -27.65 36.41 18.57
CA LEU BA 17 -28.17 36.19 17.22
C LEU BA 17 -27.40 35.06 16.60
N MET BA 18 -28.08 34.17 15.87
CA MET BA 18 -27.44 33.06 15.19
C MET BA 18 -28.06 32.88 13.82
N ALA BA 19 -27.24 33.00 12.78
CA ALA BA 19 -27.70 32.94 11.40
C ALA BA 19 -27.15 31.70 10.70
N ALA BA 20 -27.97 31.15 9.81
CA ALA BA 20 -27.54 30.03 8.98
C ALA BA 20 -28.42 29.98 7.73
N ASP BA 21 -27.86 29.45 6.66
CA ASP BA 21 -28.63 29.30 5.43
C ASP BA 21 -29.56 28.09 5.53
N THR BA 22 -30.63 28.14 4.74
CA THR BA 22 -31.64 27.07 4.75
C THR BA 22 -31.40 26.08 3.61
N LEU BA 23 -30.21 25.48 3.59
CA LEU BA 23 -29.84 24.58 2.52
C LEU BA 23 -29.19 23.31 3.06
N LEU BA 24 -29.61 22.17 2.52
CA LEU BA 24 -28.89 20.91 2.70
C LEU BA 24 -28.38 20.43 1.35
N SER BA 25 -27.09 20.13 1.30
CA SER BA 25 -26.42 19.68 0.09
C SER BA 25 -26.06 18.20 0.21
N TYR BA 26 -25.97 17.54 -0.95
CA TYR BA 26 -25.53 16.15 -1.04
C TYR BA 26 -24.30 16.15 -1.92
N GLY BA 27 -23.14 16.35 -1.31
CA GLY BA 27 -21.92 16.56 -2.09
C GLY BA 27 -21.91 17.96 -2.63
N SER BA 28 -21.67 18.09 -3.93
CA SER BA 28 -21.76 19.37 -4.61
C SER BA 28 -23.18 19.71 -5.05
N LEU BA 29 -24.11 18.77 -4.89
CA LEU BA 29 -25.50 18.99 -5.27
C LEU BA 29 -26.22 19.80 -4.20
N ALA BA 30 -26.76 20.95 -4.58
CA ALA BA 30 -27.65 21.72 -3.70
C ALA BA 30 -29.01 21.02 -3.70
N LYS BA 31 -29.21 20.13 -2.73
CA LYS BA 31 -30.34 19.21 -2.81
C LYS BA 31 -31.64 19.85 -2.34
N TRP BA 32 -31.65 20.43 -1.15
CA TRP BA 32 -32.88 20.96 -0.57
C TRP BA 32 -32.68 22.40 -0.13
N PRO BA 33 -33.32 23.38 -0.76
CA PRO BA 33 -33.14 24.79 -0.38
C PRO BA 33 -34.17 25.33 0.60
N ASN BA 34 -35.02 24.50 1.20
CA ASN BA 34 -36.08 24.94 2.09
C ASN BA 34 -36.07 24.15 3.39
N ILE BA 35 -34.90 24.02 3.99
CA ILE BA 35 -34.72 23.23 5.21
C ILE BA 35 -34.53 24.20 6.38
N PRO BA 36 -35.37 24.13 7.41
CA PRO BA 36 -35.11 24.88 8.64
C PRO BA 36 -34.02 24.19 9.46
N ARG BA 37 -32.82 24.77 9.45
CA ARG BA 37 -31.67 24.15 10.10
C ARG BA 37 -31.51 24.54 11.56
N ILE BA 38 -32.03 25.70 11.95
CA ILE BA 38 -31.99 26.11 13.35
C ILE BA 38 -33.12 25.41 14.09
N ARG BA 39 -32.77 24.64 15.11
CA ARG BA 39 -33.77 23.96 15.92
C ARG BA 39 -33.79 24.52 17.33
N LEU BA 40 -35.00 24.63 17.88
CA LEU BA 40 -35.20 25.16 19.22
C LEU BA 40 -35.11 24.03 20.23
N LEU BA 41 -34.25 24.21 21.23
CA LEU BA 41 -34.10 23.26 22.33
C LEU BA 41 -34.63 23.91 23.60
N GLY BA 42 -35.56 23.22 24.25
CA GLY BA 42 -36.21 23.72 25.44
C GLY BA 42 -37.03 24.96 25.12
N SER BA 43 -37.22 25.77 26.16
CA SER BA 43 -37.88 27.06 26.03
C SER BA 43 -36.89 28.21 26.09
N HIS BA 44 -35.59 27.92 26.06
CA HIS BA 44 -34.57 28.94 26.23
C HIS BA 44 -33.44 28.89 25.22
N SER BA 45 -33.27 27.80 24.45
CA SER BA 45 -32.06 27.64 23.67
C SER BA 45 -32.35 27.27 22.23
N ALA BA 46 -31.33 27.42 21.39
CA ALA BA 46 -31.40 27.02 19.99
C ALA BA 46 -30.04 26.48 19.57
N VAL BA 47 -30.06 25.64 18.52
CA VAL BA 47 -28.85 24.97 18.06
C VAL BA 47 -28.88 24.89 16.53
N CYS BA 48 -27.69 24.92 15.94
CA CYS BA 48 -27.56 24.70 14.50
C CYS BA 48 -26.22 24.05 14.21
N ALA BA 49 -26.22 23.04 13.37
CA ALA BA 49 -25.04 22.21 13.14
C ALA BA 49 -24.52 22.35 11.72
N THR BA 50 -23.21 22.42 11.59
CA THR BA 50 -22.52 22.29 10.31
C THR BA 50 -22.09 20.83 10.13
N GLY BA 51 -22.35 20.28 8.96
CA GLY BA 51 -21.95 18.91 8.69
C GLY BA 51 -23.11 17.96 8.47
N SER BA 52 -22.96 16.72 8.92
CA SER BA 52 -23.98 15.70 8.68
C SER BA 52 -25.31 16.12 9.31
N TYR BA 53 -26.38 15.96 8.55
CA TYR BA 53 -27.71 16.31 9.03
C TYR BA 53 -28.39 15.18 9.77
N ALA BA 54 -28.09 13.93 9.42
CA ALA BA 54 -28.65 12.80 10.15
C ALA BA 54 -28.13 12.77 11.58
N ASP BA 55 -26.82 12.97 11.76
CA ASP BA 55 -26.25 13.01 13.11
C ASP BA 55 -26.83 14.16 13.91
N PHE BA 56 -26.98 15.33 13.28
CA PHE BA 56 -27.60 16.45 13.97
C PHE BA 56 -29.04 16.15 14.35
N GLN BA 57 -29.78 15.50 13.45
CA GLN BA 57 -31.17 15.14 13.77
C GLN BA 57 -31.24 14.23 14.98
N MET BA 58 -30.42 13.18 14.99
CA MET BA 58 -30.44 12.23 16.11
C MET BA 58 -30.01 12.90 17.41
N MET BA 59 -28.94 13.70 17.36
CA MET BA 59 -28.47 14.36 18.57
C MET BA 59 -29.48 15.37 19.09
N ALA BA 60 -30.11 16.12 18.20
CA ALA BA 60 -31.12 17.08 18.63
C ALA BA 60 -32.33 16.39 19.23
N LYS BA 61 -32.76 15.27 18.64
CA LYS BA 61 -33.85 14.50 19.24
C LYS BA 61 -33.48 14.01 20.63
N GLN BA 62 -32.25 13.50 20.78
CA GLN BA 62 -31.82 13.00 22.08
C GLN BA 62 -31.76 14.12 23.12
N VAL BA 63 -31.29 15.31 22.71
CA VAL BA 63 -31.19 16.41 23.66
C VAL BA 63 -32.58 16.93 24.02
N GLU BA 64 -33.47 17.09 23.04
CA GLU BA 64 -34.79 17.61 23.31
C GLU BA 64 -35.63 16.65 24.14
N ASP BA 65 -35.47 15.34 23.94
CA ASP BA 65 -36.16 14.38 24.78
C ASP BA 65 -35.70 14.48 26.23
N ASN BA 66 -34.40 14.70 26.44
CA ASN BA 66 -33.86 14.79 27.80
C ASN BA 66 -34.43 15.97 28.57
N ILE BA 67 -34.58 17.13 27.92
CA ILE BA 67 -35.08 18.31 28.61
C ILE BA 67 -36.54 18.14 29.00
N GLU BA 68 -37.37 17.76 28.02
CA GLU BA 68 -38.81 17.68 28.26
C GLU BA 68 -39.14 16.59 29.27
N ARG BA 69 -38.48 15.43 29.17
CA ARG BA 69 -38.76 14.35 30.10
C ARG BA 69 -38.35 14.71 31.52
N GLN BA 70 -37.20 15.37 31.68
CA GLN BA 70 -36.77 15.80 33.01
C GLN BA 70 -37.72 16.84 33.58
N LYS BA 71 -38.18 17.79 32.76
CA LYS BA 71 -39.12 18.78 33.24
C LYS BA 71 -40.46 18.17 33.61
N MET BA 72 -40.90 17.15 32.86
CA MET BA 72 -42.22 16.55 33.04
C MET BA 72 -42.24 15.51 34.15
N TYR BA 73 -41.20 14.68 34.26
CA TYR BA 73 -41.23 13.58 35.22
C TYR BA 73 -41.06 14.06 36.65
N HIS BA 74 -40.26 15.11 36.86
CA HIS BA 74 -40.00 15.64 38.18
C HIS BA 74 -40.37 17.11 38.24
N ASN BA 75 -40.82 17.56 39.41
CA ASN BA 75 -41.20 18.95 39.62
C ASN BA 75 -39.93 19.77 39.82
N VAL BA 76 -39.22 19.99 38.71
CA VAL BA 76 -37.94 20.68 38.72
C VAL BA 76 -37.98 21.79 37.68
N ASP BA 77 -37.08 22.75 37.85
CA ASP BA 77 -36.93 23.81 36.86
C ASP BA 77 -36.36 23.25 35.56
N GLU BA 78 -36.70 23.91 34.46
CA GLU BA 78 -36.18 23.52 33.16
C GLU BA 78 -34.67 23.74 33.13
N LEU BA 79 -33.98 22.87 32.38
CA LEU BA 79 -32.52 22.94 32.32
C LEU BA 79 -32.06 24.29 31.77
N SER BA 80 -31.01 24.83 32.39
CA SER BA 80 -30.41 26.07 31.94
C SER BA 80 -29.69 25.83 30.61
N PRO BA 81 -29.55 26.86 29.78
CA PRO BA 81 -28.81 26.69 28.52
C PRO BA 81 -27.39 26.16 28.71
N SER BA 82 -26.72 26.57 29.79
CA SER BA 82 -25.40 26.02 30.09
C SER BA 82 -25.49 24.53 30.37
N GLU BA 83 -26.51 24.10 31.11
CA GLU BA 83 -26.67 22.68 31.40
C GLU BA 83 -27.02 21.89 30.14
N VAL BA 84 -27.86 22.45 29.28
CA VAL BA 84 -28.19 21.78 28.02
C VAL BA 84 -26.95 21.63 27.15
N PHE BA 85 -26.12 22.68 27.07
CA PHE BA 85 -24.91 22.58 26.27
C PHE BA 85 -23.92 21.60 26.89
N SER BA 86 -23.86 21.55 28.23
CA SER BA 86 -23.00 20.57 28.88
C SER BA 86 -23.43 19.15 28.54
N TYR BA 87 -24.73 18.88 28.59
CA TYR BA 87 -25.23 17.56 28.22
C TYR BA 87 -24.91 17.24 26.77
N LEU BA 88 -25.10 18.22 25.89
CA LEU BA 88 -24.80 18.02 24.47
C LEU BA 88 -23.33 17.69 24.26
N HIS BA 89 -22.44 18.43 24.92
CA HIS BA 89 -21.01 18.19 24.79
C HIS BA 89 -20.63 16.82 25.33
N ARG BA 90 -21.18 16.43 26.48
CA ARG BA 90 -20.87 15.11 27.03
C ARG BA 90 -21.36 14.00 26.10
N SER BA 91 -22.56 14.17 25.53
CA SER BA 91 -23.07 13.17 24.60
C SER BA 91 -22.20 13.07 23.36
N ILE BA 92 -21.76 14.20 22.81
CA ILE BA 92 -20.91 14.19 21.63
C ILE BA 92 -19.58 13.51 21.94
N TYR BA 93 -18.99 13.84 23.08
CA TYR BA 93 -17.72 13.23 23.46
C TYR BA 93 -17.87 11.73 23.67
N GLN BA 94 -18.99 11.31 24.29
CA GLN BA 94 -19.23 9.89 24.47
C GLN BA 94 -19.38 9.17 23.14
N LYS BA 95 -20.05 9.81 22.18
CA LYS BA 95 -20.10 9.25 20.82
C LYS BA 95 -18.71 9.13 20.22
N ARG BA 96 -17.85 10.13 20.44
CA ARG BA 96 -16.49 10.08 19.90
C ARG BA 96 -15.70 8.93 20.50
N CYS BA 97 -15.83 8.71 21.82
CA CYS BA 97 -15.07 7.66 22.47
C CYS BA 97 -15.53 6.26 22.07
N ASP BA 98 -16.74 6.14 21.54
CA ASP BA 98 -17.24 4.86 21.05
C ASP BA 98 -16.91 4.61 19.59
N PHE BA 99 -16.13 5.51 18.97
CA PHE BA 99 -15.79 5.42 17.55
C PHE BA 99 -17.02 5.45 16.67
N ASP BA 100 -18.07 6.13 17.14
CA ASP BA 100 -19.27 6.40 16.35
C ASP BA 100 -19.61 7.88 16.51
N PRO BA 101 -18.77 8.75 15.97
CA PRO BA 101 -18.90 10.19 16.27
C PRO BA 101 -20.13 10.81 15.61
N CYS BA 102 -20.57 11.90 16.21
CA CYS BA 102 -21.61 12.76 15.64
C CYS BA 102 -20.89 13.80 14.78
N LEU BA 103 -20.77 13.51 13.47
CA LEU BA 103 -19.93 14.29 12.57
C LEU BA 103 -20.59 15.64 12.26
N CYS BA 104 -20.65 16.48 13.29
CA CYS BA 104 -21.22 17.81 13.16
C CYS BA 104 -20.40 18.80 13.97
N GLN BA 105 -20.48 20.07 13.57
CA GLN BA 105 -19.97 21.19 14.35
C GLN BA 105 -21.15 22.08 14.70
N MET BA 106 -21.49 22.15 15.98
CA MET BA 106 -22.72 22.76 16.44
C MET BA 106 -22.46 24.09 17.12
N VAL BA 107 -23.28 25.09 16.79
CA VAL BA 107 -23.35 26.36 17.49
C VAL BA 107 -24.61 26.35 18.33
N PHE BA 108 -24.48 26.76 19.59
CA PHE BA 108 -25.52 26.69 20.58
C PHE BA 108 -25.69 28.05 21.21
N ILE BA 109 -26.94 28.54 21.26
CA ILE BA 109 -27.26 29.83 21.85
C ILE BA 109 -28.38 29.64 22.87
N GLY BA 110 -28.44 30.54 23.83
CA GLY BA 110 -29.50 30.51 24.82
C GLY BA 110 -29.49 31.73 25.69
N VAL BA 111 -30.65 32.02 26.26
CA VAL BA 111 -30.80 33.11 27.23
C VAL BA 111 -31.80 32.66 28.30
N ARG BA 112 -31.46 32.91 29.55
CA ARG BA 112 -32.39 32.68 30.66
C ARG BA 112 -32.25 33.80 31.67
N ASP BA 113 -33.37 34.47 31.96
CA ASP BA 113 -33.49 35.46 33.03
C ASP BA 113 -32.36 36.49 33.03
N GLY BA 114 -31.82 36.75 31.83
CA GLY BA 114 -30.83 37.80 31.68
C GLY BA 114 -29.47 37.35 31.22
N GLU BA 115 -29.02 36.17 31.65
CA GLU BA 115 -27.70 35.69 31.28
C GLU BA 115 -27.73 35.07 29.89
N THR BA 116 -26.79 35.48 29.04
CA THR BA 116 -26.70 35.00 27.67
C THR BA 116 -25.58 33.98 27.56
N PHE BA 117 -25.83 32.91 26.81
CA PHE BA 117 -24.87 31.82 26.62
C PHE BA 117 -24.72 31.56 25.13
N LEU BA 118 -23.48 31.53 24.66
CA LEU BA 118 -23.15 31.22 23.27
C LEU BA 118 -21.93 30.33 23.27
N ALA BA 119 -22.00 29.21 22.55
CA ALA BA 119 -20.91 28.25 22.59
C ALA BA 119 -20.87 27.47 21.28
N GLY BA 120 -19.75 26.79 21.08
CA GLY BA 120 -19.59 25.91 19.93
C GLY BA 120 -18.92 24.61 20.36
N VAL BA 121 -19.26 23.55 19.64
CA VAL BA 121 -18.75 22.21 19.93
C VAL BA 121 -18.43 21.49 18.63
N ASP BA 122 -17.32 20.76 18.61
CA ASP BA 122 -16.90 19.97 17.46
C ASP BA 122 -17.48 18.56 17.51
N ASP BA 123 -17.22 17.80 16.44
CA ASP BA 123 -17.63 16.41 16.35
C ASP BA 123 -16.79 15.49 17.21
N VAL BA 124 -15.67 15.97 17.75
CA VAL BA 124 -14.76 15.12 18.51
C VAL BA 124 -14.76 15.45 19.99
N GLY BA 125 -15.50 16.49 20.40
CA GLY BA 125 -15.65 16.83 21.80
C GLY BA 125 -15.07 18.17 22.21
N THR BA 126 -14.45 18.91 21.30
CA THR BA 126 -13.94 20.23 21.63
C THR BA 126 -15.10 21.20 21.84
N ARG BA 127 -15.03 21.98 22.91
CA ARG BA 127 -16.05 22.96 23.24
C ARG BA 127 -15.40 24.30 23.59
N TRP BA 128 -16.08 25.39 23.26
CA TRP BA 128 -15.60 26.70 23.65
C TRP BA 128 -16.76 27.69 23.70
N GLU BA 129 -16.54 28.78 24.43
CA GLU BA 129 -17.51 29.86 24.53
C GLU BA 129 -16.82 31.18 24.21
N ASP BA 130 -17.53 32.07 23.53
CA ASP BA 130 -17.00 33.35 23.13
C ASP BA 130 -18.16 34.28 22.81
N ASP BA 131 -17.85 35.51 22.42
CA ASP BA 131 -18.85 36.47 22.00
C ASP BA 131 -19.20 36.34 20.52
N CYS BA 132 -18.49 35.49 19.79
CA CYS BA 132 -18.82 35.22 18.39
C CYS BA 132 -18.34 33.82 18.05
N ILE BA 133 -19.20 33.03 17.43
CA ILE BA 133 -18.91 31.65 17.08
C ILE BA 133 -19.23 31.44 15.61
N ALA BA 134 -18.48 30.55 14.97
CA ALA BA 134 -18.73 30.23 13.57
C ALA BA 134 -18.23 28.81 13.30
N THR BA 135 -18.94 28.12 12.42
CA THR BA 135 -18.56 26.77 12.02
C THR BA 135 -18.52 26.69 10.50
N GLY BA 136 -17.79 25.71 9.99
CA GLY BA 136 -17.60 25.60 8.56
C GLY BA 136 -16.79 26.76 8.02
N TYR BA 137 -17.07 27.13 6.78
CA TYR BA 137 -16.36 28.25 6.15
C TYR BA 137 -16.66 29.58 6.82
N GLY BA 138 -17.70 29.66 7.64
CA GLY BA 138 -17.91 30.86 8.43
C GLY BA 138 -16.79 31.10 9.43
N ALA BA 139 -16.10 30.03 9.84
CA ALA BA 139 -14.97 30.19 10.75
C ALA BA 139 -13.82 30.93 10.09
N TYR BA 140 -13.60 30.72 8.79
CA TYR BA 140 -12.53 31.40 8.08
C TYR BA 140 -12.99 32.68 7.41
N ILE BA 141 -14.27 32.79 7.07
CA ILE BA 141 -14.77 33.94 6.32
C ILE BA 141 -15.42 34.94 7.27
N ALA BA 142 -16.49 34.51 7.95
CA ALA BA 142 -17.29 35.44 8.74
C ALA BA 142 -16.62 35.81 10.05
N LEU BA 143 -15.92 34.86 10.68
CA LEU BA 143 -15.42 35.08 12.03
C LEU BA 143 -14.46 36.26 12.15
N PRO BA 144 -13.49 36.48 11.24
CA PRO BA 144 -12.66 37.69 11.35
C PRO BA 144 -13.47 38.97 11.34
N LEU BA 145 -14.49 39.07 10.48
CA LEU BA 145 -15.32 40.26 10.43
C LEU BA 145 -16.10 40.45 11.72
N LEU BA 146 -16.63 39.35 12.28
CA LEU BA 146 -17.35 39.44 13.54
C LEU BA 146 -16.43 39.90 14.67
N ARG BA 147 -15.21 39.36 14.71
CA ARG BA 147 -14.26 39.77 15.74
C ARG BA 147 -13.89 41.24 15.60
N GLN BA 148 -13.67 41.70 14.36
CA GLN BA 148 -13.36 43.10 14.16
C GLN BA 148 -14.53 44.00 14.58
N ALA BA 149 -15.76 43.62 14.23
CA ALA BA 149 -16.92 44.39 14.65
C ALA BA 149 -17.06 44.42 16.17
N LEU BA 150 -16.78 43.30 16.84
CA LEU BA 150 -16.83 43.27 18.29
C LEU BA 150 -15.77 44.18 18.90
N GLU BA 151 -14.55 44.18 18.34
CA GLU BA 151 -13.47 44.94 18.93
C GLU BA 151 -13.51 46.43 18.58
N LYS BA 152 -14.24 46.83 17.55
CA LYS BA 152 -14.41 48.26 17.30
C LYS BA 152 -15.31 48.94 18.32
N ASN BA 153 -16.02 48.19 19.14
CA ASN BA 153 -16.83 48.75 20.22
C ASN BA 153 -17.00 47.75 21.36
N PRO BA 154 -16.09 47.77 22.35
CA PRO BA 154 -16.12 46.73 23.39
C PRO BA 154 -17.21 46.94 24.44
N ASP BA 155 -17.95 48.04 24.39
CA ASP BA 155 -19.06 48.22 25.32
C ASP BA 155 -20.24 47.31 24.99
N GLY BA 156 -20.32 46.80 23.76
CA GLY BA 156 -21.39 45.91 23.37
C GLY BA 156 -22.10 46.35 22.11
N LEU BA 157 -22.54 45.40 21.31
CA LEU BA 157 -23.27 45.68 20.08
C LEU BA 157 -24.76 45.76 20.34
N SER BA 158 -25.41 46.74 19.73
CA SER BA 158 -26.86 46.78 19.73
C SER BA 158 -27.41 45.72 18.78
N ARG BA 159 -28.71 45.46 18.89
CA ARG BA 159 -29.31 44.43 18.05
C ARG BA 159 -29.23 44.81 16.58
N GLY BA 160 -29.46 46.08 16.25
CA GLY BA 160 -29.32 46.52 14.88
C GLY BA 160 -27.89 46.44 14.37
N GLU BA 161 -26.93 46.85 15.19
CA GLU BA 161 -25.53 46.76 14.79
C GLU BA 161 -25.10 45.31 14.59
N ALA BA 162 -25.51 44.42 15.49
CA ALA BA 162 -25.19 43.01 15.31
C ALA BA 162 -25.86 42.42 14.07
N MET BA 163 -27.11 42.79 13.82
CA MET BA 163 -27.80 42.28 12.64
C MET BA 163 -27.14 42.75 11.36
N ARG BA 164 -26.67 44.01 11.34
CA ARG BA 164 -26.02 44.55 10.14
C ARG BA 164 -24.76 43.77 9.81
N ILE BA 165 -23.89 43.58 10.80
CA ILE BA 165 -22.64 42.85 10.53
C ILE BA 165 -22.93 41.38 10.24
N LEU BA 166 -23.99 40.82 10.85
CA LEU BA 166 -24.35 39.44 10.54
C LEU BA 166 -24.78 39.30 9.09
N THR BA 167 -25.58 40.24 8.59
CA THR BA 167 -25.99 40.21 7.19
C THR BA 167 -24.81 40.44 6.26
N ASP BA 168 -23.87 41.30 6.67
CA ASP BA 168 -22.66 41.49 5.88
C ASP BA 168 -21.86 40.19 5.77
N CYS BA 169 -21.71 39.48 6.89
CA CYS BA 169 -21.02 38.19 6.87
C CYS BA 169 -21.76 37.16 6.03
N LEU BA 170 -23.09 37.15 6.09
CA LEU BA 170 -23.86 36.25 5.24
C LEU BA 170 -23.66 36.56 3.77
N ARG BA 171 -23.62 37.85 3.42
CA ARG BA 171 -23.38 38.25 2.04
C ARG BA 171 -22.01 37.79 1.57
N VAL BA 172 -20.99 37.97 2.41
CA VAL BA 172 -19.65 37.52 2.02
C VAL BA 172 -19.61 36.00 1.91
N LEU BA 173 -20.30 35.29 2.80
CA LEU BA 173 -20.36 33.83 2.72
C LEU BA 173 -21.02 33.38 1.43
N PHE BA 174 -22.10 34.03 1.02
CA PHE BA 174 -22.74 33.72 -0.25
C PHE BA 174 -21.81 34.02 -1.41
N TYR BA 175 -21.00 35.08 -1.31
CA TYR BA 175 -20.02 35.36 -2.35
C TYR BA 175 -18.98 34.25 -2.47
N ARG BA 176 -18.47 33.78 -1.33
CA ARG BA 176 -17.22 33.01 -1.33
C ARG BA 176 -17.38 31.54 -0.97
N GLU BA 177 -18.57 31.08 -0.62
CA GLU BA 177 -18.78 29.67 -0.29
C GLU BA 177 -19.54 28.99 -1.42
N CYS BA 178 -19.01 27.86 -1.89
CA CYS BA 178 -19.58 27.19 -3.05
C CYS BA 178 -20.95 26.60 -2.74
N ARG BA 179 -21.06 25.87 -1.63
CA ARG BA 179 -22.30 25.18 -1.28
C ARG BA 179 -23.11 26.08 -0.36
N ALA BA 180 -23.65 27.15 -0.94
CA ALA BA 180 -24.46 28.10 -0.20
C ALA BA 180 -25.53 28.66 -1.13
N ILE BA 181 -26.60 29.17 -0.52
CA ILE BA 181 -27.67 29.83 -1.24
C ILE BA 181 -27.97 31.16 -0.55
N ASN BA 182 -28.59 32.07 -1.30
CA ASN BA 182 -28.96 33.38 -0.75
C ASN BA 182 -30.34 33.31 -0.09
N LYS BA 183 -30.40 32.53 0.98
CA LYS BA 183 -31.62 32.39 1.78
C LYS BA 183 -31.20 31.97 3.18
N PHE BA 184 -31.39 32.86 4.15
CA PHE BA 184 -30.88 32.66 5.49
C PHE BA 184 -31.99 32.85 6.52
N GLN BA 185 -31.78 32.24 7.69
CA GLN BA 185 -32.63 32.43 8.84
C GLN BA 185 -31.77 32.83 10.03
N VAL BA 186 -32.29 33.78 10.81
CA VAL BA 186 -31.63 34.27 12.01
C VAL BA 186 -32.53 33.99 13.19
N ALA BA 187 -31.99 33.27 14.18
CA ALA BA 187 -32.67 33.06 15.45
C ALA BA 187 -32.14 34.05 16.47
N ASP BA 188 -33.05 34.70 17.18
CA ASP BA 188 -32.72 35.71 18.18
C ASP BA 188 -33.10 35.16 19.55
N ALA BA 189 -32.10 34.96 20.40
CA ALA BA 189 -32.31 34.51 21.77
C ALA BA 189 -32.29 35.73 22.67
N ALA BA 190 -33.43 36.03 23.29
CA ALA BA 190 -33.55 37.17 24.20
C ALA BA 190 -34.18 36.71 25.51
N SER BA 191 -34.52 37.68 26.37
CA SER BA 191 -35.04 37.33 27.70
C SER BA 191 -36.36 36.57 27.58
N ASP BA 192 -37.25 37.01 26.69
CA ASP BA 192 -38.55 36.35 26.56
C ASP BA 192 -38.42 34.95 26.00
N GLY BA 193 -37.38 34.70 25.21
CA GLY BA 193 -37.18 33.39 24.60
C GLY BA 193 -36.48 33.53 23.27
N VAL BA 194 -36.38 32.39 22.58
CA VAL BA 194 -35.73 32.36 21.28
C VAL BA 194 -36.80 32.40 20.19
N ARG BA 195 -36.58 33.26 19.20
CA ARG BA 195 -37.53 33.46 18.11
C ARG BA 195 -36.79 33.31 16.79
N ILE BA 196 -37.29 32.44 15.93
CA ILE BA 196 -36.70 32.22 14.61
C ILE BA 196 -37.45 33.06 13.59
N SER BA 197 -36.70 33.80 12.78
CA SER BA 197 -37.29 34.68 11.79
C SER BA 197 -37.64 33.91 10.52
N GLU BA 198 -38.43 34.54 9.66
CA GLU BA 198 -38.75 33.95 8.37
C GLU BA 198 -37.53 34.02 7.45
N PRO BA 199 -37.44 33.11 6.47
CA PRO BA 199 -36.31 33.15 5.54
C PRO BA 199 -36.24 34.47 4.79
N PHE BA 200 -35.02 34.96 4.60
CA PHE BA 200 -34.79 36.22 3.90
C PHE BA 200 -33.53 36.08 3.05
N ASP BA 201 -33.25 37.12 2.28
CA ASP BA 201 -32.06 37.17 1.44
C ASP BA 201 -31.40 38.53 1.58
N VAL BA 202 -30.10 38.56 1.32
CA VAL BA 202 -29.33 39.79 1.34
C VAL BA 202 -29.11 40.27 -0.09
N GLU BA 203 -28.94 41.57 -0.25
CA GLU BA 203 -28.69 42.15 -1.56
C GLU BA 203 -27.21 42.03 -1.90
N THR BA 204 -26.93 41.65 -3.14
CA THR BA 204 -25.57 41.40 -3.61
C THR BA 204 -25.19 42.41 -4.67
N HIS BA 205 -23.88 42.47 -4.96
CA HIS BA 205 -23.34 43.38 -5.96
C HIS BA 205 -22.48 42.59 -6.92
N TRP BA 206 -22.78 42.71 -8.22
CA TRP BA 206 -22.04 42.01 -9.26
C TRP BA 206 -21.67 42.94 -10.41
N GLU BA 207 -21.67 44.26 -10.18
CA GLU BA 207 -21.53 45.24 -11.25
C GLU BA 207 -20.23 46.02 -11.13
N TYR BA 208 -19.17 45.39 -10.64
CA TYR BA 208 -17.87 46.05 -10.59
C TYR BA 208 -17.33 46.24 -12.00
N GLU BA 209 -16.68 47.39 -12.23
CA GLU BA 209 -16.17 47.69 -13.56
C GLU BA 209 -15.08 46.71 -13.98
N GLY BA 210 -14.37 46.12 -13.03
CA GLY BA 210 -13.38 45.11 -13.33
C GLY BA 210 -13.93 43.73 -13.61
N TYR BA 211 -15.25 43.55 -13.46
CA TYR BA 211 -15.90 42.28 -13.71
C TYR BA 211 -16.39 42.13 -15.14
N CYS BA 212 -16.17 43.13 -15.98
CA CYS BA 212 -16.74 43.14 -17.32
C CYS BA 212 -16.09 42.07 -18.20
N PHE BA 213 -16.72 41.83 -19.35
CA PHE BA 213 -16.26 40.78 -20.26
C PHE BA 213 -14.87 41.06 -20.81
N GLU BA 214 -14.58 42.32 -21.16
CA GLU BA 214 -13.31 42.62 -21.82
C GLU BA 214 -12.14 42.68 -20.85
N LYS BA 215 -12.35 43.12 -19.61
CA LYS BA 215 -11.26 43.18 -18.65
C LYS BA 215 -10.90 41.80 -18.10
N THR BA 216 -11.87 40.90 -17.99
CA THR BA 216 -11.63 39.56 -17.50
C THR BA 216 -11.30 38.57 -18.62
N ALA BA 217 -11.32 39.00 -19.87
CA ALA BA 217 -11.08 38.10 -20.98
C ALA BA 217 -9.60 37.72 -21.05
N ILE BA 218 -9.34 36.49 -21.48
CA ILE BA 218 -7.99 36.01 -21.72
C ILE BA 218 -7.80 35.86 -23.22
N ILE BA 219 -7.31 36.89 -23.88
CA ILE BA 219 -7.20 36.89 -25.33
C ILE BA 219 -5.93 36.15 -25.77
C1 KFC CA . 27.48 -19.76 -2.78
C2 KFC CA . 27.11 -20.50 -1.65
C3 KFC CA . 25.79 -20.79 -1.42
C11 KFC CA . 22.55 -20.24 -2.85
C12 KFC CA . 22.83 -19.50 -3.98
C13 KFC CA . 24.15 -19.17 -4.29
C15 KFC CA . 28.96 -19.45 -3.04
C16 KFC CA . 23.53 -18.04 -6.32
C17 KFC CA . 23.40 -16.67 -6.58
C18 KFC CA . 22.50 -16.21 -7.55
C19 KFC CA . 21.74 -17.11 -8.28
C20 KFC CA . 21.87 -18.48 -8.03
C21 KFC CA . 22.76 -18.93 -7.07
C22 KFC CA . 19.55 -21.48 -0.91
C23 KFC CA . 18.77 -20.32 -0.26
C24 KFC CA . 19.25 -20.35 1.21
C25 KFC CA . 19.59 -21.82 1.50
C26 KFC CA . 19.45 -22.59 0.16
C4 KFC CA . 26.49 -19.31 -3.66
C6 KFC CA . 21.15 -20.61 -2.48
C8 KFC CA . 25.16 -19.60 -3.44
C9 KFC CA . 24.81 -20.34 -2.31
N10 KFC CA . 23.54 -20.65 -2.05
N14 KFC CA . 24.42 -18.45 -5.39
N7 KFC CA . 20.91 -21.13 -1.26
O5 KFC CA . 20.28 -20.43 -3.30
C1 KFC DA . 20.15 -7.09 26.41
C2 KFC DA . 21.29 -6.80 25.66
C3 KFC DA . 21.28 -5.74 24.76
C11 KFC DA . 19.09 -3.22 23.50
C12 KFC DA . 17.90 -3.46 24.18
C13 KFC DA . 17.84 -4.49 25.10
C15 KFC DA . 20.17 -8.25 27.40
C16 KFC DA . 15.56 -3.99 25.71
C17 KFC DA . 14.38 -4.62 25.32
C18 KFC DA . 13.19 -3.91 25.25
C19 KFC DA . 13.16 -2.56 25.58
C20 KFC DA . 14.33 -1.93 25.98
C21 KFC DA . 15.52 -2.65 26.05
C22 KFC DA . 20.40 -1.00 20.73
C23 KFC DA . 19.72 -1.35 19.39
C24 KFC DA . 20.77 -2.21 18.64
C25 KFC DA . 22.14 -1.73 19.19
C26 KFC DA . 21.84 -0.69 20.29
C4 KFC DA . 18.99 -6.33 26.22
C6 KFC DA . 19.20 -2.12 22.48
C8 KFC DA . 18.97 -5.27 25.32
C9 KFC DA . 20.13 -4.99 24.59
N10 KFC DA . 20.15 -3.99 23.72
N14 KFC DA . 16.70 -4.73 25.78
N7 KFC DA . 20.28 -2.07 21.70
O5 KFC DA . 18.30 -1.32 22.41
#